data_9RMX
#
_entry.id   9RMX
#
_cell.length_a   1.00
_cell.length_b   1.00
_cell.length_c   1.00
_cell.angle_alpha   90.00
_cell.angle_beta   90.00
_cell.angle_gamma   90.00
#
_symmetry.space_group_name_H-M   'P 1'
#
loop_
_entity.id
_entity.type
_entity.pdbx_description
1 polymer Integrase
2 polymer 'Gag polyprotein'
3 non-polymer 'ZINC ION'
4 non-polymer 'INOSITOL HEXAKISPHOSPHATE'
#
loop_
_entity_poly.entity_id
_entity_poly.type
_entity_poly.pdbx_seq_one_letter_code
_entity_poly.pdbx_strand_id
1 'polypeptide(L)'
;FLDGIDKAQEEHEKYHSNWRAMASDFNLPPVVAKEIVASCDKCQLKGEAMHGQVDCSPGIWQLNCTHLEGKVILVAVHVA
SGYIEAEVIPAETGQETAYFLLKLAGRWPVKTVHTNNGSNFTSTTVKAACWWAGIKQEFGIPYNPQSQGVIESMNKELKK
IIGQVRDQAEHLKTAVQMAVFIHNFKRKGGIGGYSAGERIVDIIATDIQTKELQKQITKIQNFRVYYRDSRDPVWKGPAK
LLWKGEGAVVIQDNSDIKVVPRRKAKIIRDYGKQMAGDDCVASRQDED
;
A,B,C,D,E,F,G,H,I,J,K,L
2 'polypeptide(L)'
;PIVQNLQGQMVHQAISPRTLNAWVKVVEEKAFSPEVIPMFSALSEGATPQDLNTMLNTVGGHQAAMQMLKETINEEAAEW
DRLHPVHAGPIAPGQMREPRGSDIAGTTSTLQEQIGWMTHNPPIPVGEIYKRWIILGLNKIVRMYSPTSILDIRQGPKEP
FRDYVDRFYKTLRAEQASQEVKNWMTETLLVQNANPDCKTILKALGPGATLEEMMTACQGVGGPGHKARVL
;
U,V,W,X,Y,Z,a,b,c,d,e,f,g,h,i,j,k,l,m,n,o,p,q,r,s,t,u,v,w,x,y,z
#
# COMPACT_ATOMS: atom_id res chain seq x y z
N PHE A 1 22.01 -59.40 46.58
CA PHE A 1 21.54 -60.66 47.12
C PHE A 1 22.69 -61.56 47.54
N LEU A 2 23.92 -61.10 47.28
CA LEU A 2 25.13 -61.82 47.68
C LEU A 2 25.47 -61.44 49.13
N ASP A 3 24.69 -62.01 50.05
CA ASP A 3 24.75 -61.71 51.47
C ASP A 3 24.48 -60.24 51.78
N GLY A 4 23.90 -59.51 50.83
CA GLY A 4 23.56 -58.12 51.07
C GLY A 4 22.31 -57.94 51.92
N ILE A 5 21.58 -59.03 52.18
CA ILE A 5 20.37 -58.92 53.00
C ILE A 5 20.74 -58.61 54.44
N ASP A 6 21.78 -59.27 54.97
CA ASP A 6 22.23 -58.98 56.33
C ASP A 6 22.75 -57.54 56.43
N LYS A 7 23.51 -57.09 55.44
CA LYS A 7 24.00 -55.73 55.44
C LYS A 7 22.85 -54.72 55.36
N ALA A 8 21.84 -55.02 54.55
CA ALA A 8 20.67 -54.15 54.46
C ALA A 8 19.93 -54.10 55.79
N GLN A 9 19.81 -55.25 56.46
CA GLN A 9 19.17 -55.31 57.76
C GLN A 9 19.93 -54.45 58.77
N GLU A 10 21.26 -54.55 58.76
CA GLU A 10 22.07 -53.77 59.69
C GLU A 10 21.97 -52.28 59.40
N GLU A 11 22.10 -51.89 58.13
CA GLU A 11 22.00 -50.48 57.79
C GLU A 11 20.60 -49.93 57.92
N HIS A 12 19.58 -50.78 57.95
CA HIS A 12 18.21 -50.35 58.22
C HIS A 12 17.95 -50.21 59.70
N GLU A 13 18.55 -51.07 60.52
CA GLU A 13 18.53 -50.86 61.97
C GLU A 13 19.35 -49.65 62.36
N LYS A 14 20.31 -49.24 61.54
CA LYS A 14 21.11 -48.06 61.84
C LYS A 14 20.46 -46.78 61.33
N TYR A 15 20.21 -46.69 60.02
CA TYR A 15 19.69 -45.47 59.38
C TYR A 15 18.17 -45.45 59.24
N HIS A 16 17.54 -46.61 59.06
CA HIS A 16 16.09 -46.70 58.82
C HIS A 16 15.69 -45.93 57.56
N SER A 17 16.38 -46.20 56.47
CA SER A 17 16.07 -45.59 55.19
C SER A 17 14.84 -46.24 54.55
N ASN A 18 14.35 -45.63 53.49
CA ASN A 18 13.19 -46.13 52.77
C ASN A 18 13.53 -47.45 52.07
N TRP A 19 12.49 -48.25 51.80
CA TRP A 19 12.69 -49.54 51.15
C TRP A 19 13.27 -49.39 49.76
N ARG A 20 12.93 -48.31 49.05
CA ARG A 20 13.49 -48.08 47.73
C ARG A 20 15.00 -47.92 47.80
N ALA A 21 15.50 -47.17 48.78
CA ALA A 21 16.94 -47.01 48.94
C ALA A 21 17.61 -48.34 49.26
N MET A 22 16.99 -49.15 50.12
CA MET A 22 17.55 -50.45 50.45
C MET A 22 17.61 -51.37 49.23
N ALA A 23 16.57 -51.32 48.39
CA ALA A 23 16.60 -52.13 47.17
C ALA A 23 17.65 -51.62 46.19
N SER A 24 17.80 -50.30 46.08
CA SER A 24 18.67 -49.72 45.06
C SER A 24 20.15 -49.90 45.42
N ASP A 25 20.51 -49.66 46.68
CA ASP A 25 21.92 -49.61 47.05
C ASP A 25 22.55 -50.99 47.19
N PHE A 26 21.77 -52.07 47.19
CA PHE A 26 22.31 -53.41 47.32
C PHE A 26 21.69 -54.39 46.33
N ASN A 27 21.02 -53.88 45.29
CA ASN A 27 20.45 -54.70 44.22
C ASN A 27 19.50 -55.76 44.79
N LEU A 28 18.70 -55.37 45.78
CA LEU A 28 17.80 -56.34 46.39
C LEU A 28 16.41 -56.23 45.77
N PRO A 29 15.67 -57.34 45.70
CA PRO A 29 14.30 -57.28 45.20
C PRO A 29 13.42 -56.49 46.16
N PRO A 30 12.35 -55.89 45.65
CA PRO A 30 11.48 -55.09 46.53
C PRO A 30 10.86 -55.88 47.67
N VAL A 31 10.67 -57.19 47.51
CA VAL A 31 10.08 -58.00 48.58
C VAL A 31 10.97 -57.99 49.81
N VAL A 32 12.30 -58.14 49.61
CA VAL A 32 13.22 -58.17 50.74
C VAL A 32 13.20 -56.83 51.48
N ALA A 33 13.25 -55.73 50.72
CA ALA A 33 13.21 -54.41 51.35
C ALA A 33 11.90 -54.20 52.10
N LYS A 34 10.78 -54.61 51.51
CA LYS A 34 9.48 -54.43 52.15
C LYS A 34 9.39 -55.24 53.44
N GLU A 35 9.86 -56.48 53.44
CA GLU A 35 9.81 -57.28 54.65
C GLU A 35 10.79 -56.78 55.70
N ILE A 36 11.93 -56.23 55.29
CA ILE A 36 12.85 -55.63 56.25
C ILE A 36 12.21 -54.41 56.90
N VAL A 37 11.54 -53.57 56.12
CA VAL A 37 10.85 -52.41 56.68
C VAL A 37 9.73 -52.86 57.62
N ALA A 38 8.97 -53.88 57.22
CA ALA A 38 7.87 -54.36 58.06
C ALA A 38 8.38 -54.93 59.37
N SER A 39 9.49 -55.67 59.34
CA SER A 39 10.04 -56.26 60.55
C SER A 39 10.55 -55.22 61.54
N CYS A 40 10.85 -54.01 61.07
CA CYS A 40 11.33 -52.96 61.96
C CYS A 40 10.17 -52.40 62.77
N ASP A 41 10.35 -52.37 64.10
CA ASP A 41 9.31 -51.84 64.97
C ASP A 41 9.17 -50.33 64.82
N LYS A 42 10.29 -49.62 64.58
CA LYS A 42 10.23 -48.18 64.40
C LYS A 42 9.42 -47.81 63.16
N CYS A 43 9.62 -48.52 62.06
CA CYS A 43 8.90 -48.23 60.82
C CYS A 43 7.50 -48.81 60.85
N GLN A 44 6.59 -48.18 60.11
CA GLN A 44 5.21 -48.63 60.04
C GLN A 44 4.80 -48.86 58.58
N ASP A 55 0.28 -43.95 49.04
CA ASP A 55 -0.15 -42.80 49.85
C ASP A 55 -1.39 -42.14 49.26
N CYS A 56 -1.78 -42.59 48.06
CA CYS A 56 -2.96 -42.09 47.34
C CYS A 56 -2.89 -40.59 47.09
N SER A 57 -1.69 -40.04 46.99
CA SER A 57 -1.54 -38.61 46.71
C SER A 57 -2.12 -38.18 45.36
N PRO A 58 -1.86 -38.87 44.24
CA PRO A 58 -2.39 -38.37 42.96
C PRO A 58 -3.91 -38.36 42.89
N GLY A 59 -4.58 -39.11 43.74
CA GLY A 59 -6.03 -39.20 43.69
C GLY A 59 -6.73 -38.13 44.50
N ILE A 60 -6.01 -37.10 44.91
CA ILE A 60 -6.56 -36.01 45.73
C ILE A 60 -6.45 -34.71 44.93
N TRP A 61 -7.57 -34.02 44.77
CA TRP A 61 -7.63 -32.76 44.03
C TRP A 61 -8.50 -31.76 44.77
N GLN A 62 -8.25 -30.48 44.51
CA GLN A 62 -9.02 -29.39 45.11
C GLN A 62 -9.60 -28.52 43.99
N LEU A 63 -10.89 -28.21 44.09
CA LEU A 63 -11.59 -27.43 43.09
C LEU A 63 -11.94 -26.06 43.66
N ASN A 64 -11.75 -25.02 42.85
CA ASN A 64 -12.00 -23.65 43.31
C ASN A 64 -12.55 -22.83 42.16
N CYS A 65 -13.48 -21.93 42.47
CA CYS A 65 -14.10 -21.05 41.50
C CYS A 65 -13.82 -19.59 41.85
N THR A 66 -13.59 -18.78 40.82
CA THR A 66 -13.29 -17.37 41.00
C THR A 66 -14.05 -16.57 39.94
N HIS A 67 -14.07 -15.25 40.13
CA HIS A 67 -14.77 -14.35 39.23
C HIS A 67 -13.76 -13.39 38.59
N LEU A 68 -13.84 -13.23 37.28
CA LEU A 68 -12.99 -12.30 36.55
C LEU A 68 -13.78 -11.76 35.36
N GLU A 69 -13.77 -10.44 35.20
CA GLU A 69 -14.50 -9.76 34.12
C GLU A 69 -15.97 -10.11 34.12
N GLY A 70 -16.54 -10.37 35.30
CA GLY A 70 -17.93 -10.75 35.39
C GLY A 70 -18.25 -12.17 34.98
N LYS A 71 -17.23 -13.00 34.79
CA LYS A 71 -17.41 -14.39 34.36
C LYS A 71 -16.76 -15.33 35.36
N VAL A 72 -17.28 -16.56 35.41
CA VAL A 72 -16.83 -17.54 36.38
C VAL A 72 -15.72 -18.41 35.76
N ILE A 73 -14.67 -18.65 36.53
CA ILE A 73 -13.55 -19.49 36.12
C ILE A 73 -13.33 -20.55 37.17
N LEU A 74 -13.34 -21.81 36.76
CA LEU A 74 -13.11 -22.94 37.64
C LEU A 74 -11.69 -23.46 37.44
N VAL A 75 -11.12 -24.03 38.49
CA VAL A 75 -9.75 -24.55 38.43
C VAL A 75 -9.61 -25.69 39.42
N ALA A 76 -9.02 -26.80 38.95
CA ALA A 76 -8.69 -27.95 39.78
C ALA A 76 -7.18 -28.05 39.92
N VAL A 77 -6.74 -28.28 41.16
CA VAL A 77 -5.32 -28.27 41.51
C VAL A 77 -5.00 -29.54 42.27
N HIS A 78 -3.91 -30.21 41.88
CA HIS A 78 -3.43 -31.37 42.60
C HIS A 78 -2.89 -30.94 43.96
N VAL A 79 -3.12 -31.78 44.97
CA VAL A 79 -2.66 -31.47 46.32
C VAL A 79 -1.14 -31.32 46.35
N ALA A 80 -0.43 -32.18 45.63
CA ALA A 80 1.01 -32.11 45.52
C ALA A 80 1.43 -31.62 44.14
N SER A 81 2.67 -31.14 44.06
CA SER A 81 3.37 -30.71 42.85
C SER A 81 2.78 -29.44 42.24
N GLY A 82 1.68 -28.92 42.77
CA GLY A 82 1.14 -27.65 42.31
C GLY A 82 0.63 -27.64 40.89
N TYR A 83 0.27 -28.78 40.33
CA TYR A 83 -0.30 -28.80 38.98
C TYR A 83 -1.73 -28.26 39.02
N ILE A 84 -2.11 -27.55 37.96
CA ILE A 84 -3.40 -26.87 37.88
C ILE A 84 -4.03 -27.13 36.52
N GLU A 85 -5.34 -26.92 36.46
CA GLU A 85 -6.08 -27.00 35.20
C GLU A 85 -7.33 -26.12 35.35
N ALA A 86 -7.45 -25.10 34.50
CA ALA A 86 -8.48 -24.09 34.65
C ALA A 86 -9.30 -23.98 33.37
N GLU A 87 -10.52 -23.46 33.52
CA GLU A 87 -11.43 -23.26 32.40
C GLU A 87 -12.41 -22.16 32.77
N VAL A 88 -12.99 -21.53 31.75
CA VAL A 88 -14.02 -20.51 31.93
C VAL A 88 -15.38 -21.15 31.71
N ILE A 89 -16.40 -20.60 32.36
CA ILE A 89 -17.74 -21.16 32.28
C ILE A 89 -18.74 -20.07 31.92
N PRO A 90 -19.64 -20.30 30.96
CA PRO A 90 -20.65 -19.26 30.65
C PRO A 90 -21.63 -19.02 31.79
N ALA A 91 -22.28 -20.06 32.30
CA ALA A 91 -23.26 -19.93 33.36
C ALA A 91 -23.02 -21.02 34.41
N GLU A 92 -23.20 -20.64 35.67
CA GLU A 92 -22.88 -21.52 36.79
C GLU A 92 -24.10 -22.39 37.11
N THR A 93 -24.11 -23.59 36.52
CA THR A 93 -25.10 -24.61 36.85
C THR A 93 -24.39 -25.95 36.97
N GLY A 94 -25.17 -27.01 37.20
CA GLY A 94 -24.59 -28.31 37.42
C GLY A 94 -24.00 -28.95 36.17
N GLN A 95 -24.49 -28.56 34.99
CA GLN A 95 -24.05 -29.20 33.76
C GLN A 95 -22.59 -28.92 33.46
N GLU A 96 -22.15 -27.66 33.59
CA GLU A 96 -20.77 -27.33 33.29
C GLU A 96 -19.82 -27.93 34.32
N THR A 97 -20.21 -27.93 35.59
CA THR A 97 -19.38 -28.55 36.62
C THR A 97 -19.25 -30.05 36.38
N ALA A 98 -20.36 -30.71 36.01
CA ALA A 98 -20.31 -32.13 35.70
C ALA A 98 -19.43 -32.39 34.49
N TYR A 99 -19.52 -31.53 33.47
CA TYR A 99 -18.67 -31.66 32.28
C TYR A 99 -17.19 -31.57 32.66
N PHE A 100 -16.84 -30.56 33.48
CA PHE A 100 -15.44 -30.39 33.88
C PHE A 100 -14.96 -31.56 34.72
N LEU A 101 -15.78 -32.04 35.65
CA LEU A 101 -15.41 -33.19 36.47
C LEU A 101 -15.20 -34.43 35.61
N LEU A 102 -16.09 -34.65 34.65
CA LEU A 102 -15.96 -35.81 33.77
C LEU A 102 -14.70 -35.70 32.92
N LYS A 103 -14.39 -34.50 32.43
CA LYS A 103 -13.17 -34.31 31.63
C LYS A 103 -11.93 -34.59 32.47
N LEU A 104 -11.89 -34.07 33.70
CA LEU A 104 -10.70 -34.27 34.53
C LEU A 104 -10.57 -35.73 34.96
N ALA A 105 -11.71 -36.42 35.16
CA ALA A 105 -11.67 -37.85 35.42
C ALA A 105 -11.16 -38.61 34.20
N GLY A 106 -11.57 -38.20 33.01
CA GLY A 106 -11.12 -38.84 31.79
C GLY A 106 -9.67 -38.57 31.46
N ARG A 107 -9.09 -37.51 32.02
CA ARG A 107 -7.69 -37.24 31.79
C ARG A 107 -6.79 -37.83 32.88
N TRP A 108 -7.19 -37.73 34.14
CA TRP A 108 -6.38 -38.20 35.26
C TRP A 108 -7.19 -39.13 36.15
N PRO A 109 -6.52 -40.08 36.81
CA PRO A 109 -7.21 -40.95 37.77
C PRO A 109 -7.36 -40.26 39.12
N VAL A 110 -8.61 -40.04 39.53
CA VAL A 110 -8.92 -39.36 40.79
C VAL A 110 -9.81 -40.29 41.62
N LYS A 111 -9.51 -40.37 42.91
CA LYS A 111 -10.29 -41.18 43.84
C LYS A 111 -11.09 -40.37 44.85
N THR A 112 -10.62 -39.19 45.21
CA THR A 112 -11.32 -38.33 46.15
C THR A 112 -11.07 -36.88 45.79
N VAL A 113 -11.95 -36.00 46.24
CA VAL A 113 -11.87 -34.58 45.94
C VAL A 113 -12.33 -33.79 47.15
N HIS A 114 -11.63 -32.69 47.43
CA HIS A 114 -12.01 -31.76 48.48
C HIS A 114 -12.43 -30.44 47.85
N THR A 115 -13.49 -29.85 48.39
CA THR A 115 -14.06 -28.63 47.84
C THR A 115 -14.89 -27.94 48.91
N ASN A 116 -15.33 -26.72 48.62
CA ASN A 116 -16.12 -25.93 49.55
C ASN A 116 -17.58 -26.38 49.46
N ASN A 117 -18.47 -25.63 50.12
CA ASN A 117 -19.89 -25.98 50.20
C ASN A 117 -20.72 -25.11 49.27
N GLY A 118 -20.27 -24.96 48.03
CA GLY A 118 -21.01 -24.16 47.07
C GLY A 118 -22.29 -24.84 46.60
N SER A 119 -23.14 -24.03 45.98
CA SER A 119 -24.42 -24.54 45.47
C SER A 119 -24.22 -25.58 44.38
N ASN A 120 -23.26 -25.34 43.48
CA ASN A 120 -23.03 -26.28 42.39
C ASN A 120 -22.41 -27.57 42.88
N PHE A 121 -21.72 -27.53 44.03
CA PHE A 121 -21.13 -28.75 44.58
C PHE A 121 -22.17 -29.62 45.26
N THR A 122 -23.25 -29.03 45.76
CA THR A 122 -24.31 -29.77 46.44
C THR A 122 -25.43 -30.21 45.50
N SER A 123 -25.31 -29.92 44.21
CA SER A 123 -26.36 -30.28 43.26
C SER A 123 -26.38 -31.79 43.03
N THR A 124 -27.54 -32.29 42.58
CA THR A 124 -27.68 -33.71 42.31
C THR A 124 -26.88 -34.15 41.08
N THR A 125 -26.66 -33.25 40.13
CA THR A 125 -25.94 -33.61 38.91
C THR A 125 -24.51 -34.03 39.21
N VAL A 126 -23.79 -33.20 39.99
CA VAL A 126 -22.41 -33.55 40.33
C VAL A 126 -22.36 -34.78 41.23
N LYS A 127 -23.36 -34.94 42.11
CA LYS A 127 -23.41 -36.13 42.94
C LYS A 127 -23.54 -37.39 42.10
N ALA A 128 -24.44 -37.37 41.11
CA ALA A 128 -24.58 -38.52 40.21
C ALA A 128 -23.31 -38.74 39.39
N ALA A 129 -22.70 -37.65 38.93
CA ALA A 129 -21.48 -37.77 38.12
C ALA A 129 -20.35 -38.41 38.91
N CYS A 130 -20.18 -38.00 40.17
CA CYS A 130 -19.12 -38.58 40.99
C CYS A 130 -19.48 -39.99 41.46
N TRP A 131 -20.76 -40.28 41.63
CA TRP A 131 -21.17 -41.64 42.00
C TRP A 131 -20.94 -42.60 40.84
N TRP A 132 -21.06 -42.11 39.60
CA TRP A 132 -20.79 -42.95 38.44
C TRP A 132 -19.33 -43.40 38.41
N ALA A 133 -18.40 -42.49 38.72
CA ALA A 133 -16.98 -42.81 38.68
C ALA A 133 -16.42 -43.24 40.03
N GLY A 134 -17.27 -43.37 41.06
CA GLY A 134 -16.79 -43.78 42.36
C GLY A 134 -15.84 -42.78 43.01
N ILE A 135 -16.20 -41.51 42.98
CA ILE A 135 -15.36 -40.44 43.50
C ILE A 135 -15.87 -40.04 44.88
N LYS A 136 -14.99 -40.04 45.88
CA LYS A 136 -15.35 -39.57 47.21
C LYS A 136 -15.39 -38.06 47.23
N GLN A 137 -16.53 -37.50 47.62
CA GLN A 137 -16.74 -36.06 47.66
C GLN A 137 -16.76 -35.61 49.12
N GLU A 138 -15.73 -34.88 49.52
CA GLU A 138 -15.60 -34.38 50.89
C GLU A 138 -15.79 -32.87 50.90
N PHE A 139 -16.66 -32.38 51.78
CA PHE A 139 -16.95 -30.97 51.90
C PHE A 139 -16.20 -30.40 53.10
N GLY A 140 -15.48 -29.30 52.88
CA GLY A 140 -14.72 -28.66 53.94
C GLY A 140 -13.70 -27.66 53.43
N ASN A 144 -7.41 -31.09 55.07
CA ASN A 144 -6.69 -29.94 54.54
C ASN A 144 -5.73 -29.35 55.57
N PRO A 145 -4.62 -30.05 55.81
CA PRO A 145 -3.67 -29.58 56.84
C PRO A 145 -2.97 -28.27 56.47
N GLN A 146 -2.27 -28.24 55.34
CA GLN A 146 -1.53 -27.05 54.95
C GLN A 146 -1.62 -26.73 53.46
N SER A 147 -2.45 -27.43 52.70
CA SER A 147 -2.54 -27.19 51.26
C SER A 147 -3.20 -25.86 50.91
N GLN A 148 -3.81 -25.19 51.89
CA GLN A 148 -4.49 -23.92 51.62
C GLN A 148 -3.50 -22.87 51.13
N GLY A 149 -2.33 -22.78 51.76
CA GLY A 149 -1.33 -21.82 51.31
C GLY A 149 -0.86 -22.11 49.90
N VAL A 150 -0.61 -23.38 49.58
CA VAL A 150 -0.14 -23.74 48.25
C VAL A 150 -1.19 -23.39 47.20
N ILE A 151 -2.45 -23.74 47.47
CA ILE A 151 -3.49 -23.50 46.47
C ILE A 151 -3.75 -22.01 46.30
N GLU A 152 -3.69 -21.23 47.40
CA GLU A 152 -3.92 -19.80 47.27
C GLU A 152 -2.76 -19.11 46.56
N SER A 153 -1.53 -19.57 46.80
CA SER A 153 -0.39 -19.02 46.07
C SER A 153 -0.47 -19.34 44.59
N MET A 154 -0.89 -20.57 44.26
CA MET A 154 -1.09 -20.92 42.86
C MET A 154 -2.19 -20.07 42.22
N ASN A 155 -3.27 -19.81 42.96
CA ASN A 155 -4.33 -18.96 42.44
C ASN A 155 -3.85 -17.54 42.19
N LYS A 156 -3.06 -17.00 43.12
CA LYS A 156 -2.53 -15.65 42.94
C LYS A 156 -1.57 -15.59 41.76
N GLU A 157 -0.74 -16.62 41.58
CA GLU A 157 0.12 -16.69 40.41
C GLU A 157 -0.70 -16.74 39.13
N LEU A 158 -1.78 -17.52 39.14
CA LEU A 158 -2.68 -17.55 37.99
C LEU A 158 -3.24 -16.17 37.69
N LYS A 159 -3.67 -15.45 38.73
CA LYS A 159 -4.24 -14.12 38.54
C LYS A 159 -3.21 -13.18 37.93
N LYS A 160 -1.98 -13.21 38.45
CA LYS A 160 -0.97 -12.27 37.93
C LYS A 160 -0.58 -12.63 36.50
N ILE A 161 -0.49 -13.93 36.17
CA ILE A 161 -0.08 -14.29 34.81
C ILE A 161 -1.20 -13.99 33.81
N ILE A 162 -2.47 -14.18 34.20
CA ILE A 162 -3.55 -13.83 33.28
C ILE A 162 -3.67 -12.32 33.13
N GLY A 163 -3.34 -11.58 34.19
CA GLY A 163 -3.30 -10.13 34.07
C GLY A 163 -2.19 -9.67 33.14
N GLN A 164 -1.02 -10.31 33.22
CA GLN A 164 0.10 -9.93 32.36
C GLN A 164 -0.13 -10.33 30.91
N VAL A 165 -0.78 -11.47 30.67
CA VAL A 165 -0.94 -11.99 29.33
C VAL A 165 -2.18 -11.46 28.62
N ARG A 166 -3.03 -10.71 29.31
CA ARG A 166 -4.28 -10.21 28.72
C ARG A 166 -4.02 -9.20 27.61
N ASP A 167 -2.83 -8.61 27.55
CA ASP A 167 -2.55 -7.57 26.57
C ASP A 167 -2.65 -8.10 25.14
N GLN A 168 -2.14 -9.30 24.89
CA GLN A 168 -2.11 -9.86 23.54
C GLN A 168 -3.26 -10.84 23.28
N ALA A 169 -4.15 -11.05 24.25
CA ALA A 169 -5.25 -11.99 24.08
C ALA A 169 -6.53 -11.28 23.64
N GLU A 170 -7.33 -11.99 22.84
CA GLU A 170 -8.61 -11.47 22.38
C GLU A 170 -9.80 -12.04 23.13
N HIS A 171 -9.67 -13.24 23.69
CA HIS A 171 -10.71 -13.87 24.49
C HIS A 171 -10.10 -14.38 25.79
N LEU A 172 -10.92 -14.40 26.85
CA LEU A 172 -10.41 -14.79 28.16
C LEU A 172 -10.06 -16.27 28.21
N LYS A 173 -10.79 -17.11 27.47
CA LYS A 173 -10.52 -18.55 27.49
C LYS A 173 -9.11 -18.86 26.95
N THR A 174 -8.74 -18.23 25.84
CA THR A 174 -7.41 -18.45 25.29
C THR A 174 -6.33 -17.95 26.24
N ALA A 175 -6.58 -16.80 26.89
CA ALA A 175 -5.61 -16.28 27.86
C ALA A 175 -5.43 -17.24 29.03
N VAL A 176 -6.53 -17.79 29.53
CA VAL A 176 -6.45 -18.74 30.64
C VAL A 176 -5.70 -19.99 30.22
N GLN A 177 -5.99 -20.50 29.01
CA GLN A 177 -5.29 -21.68 28.53
C GLN A 177 -3.79 -21.43 28.38
N MET A 178 -3.42 -20.27 27.82
CA MET A 178 -2.02 -19.94 27.67
C MET A 178 -1.35 -19.82 29.04
N ALA A 179 -2.03 -19.21 30.01
CA ALA A 179 -1.47 -19.04 31.34
C ALA A 179 -1.25 -20.39 32.02
N VAL A 180 -2.22 -21.29 31.96
CA VAL A 180 -2.04 -22.60 32.58
C VAL A 180 -0.96 -23.39 31.84
N PHE A 181 -0.87 -23.23 30.53
CA PHE A 181 0.19 -23.90 29.77
C PHE A 181 1.57 -23.45 30.21
N ILE A 182 1.79 -22.12 30.27
CA ILE A 182 3.10 -21.63 30.66
C ILE A 182 3.41 -22.01 32.10
N HIS A 183 2.42 -21.93 32.99
CA HIS A 183 2.64 -22.28 34.39
C HIS A 183 3.02 -23.75 34.54
N ASN A 184 2.34 -24.64 33.81
CA ASN A 184 2.56 -26.07 33.97
C ASN A 184 3.70 -26.62 33.13
N PHE A 185 4.24 -25.83 32.20
CA PHE A 185 5.31 -26.35 31.34
C PHE A 185 6.63 -25.60 31.50
N LYS A 186 6.62 -24.26 31.48
CA LYS A 186 7.86 -23.50 31.45
C LYS A 186 7.98 -22.53 32.63
N ARG A 187 7.64 -22.99 33.82
CA ARG A 187 7.81 -22.21 35.05
C ARG A 187 8.48 -23.12 36.08
N LYS A 188 9.81 -23.15 36.07
CA LYS A 188 10.55 -24.01 36.98
C LYS A 188 10.38 -23.53 38.41
N GLY A 189 10.18 -24.48 39.33
CA GLY A 189 9.86 -24.12 40.71
C GLY A 189 10.97 -24.36 41.70
N GLY A 190 10.81 -25.39 42.53
CA GLY A 190 11.71 -25.66 43.64
C GLY A 190 12.88 -26.55 43.31
N ILE A 191 13.03 -27.63 44.08
CA ILE A 191 14.20 -28.50 43.96
C ILE A 191 14.19 -29.18 42.60
N GLY A 192 15.34 -29.12 41.92
CA GLY A 192 15.52 -29.72 40.63
C GLY A 192 15.32 -28.79 39.46
N GLY A 193 14.64 -27.67 39.65
CA GLY A 193 14.39 -26.74 38.56
C GLY A 193 13.56 -27.33 37.44
N TYR A 194 12.50 -28.05 37.78
CA TYR A 194 11.61 -28.65 36.80
C TYR A 194 10.21 -28.06 36.96
N SER A 195 9.31 -28.46 36.07
CA SER A 195 7.95 -27.97 36.06
C SER A 195 7.02 -29.01 36.69
N ALA A 196 5.72 -28.67 36.69
CA ALA A 196 4.74 -29.55 37.34
C ALA A 196 4.55 -30.85 36.57
N GLY A 197 4.76 -30.84 35.25
CA GLY A 197 4.55 -32.05 34.46
C GLY A 197 5.50 -33.17 34.84
N GLU A 198 6.79 -32.85 34.98
CA GLU A 198 7.75 -33.85 35.41
C GLU A 198 7.40 -34.40 36.79
N ARG A 199 7.00 -33.52 37.70
CA ARG A 199 6.65 -33.95 39.05
C ARG A 199 5.45 -34.90 39.03
N ILE A 200 4.39 -34.53 38.31
CA ILE A 200 3.19 -35.37 38.30
C ILE A 200 3.49 -36.71 37.63
N VAL A 201 4.25 -36.69 36.53
CA VAL A 201 4.52 -37.95 35.84
C VAL A 201 5.40 -38.85 36.70
N ASP A 202 6.38 -38.28 37.40
CA ASP A 202 7.22 -39.09 38.28
C ASP A 202 6.40 -39.68 39.42
N ILE A 203 5.52 -38.87 40.02
CA ILE A 203 4.71 -39.35 41.14
C ILE A 203 3.80 -40.49 40.70
N ILE A 204 3.11 -40.31 39.57
CA ILE A 204 2.18 -41.35 39.12
C ILE A 204 2.93 -42.59 38.67
N ALA A 205 4.11 -42.42 38.05
CA ALA A 205 4.90 -43.57 37.65
C ALA A 205 5.38 -44.37 38.86
N THR A 206 5.86 -43.68 39.89
CA THR A 206 6.28 -44.39 41.10
C THR A 206 5.11 -45.07 41.80
N ASP A 207 3.94 -44.42 41.81
CA ASP A 207 2.76 -45.05 42.40
C ASP A 207 2.37 -46.30 41.64
N ILE A 208 2.40 -46.25 40.31
CA ILE A 208 2.07 -47.43 39.50
C ILE A 208 3.08 -48.54 39.76
N GLN A 209 4.36 -48.18 39.83
CA GLN A 209 5.39 -49.19 40.08
C GLN A 209 5.19 -49.85 41.44
N THR A 210 4.92 -49.05 42.47
CA THR A 210 4.72 -49.63 43.80
C THR A 210 3.48 -50.50 43.84
N LYS A 211 2.40 -50.08 43.19
CA LYS A 211 1.18 -50.88 43.23
C LYS A 211 1.36 -52.20 42.48
N GLU A 212 2.07 -52.18 41.34
CA GLU A 212 2.27 -53.43 40.61
C GLU A 212 3.23 -54.35 41.37
N LEU A 213 4.24 -53.77 42.03
CA LEU A 213 5.13 -54.59 42.85
C LEU A 213 4.38 -55.24 44.01
N GLN A 214 3.51 -54.48 44.68
CA GLN A 214 2.77 -55.06 45.80
C GLN A 214 1.75 -56.10 45.32
N LYS A 215 1.14 -55.89 44.15
CA LYS A 215 0.25 -56.91 43.60
C LYS A 215 1.02 -58.18 43.24
N GLN A 216 2.23 -58.03 42.68
CA GLN A 216 3.05 -59.19 42.38
C GLN A 216 3.43 -59.94 43.66
N ILE A 217 3.77 -59.21 44.72
CA ILE A 217 4.08 -59.86 46.00
C ILE A 217 2.84 -60.57 46.55
N THR A 218 1.67 -59.95 46.42
CA THR A 218 0.45 -60.57 46.90
C THR A 218 0.14 -61.86 46.15
N LYS A 219 0.37 -61.88 44.84
CA LYS A 219 0.11 -63.09 44.07
C LYS A 219 1.23 -64.12 44.17
N ILE A 220 2.40 -63.73 44.67
CA ILE A 220 3.52 -64.67 44.79
C ILE A 220 3.57 -65.33 46.16
N GLN A 221 3.39 -64.56 47.23
CA GLN A 221 3.65 -65.06 48.58
C GLN A 221 2.67 -66.15 49.02
N ASN A 222 1.57 -66.35 48.30
CA ASN A 222 0.54 -67.31 48.70
C ASN A 222 1.00 -68.77 48.65
N PHE A 223 2.25 -69.04 48.31
CA PHE A 223 2.76 -70.40 48.23
C PHE A 223 3.74 -70.66 49.37
N ARG A 224 3.67 -71.86 49.95
CA ARG A 224 4.57 -72.26 51.01
C ARG A 224 5.76 -73.02 50.44
N VAL A 225 6.81 -73.15 51.24
CA VAL A 225 8.05 -73.80 50.82
C VAL A 225 8.52 -74.77 51.89
N TYR A 226 9.30 -75.76 51.46
CA TYR A 226 9.98 -76.69 52.36
C TYR A 226 11.34 -77.01 51.76
N TYR A 227 12.39 -76.84 52.56
CA TYR A 227 13.75 -76.90 52.05
C TYR A 227 14.58 -77.93 52.80
N ARG A 228 15.57 -78.49 52.09
CA ARG A 228 16.59 -79.34 52.69
C ARG A 228 17.89 -78.54 52.82
N ASP A 229 18.51 -78.63 53.99
CA ASP A 229 19.79 -77.98 54.23
C ASP A 229 20.91 -79.02 54.25
N SER A 230 22.13 -78.55 54.51
CA SER A 230 23.31 -79.41 54.45
C SER A 230 23.45 -80.34 55.65
N ARG A 231 22.74 -80.07 56.75
CA ARG A 231 22.89 -80.85 57.96
C ARG A 231 21.66 -81.67 58.33
N ASP A 232 20.55 -81.54 57.59
CA ASP A 232 19.34 -82.27 57.92
C ASP A 232 18.58 -82.63 56.66
N PRO A 233 18.49 -83.93 56.31
CA PRO A 233 17.71 -84.32 55.13
C PRO A 233 16.22 -84.06 55.27
N VAL A 234 15.71 -83.88 56.49
CA VAL A 234 14.30 -83.66 56.69
C VAL A 234 13.93 -82.24 56.26
N TRP A 235 12.89 -82.13 55.45
CA TRP A 235 12.41 -80.82 55.01
C TRP A 235 11.86 -80.03 56.18
N LYS A 236 12.16 -78.74 56.20
CA LYS A 236 11.74 -77.86 57.29
C LYS A 236 10.93 -76.69 56.75
N GLY A 237 10.06 -76.15 57.60
CA GLY A 237 9.21 -75.05 57.24
C GLY A 237 7.92 -75.04 58.04
N PRO A 238 6.86 -74.47 57.47
CA PRO A 238 6.80 -73.82 56.16
C PRO A 238 7.24 -72.36 56.21
N ALA A 239 8.30 -72.01 55.48
CA ALA A 239 8.76 -70.63 55.44
C ALA A 239 7.93 -69.82 54.43
N LYS A 240 8.04 -68.50 54.53
CA LYS A 240 7.31 -67.61 53.64
C LYS A 240 8.10 -67.38 52.36
N LEU A 241 7.42 -67.50 51.21
CA LEU A 241 8.07 -67.30 49.93
C LEU A 241 8.36 -65.83 49.68
N LEU A 242 9.61 -65.52 49.34
CA LEU A 242 10.01 -64.15 49.07
C LEU A 242 10.45 -63.94 47.63
N TRP A 243 11.39 -64.76 47.13
CA TRP A 243 11.89 -64.57 45.78
C TRP A 243 12.34 -65.90 45.20
N LYS A 244 12.27 -66.01 43.88
CA LYS A 244 12.75 -67.20 43.16
C LYS A 244 13.59 -66.75 41.97
N GLY A 245 14.60 -67.54 41.64
CA GLY A 245 15.42 -67.24 40.49
C GLY A 245 16.81 -67.82 40.63
N GLU A 246 17.56 -67.76 39.53
CA GLU A 246 18.90 -68.31 39.38
C GLU A 246 19.04 -69.69 40.04
N GLY A 247 18.05 -70.55 39.83
CA GLY A 247 18.09 -71.89 40.39
C GLY A 247 18.13 -71.93 41.90
N ALA A 248 17.40 -71.03 42.55
CA ALA A 248 17.40 -70.91 44.00
C ALA A 248 16.17 -70.14 44.42
N VAL A 249 15.91 -70.15 45.73
CA VAL A 249 14.76 -69.46 46.31
C VAL A 249 15.21 -68.78 47.60
N VAL A 250 14.85 -67.51 47.75
CA VAL A 250 15.11 -66.74 48.96
C VAL A 250 13.82 -66.70 49.76
N ILE A 251 13.88 -67.15 51.01
CA ILE A 251 12.71 -67.24 51.88
C ILE A 251 13.07 -66.67 53.24
N GLN A 252 12.09 -66.66 54.14
CA GLN A 252 12.27 -66.18 55.50
C GLN A 252 11.61 -67.14 56.47
N ASP A 253 12.37 -67.57 57.47
CA ASP A 253 11.86 -68.41 58.55
C ASP A 253 12.37 -67.88 59.89
N ASN A 254 11.49 -67.86 60.88
CA ASN A 254 11.82 -67.35 62.22
C ASN A 254 12.41 -65.95 62.14
N SER A 255 11.78 -65.11 61.32
CA SER A 255 12.20 -63.72 61.08
C SER A 255 13.67 -63.63 60.67
N ASP A 256 14.15 -64.66 59.97
CA ASP A 256 15.51 -64.68 59.46
C ASP A 256 15.46 -65.09 57.99
N ILE A 257 16.15 -64.33 57.13
CA ILE A 257 16.08 -64.54 55.69
C ILE A 257 17.22 -65.46 55.27
N LYS A 258 16.88 -66.51 54.52
CA LYS A 258 17.84 -67.50 54.07
C LYS A 258 17.65 -67.75 52.57
N VAL A 259 18.65 -68.39 51.97
CA VAL A 259 18.64 -68.75 50.56
C VAL A 259 18.88 -70.26 50.44
N VAL A 260 18.08 -70.92 49.62
CA VAL A 260 18.18 -72.36 49.45
C VAL A 260 18.17 -72.70 47.96
N PRO A 261 19.05 -73.57 47.49
CA PRO A 261 18.99 -73.98 46.08
C PRO A 261 17.66 -74.63 45.75
N ARG A 262 17.22 -74.42 44.51
CA ARG A 262 15.92 -74.94 44.08
C ARG A 262 15.89 -76.46 44.12
N ARG A 263 16.99 -77.11 43.74
CA ARG A 263 17.04 -78.57 43.75
C ARG A 263 16.83 -79.14 45.16
N LYS A 264 17.18 -78.36 46.18
CA LYS A 264 16.94 -78.75 47.57
C LYS A 264 15.74 -78.02 48.18
N ALA A 265 14.71 -77.75 47.38
CA ALA A 265 13.52 -77.07 47.87
C ALA A 265 12.30 -77.52 47.10
N LYS A 266 11.14 -77.41 47.74
CA LYS A 266 9.87 -77.74 47.13
C LYS A 266 8.86 -76.66 47.47
N ILE A 267 8.00 -76.32 46.51
CA ILE A 267 6.99 -75.28 46.66
C ILE A 267 5.61 -75.90 46.58
N ILE A 268 4.73 -75.49 47.49
CA ILE A 268 3.35 -75.96 47.49
C ILE A 268 2.40 -74.77 47.36
N PHE B 1 -10.24 -62.31 44.43
CA PHE B 1 -11.30 -63.33 44.50
C PHE B 1 -12.15 -63.12 45.74
N LEU B 2 -11.64 -62.30 46.67
CA LEU B 2 -12.37 -62.03 47.90
C LEU B 2 -13.54 -61.10 47.62
N ASP B 3 -14.72 -61.68 47.40
CA ASP B 3 -15.92 -60.94 47.00
C ASP B 3 -15.70 -60.13 45.73
N GLY B 4 -14.70 -60.52 44.92
CA GLY B 4 -14.38 -59.79 43.71
C GLY B 4 -15.34 -60.02 42.58
N ILE B 5 -16.10 -61.12 42.60
CA ILE B 5 -17.05 -61.40 41.54
C ILE B 5 -18.17 -60.37 41.54
N ASP B 6 -18.68 -60.04 42.73
CA ASP B 6 -19.78 -59.08 42.82
C ASP B 6 -19.35 -57.69 42.34
N LYS B 7 -18.17 -57.23 42.77
CA LYS B 7 -17.70 -55.93 42.31
C LYS B 7 -17.33 -55.95 40.82
N ALA B 8 -16.85 -57.09 40.33
CA ALA B 8 -16.59 -57.22 38.89
C ALA B 8 -17.88 -57.08 38.10
N GLN B 9 -18.96 -57.71 38.57
CA GLN B 9 -20.25 -57.54 37.90
C GLN B 9 -20.77 -56.12 38.02
N GLU B 10 -20.60 -55.50 39.19
CA GLU B 10 -21.12 -54.15 39.39
C GLU B 10 -20.34 -53.12 38.58
N GLU B 11 -19.08 -53.43 38.24
CA GLU B 11 -18.32 -52.52 37.38
C GLU B 11 -18.51 -52.84 35.91
N HIS B 12 -18.82 -54.09 35.57
CA HIS B 12 -19.12 -54.44 34.19
C HIS B 12 -20.48 -53.90 33.77
N GLU B 13 -21.45 -53.89 34.69
CA GLU B 13 -22.72 -53.22 34.41
C GLU B 13 -22.56 -51.70 34.34
N LYS B 14 -21.41 -51.18 34.79
CA LYS B 14 -21.14 -49.76 34.80
C LYS B 14 -20.41 -49.31 33.52
N TYR B 15 -19.26 -49.91 33.23
CA TYR B 15 -18.44 -49.52 32.09
C TYR B 15 -18.36 -50.58 31.00
N HIS B 16 -18.64 -51.85 31.31
CA HIS B 16 -18.49 -52.95 30.35
C HIS B 16 -17.06 -53.04 29.83
N SER B 17 -16.13 -53.27 30.75
CA SER B 17 -14.72 -53.33 30.42
C SER B 17 -14.37 -54.66 29.76
N ASN B 18 -13.17 -54.72 29.18
CA ASN B 18 -12.67 -55.93 28.57
C ASN B 18 -12.35 -56.97 29.66
N TRP B 19 -12.26 -58.23 29.24
CA TRP B 19 -12.04 -59.32 30.21
C TRP B 19 -10.70 -59.15 30.92
N ARG B 20 -9.65 -58.79 30.18
CA ARG B 20 -8.34 -58.60 30.80
C ARG B 20 -8.35 -57.44 31.79
N ALA B 21 -9.19 -56.42 31.55
CA ALA B 21 -9.24 -55.26 32.43
C ALA B 21 -9.63 -55.66 33.85
N MET B 22 -10.83 -56.24 34.01
CA MET B 22 -11.25 -56.65 35.34
C MET B 22 -10.50 -57.89 35.82
N ALA B 23 -9.90 -58.66 34.90
CA ALA B 23 -9.07 -59.79 35.32
C ALA B 23 -7.83 -59.30 36.06
N SER B 24 -7.22 -58.22 35.56
CA SER B 24 -6.01 -57.71 36.19
C SER B 24 -6.31 -56.76 37.35
N ASP B 25 -7.37 -55.97 37.24
CA ASP B 25 -7.68 -54.98 38.26
C ASP B 25 -8.10 -55.65 39.58
N PHE B 26 -9.01 -56.61 39.50
CA PHE B 26 -9.59 -57.23 40.68
C PHE B 26 -8.92 -58.56 41.05
N ASN B 27 -7.88 -58.96 40.32
CA ASN B 27 -7.15 -60.20 40.58
C ASN B 27 -8.09 -61.41 40.51
N LEU B 28 -8.61 -61.64 39.31
CA LEU B 28 -9.45 -62.79 39.02
C LEU B 28 -8.87 -63.57 37.85
N PRO B 29 -9.12 -64.88 37.77
CA PRO B 29 -8.63 -65.65 36.64
C PRO B 29 -9.28 -65.19 35.36
N PRO B 30 -8.60 -65.33 34.22
CA PRO B 30 -9.19 -64.87 32.95
C PRO B 30 -10.48 -65.59 32.58
N VAL B 31 -10.67 -66.84 33.03
CA VAL B 31 -11.85 -67.60 32.66
C VAL B 31 -13.11 -66.94 33.19
N VAL B 32 -13.11 -66.57 34.48
CA VAL B 32 -14.28 -65.96 35.06
C VAL B 32 -14.51 -64.57 34.47
N ALA B 33 -13.45 -63.85 34.13
CA ALA B 33 -13.61 -62.56 33.46
C ALA B 33 -14.27 -62.71 32.10
N LYS B 34 -13.84 -63.72 31.33
CA LYS B 34 -14.48 -63.98 30.04
C LYS B 34 -15.94 -64.38 30.22
N GLU B 35 -16.22 -65.17 31.25
CA GLU B 35 -17.61 -65.56 31.52
C GLU B 35 -18.46 -64.34 31.87
N ILE B 36 -17.91 -63.42 32.66
CA ILE B 36 -18.63 -62.20 33.01
C ILE B 36 -18.87 -61.35 31.76
N VAL B 37 -17.87 -61.24 30.90
CA VAL B 37 -18.04 -60.48 29.66
C VAL B 37 -19.11 -61.11 28.78
N ALA B 38 -19.11 -62.44 28.68
CA ALA B 38 -20.09 -63.12 27.84
C ALA B 38 -21.50 -63.00 28.41
N SER B 39 -21.63 -63.02 29.74
CA SER B 39 -22.95 -62.95 30.35
C SER B 39 -23.65 -61.63 30.08
N CYS B 40 -22.91 -60.58 29.76
CA CYS B 40 -23.51 -59.29 29.42
C CYS B 40 -24.18 -59.39 28.05
N ASP B 41 -25.42 -58.92 27.96
CA ASP B 41 -26.14 -58.98 26.70
C ASP B 41 -25.65 -57.98 25.68
N LYS B 42 -24.96 -56.92 26.12
CA LYS B 42 -24.43 -55.91 25.21
C LYS B 42 -23.00 -56.19 24.76
N CYS B 43 -22.37 -57.24 25.28
CA CYS B 43 -21.00 -57.58 24.94
C CYS B 43 -20.91 -59.03 24.48
N GLN B 44 -19.90 -59.32 23.67
CA GLN B 44 -19.68 -60.66 23.15
C GLN B 44 -18.36 -61.23 23.67
N CYS B 56 6.32 -44.20 18.27
CA CYS B 56 7.41 -43.57 17.55
C CYS B 56 8.13 -42.55 18.42
N SER B 57 7.55 -41.37 18.55
CA SER B 57 8.10 -40.30 19.38
C SER B 57 7.00 -39.74 20.26
N PRO B 58 7.34 -39.30 21.48
CA PRO B 58 6.31 -38.73 22.36
C PRO B 58 5.65 -37.48 21.80
N GLY B 59 6.35 -36.71 20.98
CA GLY B 59 5.81 -35.50 20.42
C GLY B 59 4.96 -35.66 19.17
N ILE B 60 4.77 -36.88 18.70
CA ILE B 60 4.00 -37.12 17.48
C ILE B 60 2.55 -37.36 17.86
N TRP B 61 1.67 -36.46 17.41
CA TRP B 61 0.23 -36.56 17.64
C TRP B 61 -0.50 -36.36 16.32
N GLN B 62 -1.58 -37.11 16.12
CA GLN B 62 -2.36 -37.05 14.90
C GLN B 62 -3.75 -36.53 15.21
N LEU B 63 -4.17 -35.50 14.49
CA LEU B 63 -5.48 -34.89 14.64
C LEU B 63 -6.29 -35.04 13.36
N ASN B 64 -7.57 -35.34 13.51
CA ASN B 64 -8.42 -35.55 12.35
C ASN B 64 -9.86 -35.15 12.69
N CYS B 65 -10.69 -35.10 11.65
CA CYS B 65 -12.09 -34.72 11.77
C CYS B 65 -12.97 -35.88 11.35
N THR B 66 -14.05 -36.12 12.08
CA THR B 66 -15.01 -37.16 11.77
C THR B 66 -16.42 -36.60 11.83
N HIS B 67 -17.34 -37.30 11.16
CA HIS B 67 -18.73 -36.88 11.09
C HIS B 67 -19.61 -37.99 11.68
N LEU B 68 -20.53 -37.60 12.57
CA LEU B 68 -21.41 -38.56 13.24
C LEU B 68 -22.74 -37.87 13.50
N GLU B 69 -23.77 -38.25 12.73
CA GLU B 69 -25.14 -37.78 12.92
C GLU B 69 -25.21 -36.25 12.87
N GLY B 70 -24.69 -35.70 11.78
CA GLY B 70 -24.70 -34.26 11.59
C GLY B 70 -23.84 -33.47 12.54
N LYS B 71 -22.89 -34.13 13.20
CA LYS B 71 -21.99 -33.46 14.15
C LYS B 71 -20.55 -33.69 13.70
N VAL B 72 -19.76 -32.62 13.69
CA VAL B 72 -18.34 -32.70 13.39
C VAL B 72 -17.59 -32.85 14.71
N ILE B 73 -16.65 -33.80 14.76
CA ILE B 73 -15.86 -34.05 15.95
C ILE B 73 -14.39 -34.03 15.57
N LEU B 74 -13.62 -33.22 16.30
CA LEU B 74 -12.17 -33.17 16.15
C LEU B 74 -11.57 -34.15 17.16
N VAL B 75 -10.82 -35.13 16.68
CA VAL B 75 -10.27 -36.19 17.50
C VAL B 75 -8.76 -36.22 17.32
N ALA B 76 -8.03 -36.20 18.44
CA ALA B 76 -6.58 -36.27 18.45
C ALA B 76 -6.13 -37.53 19.16
N VAL B 77 -4.99 -38.07 18.74
CA VAL B 77 -4.48 -39.32 19.26
C VAL B 77 -2.96 -39.27 19.30
N HIS B 78 -2.39 -39.68 20.43
CA HIS B 78 -0.95 -39.83 20.56
C HIS B 78 -0.54 -41.10 19.83
N VAL B 79 0.35 -40.97 18.85
CA VAL B 79 0.75 -42.13 18.05
C VAL B 79 1.55 -43.13 18.87
N ALA B 80 2.39 -42.67 19.79
CA ALA B 80 3.29 -43.54 20.52
C ALA B 80 2.59 -44.37 21.60
N SER B 81 1.56 -43.82 22.24
CA SER B 81 0.92 -44.49 23.36
C SER B 81 -0.55 -44.81 23.13
N GLY B 82 -1.15 -44.30 22.06
CA GLY B 82 -2.55 -44.60 21.77
C GLY B 82 -3.55 -43.84 22.60
N TYR B 83 -3.13 -42.83 23.36
CA TYR B 83 -4.06 -42.03 24.13
C TYR B 83 -4.97 -41.23 23.19
N ILE B 84 -6.22 -41.03 23.60
CA ILE B 84 -7.23 -40.44 22.73
C ILE B 84 -7.86 -39.24 23.42
N GLU B 85 -8.16 -38.21 22.62
CA GLU B 85 -8.96 -37.08 23.05
C GLU B 85 -9.91 -36.72 21.92
N ALA B 86 -11.06 -36.16 22.27
CA ALA B 86 -12.06 -35.81 21.26
C ALA B 86 -12.89 -34.63 21.76
N GLU B 87 -13.44 -33.88 20.80
CA GLU B 87 -14.31 -32.76 21.14
C GLU B 87 -15.21 -32.49 19.93
N VAL B 88 -16.51 -32.38 20.18
CA VAL B 88 -17.48 -32.13 19.13
C VAL B 88 -17.59 -30.64 18.92
N ILE B 89 -17.24 -30.19 17.71
CA ILE B 89 -17.30 -28.76 17.38
C ILE B 89 -18.66 -28.46 16.77
N PRO B 90 -19.41 -27.49 17.32
CA PRO B 90 -20.78 -27.25 16.82
C PRO B 90 -20.81 -26.73 15.38
N ALA B 91 -20.09 -25.64 15.11
CA ALA B 91 -20.02 -25.05 13.78
C ALA B 91 -18.60 -25.20 13.26
N GLU B 92 -18.46 -25.86 12.10
CA GLU B 92 -17.14 -26.18 11.56
C GLU B 92 -16.40 -24.90 11.19
N THR B 93 -15.40 -24.54 12.00
CA THR B 93 -14.60 -23.34 11.78
C THR B 93 -13.21 -23.59 12.34
N GLY B 94 -12.22 -22.90 11.76
CA GLY B 94 -10.85 -23.06 12.20
C GLY B 94 -10.57 -22.50 13.58
N GLN B 95 -11.38 -21.55 14.05
CA GLN B 95 -11.13 -20.95 15.36
C GLN B 95 -11.29 -21.97 16.48
N GLU B 96 -12.32 -22.81 16.43
CA GLU B 96 -12.46 -23.85 17.44
C GLU B 96 -11.40 -24.94 17.30
N THR B 97 -10.95 -25.23 16.07
CA THR B 97 -9.83 -26.15 15.91
C THR B 97 -8.58 -25.61 16.58
N ALA B 98 -8.31 -24.31 16.40
CA ALA B 98 -7.18 -23.69 17.08
C ALA B 98 -7.36 -23.71 18.59
N TYR B 99 -8.59 -23.49 19.07
CA TYR B 99 -8.86 -23.55 20.50
C TYR B 99 -8.55 -24.95 21.05
N PHE B 100 -9.02 -25.99 20.36
CA PHE B 100 -8.74 -27.36 20.79
C PHE B 100 -7.25 -27.66 20.75
N LEU B 101 -6.56 -27.17 19.73
CA LEU B 101 -5.12 -27.39 19.62
C LEU B 101 -4.38 -26.74 20.78
N LEU B 102 -4.73 -25.50 21.12
CA LEU B 102 -4.05 -24.82 22.22
C LEU B 102 -4.40 -25.47 23.55
N LYS B 103 -5.64 -25.95 23.70
CA LYS B 103 -6.01 -26.65 24.93
C LYS B 103 -5.22 -27.95 25.09
N LEU B 104 -5.09 -28.72 24.02
CA LEU B 104 -4.34 -29.97 24.11
C LEU B 104 -2.85 -29.71 24.29
N ALA B 105 -2.35 -28.60 23.74
CA ALA B 105 -0.97 -28.20 24.04
C ALA B 105 -0.82 -27.83 25.51
N GLY B 106 -1.80 -27.13 26.07
CA GLY B 106 -1.74 -26.78 27.49
C GLY B 106 -1.88 -27.97 28.40
N ARG B 107 -2.51 -29.04 27.92
CA ARG B 107 -2.66 -30.26 28.72
C ARG B 107 -1.57 -31.29 28.46
N TRP B 108 -0.90 -31.24 27.31
CA TRP B 108 0.13 -32.23 27.00
C TRP B 108 1.17 -31.59 26.09
N PRO B 109 2.45 -31.95 26.22
CA PRO B 109 3.48 -31.40 25.34
C PRO B 109 3.44 -32.07 23.97
N VAL B 110 3.24 -31.27 22.93
CA VAL B 110 3.19 -31.76 21.55
C VAL B 110 4.20 -30.96 20.74
N LYS B 111 5.06 -31.68 20.00
CA LYS B 111 6.05 -31.04 19.14
C LYS B 111 5.76 -31.16 17.66
N THR B 112 4.90 -32.09 17.25
CA THR B 112 4.58 -32.27 15.85
C THR B 112 3.16 -32.82 15.72
N VAL B 113 2.41 -32.30 14.75
CA VAL B 113 1.05 -32.73 14.49
C VAL B 113 0.93 -33.13 13.02
N HIS B 114 0.33 -34.29 12.77
CA HIS B 114 0.13 -34.81 11.43
C HIS B 114 -1.33 -34.63 11.03
N THR B 115 -1.57 -33.75 10.07
CA THR B 115 -2.92 -33.48 9.58
C THR B 115 -2.87 -33.47 8.05
N ASN B 116 -4.04 -33.34 7.44
CA ASN B 116 -4.11 -33.25 5.99
C ASN B 116 -4.12 -31.79 5.57
N ASN B 117 -4.31 -31.54 4.28
CA ASN B 117 -4.35 -30.18 3.74
C ASN B 117 -5.73 -29.54 3.88
N GLY B 118 -6.47 -29.88 4.93
CA GLY B 118 -7.78 -29.28 5.12
C GLY B 118 -7.70 -27.81 5.47
N SER B 119 -8.76 -27.08 5.11
CA SER B 119 -8.81 -25.66 5.39
C SER B 119 -8.79 -25.38 6.89
N ASN B 120 -9.55 -26.17 7.67
CA ASN B 120 -9.60 -25.96 9.11
C ASN B 120 -8.25 -26.22 9.76
N PHE B 121 -7.56 -27.27 9.34
CA PHE B 121 -6.24 -27.60 9.89
C PHE B 121 -5.19 -26.56 9.51
N THR B 122 -5.34 -25.91 8.35
CA THR B 122 -4.41 -24.89 7.90
C THR B 122 -4.92 -23.47 8.14
N SER B 123 -5.98 -23.33 8.94
CA SER B 123 -6.59 -22.03 9.15
C SER B 123 -5.60 -21.05 9.78
N THR B 124 -5.91 -19.75 9.63
CA THR B 124 -5.02 -18.72 10.14
C THR B 124 -4.87 -18.81 11.65
N THR B 125 -5.98 -19.04 12.37
CA THR B 125 -5.90 -19.16 13.81
C THR B 125 -5.08 -20.38 14.23
N VAL B 126 -5.28 -21.51 13.56
CA VAL B 126 -4.55 -22.72 13.90
C VAL B 126 -3.06 -22.54 13.63
N LYS B 127 -2.72 -21.95 12.48
CA LYS B 127 -1.32 -21.71 12.15
C LYS B 127 -0.68 -20.75 13.15
N ALA B 128 -1.40 -19.68 13.51
CA ALA B 128 -0.87 -18.72 14.47
C ALA B 128 -0.63 -19.39 15.82
N ALA B 129 -1.59 -20.20 16.28
CA ALA B 129 -1.43 -20.87 17.57
C ALA B 129 -0.27 -21.85 17.55
N CYS B 130 -0.13 -22.63 16.47
CA CYS B 130 0.93 -23.63 16.42
C CYS B 130 2.30 -22.98 16.30
N TRP B 131 2.38 -21.85 15.58
CA TRP B 131 3.66 -21.14 15.49
C TRP B 131 3.99 -20.47 16.81
N TRP B 132 2.98 -19.96 17.52
CA TRP B 132 3.21 -19.35 18.83
C TRP B 132 3.68 -20.40 19.84
N ALA B 133 3.10 -21.60 19.79
CA ALA B 133 3.49 -22.68 20.69
C ALA B 133 4.76 -23.38 20.24
N GLY B 134 5.29 -23.06 19.06
CA GLY B 134 6.49 -23.71 18.57
C GLY B 134 6.30 -25.18 18.24
N ILE B 135 5.20 -25.54 17.57
CA ILE B 135 4.90 -26.92 17.21
C ILE B 135 5.10 -27.08 15.71
N LYS B 136 5.92 -28.05 15.33
CA LYS B 136 6.16 -28.32 13.92
C LYS B 136 4.92 -28.91 13.25
N GLN B 137 4.74 -28.57 11.98
CA GLN B 137 3.58 -29.02 11.21
C GLN B 137 4.04 -29.96 10.10
N GLU B 138 3.31 -31.05 9.93
CA GLU B 138 3.56 -32.01 8.85
C GLU B 138 2.24 -32.33 8.18
N PHE B 139 2.16 -32.10 6.87
CA PHE B 139 0.95 -32.38 6.11
C PHE B 139 1.12 -33.66 5.31
N GLY B 140 0.08 -34.49 5.30
CA GLY B 140 0.13 -35.76 4.61
C GLY B 140 0.56 -36.89 5.53
N ILE B 141 -0.26 -37.94 5.61
CA ILE B 141 0.01 -39.06 6.50
C ILE B 141 0.12 -40.36 5.70
N SER B 147 0.36 -46.52 10.16
CA SER B 147 0.04 -45.36 10.98
C SER B 147 -1.46 -45.06 10.94
N GLN B 148 -1.99 -44.87 9.74
CA GLN B 148 -3.42 -44.59 9.59
C GLN B 148 -4.28 -45.77 10.04
N GLY B 149 -3.77 -47.00 9.88
CA GLY B 149 -4.53 -48.16 10.30
C GLY B 149 -4.81 -48.17 11.78
N VAL B 150 -3.82 -47.80 12.59
CA VAL B 150 -4.02 -47.72 14.04
C VAL B 150 -5.05 -46.66 14.38
N ILE B 151 -5.00 -45.52 13.70
CA ILE B 151 -5.97 -44.46 13.96
C ILE B 151 -7.37 -44.94 13.62
N GLU B 152 -7.53 -45.63 12.49
CA GLU B 152 -8.85 -46.13 12.10
C GLU B 152 -9.34 -47.20 13.07
N SER B 153 -8.44 -48.07 13.54
CA SER B 153 -8.85 -49.09 14.51
C SER B 153 -9.30 -48.46 15.82
N MET B 154 -8.57 -47.44 16.29
CA MET B 154 -9.00 -46.72 17.48
C MET B 154 -10.33 -46.00 17.25
N ASN B 155 -10.53 -45.45 16.06
CA ASN B 155 -11.79 -44.78 15.76
C ASN B 155 -12.95 -45.75 15.81
N LYS B 156 -12.81 -46.92 15.19
CA LYS B 156 -13.91 -47.87 15.23
C LYS B 156 -14.12 -48.47 16.62
N GLU B 157 -13.04 -48.63 17.40
CA GLU B 157 -13.19 -49.08 18.77
C GLU B 157 -13.96 -48.06 19.61
N LEU B 158 -13.65 -46.78 19.43
CA LEU B 158 -14.39 -45.75 20.16
C LEU B 158 -15.82 -45.64 19.67
N LYS B 159 -16.07 -45.89 18.39
CA LYS B 159 -17.45 -45.96 17.91
C LYS B 159 -18.19 -47.12 18.57
N LYS B 160 -17.52 -48.26 18.71
CA LYS B 160 -18.14 -49.41 19.38
C LYS B 160 -18.50 -49.08 20.83
N ILE B 161 -17.57 -48.45 21.55
CA ILE B 161 -17.87 -48.12 22.94
C ILE B 161 -18.93 -47.03 23.05
N ILE B 162 -18.97 -46.10 22.08
CA ILE B 162 -20.02 -45.10 22.06
C ILE B 162 -21.38 -45.76 21.87
N GLY B 163 -21.45 -46.72 20.95
CA GLY B 163 -22.68 -47.49 20.80
C GLY B 163 -23.04 -48.28 22.04
N GLN B 164 -22.02 -48.79 22.75
CA GLN B 164 -22.26 -49.53 23.98
C GLN B 164 -22.90 -48.65 25.06
N VAL B 165 -22.39 -47.41 25.21
CA VAL B 165 -22.84 -46.55 26.29
C VAL B 165 -23.94 -45.57 25.85
N ARG B 166 -24.35 -45.59 24.58
CA ARG B 166 -25.39 -44.68 24.12
C ARG B 166 -26.73 -44.93 24.80
N ASP B 167 -26.96 -46.13 25.35
CA ASP B 167 -28.24 -46.40 26.00
C ASP B 167 -28.45 -45.51 27.22
N GLN B 168 -27.37 -45.15 27.90
CA GLN B 168 -27.43 -44.27 29.06
C GLN B 168 -26.98 -42.84 28.76
N ALA B 169 -26.87 -42.48 27.48
CA ALA B 169 -26.34 -41.18 27.10
C ALA B 169 -27.48 -40.15 27.05
N GLU B 170 -27.44 -39.19 27.96
CA GLU B 170 -28.42 -38.10 27.92
C GLU B 170 -28.07 -37.09 26.84
N HIS B 171 -26.78 -36.86 26.60
CA HIS B 171 -26.34 -35.91 25.59
C HIS B 171 -25.07 -36.44 24.94
N LEU B 172 -24.77 -35.88 23.77
CA LEU B 172 -23.62 -36.36 22.98
C LEU B 172 -22.30 -36.09 23.69
N LYS B 173 -22.16 -34.90 24.29
CA LYS B 173 -20.89 -34.53 24.91
C LYS B 173 -20.55 -35.45 26.08
N THR B 174 -21.54 -35.73 26.93
CA THR B 174 -21.30 -36.62 28.07
C THR B 174 -20.96 -38.03 27.59
N ALA B 175 -21.63 -38.49 26.54
CA ALA B 175 -21.34 -39.81 26.00
C ALA B 175 -19.91 -39.89 25.45
N VAL B 176 -19.48 -38.86 24.73
CA VAL B 176 -18.12 -38.84 24.20
C VAL B 176 -17.12 -38.82 25.34
N GLN B 177 -17.37 -38.00 26.36
CA GLN B 177 -16.44 -37.94 27.49
C GLN B 177 -16.35 -39.27 28.22
N MET B 178 -17.49 -39.93 28.43
CA MET B 178 -17.47 -41.23 29.12
C MET B 178 -16.78 -42.29 28.26
N ALA B 179 -16.97 -42.23 26.94
CA ALA B 179 -16.28 -43.16 26.06
C ALA B 179 -14.77 -42.96 26.13
N VAL B 180 -14.32 -41.70 26.15
CA VAL B 180 -12.90 -41.42 26.29
C VAL B 180 -12.38 -41.95 27.62
N PHE B 181 -13.16 -41.73 28.69
CA PHE B 181 -12.73 -42.18 30.02
C PHE B 181 -12.61 -43.70 30.08
N ILE B 182 -13.58 -44.42 29.53
CA ILE B 182 -13.54 -45.88 29.59
C ILE B 182 -12.45 -46.43 28.67
N HIS B 183 -12.17 -45.75 27.55
CA HIS B 183 -11.12 -46.21 26.66
C HIS B 183 -9.74 -46.02 27.27
N ASN B 184 -9.49 -44.83 27.84
CA ASN B 184 -8.16 -44.52 28.36
C ASN B 184 -7.87 -45.18 29.70
N PHE B 185 -8.88 -45.42 30.53
CA PHE B 185 -8.67 -45.93 31.87
C PHE B 185 -9.30 -47.29 32.12
N LYS B 186 -10.54 -47.49 31.69
CA LYS B 186 -11.29 -48.70 32.04
C LYS B 186 -11.08 -49.84 31.05
N ARG B 187 -9.95 -49.86 30.35
CA ARG B 187 -9.62 -50.95 29.44
C ARG B 187 -8.11 -51.09 29.33
N LYS B 188 -7.62 -52.31 29.52
CA LYS B 188 -6.20 -52.61 29.37
C LYS B 188 -5.86 -52.81 27.90
N GLY B 189 -4.64 -52.44 27.52
CA GLY B 189 -4.25 -52.45 26.13
C GLY B 189 -3.56 -53.72 25.68
N GLY B 190 -2.38 -53.56 25.07
CA GLY B 190 -1.67 -54.67 24.48
C GLY B 190 -0.50 -55.18 25.31
N ILE B 191 0.71 -54.75 24.94
CA ILE B 191 1.94 -55.24 25.58
C ILE B 191 1.90 -54.93 27.06
N GLY B 192 1.95 -55.96 27.89
CA GLY B 192 1.97 -55.81 29.33
C GLY B 192 0.63 -55.59 29.98
N GLY B 193 -0.46 -55.56 29.20
CA GLY B 193 -1.78 -55.31 29.76
C GLY B 193 -1.87 -53.92 30.37
N TYR B 194 -1.36 -52.91 29.68
CA TYR B 194 -1.33 -51.54 30.16
C TYR B 194 -2.24 -50.67 29.32
N SER B 195 -3.01 -49.82 29.99
CA SER B 195 -3.91 -48.90 29.29
C SER B 195 -3.10 -47.78 28.64
N ALA B 196 -3.79 -46.96 27.85
CA ALA B 196 -3.14 -45.86 27.15
C ALA B 196 -2.51 -44.88 28.12
N GLY B 197 -3.21 -44.56 29.21
CA GLY B 197 -2.66 -43.66 30.20
C GLY B 197 -1.40 -44.21 30.84
N GLU B 198 -1.41 -45.50 31.18
CA GLU B 198 -0.22 -46.13 31.74
C GLU B 198 0.95 -46.09 30.75
N ARG B 199 0.66 -46.37 29.48
CA ARG B 199 1.71 -46.36 28.46
C ARG B 199 2.30 -44.97 28.28
N ILE B 200 1.46 -43.94 28.22
CA ILE B 200 1.98 -42.59 28.02
C ILE B 200 2.75 -42.12 29.25
N VAL B 201 2.27 -42.48 30.45
CA VAL B 201 3.00 -42.14 31.67
C VAL B 201 4.38 -42.81 31.65
N ASP B 202 4.42 -44.09 31.29
CA ASP B 202 5.69 -44.81 31.26
C ASP B 202 6.66 -44.21 30.26
N ILE B 203 6.17 -43.89 29.05
CA ILE B 203 7.08 -43.37 28.03
C ILE B 203 7.57 -41.97 28.41
N ILE B 204 6.70 -41.14 28.98
CA ILE B 204 7.12 -39.80 29.38
C ILE B 204 8.15 -39.89 30.50
N ALA B 205 7.90 -40.76 31.49
CA ALA B 205 8.84 -40.90 32.60
C ALA B 205 10.19 -41.43 32.12
N THR B 206 10.17 -42.43 31.24
CA THR B 206 11.43 -42.97 30.72
C THR B 206 12.19 -41.91 29.92
N ASP B 207 11.49 -41.14 29.09
CA ASP B 207 12.16 -40.07 28.35
C ASP B 207 12.78 -39.06 29.29
N ILE B 208 12.04 -38.66 30.34
CA ILE B 208 12.55 -37.66 31.28
C ILE B 208 13.80 -38.19 31.99
N GLN B 209 13.74 -39.41 32.50
CA GLN B 209 14.90 -39.93 33.23
C GLN B 209 16.10 -40.16 32.32
N THR B 210 15.86 -40.64 31.10
CA THR B 210 16.98 -40.83 30.17
C THR B 210 17.62 -39.51 29.79
N LYS B 211 16.82 -38.48 29.53
CA LYS B 211 17.42 -37.18 29.17
C LYS B 211 18.14 -36.58 30.37
N GLU B 212 17.61 -36.78 31.58
CA GLU B 212 18.29 -36.28 32.77
C GLU B 212 19.65 -36.97 32.95
N LEU B 213 19.70 -38.30 32.80
CA LEU B 213 20.97 -38.99 32.96
C LEU B 213 21.94 -38.65 31.82
N GLN B 214 21.41 -38.45 30.61
CA GLN B 214 22.26 -38.03 29.49
C GLN B 214 22.88 -36.66 29.75
N LYS B 215 22.10 -35.74 30.32
CA LYS B 215 22.67 -34.45 30.70
C LYS B 215 23.61 -34.57 31.89
N GLN B 216 23.46 -35.62 32.70
CA GLN B 216 24.41 -35.85 33.79
C GLN B 216 25.80 -36.17 33.25
N ILE B 217 25.88 -37.09 32.29
CA ILE B 217 27.14 -37.42 31.62
C ILE B 217 27.48 -36.31 30.64
N THR B 218 28.70 -36.37 30.10
CA THR B 218 29.35 -35.35 29.25
C THR B 218 29.67 -34.12 30.08
N LYS B 219 29.31 -34.14 31.37
CA LYS B 219 29.80 -33.17 32.34
C LYS B 219 30.91 -33.76 33.19
N ILE B 220 30.91 -35.08 33.36
CA ILE B 220 31.94 -35.78 34.11
C ILE B 220 32.82 -36.62 33.20
N GLN B 221 32.21 -37.44 32.35
CA GLN B 221 32.94 -38.34 31.47
C GLN B 221 33.25 -37.62 30.16
N ASN B 222 34.54 -37.44 29.87
CA ASN B 222 34.97 -36.81 28.62
C ASN B 222 36.33 -37.44 28.24
N PHE B 223 36.27 -38.42 27.35
CA PHE B 223 37.45 -39.13 26.90
C PHE B 223 37.57 -39.05 25.38
N ARG B 224 38.80 -39.14 24.89
CA ARG B 224 39.11 -39.07 23.47
C ARG B 224 39.65 -40.41 23.01
N VAL B 225 39.06 -40.96 21.95
CA VAL B 225 39.39 -42.28 21.45
C VAL B 225 39.83 -42.16 20.00
N TYR B 226 40.95 -42.80 19.67
CA TYR B 226 41.48 -42.84 18.31
C TYR B 226 41.27 -44.22 17.72
N TYR B 227 40.69 -44.28 16.52
CA TYR B 227 40.42 -45.53 15.85
C TYR B 227 40.97 -45.49 14.43
N ARG B 228 41.48 -46.63 13.98
CA ARG B 228 42.03 -46.79 12.64
C ARG B 228 43.10 -45.74 12.33
N LYS B 236 42.00 -41.80 12.75
CA LYS B 236 41.20 -41.00 11.83
C LYS B 236 40.96 -39.60 12.36
N GLY B 237 40.47 -39.52 13.60
CA GLY B 237 40.20 -38.25 14.23
C GLY B 237 39.98 -38.38 15.72
N PRO B 238 39.93 -37.24 16.42
CA PRO B 238 39.73 -37.25 17.89
C PRO B 238 38.27 -37.40 18.28
N ALA B 239 37.74 -38.61 18.06
CA ALA B 239 36.37 -38.91 18.43
C ALA B 239 36.21 -38.94 19.96
N LYS B 240 35.00 -38.72 20.42
CA LYS B 240 34.68 -38.73 21.84
C LYS B 240 34.09 -40.08 22.22
N LEU B 241 34.50 -40.58 23.38
CA LEU B 241 34.02 -41.89 23.84
C LEU B 241 32.54 -41.81 24.19
N LEU B 242 31.79 -42.82 23.76
CA LEU B 242 30.36 -42.91 24.06
C LEU B 242 30.00 -44.14 24.89
N TRP B 243 30.53 -45.31 24.56
CA TRP B 243 30.27 -46.51 25.35
C TRP B 243 31.35 -47.54 25.07
N LYS B 244 32.07 -47.96 26.11
CA LYS B 244 33.09 -48.99 26.00
C LYS B 244 32.70 -50.19 26.84
N GLY B 245 32.73 -51.37 26.25
CA GLY B 245 32.44 -52.58 26.99
C GLY B 245 32.02 -53.71 26.09
N GLU B 246 32.02 -54.91 26.67
CA GLU B 246 31.62 -56.14 25.97
C GLU B 246 32.43 -56.33 24.69
N GLY B 247 33.70 -55.95 24.74
CA GLY B 247 34.56 -56.03 23.57
C GLY B 247 34.10 -55.16 22.42
N ALA B 248 33.57 -53.97 22.71
CA ALA B 248 33.05 -53.10 21.68
C ALA B 248 33.15 -51.65 22.14
N VAL B 249 33.51 -50.77 21.22
CA VAL B 249 33.61 -49.34 21.47
C VAL B 249 32.65 -48.64 20.51
N VAL B 250 31.64 -47.98 21.05
CA VAL B 250 30.74 -47.14 20.29
C VAL B 250 31.11 -45.69 20.56
N ILE B 251 31.34 -44.93 19.49
CA ILE B 251 31.79 -43.54 19.59
C ILE B 251 30.97 -42.70 18.63
N GLN B 252 31.03 -41.38 18.82
CA GLN B 252 30.35 -40.43 17.96
C GLN B 252 31.33 -39.35 17.54
N ASP B 253 31.31 -39.01 16.25
CA ASP B 253 32.18 -37.97 15.70
C ASP B 253 31.55 -37.44 14.42
N ASN B 254 31.63 -36.12 14.25
CA ASN B 254 31.06 -35.44 13.09
C ASN B 254 29.59 -35.80 12.90
N SER B 255 28.87 -35.85 14.02
CA SER B 255 27.44 -36.19 14.05
C SER B 255 27.18 -37.56 13.42
N ASP B 256 28.11 -38.50 13.58
CA ASP B 256 27.94 -39.85 13.07
C ASP B 256 28.41 -40.84 14.12
N ILE B 257 27.63 -41.90 14.34
CA ILE B 257 27.92 -42.89 15.37
C ILE B 257 28.55 -44.11 14.71
N LYS B 258 29.70 -44.54 15.23
CA LYS B 258 30.42 -45.69 14.70
C LYS B 258 30.71 -46.68 15.81
N VAL B 259 30.54 -47.96 15.49
CA VAL B 259 30.80 -49.07 16.41
C VAL B 259 31.98 -49.86 15.89
N VAL B 260 32.99 -50.06 16.74
CA VAL B 260 34.21 -50.76 16.35
C VAL B 260 34.51 -51.83 17.39
N PRO B 261 35.28 -52.85 17.01
CA PRO B 261 35.74 -53.82 18.01
C PRO B 261 36.76 -53.21 18.94
N ARG B 262 37.07 -53.95 20.01
CA ARG B 262 38.01 -53.47 21.01
C ARG B 262 39.40 -53.26 20.43
N ARG B 263 39.75 -54.01 19.39
CA ARG B 263 41.04 -53.82 18.73
C ARG B 263 40.99 -52.60 17.81
N LYS B 264 42.17 -52.09 17.47
CA LYS B 264 42.33 -50.90 16.62
C LYS B 264 41.57 -49.71 17.19
N ALA B 265 41.64 -49.56 18.52
CA ALA B 265 40.97 -48.45 19.20
C ALA B 265 41.72 -48.15 20.49
N LYS B 266 42.27 -46.94 20.58
CA LYS B 266 43.02 -46.51 21.75
C LYS B 266 42.24 -45.44 22.49
N ILE B 267 42.04 -45.65 23.79
CA ILE B 267 41.30 -44.74 24.65
C ILE B 267 42.29 -43.94 25.48
N ILE B 268 42.20 -42.61 25.38
CA ILE B 268 43.11 -41.74 26.11
C ILE B 268 42.32 -40.89 27.12
N PHE C 1 39.07 0.59 41.14
CA PHE C 1 39.44 2.00 40.98
C PHE C 1 38.20 2.89 40.94
N LEU C 2 37.06 2.29 40.61
CA LEU C 2 35.76 2.98 40.65
C LEU C 2 35.24 2.96 42.08
N ASP C 3 35.84 3.80 42.91
CA ASP C 3 35.63 3.85 44.36
C ASP C 3 35.96 2.52 45.03
N GLY C 4 36.77 1.68 44.38
CA GLY C 4 37.11 0.40 44.97
C GLY C 4 38.10 0.50 46.11
N ILE C 5 38.86 1.60 46.16
CA ILE C 5 39.85 1.77 47.22
C ILE C 5 39.17 1.87 48.58
N ASP C 6 38.09 2.65 48.66
CA ASP C 6 37.41 2.83 49.95
C ASP C 6 36.76 1.54 50.44
N LYS C 7 36.05 0.84 49.56
CA LYS C 7 35.44 -0.42 49.96
C LYS C 7 36.50 -1.46 50.30
N ALA C 8 37.61 -1.45 49.56
CA ALA C 8 38.70 -2.38 49.84
C ALA C 8 39.32 -2.12 51.21
N GLN C 9 39.54 -0.85 51.55
CA GLN C 9 40.11 -0.56 52.87
C GLN C 9 39.11 -0.83 53.99
N GLU C 10 37.81 -0.63 53.71
CA GLU C 10 36.80 -0.99 54.70
C GLU C 10 36.80 -2.49 54.97
N GLU C 11 36.76 -3.30 53.90
CA GLU C 11 36.76 -4.74 54.08
C GLU C 11 38.12 -5.27 54.56
N HIS C 12 39.18 -4.47 54.45
CA HIS C 12 40.48 -4.86 55.00
C HIS C 12 40.63 -4.49 56.47
N GLU C 13 40.04 -3.38 56.91
CA GLU C 13 40.00 -3.10 58.34
C GLU C 13 38.97 -3.96 59.05
N LYS C 14 38.03 -4.54 58.30
CA LYS C 14 37.06 -5.47 58.89
C LYS C 14 37.48 -6.92 58.76
N TYR C 15 38.28 -7.27 57.74
CA TYR C 15 38.63 -8.65 57.42
C TYR C 15 40.13 -8.91 57.43
N HIS C 16 40.92 -7.97 56.93
CA HIS C 16 42.37 -8.15 56.73
C HIS C 16 42.66 -9.30 55.77
N SER C 17 42.11 -9.18 54.56
CA SER C 17 42.25 -10.22 53.55
C SER C 17 43.58 -10.10 52.83
N ASN C 18 43.87 -11.11 51.99
CA ASN C 18 45.09 -11.13 51.20
C ASN C 18 44.95 -10.20 50.00
N TRP C 19 46.10 -9.69 49.53
CA TRP C 19 46.08 -8.68 48.46
C TRP C 19 45.61 -9.26 47.13
N ARG C 20 45.84 -10.55 46.90
CA ARG C 20 45.30 -11.18 45.69
C ARG C 20 43.78 -11.15 45.69
N ALA C 21 43.16 -11.35 46.86
CA ALA C 21 41.71 -11.25 46.95
C ALA C 21 41.22 -9.85 46.62
N MET C 22 41.91 -8.83 47.13
CA MET C 22 41.54 -7.46 46.80
C MET C 22 41.68 -7.18 45.31
N ALA C 23 42.75 -7.67 44.69
CA ALA C 23 42.96 -7.44 43.27
C ALA C 23 41.89 -8.12 42.44
N SER C 24 41.57 -9.38 42.77
CA SER C 24 40.65 -10.15 41.95
C SER C 24 39.20 -9.70 42.15
N ASP C 25 38.79 -9.51 43.41
CA ASP C 25 37.38 -9.25 43.69
C ASP C 25 36.96 -7.84 43.30
N PHE C 26 37.77 -6.83 43.63
CA PHE C 26 37.38 -5.44 43.45
C PHE C 26 37.96 -4.82 42.19
N ASN C 27 38.70 -5.58 41.39
CA ASN C 27 39.25 -5.11 40.12
C ASN C 27 40.08 -3.85 40.32
N LEU C 28 41.18 -4.00 41.06
CA LEU C 28 42.09 -2.92 41.37
C LEU C 28 43.52 -3.36 41.06
N PRO C 29 44.40 -2.42 40.73
CA PRO C 29 45.78 -2.80 40.43
C PRO C 29 46.47 -3.39 41.65
N PRO C 30 47.46 -4.26 41.46
CA PRO C 30 48.11 -4.90 42.61
C PRO C 30 48.81 -3.91 43.54
N VAL C 31 49.22 -2.75 43.04
CA VAL C 31 49.89 -1.77 43.89
C VAL C 31 48.96 -1.28 44.98
N VAL C 32 47.69 -1.03 44.63
CA VAL C 32 46.72 -0.58 45.63
C VAL C 32 46.50 -1.65 46.69
N ALA C 33 46.38 -2.91 46.27
CA ALA C 33 46.21 -3.99 47.24
C ALA C 33 47.42 -4.11 48.16
N LYS C 34 48.63 -3.99 47.59
CA LYS C 34 49.84 -4.08 48.41
C LYS C 34 49.92 -2.94 49.41
N GLU C 35 49.59 -1.72 48.98
CA GLU C 35 49.65 -0.59 49.91
C GLU C 35 48.56 -0.68 50.97
N ILE C 36 47.39 -1.26 50.63
CA ILE C 36 46.35 -1.46 51.62
C ILE C 36 46.79 -2.49 52.65
N VAL C 37 47.44 -3.57 52.21
CA VAL C 37 47.97 -4.56 53.14
C VAL C 37 49.02 -3.95 54.04
N ALA C 38 49.90 -3.13 53.45
CA ALA C 38 50.96 -2.49 54.24
C ALA C 38 50.39 -1.50 55.25
N SER C 39 49.32 -0.78 54.88
CA SER C 39 48.73 0.21 55.77
C SER C 39 48.17 -0.42 57.05
N CYS C 40 47.75 -1.68 57.00
CA CYS C 40 47.22 -2.34 58.18
C CYS C 40 48.35 -2.64 59.15
N ASP C 41 48.20 -2.22 60.41
CA ASP C 41 49.23 -2.47 61.40
C ASP C 41 49.25 -3.92 61.86
N LYS C 42 48.20 -4.68 61.59
CA LYS C 42 48.14 -6.09 61.98
C LYS C 42 48.62 -7.04 60.89
N CYS C 43 48.95 -6.52 59.71
CA CYS C 43 49.43 -7.34 58.60
C CYS C 43 50.79 -6.84 58.14
N GLN C 44 51.54 -7.76 57.51
CA GLN C 44 52.86 -7.44 56.99
C GLN C 44 52.93 -7.71 55.49
N VAL C 54 48.39 -31.01 49.08
CA VAL C 54 48.65 -32.41 48.75
C VAL C 54 47.41 -33.04 48.13
N ASP C 55 47.56 -33.60 46.94
CA ASP C 55 46.45 -34.23 46.23
C ASP C 55 46.27 -35.66 46.75
N CYS C 56 45.18 -35.89 47.48
CA CYS C 56 44.87 -37.19 48.03
C CYS C 56 43.35 -37.35 48.08
N SER C 57 42.91 -38.45 48.65
CA SER C 57 41.47 -38.69 48.79
C SER C 57 40.85 -37.65 49.73
N PRO C 58 39.72 -37.05 49.36
CA PRO C 58 39.12 -36.02 50.23
C PRO C 58 38.46 -36.57 51.48
N GLY C 59 38.56 -37.86 51.75
CA GLY C 59 38.02 -38.42 52.97
C GLY C 59 38.92 -38.33 54.17
N ILE C 60 40.10 -37.74 54.02
CA ILE C 60 41.09 -37.66 55.09
C ILE C 60 40.97 -36.30 55.77
N TRP C 61 40.77 -36.31 57.09
CA TRP C 61 40.74 -35.11 57.88
C TRP C 61 41.59 -35.33 59.13
N GLN C 62 42.05 -34.23 59.72
CA GLN C 62 42.87 -34.31 60.92
C GLN C 62 42.27 -33.43 62.01
N LEU C 63 42.11 -33.99 63.20
CA LEU C 63 41.53 -33.29 64.34
C LEU C 63 42.58 -33.11 65.43
N ASN C 64 42.61 -31.92 66.02
CA ASN C 64 43.57 -31.64 67.07
C ASN C 64 42.96 -30.69 68.09
N CYS C 65 43.58 -30.62 69.26
CA CYS C 65 43.16 -29.76 70.34
C CYS C 65 44.33 -28.91 70.81
N THR C 66 44.03 -27.67 71.20
CA THR C 66 45.06 -26.73 71.63
C THR C 66 44.55 -25.91 72.80
N HIS C 67 45.48 -25.37 73.58
CA HIS C 67 45.17 -24.55 74.75
C HIS C 67 45.60 -23.12 74.43
N LEU C 68 44.62 -22.27 74.13
CA LEU C 68 44.88 -20.88 73.76
C LEU C 68 44.11 -19.96 74.69
N GLU C 69 44.79 -18.98 75.27
CA GLU C 69 44.18 -18.00 76.17
C GLU C 69 43.48 -18.66 77.35
N GLY C 70 43.98 -19.81 77.78
CA GLY C 70 43.38 -20.55 78.88
C GLY C 70 42.16 -21.36 78.51
N LYS C 71 41.80 -21.43 77.23
CA LYS C 71 40.62 -22.14 76.78
C LYS C 71 41.01 -23.24 75.79
N VAL C 72 40.16 -24.25 75.69
CA VAL C 72 40.43 -25.41 74.83
C VAL C 72 39.75 -25.18 73.48
N ILE C 73 40.53 -25.35 72.42
CA ILE C 73 40.06 -25.16 71.05
C ILE C 73 40.26 -26.46 70.29
N LEU C 74 39.18 -26.95 69.67
CA LEU C 74 39.22 -28.14 68.83
C LEU C 74 39.16 -27.70 67.37
N VAL C 75 40.15 -28.12 66.58
CA VAL C 75 40.27 -27.72 65.19
C VAL C 75 40.32 -28.97 64.32
N ALA C 76 39.48 -28.99 63.28
CA ALA C 76 39.48 -30.04 62.28
C ALA C 76 39.87 -29.45 60.93
N VAL C 77 40.81 -30.10 60.26
CA VAL C 77 41.39 -29.58 59.02
C VAL C 77 41.26 -30.64 57.93
N HIS C 78 40.97 -30.17 56.72
CA HIS C 78 40.92 -31.04 55.54
C HIS C 78 42.31 -31.15 54.91
N VAL C 79 42.75 -32.38 54.66
CA VAL C 79 44.11 -32.58 54.17
C VAL C 79 44.25 -32.10 52.74
N ALA C 80 43.26 -32.39 51.89
CA ALA C 80 43.38 -32.14 50.45
C ALA C 80 43.25 -30.66 50.08
N SER C 81 42.66 -29.83 50.94
CA SER C 81 42.44 -28.42 50.59
C SER C 81 42.88 -27.44 51.66
N GLY C 82 43.07 -27.86 52.90
CA GLY C 82 43.44 -26.94 53.96
C GLY C 82 42.29 -26.22 54.62
N TYR C 83 41.04 -26.58 54.31
CA TYR C 83 39.89 -25.98 54.96
C TYR C 83 39.89 -26.32 56.45
N ILE C 84 39.53 -25.34 57.28
CA ILE C 84 39.61 -25.50 58.73
C ILE C 84 38.24 -25.22 59.35
N GLU C 85 38.01 -25.83 60.50
CA GLU C 85 36.83 -25.57 61.31
C GLU C 85 37.23 -25.68 62.77
N ALA C 86 37.10 -24.58 63.51
CA ALA C 86 37.54 -24.51 64.89
C ALA C 86 36.38 -24.15 65.80
N GLU C 87 36.38 -24.75 66.98
CA GLU C 87 35.36 -24.48 67.99
C GLU C 87 36.02 -24.37 69.36
N VAL C 88 35.38 -23.62 70.25
CA VAL C 88 35.87 -23.43 71.60
C VAL C 88 35.03 -24.31 72.53
N ILE C 89 35.67 -25.29 73.15
CA ILE C 89 34.99 -26.24 74.04
C ILE C 89 35.19 -25.77 75.47
N PRO C 90 34.12 -25.47 76.22
CA PRO C 90 34.29 -24.92 77.58
C PRO C 90 34.91 -25.90 78.55
N ALA C 91 34.36 -27.11 78.64
CA ALA C 91 34.86 -28.14 79.53
C ALA C 91 35.30 -29.33 78.71
N GLU C 92 36.56 -29.75 78.90
CA GLU C 92 37.12 -30.84 78.12
C GLU C 92 36.47 -32.16 78.51
N THR C 93 35.55 -32.63 77.68
CA THR C 93 34.85 -33.88 77.94
C THR C 93 34.64 -34.61 76.61
N GLY C 94 34.62 -35.94 76.66
CA GLY C 94 34.37 -36.72 75.46
C GLY C 94 33.03 -36.46 74.82
N GLN C 95 32.05 -36.01 75.61
CA GLN C 95 30.73 -35.72 75.05
C GLN C 95 30.81 -34.58 74.03
N GLU C 96 31.54 -33.51 74.37
CA GLU C 96 31.67 -32.39 73.44
C GLU C 96 32.50 -32.77 72.21
N THR C 97 33.51 -33.62 72.39
CA THR C 97 34.25 -34.12 71.24
C THR C 97 33.34 -34.93 70.31
N ALA C 98 32.48 -35.77 70.88
CA ALA C 98 31.52 -36.51 70.08
C ALA C 98 30.55 -35.55 69.39
N TYR C 99 30.14 -34.49 70.08
CA TYR C 99 29.29 -33.47 69.46
C TYR C 99 29.95 -32.87 68.24
N PHE C 100 31.21 -32.47 68.36
CA PHE C 100 31.93 -31.89 67.24
C PHE C 100 32.08 -32.90 66.10
N LEU C 101 32.36 -34.16 66.44
CA LEU C 101 32.52 -35.19 65.42
C LEU C 101 31.22 -35.41 64.66
N LEU C 102 30.08 -35.48 65.37
CA LEU C 102 28.81 -35.69 64.67
C LEU C 102 28.42 -34.45 63.88
N LYS C 103 28.78 -33.25 64.36
CA LYS C 103 28.54 -32.05 63.58
C LYS C 103 29.30 -32.10 62.25
N LEU C 104 30.59 -32.43 62.31
CA LEU C 104 31.39 -32.44 61.09
C LEU C 104 30.99 -33.61 60.18
N ALA C 105 30.47 -34.69 60.76
CA ALA C 105 29.94 -35.79 59.94
C ALA C 105 28.65 -35.38 59.24
N GLY C 106 27.78 -34.65 59.95
CA GLY C 106 26.56 -34.16 59.32
C GLY C 106 26.81 -33.13 58.24
N ARG C 107 27.83 -32.30 58.42
CA ARG C 107 28.12 -31.25 57.45
C ARG C 107 29.07 -31.70 56.34
N TRP C 108 29.84 -32.77 56.55
CA TRP C 108 30.77 -33.23 55.53
C TRP C 108 30.81 -34.75 55.51
N PRO C 109 30.98 -35.35 54.32
CA PRO C 109 31.10 -36.82 54.21
C PRO C 109 32.50 -37.34 54.51
N VAL C 110 32.97 -37.07 55.72
CA VAL C 110 34.31 -37.51 56.12
C VAL C 110 34.33 -39.03 56.28
N LYS C 111 35.49 -39.63 56.01
CA LYS C 111 35.66 -41.07 56.09
C LYS C 111 36.88 -41.53 56.86
N THR C 112 37.79 -40.63 57.23
CA THR C 112 39.00 -40.99 57.96
C THR C 112 39.44 -39.79 58.77
N VAL C 113 39.74 -40.02 60.05
CA VAL C 113 40.12 -38.97 60.99
C VAL C 113 41.46 -39.32 61.61
N HIS C 114 42.36 -38.35 61.65
CA HIS C 114 43.69 -38.50 62.24
C HIS C 114 43.72 -37.75 63.56
N THR C 115 43.99 -38.49 64.64
CA THR C 115 44.06 -37.91 65.98
C THR C 115 45.22 -38.56 66.73
N ASN C 116 45.58 -37.93 67.85
CA ASN C 116 46.65 -38.43 68.71
C ASN C 116 46.04 -39.37 69.76
N ASN C 117 46.82 -39.72 70.79
CA ASN C 117 46.40 -40.65 71.82
C ASN C 117 45.84 -39.95 73.06
N GLY C 118 45.16 -38.81 72.87
CA GLY C 118 44.59 -38.11 74.01
C GLY C 118 43.48 -38.89 74.67
N SER C 119 43.19 -38.51 75.91
CA SER C 119 42.16 -39.21 76.69
C SER C 119 40.79 -39.10 76.05
N ASN C 120 40.44 -37.91 75.57
CA ASN C 120 39.13 -37.70 74.95
C ASN C 120 39.02 -38.30 73.56
N PHE C 121 40.14 -38.57 72.90
CA PHE C 121 40.09 -39.16 71.57
C PHE C 121 39.65 -40.62 71.61
N THR C 122 40.01 -41.35 72.67
CA THR C 122 39.67 -42.76 72.82
C THR C 122 38.44 -42.97 73.70
N SER C 123 37.58 -41.96 73.80
CA SER C 123 36.39 -42.07 74.61
C SER C 123 35.38 -43.03 73.97
N THR C 124 34.50 -43.58 74.81
CA THR C 124 33.47 -44.49 74.32
C THR C 124 32.51 -43.79 73.36
N THR C 125 32.20 -42.52 73.63
CA THR C 125 31.33 -41.77 72.73
C THR C 125 31.96 -41.61 71.36
N VAL C 126 33.27 -41.34 71.30
CA VAL C 126 33.96 -41.22 70.03
C VAL C 126 33.90 -42.53 69.25
N LYS C 127 34.15 -43.65 69.95
CA LYS C 127 34.10 -44.95 69.30
C LYS C 127 32.69 -45.25 68.77
N ALA C 128 31.67 -44.96 69.57
CA ALA C 128 30.30 -45.17 69.12
C ALA C 128 29.96 -44.32 67.91
N ALA C 129 30.37 -43.05 67.93
CA ALA C 129 30.08 -42.17 66.80
C ALA C 129 30.79 -42.64 65.54
N CYS C 130 32.05 -43.04 65.65
CA CYS C 130 32.80 -43.45 64.47
C CYS C 130 32.29 -44.78 63.93
N TRP C 131 31.82 -45.66 64.82
CA TRP C 131 31.24 -46.93 64.36
C TRP C 131 29.89 -46.70 63.69
N TRP C 132 29.08 -45.81 64.26
CA TRP C 132 27.76 -45.54 63.68
C TRP C 132 27.87 -44.84 62.33
N ALA C 133 28.77 -43.86 62.23
CA ALA C 133 28.93 -43.11 60.98
C ALA C 133 29.79 -43.84 59.96
N GLY C 134 30.42 -44.95 60.33
CA GLY C 134 31.27 -45.67 59.41
C GLY C 134 32.51 -44.89 59.01
N ILE C 135 33.17 -44.27 59.98
CA ILE C 135 34.35 -43.44 59.75
C ILE C 135 35.56 -44.19 60.30
N LYS C 136 36.56 -44.39 59.44
CA LYS C 136 37.79 -45.05 59.87
C LYS C 136 38.55 -44.18 60.86
N GLN C 137 39.12 -44.82 61.88
CA GLN C 137 39.87 -44.13 62.92
C GLN C 137 41.32 -44.59 62.89
N GLU C 138 42.25 -43.63 62.94
CA GLU C 138 43.68 -43.92 62.90
C GLU C 138 44.36 -43.08 63.99
N PHE C 139 44.64 -43.71 65.12
CA PHE C 139 45.38 -43.04 66.19
C PHE C 139 46.88 -43.08 65.90
N GLY C 140 47.62 -42.31 66.68
CA GLY C 140 49.07 -42.28 66.55
C GLY C 140 49.56 -41.16 65.66
N ILE C 141 50.87 -41.16 65.47
CA ILE C 141 51.52 -40.13 64.65
C ILE C 141 51.12 -40.32 63.19
N PRO C 142 50.69 -39.26 62.49
CA PRO C 142 50.39 -39.40 61.06
C PRO C 142 51.62 -39.79 60.26
N TYR C 143 51.39 -40.54 59.19
CA TYR C 143 52.48 -41.04 58.35
C TYR C 143 52.97 -40.03 57.33
N ASN C 144 52.28 -38.91 57.17
CA ASN C 144 52.65 -37.91 56.17
C ASN C 144 53.19 -36.67 56.85
N PRO C 145 54.49 -36.36 56.69
CA PRO C 145 55.01 -35.10 57.26
C PRO C 145 54.36 -33.87 56.66
N GLN C 146 53.85 -33.97 55.42
CA GLN C 146 53.20 -32.82 54.79
C GLN C 146 51.96 -32.40 55.56
N SER C 147 51.17 -33.37 56.04
CA SER C 147 50.00 -33.05 56.84
C SER C 147 50.40 -32.35 58.14
N GLN C 148 51.48 -32.80 58.77
CA GLN C 148 51.95 -32.13 59.98
C GLN C 148 52.41 -30.71 59.69
N GLY C 149 53.10 -30.50 58.58
CA GLY C 149 53.50 -29.15 58.20
C GLY C 149 52.31 -28.24 57.95
N VAL C 150 51.29 -28.77 57.27
CA VAL C 150 50.07 -28.00 57.05
C VAL C 150 49.40 -27.69 58.38
N ILE C 151 49.40 -28.65 59.30
CA ILE C 151 48.83 -28.42 60.63
C ILE C 151 49.55 -27.28 61.33
N GLU C 152 50.88 -27.30 61.29
CA GLU C 152 51.65 -26.24 61.95
C GLU C 152 51.41 -24.88 61.31
N SER C 153 51.37 -24.83 59.98
CA SER C 153 51.14 -23.57 59.29
C SER C 153 49.75 -23.02 59.61
N MET C 154 48.73 -23.88 59.59
CA MET C 154 47.38 -23.45 59.92
C MET C 154 47.30 -23.01 61.38
N ASN C 155 48.00 -23.69 62.28
CA ASN C 155 48.00 -23.31 63.69
C ASN C 155 48.59 -21.93 63.89
N LYS C 156 49.76 -21.68 63.28
CA LYS C 156 50.39 -20.37 63.45
C LYS C 156 49.55 -19.27 62.80
N GLU C 157 48.96 -19.56 61.63
CA GLU C 157 48.12 -18.56 60.97
C GLU C 157 46.88 -18.25 61.80
N LEU C 158 46.25 -19.27 62.39
CA LEU C 158 45.06 -19.03 63.20
C LEU C 158 45.42 -18.29 64.47
N LYS C 159 46.58 -18.60 65.08
CA LYS C 159 47.02 -17.84 66.25
C LYS C 159 47.21 -16.38 65.89
N LYS C 160 47.86 -16.11 64.75
CA LYS C 160 48.09 -14.73 64.34
C LYS C 160 46.77 -13.99 64.11
N ILE C 161 45.85 -14.61 63.36
CA ILE C 161 44.60 -13.92 63.03
C ILE C 161 43.73 -13.74 64.28
N ILE C 162 43.75 -14.71 65.20
CA ILE C 162 43.02 -14.55 66.46
C ILE C 162 43.59 -13.41 67.28
N GLY C 163 44.93 -13.31 67.35
CA GLY C 163 45.54 -12.18 68.03
C GLY C 163 45.18 -10.85 67.40
N GLN C 164 45.09 -10.83 66.07
CA GLN C 164 44.71 -9.61 65.36
C GLN C 164 43.25 -9.24 65.65
N VAL C 165 42.36 -10.22 65.67
CA VAL C 165 40.93 -9.96 65.67
C VAL C 165 40.30 -9.99 67.06
N ARG C 166 41.05 -10.35 68.10
CA ARG C 166 40.48 -10.41 69.44
C ARG C 166 39.98 -9.05 69.93
N ASP C 167 40.58 -7.96 69.46
CA ASP C 167 40.14 -6.64 69.91
C ASP C 167 38.72 -6.33 69.45
N GLN C 168 38.36 -6.77 68.24
CA GLN C 168 37.02 -6.47 67.71
C GLN C 168 35.95 -7.26 68.44
N ALA C 169 36.17 -8.56 68.65
CA ALA C 169 35.16 -9.40 69.28
C ALA C 169 35.16 -9.20 70.79
N GLU C 170 34.03 -9.55 71.41
CA GLU C 170 33.89 -9.50 72.86
C GLU C 170 34.02 -10.87 73.52
N HIS C 171 34.07 -11.95 72.75
CA HIS C 171 34.23 -13.29 73.29
C HIS C 171 35.16 -14.09 72.39
N LEU C 172 35.78 -15.11 72.98
CA LEU C 172 36.74 -15.93 72.24
C LEU C 172 36.09 -16.70 71.10
N LYS C 173 34.87 -17.20 71.32
CA LYS C 173 34.16 -17.93 70.27
C LYS C 173 33.90 -17.05 69.07
N THR C 174 33.48 -15.80 69.30
CA THR C 174 33.24 -14.87 68.20
C THR C 174 34.52 -14.62 67.42
N ALA C 175 35.64 -14.43 68.12
CA ALA C 175 36.91 -14.19 67.45
C ALA C 175 37.33 -15.41 66.62
N VAL C 176 37.15 -16.61 67.16
CA VAL C 176 37.49 -17.82 66.43
C VAL C 176 36.63 -17.95 65.17
N GLN C 177 35.33 -17.66 65.30
CA GLN C 177 34.44 -17.77 64.14
C GLN C 177 34.79 -16.73 63.08
N MET C 178 35.12 -15.50 63.50
CA MET C 178 35.55 -14.49 62.53
C MET C 178 36.84 -14.92 61.83
N ALA C 179 37.77 -15.51 62.59
CA ALA C 179 39.02 -15.98 62.01
C ALA C 179 38.78 -17.08 60.99
N VAL C 180 37.91 -18.05 61.31
CA VAL C 180 37.64 -19.13 60.37
C VAL C 180 36.91 -18.59 59.14
N PHE C 181 36.04 -17.59 59.33
CA PHE C 181 35.33 -16.99 58.21
C PHE C 181 36.29 -16.28 57.27
N ILE C 182 37.21 -15.48 57.82
CA ILE C 182 38.15 -14.77 56.95
C ILE C 182 39.11 -15.74 56.29
N HIS C 183 39.53 -16.79 57.01
CA HIS C 183 40.44 -17.76 56.41
C HIS C 183 39.79 -18.53 55.27
N ASN C 184 38.54 -18.95 55.46
CA ASN C 184 37.91 -19.87 54.50
C ASN C 184 37.45 -19.18 53.22
N PHE C 185 36.92 -17.95 53.32
CA PHE C 185 36.22 -17.33 52.20
C PHE C 185 37.04 -16.26 51.48
N LYS C 186 37.59 -15.29 52.21
CA LYS C 186 38.29 -14.19 51.56
C LYS C 186 39.79 -14.41 51.47
N ARG C 187 40.37 -15.18 52.39
CA ARG C 187 41.81 -15.43 52.34
C ARG C 187 42.14 -16.35 51.17
N LYS C 188 43.24 -16.04 50.48
CA LYS C 188 43.69 -16.81 49.34
C LYS C 188 44.96 -17.56 49.70
N GLY C 189 44.98 -18.86 49.39
CA GLY C 189 46.12 -19.69 49.73
C GLY C 189 47.32 -19.42 48.83
N GLY C 190 48.45 -19.98 49.23
CA GLY C 190 49.70 -19.79 48.51
C GLY C 190 49.83 -20.58 47.23
N ILE C 191 48.93 -21.53 46.98
CA ILE C 191 48.95 -22.36 45.78
C ILE C 191 47.69 -22.01 44.98
N GLY C 192 47.88 -21.41 43.81
CA GLY C 192 46.76 -21.06 42.96
C GLY C 192 46.13 -19.72 43.29
N GLY C 193 46.23 -19.30 44.54
CA GLY C 193 45.62 -18.06 44.98
C GLY C 193 44.10 -18.13 45.02
N TYR C 194 43.57 -19.15 45.67
CA TYR C 194 42.13 -19.34 45.80
C TYR C 194 41.78 -19.60 47.25
N SER C 195 40.52 -19.32 47.59
CA SER C 195 40.06 -19.51 48.96
C SER C 195 39.97 -20.99 49.31
N ALA C 196 40.13 -21.29 50.60
CA ALA C 196 40.08 -22.68 51.06
C ALA C 196 38.70 -23.28 50.82
N GLY C 197 37.64 -22.50 51.06
CA GLY C 197 36.29 -23.00 50.80
C GLY C 197 36.08 -23.35 49.34
N GLU C 198 36.56 -22.50 48.44
CA GLU C 198 36.46 -22.81 47.01
C GLU C 198 37.21 -24.09 46.68
N ARG C 199 38.42 -24.26 47.23
CA ARG C 199 39.20 -25.46 46.96
C ARG C 199 38.48 -26.70 47.44
N ILE C 200 37.96 -26.68 48.67
CA ILE C 200 37.33 -27.88 49.23
C ILE C 200 36.03 -28.18 48.49
N VAL C 201 35.26 -27.15 48.13
CA VAL C 201 34.01 -27.41 47.42
C VAL C 201 34.27 -27.93 46.02
N ASP C 202 35.33 -27.44 45.36
CA ASP C 202 35.69 -27.97 44.05
C ASP C 202 36.15 -29.42 44.16
N ILE C 203 36.93 -29.74 45.20
CA ILE C 203 37.38 -31.12 45.39
C ILE C 203 36.20 -32.04 45.63
N ILE C 204 35.24 -31.61 46.46
CA ILE C 204 34.06 -32.43 46.72
C ILE C 204 33.25 -32.61 45.45
N ALA C 205 33.08 -31.54 44.67
CA ALA C 205 32.32 -31.64 43.42
C ALA C 205 32.98 -32.60 42.44
N THR C 206 34.31 -32.54 42.31
CA THR C 206 35.02 -33.39 41.38
C THR C 206 35.28 -34.78 41.94
N ASP C 207 34.99 -35.04 43.21
CA ASP C 207 35.25 -36.34 43.81
C ASP C 207 34.11 -37.33 43.57
N ILE C 208 32.87 -36.87 43.61
CA ILE C 208 31.72 -37.78 43.47
C ILE C 208 31.45 -37.92 41.98
N GLN C 209 32.21 -38.82 41.36
CA GLN C 209 32.05 -39.11 39.94
C GLN C 209 31.91 -40.60 39.65
N THR C 210 32.66 -41.45 40.35
CA THR C 210 32.63 -42.88 40.04
C THR C 210 31.33 -43.53 40.48
N LYS C 211 30.84 -43.18 41.68
CA LYS C 211 29.60 -43.76 42.17
C LYS C 211 28.42 -43.38 41.28
N GLU C 212 28.32 -42.10 40.93
CA GLU C 212 27.23 -41.66 40.06
C GLU C 212 27.37 -42.25 38.67
N LEU C 213 28.60 -42.37 38.17
CA LEU C 213 28.81 -43.00 36.87
C LEU C 213 28.31 -44.45 36.88
N GLN C 214 28.70 -45.21 37.90
CA GLN C 214 28.30 -46.61 37.97
C GLN C 214 26.80 -46.76 38.13
N LYS C 215 26.18 -45.95 38.99
CA LYS C 215 24.74 -46.05 39.18
C LYS C 215 23.99 -45.66 37.90
N GLN C 216 24.47 -44.64 37.19
CA GLN C 216 23.83 -44.27 35.93
C GLN C 216 24.00 -45.36 34.89
N ILE C 217 25.17 -46.00 34.85
CA ILE C 217 25.38 -47.09 33.90
C ILE C 217 24.42 -48.24 34.18
N THR C 218 24.29 -48.62 35.45
CA THR C 218 23.37 -49.71 35.79
C THR C 218 21.93 -49.32 35.44
N LYS C 219 21.53 -48.09 35.76
CA LYS C 219 20.16 -47.66 35.46
C LYS C 219 19.90 -47.64 33.97
N ILE C 220 20.85 -47.14 33.18
CA ILE C 220 20.65 -47.08 31.73
C ILE C 220 20.65 -48.47 31.13
N GLN C 221 21.37 -49.42 31.74
CA GLN C 221 21.30 -50.80 31.29
C GLN C 221 20.01 -51.49 31.73
N ASN C 222 19.33 -50.96 32.74
CA ASN C 222 18.07 -51.55 33.18
C ASN C 222 16.90 -51.25 32.24
N PHE C 223 17.05 -50.29 31.32
CA PHE C 223 15.95 -49.88 30.45
C PHE C 223 15.62 -50.96 29.41
N ARG C 224 14.42 -50.84 28.84
CA ARG C 224 13.98 -51.72 27.77
C ARG C 224 13.65 -50.90 26.52
N VAL C 225 14.02 -51.44 25.36
CA VAL C 225 13.88 -50.73 24.09
C VAL C 225 13.17 -51.64 23.09
N TYR C 226 12.17 -51.10 22.40
CA TYR C 226 11.52 -51.77 21.28
C TYR C 226 11.87 -51.03 20.00
N TYR C 227 12.45 -51.74 19.04
CA TYR C 227 12.96 -51.13 17.82
C TYR C 227 12.50 -51.93 16.60
N ARG C 228 12.48 -51.25 15.46
CA ARG C 228 12.15 -51.85 14.19
C ARG C 228 13.24 -51.54 13.18
N ASP C 229 13.43 -52.45 12.23
CA ASP C 229 14.43 -52.25 11.19
C ASP C 229 13.88 -51.29 10.13
N SER C 230 14.72 -51.00 9.13
CA SER C 230 14.31 -50.08 8.08
C SER C 230 13.15 -50.66 7.25
N ARG C 231 13.20 -51.96 6.97
CA ARG C 231 12.20 -52.61 6.13
C ARG C 231 11.34 -53.60 6.90
N ASP C 232 11.43 -53.59 8.23
CA ASP C 232 10.68 -54.55 9.04
C ASP C 232 9.54 -53.82 9.76
N PRO C 233 8.28 -54.10 9.41
CA PRO C 233 7.17 -53.39 10.07
C PRO C 233 6.87 -53.85 11.48
N VAL C 234 7.38 -55.01 11.90
CA VAL C 234 7.08 -55.55 13.22
C VAL C 234 8.16 -55.10 14.21
N TRP C 235 7.78 -55.04 15.48
CA TRP C 235 8.68 -54.64 16.54
C TRP C 235 9.47 -55.83 17.06
N LYS C 236 10.67 -55.55 17.58
CA LYS C 236 11.55 -56.58 18.10
C LYS C 236 11.31 -56.80 19.59
N GLY C 237 12.19 -57.56 20.22
CA GLY C 237 12.06 -57.89 21.62
C GLY C 237 12.61 -56.82 22.53
N PRO C 238 12.70 -57.13 23.83
CA PRO C 238 13.22 -56.17 24.83
C PRO C 238 14.74 -56.01 24.79
N ALA C 239 15.20 -55.17 23.86
CA ALA C 239 16.62 -54.91 23.74
C ALA C 239 17.11 -54.01 24.86
N LYS C 240 18.23 -54.39 25.48
CA LYS C 240 18.82 -53.58 26.53
C LYS C 240 19.32 -52.25 25.97
N LEU C 241 19.25 -51.22 26.80
CA LEU C 241 19.61 -49.86 26.39
C LEU C 241 21.03 -49.54 26.84
N LEU C 242 21.79 -48.89 25.94
CA LEU C 242 23.12 -48.40 26.26
C LEU C 242 23.20 -46.88 26.28
N TRP C 243 22.79 -46.22 25.20
CA TRP C 243 22.96 -44.78 25.09
C TRP C 243 21.81 -44.17 24.30
N LYS C 244 21.35 -43.00 24.74
CA LYS C 244 20.27 -42.26 24.08
C LYS C 244 20.83 -40.99 23.47
N GLY C 245 20.38 -40.67 22.25
CA GLY C 245 20.80 -39.46 21.57
C GLY C 245 19.61 -38.69 21.03
N GLU C 246 19.93 -37.55 20.40
CA GLU C 246 18.89 -36.71 19.83
C GLU C 246 18.14 -37.42 18.71
N GLY C 247 18.86 -38.14 17.85
CA GLY C 247 18.24 -38.81 16.73
C GLY C 247 18.68 -40.24 16.52
N ALA C 248 19.50 -40.76 17.43
CA ALA C 248 19.97 -42.13 17.33
C ALA C 248 20.12 -42.70 18.73
N VAL C 249 19.93 -44.01 18.84
CA VAL C 249 20.02 -44.72 20.11
C VAL C 249 20.85 -45.98 19.92
N VAL C 250 21.80 -46.20 20.83
CA VAL C 250 22.69 -47.35 20.78
C VAL C 250 22.19 -48.36 21.81
N ILE C 251 21.90 -49.58 21.36
CA ILE C 251 21.28 -50.61 22.18
C ILE C 251 21.98 -51.95 21.97
N GLN C 252 21.74 -52.86 22.90
CA GLN C 252 22.22 -54.24 22.84
C GLN C 252 21.03 -55.16 22.60
N ASP C 253 21.21 -56.15 21.72
CA ASP C 253 20.19 -57.16 21.45
C ASP C 253 20.90 -58.49 21.22
N ASN C 254 20.99 -59.29 22.28
CA ASN C 254 21.64 -60.60 22.26
C ASN C 254 23.10 -60.47 21.80
N SER C 255 23.85 -59.71 22.59
CA SER C 255 25.27 -59.45 22.38
C SER C 255 25.55 -58.81 21.02
N ASP C 256 24.59 -58.04 20.50
CA ASP C 256 24.76 -57.32 19.24
C ASP C 256 24.50 -55.83 19.49
N ILE C 257 25.41 -54.99 19.00
CA ILE C 257 25.31 -53.55 19.17
C ILE C 257 24.60 -52.98 17.95
N LYS C 258 23.50 -52.26 18.17
CA LYS C 258 22.72 -51.70 17.08
C LYS C 258 22.44 -50.22 17.33
N VAL C 259 22.56 -49.41 16.28
CA VAL C 259 22.20 -48.00 16.30
C VAL C 259 20.89 -47.84 15.55
N VAL C 260 19.87 -47.33 16.25
CA VAL C 260 18.52 -47.23 15.70
C VAL C 260 18.11 -45.77 15.65
N PRO C 261 17.45 -45.32 14.59
CA PRO C 261 16.94 -43.95 14.57
C PRO C 261 15.88 -43.74 15.65
N ARG C 262 15.78 -42.50 16.13
CA ARG C 262 14.83 -42.17 17.20
C ARG C 262 13.39 -42.39 16.74
N ARG C 263 13.15 -42.29 15.42
CA ARG C 263 11.80 -42.45 14.90
C ARG C 263 11.27 -43.86 15.16
N LYS C 264 12.13 -44.87 14.99
CA LYS C 264 11.72 -46.26 15.09
C LYS C 264 12.05 -46.91 16.43
N ALA C 265 12.29 -46.11 17.46
CA ALA C 265 12.69 -46.62 18.78
C ALA C 265 11.72 -46.15 19.84
N LYS C 266 11.29 -47.07 20.70
CA LYS C 266 10.48 -46.77 21.87
C LYS C 266 11.24 -47.21 23.12
N ILE C 267 11.29 -46.34 24.12
CA ILE C 267 12.00 -46.60 25.37
C ILE C 267 10.96 -46.75 26.47
N ILE C 268 11.02 -47.88 27.18
CA ILE C 268 10.05 -48.19 28.23
C ILE C 268 10.77 -48.90 29.38
N ARG C 269 10.24 -48.73 30.59
CA ARG C 269 10.62 -49.51 31.75
C ARG C 269 9.42 -50.36 32.15
N ASP C 270 9.48 -51.66 31.82
CA ASP C 270 8.38 -52.57 32.14
C ASP C 270 8.34 -52.81 33.64
N TYR C 271 7.44 -52.11 34.33
CA TYR C 271 7.35 -52.25 35.78
C TYR C 271 6.95 -53.68 36.18
N GLY C 272 5.98 -54.25 35.46
CA GLY C 272 5.53 -55.61 35.74
C GLY C 272 6.57 -56.66 35.38
N PHE D 1 24.19 -20.71 21.70
CA PHE D 1 24.49 -19.51 20.93
C PHE D 1 24.34 -19.75 19.43
N LEU D 2 23.95 -20.98 19.07
CA LEU D 2 23.70 -21.34 17.67
C LEU D 2 22.29 -20.88 17.33
N ASP D 3 22.17 -19.59 17.00
CA ASP D 3 20.91 -18.90 16.75
C ASP D 3 19.97 -18.95 17.94
N GLY D 4 20.50 -19.16 19.15
CA GLY D 4 19.68 -19.19 20.34
C GLY D 4 19.22 -17.83 20.82
N ILE D 5 19.88 -16.76 20.37
CA ILE D 5 19.47 -15.42 20.78
C ILE D 5 18.10 -15.07 20.22
N ASP D 6 17.86 -15.39 18.94
CA ASP D 6 16.54 -15.14 18.35
C ASP D 6 15.47 -15.98 19.05
N LYS D 7 15.77 -17.24 19.36
CA LYS D 7 14.82 -18.08 20.06
C LYS D 7 14.52 -17.53 21.45
N ALA D 8 15.54 -17.04 22.15
CA ALA D 8 15.33 -16.44 23.47
C ALA D 8 14.49 -15.18 23.37
N GLN D 9 14.74 -14.35 22.36
CA GLN D 9 13.94 -13.15 22.17
C GLN D 9 12.48 -13.49 21.88
N GLU D 10 12.23 -14.48 21.03
CA GLU D 10 10.86 -14.90 20.75
C GLU D 10 10.19 -15.45 22.00
N GLU D 11 10.93 -16.25 22.77
CA GLU D 11 10.37 -16.82 24.00
C GLU D 11 10.07 -15.75 25.04
N HIS D 12 10.90 -14.71 25.15
CA HIS D 12 10.64 -13.62 26.07
C HIS D 12 9.52 -12.71 25.59
N GLU D 13 9.35 -12.58 24.27
CA GLU D 13 8.22 -11.81 23.75
C GLU D 13 6.91 -12.55 23.91
N LYS D 14 6.93 -13.89 23.91
CA LYS D 14 5.70 -14.64 24.05
C LYS D 14 5.39 -15.01 25.50
N TYR D 15 6.40 -15.04 26.36
CA TYR D 15 6.23 -15.47 27.75
C TYR D 15 6.74 -14.47 28.78
N HIS D 16 7.84 -13.77 28.51
CA HIS D 16 8.48 -12.87 29.48
C HIS D 16 8.88 -13.64 30.74
N SER D 17 9.74 -14.62 30.54
CA SER D 17 10.19 -15.51 31.61
C SER D 17 11.43 -14.94 32.29
N ASN D 18 11.91 -15.64 33.30
CA ASN D 18 13.11 -15.22 34.02
C ASN D 18 14.35 -15.38 33.17
N TRP D 19 15.32 -14.48 33.37
CA TRP D 19 16.53 -14.48 32.55
C TRP D 19 17.32 -15.78 32.74
N ARG D 20 17.40 -16.28 33.98
CA ARG D 20 18.14 -17.51 34.23
C ARG D 20 17.51 -18.70 33.51
N ALA D 21 16.18 -18.70 33.35
CA ALA D 21 15.52 -19.77 32.62
C ALA D 21 15.98 -19.79 31.16
N MET D 22 16.03 -18.63 30.52
CA MET D 22 16.51 -18.57 29.14
C MET D 22 17.98 -18.93 29.06
N ALA D 23 18.78 -18.49 30.04
CA ALA D 23 20.21 -18.80 30.03
C ALA D 23 20.45 -20.29 30.12
N SER D 24 19.69 -20.97 30.99
CA SER D 24 19.86 -22.42 31.15
C SER D 24 19.29 -23.20 29.98
N ASP D 25 18.15 -22.75 29.46
CA ASP D 25 17.47 -23.50 28.39
C ASP D 25 18.29 -23.48 27.10
N PHE D 26 18.85 -22.33 26.73
CA PHE D 26 19.53 -22.17 25.46
C PHE D 26 21.06 -22.11 25.60
N ASN D 27 21.58 -22.38 26.81
CA ASN D 27 23.02 -22.39 27.07
C ASN D 27 23.66 -21.06 26.67
N LEU D 28 23.22 -20.00 27.34
CA LEU D 28 23.65 -18.65 27.07
C LEU D 28 24.18 -18.00 28.33
N PRO D 29 25.10 -17.04 28.20
CA PRO D 29 25.56 -16.31 29.38
C PRO D 29 24.43 -15.48 29.97
N PRO D 30 24.46 -15.22 31.27
CA PRO D 30 23.39 -14.43 31.89
C PRO D 30 23.29 -13.00 31.38
N VAL D 31 24.36 -12.45 30.79
CA VAL D 31 24.33 -11.06 30.36
C VAL D 31 23.35 -10.86 29.21
N VAL D 32 23.37 -11.76 28.22
CA VAL D 32 22.45 -11.63 27.09
C VAL D 32 21.02 -11.85 27.54
N ALA D 33 20.81 -12.76 28.50
CA ALA D 33 19.47 -12.95 29.04
C ALA D 33 18.99 -11.71 29.77
N LYS D 34 19.85 -11.09 30.58
CA LYS D 34 19.48 -9.88 31.30
C LYS D 34 19.15 -8.75 30.33
N GLU D 35 19.95 -8.59 29.27
CA GLU D 35 19.67 -7.54 28.30
C GLU D 35 18.39 -7.81 27.50
N ILE D 36 18.11 -9.08 27.19
CA ILE D 36 16.85 -9.41 26.53
C ILE D 36 15.66 -9.10 27.44
N VAL D 37 15.79 -9.43 28.72
CA VAL D 37 14.72 -9.10 29.67
C VAL D 37 14.53 -7.60 29.77
N ALA D 38 15.63 -6.85 29.84
CA ALA D 38 15.54 -5.40 29.91
C ALA D 38 14.97 -4.80 28.63
N SER D 39 15.14 -5.48 27.49
CA SER D 39 14.56 -5.01 26.25
C SER D 39 13.04 -5.02 26.29
N CYS D 40 12.45 -5.88 27.13
CA CYS D 40 11.00 -5.94 27.25
C CYS D 40 10.48 -4.70 27.95
N ASP D 41 9.43 -4.09 27.37
CA ASP D 41 8.90 -2.85 27.93
C ASP D 41 8.09 -3.11 29.19
N LYS D 42 7.50 -4.29 29.34
CA LYS D 42 6.65 -4.60 30.49
C LYS D 42 7.39 -5.39 31.56
N CYS D 43 8.70 -5.55 31.46
CA CYS D 43 9.49 -6.26 32.46
C CYS D 43 10.68 -5.41 32.88
N GLN D 44 11.15 -5.68 34.09
CA GLN D 44 12.29 -4.95 34.65
C GLN D 44 13.24 -5.90 35.37
N CYS D 56 19.41 -14.15 42.03
CA CYS D 56 20.37 -15.20 42.37
C CYS D 56 19.79 -16.18 43.39
N SER D 57 19.28 -17.30 42.91
CA SER D 57 18.71 -18.30 43.81
C SER D 57 19.71 -18.86 44.81
N PRO D 58 20.94 -19.24 44.44
CA PRO D 58 21.89 -19.71 45.46
C PRO D 58 22.29 -18.59 46.41
N GLY D 59 22.63 -18.97 47.63
CA GLY D 59 23.00 -18.03 48.66
C GLY D 59 21.86 -17.49 49.48
N ILE D 60 20.66 -18.05 49.35
CA ILE D 60 19.48 -17.61 50.09
C ILE D 60 19.07 -18.73 51.03
N TRP D 61 18.88 -18.41 52.31
CA TRP D 61 18.54 -19.39 53.33
C TRP D 61 17.32 -18.91 54.10
N GLN D 62 16.56 -19.86 54.63
CA GLN D 62 15.37 -19.58 55.40
C GLN D 62 15.51 -20.20 56.79
N LEU D 63 15.16 -19.44 57.81
CA LEU D 63 15.31 -19.85 59.19
C LEU D 63 13.94 -20.00 59.84
N ASN D 64 13.78 -21.08 60.62
CA ASN D 64 12.51 -21.38 61.27
C ASN D 64 12.79 -21.83 62.70
N CYS D 65 11.84 -21.57 63.59
CA CYS D 65 11.95 -21.94 64.99
C CYS D 65 10.81 -22.88 65.37
N THR D 66 11.14 -23.90 66.18
CA THR D 66 10.16 -24.88 66.59
C THR D 66 10.36 -25.22 68.06
N HIS D 67 9.33 -25.78 68.68
CA HIS D 67 9.37 -26.19 70.08
C HIS D 67 9.26 -27.70 70.16
N LEU D 68 10.21 -28.32 70.86
CA LEU D 68 10.23 -29.77 71.05
C LEU D 68 10.82 -30.07 72.41
N GLU D 69 10.13 -30.94 73.16
CA GLU D 69 10.52 -31.30 74.52
C GLU D 69 10.68 -30.07 75.41
N GLY D 70 9.87 -29.04 75.18
CA GLY D 70 9.96 -27.82 75.94
C GLY D 70 11.19 -26.98 75.64
N LYS D 71 11.86 -27.21 74.51
CA LYS D 71 13.06 -26.47 74.15
C LYS D 71 12.91 -25.92 72.74
N VAL D 72 13.63 -24.84 72.47
CA VAL D 72 13.57 -24.17 71.17
C VAL D 72 14.66 -24.71 70.27
N ILE D 73 14.30 -24.98 69.02
CA ILE D 73 15.22 -25.49 68.01
C ILE D 73 15.11 -24.59 66.78
N LEU D 74 16.25 -24.11 66.29
CA LEU D 74 16.32 -23.28 65.11
C LEU D 74 16.93 -24.08 63.96
N VAL D 75 16.28 -24.01 62.80
CA VAL D 75 16.68 -24.77 61.62
C VAL D 75 16.76 -23.82 60.43
N ALA D 76 17.89 -23.87 59.72
CA ALA D 76 18.10 -23.13 58.50
C ALA D 76 18.15 -24.09 57.31
N VAL D 77 17.52 -23.68 56.21
CA VAL D 77 17.39 -24.52 55.03
C VAL D 77 17.63 -23.68 53.79
N HIS D 78 18.38 -24.23 52.84
CA HIS D 78 18.61 -23.56 51.57
C HIS D 78 17.39 -23.69 50.67
N VAL D 79 17.31 -22.81 49.67
CA VAL D 79 16.17 -22.81 48.76
C VAL D 79 16.48 -23.56 47.47
N ALA D 80 17.68 -23.37 46.90
CA ALA D 80 18.00 -24.03 45.64
C ALA D 80 18.29 -25.51 45.83
N SER D 81 18.91 -25.89 46.94
CA SER D 81 19.27 -27.28 47.20
C SER D 81 18.53 -27.90 48.38
N GLY D 82 18.10 -27.09 49.34
CA GLY D 82 17.41 -27.62 50.49
C GLY D 82 18.30 -28.21 51.56
N TYR D 83 19.58 -27.85 51.59
CA TYR D 83 20.47 -28.33 52.64
C TYR D 83 19.99 -27.85 54.00
N ILE D 84 20.12 -28.71 55.00
CA ILE D 84 19.53 -28.46 56.31
C ILE D 84 20.62 -28.35 57.36
N GLU D 85 20.45 -27.38 58.25
CA GLU D 85 21.22 -27.30 59.49
C GLU D 85 20.26 -26.99 60.63
N ALA D 86 20.51 -27.59 61.79
CA ALA D 86 19.59 -27.42 62.90
C ALA D 86 20.38 -27.44 64.21
N GLU D 87 19.86 -26.72 65.20
CA GLU D 87 20.49 -26.73 66.51
C GLU D 87 19.46 -26.31 67.55
N VAL D 88 19.56 -26.92 68.73
CA VAL D 88 18.70 -26.58 69.86
C VAL D 88 19.42 -25.55 70.72
N ILE D 89 18.66 -24.57 71.21
CA ILE D 89 19.21 -23.44 71.96
C ILE D 89 18.67 -23.50 73.38
N PRO D 90 19.52 -23.43 74.40
CA PRO D 90 19.02 -23.56 75.79
C PRO D 90 18.00 -22.49 76.17
N ALA D 91 18.16 -21.26 75.67
CA ALA D 91 17.26 -20.18 76.05
C ALA D 91 17.05 -19.26 74.86
N GLU D 92 15.82 -18.78 74.71
CA GLU D 92 15.43 -17.95 73.55
C GLU D 92 16.03 -16.56 73.71
N THR D 93 17.23 -16.40 73.14
CA THR D 93 17.95 -15.13 73.15
C THR D 93 18.49 -14.85 71.76
N GLY D 94 18.64 -13.57 71.43
CA GLY D 94 19.17 -13.20 70.14
C GLY D 94 20.66 -13.45 69.99
N GLN D 95 21.39 -13.55 71.09
CA GLN D 95 22.83 -13.81 71.01
C GLN D 95 23.12 -15.17 70.39
N GLU D 96 22.35 -16.20 70.78
CA GLU D 96 22.58 -17.53 70.25
C GLU D 96 22.22 -17.61 68.77
N THR D 97 21.13 -16.95 68.36
CA THR D 97 20.78 -16.91 66.95
C THR D 97 21.83 -16.18 66.15
N ALA D 98 22.37 -15.08 66.70
CA ALA D 98 23.46 -14.38 66.03
C ALA D 98 24.70 -15.27 65.90
N TYR D 99 25.00 -16.03 66.95
CA TYR D 99 26.13 -16.96 66.90
C TYR D 99 25.93 -18.00 65.80
N PHE D 100 24.72 -18.56 65.72
CA PHE D 100 24.45 -19.55 64.67
C PHE D 100 24.55 -18.92 63.28
N LEU D 101 24.06 -17.69 63.13
CA LEU D 101 24.13 -17.01 61.84
C LEU D 101 25.57 -16.77 61.42
N LEU D 102 26.42 -16.33 62.35
CA LEU D 102 27.82 -16.10 61.98
C LEU D 102 28.55 -17.41 61.75
N LYS D 103 28.19 -18.48 62.47
CA LYS D 103 28.79 -19.78 62.20
C LYS D 103 28.42 -20.30 60.82
N LEU D 104 27.15 -20.17 60.43
CA LEU D 104 26.75 -20.62 59.10
C LEU D 104 27.31 -19.72 58.00
N ALA D 105 27.55 -18.45 58.32
CA ALA D 105 28.25 -17.58 57.38
C ALA D 105 29.70 -18.03 57.21
N GLY D 106 30.36 -18.42 58.30
CA GLY D 106 31.72 -18.91 58.24
C GLY D 106 31.87 -20.33 57.75
N ARG D 107 30.76 -21.07 57.59
CA ARG D 107 30.79 -22.42 57.08
C ARG D 107 30.26 -22.54 55.65
N TRP D 108 29.25 -21.76 55.29
CA TRP D 108 28.69 -21.73 53.94
C TRP D 108 28.75 -20.33 53.39
N PRO D 109 28.86 -20.18 52.07
CA PRO D 109 28.75 -18.85 51.46
C PRO D 109 27.30 -18.37 51.45
N VAL D 110 26.98 -17.40 52.30
CA VAL D 110 25.63 -16.89 52.46
C VAL D 110 25.59 -15.45 51.98
N LYS D 111 24.62 -15.14 51.13
CA LYS D 111 24.49 -13.82 50.54
C LYS D 111 23.27 -13.06 51.06
N THR D 112 22.14 -13.74 51.26
CA THR D 112 20.93 -13.11 51.76
C THR D 112 20.25 -14.06 52.74
N VAL D 113 19.97 -13.58 53.95
CA VAL D 113 19.31 -14.38 54.97
C VAL D 113 17.86 -13.92 55.02
N HIS D 114 16.95 -14.82 54.65
CA HIS D 114 15.52 -14.54 54.68
C HIS D 114 14.89 -15.28 55.86
N THR D 115 14.00 -14.60 56.56
CA THR D 115 13.35 -15.14 57.75
C THR D 115 11.88 -14.73 57.71
N ASN D 116 11.19 -14.88 58.84
CA ASN D 116 9.82 -14.42 59.02
C ASN D 116 9.77 -13.44 60.19
N ASN D 117 8.57 -12.96 60.49
CA ASN D 117 8.39 -12.00 61.58
C ASN D 117 8.72 -12.65 62.91
N GLY D 118 9.48 -11.95 63.73
CA GLY D 118 9.89 -12.46 65.04
C GLY D 118 10.58 -11.42 65.90
N SER D 119 10.30 -11.46 67.21
CA SER D 119 10.92 -10.50 68.12
C SER D 119 12.42 -10.71 68.20
N ASN D 120 12.86 -11.97 68.27
CA ASN D 120 14.29 -12.26 68.37
C ASN D 120 15.02 -12.01 67.04
N PHE D 121 14.31 -12.05 65.92
CA PHE D 121 14.96 -11.80 64.63
C PHE D 121 15.27 -10.33 64.42
N THR D 122 14.56 -9.44 65.14
CA THR D 122 14.75 -8.01 65.01
C THR D 122 15.67 -7.44 66.09
N SER D 123 16.46 -8.29 66.74
CA SER D 123 17.36 -7.82 67.79
C SER D 123 18.51 -7.02 67.19
N THR D 124 19.15 -6.20 68.04
CA THR D 124 20.29 -5.42 67.58
C THR D 124 21.53 -6.29 67.40
N THR D 125 21.66 -7.36 68.18
CA THR D 125 22.83 -8.22 68.07
C THR D 125 22.89 -8.91 66.72
N VAL D 126 21.78 -9.47 66.25
CA VAL D 126 21.77 -10.13 64.95
C VAL D 126 21.96 -9.10 63.83
N LYS D 127 21.42 -7.90 64.00
CA LYS D 127 21.64 -6.85 63.01
C LYS D 127 23.11 -6.49 62.90
N ALA D 128 23.80 -6.34 64.05
CA ALA D 128 25.23 -6.06 64.01
C ALA D 128 26.00 -7.22 63.40
N ALA D 129 25.62 -8.46 63.74
CA ALA D 129 26.32 -9.63 63.21
C ALA D 129 26.19 -9.71 61.69
N CYS D 130 24.99 -9.45 61.17
CA CYS D 130 24.79 -9.52 59.72
C CYS D 130 25.40 -8.32 59.02
N TRP D 131 25.47 -7.17 59.68
CA TRP D 131 26.13 -6.01 59.09
C TRP D 131 27.64 -6.22 59.00
N TRP D 132 28.22 -6.88 60.01
CA TRP D 132 29.65 -7.19 59.95
C TRP D 132 29.97 -8.11 58.80
N ALA D 133 29.13 -9.13 58.58
CA ALA D 133 29.37 -10.09 57.51
C ALA D 133 28.98 -9.54 56.13
N GLY D 134 28.30 -8.40 56.07
CA GLY D 134 27.87 -7.86 54.79
C GLY D 134 26.75 -8.60 54.14
N ILE D 135 25.97 -9.36 54.91
CA ILE D 135 24.86 -10.16 54.38
C ILE D 135 23.57 -9.38 54.58
N LYS D 136 22.82 -9.18 53.49
CA LYS D 136 21.54 -8.48 53.58
C LYS D 136 20.49 -9.41 54.18
N GLN D 137 19.85 -8.95 55.24
CA GLN D 137 18.83 -9.73 55.93
C GLN D 137 17.47 -9.08 55.77
N GLU D 138 16.43 -9.92 55.68
CA GLU D 138 15.06 -9.46 55.53
C GLU D 138 14.13 -10.57 55.99
N PHE D 139 12.88 -10.21 56.25
CA PHE D 139 11.86 -11.17 56.66
C PHE D 139 10.54 -10.84 55.98
N GLY D 140 9.72 -11.87 55.81
CA GLY D 140 8.42 -11.69 55.18
C GLY D 140 8.10 -12.74 54.14
N ILE D 141 7.52 -12.31 53.03
CA ILE D 141 7.16 -13.24 51.95
C ILE D 141 8.43 -13.82 51.35
N PRO D 142 8.47 -15.13 51.07
CA PRO D 142 9.67 -15.70 50.45
C PRO D 142 9.96 -15.07 49.09
N TYR D 143 11.26 -14.94 48.80
CA TYR D 143 11.68 -14.31 47.55
C TYR D 143 11.18 -15.09 46.34
N ASN D 144 11.31 -16.42 46.39
CA ASN D 144 10.81 -17.24 45.30
C ASN D 144 9.29 -17.31 45.35
N PRO D 145 8.60 -17.03 44.23
CA PRO D 145 7.14 -17.15 44.23
C PRO D 145 6.62 -18.57 44.44
N GLN D 146 7.47 -19.58 44.29
CA GLN D 146 7.10 -20.97 44.52
C GLN D 146 7.95 -21.54 45.66
N SER D 147 7.80 -22.85 45.87
CA SER D 147 8.55 -23.62 46.86
C SER D 147 8.39 -23.08 48.28
N GLN D 148 7.24 -22.46 48.58
CA GLN D 148 6.96 -22.06 49.96
C GLN D 148 6.80 -23.27 50.86
N GLY D 149 6.13 -24.31 50.36
CA GLY D 149 5.84 -25.47 51.18
C GLY D 149 7.03 -26.38 51.41
N VAL D 150 8.12 -26.18 50.68
CA VAL D 150 9.29 -27.04 50.81
C VAL D 150 9.89 -26.93 52.21
N ILE D 151 9.98 -25.71 52.74
CA ILE D 151 10.59 -25.50 54.06
C ILE D 151 9.79 -26.23 55.13
N GLU D 152 8.46 -26.05 55.12
CA GLU D 152 7.65 -26.69 56.15
C GLU D 152 7.58 -28.20 55.97
N SER D 153 7.57 -28.70 54.73
CA SER D 153 7.60 -30.14 54.52
C SER D 153 8.89 -30.75 55.04
N MET D 154 10.02 -30.09 54.78
CA MET D 154 11.29 -30.57 55.30
C MET D 154 11.34 -30.50 56.82
N ASN D 155 10.80 -29.43 57.40
CA ASN D 155 10.76 -29.30 58.86
C ASN D 155 9.92 -30.41 59.48
N LYS D 156 8.76 -30.71 58.88
CA LYS D 156 7.91 -31.75 59.45
C LYS D 156 8.48 -33.15 59.22
N GLU D 157 9.23 -33.35 58.13
CA GLU D 157 9.95 -34.60 57.96
C GLU D 157 11.01 -34.76 59.05
N LEU D 158 11.73 -33.68 59.36
CA LEU D 158 12.71 -33.73 60.44
C LEU D 158 12.02 -34.00 61.78
N LYS D 159 10.86 -33.39 62.01
CA LYS D 159 10.11 -33.63 63.24
C LYS D 159 9.64 -35.08 63.32
N LYS D 160 9.25 -35.66 62.19
CA LYS D 160 8.87 -37.06 62.16
C LYS D 160 10.05 -37.97 62.49
N ILE D 161 11.23 -37.68 61.91
CA ILE D 161 12.34 -38.59 62.10
C ILE D 161 12.99 -38.44 63.48
N ILE D 162 12.94 -37.25 64.09
CA ILE D 162 13.58 -37.07 65.39
C ILE D 162 12.86 -37.90 66.45
N GLY D 163 11.53 -37.94 66.42
CA GLY D 163 10.80 -38.81 67.32
C GLY D 163 11.08 -40.28 67.09
N GLN D 164 11.29 -40.68 65.84
CA GLN D 164 11.60 -42.07 65.54
C GLN D 164 12.98 -42.46 66.04
N VAL D 165 13.96 -41.57 65.91
CA VAL D 165 15.35 -41.87 66.27
C VAL D 165 15.67 -41.46 67.69
N ARG D 166 14.72 -40.88 68.43
CA ARG D 166 14.97 -40.48 69.81
C ARG D 166 15.20 -41.68 70.72
N ASP D 167 14.46 -42.77 70.50
CA ASP D 167 14.53 -43.92 71.40
C ASP D 167 15.91 -44.57 71.36
N GLN D 168 16.63 -44.42 70.25
CA GLN D 168 17.95 -45.01 70.11
C GLN D 168 19.08 -44.02 70.39
N ALA D 169 18.79 -42.94 71.12
CA ALA D 169 19.80 -41.96 71.47
C ALA D 169 19.65 -41.60 72.95
N GLU D 170 20.75 -41.11 73.52
CA GLU D 170 20.79 -40.79 74.94
C GLU D 170 20.56 -39.31 75.24
N HIS D 171 20.74 -38.44 74.26
CA HIS D 171 20.57 -37.00 74.46
C HIS D 171 19.76 -36.42 73.32
N LEU D 172 19.08 -35.30 73.60
CA LEU D 172 18.24 -34.66 72.60
C LEU D 172 19.08 -34.06 71.48
N LYS D 173 20.17 -33.35 71.83
CA LYS D 173 20.99 -32.69 70.83
C LYS D 173 21.61 -33.70 69.88
N THR D 174 22.16 -34.79 70.42
CA THR D 174 22.76 -35.83 69.57
C THR D 174 21.73 -36.43 68.64
N ALA D 175 20.53 -36.70 69.15
CA ALA D 175 19.47 -37.28 68.32
C ALA D 175 19.07 -36.32 67.20
N VAL D 176 18.93 -35.03 67.51
CA VAL D 176 18.55 -34.04 66.50
C VAL D 176 19.62 -33.95 65.42
N GLN D 177 20.88 -33.89 65.83
CA GLN D 177 21.97 -33.80 64.85
C GLN D 177 22.06 -35.06 64.00
N MET D 178 21.87 -36.24 64.60
CA MET D 178 21.87 -37.47 63.83
C MET D 178 20.72 -37.49 62.83
N ALA D 179 19.55 -37.01 63.25
CA ALA D 179 18.40 -36.95 62.34
C ALA D 179 18.66 -36.01 61.17
N VAL D 180 19.25 -34.84 61.44
CA VAL D 180 19.51 -33.90 60.35
C VAL D 180 20.62 -34.44 59.44
N PHE D 181 21.58 -35.18 60.01
CA PHE D 181 22.59 -35.83 59.18
C PHE D 181 21.98 -36.87 58.27
N ILE D 182 21.04 -37.67 58.80
CA ILE D 182 20.37 -38.67 57.97
C ILE D 182 19.56 -37.97 56.87
N HIS D 183 18.87 -36.89 57.22
CA HIS D 183 18.07 -36.18 56.22
C HIS D 183 18.96 -35.60 55.13
N ASN D 184 20.12 -35.06 55.51
CA ASN D 184 21.01 -34.44 54.52
C ASN D 184 21.68 -35.47 53.64
N PHE D 185 22.18 -36.56 54.22
CA PHE D 185 23.02 -37.51 53.50
C PHE D 185 22.32 -38.84 53.24
N LYS D 186 21.79 -39.50 54.26
CA LYS D 186 21.26 -40.85 54.14
C LYS D 186 19.78 -40.87 53.76
N ARG D 187 19.26 -39.80 53.17
CA ARG D 187 17.89 -39.75 52.66
C ARG D 187 17.95 -39.40 51.19
N LYS D 188 17.56 -40.35 50.33
CA LYS D 188 17.60 -40.16 48.89
C LYS D 188 16.26 -39.64 48.40
N GLY D 189 16.31 -38.68 47.48
CA GLY D 189 15.13 -38.03 46.97
C GLY D 189 14.53 -38.72 45.76
N GLY D 190 13.90 -37.92 44.91
CA GLY D 190 13.24 -38.43 43.73
C GLY D 190 14.05 -38.24 42.47
N ILE D 191 13.74 -37.19 41.71
CA ILE D 191 14.48 -36.87 40.50
C ILE D 191 15.96 -36.73 40.82
N GLY D 192 16.79 -37.43 40.07
CA GLY D 192 18.23 -37.48 40.35
C GLY D 192 18.63 -38.56 41.32
N GLY D 193 17.99 -38.61 42.49
CA GLY D 193 18.25 -39.66 43.46
C GLY D 193 19.65 -39.63 44.04
N TYR D 194 20.00 -38.57 44.74
CA TYR D 194 21.29 -38.46 45.40
C TYR D 194 21.17 -37.55 46.60
N SER D 195 22.27 -37.38 47.32
CA SER D 195 22.27 -36.64 48.58
C SER D 195 22.12 -35.15 48.36
N ALA D 196 21.60 -34.47 49.39
CA ALA D 196 21.51 -33.01 49.35
C ALA D 196 22.89 -32.37 49.29
N GLY D 197 23.87 -32.99 49.93
CA GLY D 197 25.24 -32.49 49.82
C GLY D 197 25.73 -32.48 48.39
N GLU D 198 25.41 -33.53 47.63
CA GLU D 198 25.83 -33.58 46.23
C GLU D 198 25.19 -32.47 45.41
N ARG D 199 23.89 -32.22 45.61
CA ARG D 199 23.25 -31.18 44.82
C ARG D 199 23.74 -29.80 45.22
N ILE D 200 23.99 -29.56 46.52
CA ILE D 200 24.47 -28.25 46.93
C ILE D 200 25.91 -28.03 46.44
N VAL D 201 26.74 -29.07 46.46
CA VAL D 201 28.10 -28.88 45.94
C VAL D 201 28.08 -28.68 44.44
N ASP D 202 27.16 -29.35 43.72
CA ASP D 202 27.01 -29.08 42.30
C ASP D 202 26.57 -27.64 42.05
N ILE D 203 25.65 -27.14 42.87
CA ILE D 203 25.19 -25.75 42.72
C ILE D 203 26.33 -24.78 42.96
N ILE D 204 27.15 -25.04 43.99
CA ILE D 204 28.28 -24.15 44.25
C ILE D 204 29.31 -24.23 43.13
N ALA D 205 29.52 -25.43 42.57
CA ALA D 205 30.45 -25.57 41.45
C ALA D 205 29.97 -24.80 40.23
N THR D 206 28.66 -24.88 39.93
CA THR D 206 28.13 -24.12 38.80
C THR D 206 28.18 -22.62 39.07
N ASP D 207 28.01 -22.22 40.34
CA ASP D 207 28.19 -20.80 40.69
C ASP D 207 29.63 -20.36 40.44
N ILE D 208 30.59 -21.21 40.79
CA ILE D 208 32.00 -20.88 40.53
C ILE D 208 32.25 -20.77 39.03
N GLN D 209 31.68 -21.68 38.24
CA GLN D 209 31.85 -21.62 36.79
C GLN D 209 31.22 -20.36 36.21
N THR D 210 30.03 -19.99 36.69
CA THR D 210 29.39 -18.77 36.21
C THR D 210 30.18 -17.53 36.65
N LYS D 211 30.83 -17.57 37.81
CA LYS D 211 31.69 -16.44 38.20
C LYS D 211 32.94 -16.37 37.34
N GLU D 212 33.48 -17.52 36.92
CA GLU D 212 34.57 -17.52 35.95
C GLU D 212 34.11 -16.91 34.63
N LEU D 213 32.89 -17.24 34.19
CA LEU D 213 32.33 -16.61 33.00
C LEU D 213 32.18 -15.11 33.21
N GLN D 214 31.76 -14.69 34.41
CA GLN D 214 31.61 -13.27 34.70
C GLN D 214 32.94 -12.55 34.62
N LYS D 215 34.00 -13.14 35.16
CA LYS D 215 35.31 -12.48 35.08
C LYS D 215 35.85 -12.49 33.65
N GLN D 216 35.52 -13.52 32.87
CA GLN D 216 35.87 -13.52 31.46
C GLN D 216 35.17 -12.38 30.72
N ILE D 217 33.90 -12.13 31.05
CA ILE D 217 33.18 -11.00 30.48
C ILE D 217 33.79 -9.69 30.97
N THR D 218 34.24 -9.67 32.23
CA THR D 218 34.92 -8.49 32.76
C THR D 218 36.21 -8.19 32.01
N LYS D 219 36.87 -9.22 31.50
CA LYS D 219 38.01 -9.01 30.62
C LYS D 219 37.62 -8.14 29.43
N ILE D 220 36.42 -8.35 28.88
CA ILE D 220 35.91 -7.49 27.83
C ILE D 220 35.57 -6.13 28.41
N GLN D 221 35.66 -5.09 27.58
CA GLN D 221 35.43 -3.71 28.00
C GLN D 221 34.77 -3.00 26.84
N ASN D 222 34.80 -1.66 26.87
CA ASN D 222 34.11 -0.83 25.87
C ASN D 222 34.35 -1.33 24.44
N PHE D 223 35.60 -1.29 23.99
CA PHE D 223 36.05 -1.90 22.74
C PHE D 223 35.05 -1.67 21.60
N ARG D 224 34.86 -0.39 21.26
CA ARG D 224 33.87 -0.03 20.25
C ARG D 224 34.12 -0.77 18.95
N VAL D 225 33.08 -1.39 18.41
CA VAL D 225 33.19 -2.27 17.26
C VAL D 225 32.19 -1.82 16.20
N TYR D 226 32.66 -1.71 14.96
CA TYR D 226 31.80 -1.43 13.82
C TYR D 226 31.51 -2.71 13.05
N TYR D 227 30.34 -2.75 12.43
CA TYR D 227 29.84 -3.97 11.82
C TYR D 227 29.33 -3.69 10.42
N ARG D 228 29.35 -4.73 9.59
CA ARG D 228 28.80 -4.71 8.24
C ARG D 228 27.96 -5.96 8.05
N ASP D 229 26.81 -5.81 7.37
CA ASP D 229 25.88 -6.91 7.19
C ASP D 229 25.65 -7.17 5.70
N SER D 230 25.59 -8.45 5.34
CA SER D 230 25.27 -8.90 3.99
C SER D 230 26.15 -8.23 2.93
N ARG D 231 27.42 -7.98 3.29
CA ARG D 231 28.41 -7.42 2.37
C ARG D 231 27.95 -6.08 1.77
N ASP D 232 27.16 -5.32 2.53
CA ASP D 232 26.72 -4.03 2.05
C ASP D 232 27.89 -3.04 1.99
N PRO D 233 27.90 -2.14 1.02
CA PRO D 233 29.01 -1.18 0.89
C PRO D 233 29.15 -0.25 2.08
N VAL D 234 28.10 -0.04 2.86
CA VAL D 234 28.11 0.88 3.98
C VAL D 234 28.58 0.16 5.24
N TRP D 235 29.19 0.92 6.14
CA TRP D 235 29.58 0.42 7.46
C TRP D 235 28.71 1.09 8.51
N LYS D 236 28.12 0.28 9.39
CA LYS D 236 27.23 0.76 10.43
C LYS D 236 27.91 0.66 11.80
N GLY D 237 27.40 1.43 12.74
CA GLY D 237 27.93 1.44 14.09
C GLY D 237 27.80 2.81 14.74
N PRO D 238 28.39 2.98 15.92
CA PRO D 238 29.12 1.99 16.72
C PRO D 238 28.19 1.00 17.42
N ALA D 239 28.68 -0.18 17.76
CA ALA D 239 27.89 -1.18 18.47
C ALA D 239 28.66 -1.71 19.67
N LYS D 240 27.94 -2.00 20.75
CA LYS D 240 28.56 -2.48 21.97
C LYS D 240 28.96 -3.94 21.82
N LEU D 241 30.23 -4.24 22.12
CA LEU D 241 30.71 -5.61 22.04
C LEU D 241 30.19 -6.44 23.19
N LEU D 242 29.63 -7.61 22.88
CA LEU D 242 29.17 -8.55 23.89
C LEU D 242 30.08 -9.76 24.02
N TRP D 243 30.35 -10.46 22.92
CA TRP D 243 31.24 -11.61 22.99
C TRP D 243 31.88 -11.86 21.64
N LYS D 244 33.10 -12.39 21.66
CA LYS D 244 33.84 -12.74 20.46
C LYS D 244 34.35 -14.16 20.60
N GLY D 245 34.07 -15.00 19.60
CA GLY D 245 34.51 -16.38 19.61
C GLY D 245 33.98 -17.20 18.46
N GLU D 246 34.61 -18.35 18.21
CA GLU D 246 34.20 -19.28 17.16
C GLU D 246 34.13 -18.60 15.79
N GLY D 247 35.02 -17.64 15.57
CA GLY D 247 35.05 -16.94 14.30
C GLY D 247 33.94 -15.94 14.09
N ALA D 248 33.16 -15.64 15.13
CA ALA D 248 32.05 -14.70 15.03
C ALA D 248 32.07 -13.76 16.23
N VAL D 249 31.26 -12.71 16.15
CA VAL D 249 31.14 -11.76 17.25
C VAL D 249 29.65 -11.43 17.44
N VAL D 250 29.16 -11.58 18.66
CA VAL D 250 27.79 -11.23 19.01
C VAL D 250 27.82 -9.88 19.71
N ILE D 251 26.99 -8.95 19.24
CA ILE D 251 26.93 -7.58 19.71
C ILE D 251 25.47 -7.16 19.86
N GLN D 252 25.27 -6.01 20.50
CA GLN D 252 23.94 -5.44 20.68
C GLN D 252 23.97 -3.96 20.31
N ASP D 253 22.84 -3.49 19.78
CA ASP D 253 22.67 -2.09 19.43
C ASP D 253 21.20 -1.83 19.16
N ASN D 254 20.70 -0.70 19.67
CA ASN D 254 19.30 -0.29 19.49
C ASN D 254 18.35 -1.40 19.92
N SER D 255 18.65 -2.02 21.06
CA SER D 255 17.85 -3.10 21.65
C SER D 255 17.75 -4.31 20.73
N ASP D 256 18.71 -4.50 19.83
CA ASP D 256 18.75 -5.65 18.94
C ASP D 256 20.11 -6.33 19.07
N ILE D 257 20.09 -7.64 19.29
CA ILE D 257 21.30 -8.42 19.49
C ILE D 257 21.49 -9.31 18.27
N LYS D 258 22.68 -9.27 17.68
CA LYS D 258 22.94 -10.03 16.48
C LYS D 258 24.38 -10.52 16.46
N VAL D 259 24.61 -11.59 15.71
CA VAL D 259 25.92 -12.22 15.56
C VAL D 259 26.39 -12.03 14.12
N VAL D 260 27.61 -11.52 13.97
CA VAL D 260 28.18 -11.22 12.65
C VAL D 260 29.53 -11.92 12.53
N PRO D 261 29.87 -12.46 11.37
CA PRO D 261 31.21 -13.02 11.18
C PRO D 261 32.28 -11.94 11.31
N ARG D 262 33.48 -12.37 11.73
CA ARG D 262 34.57 -11.43 11.95
C ARG D 262 34.97 -10.73 10.65
N ARG D 263 34.87 -11.41 9.52
CA ARG D 263 35.26 -10.80 8.24
C ARG D 263 34.39 -9.60 7.91
N LYS D 264 33.22 -9.48 8.53
CA LYS D 264 32.31 -8.36 8.33
C LYS D 264 32.25 -7.43 9.53
N ALA D 265 33.36 -7.25 10.24
CA ALA D 265 33.38 -6.37 11.39
C ALA D 265 34.81 -5.90 11.66
N LYS D 266 34.92 -4.78 12.38
CA LYS D 266 36.20 -4.24 12.80
C LYS D 266 36.10 -3.82 14.27
N ILE D 267 37.21 -3.96 14.98
CA ILE D 267 37.29 -3.63 16.40
C ILE D 267 38.24 -2.46 16.59
N ILE D 268 37.80 -1.45 17.32
CA ILE D 268 38.59 -0.26 17.59
C ILE D 268 38.75 -0.10 19.10
N ARG D 269 39.99 0.11 19.52
CA ARG D 269 40.30 0.29 20.94
C ARG D 269 39.70 1.58 21.47
N PHE E 1 70.42 -22.49 -26.80
CA PHE E 1 71.72 -21.94 -27.19
C PHE E 1 72.81 -23.01 -27.13
N LEU E 2 72.44 -24.20 -26.67
CA LEU E 2 73.35 -25.34 -26.64
C LEU E 2 73.34 -26.03 -28.01
N ASP E 3 74.04 -25.40 -28.95
CA ASP E 3 74.09 -25.79 -30.36
C ASP E 3 72.71 -25.78 -31.01
N GLY E 4 71.73 -25.15 -30.39
CA GLY E 4 70.41 -25.07 -30.99
C GLY E 4 70.31 -24.04 -32.09
N ILE E 5 71.33 -23.21 -32.27
CA ILE E 5 71.31 -22.21 -33.33
C ILE E 5 71.38 -22.88 -34.70
N ASP E 6 72.24 -23.89 -34.84
CA ASP E 6 72.32 -24.63 -36.10
C ASP E 6 71.01 -25.35 -36.39
N LYS E 7 70.42 -25.96 -35.37
CA LYS E 7 69.14 -26.65 -35.55
C LYS E 7 68.04 -25.67 -35.94
N ALA E 8 68.02 -24.50 -35.31
CA ALA E 8 67.04 -23.48 -35.66
C ALA E 8 67.23 -22.99 -37.08
N GLN E 9 68.49 -22.83 -37.50
CA GLN E 9 68.79 -22.43 -38.87
C GLN E 9 68.29 -23.49 -39.86
N GLU E 10 68.53 -24.76 -39.56
CA GLU E 10 68.10 -25.84 -40.44
C GLU E 10 66.58 -25.92 -40.51
N GLU E 11 65.91 -25.83 -39.37
CA GLU E 11 64.45 -25.89 -39.37
C GLU E 11 63.82 -24.62 -39.95
N HIS E 12 64.53 -23.50 -39.96
CA HIS E 12 64.04 -22.30 -40.64
C HIS E 12 64.24 -22.40 -42.14
N GLU E 13 65.32 -23.05 -42.58
CA GLU E 13 65.47 -23.36 -43.99
C GLU E 13 64.46 -24.41 -44.45
N LYS E 14 63.95 -25.23 -43.53
CA LYS E 14 62.97 -26.23 -43.89
C LYS E 14 61.54 -25.67 -43.88
N TYR E 15 61.17 -24.97 -42.80
CA TYR E 15 59.81 -24.49 -42.60
C TYR E 15 59.63 -23.00 -42.88
N HIS E 16 60.62 -22.18 -42.52
CA HIS E 16 60.51 -20.71 -42.60
C HIS E 16 59.39 -20.18 -41.73
N SER E 17 59.44 -20.51 -40.44
CA SER E 17 58.45 -20.04 -39.49
C SER E 17 58.83 -18.66 -38.94
N ASN E 18 57.95 -18.12 -38.10
CA ASN E 18 58.18 -16.81 -37.51
C ASN E 18 59.31 -16.89 -36.47
N TRP E 19 59.95 -15.74 -36.23
CA TRP E 19 61.06 -15.69 -35.29
C TRP E 19 60.61 -16.01 -33.87
N ARG E 20 59.35 -15.69 -33.54
CA ARG E 20 58.84 -16.01 -32.21
C ARG E 20 58.87 -17.51 -31.95
N ALA E 21 58.42 -18.31 -32.93
CA ALA E 21 58.44 -19.76 -32.77
C ALA E 21 59.87 -20.28 -32.64
N MET E 22 60.79 -19.75 -33.45
CA MET E 22 62.18 -20.17 -33.38
C MET E 22 62.79 -19.86 -32.03
N ALA E 23 62.47 -18.70 -31.46
CA ALA E 23 62.97 -18.35 -30.13
C ALA E 23 62.34 -19.23 -29.06
N SER E 24 61.05 -19.53 -29.19
CA SER E 24 60.34 -20.27 -28.14
C SER E 24 60.74 -21.73 -28.11
N ASP E 25 60.83 -22.37 -29.27
CA ASP E 25 61.01 -23.83 -29.31
C ASP E 25 62.45 -24.27 -29.05
N PHE E 26 63.40 -23.34 -29.00
CA PHE E 26 64.80 -23.69 -28.75
C PHE E 26 65.46 -22.77 -27.74
N ASN E 27 64.67 -22.00 -26.99
CA ASN E 27 65.18 -21.12 -25.94
C ASN E 27 66.25 -20.17 -26.47
N LEU E 28 65.99 -19.59 -27.65
CA LEU E 28 67.00 -18.71 -28.22
C LEU E 28 66.64 -17.25 -27.97
N PRO E 29 67.65 -16.37 -27.85
CA PRO E 29 67.36 -14.96 -27.68
C PRO E 29 66.78 -14.38 -28.97
N PRO E 30 66.05 -13.26 -28.89
CA PRO E 30 65.46 -12.69 -30.10
C PRO E 30 66.48 -12.28 -31.16
N VAL E 31 67.72 -11.99 -30.76
CA VAL E 31 68.74 -11.61 -31.74
C VAL E 31 68.97 -12.73 -32.74
N VAL E 32 69.13 -13.96 -32.24
CA VAL E 32 69.41 -15.10 -33.11
C VAL E 32 68.23 -15.37 -34.03
N ALA E 33 67.02 -15.35 -33.50
CA ALA E 33 65.83 -15.62 -34.31
C ALA E 33 65.66 -14.56 -35.39
N LYS E 34 65.83 -13.29 -35.03
CA LYS E 34 65.68 -12.21 -36.01
C LYS E 34 66.76 -12.30 -37.08
N GLU E 35 68.00 -12.61 -36.69
CA GLU E 35 69.08 -12.76 -37.66
C GLU E 35 68.82 -13.91 -38.61
N ILE E 36 68.32 -15.03 -38.08
CA ILE E 36 68.02 -16.18 -38.93
C ILE E 36 66.90 -15.85 -39.91
N VAL E 37 65.88 -15.16 -39.43
CA VAL E 37 64.78 -14.76 -40.32
C VAL E 37 65.28 -13.82 -41.41
N ALA E 38 66.13 -12.86 -41.04
CA ALA E 38 66.66 -11.92 -42.03
C ALA E 38 67.56 -12.61 -43.04
N SER E 39 68.34 -13.60 -42.59
CA SER E 39 69.27 -14.27 -43.49
C SER E 39 68.55 -15.03 -44.59
N CYS E 40 67.36 -15.54 -44.32
CA CYS E 40 66.60 -16.28 -45.32
C CYS E 40 66.18 -15.34 -46.44
N ASP E 41 66.59 -15.68 -47.68
CA ASP E 41 66.22 -14.86 -48.83
C ASP E 41 64.72 -14.90 -49.12
N LYS E 42 64.03 -15.94 -48.65
CA LYS E 42 62.60 -16.09 -48.89
C LYS E 42 61.75 -15.37 -47.84
N CYS E 43 62.37 -14.85 -46.79
CA CYS E 43 61.67 -14.12 -45.74
C CYS E 43 62.09 -12.66 -45.74
N GLN E 44 61.13 -11.76 -45.60
CA GLN E 44 61.40 -10.33 -45.54
C GLN E 44 61.28 -9.82 -44.11
N ASP E 55 54.02 -4.26 -37.34
CA ASP E 55 53.05 -4.23 -38.43
C ASP E 55 52.16 -2.99 -38.37
N CYS E 56 52.29 -2.24 -37.28
CA CYS E 56 51.54 -1.01 -37.04
C CYS E 56 50.03 -1.23 -37.04
N SER E 57 49.60 -2.46 -36.74
CA SER E 57 48.17 -2.74 -36.71
C SER E 57 47.40 -1.96 -35.63
N PRO E 58 47.86 -1.86 -34.37
CA PRO E 58 47.03 -1.17 -33.37
C PRO E 58 46.76 0.29 -33.70
N GLY E 59 47.67 0.96 -34.41
CA GLY E 59 47.49 2.36 -34.70
C GLY E 59 46.39 2.64 -35.71
N ILE E 60 46.09 1.68 -36.57
CA ILE E 60 45.13 1.87 -37.65
C ILE E 60 43.72 1.81 -37.07
N TRP E 61 42.90 2.81 -37.39
CA TRP E 61 41.53 2.88 -36.91
C TRP E 61 40.63 3.42 -38.02
N GLN E 62 39.34 3.14 -37.91
CA GLN E 62 38.34 3.63 -38.85
C GLN E 62 37.22 4.32 -38.07
N LEU E 63 36.54 5.24 -38.74
CA LEU E 63 35.48 6.03 -38.13
C LEU E 63 34.23 5.97 -38.99
N ASN E 64 33.07 5.97 -38.34
CA ASN E 64 31.81 5.91 -39.07
C ASN E 64 30.72 6.60 -38.26
N CYS E 65 29.89 7.39 -38.94
CA CYS E 65 28.77 8.08 -38.33
C CYS E 65 27.45 7.54 -38.89
N THR E 66 26.44 7.46 -38.03
CA THR E 66 25.14 6.94 -38.41
C THR E 66 24.05 7.80 -37.79
N HIS E 67 22.85 7.70 -38.35
CA HIS E 67 21.69 8.45 -37.87
C HIS E 67 20.68 7.47 -37.27
N LEU E 68 20.28 7.73 -36.02
CA LEU E 68 19.29 6.92 -35.34
C LEU E 68 18.33 7.84 -34.61
N GLU E 69 17.03 7.58 -34.77
CA GLU E 69 15.94 8.34 -34.16
C GLU E 69 16.17 9.85 -34.21
N GLY E 70 16.73 10.34 -35.30
CA GLY E 70 16.92 11.78 -35.48
C GLY E 70 18.12 12.37 -34.80
N LYS E 71 19.16 11.58 -34.54
CA LYS E 71 20.38 12.10 -33.93
C LYS E 71 21.56 11.27 -34.39
N VAL E 72 22.75 11.84 -34.26
CA VAL E 72 23.97 11.28 -34.84
C VAL E 72 24.71 10.47 -33.78
N ILE E 73 25.20 9.30 -34.19
CA ILE E 73 26.01 8.43 -33.34
C ILE E 73 27.29 8.11 -34.10
N LEU E 74 28.44 8.35 -33.46
CA LEU E 74 29.74 8.09 -34.05
C LEU E 74 30.33 6.82 -33.44
N VAL E 75 31.17 6.14 -34.21
CA VAL E 75 31.80 4.91 -33.74
C VAL E 75 33.18 4.79 -34.39
N ALA E 76 34.16 4.44 -33.57
CA ALA E 76 35.51 4.15 -34.03
C ALA E 76 35.79 2.67 -33.84
N VAL E 77 36.35 2.06 -34.89
CA VAL E 77 36.57 0.62 -34.93
C VAL E 77 38.03 0.34 -35.26
N HIS E 78 38.66 -0.52 -34.46
CA HIS E 78 40.01 -0.98 -34.73
C HIS E 78 39.98 -1.98 -35.89
N VAL E 79 40.97 -1.87 -36.77
CA VAL E 79 41.02 -2.76 -37.93
C VAL E 79 41.17 -4.21 -37.49
N ALA E 80 42.01 -4.47 -36.49
CA ALA E 80 42.21 -5.81 -35.99
C ALA E 80 41.28 -6.10 -34.81
N SER E 81 40.84 -7.36 -34.74
CA SER E 81 40.05 -7.90 -33.63
C SER E 81 38.63 -7.32 -33.60
N GLY E 82 38.33 -6.40 -34.50
CA GLY E 82 36.98 -5.88 -34.62
C GLY E 82 36.45 -5.15 -33.40
N TYR E 83 37.32 -4.51 -32.62
CA TYR E 83 36.86 -3.75 -31.47
C TYR E 83 36.18 -2.47 -31.93
N ILE E 84 35.12 -2.08 -31.22
CA ILE E 84 34.36 -0.88 -31.56
C ILE E 84 34.15 -0.05 -30.30
N GLU E 85 33.93 1.24 -30.51
CA GLU E 85 33.60 2.17 -29.43
C GLU E 85 32.72 3.27 -30.00
N ALA E 86 31.50 3.37 -29.48
CA ALA E 86 30.49 4.27 -30.04
C ALA E 86 29.99 5.24 -28.98
N GLU E 87 29.51 6.40 -29.45
CA GLU E 87 28.95 7.42 -28.57
C GLU E 87 28.02 8.29 -29.40
N VAL E 88 26.93 8.74 -28.77
CA VAL E 88 25.93 9.56 -29.44
C VAL E 88 26.28 11.03 -29.24
N ILE E 89 26.42 11.75 -30.35
CA ILE E 89 26.83 13.16 -30.28
C ILE E 89 25.60 14.01 -29.96
N PRO E 90 25.63 14.79 -28.87
CA PRO E 90 24.47 15.66 -28.58
C PRO E 90 24.17 16.66 -29.68
N ALA E 91 25.20 17.17 -30.35
CA ALA E 91 25.00 18.12 -31.43
C ALA E 91 26.14 17.97 -32.43
N GLU E 92 25.81 17.76 -33.70
CA GLU E 92 26.82 17.51 -34.71
C GLU E 92 27.58 18.80 -35.03
N THR E 93 28.90 18.75 -34.88
CA THR E 93 29.78 19.88 -35.15
C THR E 93 31.21 19.38 -35.18
N GLY E 94 32.08 20.15 -35.83
CA GLY E 94 33.47 19.74 -35.95
C GLY E 94 34.20 19.71 -34.62
N GLN E 95 33.90 20.65 -33.74
CA GLN E 95 34.61 20.72 -32.46
C GLN E 95 34.31 19.51 -31.58
N GLU E 96 33.07 19.03 -31.56
CA GLU E 96 32.78 17.83 -30.79
C GLU E 96 33.40 16.59 -31.41
N THR E 97 33.50 16.54 -32.75
CA THR E 97 34.24 15.46 -33.39
C THR E 97 35.70 15.46 -32.98
N ALA E 98 36.31 16.65 -32.94
CA ALA E 98 37.69 16.76 -32.48
C ALA E 98 37.82 16.36 -31.01
N TYR E 99 36.84 16.72 -30.20
CA TYR E 99 36.84 16.31 -28.80
C TYR E 99 36.78 14.80 -28.66
N PHE E 100 35.93 14.15 -29.45
CA PHE E 100 35.84 12.70 -29.43
C PHE E 100 37.14 12.05 -29.90
N LEU E 101 37.76 12.61 -30.94
CA LEU E 101 39.05 12.10 -31.41
C LEU E 101 40.12 12.26 -30.34
N LEU E 102 40.12 13.38 -29.64
CA LEU E 102 41.09 13.59 -28.56
C LEU E 102 40.86 12.60 -27.43
N LYS E 103 39.60 12.31 -27.11
CA LYS E 103 39.30 11.29 -26.11
C LYS E 103 39.81 9.92 -26.54
N LEU E 104 39.61 9.58 -27.81
CA LEU E 104 40.10 8.31 -28.34
C LEU E 104 41.63 8.24 -28.26
N ALA E 105 42.31 9.34 -28.60
CA ALA E 105 43.77 9.38 -28.48
C ALA E 105 44.20 9.24 -27.03
N GLY E 106 43.48 9.87 -26.11
CA GLY E 106 43.81 9.77 -24.70
C GLY E 106 43.58 8.38 -24.15
N ARG E 107 42.68 7.61 -24.77
CA ARG E 107 42.44 6.25 -24.30
C ARG E 107 43.40 5.26 -24.94
N TRP E 108 43.62 5.35 -26.24
CA TRP E 108 44.46 4.41 -26.97
C TRP E 108 45.44 5.17 -27.85
N PRO E 109 46.63 4.62 -28.07
CA PRO E 109 47.59 5.25 -28.99
C PRO E 109 47.18 5.00 -30.44
N VAL E 110 47.07 6.08 -31.21
CA VAL E 110 46.68 6.02 -32.61
C VAL E 110 47.76 6.69 -33.45
N LYS E 111 48.17 6.04 -34.52
CA LYS E 111 49.18 6.57 -35.44
C LYS E 111 48.61 6.99 -36.79
N THR E 112 47.60 6.28 -37.30
CA THR E 112 46.99 6.61 -38.57
C THR E 112 45.51 6.28 -38.51
N VAL E 113 44.74 6.95 -39.37
CA VAL E 113 43.29 6.75 -39.41
C VAL E 113 42.83 6.95 -40.85
N HIS E 114 41.86 6.13 -41.27
CA HIS E 114 41.23 6.24 -42.57
C HIS E 114 39.75 6.59 -42.39
N THR E 115 39.31 7.62 -43.09
CA THR E 115 37.95 8.11 -42.93
C THR E 115 37.43 8.61 -44.28
N ASN E 116 36.11 8.73 -44.38
CA ASN E 116 35.47 9.22 -45.58
C ASN E 116 35.60 10.75 -45.63
N ASN E 117 34.88 11.37 -46.56
CA ASN E 117 35.03 12.79 -46.89
C ASN E 117 33.86 13.62 -46.40
N GLY E 118 33.32 13.29 -45.22
CA GLY E 118 32.23 14.06 -44.66
C GLY E 118 32.64 15.47 -44.30
N SER E 119 31.63 16.35 -44.23
CA SER E 119 31.89 17.77 -44.01
C SER E 119 32.58 18.00 -42.67
N ASN E 120 32.11 17.33 -41.62
CA ASN E 120 32.71 17.53 -40.31
C ASN E 120 34.10 16.89 -40.22
N PHE E 121 34.38 15.89 -41.04
CA PHE E 121 35.68 15.23 -40.99
C PHE E 121 36.77 16.03 -41.71
N THR E 122 36.38 16.98 -42.55
CA THR E 122 37.34 17.83 -43.26
C THR E 122 37.41 19.23 -42.68
N SER E 123 36.83 19.45 -41.50
CA SER E 123 36.83 20.77 -40.89
C SER E 123 38.22 21.14 -40.39
N THR E 124 38.40 22.42 -40.08
CA THR E 124 39.68 22.91 -39.59
C THR E 124 39.96 22.43 -38.17
N THR E 125 38.91 22.27 -37.35
CA THR E 125 39.10 21.88 -35.96
C THR E 125 39.69 20.47 -35.87
N VAL E 126 39.14 19.53 -36.63
CA VAL E 126 39.68 18.17 -36.61
C VAL E 126 41.08 18.13 -37.23
N LYS E 127 41.33 18.98 -38.23
CA LYS E 127 42.66 19.07 -38.80
C LYS E 127 43.68 19.52 -37.76
N ALA E 128 43.33 20.54 -36.97
CA ALA E 128 44.21 20.99 -35.90
C ALA E 128 44.38 19.91 -34.84
N ALA E 129 43.29 19.20 -34.51
CA ALA E 129 43.37 18.16 -33.49
C ALA E 129 44.31 17.04 -33.92
N CYS E 130 44.23 16.62 -35.19
CA CYS E 130 45.11 15.58 -35.68
C CYS E 130 46.53 16.09 -35.90
N TRP E 131 46.69 17.39 -36.18
CA TRP E 131 48.01 17.98 -36.26
C TRP E 131 48.69 17.95 -34.89
N TRP E 132 47.93 18.20 -33.83
CA TRP E 132 48.46 18.13 -32.47
C TRP E 132 48.97 16.74 -32.17
N ALA E 133 48.07 15.76 -32.14
CA ALA E 133 48.43 14.38 -31.78
C ALA E 133 49.30 13.70 -32.82
N GLY E 134 49.61 14.35 -33.94
CA GLY E 134 50.43 13.74 -34.96
C GLY E 134 49.80 12.55 -35.64
N ILE E 135 48.48 12.59 -35.85
CA ILE E 135 47.76 11.50 -36.49
C ILE E 135 47.98 11.59 -38.00
N LYS E 136 48.41 10.50 -38.61
CA LYS E 136 48.57 10.43 -40.06
C LYS E 136 47.18 10.41 -40.70
N GLN E 137 46.74 11.56 -41.17
CA GLN E 137 45.39 11.72 -41.72
C GLN E 137 45.37 11.21 -43.15
N GLU E 138 44.49 10.25 -43.43
CA GLU E 138 44.31 9.70 -44.77
C GLU E 138 42.81 9.64 -45.07
N PHE E 139 42.43 10.14 -46.24
CA PHE E 139 41.05 10.12 -46.68
C PHE E 139 40.89 9.07 -47.78
N GLY E 140 39.92 8.17 -47.59
CA GLY E 140 39.68 7.11 -48.55
C GLY E 140 39.84 5.72 -47.96
N ASN E 144 42.09 0.09 -47.68
CA ASN E 144 41.08 -0.82 -47.15
C ASN E 144 40.84 -2.00 -48.09
N PRO E 145 41.76 -2.98 -48.06
CA PRO E 145 41.63 -4.13 -48.96
C PRO E 145 40.39 -4.97 -48.68
N GLN E 146 40.24 -5.43 -47.43
CA GLN E 146 39.08 -6.21 -47.05
C GLN E 146 38.52 -5.86 -45.68
N SER E 147 39.01 -4.81 -45.03
CA SER E 147 38.52 -4.42 -43.72
C SER E 147 37.13 -3.79 -43.76
N GLN E 148 36.65 -3.41 -44.95
CA GLN E 148 35.32 -2.83 -45.06
C GLN E 148 34.25 -3.82 -44.64
N GLY E 149 34.42 -5.09 -45.02
CA GLY E 149 33.48 -6.12 -44.57
C GLY E 149 33.48 -6.26 -43.06
N VAL E 150 34.66 -6.23 -42.45
CA VAL E 150 34.75 -6.36 -40.99
C VAL E 150 34.06 -5.18 -40.30
N ILE E 151 34.31 -3.97 -40.78
CA ILE E 151 33.74 -2.80 -40.12
C ILE E 151 32.22 -2.76 -40.33
N GLU E 152 31.75 -3.15 -41.51
CA GLU E 152 30.30 -3.16 -41.73
C GLU E 152 29.61 -4.26 -40.94
N SER E 153 30.27 -5.42 -40.76
CA SER E 153 29.69 -6.45 -39.91
C SER E 153 29.65 -6.00 -38.45
N MET E 154 30.69 -5.29 -38.00
CA MET E 154 30.66 -4.72 -36.65
C MET E 154 29.52 -3.71 -36.51
N ASN E 155 29.31 -2.87 -37.53
CA ASN E 155 28.22 -1.91 -37.49
C ASN E 155 26.87 -2.62 -37.44
N LYS E 156 26.72 -3.70 -38.21
CA LYS E 156 25.47 -4.46 -38.18
C LYS E 156 25.24 -5.09 -36.81
N GLU E 157 26.30 -5.64 -36.21
CA GLU E 157 26.19 -6.18 -34.86
C GLU E 157 25.78 -5.10 -33.86
N LEU E 158 26.36 -3.90 -33.99
CA LEU E 158 26.02 -2.81 -33.10
C LEU E 158 24.56 -2.41 -33.26
N LYS E 159 24.08 -2.33 -34.50
CA LYS E 159 22.68 -1.99 -34.74
C LYS E 159 21.77 -3.05 -34.15
N LYS E 160 22.10 -4.34 -34.34
CA LYS E 160 21.27 -5.41 -33.80
C LYS E 160 21.22 -5.36 -32.28
N ILE E 161 22.37 -5.15 -31.62
CA ILE E 161 22.38 -5.17 -30.16
C ILE E 161 21.68 -3.95 -29.59
N ILE E 162 21.82 -2.78 -30.23
CA ILE E 162 21.11 -1.60 -29.71
C ILE E 162 19.61 -1.74 -29.96
N GLY E 163 19.22 -2.40 -31.05
CA GLY E 163 17.80 -2.65 -31.27
C GLY E 163 17.22 -3.62 -30.26
N GLN E 164 17.98 -4.68 -29.93
CA GLN E 164 17.49 -5.67 -28.97
C GLN E 164 17.51 -5.12 -27.54
N VAL E 165 18.43 -4.22 -27.23
CA VAL E 165 18.60 -3.76 -25.85
C VAL E 165 17.76 -2.53 -25.53
N ARG E 166 17.09 -1.93 -26.52
CA ARG E 166 16.28 -0.73 -26.30
C ARG E 166 14.90 -1.12 -25.77
N ASP E 167 14.89 -1.67 -24.55
CA ASP E 167 13.65 -1.98 -23.85
C ASP E 167 13.67 -1.60 -22.37
N GLN E 168 14.83 -1.26 -21.80
CA GLN E 168 14.94 -0.96 -20.38
C GLN E 168 15.56 0.40 -20.09
N ALA E 169 16.15 1.06 -21.09
CA ALA E 169 16.81 2.34 -20.91
C ALA E 169 15.94 3.45 -21.49
N GLU E 170 15.73 4.50 -20.70
CA GLU E 170 14.91 5.63 -21.15
C GLU E 170 15.65 6.51 -22.14
N HIS E 171 16.98 6.55 -22.06
CA HIS E 171 17.80 7.35 -22.96
C HIS E 171 18.69 6.45 -23.80
N LEU E 172 18.95 6.88 -25.03
CA LEU E 172 19.69 6.04 -25.97
C LEU E 172 21.18 5.95 -25.64
N LYS E 173 21.75 6.95 -24.95
CA LYS E 173 23.17 6.91 -24.64
C LYS E 173 23.51 5.73 -23.74
N THR E 174 22.71 5.51 -22.69
CA THR E 174 22.95 4.39 -21.80
C THR E 174 22.78 3.06 -22.52
N ALA E 175 21.77 2.96 -23.39
CA ALA E 175 21.56 1.74 -24.15
C ALA E 175 22.75 1.44 -25.07
N VAL E 176 23.26 2.47 -25.76
CA VAL E 176 24.40 2.29 -26.64
C VAL E 176 25.63 1.87 -25.85
N GLN E 177 25.88 2.53 -24.72
CA GLN E 177 27.04 2.17 -23.90
C GLN E 177 26.93 0.74 -23.38
N MET E 178 25.75 0.33 -22.93
CA MET E 178 25.58 -1.04 -22.46
C MET E 178 25.77 -2.03 -23.60
N ALA E 179 25.26 -1.70 -24.79
CA ALA E 179 25.39 -2.59 -25.93
C ALA E 179 26.85 -2.77 -26.34
N VAL E 180 27.61 -1.67 -26.41
CA VAL E 180 29.01 -1.80 -26.76
C VAL E 180 29.78 -2.52 -25.67
N PHE E 181 29.40 -2.30 -24.40
CA PHE E 181 30.06 -2.99 -23.29
C PHE E 181 29.87 -4.50 -23.41
N ILE E 182 28.63 -4.95 -23.59
CA ILE E 182 28.38 -6.39 -23.67
C ILE E 182 29.04 -6.97 -24.93
N HIS E 183 28.97 -6.24 -26.05
CA HIS E 183 29.56 -6.74 -27.29
C HIS E 183 31.07 -6.93 -27.17
N ASN E 184 31.75 -5.96 -26.55
CA ASN E 184 33.20 -6.01 -26.45
C ASN E 184 33.71 -6.71 -25.21
N PHE E 185 32.83 -7.15 -24.31
CA PHE E 185 33.26 -7.87 -23.12
C PHE E 185 32.82 -9.34 -23.10
N LYS E 186 31.52 -9.60 -23.24
CA LYS E 186 31.01 -10.96 -23.07
C LYS E 186 30.25 -11.42 -24.31
N ARG E 187 30.80 -11.14 -25.49
CA ARG E 187 30.30 -11.68 -26.75
C ARG E 187 31.49 -12.38 -27.41
N LYS E 188 31.70 -13.65 -27.04
CA LYS E 188 32.87 -14.38 -27.48
C LYS E 188 32.81 -14.65 -28.98
N GLY E 189 33.94 -14.52 -29.65
CA GLY E 189 33.96 -14.57 -31.10
C GLY E 189 34.73 -15.74 -31.71
N GLY E 190 35.87 -15.43 -32.30
CA GLY E 190 36.61 -16.37 -33.14
C GLY E 190 37.37 -17.45 -32.41
N ILE E 191 38.56 -17.77 -32.91
CA ILE E 191 39.36 -18.88 -32.39
C ILE E 191 39.69 -18.60 -30.93
N GLY E 192 39.53 -19.64 -30.10
CA GLY E 192 39.78 -19.54 -28.68
C GLY E 192 38.59 -19.18 -27.83
N GLY E 193 37.49 -18.76 -28.45
CA GLY E 193 36.32 -18.36 -27.67
C GLY E 193 36.56 -17.16 -26.79
N TYR E 194 37.20 -16.12 -27.33
CA TYR E 194 37.47 -14.90 -26.58
C TYR E 194 36.85 -13.70 -27.29
N SER E 195 36.64 -12.64 -26.52
CA SER E 195 36.09 -11.40 -27.03
C SER E 195 37.21 -10.49 -27.54
N ALA E 196 36.80 -9.36 -28.13
CA ALA E 196 37.79 -8.41 -28.64
C ALA E 196 38.61 -7.79 -27.52
N GLY E 197 38.08 -7.77 -26.30
CA GLY E 197 38.81 -7.17 -25.20
C GLY E 197 40.13 -7.85 -24.91
N GLU E 198 40.15 -9.18 -24.97
CA GLU E 198 41.40 -9.90 -24.80
C GLU E 198 42.28 -9.79 -26.03
N ARG E 199 41.68 -9.75 -27.22
CA ARG E 199 42.46 -9.72 -28.46
C ARG E 199 43.24 -8.41 -28.59
N ILE E 200 42.60 -7.27 -28.29
CA ILE E 200 43.29 -5.99 -28.38
C ILE E 200 44.46 -5.95 -27.40
N VAL E 201 44.23 -6.44 -26.18
CA VAL E 201 45.28 -6.46 -25.17
C VAL E 201 46.45 -7.32 -25.62
N ASP E 202 46.16 -8.51 -26.16
CA ASP E 202 47.22 -9.39 -26.62
C ASP E 202 48.00 -8.75 -27.76
N ILE E 203 47.30 -8.14 -28.71
CA ILE E 203 47.97 -7.53 -29.86
C ILE E 203 48.88 -6.39 -29.42
N ILE E 204 48.37 -5.50 -28.56
CA ILE E 204 49.17 -4.35 -28.15
C ILE E 204 50.34 -4.79 -27.28
N ALA E 205 50.13 -5.80 -26.42
CA ALA E 205 51.22 -6.28 -25.58
C ALA E 205 52.32 -6.90 -26.43
N THR E 206 51.96 -7.73 -27.41
CA THR E 206 52.98 -8.32 -28.28
C THR E 206 53.69 -7.24 -29.10
N ASP E 207 52.96 -6.25 -29.59
CA ASP E 207 53.60 -5.18 -30.36
C ASP E 207 54.59 -4.39 -29.51
N ILE E 208 54.19 -4.06 -28.26
CA ILE E 208 55.09 -3.34 -27.37
C ILE E 208 56.32 -4.17 -27.05
N GLN E 209 56.12 -5.46 -26.77
CA GLN E 209 57.25 -6.33 -26.46
C GLN E 209 58.22 -6.42 -27.63
N THR E 210 57.70 -6.60 -28.85
CA THR E 210 58.56 -6.70 -30.02
C THR E 210 59.28 -5.39 -30.28
N LYS E 211 58.60 -4.25 -30.10
CA LYS E 211 59.24 -2.96 -30.29
C LYS E 211 60.37 -2.75 -29.29
N GLU E 212 60.14 -3.09 -28.03
CA GLU E 212 61.18 -2.95 -27.02
C GLU E 212 62.36 -3.87 -27.34
N LEU E 213 62.08 -5.11 -27.74
CA LEU E 213 63.16 -6.04 -28.07
C LEU E 213 63.97 -5.52 -29.25
N GLN E 214 63.31 -5.03 -30.30
CA GLN E 214 64.05 -4.58 -31.48
C GLN E 214 64.84 -3.32 -31.17
N LYS E 215 64.30 -2.41 -30.36
CA LYS E 215 65.05 -1.20 -30.03
C LYS E 215 66.27 -1.53 -29.15
N GLN E 216 66.12 -2.48 -28.23
CA GLN E 216 67.28 -2.86 -27.40
C GLN E 216 68.32 -3.59 -28.24
N ILE E 217 67.88 -4.40 -29.21
CA ILE E 217 68.83 -5.05 -30.12
C ILE E 217 69.58 -3.99 -30.93
N THR E 218 68.87 -3.00 -31.44
CA THR E 218 69.50 -1.94 -32.22
C THR E 218 70.50 -1.15 -31.39
N LYS E 219 70.15 -0.83 -30.14
CA LYS E 219 71.06 -0.07 -29.29
C LYS E 219 72.22 -0.91 -28.77
N ILE E 220 72.10 -2.24 -28.78
CA ILE E 220 73.19 -3.08 -28.29
C ILE E 220 74.15 -3.43 -29.43
N GLN E 221 73.65 -3.60 -30.65
CA GLN E 221 74.47 -4.12 -31.74
C GLN E 221 75.54 -3.15 -32.21
N ASN E 222 75.56 -1.91 -31.71
CA ASN E 222 76.50 -0.91 -32.20
C ASN E 222 77.95 -1.24 -31.88
N PHE E 223 78.21 -2.17 -30.96
CA PHE E 223 79.57 -2.51 -30.59
C PHE E 223 80.17 -3.48 -31.61
N ARG E 224 81.51 -3.52 -31.64
CA ARG E 224 82.25 -4.42 -32.51
C ARG E 224 83.15 -5.31 -31.65
N VAL E 225 83.21 -6.59 -31.99
CA VAL E 225 83.90 -7.57 -31.16
C VAL E 225 85.06 -8.18 -31.94
N TYR E 226 86.04 -8.66 -31.17
CA TYR E 226 87.17 -9.43 -31.70
C TYR E 226 87.42 -10.59 -30.76
N TYR E 227 87.41 -11.81 -31.31
CA TYR E 227 87.53 -13.02 -30.51
C TYR E 227 88.81 -13.78 -30.85
N ARG E 228 89.23 -14.63 -29.91
CA ARG E 228 90.40 -15.47 -30.09
C ARG E 228 89.96 -16.89 -30.40
N ASP E 229 90.53 -17.47 -31.45
CA ASP E 229 90.26 -18.86 -31.80
C ASP E 229 91.03 -19.80 -30.86
N SER E 230 90.58 -21.06 -30.84
CA SER E 230 91.11 -22.02 -29.88
C SER E 230 92.53 -22.46 -30.21
N ARG E 231 92.99 -22.28 -31.45
CA ARG E 231 94.30 -22.76 -31.87
C ARG E 231 95.34 -21.66 -32.00
N ASP E 232 94.93 -20.40 -32.15
CA ASP E 232 95.85 -19.30 -32.34
C ASP E 232 95.51 -18.15 -31.41
N PRO E 233 96.49 -17.33 -31.03
CA PRO E 233 96.20 -16.14 -30.22
C PRO E 233 95.74 -14.93 -31.01
N VAL E 234 95.47 -15.08 -32.31
CA VAL E 234 95.04 -13.94 -33.12
C VAL E 234 93.60 -13.56 -32.77
N TRP E 235 93.25 -12.33 -33.12
CA TRP E 235 91.92 -11.77 -32.88
C TRP E 235 91.23 -11.57 -34.22
N LYS E 236 90.22 -12.38 -34.51
CA LYS E 236 89.45 -12.27 -35.74
C LYS E 236 88.25 -11.36 -35.55
N GLY E 237 87.85 -10.72 -36.64
CA GLY E 237 86.71 -9.82 -36.62
C GLY E 237 86.75 -8.81 -37.75
N PRO E 238 85.97 -7.74 -37.63
CA PRO E 238 85.04 -7.43 -36.53
C PRO E 238 83.69 -8.13 -36.69
N ALA E 239 83.40 -9.09 -35.82
CA ALA E 239 82.12 -9.79 -35.88
C ALA E 239 81.02 -8.94 -35.25
N LYS E 240 79.78 -9.26 -35.61
CA LYS E 240 78.63 -8.56 -35.07
C LYS E 240 78.28 -9.10 -33.68
N LEU E 241 77.92 -8.20 -32.78
CA LEU E 241 77.56 -8.59 -31.42
C LEU E 241 76.09 -9.03 -31.39
N LEU E 242 75.85 -10.21 -30.85
CA LEU E 242 74.49 -10.75 -30.77
C LEU E 242 74.00 -10.89 -29.33
N TRP E 243 74.74 -11.62 -28.48
CA TRP E 243 74.26 -11.85 -27.12
C TRP E 243 75.46 -11.90 -26.17
N LYS E 244 75.21 -11.50 -24.92
CA LYS E 244 76.22 -11.55 -23.87
C LYS E 244 75.66 -12.26 -22.65
N GLY E 245 76.51 -13.02 -21.98
CA GLY E 245 76.09 -13.75 -20.80
C GLY E 245 76.85 -15.04 -20.59
N GLU E 246 76.65 -15.67 -19.43
CA GLU E 246 77.33 -16.90 -19.05
C GLU E 246 78.85 -16.75 -19.08
N GLY E 247 79.35 -15.54 -18.80
CA GLY E 247 80.77 -15.28 -18.92
C GLY E 247 81.30 -15.45 -20.33
N ALA E 248 80.48 -15.14 -21.33
CA ALA E 248 80.86 -15.34 -22.72
C ALA E 248 80.00 -14.42 -23.60
N VAL E 249 80.29 -14.44 -24.89
CA VAL E 249 79.57 -13.63 -25.86
C VAL E 249 79.30 -14.49 -27.10
N VAL E 250 78.06 -14.48 -27.57
CA VAL E 250 77.66 -15.17 -28.79
C VAL E 250 77.61 -14.14 -29.90
N ILE E 251 78.37 -14.39 -30.97
CA ILE E 251 78.54 -13.46 -32.08
C ILE E 251 78.40 -14.22 -33.39
N GLN E 252 78.48 -13.49 -34.49
CA GLN E 252 78.33 -14.08 -35.82
C GLN E 252 79.27 -13.38 -36.79
N ASP E 253 79.84 -14.16 -37.69
CA ASP E 253 80.66 -13.64 -38.78
C ASP E 253 80.54 -14.58 -39.97
N ASN E 254 80.51 -14.00 -41.18
CA ASN E 254 80.38 -14.76 -42.42
C ASN E 254 79.15 -15.67 -42.37
N SER E 255 78.05 -15.15 -41.82
CA SER E 255 76.79 -15.87 -41.68
C SER E 255 76.92 -17.14 -40.86
N ASP E 256 77.93 -17.21 -39.99
CA ASP E 256 78.14 -18.35 -39.10
C ASP E 256 78.22 -17.84 -37.67
N ILE E 257 77.46 -18.47 -36.78
CA ILE E 257 77.32 -18.03 -35.39
C ILE E 257 78.21 -18.89 -34.50
N LYS E 258 79.00 -18.23 -33.65
CA LYS E 258 79.84 -18.91 -32.68
C LYS E 258 79.68 -18.26 -31.31
N VAL E 259 80.24 -18.92 -30.30
CA VAL E 259 80.24 -18.43 -28.93
C VAL E 259 81.68 -18.46 -28.41
N VAL E 260 82.13 -17.34 -27.85
CA VAL E 260 83.50 -17.20 -27.39
C VAL E 260 83.51 -16.70 -25.95
N PRO E 261 84.32 -17.26 -25.06
CA PRO E 261 84.36 -16.77 -23.68
C PRO E 261 84.77 -15.31 -23.61
N ARG E 262 84.25 -14.62 -22.59
CA ARG E 262 84.48 -13.18 -22.47
C ARG E 262 85.95 -12.85 -22.30
N ARG E 263 86.69 -13.71 -21.59
CA ARG E 263 88.12 -13.47 -21.41
C ARG E 263 88.87 -13.51 -22.73
N LYS E 264 88.48 -14.40 -23.64
CA LYS E 264 89.10 -14.50 -24.96
C LYS E 264 88.44 -13.58 -25.99
N ALA E 265 87.73 -12.54 -25.55
CA ALA E 265 87.06 -11.62 -26.45
C ALA E 265 87.28 -10.19 -25.98
N LYS E 266 87.20 -9.26 -26.93
CA LYS E 266 87.33 -7.83 -26.64
C LYS E 266 86.26 -7.07 -27.40
N ILE E 267 85.63 -6.11 -26.74
CA ILE E 267 84.55 -5.34 -27.33
C ILE E 267 84.97 -3.88 -27.42
N ILE E 268 84.47 -3.20 -28.44
CA ILE E 268 84.73 -1.78 -28.66
C ILE E 268 83.42 -1.07 -28.98
N PHE F 1 68.72 9.16 -32.25
CA PHE F 1 69.75 10.14 -31.90
C PHE F 1 70.21 10.90 -33.13
N LEU F 2 70.06 10.29 -34.30
CA LEU F 2 70.43 10.92 -35.55
C LEU F 2 69.51 12.09 -35.86
N ASP F 3 69.96 13.31 -35.59
CA ASP F 3 69.20 14.54 -35.72
C ASP F 3 67.95 14.56 -34.84
N GLY F 4 67.88 13.67 -33.85
CA GLY F 4 66.72 13.60 -32.98
C GLY F 4 66.64 14.71 -31.95
N ILE F 5 67.70 15.52 -31.81
CA ILE F 5 67.66 16.64 -30.88
C ILE F 5 66.64 17.66 -31.33
N ASP F 6 66.58 17.94 -32.63
CA ASP F 6 65.61 18.89 -33.16
C ASP F 6 64.18 18.38 -32.94
N LYS F 7 63.94 17.10 -33.19
CA LYS F 7 62.62 16.54 -32.94
C LYS F 7 62.27 16.58 -31.45
N ALA F 8 63.25 16.31 -30.58
CA ALA F 8 63.01 16.37 -29.15
C ALA F 8 62.63 17.78 -28.72
N GLN F 9 63.33 18.78 -29.25
CA GLN F 9 62.98 20.16 -28.92
C GLN F 9 61.61 20.55 -29.45
N GLU F 10 61.31 20.17 -30.70
CA GLU F 10 60.03 20.55 -31.30
C GLU F 10 58.86 19.83 -30.63
N GLU F 11 59.09 18.67 -30.04
CA GLU F 11 58.04 17.97 -29.32
C GLU F 11 57.96 18.39 -27.86
N HIS F 12 59.06 18.85 -27.27
CA HIS F 12 59.03 19.36 -25.90
C HIS F 12 58.43 20.75 -25.83
N GLU F 13 58.54 21.54 -26.91
CA GLU F 13 57.87 22.83 -26.94
C GLU F 13 56.36 22.68 -26.89
N LYS F 14 55.83 21.51 -27.25
CA LYS F 14 54.41 21.25 -27.27
C LYS F 14 53.92 20.37 -26.13
N TYR F 15 54.73 19.40 -25.71
CA TYR F 15 54.37 18.48 -24.63
C TYR F 15 54.94 18.86 -23.27
N HIS F 16 56.15 19.40 -23.23
CA HIS F 16 56.88 19.64 -21.98
C HIS F 16 57.00 18.35 -21.18
N SER F 17 57.39 17.26 -21.86
CA SER F 17 57.47 15.95 -21.24
C SER F 17 58.72 15.85 -20.37
N ASN F 18 58.75 14.81 -19.54
CA ASN F 18 59.88 14.56 -18.67
C ASN F 18 61.08 14.07 -19.47
N TRP F 19 62.27 14.25 -18.90
CA TRP F 19 63.51 13.94 -19.62
C TRP F 19 63.61 12.46 -19.96
N ARG F 20 63.19 11.58 -19.04
CA ARG F 20 63.31 10.15 -19.28
C ARG F 20 62.43 9.71 -20.45
N ALA F 21 61.29 10.35 -20.64
CA ALA F 21 60.43 10.01 -21.78
C ALA F 21 61.15 10.30 -23.10
N MET F 22 61.79 11.47 -23.20
CA MET F 22 62.55 11.79 -24.40
C MET F 22 63.73 10.83 -24.57
N ALA F 23 64.40 10.49 -23.48
CA ALA F 23 65.54 9.58 -23.55
C ALA F 23 65.12 8.22 -24.08
N SER F 24 64.01 7.68 -23.56
CA SER F 24 63.58 6.35 -23.96
C SER F 24 62.99 6.35 -25.36
N ASP F 25 62.12 7.32 -25.67
CA ASP F 25 61.40 7.30 -26.94
C ASP F 25 62.31 7.63 -28.12
N PHE F 26 63.13 8.68 -27.98
CA PHE F 26 63.92 9.19 -29.09
C PHE F 26 65.36 8.70 -29.09
N ASN F 27 65.73 7.85 -28.12
CA ASN F 27 67.09 7.33 -27.98
C ASN F 27 68.11 8.48 -27.84
N LEU F 28 67.94 9.21 -26.74
CA LEU F 28 68.83 10.30 -26.37
C LEU F 28 69.45 10.01 -25.00
N PRO F 29 70.67 10.47 -24.76
CA PRO F 29 71.26 10.32 -23.43
C PRO F 29 70.50 11.13 -22.42
N PRO F 30 70.48 10.69 -21.16
CA PRO F 30 69.71 11.44 -20.14
C PRO F 30 70.19 12.85 -19.91
N VAL F 31 71.48 13.13 -20.11
CA VAL F 31 72.01 14.46 -19.82
C VAL F 31 71.39 15.50 -20.75
N VAL F 32 71.35 15.21 -22.05
CA VAL F 32 70.78 16.17 -23.00
C VAL F 32 69.28 16.31 -22.78
N ALA F 33 68.60 15.23 -22.39
CA ALA F 33 67.17 15.32 -22.10
C ALA F 33 66.92 16.23 -20.90
N LYS F 34 67.74 16.10 -19.84
CA LYS F 34 67.61 16.98 -18.70
C LYS F 34 67.91 18.43 -19.08
N GLU F 35 68.89 18.64 -19.95
CA GLU F 35 69.18 19.98 -20.43
C GLU F 35 68.00 20.56 -21.21
N ILE F 36 67.35 19.73 -22.04
CA ILE F 36 66.17 20.18 -22.78
C ILE F 36 65.05 20.55 -21.81
N VAL F 37 64.84 19.73 -20.77
CA VAL F 37 63.81 20.03 -19.79
C VAL F 37 64.13 21.34 -19.07
N ALA F 38 65.40 21.55 -18.71
CA ALA F 38 65.79 22.77 -18.00
C ALA F 38 65.60 24.00 -18.88
N SER F 39 65.93 23.89 -20.17
CA SER F 39 65.84 25.02 -21.08
C SER F 39 64.41 25.50 -21.30
N CYS F 40 63.42 24.67 -21.00
CA CYS F 40 62.02 25.08 -21.12
C CYS F 40 61.67 26.01 -19.98
N ASP F 41 61.04 27.15 -20.31
CA ASP F 41 60.67 28.12 -19.29
C ASP F 41 59.46 27.67 -18.47
N LYS F 42 58.68 26.71 -18.97
CA LYS F 42 57.52 26.21 -18.25
C LYS F 42 57.82 24.99 -17.39
N CYS F 43 59.07 24.55 -17.36
CA CYS F 43 59.46 23.38 -16.57
C CYS F 43 60.68 23.74 -15.71
N GLN F 44 60.74 23.12 -14.53
CA GLN F 44 61.86 23.36 -13.61
C GLN F 44 62.67 22.09 -13.40
N CYS F 56 47.62 -5.04 -5.96
CA CYS F 56 46.17 -4.97 -6.04
C CYS F 56 45.65 -5.62 -7.31
N SER F 57 44.39 -6.08 -7.26
CA SER F 57 43.76 -6.66 -8.43
C SER F 57 43.49 -5.58 -9.48
N PRO F 58 43.39 -5.96 -10.75
CA PRO F 58 43.11 -4.96 -11.80
C PRO F 58 41.78 -4.26 -11.64
N GLY F 59 40.84 -4.85 -10.89
CA GLY F 59 39.56 -4.23 -10.68
C GLY F 59 39.52 -3.14 -9.62
N ILE F 60 40.63 -2.88 -8.94
CA ILE F 60 40.67 -1.87 -7.89
C ILE F 60 40.72 -0.50 -8.57
N TRP F 61 39.57 0.18 -8.60
CA TRP F 61 39.45 1.51 -9.19
C TRP F 61 38.88 2.46 -8.16
N GLN F 62 39.45 3.66 -8.07
CA GLN F 62 39.03 4.67 -7.11
C GLN F 62 38.51 5.90 -7.84
N LEU F 63 37.29 6.32 -7.53
CA LEU F 63 36.66 7.48 -8.12
C LEU F 63 36.50 8.57 -7.08
N ASN F 64 36.81 9.81 -7.46
CA ASN F 64 36.74 10.93 -6.54
C ASN F 64 36.28 12.18 -7.28
N CYS F 65 35.81 13.15 -6.51
CA CYS F 65 35.32 14.42 -7.02
C CYS F 65 36.24 15.54 -6.57
N THR F 66 36.59 16.45 -7.49
CA THR F 66 37.45 17.58 -7.21
C THR F 66 36.81 18.85 -7.76
N HIS F 67 37.28 19.99 -7.27
CA HIS F 67 36.78 21.29 -7.67
C HIS F 67 37.89 22.07 -8.34
N LEU F 68 37.60 22.63 -9.51
CA LEU F 68 38.58 23.38 -10.30
C LEU F 68 37.87 24.54 -10.98
N GLU F 69 38.22 25.76 -10.60
CA GLU F 69 37.69 26.99 -11.19
C GLU F 69 36.16 26.99 -11.18
N GLY F 70 35.59 26.56 -10.06
CA GLY F 70 34.15 26.52 -9.93
C GLY F 70 33.46 25.42 -10.70
N LYS F 71 34.21 24.39 -11.10
CA LYS F 71 33.65 23.26 -11.84
C LYS F 71 33.94 21.97 -11.08
N VAL F 72 32.99 21.05 -11.10
CA VAL F 72 33.14 19.76 -10.45
C VAL F 72 33.67 18.77 -11.48
N ILE F 73 34.70 18.01 -11.11
CA ILE F 73 35.31 17.03 -12.00
C ILE F 73 35.35 15.68 -11.29
N LEU F 74 34.84 14.65 -11.95
CA LEU F 74 34.93 13.29 -11.44
C LEU F 74 36.10 12.59 -12.14
N VAL F 75 37.02 12.05 -11.34
CA VAL F 75 38.22 11.41 -11.85
C VAL F 75 38.33 10.02 -11.25
N ALA F 76 38.55 9.03 -12.10
CA ALA F 76 38.74 7.64 -11.70
C ALA F 76 40.17 7.21 -12.03
N VAL F 77 40.76 6.44 -11.11
CA VAL F 77 42.15 6.03 -11.21
C VAL F 77 42.23 4.52 -10.96
N HIS F 78 42.98 3.83 -11.83
CA HIS F 78 43.34 2.43 -11.61
C HIS F 78 44.47 2.38 -10.59
N VAL F 79 44.19 1.79 -9.43
CA VAL F 79 45.16 1.83 -8.32
C VAL F 79 46.42 1.05 -8.66
N ALA F 80 46.26 -0.14 -9.26
CA ALA F 80 47.39 -1.03 -9.47
C ALA F 80 48.24 -0.67 -10.69
N SER F 81 47.82 0.30 -11.50
CA SER F 81 48.57 0.65 -12.70
C SER F 81 48.76 2.15 -12.91
N GLY F 82 48.04 3.00 -12.19
CA GLY F 82 48.19 4.44 -12.34
C GLY F 82 47.43 5.06 -13.48
N TYR F 83 46.58 4.30 -14.18
CA TYR F 83 45.80 4.86 -15.27
C TYR F 83 44.79 5.87 -14.72
N ILE F 84 44.49 6.90 -15.52
CA ILE F 84 43.63 7.98 -15.09
C ILE F 84 42.53 8.21 -16.13
N GLU F 85 41.41 8.75 -15.67
CA GLU F 85 40.33 9.16 -16.57
C GLU F 85 39.46 10.17 -15.84
N ALA F 86 39.42 11.41 -16.33
CA ALA F 86 38.70 12.48 -15.67
C ALA F 86 37.69 13.11 -16.63
N GLU F 87 36.59 13.59 -16.05
CA GLU F 87 35.55 14.26 -16.84
C GLU F 87 34.89 15.30 -15.96
N VAL F 88 34.70 16.51 -16.49
CA VAL F 88 34.09 17.60 -15.75
C VAL F 88 32.58 17.49 -15.87
N ILE F 89 31.91 17.22 -14.76
CA ILE F 89 30.45 17.10 -14.75
C ILE F 89 29.85 18.51 -14.75
N PRO F 90 28.88 18.81 -15.62
CA PRO F 90 28.37 20.19 -15.67
C PRO F 90 27.57 20.57 -14.44
N ALA F 91 26.62 19.75 -14.01
CA ALA F 91 25.84 19.98 -12.81
C ALA F 91 25.93 18.75 -11.92
N GLU F 92 26.27 18.97 -10.66
CA GLU F 92 26.57 17.86 -9.73
C GLU F 92 25.30 17.06 -9.49
N THR F 93 25.25 15.87 -10.10
CA THR F 93 24.11 14.97 -9.96
C THR F 93 24.61 13.54 -10.11
N GLY F 94 23.86 12.59 -9.54
CA GLY F 94 24.25 11.20 -9.60
C GLY F 94 24.10 10.57 -10.97
N GLN F 95 23.26 11.15 -11.83
CA GLN F 95 23.05 10.58 -13.16
C GLN F 95 24.33 10.63 -13.98
N GLU F 96 25.05 11.75 -13.95
CA GLU F 96 26.32 11.83 -14.67
C GLU F 96 27.39 10.95 -14.03
N THR F 97 27.36 10.79 -12.71
CA THR F 97 28.28 9.86 -12.06
C THR F 97 28.05 8.44 -12.56
N ALA F 98 26.77 8.03 -12.65
CA ALA F 98 26.45 6.72 -13.18
C ALA F 98 26.84 6.59 -14.65
N TYR F 99 26.66 7.66 -15.43
CA TYR F 99 27.07 7.63 -16.83
C TYR F 99 28.58 7.41 -16.95
N PHE F 100 29.36 8.14 -16.15
CA PHE F 100 30.81 7.97 -16.17
C PHE F 100 31.19 6.55 -15.73
N LEU F 101 30.51 6.03 -14.70
CA LEU F 101 30.81 4.68 -14.23
C LEU F 101 30.54 3.64 -15.31
N LEU F 102 29.40 3.76 -16.00
CA LEU F 102 29.10 2.78 -17.04
C LEU F 102 30.02 2.94 -18.25
N LYS F 103 30.44 4.17 -18.56
CA LYS F 103 31.40 4.36 -19.64
C LYS F 103 32.75 3.71 -19.30
N LEU F 104 33.23 3.92 -18.07
CA LEU F 104 34.51 3.32 -17.70
C LEU F 104 34.39 1.79 -17.57
N ALA F 105 33.21 1.29 -17.22
CA ALA F 105 32.99 -0.16 -17.24
C ALA F 105 33.01 -0.70 -18.66
N GLY F 106 32.40 0.03 -19.60
CA GLY F 106 32.40 -0.38 -20.99
C GLY F 106 33.76 -0.26 -21.66
N ARG F 107 34.64 0.59 -21.12
CA ARG F 107 35.98 0.73 -21.66
C ARG F 107 37.02 -0.11 -20.91
N TRP F 108 36.75 -0.50 -19.67
CA TRP F 108 37.71 -1.29 -18.90
C TRP F 108 36.96 -2.17 -17.92
N PRO F 109 37.45 -3.39 -17.68
CA PRO F 109 36.82 -4.28 -16.68
C PRO F 109 37.16 -3.83 -15.26
N VAL F 110 36.13 -3.58 -14.47
CA VAL F 110 36.28 -3.14 -13.09
C VAL F 110 35.47 -4.07 -12.20
N LYS F 111 36.08 -4.53 -11.11
CA LYS F 111 35.40 -5.43 -10.17
C LYS F 111 35.10 -4.79 -8.82
N THR F 112 35.78 -3.71 -8.46
CA THR F 112 35.57 -3.05 -7.17
C THR F 112 35.59 -1.54 -7.37
N VAL F 113 34.85 -0.84 -6.53
CA VAL F 113 34.76 0.62 -6.54
C VAL F 113 35.10 1.13 -5.16
N HIS F 114 36.03 2.09 -5.09
CA HIS F 114 36.46 2.71 -3.84
C HIS F 114 36.07 4.19 -3.87
N THR F 115 34.93 4.51 -3.27
CA THR F 115 34.43 5.88 -3.19
C THR F 115 34.05 6.20 -1.76
N ASN F 116 33.63 7.45 -1.54
CA ASN F 116 33.21 7.91 -0.23
C ASN F 116 31.69 7.69 -0.10
N ASN F 117 31.10 8.18 0.99
CA ASN F 117 29.67 8.02 1.25
C ASN F 117 28.88 9.25 0.81
N GLY F 118 29.27 9.86 -0.31
CA GLY F 118 28.55 11.02 -0.80
C GLY F 118 27.18 10.65 -1.32
N SER F 119 26.31 11.66 -1.42
CA SER F 119 24.97 11.44 -1.94
C SER F 119 25.01 11.00 -3.40
N ASN F 120 25.86 11.62 -4.21
CA ASN F 120 25.96 11.25 -5.61
C ASN F 120 26.55 9.85 -5.77
N PHE F 121 27.49 9.46 -4.90
CA PHE F 121 28.05 8.13 -4.96
C PHE F 121 27.01 7.06 -4.64
N THR F 122 26.00 7.41 -3.86
CA THR F 122 24.93 6.49 -3.47
C THR F 122 23.63 6.84 -4.18
N SER F 123 23.72 7.35 -5.40
CA SER F 123 22.54 7.71 -6.16
C SER F 123 21.83 6.46 -6.66
N THR F 124 20.54 6.62 -7.01
CA THR F 124 19.76 5.50 -7.52
C THR F 124 20.33 5.00 -8.84
N THR F 125 20.69 5.91 -9.74
CA THR F 125 21.24 5.50 -11.03
C THR F 125 22.60 4.85 -10.86
N VAL F 126 23.43 5.38 -9.96
CA VAL F 126 24.74 4.80 -9.72
C VAL F 126 24.60 3.38 -9.17
N LYS F 127 23.71 3.20 -8.20
CA LYS F 127 23.48 1.87 -7.65
C LYS F 127 22.95 0.91 -8.70
N ALA F 128 22.02 1.38 -9.54
CA ALA F 128 21.49 0.53 -10.60
C ALA F 128 22.59 0.12 -11.58
N ALA F 129 23.45 1.06 -11.96
CA ALA F 129 24.54 0.75 -12.88
C ALA F 129 25.53 -0.23 -12.26
N CYS F 130 25.88 -0.03 -10.98
CA CYS F 130 26.86 -0.91 -10.35
C CYS F 130 26.29 -2.31 -10.13
N TRP F 131 24.98 -2.41 -9.86
CA TRP F 131 24.36 -3.72 -9.76
C TRP F 131 24.26 -4.40 -11.12
N TRP F 132 24.01 -3.61 -12.16
CA TRP F 132 23.95 -4.15 -13.51
C TRP F 132 25.31 -4.69 -13.95
N ALA F 133 26.38 -3.95 -13.63
CA ALA F 133 27.73 -4.38 -13.98
C ALA F 133 28.28 -5.43 -13.02
N GLY F 134 27.60 -5.71 -11.91
CA GLY F 134 28.09 -6.68 -10.96
C GLY F 134 29.35 -6.27 -10.24
N ILE F 135 29.57 -4.98 -10.05
CA ILE F 135 30.80 -4.49 -9.44
C ILE F 135 30.60 -4.36 -7.94
N LYS F 136 31.54 -4.92 -7.18
CA LYS F 136 31.53 -4.79 -5.73
C LYS F 136 31.72 -3.32 -5.34
N GLN F 137 30.98 -2.88 -4.32
CA GLN F 137 31.04 -1.51 -3.85
C GLN F 137 31.60 -1.47 -2.44
N GLU F 138 32.58 -0.60 -2.22
CA GLU F 138 33.23 -0.46 -0.92
C GLU F 138 33.33 1.02 -0.60
N PHE F 139 32.59 1.46 0.42
CA PHE F 139 32.59 2.87 0.83
C PHE F 139 33.62 3.08 1.94
N GLY F 140 34.43 4.12 1.78
CA GLY F 140 35.45 4.42 2.76
C GLY F 140 36.77 3.72 2.47
N ILE F 141 37.86 4.50 2.43
CA ILE F 141 39.17 3.94 2.15
C ILE F 141 40.12 4.23 3.31
N SER F 147 47.47 4.53 0.35
CA SER F 147 46.94 4.38 -1.01
C SER F 147 46.41 5.71 -1.54
N GLN F 148 45.77 6.48 -0.65
CA GLN F 148 45.22 7.77 -1.05
C GLN F 148 46.32 8.77 -1.38
N GLY F 149 47.54 8.55 -0.87
CA GLY F 149 48.65 9.43 -1.21
C GLY F 149 48.99 9.41 -2.68
N VAL F 150 48.92 8.24 -3.31
CA VAL F 150 49.14 8.15 -4.75
C VAL F 150 48.07 8.92 -5.50
N ILE F 151 46.82 8.83 -5.05
CA ILE F 151 45.73 9.57 -5.68
C ILE F 151 45.99 11.07 -5.57
N GLU F 152 46.41 11.53 -4.39
CA GLU F 152 46.67 12.95 -4.20
C GLU F 152 47.84 13.42 -5.05
N SER F 153 48.91 12.61 -5.14
CA SER F 153 50.05 13.00 -5.96
C SER F 153 49.68 13.07 -7.43
N MET F 154 48.89 12.10 -7.91
CA MET F 154 48.41 12.17 -9.29
C MET F 154 47.51 13.37 -9.51
N ASN F 155 46.68 13.71 -8.51
CA ASN F 155 45.82 14.88 -8.64
C ASN F 155 46.65 16.16 -8.75
N LYS F 156 47.68 16.30 -7.92
CA LYS F 156 48.50 17.51 -8.00
C LYS F 156 49.29 17.55 -9.30
N GLU F 157 49.73 16.39 -9.80
CA GLU F 157 50.46 16.36 -11.06
C GLU F 157 49.54 16.73 -12.23
N LEU F 158 48.29 16.25 -12.21
CA LEU F 158 47.36 16.64 -13.25
C LEU F 158 47.02 18.12 -13.15
N LYS F 159 46.92 18.65 -11.92
CA LYS F 159 46.68 20.08 -11.76
C LYS F 159 47.82 20.90 -12.34
N LYS F 160 49.07 20.50 -12.09
CA LYS F 160 50.19 21.27 -12.61
C LYS F 160 50.32 21.15 -14.13
N ILE F 161 50.04 19.97 -14.69
CA ILE F 161 50.08 19.88 -16.16
C ILE F 161 48.92 20.67 -16.78
N ILE F 162 47.76 20.70 -16.12
CA ILE F 162 46.66 21.53 -16.59
C ILE F 162 47.07 23.00 -16.58
N GLY F 163 47.74 23.44 -15.52
CA GLY F 163 48.24 24.80 -15.48
C GLY F 163 49.23 25.08 -16.58
N GLN F 164 50.10 24.11 -16.88
CA GLN F 164 51.08 24.29 -17.95
C GLN F 164 50.41 24.42 -19.31
N VAL F 165 49.39 23.60 -19.59
CA VAL F 165 48.79 23.56 -20.92
C VAL F 165 47.64 24.54 -21.10
N ARG F 166 47.15 25.16 -20.01
CA ARG F 166 46.02 26.07 -20.11
C ARG F 166 46.31 27.28 -21.00
N ASP F 167 47.58 27.63 -21.19
CA ASP F 167 47.91 28.77 -22.04
C ASP F 167 47.51 28.51 -23.50
N GLN F 168 47.55 27.25 -23.92
CA GLN F 168 47.19 26.88 -25.28
C GLN F 168 45.83 26.18 -25.36
N ALA F 169 44.99 26.34 -24.35
CA ALA F 169 43.69 25.69 -24.29
C ALA F 169 42.59 26.75 -24.32
N GLU F 170 41.50 26.45 -25.02
CA GLU F 170 40.37 27.37 -25.13
C GLU F 170 39.28 27.09 -24.09
N HIS F 171 38.97 25.82 -23.86
CA HIS F 171 37.93 25.43 -22.92
C HIS F 171 38.49 24.43 -21.92
N LEU F 172 37.71 24.16 -20.87
CA LEU F 172 38.18 23.31 -19.79
C LEU F 172 38.22 21.84 -20.21
N LYS F 173 37.24 21.40 -20.99
CA LYS F 173 37.18 20.00 -21.40
C LYS F 173 38.40 19.62 -22.23
N THR F 174 38.77 20.48 -23.19
CA THR F 174 39.92 20.20 -24.03
C THR F 174 41.20 20.16 -23.20
N ALA F 175 41.33 21.09 -22.25
CA ALA F 175 42.50 21.10 -21.37
C ALA F 175 42.59 19.84 -20.53
N VAL F 176 41.46 19.40 -19.96
CA VAL F 176 41.46 18.18 -19.15
C VAL F 176 41.84 16.97 -19.99
N GLN F 177 41.26 16.87 -21.20
CA GLN F 177 41.60 15.74 -22.06
C GLN F 177 43.06 15.77 -22.50
N MET F 178 43.60 16.96 -22.78
CA MET F 178 45.01 17.08 -23.11
C MET F 178 45.88 16.64 -21.94
N ALA F 179 45.51 17.04 -20.72
CA ALA F 179 46.27 16.64 -19.55
C ALA F 179 46.24 15.13 -19.36
N VAL F 180 45.07 14.51 -19.56
CA VAL F 180 44.96 13.06 -19.43
C VAL F 180 45.83 12.37 -20.49
N PHE F 181 45.76 12.88 -21.72
CA PHE F 181 46.54 12.30 -22.82
C PHE F 181 48.04 12.40 -22.55
N ILE F 182 48.49 13.53 -22.01
CA ILE F 182 49.91 13.69 -21.71
C ILE F 182 50.32 12.80 -20.54
N HIS F 183 49.47 12.71 -19.51
CA HIS F 183 49.85 11.96 -18.31
C HIS F 183 49.89 10.46 -18.57
N ASN F 184 48.91 9.94 -19.31
CA ASN F 184 48.80 8.49 -19.46
C ASN F 184 49.85 7.91 -20.40
N PHE F 185 50.35 8.70 -21.35
CA PHE F 185 51.29 8.19 -22.35
C PHE F 185 52.65 8.87 -22.30
N LYS F 186 52.68 10.20 -22.23
CA LYS F 186 53.93 10.96 -22.27
C LYS F 186 54.57 11.12 -20.90
N ARG F 187 54.28 10.23 -19.96
CA ARG F 187 54.90 10.27 -18.64
C ARG F 187 55.33 8.87 -18.24
N LYS F 188 56.63 8.68 -18.05
CA LYS F 188 57.18 7.41 -17.59
C LYS F 188 56.92 7.27 -16.09
N GLY F 189 56.46 6.09 -15.69
CA GLY F 189 56.05 5.87 -14.32
C GLY F 189 57.18 5.53 -13.38
N GLY F 190 57.02 4.48 -12.59
CA GLY F 190 57.98 4.10 -11.59
C GLY F 190 58.93 3.00 -12.03
N ILE F 191 58.69 1.78 -11.53
CA ILE F 191 59.57 0.66 -11.83
C ILE F 191 59.56 0.39 -13.34
N GLY F 192 60.75 0.41 -13.94
CA GLY F 192 60.91 0.15 -15.35
C GLY F 192 60.71 1.33 -16.26
N GLY F 193 60.29 2.49 -15.73
CA GLY F 193 60.06 3.65 -16.56
C GLY F 193 58.97 3.44 -17.59
N TYR F 194 57.84 2.86 -17.17
CA TYR F 194 56.74 2.55 -18.06
C TYR F 194 55.53 3.42 -17.71
N SER F 195 54.87 3.94 -18.74
CA SER F 195 53.71 4.80 -18.55
C SER F 195 52.54 4.01 -17.98
N ALA F 196 51.49 4.74 -17.59
CA ALA F 196 50.31 4.10 -17.01
C ALA F 196 49.66 3.14 -17.99
N GLY F 197 49.54 3.54 -19.26
CA GLY F 197 48.97 2.66 -20.25
C GLY F 197 49.78 1.37 -20.42
N GLU F 198 51.11 1.50 -20.48
CA GLU F 198 51.95 0.32 -20.59
C GLU F 198 51.77 -0.58 -19.37
N ARG F 199 51.73 0.01 -18.17
CA ARG F 199 51.58 -0.78 -16.96
C ARG F 199 50.25 -1.54 -16.95
N ILE F 200 49.15 -0.85 -17.28
CA ILE F 200 47.85 -1.52 -17.23
C ILE F 200 47.75 -2.59 -18.31
N VAL F 201 48.28 -2.32 -19.51
CA VAL F 201 48.27 -3.32 -20.56
C VAL F 201 49.06 -4.55 -20.14
N ASP F 202 50.24 -4.33 -19.57
CA ASP F 202 51.09 -5.44 -19.14
C ASP F 202 50.39 -6.27 -18.06
N ILE F 203 49.80 -5.60 -17.07
CA ILE F 203 49.20 -6.36 -15.96
C ILE F 203 47.98 -7.14 -16.43
N ILE F 204 47.14 -6.54 -17.28
CA ILE F 204 45.96 -7.26 -17.74
C ILE F 204 46.34 -8.41 -18.66
N ALA F 205 47.36 -8.20 -19.51
CA ALA F 205 47.81 -9.29 -20.37
C ALA F 205 48.39 -10.44 -19.56
N THR F 206 49.21 -10.12 -18.55
CA THR F 206 49.78 -11.17 -17.71
C THR F 206 48.68 -11.91 -16.96
N ASP F 207 47.68 -11.19 -16.44
CA ASP F 207 46.58 -11.85 -15.75
C ASP F 207 45.83 -12.79 -16.69
N ILE F 208 45.58 -12.33 -17.92
CA ILE F 208 44.85 -13.16 -18.88
C ILE F 208 45.63 -14.42 -19.21
N GLN F 209 46.92 -14.29 -19.49
CA GLN F 209 47.70 -15.47 -19.87
C GLN F 209 47.86 -16.42 -18.70
N THR F 210 48.06 -15.89 -17.49
CA THR F 210 48.18 -16.75 -16.32
C THR F 210 46.88 -17.50 -16.05
N LYS F 211 45.73 -16.83 -16.15
CA LYS F 211 44.48 -17.54 -15.91
C LYS F 211 44.21 -18.58 -16.99
N GLU F 212 44.56 -18.27 -18.24
CA GLU F 212 44.42 -19.25 -19.32
C GLU F 212 45.26 -20.48 -19.04
N LEU F 213 46.54 -20.30 -18.70
CA LEU F 213 47.41 -21.45 -18.46
C LEU F 213 46.97 -22.22 -17.22
N GLN F 214 46.50 -21.51 -16.19
CA GLN F 214 46.05 -22.18 -14.98
C GLN F 214 44.81 -23.04 -15.26
N LYS F 215 43.87 -22.52 -16.03
CA LYS F 215 42.70 -23.29 -16.41
C LYS F 215 43.00 -24.38 -17.44
N GLN F 216 44.16 -24.31 -18.10
CA GLN F 216 44.49 -25.31 -19.12
C GLN F 216 44.94 -26.63 -18.50
N ILE F 217 45.64 -26.59 -17.37
CA ILE F 217 46.24 -27.79 -16.81
C ILE F 217 45.33 -28.52 -15.83
N THR F 218 44.24 -27.89 -15.39
CA THR F 218 43.37 -28.53 -14.41
C THR F 218 42.72 -29.78 -14.97
N LYS F 219 42.45 -29.81 -16.27
CA LYS F 219 41.84 -30.98 -16.88
C LYS F 219 42.82 -32.13 -17.01
N ILE F 220 44.09 -31.83 -17.26
CA ILE F 220 45.06 -32.87 -17.58
C ILE F 220 45.69 -33.43 -16.31
N GLN F 221 46.39 -32.59 -15.54
CA GLN F 221 47.15 -33.05 -14.39
C GLN F 221 46.23 -33.13 -13.18
N ASN F 222 46.17 -34.31 -12.55
CA ASN F 222 45.40 -34.51 -11.34
C ASN F 222 46.07 -35.64 -10.54
N PHE F 223 46.86 -35.25 -9.55
CA PHE F 223 47.58 -36.19 -8.70
C PHE F 223 47.17 -35.99 -7.24
N ARG F 224 47.26 -37.08 -6.49
CA ARG F 224 46.89 -37.10 -5.08
C ARG F 224 48.14 -37.32 -4.24
N VAL F 225 48.36 -36.43 -3.26
CA VAL F 225 49.55 -36.46 -2.42
C VAL F 225 49.13 -36.61 -0.96
N TYR F 226 49.77 -37.53 -0.26
CA TYR F 226 49.52 -37.75 1.15
C TYR F 226 50.70 -37.22 1.97
N TYR F 227 50.40 -36.44 3.00
CA TYR F 227 51.42 -35.86 3.86
C TYR F 227 51.06 -36.12 5.32
N ARG F 228 52.09 -36.36 6.13
CA ARG F 228 51.95 -36.60 7.56
C ARG F 228 50.98 -37.75 7.85
N LYS F 236 47.17 -37.29 6.44
CA LYS F 236 46.13 -36.39 6.93
C LYS F 236 44.87 -36.48 6.05
N GLY F 237 45.06 -36.28 4.74
CA GLY F 237 43.97 -36.33 3.81
C GLY F 237 44.43 -36.43 2.37
N PRO F 238 43.50 -36.71 1.46
CA PRO F 238 43.85 -36.83 0.02
C PRO F 238 43.95 -35.48 -0.67
N ALA F 239 45.02 -34.74 -0.35
CA ALA F 239 45.25 -33.45 -0.97
C ALA F 239 45.65 -33.63 -2.43
N LYS F 240 45.50 -32.56 -3.20
CA LYS F 240 45.81 -32.56 -4.62
C LYS F 240 47.14 -31.84 -4.86
N LEU F 241 47.95 -32.42 -5.76
CA LEU F 241 49.26 -31.85 -6.05
C LEU F 241 49.12 -30.50 -6.75
N LEU F 242 49.93 -29.54 -6.31
CA LEU F 242 49.95 -28.20 -6.89
C LEU F 242 51.30 -27.85 -7.51
N TRP F 243 52.41 -28.15 -6.83
CA TRP F 243 53.73 -27.90 -7.39
C TRP F 243 54.76 -28.75 -6.66
N LYS F 244 55.52 -29.55 -7.40
CA LYS F 244 56.57 -30.38 -6.84
C LYS F 244 57.90 -30.01 -7.48
N GLY F 245 58.90 -29.75 -6.65
CA GLY F 245 60.22 -29.46 -7.17
C GLY F 245 61.07 -28.72 -6.16
N GLU F 246 62.37 -28.67 -6.45
CA GLU F 246 63.35 -27.97 -5.61
C GLU F 246 63.29 -28.47 -4.17
N GLY F 247 63.05 -29.77 -4.01
CA GLY F 247 62.92 -30.35 -2.69
C GLY F 247 61.76 -29.79 -1.89
N ALA F 248 60.63 -29.50 -2.54
CA ALA F 248 59.49 -28.92 -1.87
C ALA F 248 58.21 -29.32 -2.60
N VAL F 249 57.16 -29.56 -1.82
CA VAL F 249 55.84 -29.91 -2.35
C VAL F 249 54.86 -28.88 -1.80
N VAL F 250 54.28 -28.08 -2.69
CA VAL F 250 53.19 -27.18 -2.34
C VAL F 250 51.89 -27.80 -2.83
N ILE F 251 50.91 -27.90 -1.92
CA ILE F 251 49.63 -28.53 -2.22
C ILE F 251 48.52 -27.70 -1.60
N GLN F 252 47.28 -28.04 -1.94
CA GLN F 252 46.11 -27.39 -1.39
C GLN F 252 45.12 -28.44 -0.92
N ASP F 253 44.58 -28.22 0.28
CA ASP F 253 43.61 -29.13 0.88
C ASP F 253 42.65 -28.31 1.72
N ASN F 254 41.35 -28.57 1.56
CA ASN F 254 40.30 -27.86 2.29
C ASN F 254 40.45 -26.35 2.13
N SER F 255 40.75 -25.93 0.89
CA SER F 255 40.93 -24.52 0.55
C SER F 255 42.05 -23.87 1.37
N ASP F 256 43.06 -24.65 1.75
CA ASP F 256 44.22 -24.13 2.47
C ASP F 256 45.48 -24.63 1.78
N ILE F 257 46.42 -23.72 1.53
CA ILE F 257 47.65 -24.05 0.82
C ILE F 257 48.74 -24.35 1.84
N LYS F 258 49.38 -25.51 1.70
CA LYS F 258 50.44 -25.95 2.59
C LYS F 258 51.69 -26.30 1.81
N VAL F 259 52.84 -25.89 2.34
CA VAL F 259 54.14 -26.17 1.75
C VAL F 259 54.90 -27.11 2.68
N VAL F 260 55.37 -28.23 2.15
CA VAL F 260 56.06 -29.23 2.95
C VAL F 260 57.37 -29.58 2.26
N PRO F 261 58.34 -30.11 3.01
CA PRO F 261 59.57 -30.61 2.39
C PRO F 261 59.30 -31.89 1.62
N ARG F 262 60.30 -32.30 0.84
CA ARG F 262 60.16 -33.50 0.01
C ARG F 262 59.95 -34.73 0.87
N ARG F 263 60.49 -34.74 2.09
CA ARG F 263 60.26 -35.84 3.00
C ARG F 263 58.85 -35.77 3.60
N LYS F 264 58.37 -36.93 4.05
CA LYS F 264 57.02 -37.07 4.60
C LYS F 264 55.97 -36.57 3.60
N ALA F 265 56.09 -37.03 2.36
CA ALA F 265 55.15 -36.66 1.31
C ALA F 265 55.19 -37.73 0.23
N LYS F 266 54.09 -38.42 0.03
CA LYS F 266 53.98 -39.48 -0.96
C LYS F 266 53.07 -39.03 -2.09
N ILE F 267 53.57 -39.12 -3.32
CA ILE F 267 52.84 -38.71 -4.51
C ILE F 267 52.34 -39.96 -5.23
N ILE F 268 51.03 -40.04 -5.45
CA ILE F 268 50.44 -41.20 -6.11
C ILE F 268 49.79 -40.77 -7.42
N PHE G 1 12.69 -46.27 -29.96
CA PHE G 1 11.33 -46.78 -30.03
C PHE G 1 10.36 -45.70 -30.52
N LEU G 2 10.77 -44.44 -30.37
CA LEU G 2 10.00 -43.31 -30.87
C LEU G 2 10.32 -43.12 -32.35
N ASP G 3 9.74 -44.01 -33.16
CA ASP G 3 10.01 -44.12 -34.60
C ASP G 3 11.47 -44.42 -34.88
N GLY G 4 12.21 -44.95 -33.90
CA GLY G 4 13.62 -45.24 -34.09
C GLY G 4 13.89 -46.47 -34.93
N ILE G 5 12.92 -47.38 -35.05
CA ILE G 5 13.13 -48.58 -35.85
C ILE G 5 13.32 -48.23 -37.32
N ASP G 6 12.50 -47.31 -37.84
CA ASP G 6 12.58 -46.96 -39.25
C ASP G 6 13.89 -46.25 -39.57
N LYS G 7 14.28 -45.27 -38.75
CA LYS G 7 15.55 -44.59 -39.00
C LYS G 7 16.72 -45.54 -38.81
N ALA G 8 16.61 -46.47 -37.86
CA ALA G 8 17.67 -47.43 -37.63
C ALA G 8 17.85 -48.35 -38.84
N GLN G 9 16.74 -48.84 -39.40
CA GLN G 9 16.86 -49.70 -40.58
C GLN G 9 17.31 -48.92 -41.80
N GLU G 10 16.92 -47.65 -41.92
CA GLU G 10 17.42 -46.82 -43.01
C GLU G 10 18.93 -46.64 -42.92
N GLU G 11 19.42 -46.26 -41.75
CA GLU G 11 20.87 -46.09 -41.59
C GLU G 11 21.61 -47.43 -41.60
N HIS G 12 20.92 -48.55 -41.38
CA HIS G 12 21.57 -49.85 -41.50
C HIS G 12 21.67 -50.31 -42.94
N GLU G 13 20.65 -50.02 -43.75
CA GLU G 13 20.78 -50.30 -45.18
C GLU G 13 21.67 -49.29 -45.87
N LYS G 14 21.94 -48.15 -45.23
CA LYS G 14 22.84 -47.16 -45.81
C LYS G 14 24.27 -47.32 -45.32
N TYR G 15 24.48 -47.88 -44.11
CA TYR G 15 25.81 -47.93 -43.51
C TYR G 15 26.21 -49.34 -43.12
N HIS G 16 25.25 -50.15 -42.70
CA HIS G 16 25.50 -51.49 -42.15
C HIS G 16 26.40 -51.41 -40.91
N SER G 17 25.87 -50.75 -39.88
CA SER G 17 26.61 -50.49 -38.65
C SER G 17 26.48 -51.68 -37.70
N ASN G 18 27.28 -51.63 -36.64
CA ASN G 18 27.20 -52.62 -35.57
C ASN G 18 25.95 -52.38 -34.73
N TRP G 19 25.45 -53.47 -34.11
CA TRP G 19 24.20 -53.37 -33.37
C TRP G 19 24.36 -52.52 -32.10
N ARG G 20 25.58 -52.43 -31.55
CA ARG G 20 25.80 -51.54 -30.43
C ARG G 20 25.57 -50.09 -30.81
N ALA G 21 25.97 -49.71 -32.03
CA ALA G 21 25.72 -48.34 -32.49
C ALA G 21 24.22 -48.06 -32.58
N MET G 22 23.45 -49.02 -33.10
CA MET G 22 22.00 -48.87 -33.15
C MET G 22 21.41 -48.77 -31.74
N ALA G 23 21.91 -49.58 -30.81
CA ALA G 23 21.39 -49.56 -29.45
C ALA G 23 21.66 -48.23 -28.76
N SER G 24 22.86 -47.68 -28.96
CA SER G 24 23.28 -46.49 -28.22
C SER G 24 22.84 -45.19 -28.89
N ASP G 25 23.17 -45.01 -30.17
CA ASP G 25 22.94 -43.74 -30.84
C ASP G 25 21.44 -43.43 -31.01
N PHE G 26 20.60 -44.45 -31.13
CA PHE G 26 19.18 -44.25 -31.38
C PHE G 26 18.29 -44.63 -30.22
N ASN G 27 18.86 -45.15 -29.12
CA ASN G 27 18.11 -45.57 -27.94
C ASN G 27 17.08 -46.65 -28.30
N LEU G 28 17.60 -47.81 -28.69
CA LEU G 28 16.79 -48.98 -28.99
C LEU G 28 17.25 -50.17 -28.16
N PRO G 29 16.35 -51.11 -27.84
CA PRO G 29 16.77 -52.29 -27.11
C PRO G 29 17.69 -53.14 -27.96
N PRO G 30 18.57 -53.93 -27.34
CA PRO G 30 19.51 -54.75 -28.13
C PRO G 30 18.84 -55.76 -29.05
N VAL G 31 17.64 -56.23 -28.70
CA VAL G 31 16.96 -57.21 -29.53
C VAL G 31 16.63 -56.60 -30.89
N VAL G 32 16.14 -55.36 -30.90
CA VAL G 32 15.81 -54.70 -32.17
C VAL G 32 17.05 -54.52 -33.01
N ALA G 33 18.16 -54.09 -32.41
CA ALA G 33 19.41 -53.93 -33.16
C ALA G 33 19.88 -55.24 -33.74
N LYS G 34 19.82 -56.33 -32.95
CA LYS G 34 20.24 -57.64 -33.45
C LYS G 34 19.36 -58.10 -34.60
N GLU G 35 18.04 -57.89 -34.49
CA GLU G 35 17.15 -58.30 -35.56
C GLU G 35 17.35 -57.46 -36.82
N ILE G 36 17.70 -56.18 -36.66
CA ILE G 36 18.00 -55.34 -37.82
C ILE G 36 19.28 -55.81 -38.49
N VAL G 37 20.29 -56.18 -37.70
CA VAL G 37 21.52 -56.72 -38.28
C VAL G 37 21.24 -58.03 -39.01
N ALA G 38 20.41 -58.88 -38.41
CA ALA G 38 20.09 -60.17 -39.04
C ALA G 38 19.30 -59.97 -40.32
N SER G 39 18.40 -58.97 -40.35
CA SER G 39 17.57 -58.75 -41.52
C SER G 39 18.39 -58.37 -42.74
N CYS G 40 19.54 -57.72 -42.54
CA CYS G 40 20.40 -57.34 -43.64
C CYS G 40 21.03 -58.59 -44.25
N ASP G 41 20.93 -58.72 -45.58
CA ASP G 41 21.53 -59.88 -46.25
C ASP G 41 23.05 -59.78 -46.33
N LYS G 42 23.61 -58.58 -46.16
CA LYS G 42 25.07 -58.43 -46.21
C LYS G 42 25.73 -58.67 -44.87
N CYS G 43 24.95 -58.78 -43.80
CA CYS G 43 25.48 -58.98 -42.45
C CYS G 43 25.02 -60.32 -41.89
N GLN G 44 25.87 -60.91 -41.07
CA GLN G 44 25.59 -62.19 -40.44
C GLN G 44 25.82 -62.12 -38.94
N VAL G 54 46.29 -50.24 -25.12
CA VAL G 54 47.65 -50.60 -25.50
C VAL G 54 48.60 -49.45 -25.13
N ASP G 55 49.80 -49.81 -24.67
CA ASP G 55 50.78 -48.81 -24.25
C ASP G 55 51.62 -48.27 -25.39
N CYS G 56 51.44 -48.75 -26.61
CA CYS G 56 52.23 -48.27 -27.73
C CYS G 56 51.89 -46.82 -28.04
N SER G 57 52.87 -46.10 -28.59
CA SER G 57 52.68 -44.71 -28.93
C SER G 57 51.67 -44.57 -30.07
N PRO G 58 50.88 -43.49 -30.07
CA PRO G 58 49.87 -43.31 -31.12
C PRO G 58 50.46 -42.97 -32.48
N GLY G 59 51.75 -42.66 -32.56
CA GLY G 59 52.35 -42.30 -33.84
C GLY G 59 52.65 -43.46 -34.75
N ILE G 60 52.47 -44.70 -34.30
CA ILE G 60 52.80 -45.86 -35.11
C ILE G 60 51.66 -46.14 -36.08
N TRP G 61 51.99 -46.20 -37.37
CA TRP G 61 51.02 -46.50 -38.42
C TRP G 61 51.65 -47.51 -39.37
N GLN G 62 50.81 -48.37 -39.95
CA GLN G 62 51.25 -49.38 -40.89
C GLN G 62 50.60 -49.15 -42.25
N LEU G 63 51.42 -49.07 -43.29
CA LEU G 63 50.95 -48.82 -44.65
C LEU G 63 51.17 -50.08 -45.49
N ASN G 64 50.13 -50.48 -46.21
CA ASN G 64 50.20 -51.68 -47.04
C ASN G 64 49.53 -51.41 -48.38
N CYS G 65 49.91 -52.20 -49.37
CA CYS G 65 49.36 -52.12 -50.72
C CYS G 65 48.77 -53.47 -51.10
N THR G 66 47.58 -53.44 -51.70
CA THR G 66 46.88 -54.65 -52.09
C THR G 66 46.36 -54.53 -53.51
N HIS G 67 46.23 -55.67 -54.18
CA HIS G 67 45.73 -55.74 -55.54
C HIS G 67 44.31 -56.30 -55.50
N LEU G 68 43.33 -55.44 -55.79
CA LEU G 68 41.92 -55.81 -55.79
C LEU G 68 41.36 -55.60 -57.19
N GLU G 69 40.86 -56.67 -57.80
CA GLU G 69 40.25 -56.67 -59.13
C GLU G 69 41.05 -55.85 -60.15
N GLY G 70 42.37 -55.93 -60.08
CA GLY G 70 43.23 -55.26 -61.04
C GLY G 70 43.62 -53.85 -60.72
N LYS G 71 43.36 -53.37 -59.50
CA LYS G 71 43.70 -52.02 -59.08
C LYS G 71 44.49 -52.08 -57.78
N VAL G 72 45.37 -51.11 -57.60
CA VAL G 72 46.21 -51.02 -56.41
C VAL G 72 45.53 -50.13 -55.39
N ILE G 73 45.42 -50.62 -54.16
CA ILE G 73 44.81 -49.89 -53.05
C ILE G 73 45.86 -49.75 -51.95
N LEU G 74 46.11 -48.51 -51.53
CA LEU G 74 47.04 -48.23 -50.45
C LEU G 74 46.26 -47.90 -49.20
N VAL G 75 46.52 -48.62 -48.12
CA VAL G 75 45.80 -48.45 -46.85
C VAL G 75 46.80 -48.21 -45.73
N ALA G 76 46.60 -47.13 -44.99
CA ALA G 76 47.38 -46.83 -43.80
C ALA G 76 46.49 -46.95 -42.58
N VAL G 77 46.90 -47.78 -41.62
CA VAL G 77 46.07 -48.11 -40.47
C VAL G 77 46.84 -47.79 -39.19
N HIS G 78 46.16 -47.15 -38.25
CA HIS G 78 46.70 -46.94 -36.91
C HIS G 78 46.65 -48.24 -36.11
N VAL G 79 47.65 -48.41 -35.24
CA VAL G 79 47.75 -49.66 -34.48
C VAL G 79 47.00 -49.56 -33.15
N ALA G 80 47.00 -48.39 -32.51
CA ALA G 80 46.36 -48.22 -31.21
C ALA G 80 44.86 -47.97 -31.29
N SER G 81 44.33 -47.66 -32.48
CA SER G 81 42.91 -47.38 -32.64
C SER G 81 42.27 -48.07 -33.82
N GLY G 82 43.03 -48.49 -34.83
CA GLY G 82 42.46 -49.13 -36.00
C GLY G 82 41.88 -48.20 -37.04
N TYR G 83 42.11 -46.88 -36.91
CA TYR G 83 41.64 -45.95 -37.91
C TYR G 83 42.32 -46.22 -39.24
N ILE G 84 41.53 -46.24 -40.31
CA ILE G 84 42.02 -46.64 -41.62
C ILE G 84 41.94 -45.46 -42.59
N GLU G 85 42.89 -45.43 -43.52
CA GLU G 85 42.91 -44.44 -44.60
C GLU G 85 43.27 -45.18 -45.87
N ALA G 86 42.28 -45.39 -46.74
CA ALA G 86 42.47 -46.17 -47.95
C ALA G 86 42.25 -45.31 -49.19
N GLU G 87 43.07 -45.57 -50.21
CA GLU G 87 43.01 -44.81 -51.46
C GLU G 87 43.32 -45.73 -52.62
N VAL G 88 42.55 -45.58 -53.70
CA VAL G 88 42.76 -46.32 -54.93
C VAL G 88 43.70 -45.52 -55.82
N ILE G 89 44.76 -46.16 -56.29
CA ILE G 89 45.78 -45.51 -57.11
C ILE G 89 45.62 -45.99 -58.55
N PRO G 90 45.53 -45.09 -59.53
CA PRO G 90 45.37 -45.53 -60.92
C PRO G 90 46.61 -46.20 -61.50
N ALA G 91 47.80 -45.76 -61.10
CA ALA G 91 49.05 -46.34 -61.60
C ALA G 91 50.06 -46.33 -60.47
N GLU G 92 50.48 -47.52 -60.05
CA GLU G 92 51.38 -47.64 -58.91
C GLU G 92 52.73 -47.01 -59.22
N THR G 93 53.08 -45.96 -58.48
CA THR G 93 54.34 -45.27 -58.65
C THR G 93 54.80 -44.75 -57.30
N GLY G 94 56.12 -44.60 -57.15
CA GLY G 94 56.65 -44.04 -55.92
C GLY G 94 56.18 -42.63 -55.65
N GLN G 95 55.94 -41.86 -56.71
CA GLN G 95 55.42 -40.51 -56.54
C GLN G 95 54.04 -40.52 -55.89
N GLU G 96 53.17 -41.46 -56.29
CA GLU G 96 51.85 -41.55 -55.69
C GLU G 96 51.93 -41.96 -54.22
N THR G 97 52.83 -42.88 -53.88
CA THR G 97 53.03 -43.25 -52.48
C THR G 97 53.54 -42.05 -51.68
N ALA G 98 54.45 -41.27 -52.26
CA ALA G 98 54.92 -40.06 -51.60
C ALA G 98 53.77 -39.08 -51.37
N TYR G 99 52.91 -38.92 -52.38
CA TYR G 99 51.73 -38.06 -52.23
C TYR G 99 50.85 -38.54 -51.09
N PHE G 100 50.58 -39.84 -51.04
CA PHE G 100 49.71 -40.38 -50.00
C PHE G 100 50.32 -40.16 -48.60
N LEU G 101 51.63 -40.41 -48.47
CA LEU G 101 52.25 -40.27 -47.15
C LEU G 101 52.32 -38.81 -46.72
N LEU G 102 52.58 -37.89 -47.66
CA LEU G 102 52.59 -36.49 -47.28
C LEU G 102 51.19 -35.98 -46.95
N LYS G 103 50.16 -36.48 -47.64
CA LYS G 103 48.79 -36.13 -47.26
C LYS G 103 48.47 -36.65 -45.86
N LEU G 104 48.88 -37.88 -45.56
CA LEU G 104 48.64 -38.43 -44.23
C LEU G 104 49.38 -37.62 -43.17
N ALA G 105 50.61 -37.20 -43.45
CA ALA G 105 51.35 -36.35 -42.51
C ALA G 105 50.65 -35.01 -42.33
N GLY G 106 50.13 -34.44 -43.42
CA GLY G 106 49.43 -33.17 -43.32
C GLY G 106 48.14 -33.25 -42.55
N ARG G 107 47.47 -34.39 -42.60
CA ARG G 107 46.21 -34.55 -41.86
C ARG G 107 46.40 -35.04 -40.44
N TRP G 108 47.44 -35.83 -40.17
CA TRP G 108 47.67 -36.34 -38.83
C TRP G 108 49.16 -36.30 -38.50
N PRO G 109 49.53 -36.08 -37.24
CA PRO G 109 50.95 -36.01 -36.85
C PRO G 109 51.58 -37.39 -36.67
N VAL G 110 51.78 -38.09 -37.78
CA VAL G 110 52.39 -39.41 -37.76
C VAL G 110 53.89 -39.27 -37.57
N LYS G 111 54.47 -40.14 -36.75
CA LYS G 111 55.88 -40.11 -36.45
C LYS G 111 56.59 -41.46 -36.54
N THR G 112 55.86 -42.57 -36.55
CA THR G 112 56.46 -43.90 -36.66
C THR G 112 55.74 -44.68 -37.75
N VAL G 113 56.51 -45.31 -38.64
CA VAL G 113 55.97 -46.06 -39.76
C VAL G 113 56.52 -47.47 -39.72
N HIS G 114 55.64 -48.46 -39.79
CA HIS G 114 55.99 -49.87 -39.88
C HIS G 114 55.49 -50.38 -41.23
N THR G 115 56.36 -50.30 -42.24
CA THR G 115 56.02 -50.64 -43.61
C THR G 115 56.93 -51.75 -44.10
N ASN G 116 56.58 -52.31 -45.27
CA ASN G 116 57.34 -53.37 -45.87
C ASN G 116 58.49 -52.80 -46.69
N ASN G 117 59.18 -53.65 -47.45
CA ASN G 117 60.32 -53.24 -48.28
C ASN G 117 59.95 -53.32 -49.76
N GLY G 118 58.80 -52.77 -50.11
CA GLY G 118 58.38 -52.76 -51.50
C GLY G 118 59.22 -51.83 -52.35
N SER G 119 59.10 -52.01 -53.67
CA SER G 119 59.84 -51.16 -54.60
C SER G 119 59.42 -49.70 -54.48
N ASN G 120 58.11 -49.45 -54.35
CA ASN G 120 57.63 -48.09 -54.21
C ASN G 120 57.88 -47.51 -52.82
N PHE G 121 58.13 -48.36 -51.82
CA PHE G 121 58.39 -47.86 -50.47
C PHE G 121 59.78 -47.25 -50.33
N THR G 122 60.73 -47.63 -51.19
CA THR G 122 62.10 -47.14 -51.12
C THR G 122 62.40 -46.10 -52.20
N SER G 123 61.38 -45.38 -52.64
CA SER G 123 61.58 -44.36 -53.66
C SER G 123 62.33 -43.16 -53.09
N THR G 124 63.03 -42.44 -53.97
CA THR G 124 63.76 -41.25 -53.55
C THR G 124 62.82 -40.18 -53.04
N THR G 125 61.67 -40.02 -53.69
CA THR G 125 60.68 -39.05 -53.22
C THR G 125 60.16 -39.43 -51.84
N VAL G 126 59.96 -40.73 -51.60
CA VAL G 126 59.49 -41.18 -50.29
C VAL G 126 60.52 -40.84 -49.22
N LYS G 127 61.80 -41.10 -49.51
CA LYS G 127 62.87 -40.80 -48.56
C LYS G 127 62.94 -39.31 -48.29
N ALA G 128 62.86 -38.49 -49.34
CA ALA G 128 62.92 -37.05 -49.17
C ALA G 128 61.76 -36.54 -48.33
N ALA G 129 60.55 -37.05 -48.59
CA ALA G 129 59.37 -36.61 -47.84
C ALA G 129 59.46 -37.04 -46.39
N CYS G 130 59.92 -38.27 -46.13
CA CYS G 130 59.99 -38.74 -44.75
C CYS G 130 61.09 -38.03 -43.96
N TRP G 131 62.18 -37.68 -44.64
CA TRP G 131 63.23 -36.91 -43.95
C TRP G 131 62.80 -35.47 -43.72
N TRP G 132 62.05 -34.90 -44.66
CA TRP G 132 61.56 -33.53 -44.50
C TRP G 132 60.60 -33.42 -43.33
N ALA G 133 59.71 -34.41 -43.16
CA ALA G 133 58.75 -34.39 -42.08
C ALA G 133 59.31 -34.91 -40.76
N GLY G 134 60.53 -35.46 -40.77
CA GLY G 134 61.13 -35.98 -39.55
C GLY G 134 60.37 -37.16 -38.97
N ILE G 135 60.01 -38.11 -39.81
CA ILE G 135 59.22 -39.28 -39.41
C ILE G 135 60.14 -40.49 -39.41
N LYS G 136 60.18 -41.21 -38.29
CA LYS G 136 61.00 -42.41 -38.19
C LYS G 136 60.42 -43.51 -39.06
N GLN G 137 61.31 -44.28 -39.68
CA GLN G 137 60.92 -45.35 -40.58
C GLN G 137 61.47 -46.68 -40.07
N GLU G 138 60.65 -47.73 -40.16
CA GLU G 138 61.01 -49.08 -39.76
C GLU G 138 60.64 -50.02 -40.91
N PHE G 139 61.58 -50.23 -41.82
CA PHE G 139 61.36 -51.13 -42.96
C PHE G 139 61.58 -52.57 -42.52
N GLY G 140 60.60 -53.43 -42.79
CA GLY G 140 60.65 -54.82 -42.42
C GLY G 140 59.44 -55.23 -41.60
N ILE G 141 59.46 -56.48 -41.18
CA ILE G 141 58.34 -57.01 -40.37
C ILE G 141 58.39 -56.39 -38.99
N PRO G 142 57.27 -55.83 -38.49
CA PRO G 142 57.27 -55.24 -37.15
C PRO G 142 57.53 -56.30 -36.09
N TYR G 143 58.10 -55.85 -34.97
CA TYR G 143 58.44 -56.77 -33.88
C TYR G 143 57.22 -57.20 -33.07
N ASN G 144 56.05 -56.59 -33.28
CA ASN G 144 54.87 -56.91 -32.51
C ASN G 144 53.91 -57.73 -33.35
N PRO G 145 53.73 -59.02 -33.07
CA PRO G 145 52.74 -59.79 -33.85
C PRO G 145 51.31 -59.33 -33.66
N GLN G 146 51.00 -58.70 -32.52
CA GLN G 146 49.63 -58.23 -32.28
C GLN G 146 49.24 -57.17 -33.30
N SER G 147 50.15 -56.25 -33.60
CA SER G 147 49.85 -55.24 -34.62
C SER G 147 49.64 -55.89 -35.98
N GLN G 148 50.43 -56.91 -36.31
CA GLN G 148 50.25 -57.62 -37.57
C GLN G 148 48.86 -58.28 -37.64
N GLY G 149 48.45 -58.92 -36.54
CA GLY G 149 47.13 -59.53 -36.52
C GLY G 149 46.02 -58.52 -36.65
N VAL G 150 46.16 -57.37 -35.96
CA VAL G 150 45.14 -56.32 -36.07
C VAL G 150 45.07 -55.79 -37.50
N ILE G 151 46.22 -55.59 -38.14
CA ILE G 151 46.24 -55.09 -39.51
C ILE G 151 45.58 -56.10 -40.44
N GLU G 152 45.88 -57.39 -40.27
CA GLU G 152 45.27 -58.41 -41.13
C GLU G 152 43.76 -58.49 -40.93
N SER G 153 43.31 -58.43 -39.67
CA SER G 153 41.87 -58.48 -39.40
C SER G 153 41.16 -57.27 -40.00
N MET G 154 41.74 -56.08 -39.83
CA MET G 154 41.15 -54.89 -40.43
C MET G 154 41.15 -54.97 -41.94
N ASN G 155 42.20 -55.52 -42.53
CA ASN G 155 42.27 -55.66 -43.98
C ASN G 155 41.17 -56.58 -44.50
N LYS G 156 40.98 -57.73 -43.86
CA LYS G 156 39.94 -58.65 -44.33
C LYS G 156 38.55 -58.06 -44.11
N GLU G 157 38.36 -57.36 -42.98
CA GLU G 157 37.07 -56.73 -42.72
C GLU G 157 36.76 -55.65 -43.76
N LEU G 158 37.75 -54.82 -44.10
CA LEU G 158 37.52 -53.78 -45.10
C LEU G 158 37.31 -54.40 -46.47
N LYS G 159 38.01 -55.49 -46.78
CA LYS G 159 37.79 -56.18 -48.05
C LYS G 159 36.36 -56.67 -48.15
N LYS G 160 35.86 -57.32 -47.09
CA LYS G 160 34.50 -57.85 -47.18
C LYS G 160 33.45 -56.73 -47.19
N ILE G 161 33.69 -55.64 -46.45
CA ILE G 161 32.72 -54.56 -46.45
C ILE G 161 32.71 -53.85 -47.81
N ILE G 162 33.88 -53.74 -48.46
CA ILE G 162 33.94 -53.17 -49.80
C ILE G 162 33.22 -54.08 -50.79
N GLY G 163 33.41 -55.39 -50.66
CA GLY G 163 32.67 -56.32 -51.51
C GLY G 163 31.17 -56.20 -51.33
N GLN G 164 30.72 -56.00 -50.09
CA GLN G 164 29.29 -55.82 -49.85
C GLN G 164 28.78 -54.51 -50.43
N VAL G 165 29.56 -53.43 -50.30
CA VAL G 165 29.07 -52.10 -50.63
C VAL G 165 29.35 -51.67 -52.07
N ARG G 166 30.12 -52.44 -52.83
CA ARG G 166 30.43 -52.06 -54.20
C ARG G 166 29.19 -51.94 -55.08
N ASP G 167 28.14 -52.70 -54.79
CA ASP G 167 26.92 -52.62 -55.60
C ASP G 167 26.26 -51.26 -55.48
N GLN G 168 26.42 -50.58 -54.34
CA GLN G 168 25.80 -49.29 -54.14
C GLN G 168 26.49 -48.21 -54.98
N ALA G 169 27.81 -48.19 -54.99
CA ALA G 169 28.57 -47.18 -55.70
C ALA G 169 28.83 -47.59 -57.15
N GLU G 170 29.39 -46.66 -57.92
CA GLU G 170 29.73 -46.89 -59.30
C GLU G 170 31.23 -46.87 -59.58
N HIS G 171 32.05 -46.40 -58.65
CA HIS G 171 33.48 -46.33 -58.82
C HIS G 171 34.17 -46.85 -57.56
N LEU G 172 35.43 -47.27 -57.72
CA LEU G 172 36.18 -47.84 -56.60
C LEU G 172 36.40 -46.82 -55.50
N LYS G 173 36.71 -45.57 -55.86
CA LYS G 173 36.98 -44.55 -54.86
C LYS G 173 35.76 -44.29 -54.00
N THR G 174 34.58 -44.20 -54.62
CA THR G 174 33.36 -43.93 -53.86
C THR G 174 33.08 -45.06 -52.87
N ALA G 175 33.21 -46.31 -53.32
CA ALA G 175 32.96 -47.44 -52.44
C ALA G 175 33.97 -47.48 -51.30
N VAL G 176 35.24 -47.20 -51.60
CA VAL G 176 36.27 -47.18 -50.56
C VAL G 176 35.97 -46.10 -49.53
N GLN G 177 35.55 -44.92 -49.99
CA GLN G 177 35.24 -43.84 -49.07
C GLN G 177 34.03 -44.17 -48.21
N MET G 178 33.00 -44.78 -48.80
CA MET G 178 31.84 -45.19 -48.01
C MET G 178 32.25 -46.22 -46.96
N ALA G 179 33.09 -47.18 -47.34
CA ALA G 179 33.53 -48.21 -46.40
C ALA G 179 34.33 -47.61 -45.26
N VAL G 180 35.27 -46.70 -45.56
CA VAL G 180 36.09 -46.12 -44.51
C VAL G 180 35.24 -45.24 -43.59
N PHE G 181 34.26 -44.53 -44.17
CA PHE G 181 33.38 -43.71 -43.34
C PHE G 181 32.56 -44.57 -42.39
N ILE G 182 31.92 -45.61 -42.91
CA ILE G 182 31.08 -46.45 -42.04
C ILE G 182 31.93 -47.21 -41.03
N HIS G 183 33.19 -47.50 -41.37
CA HIS G 183 34.07 -48.17 -40.41
C HIS G 183 34.49 -47.24 -39.28
N ASN G 184 34.89 -46.01 -39.63
CA ASN G 184 35.45 -45.10 -38.65
C ASN G 184 34.39 -44.36 -37.85
N PHE G 185 33.15 -44.29 -38.33
CA PHE G 185 32.13 -43.51 -37.64
C PHE G 185 30.98 -44.34 -37.11
N LYS G 186 30.37 -45.17 -37.96
CA LYS G 186 29.14 -45.86 -37.56
C LYS G 186 29.45 -47.15 -36.79
N ARG G 187 30.18 -48.07 -37.42
CA ARG G 187 30.45 -49.35 -36.80
C ARG G 187 31.36 -49.18 -35.57
N LYS G 188 31.08 -49.95 -34.53
CA LYS G 188 31.85 -49.93 -33.29
C LYS G 188 32.83 -51.09 -33.29
N GLY G 189 33.99 -50.87 -32.68
CA GLY G 189 35.05 -51.86 -32.70
C GLY G 189 35.00 -52.86 -31.56
N GLY G 190 36.08 -52.95 -30.79
CA GLY G 190 36.20 -53.96 -29.75
C GLY G 190 35.97 -53.44 -28.35
N ILE G 191 37.06 -53.17 -27.62
CA ILE G 191 36.96 -52.77 -26.22
C ILE G 191 36.24 -51.43 -26.13
N GLY G 192 35.19 -51.39 -25.32
CA GLY G 192 34.44 -50.18 -25.09
C GLY G 192 33.29 -49.91 -26.04
N GLY G 193 33.20 -50.66 -27.13
CA GLY G 193 32.13 -50.44 -28.10
C GLY G 193 32.17 -49.05 -28.72
N TYR G 194 33.35 -48.57 -29.07
CA TYR G 194 33.53 -47.22 -29.60
C TYR G 194 33.99 -47.29 -31.05
N SER G 195 33.66 -46.25 -31.81
CA SER G 195 34.11 -46.17 -33.20
C SER G 195 35.60 -45.85 -33.25
N ALA G 196 36.20 -46.16 -34.40
CA ALA G 196 37.64 -45.93 -34.56
C ALA G 196 37.99 -44.46 -34.48
N GLY G 197 37.16 -43.60 -35.09
CA GLY G 197 37.47 -42.17 -35.10
C GLY G 197 37.49 -41.57 -33.71
N GLU G 198 36.48 -41.88 -32.90
CA GLU G 198 36.46 -41.33 -31.55
C GLU G 198 37.58 -41.90 -30.70
N ARG G 199 37.91 -43.18 -30.87
CA ARG G 199 39.03 -43.76 -30.14
C ARG G 199 40.34 -43.06 -30.49
N ILE G 200 40.60 -42.86 -31.79
CA ILE G 200 41.87 -42.26 -32.18
C ILE G 200 41.93 -40.79 -31.76
N VAL G 201 40.80 -40.08 -31.84
CA VAL G 201 40.81 -38.67 -31.43
C VAL G 201 41.00 -38.55 -29.92
N ASP G 202 40.41 -39.46 -29.15
CA ASP G 202 40.63 -39.46 -27.71
C ASP G 202 42.08 -39.77 -27.37
N ILE G 203 42.68 -40.73 -28.09
CA ILE G 203 44.08 -41.07 -27.84
C ILE G 203 44.97 -39.87 -28.16
N ILE G 204 44.71 -39.19 -29.28
CA ILE G 204 45.51 -38.02 -29.64
C ILE G 204 45.35 -36.91 -28.61
N ALA G 205 44.11 -36.69 -28.15
CA ALA G 205 43.86 -35.65 -27.14
C ALA G 205 44.59 -35.95 -25.84
N THR G 206 44.57 -37.22 -25.41
CA THR G 206 45.24 -37.60 -24.17
C THR G 206 46.74 -37.77 -24.33
N ASP G 207 47.26 -37.79 -25.56
CA ASP G 207 48.68 -38.00 -25.77
C ASP G 207 49.50 -36.72 -25.60
N ILE G 208 48.95 -35.58 -26.01
CA ILE G 208 49.71 -34.32 -25.99
C ILE G 208 49.47 -33.70 -24.61
N GLN G 209 50.25 -34.16 -23.64
CA GLN G 209 50.20 -33.61 -22.29
C GLN G 209 51.57 -33.20 -21.76
N THR G 210 52.62 -33.97 -22.06
CA THR G 210 53.93 -33.68 -21.49
C THR G 210 54.58 -32.43 -22.08
N LYS G 211 54.49 -32.26 -23.40
CA LYS G 211 55.10 -31.10 -24.04
C LYS G 211 54.43 -29.80 -23.58
N GLU G 212 53.09 -29.79 -23.56
CA GLU G 212 52.38 -28.61 -23.09
C GLU G 212 52.64 -28.37 -21.62
N LEU G 213 52.73 -29.44 -20.81
CA LEU G 213 53.02 -29.29 -19.40
C LEU G 213 54.38 -28.63 -19.20
N GLN G 214 55.41 -29.13 -19.90
CA GLN G 214 56.76 -28.57 -19.75
C GLN G 214 56.81 -27.13 -20.23
N LYS G 215 56.19 -26.83 -21.37
CA LYS G 215 56.24 -25.47 -21.89
C LYS G 215 55.51 -24.50 -20.98
N GLN G 216 54.37 -24.93 -20.41
CA GLN G 216 53.65 -24.05 -19.49
C GLN G 216 54.41 -23.87 -18.18
N ILE G 217 55.12 -24.92 -17.74
CA ILE G 217 55.94 -24.77 -16.54
C ILE G 217 57.03 -23.73 -16.77
N THR G 218 57.74 -23.82 -17.90
CA THR G 218 58.77 -22.84 -18.19
C THR G 218 58.17 -21.43 -18.33
N LYS G 219 57.03 -21.32 -19.00
CA LYS G 219 56.40 -20.02 -19.17
C LYS G 219 55.98 -19.42 -17.84
N ILE G 220 55.39 -20.23 -16.96
CA ILE G 220 54.93 -19.71 -15.67
C ILE G 220 56.13 -19.38 -14.79
N GLN G 221 57.26 -20.08 -14.96
CA GLN G 221 58.47 -19.69 -14.27
C GLN G 221 59.10 -18.42 -14.85
N ASN G 222 58.73 -18.05 -16.08
CA ASN G 222 59.28 -16.83 -16.66
C ASN G 222 58.67 -15.58 -16.03
N PHE G 223 57.47 -15.69 -15.47
CA PHE G 223 56.80 -14.53 -14.90
C PHE G 223 57.54 -14.00 -13.69
N ARG G 224 57.37 -12.70 -13.42
CA ARG G 224 57.91 -12.09 -12.22
C ARG G 224 56.79 -11.54 -11.36
N VAL G 225 57.04 -11.48 -10.05
CA VAL G 225 56.03 -11.15 -9.06
C VAL G 225 56.57 -10.07 -8.13
N TYR G 226 55.74 -9.06 -7.85
CA TYR G 226 56.02 -8.06 -6.85
C TYR G 226 55.05 -8.25 -5.69
N TYR G 227 55.58 -8.50 -4.50
CA TYR G 227 54.75 -8.83 -3.35
C TYR G 227 55.21 -8.04 -2.13
N ARG G 228 54.30 -7.90 -1.17
CA ARG G 228 54.58 -7.25 0.10
C ARG G 228 54.15 -8.15 1.24
N ASP G 229 54.83 -8.01 2.38
CA ASP G 229 54.48 -8.79 3.55
C ASP G 229 53.26 -8.19 4.23
N SER G 230 52.80 -8.83 5.31
CA SER G 230 51.64 -8.35 6.02
C SER G 230 51.88 -6.99 6.66
N ARG G 231 53.08 -6.78 7.22
CA ARG G 231 53.41 -5.56 7.93
C ARG G 231 54.47 -4.73 7.20
N ASP G 232 54.81 -5.10 5.97
CA ASP G 232 55.85 -4.39 5.22
C ASP G 232 55.21 -3.56 4.13
N PRO G 233 55.27 -2.22 4.21
CA PRO G 233 54.64 -1.39 3.18
C PRO G 233 55.41 -1.32 1.87
N VAL G 234 56.67 -1.75 1.83
CA VAL G 234 57.48 -1.65 0.63
C VAL G 234 57.37 -2.95 -0.16
N TRP G 235 57.57 -2.85 -1.48
CA TRP G 235 57.51 -4.00 -2.37
C TRP G 235 58.86 -4.69 -2.44
N LYS G 236 58.82 -6.00 -2.73
CA LYS G 236 60.03 -6.80 -2.83
C LYS G 236 60.54 -6.83 -4.27
N GLY G 237 61.51 -7.70 -4.52
CA GLY G 237 62.11 -7.82 -5.82
C GLY G 237 61.31 -8.70 -6.77
N PRO G 238 61.88 -8.97 -7.94
CA PRO G 238 61.20 -9.83 -8.96
C PRO G 238 61.25 -11.31 -8.62
N ALA G 239 60.34 -11.73 -7.75
CA ALA G 239 60.26 -13.13 -7.35
C ALA G 239 59.72 -13.99 -8.48
N LYS G 240 60.29 -15.17 -8.65
CA LYS G 240 59.82 -16.10 -9.67
C LYS G 240 58.41 -16.60 -9.31
N LEU G 241 57.63 -16.89 -10.35
CA LEU G 241 56.24 -17.31 -10.18
C LEU G 241 56.14 -18.82 -10.34
N LEU G 242 55.38 -19.46 -9.46
CA LEU G 242 55.08 -20.88 -9.54
C LEU G 242 53.62 -21.17 -9.85
N TRP G 243 52.70 -20.67 -9.03
CA TRP G 243 51.30 -21.01 -9.18
C TRP G 243 50.43 -19.82 -8.84
N LYS G 244 49.36 -19.64 -9.62
CA LYS G 244 48.39 -18.56 -9.43
C LYS G 244 47.06 -19.14 -9.00
N GLY G 245 46.41 -18.50 -8.02
CA GLY G 245 45.13 -18.94 -7.53
C GLY G 245 44.14 -17.78 -7.47
N GLU G 246 42.93 -18.10 -7.01
CA GLU G 246 41.88 -17.09 -6.91
C GLU G 246 42.24 -16.01 -5.89
N GLY G 247 42.82 -16.40 -4.76
CA GLY G 247 43.16 -15.44 -3.73
C GLY G 247 44.52 -15.66 -3.10
N ALA G 248 45.28 -16.62 -3.63
CA ALA G 248 46.62 -16.92 -3.12
C ALA G 248 47.53 -17.26 -4.28
N VAL G 249 48.81 -16.92 -4.13
CA VAL G 249 49.80 -17.15 -5.17
C VAL G 249 51.04 -17.74 -4.52
N VAL G 250 51.59 -18.79 -5.15
CA VAL G 250 52.78 -19.48 -4.65
C VAL G 250 53.95 -19.06 -5.53
N ILE G 251 55.00 -18.51 -4.89
CA ILE G 251 56.12 -17.91 -5.59
C ILE G 251 57.43 -18.36 -4.96
N GLN G 252 58.52 -18.17 -5.71
CA GLN G 252 59.87 -18.48 -5.27
C GLN G 252 60.66 -17.19 -5.12
N ASP G 253 61.44 -17.09 -4.05
CA ASP G 253 62.31 -15.94 -3.81
C ASP G 253 63.54 -16.42 -3.05
N ASN G 254 64.70 -16.33 -3.68
CA ASN G 254 65.98 -16.82 -3.17
C ASN G 254 65.81 -18.19 -2.49
N SER G 255 65.36 -19.15 -3.29
CA SER G 255 65.14 -20.55 -2.90
C SER G 255 64.22 -20.69 -1.71
N ASP G 256 63.21 -19.84 -1.60
CA ASP G 256 62.22 -19.89 -0.53
C ASP G 256 60.82 -19.84 -1.14
N ILE G 257 59.95 -20.74 -0.69
CA ILE G 257 58.58 -20.81 -1.20
C ILE G 257 57.69 -19.94 -0.33
N LYS G 258 56.97 -19.01 -0.95
CA LYS G 258 56.10 -18.09 -0.23
C LYS G 258 54.70 -18.10 -0.82
N VAL G 259 53.70 -18.09 0.05
CA VAL G 259 52.30 -17.99 -0.35
C VAL G 259 51.83 -16.59 0.02
N VAL G 260 51.39 -15.83 -0.98
CA VAL G 260 51.03 -14.43 -0.81
C VAL G 260 49.57 -14.23 -1.19
N PRO G 261 48.81 -13.44 -0.44
CA PRO G 261 47.44 -13.12 -0.87
C PRO G 261 47.43 -12.33 -2.16
N ARG G 262 46.36 -12.52 -2.94
CA ARG G 262 46.24 -11.84 -4.23
C ARG G 262 46.19 -10.32 -4.05
N ARG G 263 45.71 -9.86 -2.89
CA ARG G 263 45.65 -8.42 -2.63
C ARG G 263 47.03 -7.78 -2.65
N LYS G 264 48.03 -8.46 -2.10
CA LYS G 264 49.36 -7.89 -1.95
C LYS G 264 50.34 -8.39 -3.01
N ALA G 265 49.85 -8.99 -4.10
CA ALA G 265 50.71 -9.56 -5.12
C ALA G 265 50.35 -9.01 -6.49
N LYS G 266 51.38 -8.75 -7.30
CA LYS G 266 51.22 -8.30 -8.67
C LYS G 266 52.05 -9.21 -9.58
N ILE G 267 51.44 -9.68 -10.66
CA ILE G 267 52.09 -10.56 -11.63
C ILE G 267 52.39 -9.74 -12.87
N ILE G 268 53.67 -9.69 -13.27
CA ILE G 268 54.10 -8.91 -14.41
C ILE G 268 55.11 -9.68 -15.23
N ARG G 269 55.30 -9.21 -16.47
CA ARG G 269 56.36 -9.64 -17.36
C ARG G 269 57.13 -8.40 -17.81
N ASP G 270 58.44 -8.37 -17.52
CA ASP G 270 59.26 -7.24 -17.91
C ASP G 270 59.80 -7.48 -19.31
N TYR G 271 59.27 -6.74 -20.28
CA TYR G 271 59.70 -6.90 -21.67
C TYR G 271 61.12 -6.43 -21.91
N GLY G 272 61.67 -5.61 -21.01
CA GLY G 272 63.03 -5.12 -21.16
C GLY G 272 64.07 -6.15 -20.75
N PHE H 1 27.93 -25.56 -10.67
CA PHE H 1 26.62 -25.85 -10.11
C PHE H 1 26.51 -25.36 -8.66
N LEU H 2 27.59 -24.76 -8.17
CA LEU H 2 27.61 -24.19 -6.82
C LEU H 2 26.94 -22.82 -6.87
N ASP H 3 25.62 -22.84 -6.72
CA ASP H 3 24.78 -21.65 -6.81
C ASP H 3 24.92 -20.98 -8.18
N GLY H 4 25.29 -21.76 -9.19
CA GLY H 4 25.46 -21.22 -10.53
C GLY H 4 24.17 -21.05 -11.30
N ILE H 5 23.10 -21.72 -10.88
CA ILE H 5 21.83 -21.61 -11.61
C ILE H 5 21.25 -20.20 -11.47
N ASP H 6 21.25 -19.66 -10.25
CA ASP H 6 20.72 -18.32 -10.04
C ASP H 6 21.57 -17.27 -10.76
N LYS H 7 22.90 -17.41 -10.68
CA LYS H 7 23.78 -16.47 -11.36
C LYS H 7 23.59 -16.53 -12.87
N ALA H 8 23.45 -17.74 -13.42
CA ALA H 8 23.24 -17.89 -14.85
C ALA H 8 21.90 -17.29 -15.28
N GLN H 9 20.85 -17.51 -14.49
CA GLN H 9 19.55 -16.93 -14.81
C GLN H 9 19.59 -15.41 -14.76
N GLU H 10 20.27 -14.85 -13.75
CA GLU H 10 20.40 -13.41 -13.67
C GLU H 10 21.19 -12.85 -14.84
N GLU H 11 22.28 -13.53 -15.23
CA GLU H 11 23.07 -13.08 -16.37
C GLU H 11 22.27 -13.16 -17.66
N HIS H 12 21.43 -14.18 -17.80
CA HIS H 12 20.62 -14.30 -19.01
C HIS H 12 19.52 -13.25 -19.05
N GLU H 13 18.92 -12.93 -17.90
CA GLU H 13 17.97 -11.83 -17.86
C GLU H 13 18.65 -10.49 -18.10
N LYS H 14 19.95 -10.41 -17.82
CA LYS H 14 20.70 -9.18 -17.99
C LYS H 14 21.09 -8.96 -19.45
N TYR H 15 21.72 -9.96 -20.08
CA TYR H 15 22.28 -9.79 -21.42
C TYR H 15 21.77 -10.80 -22.45
N HIS H 16 21.15 -11.90 -22.03
CA HIS H 16 20.63 -12.92 -22.95
C HIS H 16 21.75 -13.50 -23.82
N SER H 17 22.75 -14.07 -23.15
CA SER H 17 23.88 -14.67 -23.82
C SER H 17 23.54 -16.07 -24.33
N ASN H 18 24.45 -16.62 -25.13
CA ASN H 18 24.27 -17.96 -25.67
C ASN H 18 24.36 -19.00 -24.55
N TRP H 19 23.65 -20.12 -24.76
CA TRP H 19 23.61 -21.16 -23.74
C TRP H 19 24.99 -21.78 -23.51
N ARG H 20 25.75 -22.00 -24.59
CA ARG H 20 27.08 -22.57 -24.44
C ARG H 20 28.00 -21.63 -23.65
N ALA H 21 27.90 -20.33 -23.91
CA ALA H 21 28.75 -19.37 -23.21
C ALA H 21 28.48 -19.39 -21.70
N MET H 22 27.20 -19.37 -21.32
CA MET H 22 26.87 -19.38 -19.89
C MET H 22 27.18 -20.72 -19.26
N ALA H 23 27.03 -21.82 -20.01
CA ALA H 23 27.37 -23.14 -19.49
C ALA H 23 28.88 -23.24 -19.21
N SER H 24 29.70 -22.71 -20.12
CA SER H 24 31.14 -22.76 -19.92
C SER H 24 31.59 -21.78 -18.85
N ASP H 25 30.92 -20.63 -18.74
CA ASP H 25 31.32 -19.62 -17.77
C ASP H 25 31.11 -20.10 -16.35
N PHE H 26 29.97 -20.74 -16.08
CA PHE H 26 29.61 -21.12 -14.71
C PHE H 26 29.67 -22.63 -14.47
N ASN H 27 30.26 -23.38 -15.40
CA ASN H 27 30.42 -24.83 -15.27
C ASN H 27 29.08 -25.52 -15.01
N LEU H 28 28.20 -25.42 -16.01
CA LEU H 28 26.86 -25.96 -15.94
C LEU H 28 26.61 -26.91 -17.10
N PRO H 29 25.77 -27.92 -16.91
CA PRO H 29 25.43 -28.83 -18.02
C PRO H 29 24.66 -28.10 -19.11
N PRO H 30 24.79 -28.54 -20.35
CA PRO H 30 24.12 -27.83 -21.46
C PRO H 30 22.60 -27.81 -21.35
N VAL H 31 21.97 -28.80 -20.72
CA VAL H 31 20.53 -28.83 -20.64
C VAL H 31 20.01 -27.67 -19.79
N VAL H 32 20.71 -27.35 -18.71
CA VAL H 32 20.29 -26.24 -17.85
C VAL H 32 20.38 -24.93 -18.61
N ALA H 33 21.47 -24.72 -19.36
CA ALA H 33 21.60 -23.51 -20.14
C ALA H 33 20.54 -23.43 -21.23
N LYS H 34 20.24 -24.55 -21.88
CA LYS H 34 19.21 -24.56 -22.93
C LYS H 34 17.85 -24.22 -22.36
N GLU H 35 17.50 -24.78 -21.21
CA GLU H 35 16.20 -24.47 -20.62
C GLU H 35 16.17 -23.05 -20.07
N ILE H 36 17.31 -22.51 -19.63
CA ILE H 36 17.37 -21.10 -19.24
C ILE H 36 17.08 -20.21 -20.45
N VAL H 37 17.69 -20.53 -21.58
CA VAL H 37 17.44 -19.76 -22.80
C VAL H 37 15.98 -19.87 -23.22
N ALA H 38 15.43 -21.08 -23.14
CA ALA H 38 14.02 -21.27 -23.48
C ALA H 38 13.10 -20.52 -22.53
N SER H 39 13.51 -20.35 -21.27
CA SER H 39 12.70 -19.61 -20.31
C SER H 39 12.55 -18.14 -20.69
N CYS H 40 13.57 -17.58 -21.33
CA CYS H 40 13.51 -16.18 -21.73
C CYS H 40 12.52 -15.99 -22.87
N ASP H 41 11.59 -15.03 -22.69
CA ASP H 41 10.61 -14.76 -23.74
C ASP H 41 11.24 -14.02 -24.91
N LYS H 42 12.30 -13.24 -24.66
CA LYS H 42 12.96 -12.49 -25.72
C LYS H 42 13.86 -13.36 -26.59
N CYS H 43 14.11 -14.61 -26.19
CA CYS H 43 14.96 -15.51 -26.95
C CYS H 43 14.19 -16.79 -27.30
N GLN H 44 14.70 -17.50 -28.30
CA GLN H 44 14.09 -18.74 -28.74
C GLN H 44 15.15 -19.81 -29.03
N CYS H 56 25.66 -27.11 -33.12
CA CYS H 56 26.74 -26.49 -32.37
C CYS H 56 27.87 -26.04 -33.28
N SER H 57 28.76 -25.20 -32.75
CA SER H 57 29.91 -24.75 -33.52
C SER H 57 30.80 -25.89 -34.03
N PRO H 58 31.14 -26.91 -33.23
CA PRO H 58 31.88 -28.04 -33.80
C PRO H 58 31.09 -28.74 -34.89
N GLY H 59 31.81 -29.23 -35.89
CA GLY H 59 31.20 -29.91 -37.01
C GLY H 59 30.74 -29.02 -38.14
N ILE H 60 30.97 -27.71 -38.05
CA ILE H 60 30.58 -26.77 -39.08
C ILE H 60 31.82 -26.38 -39.88
N TRP H 61 31.74 -26.53 -41.21
CA TRP H 61 32.85 -26.24 -42.10
C TRP H 61 32.39 -25.31 -43.21
N GLN H 62 33.29 -24.43 -43.63
CA GLN H 62 33.05 -23.49 -44.72
C GLN H 62 33.97 -23.83 -45.89
N LEU H 63 33.39 -24.00 -47.07
CA LEU H 63 34.12 -24.43 -48.26
C LEU H 63 34.18 -23.30 -49.26
N ASN H 64 35.37 -23.07 -49.82
CA ASN H 64 35.53 -22.00 -50.80
C ASN H 64 36.65 -22.36 -51.76
N CYS H 65 36.57 -21.79 -52.97
CA CYS H 65 37.52 -22.07 -54.04
C CYS H 65 38.25 -20.80 -54.45
N THR H 66 39.36 -20.99 -55.17
CA THR H 66 40.19 -19.90 -55.63
C THR H 66 40.90 -20.33 -56.91
N HIS H 67 41.43 -19.34 -57.63
CA HIS H 67 42.14 -19.57 -58.89
C HIS H 67 43.63 -19.28 -58.70
N LEU H 68 44.47 -20.18 -59.19
CA LEU H 68 45.92 -20.00 -59.10
C LEU H 68 46.58 -20.78 -60.22
N GLU H 69 47.42 -20.09 -60.99
CA GLU H 69 48.17 -20.71 -62.10
C GLU H 69 47.23 -21.40 -63.09
N GLY H 70 46.05 -20.81 -63.29
CA GLY H 70 45.07 -21.36 -64.20
C GLY H 70 44.29 -22.54 -63.67
N LYS H 71 44.59 -23.00 -62.46
CA LYS H 71 43.90 -24.13 -61.86
C LYS H 71 43.01 -23.67 -60.72
N VAL H 72 42.09 -24.55 -60.32
CA VAL H 72 41.15 -24.28 -59.24
C VAL H 72 41.61 -25.01 -57.99
N ILE H 73 41.63 -24.31 -56.87
CA ILE H 73 42.02 -24.87 -55.59
C ILE H 73 40.86 -24.71 -54.62
N LEU H 74 40.41 -25.82 -54.06
CA LEU H 74 39.30 -25.83 -53.11
C LEU H 74 39.85 -26.04 -51.70
N VAL H 75 39.20 -25.41 -50.73
CA VAL H 75 39.67 -25.48 -49.35
C VAL H 75 38.48 -25.38 -48.41
N ALA H 76 38.48 -26.23 -47.38
CA ALA H 76 37.48 -26.22 -46.33
C ALA H 76 38.13 -25.84 -45.01
N VAL H 77 37.45 -24.98 -44.26
CA VAL H 77 37.96 -24.42 -43.02
C VAL H 77 36.95 -24.70 -41.90
N HIS H 78 37.43 -25.19 -40.77
CA HIS H 78 36.58 -25.38 -39.61
C HIS H 78 36.49 -24.06 -38.84
N VAL H 79 35.25 -23.67 -38.51
CA VAL H 79 35.04 -22.36 -37.90
C VAL H 79 35.57 -22.32 -36.48
N ALA H 80 35.34 -23.39 -35.70
CA ALA H 80 35.67 -23.35 -34.28
C ALA H 80 37.17 -23.47 -34.03
N SER H 81 37.87 -24.33 -34.78
CA SER H 81 39.28 -24.60 -34.53
C SER H 81 40.22 -23.95 -35.53
N GLY H 82 39.75 -23.62 -36.73
CA GLY H 82 40.61 -23.07 -37.75
C GLY H 82 41.39 -24.08 -38.56
N TYR H 83 41.22 -25.37 -38.29
CA TYR H 83 41.86 -26.39 -39.10
C TYR H 83 41.31 -26.37 -40.52
N ILE H 84 42.21 -26.51 -41.49
CA ILE H 84 41.85 -26.38 -42.90
C ILE H 84 42.33 -27.60 -43.66
N GLU H 85 41.71 -27.83 -44.82
CA GLU H 85 42.12 -28.88 -45.74
C GLU H 85 41.91 -28.37 -47.16
N ALA H 86 42.97 -28.38 -47.96
CA ALA H 86 42.94 -27.81 -49.29
C ALA H 86 43.49 -28.80 -50.31
N GLU H 87 42.83 -28.84 -51.47
CA GLU H 87 43.26 -29.67 -52.60
C GLU H 87 43.11 -28.85 -53.87
N VAL H 88 43.60 -29.40 -54.97
CA VAL H 88 43.54 -28.76 -56.28
C VAL H 88 42.75 -29.67 -57.23
N ILE H 89 41.76 -29.09 -57.90
CA ILE H 89 40.90 -29.83 -58.82
C ILE H 89 41.51 -29.73 -60.21
N PRO H 90 41.78 -30.84 -60.89
CA PRO H 90 42.34 -30.75 -62.26
C PRO H 90 41.44 -30.03 -63.24
N ALA H 91 40.12 -30.16 -63.10
CA ALA H 91 39.20 -29.48 -63.99
C ALA H 91 37.87 -29.29 -63.27
N GLU H 92 37.22 -28.15 -63.51
CA GLU H 92 35.97 -27.81 -62.85
C GLU H 92 34.89 -28.85 -63.13
N THR H 93 34.50 -29.61 -62.10
CA THR H 93 33.48 -30.64 -62.25
C THR H 93 32.84 -30.85 -60.89
N GLY H 94 31.51 -30.95 -60.84
CA GLY H 94 30.83 -31.23 -59.60
C GLY H 94 31.13 -32.60 -59.03
N GLN H 95 31.53 -33.54 -59.88
CA GLN H 95 31.90 -34.87 -59.39
C GLN H 95 33.11 -34.80 -58.45
N GLU H 96 34.12 -34.00 -58.83
CA GLU H 96 35.31 -33.88 -58.01
C GLU H 96 35.00 -33.19 -56.68
N THR H 97 34.16 -32.15 -56.71
CA THR H 97 33.79 -31.47 -55.47
C THR H 97 32.98 -32.39 -54.56
N ALA H 98 32.09 -33.20 -55.14
CA ALA H 98 31.35 -34.18 -54.34
C ALA H 98 32.30 -35.21 -53.73
N TYR H 99 33.28 -35.66 -54.50
CA TYR H 99 34.28 -36.60 -53.98
C TYR H 99 35.04 -35.99 -52.82
N PHE H 100 35.46 -34.72 -52.97
CA PHE H 100 36.18 -34.05 -51.90
C PHE H 100 35.30 -33.91 -50.66
N LEU H 101 34.01 -33.58 -50.84
CA LEU H 101 33.11 -33.43 -49.71
C LEU H 101 32.92 -34.76 -48.97
N LEU H 102 32.73 -35.85 -49.71
CA LEU H 102 32.56 -37.14 -49.04
C LEU H 102 33.86 -37.61 -48.39
N LYS H 103 35.01 -37.30 -48.98
CA LYS H 103 36.28 -37.59 -48.32
C LYS H 103 36.42 -36.80 -47.03
N LEU H 104 36.02 -35.54 -47.04
CA LEU H 104 36.05 -34.74 -45.81
C LEU H 104 35.12 -35.33 -44.75
N ALA H 105 33.94 -35.78 -45.17
CA ALA H 105 33.03 -36.44 -44.23
C ALA H 105 33.65 -37.71 -43.66
N GLY H 106 34.37 -38.46 -44.50
CA GLY H 106 35.05 -39.66 -44.02
C GLY H 106 36.21 -39.36 -43.09
N ARG H 107 36.83 -38.19 -43.24
CA ARG H 107 37.97 -37.84 -42.39
C ARG H 107 37.51 -37.32 -41.02
N TRP H 108 36.58 -36.37 -41.02
CA TRP H 108 36.11 -35.75 -39.79
C TRP H 108 34.59 -35.78 -39.75
N PRO H 109 34.00 -35.79 -38.55
CA PRO H 109 32.53 -35.74 -38.46
C PRO H 109 31.99 -34.38 -38.86
N VAL H 110 31.31 -34.32 -40.00
CA VAL H 110 30.75 -33.09 -40.54
C VAL H 110 29.24 -33.09 -40.35
N LYS H 111 28.72 -31.99 -39.84
CA LYS H 111 27.28 -31.83 -39.63
C LYS H 111 26.66 -30.67 -40.40
N THR H 112 27.45 -29.71 -40.88
CA THR H 112 26.92 -28.56 -41.61
C THR H 112 27.95 -28.13 -42.63
N VAL H 113 27.64 -28.31 -43.91
CA VAL H 113 28.53 -27.91 -45.00
C VAL H 113 28.04 -26.55 -45.48
N HIS H 114 28.59 -25.49 -44.88
CA HIS H 114 28.24 -24.14 -45.27
C HIS H 114 29.10 -23.68 -46.43
N THR H 115 28.47 -23.08 -47.44
CA THR H 115 29.16 -22.61 -48.63
C THR H 115 28.58 -21.25 -49.02
N ASN H 116 28.89 -20.81 -50.23
CA ASN H 116 28.32 -19.60 -50.80
C ASN H 116 27.69 -19.94 -52.15
N ASN H 117 27.19 -18.91 -52.83
CA ASN H 117 26.55 -19.12 -54.13
C ASN H 117 27.59 -19.59 -55.16
N GLY H 118 27.24 -20.63 -55.90
CA GLY H 118 28.16 -21.17 -56.90
C GLY H 118 27.45 -22.14 -57.80
N SER H 119 28.08 -22.38 -58.96
CA SER H 119 27.51 -23.30 -59.94
C SER H 119 27.80 -24.75 -59.60
N ASN H 120 29.06 -25.06 -59.28
CA ASN H 120 29.44 -26.43 -58.96
C ASN H 120 28.90 -26.89 -57.61
N PHE H 121 28.54 -25.96 -56.72
CA PHE H 121 28.00 -26.35 -55.42
C PHE H 121 26.60 -26.92 -55.55
N THR H 122 25.80 -26.39 -56.50
CA THR H 122 24.44 -26.84 -56.72
C THR H 122 24.35 -28.05 -57.65
N SER H 123 25.44 -28.78 -57.83
CA SER H 123 25.42 -29.96 -58.69
C SER H 123 24.56 -31.06 -58.09
N THR H 124 23.92 -31.84 -58.96
CA THR H 124 23.07 -32.93 -58.49
C THR H 124 23.88 -33.99 -57.77
N THR H 125 25.09 -34.27 -58.26
CA THR H 125 25.94 -35.26 -57.61
C THR H 125 26.32 -34.83 -56.19
N VAL H 126 26.63 -33.54 -56.01
CA VAL H 126 26.95 -33.03 -54.68
C VAL H 126 25.74 -33.15 -53.76
N LYS H 127 24.55 -32.84 -54.27
CA LYS H 127 23.34 -32.97 -53.47
C LYS H 127 23.10 -34.41 -53.06
N ALA H 128 23.29 -35.35 -53.99
CA ALA H 128 23.12 -36.76 -53.65
C ALA H 128 24.15 -37.21 -52.61
N ALA H 129 25.40 -36.77 -52.77
CA ALA H 129 26.44 -37.16 -51.82
C ALA H 129 26.14 -36.61 -50.43
N CYS H 130 25.69 -35.36 -50.33
CA CYS H 130 25.40 -34.79 -49.03
C CYS H 130 24.13 -35.38 -48.43
N TRP H 131 23.18 -35.80 -49.26
CA TRP H 131 21.98 -36.45 -48.75
C TRP H 131 22.30 -37.84 -48.23
N TRP H 132 23.21 -38.56 -48.89
CA TRP H 132 23.61 -39.88 -48.42
C TRP H 132 24.27 -39.79 -47.04
N ALA H 133 25.16 -38.82 -46.86
CA ALA H 133 25.87 -38.66 -45.59
C ALA H 133 24.98 -38.09 -44.48
N GLY H 134 23.77 -37.64 -44.81
CA GLY H 134 22.92 -37.05 -43.80
C GLY H 134 23.34 -35.67 -43.35
N ILE H 135 24.11 -34.95 -44.17
CA ILE H 135 24.62 -33.64 -43.83
C ILE H 135 23.85 -32.61 -44.66
N LYS H 136 23.18 -31.68 -43.99
CA LYS H 136 22.45 -30.64 -44.69
C LYS H 136 23.42 -29.67 -45.35
N GLN H 137 23.09 -29.25 -46.56
CA GLN H 137 23.91 -28.35 -47.36
C GLN H 137 23.19 -27.02 -47.51
N GLU H 138 23.87 -25.93 -47.13
CA GLU H 138 23.31 -24.60 -47.23
C GLU H 138 24.39 -23.64 -47.73
N PHE H 139 23.95 -22.57 -48.37
CA PHE H 139 24.85 -21.54 -48.86
C PHE H 139 24.26 -20.17 -48.58
N GLY H 140 25.15 -19.18 -48.41
CA GLY H 140 24.71 -17.83 -48.15
C GLY H 140 25.47 -17.15 -47.02
N ILE H 141 24.77 -16.32 -46.27
CA ILE H 141 25.40 -15.58 -45.16
C ILE H 141 25.77 -16.57 -44.06
N PRO H 142 26.99 -16.52 -43.52
CA PRO H 142 27.36 -17.44 -42.44
C PRO H 142 26.53 -17.20 -41.18
N TYR H 143 26.36 -18.28 -40.42
CA TYR H 143 25.52 -18.27 -39.22
C TYR H 143 26.04 -17.32 -38.16
N ASN H 144 27.26 -17.55 -37.67
CA ASN H 144 27.79 -16.74 -36.58
C ASN H 144 28.07 -15.31 -37.06
N PRO H 145 27.57 -14.30 -36.33
CA PRO H 145 27.88 -12.91 -36.71
C PRO H 145 29.36 -12.56 -36.61
N GLN H 146 30.16 -13.33 -35.88
CA GLN H 146 31.59 -13.09 -35.74
C GLN H 146 32.37 -14.14 -36.52
N SER H 147 33.70 -13.95 -36.57
CA SER H 147 34.64 -14.85 -37.24
C SER H 147 34.26 -15.08 -38.70
N GLN H 148 34.03 -13.99 -39.42
CA GLN H 148 33.84 -14.08 -40.86
C GLN H 148 35.15 -13.93 -41.62
N GLY H 149 36.06 -13.11 -41.11
CA GLY H 149 37.33 -12.89 -41.79
C GLY H 149 38.37 -13.97 -41.54
N VAL H 150 38.08 -14.94 -40.69
CA VAL H 150 39.07 -15.97 -40.37
C VAL H 150 39.35 -16.84 -41.59
N ILE H 151 38.31 -17.22 -42.34
CA ILE H 151 38.49 -18.12 -43.47
C ILE H 151 39.32 -17.44 -44.57
N GLU H 152 38.99 -16.19 -44.88
CA GLU H 152 39.73 -15.47 -45.92
C GLU H 152 41.14 -15.12 -45.46
N SER H 153 41.32 -14.82 -44.17
CA SER H 153 42.67 -14.56 -43.67
C SER H 153 43.53 -15.81 -43.77
N MET H 154 42.98 -16.98 -43.42
CA MET H 154 43.71 -18.22 -43.59
C MET H 154 44.00 -18.50 -45.05
N ASN H 155 43.04 -18.21 -45.94
CA ASN H 155 43.26 -18.41 -47.37
C ASN H 155 44.40 -17.54 -47.89
N LYS H 156 44.43 -16.27 -47.49
CA LYS H 156 45.49 -15.39 -47.97
C LYS H 156 46.84 -15.73 -47.34
N GLU H 157 46.85 -16.20 -46.09
CA GLU H 157 48.09 -16.70 -45.50
C GLU H 157 48.60 -17.92 -46.26
N LEU H 158 47.69 -18.82 -46.64
CA LEU H 158 48.09 -19.97 -47.44
C LEU H 158 48.61 -19.54 -48.81
N LYS H 159 47.98 -18.54 -49.42
CA LYS H 159 48.48 -18.02 -50.69
C LYS H 159 49.87 -17.42 -50.53
N LYS H 160 50.11 -16.74 -49.41
CA LYS H 160 51.44 -16.17 -49.14
C LYS H 160 52.48 -17.27 -48.96
N ILE H 161 52.12 -18.35 -48.25
CA ILE H 161 53.13 -19.36 -47.94
C ILE H 161 53.34 -20.35 -49.09
N ILE H 162 52.36 -20.55 -49.97
CA ILE H 162 52.60 -21.43 -51.11
C ILE H 162 53.61 -20.81 -52.07
N GLY H 163 53.56 -19.49 -52.24
CA GLY H 163 54.59 -18.81 -53.01
C GLY H 163 55.93 -18.81 -52.31
N GLN H 164 55.93 -18.91 -50.97
CA GLN H 164 57.17 -18.99 -50.21
C GLN H 164 57.83 -20.35 -50.33
N VAL H 165 57.04 -21.43 -50.39
CA VAL H 165 57.57 -22.78 -50.47
C VAL H 165 57.49 -23.37 -51.87
N ARG H 166 57.13 -22.58 -52.87
CA ARG H 166 57.00 -23.08 -54.24
C ARG H 166 58.36 -23.35 -54.87
N ASP H 167 59.33 -22.45 -54.65
CA ASP H 167 60.63 -22.60 -55.29
C ASP H 167 61.34 -23.88 -54.85
N GLN H 168 61.20 -24.24 -53.57
CA GLN H 168 61.84 -25.44 -53.05
C GLN H 168 61.03 -26.71 -53.33
N ALA H 169 59.83 -26.60 -53.89
CA ALA H 169 59.01 -27.75 -54.21
C ALA H 169 59.14 -28.11 -55.69
N GLU H 170 58.57 -29.25 -56.05
CA GLU H 170 58.61 -29.75 -57.42
C GLU H 170 57.27 -29.60 -58.13
N HIS H 171 56.16 -29.90 -57.46
CA HIS H 171 54.84 -29.82 -58.05
C HIS H 171 53.94 -28.92 -57.20
N LEU H 172 52.83 -28.50 -57.81
CA LEU H 172 51.89 -27.64 -57.10
C LEU H 172 51.29 -28.36 -55.89
N LYS H 173 50.92 -29.63 -56.07
CA LYS H 173 50.27 -30.37 -55.00
C LYS H 173 51.18 -30.53 -53.78
N THR H 174 52.45 -30.84 -54.01
CA THR H 174 53.38 -31.02 -52.91
C THR H 174 53.56 -29.72 -52.13
N ALA H 175 53.68 -28.59 -52.84
CA ALA H 175 53.82 -27.30 -52.17
C ALA H 175 52.57 -26.95 -51.38
N VAL H 176 51.39 -27.19 -51.95
CA VAL H 176 50.14 -26.89 -51.24
C VAL H 176 50.02 -27.74 -49.99
N GLN H 177 50.36 -29.03 -50.09
CA GLN H 177 50.26 -29.90 -48.94
C GLN H 177 51.29 -29.56 -47.87
N MET H 178 52.51 -29.17 -48.25
CA MET H 178 53.49 -28.73 -47.27
C MET H 178 53.01 -27.44 -46.58
N ALA H 179 52.41 -26.54 -47.34
CA ALA H 179 51.87 -25.31 -46.76
C ALA H 179 50.76 -25.61 -45.77
N VAL H 180 49.85 -26.53 -46.12
CA VAL H 180 48.76 -26.85 -45.20
C VAL H 180 49.29 -27.58 -43.98
N PHE H 181 50.35 -28.38 -44.15
CA PHE H 181 50.95 -29.08 -43.01
C PHE H 181 51.59 -28.10 -42.05
N ILE H 182 52.36 -27.14 -42.57
CA ILE H 182 52.99 -26.15 -41.69
C ILE H 182 51.95 -25.25 -41.05
N HIS H 183 50.88 -24.92 -41.78
CA HIS H 183 49.81 -24.10 -41.21
C HIS H 183 49.10 -24.84 -40.08
N ASN H 184 48.79 -26.13 -40.28
CA ASN H 184 48.02 -26.88 -39.29
C ASN H 184 48.87 -27.38 -38.13
N PHE H 185 50.18 -27.48 -38.29
CA PHE H 185 51.03 -28.04 -37.25
C PHE H 185 52.15 -27.11 -36.79
N LYS H 186 52.89 -26.50 -37.72
CA LYS H 186 54.11 -25.77 -37.38
C LYS H 186 53.91 -24.26 -37.32
N ARG H 187 52.67 -23.80 -37.16
CA ARG H 187 52.40 -22.39 -36.94
C ARG H 187 51.61 -22.23 -35.65
N LYS H 188 52.12 -21.44 -34.73
CA LYS H 188 51.57 -21.31 -33.39
C LYS H 188 50.96 -19.92 -33.22
N GLY H 189 50.50 -19.64 -32.01
CA GLY H 189 49.91 -18.36 -31.69
C GLY H 189 50.11 -18.04 -30.22
N GLY H 190 49.80 -16.80 -29.86
CA GLY H 190 49.93 -16.34 -28.50
C GLY H 190 48.72 -16.57 -27.62
N ILE H 191 47.73 -17.32 -28.10
CA ILE H 191 46.49 -17.52 -27.36
C ILE H 191 46.50 -18.88 -26.68
N GLY H 192 47.70 -19.44 -26.50
CA GLY H 192 47.85 -20.74 -25.85
C GLY H 192 48.95 -21.59 -26.42
N GLY H 193 49.51 -21.15 -27.55
CA GLY H 193 50.66 -21.81 -28.15
C GLY H 193 50.43 -23.22 -28.64
N TYR H 194 49.31 -23.47 -29.33
CA TYR H 194 49.07 -24.76 -29.94
C TYR H 194 48.38 -24.55 -31.28
N SER H 195 48.71 -25.42 -32.23
CA SER H 195 48.32 -25.22 -33.63
C SER H 195 46.91 -25.78 -33.86
N ALA H 196 46.50 -25.83 -35.13
CA ALA H 196 45.13 -26.18 -35.47
C ALA H 196 44.78 -27.60 -35.05
N GLY H 197 45.73 -28.53 -35.19
CA GLY H 197 45.45 -29.91 -34.83
C GLY H 197 45.10 -30.07 -33.36
N GLU H 198 45.85 -29.41 -32.49
CA GLU H 198 45.54 -29.45 -31.07
C GLU H 198 44.16 -28.85 -30.79
N ARG H 199 43.84 -27.73 -31.44
CA ARG H 199 42.54 -27.10 -31.26
C ARG H 199 41.41 -28.05 -31.64
N ILE H 200 41.53 -28.68 -32.82
CA ILE H 200 40.43 -29.52 -33.30
C ILE H 200 40.33 -30.79 -32.45
N VAL H 201 41.46 -31.36 -32.02
CA VAL H 201 41.37 -32.57 -31.20
C VAL H 201 40.78 -32.26 -29.83
N ASP H 202 41.13 -31.10 -29.25
CA ASP H 202 40.53 -30.70 -27.99
C ASP H 202 39.03 -30.45 -28.15
N ILE H 203 38.63 -29.82 -29.27
CA ILE H 203 37.22 -29.57 -29.51
C ILE H 203 36.45 -30.88 -29.65
N ILE H 204 37.01 -31.85 -30.36
CA ILE H 204 36.33 -33.14 -30.53
C ILE H 204 36.26 -33.89 -29.20
N ALA H 205 37.33 -33.80 -28.38
CA ALA H 205 37.28 -34.42 -27.07
C ALA H 205 36.21 -33.79 -26.20
N THR H 206 36.10 -32.47 -26.23
CA THR H 206 35.04 -31.78 -25.48
C THR H 206 33.67 -32.19 -25.98
N ASP H 207 33.53 -32.35 -27.30
CA ASP H 207 32.25 -32.81 -27.86
C ASP H 207 31.91 -34.21 -27.38
N ILE H 208 32.91 -35.10 -27.31
CA ILE H 208 32.67 -36.45 -26.80
C ILE H 208 32.24 -36.40 -25.33
N GLN H 209 32.91 -35.56 -24.54
CA GLN H 209 32.54 -35.44 -23.13
C GLN H 209 31.12 -34.89 -22.97
N THR H 210 30.74 -33.91 -23.79
CA THR H 210 29.39 -33.37 -23.70
C THR H 210 28.36 -34.39 -24.18
N LYS H 211 28.72 -35.23 -25.16
CA LYS H 211 27.84 -36.31 -25.57
C LYS H 211 27.64 -37.32 -24.45
N GLU H 212 28.71 -37.63 -23.71
CA GLU H 212 28.58 -38.50 -22.54
C GLU H 212 27.69 -37.87 -21.48
N LEU H 213 27.86 -36.55 -21.25
CA LEU H 213 27.03 -35.85 -20.28
C LEU H 213 25.56 -35.89 -20.69
N GLN H 214 25.29 -35.69 -21.99
CA GLN H 214 23.92 -35.77 -22.48
C GLN H 214 23.35 -37.18 -22.40
N LYS H 215 24.19 -38.21 -22.57
CA LYS H 215 23.73 -39.57 -22.31
C LYS H 215 23.35 -39.75 -20.85
N GLN H 216 24.15 -39.20 -19.94
CA GLN H 216 23.80 -39.22 -18.53
C GLN H 216 22.47 -38.51 -18.28
N ILE H 217 22.24 -37.40 -18.99
CA ILE H 217 20.96 -36.69 -18.90
C ILE H 217 19.82 -37.59 -19.36
N THR H 218 20.01 -38.25 -20.51
CA THR H 218 18.96 -39.11 -21.06
C THR H 218 18.75 -40.38 -20.25
N LYS H 219 19.67 -40.70 -19.32
CA LYS H 219 19.40 -41.79 -18.38
C LYS H 219 18.17 -41.50 -17.55
N ILE H 220 17.86 -40.22 -17.32
CA ILE H 220 16.67 -39.78 -16.61
C ILE H 220 15.66 -39.30 -17.64
N GLN H 221 14.44 -39.86 -17.60
CA GLN H 221 13.42 -39.56 -18.60
C GLN H 221 12.24 -38.80 -18.03
N ASN H 222 11.50 -39.39 -17.09
CA ASN H 222 10.35 -38.70 -16.49
C ASN H 222 10.57 -38.43 -15.01
N PHE H 223 10.81 -39.48 -14.21
CA PHE H 223 11.25 -39.38 -12.82
C PHE H 223 10.58 -38.25 -12.04
N ARG H 224 9.25 -38.31 -11.90
CA ARG H 224 8.51 -37.26 -11.22
C ARG H 224 8.93 -37.15 -9.76
N VAL H 225 9.09 -35.91 -9.30
CA VAL H 225 9.61 -35.61 -7.97
C VAL H 225 8.76 -34.51 -7.34
N TYR H 226 8.49 -34.65 -6.04
CA TYR H 226 7.85 -33.61 -5.25
C TYR H 226 8.87 -32.98 -4.30
N TYR H 227 8.65 -31.71 -3.98
CA TYR H 227 9.63 -30.94 -3.23
C TYR H 227 8.92 -30.08 -2.19
N ARG H 228 9.72 -29.49 -1.30
CA ARG H 228 9.23 -28.56 -0.29
C ARG H 228 10.22 -27.41 -0.17
N ASP H 229 9.74 -26.29 0.38
CA ASP H 229 10.56 -25.08 0.54
C ASP H 229 10.54 -24.64 1.99
N SER H 230 11.72 -24.36 2.53
CA SER H 230 11.90 -23.81 3.88
C SER H 230 11.17 -24.64 4.93
N ARG H 231 11.24 -25.97 4.78
CA ARG H 231 10.66 -26.92 5.74
C ARG H 231 9.17 -26.68 5.96
N ASP H 232 8.48 -26.14 4.97
CA ASP H 232 7.05 -25.91 5.11
C ASP H 232 6.30 -27.25 5.10
N PRO H 233 5.24 -27.36 5.89
CA PRO H 233 4.46 -28.62 5.92
C PRO H 233 3.82 -28.96 4.59
N VAL H 234 3.56 -27.97 3.74
CA VAL H 234 2.90 -28.22 2.45
C VAL H 234 3.88 -28.88 1.50
N TRP H 235 3.41 -29.91 0.79
CA TRP H 235 4.16 -30.55 -0.27
C TRP H 235 3.75 -29.93 -1.61
N LYS H 236 4.74 -29.61 -2.43
CA LYS H 236 4.52 -28.90 -3.68
C LYS H 236 4.88 -29.78 -4.87
N GLY H 237 4.17 -29.57 -5.97
CA GLY H 237 4.38 -30.33 -7.18
C GLY H 237 3.28 -30.09 -8.20
N PRO H 238 3.34 -30.79 -9.34
CA PRO H 238 4.37 -31.76 -9.75
C PRO H 238 5.63 -31.07 -10.26
N ALA H 239 6.75 -31.79 -10.30
CA ALA H 239 8.01 -31.21 -10.76
C ALA H 239 8.71 -32.21 -11.67
N LYS H 240 9.52 -31.68 -12.59
CA LYS H 240 10.26 -32.47 -13.57
C LYS H 240 11.74 -32.41 -13.22
N LEU H 241 12.25 -33.47 -12.61
CA LEU H 241 13.63 -33.52 -12.11
C LEU H 241 14.64 -33.29 -13.22
N LEU H 242 15.47 -32.25 -13.07
CA LEU H 242 16.53 -32.01 -14.04
C LEU H 242 17.79 -32.80 -13.71
N TRP H 243 18.34 -32.61 -12.52
CA TRP H 243 19.57 -33.32 -12.18
C TRP H 243 19.65 -33.54 -10.67
N LYS H 244 20.43 -34.54 -10.29
CA LYS H 244 20.66 -34.91 -8.89
C LYS H 244 22.16 -34.98 -8.63
N GLY H 245 22.57 -34.45 -7.49
CA GLY H 245 23.99 -34.44 -7.14
C GLY H 245 24.30 -33.76 -5.82
N GLU H 246 25.31 -34.27 -5.12
CA GLU H 246 25.76 -33.72 -3.83
C GLU H 246 24.61 -33.60 -2.84
N GLY H 247 23.74 -34.61 -2.83
CA GLY H 247 22.61 -34.60 -1.92
C GLY H 247 21.59 -33.51 -2.20
N ALA H 248 21.56 -32.99 -3.42
CA ALA H 248 20.61 -31.95 -3.79
C ALA H 248 20.02 -32.26 -5.16
N VAL H 249 18.82 -31.73 -5.41
CA VAL H 249 18.14 -31.91 -6.68
C VAL H 249 17.88 -30.54 -7.29
N VAL H 250 18.30 -30.37 -8.54
CA VAL H 250 17.98 -29.17 -9.32
C VAL H 250 16.83 -29.53 -10.25
N ILE H 251 15.74 -28.76 -10.15
CA ILE H 251 14.48 -29.06 -10.83
C ILE H 251 14.01 -27.80 -11.55
N GLN H 252 13.20 -28.00 -12.58
CA GLN H 252 12.57 -26.91 -13.33
C GLN H 252 11.07 -26.92 -13.08
N ASP H 253 10.51 -25.74 -12.82
CA ASP H 253 9.07 -25.58 -12.61
C ASP H 253 8.69 -24.19 -13.10
N ASN H 254 7.74 -24.14 -14.04
CA ASN H 254 7.25 -22.89 -14.62
C ASN H 254 8.42 -22.05 -15.13
N SER H 255 9.31 -22.70 -15.87
CA SER H 255 10.51 -22.09 -16.44
C SER H 255 11.37 -21.40 -15.37
N ASP H 256 11.42 -21.97 -14.17
CA ASP H 256 12.24 -21.47 -13.08
C ASP H 256 13.02 -22.63 -12.47
N ILE H 257 14.21 -22.32 -11.96
CA ILE H 257 15.12 -23.33 -11.42
C ILE H 257 15.02 -23.32 -9.90
N LYS H 258 14.89 -24.50 -9.30
CA LYS H 258 14.87 -24.64 -7.86
C LYS H 258 15.86 -25.73 -7.44
N VAL H 259 16.71 -25.41 -6.47
CA VAL H 259 17.64 -26.37 -5.88
C VAL H 259 17.11 -26.73 -4.50
N VAL H 260 16.84 -28.00 -4.29
CA VAL H 260 16.22 -28.47 -3.05
C VAL H 260 17.11 -29.54 -2.42
N PRO H 261 17.33 -29.49 -1.11
CA PRO H 261 18.05 -30.60 -0.45
C PRO H 261 17.26 -31.90 -0.52
N ARG H 262 18.01 -33.01 -0.47
CA ARG H 262 17.39 -34.33 -0.59
C ARG H 262 16.37 -34.59 0.51
N ARG H 263 16.61 -34.08 1.72
CA ARG H 263 15.70 -34.29 2.83
C ARG H 263 14.36 -33.61 2.66
N LYS H 264 14.27 -32.60 1.78
CA LYS H 264 13.02 -31.89 1.55
C LYS H 264 12.29 -32.33 0.29
N ALA H 265 12.80 -33.33 -0.42
CA ALA H 265 12.21 -33.77 -1.68
C ALA H 265 12.06 -35.29 -1.69
N LYS H 266 10.97 -35.76 -2.29
CA LYS H 266 10.73 -37.18 -2.48
C LYS H 266 10.66 -37.49 -3.97
N ILE H 267 11.41 -38.52 -4.39
CA ILE H 267 11.48 -38.93 -5.78
C ILE H 267 10.57 -40.12 -6.00
N ILE H 268 9.65 -40.00 -6.96
CA ILE H 268 8.71 -41.06 -7.31
C ILE H 268 9.17 -41.61 -8.65
N ARG H 269 9.76 -42.81 -8.65
CA ARG H 269 10.24 -43.42 -9.88
C ARG H 269 9.14 -44.23 -10.56
N PHE I 1 50.43 9.62 46.53
CA PHE I 1 49.71 8.38 46.24
C PHE I 1 48.69 8.09 47.33
N LEU I 2 48.95 8.58 48.54
CA LEU I 2 48.02 8.46 49.64
C LEU I 2 46.88 9.45 49.45
N ASP I 3 45.75 8.98 48.91
CA ASP I 3 44.60 9.80 48.54
C ASP I 3 44.95 10.85 47.49
N GLY I 4 46.07 10.70 46.80
CA GLY I 4 46.45 11.63 45.75
C GLY I 4 45.67 11.45 44.47
N ILE I 5 44.95 10.34 44.32
CA ILE I 5 44.12 10.13 43.14
C ILE I 5 43.03 11.18 43.07
N ASP I 6 42.41 11.49 44.21
CA ASP I 6 41.37 12.52 44.24
C ASP I 6 41.92 13.88 43.85
N LYS I 7 43.11 14.22 44.38
CA LYS I 7 43.73 15.50 44.03
C LYS I 7 44.07 15.55 42.53
N ALA I 8 44.57 14.44 41.98
CA ALA I 8 44.85 14.38 40.55
C ALA I 8 43.58 14.57 39.74
N GLN I 9 42.48 13.94 40.17
CA GLN I 9 41.21 14.08 39.45
C GLN I 9 40.69 15.50 39.50
N GLU I 10 40.75 16.13 40.68
CA GLU I 10 40.25 17.50 40.80
C GLU I 10 41.17 18.53 40.17
N GLU I 11 42.43 18.20 39.92
CA GLU I 11 43.30 19.08 39.15
C GLU I 11 43.11 18.88 37.65
N HIS I 12 42.88 17.64 37.23
CA HIS I 12 42.66 17.34 35.81
C HIS I 12 41.30 17.82 35.33
N GLU I 13 40.30 17.89 36.21
CA GLU I 13 39.00 18.41 35.80
C GLU I 13 39.05 19.90 35.46
N LYS I 14 40.09 20.60 35.91
CA LYS I 14 40.23 22.03 35.64
C LYS I 14 41.33 22.33 34.63
N TYR I 15 42.53 21.80 34.83
CA TYR I 15 43.65 22.10 33.94
C TYR I 15 43.85 21.04 32.86
N HIS I 16 43.43 19.80 33.10
CA HIS I 16 43.64 18.69 32.18
C HIS I 16 45.13 18.50 31.89
N SER I 17 45.89 18.23 32.94
CA SER I 17 47.33 18.09 32.84
C SER I 17 47.70 16.77 32.17
N ASN I 18 48.95 16.71 31.72
CA ASN I 18 49.49 15.48 31.15
C ASN I 18 49.70 14.43 32.24
N TRP I 19 49.78 13.17 31.83
CA TRP I 19 49.95 12.08 32.78
C TRP I 19 51.28 12.22 33.54
N ARG I 20 52.33 12.64 32.85
CA ARG I 20 53.62 12.81 33.50
C ARG I 20 53.55 13.90 34.57
N ALA I 21 52.90 15.01 34.27
CA ALA I 21 52.79 16.10 35.24
C ALA I 21 51.99 15.68 36.47
N MET I 22 50.85 15.02 36.25
CA MET I 22 50.03 14.60 37.38
C MET I 22 50.70 13.49 38.18
N ALA I 23 51.56 12.70 37.54
CA ALA I 23 52.31 11.69 38.29
C ALA I 23 53.43 12.34 39.10
N SER I 24 54.09 13.35 38.55
CA SER I 24 55.22 13.97 39.22
C SER I 24 54.78 14.86 40.38
N ASP I 25 53.72 15.64 40.20
CA ASP I 25 53.34 16.61 41.22
C ASP I 25 52.60 15.99 42.40
N PHE I 26 52.15 14.74 42.29
CA PHE I 26 51.41 14.10 43.37
C PHE I 26 51.94 12.70 43.70
N ASN I 27 53.07 12.28 43.11
CA ASN I 27 53.67 10.97 43.37
C ASN I 27 52.70 9.84 43.05
N LEU I 28 52.30 9.77 41.77
CA LEU I 28 51.40 8.75 41.29
C LEU I 28 52.13 7.81 40.32
N PRO I 29 51.80 6.52 40.32
CA PRO I 29 52.40 5.62 39.34
C PRO I 29 51.93 5.95 37.94
N PRO I 30 52.72 5.64 36.91
CA PRO I 30 52.32 6.01 35.54
C PRO I 30 51.03 5.37 35.08
N VAL I 31 50.70 4.17 35.54
CA VAL I 31 49.47 3.50 35.09
C VAL I 31 48.24 4.28 35.56
N VAL I 32 48.25 4.73 36.81
CA VAL I 32 47.13 5.50 37.33
C VAL I 32 46.98 6.82 36.59
N ALA I 33 48.11 7.48 36.30
CA ALA I 33 48.06 8.72 35.53
C ALA I 33 47.49 8.49 34.14
N LYS I 34 47.91 7.40 33.48
CA LYS I 34 47.40 7.11 32.15
C LYS I 34 45.91 6.82 32.16
N GLU I 35 45.44 6.06 33.15
CA GLU I 35 44.01 5.76 33.20
C GLU I 35 43.19 6.99 33.57
N ILE I 36 43.76 7.89 34.39
CA ILE I 36 43.07 9.14 34.70
C ILE I 36 42.96 10.00 33.44
N VAL I 37 44.03 10.07 32.65
CA VAL I 37 43.98 10.81 31.39
C VAL I 37 42.95 10.20 30.45
N ALA I 38 42.92 8.86 30.38
CA ALA I 38 41.97 8.18 29.50
C ALA I 38 40.53 8.42 29.93
N SER I 39 40.27 8.43 31.24
CA SER I 39 38.90 8.58 31.73
C SER I 39 38.31 9.96 31.41
N CYS I 40 39.15 10.93 31.10
CA CYS I 40 38.65 12.26 30.75
C CYS I 40 37.97 12.22 29.39
N ASP I 41 36.79 12.83 29.30
CA ASP I 41 36.04 12.84 28.05
C ASP I 41 36.64 13.81 27.03
N LYS I 42 37.49 14.74 27.46
CA LYS I 42 38.11 15.67 26.53
C LYS I 42 39.52 15.25 26.12
N CYS I 43 40.22 14.52 26.97
CA CYS I 43 41.56 14.06 26.66
C CYS I 43 41.58 12.57 26.33
N PHE J 1 75.83 22.86 -26.40
CA PHE J 1 74.53 22.23 -26.55
C PHE J 1 73.53 23.18 -27.21
N LEU J 2 73.65 24.47 -26.90
CA LEU J 2 72.82 25.51 -27.51
C LEU J 2 73.33 25.77 -28.91
N ASP J 3 72.80 25.01 -29.87
CA ASP J 3 73.19 25.05 -31.28
C ASP J 3 74.67 24.69 -31.47
N GLY J 4 75.28 24.06 -30.47
CA GLY J 4 76.68 23.69 -30.57
C GLY J 4 76.96 22.63 -31.62
N ILE J 5 76.01 21.71 -31.82
CA ILE J 5 76.23 20.62 -32.77
C ILE J 5 76.38 21.15 -34.18
N ASP J 6 75.53 22.10 -34.57
CA ASP J 6 75.59 22.63 -35.93
C ASP J 6 76.89 23.35 -36.22
N LYS J 7 77.30 24.25 -35.31
CA LYS J 7 78.55 24.96 -35.51
C LYS J 7 79.74 24.01 -35.46
N ALA J 8 79.69 23.03 -34.56
CA ALA J 8 80.78 22.05 -34.47
C ALA J 8 80.92 21.26 -35.76
N GLN J 9 79.80 20.80 -36.33
CA GLN J 9 79.90 20.02 -37.56
C GLN J 9 80.29 20.91 -38.74
N GLU J 10 79.82 22.16 -38.77
CA GLU J 10 80.18 23.02 -39.89
C GLU J 10 81.65 23.42 -39.85
N GLU J 11 82.24 23.54 -38.66
CA GLU J 11 83.67 23.80 -38.58
C GLU J 11 84.48 22.53 -38.79
N HIS J 12 83.93 21.37 -38.43
CA HIS J 12 84.62 20.10 -38.67
C HIS J 12 84.65 19.74 -40.14
N GLU J 13 83.64 20.17 -40.90
CA GLU J 13 83.64 19.94 -42.35
C GLU J 13 84.73 20.72 -43.07
N LYS J 14 85.32 21.71 -42.42
CA LYS J 14 86.38 22.52 -43.02
C LYS J 14 87.75 22.28 -42.40
N TYR J 15 87.82 22.05 -41.09
CA TYR J 15 89.10 21.86 -40.42
C TYR J 15 89.34 20.45 -39.92
N HIS J 16 88.28 19.67 -39.67
CA HIS J 16 88.38 18.31 -39.13
C HIS J 16 89.17 18.32 -37.82
N SER J 17 88.67 19.08 -36.85
CA SER J 17 89.33 19.22 -35.57
C SER J 17 89.19 17.95 -34.74
N ASN J 18 90.13 17.79 -33.79
CA ASN J 18 90.08 16.67 -32.86
C ASN J 18 88.89 16.83 -31.92
N TRP J 19 88.43 15.70 -31.38
CA TRP J 19 87.24 15.72 -30.53
C TRP J 19 87.46 16.55 -29.27
N ARG J 20 88.67 16.50 -28.70
CA ARG J 20 88.95 17.28 -27.50
C ARG J 20 88.81 18.77 -27.78
N ALA J 21 89.37 19.24 -28.91
CA ALA J 21 89.30 20.65 -29.24
C ALA J 21 87.85 21.10 -29.49
N MET J 22 87.08 20.27 -30.19
CA MET J 22 85.68 20.61 -30.43
C MET J 22 84.87 20.66 -29.14
N ALA J 23 85.13 19.71 -28.23
CA ALA J 23 84.42 19.71 -26.95
C ALA J 23 84.80 20.92 -26.11
N SER J 24 86.09 21.28 -26.10
CA SER J 24 86.52 22.41 -25.27
C SER J 24 86.05 23.74 -25.84
N ASP J 25 86.10 23.90 -27.16
CA ASP J 25 85.78 25.20 -27.76
C ASP J 25 84.29 25.52 -27.65
N PHE J 26 83.44 24.56 -27.99
CA PHE J 26 82.00 24.80 -28.05
C PHE J 26 81.24 24.32 -26.83
N ASN J 27 81.96 23.79 -25.82
CA ASN J 27 81.34 23.32 -24.57
C ASN J 27 80.31 22.22 -24.84
N LEU J 28 80.80 21.10 -25.37
CA LEU J 28 80.00 19.91 -25.62
C LEU J 28 80.57 18.72 -24.87
N PRO J 29 79.74 17.75 -24.50
CA PRO J 29 80.26 16.56 -23.86
C PRO J 29 81.14 15.78 -24.81
N PRO J 30 82.11 15.01 -24.28
CA PRO J 30 83.05 14.30 -25.17
C PRO J 30 82.38 13.31 -26.11
N VAL J 31 81.26 12.71 -25.71
CA VAL J 31 80.59 11.74 -26.58
C VAL J 31 80.08 12.40 -27.85
N VAL J 32 79.58 13.64 -27.75
CA VAL J 32 79.11 14.35 -28.94
C VAL J 32 80.26 14.60 -29.90
N ALA J 33 81.41 15.03 -29.37
CA ALA J 33 82.57 15.24 -30.22
C ALA J 33 83.06 13.94 -30.85
N LYS J 34 83.05 12.85 -30.09
CA LYS J 34 83.46 11.56 -30.63
C LYS J 34 82.54 11.11 -31.75
N GLU J 35 81.22 11.28 -31.58
CA GLU J 35 80.29 10.93 -32.63
C GLU J 35 80.41 11.84 -33.84
N ILE J 36 80.76 13.11 -33.64
CA ILE J 36 81.01 14.00 -34.77
C ILE J 36 82.23 13.54 -35.55
N VAL J 37 83.30 13.16 -34.84
CA VAL J 37 84.49 12.64 -35.50
C VAL J 37 84.16 11.36 -36.27
N ALA J 38 83.37 10.47 -35.65
CA ALA J 38 83.00 9.22 -36.32
C ALA J 38 82.16 9.48 -37.56
N SER J 39 81.26 10.47 -37.51
CA SER J 39 80.40 10.77 -38.65
C SER J 39 81.19 11.27 -39.86
N CYS J 40 82.38 11.82 -39.65
CA CYS J 40 83.20 12.30 -40.76
C CYS J 40 83.79 11.11 -41.50
N ASP J 41 83.60 11.08 -42.83
CA ASP J 41 84.13 9.99 -43.63
C ASP J 41 85.65 10.05 -43.71
N LYS J 42 86.21 11.26 -43.81
CA LYS J 42 87.66 11.39 -43.93
C LYS J 42 88.37 10.97 -42.64
N CYS J 43 87.81 11.33 -41.49
CA CYS J 43 88.39 10.97 -40.21
C CYS J 43 87.88 9.60 -39.76
N GLN J 44 88.52 9.06 -38.72
CA GLN J 44 88.13 7.77 -38.17
C GLN J 44 87.95 7.85 -36.65
N PHE K 1 -21.20 -71.31 37.71
CA PHE K 1 -20.73 -69.93 37.84
C PHE K 1 -21.90 -68.98 38.07
N LEU K 2 -23.08 -69.36 37.58
CA LEU K 2 -24.30 -68.57 37.76
C LEU K 2 -24.79 -68.78 39.19
N ASP K 3 -24.28 -67.95 40.09
CA ASP K 3 -24.60 -67.98 41.53
C ASP K 3 -24.26 -69.34 42.16
N GLY K 4 -23.35 -70.10 41.54
CA GLY K 4 -22.97 -71.38 42.09
C GLY K 4 -22.13 -71.28 43.34
N ILE K 5 -21.40 -70.17 43.50
CA ILE K 5 -20.53 -70.01 44.66
C ILE K 5 -21.37 -69.94 45.94
N ASP K 6 -22.47 -69.19 45.91
CA ASP K 6 -23.28 -69.02 47.11
C ASP K 6 -23.90 -70.33 47.56
N LYS K 7 -24.51 -71.06 46.62
CA LYS K 7 -25.11 -72.35 46.99
C LYS K 7 -24.04 -73.35 47.41
N ALA K 8 -22.88 -73.34 46.73
CA ALA K 8 -21.79 -74.24 47.09
C ALA K 8 -21.33 -73.99 48.53
N GLN K 9 -21.13 -72.71 48.89
CA GLN K 9 -20.65 -72.42 50.23
C GLN K 9 -21.74 -72.67 51.28
N GLU K 10 -23.00 -72.41 50.94
CA GLU K 10 -24.07 -72.63 51.91
C GLU K 10 -24.30 -74.12 52.16
N GLU K 11 -24.05 -74.97 51.15
CA GLU K 11 -24.15 -76.41 51.40
C GLU K 11 -22.86 -76.96 52.03
N HIS K 12 -21.72 -76.31 51.77
CA HIS K 12 -20.48 -76.74 52.42
C HIS K 12 -20.47 -76.40 53.90
N GLU K 13 -21.15 -75.31 54.29
CA GLU K 13 -21.27 -74.97 55.70
C GLU K 13 -22.11 -75.96 56.48
N LYS K 14 -22.87 -76.82 55.80
CA LYS K 14 -23.71 -77.83 56.44
C LYS K 14 -23.19 -79.24 56.29
N TYR K 15 -22.59 -79.58 55.14
CA TYR K 15 -22.12 -80.93 54.90
C TYR K 15 -20.60 -81.04 54.77
N HIS K 16 -19.90 -80.00 54.33
CA HIS K 16 -18.46 -80.00 54.17
C HIS K 16 -18.02 -81.14 53.22
N SER K 17 -18.49 -81.05 51.98
CA SER K 17 -18.22 -82.07 50.99
C SER K 17 -16.86 -81.83 50.32
N ASN K 18 -16.42 -82.83 49.56
CA ASN K 18 -15.16 -82.74 48.83
C ASN K 18 -15.30 -81.77 47.65
N TRP K 19 -14.16 -81.23 47.22
CA TRP K 19 -14.18 -80.24 46.14
C TRP K 19 -14.68 -80.84 44.84
N ARG K 20 -14.42 -82.13 44.61
CA ARG K 20 -14.91 -82.79 43.40
C ARG K 20 -16.44 -82.80 43.37
N ALA K 21 -17.07 -83.04 44.52
CA ALA K 21 -18.53 -83.04 44.57
C ALA K 21 -19.10 -81.66 44.24
N MET K 22 -18.50 -80.60 44.78
CA MET K 22 -18.96 -79.25 44.46
C MET K 22 -18.75 -78.93 42.99
N ALA K 23 -17.60 -79.34 42.43
CA ALA K 23 -17.33 -79.07 41.02
C ALA K 23 -18.33 -79.79 40.12
N SER K 24 -18.65 -81.05 40.43
CA SER K 24 -19.54 -81.82 39.58
C SER K 24 -21.00 -81.39 39.74
N ASP K 25 -21.44 -81.16 40.98
CA ASP K 25 -22.85 -80.88 41.22
C ASP K 25 -23.24 -79.49 40.70
N PHE K 26 -22.44 -78.48 41.03
CA PHE K 26 -22.78 -77.10 40.71
C PHE K 26 -22.10 -76.57 39.46
N ASN K 27 -21.30 -77.40 38.78
CA ASN K 27 -20.61 -77.02 37.54
C ASN K 27 -19.71 -75.80 37.76
N LEU K 28 -18.71 -75.97 38.62
CA LEU K 28 -17.71 -74.95 38.89
C LEU K 28 -16.32 -75.48 38.56
N PRO K 29 -15.39 -74.61 38.20
CA PRO K 29 -14.03 -75.05 37.95
C PRO K 29 -13.40 -75.58 39.23
N PRO K 30 -12.43 -76.50 39.11
CA PRO K 30 -11.84 -77.10 40.32
C PRO K 30 -11.16 -76.10 41.24
N VAL K 31 -10.61 -75.01 40.71
CA VAL K 31 -9.93 -74.03 41.54
C VAL K 31 -10.90 -73.36 42.51
N VAL K 32 -12.11 -73.06 42.03
CA VAL K 32 -13.11 -72.43 42.89
C VAL K 32 -13.49 -73.37 44.03
N ALA K 33 -13.70 -74.65 43.72
CA ALA K 33 -14.02 -75.62 44.76
C ALA K 33 -12.88 -75.77 45.75
N LYS K 34 -11.64 -75.80 45.26
CA LYS K 34 -10.49 -75.94 46.16
C LYS K 34 -10.38 -74.74 47.09
N GLU K 35 -10.56 -73.53 46.58
CA GLU K 35 -10.45 -72.36 47.45
C GLU K 35 -11.65 -72.24 48.38
N ILE K 36 -12.83 -72.74 47.98
CA ILE K 36 -13.96 -72.80 48.89
C ILE K 36 -13.67 -73.76 50.03
N VAL K 37 -13.08 -74.93 49.73
CA VAL K 37 -12.69 -75.87 50.78
C VAL K 37 -11.66 -75.23 51.69
N ALA K 38 -10.68 -74.53 51.11
CA ALA K 38 -9.66 -73.85 51.92
C ALA K 38 -10.27 -72.78 52.81
N SER K 39 -11.33 -72.12 52.35
CA SER K 39 -11.99 -71.10 53.16
C SER K 39 -12.67 -71.68 54.40
N CYS K 40 -12.96 -72.98 54.40
CA CYS K 40 -13.58 -73.62 55.54
C CYS K 40 -12.54 -73.85 56.63
N ASP K 41 -12.84 -73.39 57.84
CA ASP K 41 -11.91 -73.57 58.95
C ASP K 41 -11.85 -75.03 59.41
N LYS K 42 -12.98 -75.72 59.38
CA LYS K 42 -13.00 -77.12 59.84
C LYS K 42 -12.22 -78.02 58.89
N CYS K 43 -12.34 -77.80 57.58
CA CYS K 43 -11.64 -78.61 56.60
C CYS K 43 -10.27 -78.00 56.30
N GLN K 44 -9.43 -78.79 55.63
CA GLN K 44 -8.09 -78.34 55.26
C GLN K 44 -7.85 -78.53 53.77
N PHE L 1 6.98 -60.47 -35.04
CA PHE L 1 7.51 -59.19 -34.59
C PHE L 1 7.59 -58.20 -35.75
N LEU L 2 7.52 -58.73 -36.98
CA LEU L 2 7.61 -57.90 -38.18
C LEU L 2 6.42 -56.96 -38.22
N ASP L 3 6.67 -55.67 -37.99
CA ASP L 3 5.66 -54.62 -37.90
C ASP L 3 4.61 -54.91 -36.83
N GLY L 4 4.94 -55.73 -35.82
CA GLY L 4 3.98 -56.04 -34.79
C GLY L 4 3.71 -54.89 -33.84
N ILE L 5 4.68 -53.99 -33.68
CA ILE L 5 4.50 -52.87 -32.76
C ILE L 5 3.38 -51.96 -33.24
N ASP L 6 3.33 -51.69 -34.54
CA ASP L 6 2.33 -50.78 -35.08
C ASP L 6 0.92 -51.33 -34.89
N LYS L 7 0.72 -52.61 -35.23
CA LYS L 7 -0.62 -53.19 -35.07
C LYS L 7 -0.97 -53.37 -33.59
N ALA L 8 0.03 -53.64 -32.75
CA ALA L 8 -0.22 -53.69 -31.31
C ALA L 8 -0.70 -52.34 -30.80
N GLN L 9 -0.07 -51.26 -31.26
CA GLN L 9 -0.51 -49.92 -30.86
C GLN L 9 -1.91 -49.62 -31.38
N GLU L 10 -2.19 -49.98 -32.64
CA GLU L 10 -3.48 -49.65 -33.22
C GLU L 10 -4.61 -50.49 -32.63
N GLU L 11 -4.28 -51.67 -32.09
CA GLU L 11 -5.30 -52.45 -31.39
C GLU L 11 -5.42 -52.07 -29.93
N HIS L 12 -4.33 -51.56 -29.32
CA HIS L 12 -4.38 -51.11 -27.93
C HIS L 12 -5.09 -49.77 -27.81
N GLU L 13 -5.05 -48.95 -28.86
CA GLU L 13 -5.78 -47.68 -28.82
C GLU L 13 -7.28 -47.91 -28.80
N LYS L 14 -7.74 -49.10 -29.19
CA LYS L 14 -9.18 -49.37 -29.23
C LYS L 14 -9.60 -50.30 -28.09
N TYR L 15 -8.89 -51.40 -27.88
CA TYR L 15 -9.27 -52.37 -26.87
C TYR L 15 -8.53 -52.21 -25.55
N HIS L 16 -7.33 -51.63 -25.56
CA HIS L 16 -6.52 -51.47 -24.36
C HIS L 16 -6.30 -52.82 -23.65
N SER L 17 -5.77 -53.77 -24.43
CA SER L 17 -5.55 -55.11 -23.91
C SER L 17 -4.33 -55.14 -22.99
N ASN L 18 -4.27 -56.20 -22.18
CA ASN L 18 -3.15 -56.38 -21.26
C ASN L 18 -1.87 -56.69 -22.03
N TRP L 19 -0.73 -56.47 -21.38
CA TRP L 19 0.56 -56.72 -22.02
C TRP L 19 0.72 -58.20 -22.35
N ARG L 20 0.27 -59.09 -21.47
CA ARG L 20 0.39 -60.52 -21.72
C ARG L 20 -0.42 -60.93 -22.96
N ALA L 21 -1.63 -60.39 -23.09
CA ALA L 21 -2.47 -60.75 -24.24
C ALA L 21 -1.85 -60.32 -25.55
N MET L 22 -1.40 -59.05 -25.62
CA MET L 22 -0.80 -58.56 -26.86
C MET L 22 0.54 -59.24 -27.13
N ALA L 23 1.24 -59.67 -26.09
CA ALA L 23 2.51 -60.37 -26.29
C ALA L 23 2.28 -61.78 -26.84
N SER L 24 1.32 -62.51 -26.26
CA SER L 24 1.09 -63.89 -26.68
C SER L 24 0.38 -63.96 -28.03
N ASP L 25 -0.61 -63.10 -28.27
CA ASP L 25 -1.42 -63.21 -29.48
C ASP L 25 -0.62 -62.82 -30.72
N PHE L 26 0.23 -61.79 -30.62
CA PHE L 26 0.90 -61.23 -31.78
C PHE L 26 2.42 -61.39 -31.72
N ASN L 27 2.91 -62.27 -30.84
CA ASN L 27 4.33 -62.60 -30.76
C ASN L 27 5.19 -61.36 -30.48
N LEU L 28 4.98 -60.79 -29.30
CA LEU L 28 5.78 -59.66 -28.83
C LEU L 28 6.52 -60.03 -27.55
N PRO L 29 7.73 -59.53 -27.36
CA PRO L 29 8.43 -59.77 -26.11
C PRO L 29 7.75 -59.02 -24.97
N PRO L 30 7.89 -59.49 -23.74
CA PRO L 30 7.21 -58.83 -22.61
C PRO L 30 7.61 -57.38 -22.41
N VAL L 31 8.87 -57.01 -22.69
CA VAL L 31 9.30 -55.63 -22.48
C VAL L 31 8.56 -54.67 -23.41
N VAL L 32 8.44 -55.06 -24.69
CA VAL L 32 7.74 -54.21 -25.65
C VAL L 32 6.27 -54.07 -25.28
N ALA L 33 5.66 -55.17 -24.86
CA ALA L 33 4.26 -55.11 -24.44
C ALA L 33 4.07 -54.22 -23.21
N LYS L 34 4.97 -54.34 -22.23
CA LYS L 34 4.88 -53.51 -21.04
C LYS L 34 5.04 -52.04 -21.37
N GLU L 35 6.00 -51.70 -22.24
CA GLU L 35 6.18 -50.30 -22.60
C GLU L 35 5.01 -49.77 -23.44
N ILE L 36 4.41 -50.62 -24.28
CA ILE L 36 3.22 -50.20 -25.03
C ILE L 36 2.06 -49.93 -24.09
N VAL L 37 1.89 -50.79 -23.08
CA VAL L 37 0.84 -50.55 -22.08
C VAL L 37 1.12 -49.26 -21.32
N ALA L 38 2.39 -49.02 -20.97
CA ALA L 38 2.75 -47.81 -20.22
C ALA L 38 2.51 -46.55 -21.05
N SER L 39 2.80 -46.60 -22.35
CA SER L 39 2.65 -45.42 -23.19
C SER L 39 1.20 -44.96 -23.31
N CYS L 40 0.24 -45.85 -23.04
CA CYS L 40 -1.16 -45.46 -23.08
C CYS L 40 -1.47 -44.50 -21.94
N ASP L 41 -2.23 -43.44 -22.25
CA ASP L 41 -2.59 -42.46 -21.23
C ASP L 41 -3.70 -42.94 -20.31
N LYS L 42 -4.46 -43.96 -20.72
CA LYS L 42 -5.54 -44.46 -19.86
C LYS L 42 -5.07 -45.58 -18.94
N CYS L 43 -4.16 -46.41 -19.44
CA CYS L 43 -3.64 -47.53 -18.65
C CYS L 43 -2.38 -47.10 -17.91
N GLN L 44 -2.13 -47.76 -16.78
CA GLN L 44 -0.96 -47.47 -15.96
C GLN L 44 -0.27 -48.76 -15.52
N PRO M 1 -39.70 6.77 25.15
CA PRO M 1 -40.53 6.76 23.94
C PRO M 1 -41.86 7.47 24.15
N ILE M 2 -42.77 7.35 23.18
CA ILE M 2 -44.10 7.94 23.31
C ILE M 2 -44.88 7.10 24.32
N VAL M 3 -45.08 7.64 25.52
CA VAL M 3 -45.74 6.94 26.61
C VAL M 3 -46.96 7.74 27.03
N GLN M 4 -48.09 7.06 27.23
CA GLN M 4 -49.30 7.72 27.68
C GLN M 4 -49.15 8.12 29.15
N ASN M 5 -49.49 9.38 29.44
CA ASN M 5 -49.41 9.88 30.80
C ASN M 5 -50.52 9.26 31.66
N LEU M 6 -50.33 9.33 32.97
CA LEU M 6 -51.32 8.81 33.92
C LEU M 6 -52.66 9.51 33.72
N GLN M 7 -53.67 8.74 33.29
CA GLN M 7 -55.00 9.23 32.95
C GLN M 7 -54.95 10.59 32.24
N GLY M 8 -54.06 10.67 31.24
CA GLY M 8 -53.89 11.89 30.48
C GLY M 8 -53.67 11.65 29.00
N GLN M 9 -52.96 12.57 28.35
CA GLN M 9 -52.69 12.49 26.92
C GLN M 9 -51.28 11.98 26.66
N MET M 10 -51.04 11.58 25.42
CA MET M 10 -49.75 11.03 25.04
C MET M 10 -48.68 12.12 25.08
N VAL M 11 -47.55 11.81 25.73
CA VAL M 11 -46.44 12.75 25.87
C VAL M 11 -45.15 12.06 25.42
N HIS M 12 -44.24 12.85 24.88
CA HIS M 12 -42.95 12.33 24.42
C HIS M 12 -42.00 12.13 25.60
N GLN M 13 -41.16 11.10 25.48
CA GLN M 13 -40.15 10.82 26.48
C GLN M 13 -38.95 10.15 25.79
N ALA M 14 -37.81 10.23 26.44
CA ALA M 14 -36.59 9.62 25.92
C ALA M 14 -36.54 8.14 26.27
N ILE M 15 -35.73 7.40 25.51
CA ILE M 15 -35.57 5.97 25.75
C ILE M 15 -34.80 5.75 27.04
N SER M 16 -35.33 4.87 27.89
CA SER M 16 -34.66 4.55 29.15
C SER M 16 -33.32 3.87 28.86
N PRO M 17 -32.28 4.18 29.64
CA PRO M 17 -30.97 3.54 29.41
C PRO M 17 -31.02 2.03 29.57
N ARG M 18 -31.86 1.51 30.47
CA ARG M 18 -31.92 0.07 30.70
C ARG M 18 -32.37 -0.67 29.45
N THR M 19 -33.39 -0.16 28.77
CA THR M 19 -33.93 -0.86 27.60
C THR M 19 -32.90 -0.92 26.48
N LEU M 20 -32.25 0.21 26.19
CA LEU M 20 -31.26 0.23 25.11
C LEU M 20 -30.04 -0.61 25.47
N ASN M 21 -29.62 -0.58 26.75
CA ASN M 21 -28.50 -1.41 27.17
C ASN M 21 -28.83 -2.88 27.01
N ALA M 22 -30.02 -3.29 27.43
CA ALA M 22 -30.42 -4.69 27.26
C ALA M 22 -30.49 -5.07 25.80
N TRP M 23 -31.04 -4.18 24.96
CA TRP M 23 -31.13 -4.48 23.53
C TRP M 23 -29.75 -4.67 22.92
N VAL M 24 -28.83 -3.75 23.20
CA VAL M 24 -27.51 -3.84 22.57
C VAL M 24 -26.76 -5.05 23.09
N LYS M 25 -26.86 -5.35 24.38
CA LYS M 25 -26.14 -6.51 24.92
C LYS M 25 -26.69 -7.81 24.37
N VAL M 26 -28.02 -7.92 24.27
CA VAL M 26 -28.61 -9.16 23.74
C VAL M 26 -28.33 -9.30 22.25
N VAL M 27 -28.19 -8.18 21.53
CA VAL M 27 -27.84 -8.25 20.12
C VAL M 27 -26.38 -8.69 19.96
N GLU M 28 -25.48 -8.14 20.77
CA GLU M 28 -24.06 -8.40 20.57
C GLU M 28 -23.60 -9.73 21.17
N GLU M 29 -24.36 -10.28 22.13
CA GLU M 29 -23.83 -11.38 22.91
C GLU M 29 -23.76 -12.69 22.12
N LYS M 30 -24.91 -13.19 21.63
CA LYS M 30 -24.96 -14.54 21.09
C LYS M 30 -24.80 -14.59 19.57
N ALA M 31 -25.77 -14.05 18.82
CA ALA M 31 -25.77 -14.14 17.36
C ALA M 31 -26.95 -13.37 16.82
N PHE M 32 -27.00 -13.25 15.49
CA PHE M 32 -28.12 -12.60 14.79
C PHE M 32 -29.16 -13.65 14.41
N SER M 33 -29.65 -14.35 15.42
CA SER M 33 -30.67 -15.36 15.26
C SER M 33 -32.01 -14.71 14.96
N PRO M 34 -32.95 -15.45 14.35
CA PRO M 34 -34.25 -14.84 14.01
C PRO M 34 -35.03 -14.33 15.22
N GLU M 35 -34.72 -14.83 16.42
CA GLU M 35 -35.45 -14.42 17.61
C GLU M 35 -35.24 -12.94 17.95
N VAL M 36 -34.25 -12.28 17.34
CA VAL M 36 -34.08 -10.85 17.55
C VAL M 36 -35.21 -10.07 16.88
N ILE M 37 -35.84 -10.65 15.86
CA ILE M 37 -36.94 -9.96 15.18
C ILE M 37 -38.12 -9.69 16.10
N PRO M 38 -38.63 -10.67 16.87
CA PRO M 38 -39.71 -10.32 17.81
C PRO M 38 -39.26 -9.40 18.93
N MET M 39 -38.12 -9.69 19.57
CA MET M 39 -37.67 -8.88 20.69
C MET M 39 -37.49 -7.42 20.29
N PHE M 40 -37.03 -7.18 19.05
CA PHE M 40 -36.93 -5.82 18.56
C PHE M 40 -38.29 -5.13 18.62
N SER M 41 -39.33 -5.77 18.10
CA SER M 41 -40.67 -5.20 18.18
C SER M 41 -41.20 -5.15 19.60
N ALA M 42 -40.56 -5.85 20.54
CA ALA M 42 -40.92 -5.73 21.94
C ALA M 42 -40.18 -4.59 22.65
N LEU M 43 -39.30 -3.88 21.95
CA LEU M 43 -38.55 -2.79 22.54
C LEU M 43 -38.63 -1.48 21.75
N SER M 44 -39.27 -1.48 20.58
CA SER M 44 -39.36 -0.29 19.74
C SER M 44 -40.80 -0.03 19.31
N GLU M 45 -41.74 -0.10 20.25
CA GLU M 45 -43.15 0.17 19.97
C GLU M 45 -43.47 1.62 20.33
N GLY M 46 -44.11 2.32 19.39
CA GLY M 46 -44.43 3.71 19.61
C GLY M 46 -43.23 4.60 19.84
N ALA M 47 -42.18 4.40 19.05
CA ALA M 47 -40.94 5.16 19.20
C ALA M 47 -40.67 5.97 17.94
N THR M 48 -40.17 7.20 18.14
CA THR M 48 -39.87 8.07 17.01
C THR M 48 -38.67 7.54 16.23
N PRO M 49 -38.58 7.85 14.94
CA PRO M 49 -37.49 7.30 14.12
C PRO M 49 -36.10 7.63 14.61
N GLN M 50 -35.89 8.82 15.18
CA GLN M 50 -34.54 9.18 15.63
C GLN M 50 -34.06 8.28 16.77
N ASP M 51 -34.98 7.88 17.65
CA ASP M 51 -34.61 6.91 18.68
C ASP M 51 -34.32 5.54 18.09
N LEU M 52 -35.01 5.17 17.01
CA LEU M 52 -34.66 3.96 16.29
C LEU M 52 -33.24 4.04 15.75
N ASN M 53 -32.88 5.19 15.18
CA ASN M 53 -31.51 5.37 14.68
C ASN M 53 -30.51 5.29 15.82
N THR M 54 -30.83 5.90 16.96
CA THR M 54 -29.93 5.86 18.12
C THR M 54 -29.72 4.43 18.60
N MET M 55 -30.80 3.65 18.67
CA MET M 55 -30.67 2.24 19.06
C MET M 55 -29.90 1.46 18.01
N LEU M 56 -30.03 1.84 16.74
CA LEU M 56 -29.34 1.14 15.66
C LEU M 56 -27.84 1.40 15.68
N ASN M 57 -27.44 2.63 16.00
CA ASN M 57 -26.04 3.01 15.86
C ASN M 57 -25.18 2.49 17.01
N THR M 58 -25.80 1.98 18.07
CA THR M 58 -25.05 1.53 19.24
C THR M 58 -24.51 0.11 19.10
N VAL M 59 -24.75 -0.56 17.98
CA VAL M 59 -24.27 -1.92 17.80
C VAL M 59 -22.75 -1.92 17.70
N GLY M 60 -22.13 -2.86 18.41
CA GLY M 60 -20.68 -3.00 18.37
C GLY M 60 -20.22 -3.99 17.31
N GLY M 61 -19.63 -3.48 16.23
CA GLY M 61 -19.21 -4.32 15.14
C GLY M 61 -20.37 -4.69 14.23
N HIS M 62 -20.12 -5.70 13.39
CA HIS M 62 -21.11 -6.20 12.43
C HIS M 62 -21.59 -5.07 11.51
N GLN M 63 -20.65 -4.27 11.01
CA GLN M 63 -20.99 -3.11 10.19
C GLN M 63 -21.46 -3.49 8.79
N ALA M 64 -21.19 -4.72 8.33
CA ALA M 64 -21.69 -5.15 7.02
C ALA M 64 -23.21 -5.17 7.01
N ALA M 65 -23.82 -5.69 8.08
CA ALA M 65 -25.27 -5.65 8.20
C ALA M 65 -25.79 -4.22 8.29
N MET M 66 -25.02 -3.33 8.94
CA MET M 66 -25.41 -1.93 9.02
C MET M 66 -25.44 -1.30 7.62
N GLN M 67 -24.42 -1.57 6.81
CA GLN M 67 -24.42 -1.08 5.44
C GLN M 67 -25.59 -1.67 4.64
N MET M 68 -25.86 -2.96 4.84
CA MET M 68 -27.00 -3.59 4.17
C MET M 68 -28.29 -2.87 4.49
N LEU M 69 -28.56 -2.66 5.78
CA LEU M 69 -29.82 -2.04 6.17
C LEU M 69 -29.87 -0.57 5.75
N LYS M 70 -28.74 0.14 5.78
CA LYS M 70 -28.74 1.52 5.31
C LYS M 70 -29.07 1.59 3.83
N GLU M 71 -28.48 0.71 3.03
CA GLU M 71 -28.76 0.72 1.60
C GLU M 71 -30.22 0.35 1.32
N THR M 72 -30.75 -0.64 2.05
CA THR M 72 -32.14 -1.02 1.85
C THR M 72 -33.09 0.10 2.27
N ILE M 73 -32.76 0.81 3.36
CA ILE M 73 -33.57 1.94 3.78
C ILE M 73 -33.54 3.04 2.70
N ASN M 74 -32.36 3.30 2.14
CA ASN M 74 -32.27 4.32 1.09
C ASN M 74 -33.08 3.94 -0.13
N GLU M 75 -32.99 2.68 -0.57
CA GLU M 75 -33.74 2.28 -1.76
C GLU M 75 -35.25 2.26 -1.49
N GLU M 76 -35.65 1.86 -0.28
CA GLU M 76 -37.07 1.90 0.06
C GLU M 76 -37.58 3.34 0.13
N ALA M 77 -36.76 4.26 0.63
CA ALA M 77 -37.13 5.67 0.62
C ALA M 77 -37.28 6.19 -0.80
N ALA M 78 -36.38 5.79 -1.70
CA ALA M 78 -36.50 6.18 -3.10
C ALA M 78 -37.78 5.62 -3.72
N GLU M 79 -38.11 4.37 -3.40
CA GLU M 79 -39.35 3.77 -3.90
C GLU M 79 -40.57 4.52 -3.38
N TRP M 80 -40.55 4.87 -2.09
CA TRP M 80 -41.65 5.63 -1.50
C TRP M 80 -41.81 6.99 -2.17
N ASP M 81 -40.67 7.66 -2.44
CA ASP M 81 -40.74 8.95 -3.11
C ASP M 81 -41.27 8.83 -4.53
N ARG M 82 -40.87 7.78 -5.24
CA ARG M 82 -41.29 7.65 -6.64
C ARG M 82 -42.76 7.23 -6.75
N LEU M 83 -43.24 6.39 -5.81
CA LEU M 83 -44.62 5.95 -5.87
C LEU M 83 -45.59 7.02 -5.39
N HIS M 84 -45.20 7.81 -4.40
CA HIS M 84 -46.09 8.82 -3.83
C HIS M 84 -45.62 10.20 -4.26
N PRO M 85 -46.38 10.91 -5.10
CA PRO M 85 -45.93 12.22 -5.57
C PRO M 85 -45.87 13.24 -4.44
N VAL M 86 -44.98 14.22 -4.62
CA VAL M 86 -44.78 15.26 -3.63
C VAL M 86 -45.94 16.24 -3.70
N HIS M 87 -46.55 16.52 -2.55
CA HIS M 87 -47.65 17.49 -2.45
C HIS M 87 -47.06 18.86 -2.16
N ALA M 88 -47.05 19.72 -3.18
CA ALA M 88 -46.50 21.05 -3.06
C ALA M 88 -47.59 22.04 -2.65
N GLY M 89 -47.23 23.32 -2.59
CA GLY M 89 -48.16 24.35 -2.23
C GLY M 89 -48.06 24.75 -0.77
N PRO M 90 -48.77 25.80 -0.37
CA PRO M 90 -48.76 26.22 1.04
C PRO M 90 -49.29 25.12 1.95
N ILE M 91 -48.69 25.01 3.13
CA ILE M 91 -49.03 23.97 4.09
C ILE M 91 -49.46 24.64 5.39
N ALA M 92 -50.61 24.25 5.91
CA ALA M 92 -51.12 24.84 7.14
C ALA M 92 -50.28 24.40 8.33
N PRO M 93 -50.12 25.26 9.33
CA PRO M 93 -49.36 24.87 10.53
C PRO M 93 -50.09 23.81 11.35
N GLY M 94 -49.30 23.04 12.08
CA GLY M 94 -49.84 21.96 12.88
C GLY M 94 -49.92 20.65 12.12
N GLN M 95 -50.21 20.74 10.82
CA GLN M 95 -50.27 19.60 9.92
C GLN M 95 -49.25 19.85 8.81
N MET M 96 -48.01 19.41 9.03
CA MET M 96 -46.92 19.70 8.11
C MET M 96 -47.10 18.94 6.80
N ARG M 97 -46.18 19.19 5.87
CA ARG M 97 -46.26 18.60 4.55
C ARG M 97 -45.87 17.12 4.60
N GLU M 98 -46.01 16.46 3.44
CA GLU M 98 -45.70 15.04 3.35
C GLU M 98 -44.22 14.80 3.60
N PRO M 99 -43.85 13.83 4.44
CA PRO M 99 -42.43 13.52 4.63
C PRO M 99 -41.80 12.99 3.36
N ARG M 100 -40.51 13.28 3.20
CA ARG M 100 -39.74 12.83 2.05
C ARG M 100 -38.96 11.56 2.41
N GLY M 101 -38.12 11.12 1.47
CA GLY M 101 -37.31 9.94 1.69
C GLY M 101 -36.29 10.10 2.80
N SER M 102 -35.88 11.33 3.09
CA SER M 102 -34.97 11.60 4.19
C SER M 102 -35.71 11.89 5.49
N ASP M 103 -36.95 12.37 5.41
CA ASP M 103 -37.73 12.66 6.61
C ASP M 103 -38.22 11.39 7.28
N ILE M 104 -38.57 10.36 6.50
CA ILE M 104 -39.04 9.11 7.08
C ILE M 104 -37.91 8.45 7.89
N ALA M 105 -36.70 8.45 7.36
CA ALA M 105 -35.56 7.89 8.08
C ALA M 105 -35.17 8.73 9.28
N GLY M 106 -35.60 9.99 9.34
CA GLY M 106 -35.31 10.85 10.46
C GLY M 106 -33.95 11.51 10.43
N THR M 107 -33.17 11.33 9.36
CA THR M 107 -31.84 11.94 9.27
C THR M 107 -31.90 13.45 9.14
N THR M 108 -32.99 14.01 8.62
CA THR M 108 -33.17 15.46 8.53
C THR M 108 -34.32 15.99 9.38
N SER M 109 -35.34 15.18 9.65
CA SER M 109 -36.44 15.62 10.49
C SER M 109 -35.99 15.73 11.94
N THR M 110 -36.54 16.72 12.64
CA THR M 110 -36.22 16.98 14.03
C THR M 110 -37.28 16.36 14.94
N LEU M 111 -37.05 16.49 16.25
CA LEU M 111 -37.98 15.93 17.22
C LEU M 111 -39.35 16.59 17.12
N GLN M 112 -39.39 17.90 16.94
CA GLN M 112 -40.67 18.61 16.86
C GLN M 112 -41.49 18.15 15.67
N GLU M 113 -40.84 17.96 14.51
CA GLU M 113 -41.54 17.48 13.33
C GLU M 113 -42.09 16.08 13.55
N GLN M 114 -41.31 15.21 14.19
CA GLN M 114 -41.80 13.86 14.47
C GLN M 114 -42.98 13.87 15.42
N ILE M 115 -42.93 14.72 16.45
CA ILE M 115 -44.05 14.84 17.38
C ILE M 115 -45.29 15.34 16.64
N GLY M 116 -45.11 16.34 15.78
CA GLY M 116 -46.24 16.84 15.00
C GLY M 116 -46.84 15.77 14.10
N TRP M 117 -45.98 14.96 13.48
CA TRP M 117 -46.48 13.85 12.65
C TRP M 117 -47.23 12.84 13.49
N MET M 118 -46.72 12.53 14.68
CA MET M 118 -47.41 11.57 15.55
C MET M 118 -48.77 12.09 15.99
N THR M 119 -48.87 13.37 16.32
CA THR M 119 -50.13 13.96 16.76
C THR M 119 -51.00 14.42 15.60
N HIS M 120 -50.54 14.30 14.37
CA HIS M 120 -51.30 14.76 13.22
C HIS M 120 -52.53 13.90 12.98
N ASN M 121 -53.65 14.55 12.66
CA ASN M 121 -54.88 13.87 12.26
C ASN M 121 -55.17 14.18 10.81
N PRO M 122 -55.22 13.20 9.90
CA PRO M 122 -55.14 11.74 10.12
C PRO M 122 -53.76 11.27 10.57
N PRO M 123 -53.70 10.15 11.28
CA PRO M 123 -52.42 9.68 11.82
C PRO M 123 -51.41 9.36 10.72
N ILE M 124 -50.15 9.60 11.03
CA ILE M 124 -49.05 9.31 10.11
C ILE M 124 -48.15 8.25 10.74
N PRO M 125 -48.32 6.96 10.40
CA PRO M 125 -47.49 5.90 10.95
C PRO M 125 -46.13 5.77 10.26
N VAL M 126 -45.43 6.90 10.13
CA VAL M 126 -44.09 6.90 9.52
C VAL M 126 -43.13 6.07 10.35
N GLY M 127 -43.24 6.14 11.68
CA GLY M 127 -42.43 5.29 12.52
C GLY M 127 -42.69 3.82 12.28
N GLU M 128 -43.95 3.46 12.03
CA GLU M 128 -44.28 2.07 11.71
C GLU M 128 -43.70 1.65 10.37
N ILE M 129 -43.71 2.53 9.37
CA ILE M 129 -43.10 2.22 8.09
C ILE M 129 -41.61 2.00 8.24
N TYR M 130 -40.95 2.86 9.02
CA TYR M 130 -39.52 2.67 9.28
C TYR M 130 -39.27 1.37 10.03
N LYS M 131 -40.16 1.03 10.96
CA LYS M 131 -40.02 -0.22 11.72
C LYS M 131 -40.16 -1.43 10.81
N ARG M 132 -41.11 -1.41 9.89
CA ARG M 132 -41.27 -2.54 8.98
C ARG M 132 -40.12 -2.62 7.98
N TRP M 133 -39.55 -1.48 7.59
CA TRP M 133 -38.33 -1.51 6.79
C TRP M 133 -37.19 -2.15 7.58
N ILE M 134 -37.08 -1.82 8.86
CA ILE M 134 -36.09 -2.47 9.72
C ILE M 134 -36.36 -3.96 9.84
N ILE M 135 -37.64 -4.35 9.87
CA ILE M 135 -37.99 -5.77 9.93
C ILE M 135 -37.51 -6.50 8.68
N LEU M 136 -37.73 -5.89 7.51
CA LEU M 136 -37.21 -6.48 6.27
C LEU M 136 -35.69 -6.56 6.28
N GLY M 137 -35.03 -5.52 6.78
CA GLY M 137 -33.59 -5.55 6.90
C GLY M 137 -33.11 -6.66 7.81
N LEU M 138 -33.81 -6.87 8.92
CA LEU M 138 -33.47 -7.97 9.82
C LEU M 138 -33.71 -9.32 9.16
N ASN M 139 -34.76 -9.44 8.35
CA ASN M 139 -35.00 -10.69 7.62
C ASN M 139 -33.84 -11.00 6.67
N LYS M 140 -33.39 -10.00 5.92
CA LYS M 140 -32.27 -10.25 5.02
C LYS M 140 -30.95 -10.43 5.77
N ILE M 141 -30.83 -9.85 6.97
CA ILE M 141 -29.67 -10.13 7.81
C ILE M 141 -29.68 -11.59 8.25
N VAL M 142 -30.84 -12.10 8.65
CA VAL M 142 -30.97 -13.52 9.00
C VAL M 142 -30.63 -14.38 7.80
N ARG M 143 -31.05 -13.96 6.61
CA ARG M 143 -30.66 -14.66 5.39
C ARG M 143 -29.15 -14.67 5.21
N MET M 144 -28.50 -13.53 5.48
CA MET M 144 -27.04 -13.45 5.38
C MET M 144 -26.38 -14.42 6.34
N TYR M 145 -26.87 -14.50 7.57
CA TYR M 145 -26.26 -15.32 8.61
C TYR M 145 -26.89 -16.70 8.73
N SER M 146 -27.64 -17.14 7.73
CA SER M 146 -28.18 -18.49 7.74
C SER M 146 -27.06 -19.49 7.44
N PRO M 147 -26.79 -20.44 8.33
CA PRO M 147 -25.68 -21.38 8.07
C PRO M 147 -25.86 -22.23 6.83
N THR M 148 -27.08 -22.64 6.50
CA THR M 148 -27.33 -23.51 5.37
C THR M 148 -28.82 -23.44 5.03
N SER M 149 -29.20 -24.16 3.98
CA SER M 149 -30.58 -24.23 3.52
C SER M 149 -31.31 -25.36 4.25
N ILE M 150 -32.50 -25.70 3.77
CA ILE M 150 -33.31 -26.74 4.38
C ILE M 150 -33.21 -28.03 3.58
N LEU M 151 -32.79 -27.90 2.32
CA LEU M 151 -32.76 -29.03 1.38
C LEU M 151 -31.65 -30.02 1.65
N ASP M 152 -30.89 -29.93 2.75
CA ASP M 152 -29.81 -30.87 3.01
C ASP M 152 -29.83 -31.48 4.40
N ILE M 153 -30.86 -31.23 5.21
CA ILE M 153 -30.93 -31.80 6.54
C ILE M 153 -31.34 -33.26 6.45
N ARG M 154 -30.53 -34.14 7.04
CA ARG M 154 -30.82 -35.57 7.07
C ARG M 154 -30.65 -36.08 8.49
N GLN M 155 -31.65 -36.80 8.98
CA GLN M 155 -31.59 -37.36 10.33
C GLN M 155 -30.52 -38.42 10.42
N GLY M 156 -29.81 -38.45 11.54
CA GLY M 156 -28.74 -39.40 11.76
C GLY M 156 -29.27 -40.82 11.87
N PRO M 157 -28.39 -41.79 11.60
CA PRO M 157 -28.82 -43.19 11.67
C PRO M 157 -29.33 -43.61 13.03
N LYS M 158 -28.73 -43.09 14.11
CA LYS M 158 -29.19 -43.38 15.46
C LYS M 158 -29.59 -42.13 16.24
N GLU M 159 -29.55 -40.97 15.61
CA GLU M 159 -29.94 -39.74 16.30
C GLU M 159 -31.43 -39.75 16.60
N PRO M 160 -31.86 -39.36 17.80
CA PRO M 160 -33.30 -39.24 18.08
C PRO M 160 -33.94 -38.20 17.17
N PHE M 161 -35.19 -38.47 16.79
CA PHE M 161 -35.92 -37.58 15.89
C PHE M 161 -36.27 -36.23 16.53
N ARG M 162 -36.20 -36.13 17.86
CA ARG M 162 -36.55 -34.88 18.53
C ARG M 162 -35.61 -33.75 18.11
N ASP M 163 -34.31 -33.99 18.21
CA ASP M 163 -33.34 -32.98 17.80
C ASP M 163 -33.43 -32.71 16.30
N TYR M 164 -33.70 -33.76 15.51
CA TYR M 164 -33.83 -33.60 14.07
C TYR M 164 -34.95 -32.63 13.72
N VAL M 165 -36.15 -32.87 14.27
CA VAL M 165 -37.28 -31.99 13.97
C VAL M 165 -37.07 -30.62 14.56
N ASP M 166 -36.42 -30.53 15.74
CA ASP M 166 -36.16 -29.23 16.34
C ASP M 166 -35.26 -28.38 15.46
N ARG M 167 -34.16 -28.96 14.97
CA ARG M 167 -33.26 -28.20 14.11
C ARG M 167 -33.88 -27.96 12.73
N PHE M 168 -34.72 -28.87 12.26
CA PHE M 168 -35.43 -28.65 11.00
C PHE M 168 -36.33 -27.42 11.09
N TYR M 169 -37.10 -27.31 12.17
CA TYR M 169 -37.94 -26.13 12.35
C TYR M 169 -37.11 -24.87 12.63
N LYS M 170 -35.97 -25.03 13.33
CA LYS M 170 -35.10 -23.89 13.57
C LYS M 170 -34.59 -23.31 12.25
N THR M 171 -34.18 -24.18 11.32
CA THR M 171 -33.78 -23.73 9.99
C THR M 171 -34.97 -23.20 9.20
N LEU M 172 -36.15 -23.81 9.38
CA LEU M 172 -37.34 -23.40 8.64
C LEU M 172 -37.74 -21.97 8.98
N ARG M 173 -37.68 -21.60 10.26
CA ARG M 173 -38.10 -20.26 10.65
C ARG M 173 -37.19 -19.19 10.05
N ALA M 174 -35.94 -19.54 9.72
CA ALA M 174 -35.01 -18.60 9.11
C ALA M 174 -35.14 -18.55 7.60
N GLU M 175 -35.95 -19.42 6.99
CA GLU M 175 -36.09 -19.42 5.54
C GLU M 175 -36.99 -18.29 5.07
N GLN M 176 -36.73 -17.81 3.85
CA GLN M 176 -37.51 -16.75 3.22
C GLN M 176 -38.24 -17.33 2.03
N ALA M 177 -39.54 -17.54 2.18
CA ALA M 177 -40.37 -18.11 1.13
C ALA M 177 -41.83 -17.84 1.49
N SER M 178 -42.74 -18.21 0.59
CA SER M 178 -44.16 -18.03 0.83
C SER M 178 -44.69 -19.10 1.77
N GLN M 179 -45.86 -18.83 2.36
CA GLN M 179 -46.42 -19.73 3.35
C GLN M 179 -46.78 -21.08 2.74
N GLU M 180 -47.32 -21.08 1.52
CA GLU M 180 -47.71 -22.34 0.87
C GLU M 180 -46.49 -23.24 0.63
N VAL M 181 -45.38 -22.65 0.19
CA VAL M 181 -44.17 -23.44 -0.01
C VAL M 181 -43.65 -23.98 1.31
N LYS M 182 -43.76 -23.18 2.37
CA LYS M 182 -43.35 -23.65 3.70
C LYS M 182 -44.20 -24.82 4.15
N ASN M 183 -45.51 -24.76 3.93
CA ASN M 183 -46.38 -25.88 4.28
C ASN M 183 -46.03 -27.12 3.47
N TRP M 184 -45.79 -26.95 2.17
CA TRP M 184 -45.43 -28.09 1.33
C TRP M 184 -44.13 -28.72 1.79
N MET M 185 -43.12 -27.89 2.10
CA MET M 185 -41.84 -28.45 2.51
C MET M 185 -41.91 -29.11 3.88
N THR M 186 -42.67 -28.53 4.81
CA THR M 186 -42.81 -29.16 6.12
C THR M 186 -43.67 -30.42 6.04
N GLU M 187 -44.49 -30.57 4.99
CA GLU M 187 -45.21 -31.82 4.80
C GLU M 187 -44.34 -32.88 4.14
N THR M 188 -43.44 -32.48 3.24
CA THR M 188 -42.68 -33.44 2.43
C THR M 188 -41.32 -33.79 3.04
N LEU M 189 -40.49 -32.78 3.32
CA LEU M 189 -39.11 -33.03 3.74
C LEU M 189 -39.05 -33.83 5.03
N LEU M 190 -40.00 -33.60 5.95
CA LEU M 190 -39.99 -34.30 7.23
C LEU M 190 -40.14 -35.80 7.03
N VAL M 191 -41.02 -36.22 6.11
CA VAL M 191 -41.19 -37.65 5.88
C VAL M 191 -40.13 -38.18 4.92
N GLN M 192 -39.52 -37.32 4.11
CA GLN M 192 -38.53 -37.78 3.15
C GLN M 192 -37.10 -37.78 3.69
N ASN M 193 -36.89 -37.24 4.89
CA ASN M 193 -35.56 -37.19 5.50
C ASN M 193 -35.56 -37.73 6.91
N ALA M 194 -36.18 -38.90 7.10
CA ALA M 194 -36.28 -39.54 8.41
C ALA M 194 -35.64 -40.92 8.38
N ASN M 195 -35.48 -41.49 9.58
CA ASN M 195 -34.96 -42.83 9.72
C ASN M 195 -35.93 -43.85 9.14
N PRO M 196 -35.45 -45.03 8.74
CA PRO M 196 -36.36 -46.02 8.13
C PRO M 196 -37.53 -46.40 9.01
N ASP M 197 -37.33 -46.59 10.31
CA ASP M 197 -38.45 -46.96 11.18
C ASP M 197 -39.44 -45.81 11.33
N CYS M 198 -38.94 -44.59 11.54
CA CYS M 198 -39.83 -43.45 11.68
C CYS M 198 -40.58 -43.18 10.38
N LYS M 199 -39.93 -43.33 9.23
CA LYS M 199 -40.61 -43.09 7.96
C LYS M 199 -41.60 -44.19 7.63
N THR M 200 -41.31 -45.43 8.01
CA THR M 200 -42.31 -46.49 7.82
C THR M 200 -43.52 -46.25 8.72
N ILE M 201 -43.29 -45.79 9.95
CA ILE M 201 -44.41 -45.41 10.81
C ILE M 201 -45.20 -44.28 10.18
N LEU M 202 -44.50 -43.30 9.62
CA LEU M 202 -45.16 -42.17 8.96
C LEU M 202 -46.04 -42.63 7.81
N LYS M 203 -45.50 -43.49 6.94
CA LYS M 203 -46.27 -43.96 5.79
C LYS M 203 -47.40 -44.90 6.22
N ALA M 204 -47.25 -45.60 7.35
CA ALA M 204 -48.38 -46.36 7.89
C ALA M 204 -49.48 -45.43 8.36
N LEU M 205 -49.11 -44.31 8.99
CA LEU M 205 -50.10 -43.32 9.39
C LEU M 205 -50.75 -42.64 8.18
N GLY M 206 -50.05 -42.56 7.05
CA GLY M 206 -50.60 -42.00 5.85
C GLY M 206 -50.56 -40.47 5.84
N PRO M 207 -50.98 -39.88 4.73
CA PRO M 207 -50.97 -38.41 4.63
C PRO M 207 -52.09 -37.80 5.48
N GLY M 208 -51.92 -36.50 5.73
CA GLY M 208 -52.88 -35.77 6.52
C GLY M 208 -52.71 -35.91 8.03
N ALA M 209 -51.68 -36.59 8.49
CA ALA M 209 -51.43 -36.75 9.92
C ALA M 209 -50.46 -35.65 10.37
N THR M 210 -50.85 -34.92 11.41
CA THR M 210 -50.01 -33.84 11.91
C THR M 210 -48.78 -34.40 12.63
N LEU M 211 -47.83 -33.50 12.93
CA LEU M 211 -46.60 -33.90 13.59
C LEU M 211 -46.85 -34.47 14.98
N GLU M 212 -47.97 -34.12 15.62
CA GLU M 212 -48.27 -34.62 16.96
C GLU M 212 -48.33 -36.14 16.98
N GLU M 213 -49.23 -36.72 16.19
CA GLU M 213 -49.33 -38.18 16.12
C GLU M 213 -48.04 -38.79 15.60
N MET M 214 -47.38 -38.12 14.66
CA MET M 214 -46.15 -38.64 14.07
C MET M 214 -45.10 -38.87 15.16
N MET M 215 -44.82 -37.85 15.96
CA MET M 215 -43.77 -37.93 16.97
C MET M 215 -44.28 -38.46 18.30
N THR M 216 -45.56 -38.83 18.40
CA THR M 216 -45.97 -39.64 19.54
C THR M 216 -45.99 -41.13 19.19
N ALA M 217 -46.08 -41.46 17.90
CA ALA M 217 -46.05 -42.86 17.49
C ALA M 217 -44.63 -43.32 17.19
N CYS M 218 -43.79 -42.43 16.65
CA CYS M 218 -42.39 -42.75 16.35
C CYS M 218 -41.51 -42.82 17.63
N GLN M 219 -42.11 -42.59 18.80
CA GLN M 219 -41.40 -42.69 20.06
C GLN M 219 -40.93 -44.12 20.30
N GLY M 220 -40.00 -44.28 21.24
CA GLY M 220 -39.48 -45.58 21.61
C GLY M 220 -37.99 -45.60 21.83
N PRO N 1 -31.73 15.17 35.42
CA PRO N 1 -31.81 16.30 34.49
C PRO N 1 -33.11 17.08 34.61
N ILE N 2 -33.42 17.90 33.62
CA ILE N 2 -34.67 18.65 33.59
C ILE N 2 -35.62 17.94 32.63
N VAL N 3 -36.70 17.40 33.18
CA VAL N 3 -37.69 16.66 32.40
C VAL N 3 -39.08 17.17 32.77
N GLN N 4 -40.03 16.90 31.87
CA GLN N 4 -41.40 17.33 32.09
C GLN N 4 -42.06 16.50 33.19
N ASN N 5 -43.09 17.09 33.80
CA ASN N 5 -43.89 16.42 34.81
C ASN N 5 -45.19 15.92 34.18
N LEU N 6 -46.04 15.32 35.01
CA LEU N 6 -47.32 14.82 34.54
C LEU N 6 -48.25 16.01 34.30
N GLN N 7 -48.37 16.43 33.04
CA GLN N 7 -49.16 17.59 32.66
C GLN N 7 -48.75 18.83 33.46
N GLY N 8 -47.44 19.01 33.63
CA GLY N 8 -46.91 20.11 34.39
C GLY N 8 -45.69 20.72 33.72
N GLN N 9 -45.15 21.76 34.37
CA GLN N 9 -43.99 22.46 33.84
C GLN N 9 -42.72 21.63 34.06
N MET N 10 -41.66 22.03 33.34
CA MET N 10 -40.39 21.32 33.42
C MET N 10 -39.79 21.48 34.81
N VAL N 11 -39.31 20.37 35.38
CA VAL N 11 -38.74 20.37 36.72
C VAL N 11 -37.37 19.71 36.67
N HIS N 12 -36.50 20.09 37.61
CA HIS N 12 -35.15 19.57 37.68
C HIS N 12 -35.02 18.51 38.77
N GLN N 13 -34.23 17.49 38.48
CA GLN N 13 -33.95 16.43 39.44
C GLN N 13 -32.51 15.97 39.25
N ALA N 14 -31.97 15.32 40.28
CA ALA N 14 -30.60 14.85 40.23
C ALA N 14 -30.43 13.73 39.22
N ILE N 15 -29.21 13.62 38.68
CA ILE N 15 -28.93 12.57 37.72
C ILE N 15 -29.03 11.21 38.39
N SER N 16 -29.70 10.28 37.72
CA SER N 16 -29.87 8.94 38.26
C SER N 16 -28.52 8.24 38.37
N PRO N 17 -28.22 7.61 39.51
CA PRO N 17 -26.93 6.92 39.64
C PRO N 17 -26.74 5.81 38.62
N ARG N 18 -27.83 5.16 38.20
CA ARG N 18 -27.72 4.07 37.24
C ARG N 18 -27.16 4.58 35.91
N THR N 19 -27.63 5.75 35.45
CA THR N 19 -27.19 6.28 34.17
C THR N 19 -25.69 6.58 34.18
N LEU N 20 -25.22 7.29 35.22
CA LEU N 20 -23.80 7.62 35.29
C LEU N 20 -22.94 6.39 35.50
N ASN N 21 -23.42 5.42 36.28
CA ASN N 21 -22.68 4.18 36.47
C ASN N 21 -22.55 3.42 35.15
N ALA N 22 -23.63 3.34 34.38
CA ALA N 22 -23.57 2.69 33.08
C ALA N 22 -22.64 3.43 32.14
N TRP N 23 -22.69 4.76 32.15
CA TRP N 23 -21.80 5.54 31.29
C TRP N 23 -20.34 5.29 31.63
N VAL N 24 -19.98 5.34 32.92
CA VAL N 24 -18.58 5.18 33.30
C VAL N 24 -18.12 3.75 33.04
N LYS N 25 -18.99 2.76 33.27
CA LYS N 25 -18.59 1.38 33.05
C LYS N 25 -18.43 1.07 31.56
N VAL N 26 -19.28 1.65 30.71
CA VAL N 26 -19.13 1.41 29.28
C VAL N 26 -17.95 2.21 28.72
N VAL N 27 -17.59 3.31 29.37
CA VAL N 27 -16.39 4.05 28.96
C VAL N 27 -15.13 3.26 29.31
N GLU N 28 -15.11 2.67 30.52
CA GLU N 28 -13.91 1.97 30.95
C GLU N 28 -13.77 0.61 30.27
N GLU N 29 -14.89 -0.08 30.02
CA GLU N 29 -14.81 -1.42 29.43
C GLU N 29 -14.52 -1.35 27.94
N LYS N 30 -15.02 -0.32 27.25
CA LYS N 30 -14.90 -0.20 25.81
C LYS N 30 -14.05 1.03 25.48
N ALA N 31 -13.05 0.84 24.62
CA ALA N 31 -12.18 1.95 24.24
C ALA N 31 -12.95 2.96 23.39
N PHE N 32 -12.35 4.14 23.23
CA PHE N 32 -12.95 5.21 22.45
C PHE N 32 -13.22 4.76 21.02
N SER N 33 -14.50 4.61 20.67
CA SER N 33 -14.91 4.08 19.39
C SER N 33 -16.15 4.83 18.94
N PRO N 34 -16.46 4.82 17.63
CA PRO N 34 -17.60 5.59 17.14
C PRO N 34 -18.92 5.27 17.82
N GLU N 35 -19.12 4.02 18.24
CA GLU N 35 -20.41 3.63 18.80
C GLU N 35 -20.72 4.35 20.11
N VAL N 36 -19.70 4.93 20.77
CA VAL N 36 -19.95 5.65 22.00
C VAL N 36 -20.45 7.06 21.71
N ILE N 37 -20.29 7.54 20.48
CA ILE N 37 -20.72 8.89 20.10
C ILE N 37 -22.24 9.02 20.22
N PRO N 38 -23.05 8.11 19.67
CA PRO N 38 -24.50 8.26 19.85
C PRO N 38 -24.97 7.91 21.25
N MET N 39 -24.38 6.87 21.86
CA MET N 39 -24.80 6.43 23.18
C MET N 39 -24.79 7.58 24.18
N PHE N 40 -23.70 8.37 24.17
CA PHE N 40 -23.60 9.52 25.07
C PHE N 40 -24.79 10.45 24.91
N SER N 41 -25.18 10.72 23.65
CA SER N 41 -26.33 11.59 23.43
C SER N 41 -27.59 10.98 24.02
N ALA N 42 -27.76 9.65 23.88
CA ALA N 42 -28.92 8.99 24.47
C ALA N 42 -28.89 9.10 26.00
N LEU N 43 -27.70 9.30 26.57
CA LEU N 43 -27.59 9.49 28.01
C LEU N 43 -27.54 10.95 28.41
N SER N 44 -27.66 11.88 27.45
CA SER N 44 -27.58 13.31 27.74
C SER N 44 -28.75 14.08 27.15
N GLU N 45 -29.96 13.54 27.27
CA GLU N 45 -31.15 14.22 26.75
C GLU N 45 -31.78 15.07 27.84
N GLY N 46 -31.88 16.37 27.59
CA GLY N 46 -32.46 17.29 28.56
C GLY N 46 -31.61 17.53 29.77
N ALA N 47 -30.31 17.29 29.68
CA ALA N 47 -29.41 17.45 30.82
C ALA N 47 -28.82 18.85 30.85
N THR N 48 -28.74 19.42 32.05
CA THR N 48 -28.15 20.74 32.19
C THR N 48 -26.64 20.67 31.95
N PRO N 49 -26.02 21.81 31.57
CA PRO N 49 -24.56 21.81 31.39
C PRO N 49 -23.81 21.39 32.64
N GLN N 50 -24.30 21.75 33.83
CA GLN N 50 -23.67 21.30 35.06
C GLN N 50 -23.70 19.79 35.19
N ASP N 51 -24.83 19.17 34.85
CA ASP N 51 -24.92 17.72 34.88
C ASP N 51 -23.98 17.09 33.85
N LEU N 52 -23.85 17.72 32.67
CA LEU N 52 -22.93 17.22 31.67
C LEU N 52 -21.49 17.26 32.17
N ASN N 53 -21.10 18.36 32.82
CA ASN N 53 -19.76 18.45 33.38
C ASN N 53 -19.55 17.43 34.49
N THR N 54 -20.57 17.22 35.33
CA THR N 54 -20.47 16.21 36.39
C THR N 54 -20.27 14.82 35.80
N MET N 55 -21.04 14.48 34.77
CA MET N 55 -20.87 13.19 34.11
C MET N 55 -19.50 13.08 33.46
N LEU N 56 -19.02 14.17 32.86
CA LEU N 56 -17.72 14.17 32.21
C LEU N 56 -16.59 13.94 33.21
N ASN N 57 -16.68 14.57 34.38
CA ASN N 57 -15.58 14.53 35.33
C ASN N 57 -15.41 13.16 36.01
N THR N 58 -16.44 12.30 35.93
CA THR N 58 -16.34 10.99 36.57
C THR N 58 -15.50 10.00 35.77
N VAL N 59 -15.09 10.35 34.55
CA VAL N 59 -14.30 9.43 33.75
C VAL N 59 -12.91 9.28 34.36
N GLY N 60 -12.49 8.03 34.53
CA GLY N 60 -11.19 7.71 35.11
C GLY N 60 -10.21 7.29 34.03
N GLY N 61 -9.05 7.92 34.05
CA GLY N 61 -8.01 7.63 33.07
C GLY N 61 -8.24 8.37 31.76
N HIS N 62 -7.25 8.25 30.87
CA HIS N 62 -7.28 8.88 29.55
C HIS N 62 -7.50 10.39 29.67
N GLN N 63 -6.71 11.02 30.53
CA GLN N 63 -6.87 12.45 30.79
C GLN N 63 -6.51 13.30 29.59
N ALA N 64 -5.78 12.75 28.61
CA ALA N 64 -5.47 13.50 27.40
C ALA N 64 -6.74 13.87 26.66
N ALA N 65 -7.71 12.95 26.61
CA ALA N 65 -9.00 13.24 26.00
C ALA N 65 -9.70 14.37 26.75
N MET N 66 -9.65 14.34 28.08
CA MET N 66 -10.28 15.40 28.88
C MET N 66 -9.64 16.75 28.58
N GLN N 67 -8.30 16.80 28.48
CA GLN N 67 -7.62 18.06 28.17
C GLN N 67 -7.99 18.54 26.77
N MET N 68 -8.04 17.63 25.80
CA MET N 68 -8.41 18.01 24.44
C MET N 68 -9.81 18.60 24.40
N LEU N 69 -10.77 17.94 25.05
CA LEU N 69 -12.14 18.44 25.01
C LEU N 69 -12.28 19.74 25.81
N LYS N 70 -11.52 19.91 26.88
CA LYS N 70 -11.54 21.18 27.60
C LYS N 70 -11.00 22.31 26.73
N GLU N 71 -9.91 22.05 26.00
CA GLU N 71 -9.36 23.07 25.10
C GLU N 71 -10.36 23.41 24.01
N THR N 72 -11.03 22.41 23.43
CA THR N 72 -12.01 22.69 22.39
C THR N 72 -13.22 23.43 22.95
N ILE N 73 -13.63 23.11 24.18
CA ILE N 73 -14.72 23.85 24.81
C ILE N 73 -14.31 25.31 25.03
N ASN N 74 -13.09 25.55 25.47
CA ASN N 74 -12.62 26.91 25.65
C ASN N 74 -12.60 27.69 24.34
N GLU N 75 -12.09 27.06 23.27
CA GLU N 75 -12.01 27.76 21.99
C GLU N 75 -13.40 28.01 21.41
N GLU N 76 -14.33 27.06 21.58
CA GLU N 76 -15.69 27.27 21.11
C GLU N 76 -16.38 28.35 21.94
N ALA N 77 -16.09 28.43 23.23
CA ALA N 77 -16.62 29.51 24.05
C ALA N 77 -16.11 30.86 23.59
N ALA N 78 -14.82 30.94 23.25
CA ALA N 78 -14.28 32.19 22.71
C ALA N 78 -14.93 32.54 21.39
N GLU N 79 -15.15 31.54 20.52
CA GLU N 79 -15.82 31.79 19.25
C GLU N 79 -17.24 32.30 19.46
N TRP N 80 -17.97 31.69 20.39
CA TRP N 80 -19.33 32.14 20.68
C TRP N 80 -19.34 33.55 21.25
N ASP N 81 -18.39 33.88 22.11
CA ASP N 81 -18.31 35.23 22.67
C ASP N 81 -17.99 36.26 21.60
N ARG N 82 -17.08 35.94 20.67
CA ARG N 82 -16.69 36.93 19.67
C ARG N 82 -17.75 37.06 18.58
N LEU N 83 -18.41 35.97 18.20
CA LEU N 83 -19.45 36.05 17.18
C LEU N 83 -20.72 36.69 17.73
N HIS N 84 -21.12 36.32 18.95
CA HIS N 84 -22.25 36.94 19.64
C HIS N 84 -21.70 37.90 20.67
N PRO N 85 -21.57 39.19 20.33
CA PRO N 85 -20.84 40.11 21.21
C PRO N 85 -21.51 40.26 22.57
N VAL N 86 -20.68 40.48 23.59
CA VAL N 86 -21.15 40.66 24.96
C VAL N 86 -21.83 42.03 25.05
N HIS N 87 -23.16 42.04 25.11
CA HIS N 87 -23.89 43.28 25.20
C HIS N 87 -23.68 43.94 26.56
N ALA N 88 -23.67 45.26 26.58
CA ALA N 88 -23.47 46.04 27.78
C ALA N 88 -24.76 46.75 28.18
N GLY N 89 -24.82 47.18 29.44
CA GLY N 89 -25.97 47.87 29.95
C GLY N 89 -26.76 47.02 30.93
N PRO N 90 -27.47 47.66 31.84
CA PRO N 90 -28.28 46.92 32.82
C PRO N 90 -29.38 46.12 32.15
N ILE N 91 -29.72 45.00 32.78
CA ILE N 91 -30.76 44.10 32.28
C ILE N 91 -32.05 44.39 33.05
N ALA N 92 -33.18 44.36 32.34
CA ALA N 92 -34.46 44.64 32.95
C ALA N 92 -34.80 43.56 33.99
N PRO N 93 -35.53 43.92 35.04
CA PRO N 93 -35.90 42.92 36.06
C PRO N 93 -36.72 41.79 35.47
N GLY N 94 -36.50 40.59 35.98
CA GLY N 94 -37.15 39.40 35.48
C GLY N 94 -36.49 38.79 34.26
N GLN N 95 -35.38 39.34 33.79
CA GLN N 95 -34.66 38.84 32.63
C GLN N 95 -33.18 38.79 32.92
N MET N 96 -32.48 37.92 32.19
CA MET N 96 -31.03 37.77 32.29
C MET N 96 -30.45 37.76 30.88
N ARG N 97 -29.25 38.31 30.74
CA ARG N 97 -28.62 38.36 29.43
C ARG N 97 -28.23 36.95 28.98
N GLU N 98 -27.87 36.85 27.70
CA GLU N 98 -27.55 35.55 27.12
C GLU N 98 -26.30 34.97 27.79
N PRO N 99 -26.25 33.64 27.92
CA PRO N 99 -25.09 33.01 28.56
C PRO N 99 -23.80 33.31 27.82
N ARG N 100 -22.72 33.51 28.57
CA ARG N 100 -21.41 33.81 28.02
C ARG N 100 -20.66 32.52 27.70
N GLY N 101 -19.41 32.68 27.25
CA GLY N 101 -18.57 31.52 27.01
C GLY N 101 -18.24 30.75 28.28
N SER N 102 -18.06 31.45 29.39
CA SER N 102 -17.85 30.78 30.67
C SER N 102 -19.15 30.22 31.23
N ASP N 103 -20.29 30.84 30.88
CA ASP N 103 -21.57 30.39 31.42
C ASP N 103 -22.02 29.07 30.83
N ILE N 104 -21.77 28.84 29.54
CA ILE N 104 -22.20 27.59 28.92
C ILE N 104 -21.43 26.41 29.50
N ALA N 105 -20.15 26.61 29.82
CA ALA N 105 -19.36 25.55 30.45
C ALA N 105 -19.76 25.30 31.89
N GLY N 106 -20.54 26.19 32.50
CA GLY N 106 -20.98 26.03 33.87
C GLY N 106 -19.97 26.42 34.93
N THR N 107 -18.79 26.91 34.53
CA THR N 107 -17.78 27.28 35.52
C THR N 107 -18.14 28.54 36.30
N THR N 108 -18.89 29.46 35.69
CA THR N 108 -19.26 30.71 36.34
C THR N 108 -20.76 30.88 36.47
N SER N 109 -21.54 29.80 36.34
CA SER N 109 -22.98 29.88 36.45
C SER N 109 -23.47 28.79 37.41
N THR N 110 -24.42 29.17 38.27
CA THR N 110 -25.00 28.23 39.21
C THR N 110 -26.16 27.48 38.56
N LEU N 111 -26.67 26.48 39.28
CA LEU N 111 -27.78 25.68 38.77
C LEU N 111 -29.04 26.52 38.56
N GLN N 112 -29.26 27.51 39.44
CA GLN N 112 -30.43 28.36 39.30
C GLN N 112 -30.41 29.15 37.99
N GLU N 113 -29.23 29.64 37.61
CA GLU N 113 -29.10 30.34 36.34
C GLU N 113 -29.40 29.40 35.16
N GLN N 114 -28.92 28.16 35.24
CA GLN N 114 -29.21 27.19 34.18
C GLN N 114 -30.71 26.93 34.08
N ILE N 115 -31.37 26.77 35.23
CA ILE N 115 -32.81 26.53 35.23
C ILE N 115 -33.55 27.71 34.63
N GLY N 116 -33.16 28.93 35.02
CA GLY N 116 -33.80 30.12 34.48
C GLY N 116 -33.59 30.26 32.98
N TRP N 117 -32.39 29.91 32.50
CA TRP N 117 -32.11 30.06 31.07
C TRP N 117 -32.85 29.01 30.24
N MET N 118 -32.92 27.77 30.75
CA MET N 118 -33.54 26.69 29.98
C MET N 118 -35.03 26.95 29.79
N THR N 119 -35.72 27.40 30.83
CA THR N 119 -37.16 27.61 30.77
C THR N 119 -37.54 29.04 30.37
N HIS N 120 -36.56 29.87 30.03
CA HIS N 120 -36.84 31.26 29.68
C HIS N 120 -37.62 31.34 28.37
N ASN N 121 -38.31 32.46 28.19
CA ASN N 121 -39.04 32.74 26.95
C ASN N 121 -38.39 33.93 26.26
N PRO N 122 -37.75 33.75 25.11
CA PRO N 122 -37.59 32.52 24.32
C PRO N 122 -36.59 31.53 24.95
N PRO N 123 -36.73 30.25 24.64
CA PRO N 123 -35.82 29.25 25.25
C PRO N 123 -34.38 29.47 24.81
N ILE N 124 -33.46 29.17 25.73
CA ILE N 124 -32.03 29.31 25.47
C ILE N 124 -31.42 27.90 25.41
N PRO N 125 -31.09 27.40 24.22
CA PRO N 125 -30.48 26.07 24.08
C PRO N 125 -28.98 26.03 24.40
N VAL N 126 -28.62 26.61 25.55
CA VAL N 126 -27.23 26.61 25.98
C VAL N 126 -26.73 25.19 26.19
N GLY N 127 -27.56 24.35 26.83
CA GLY N 127 -27.19 22.96 27.00
C GLY N 127 -27.00 22.23 25.69
N GLU N 128 -27.83 22.55 24.70
CA GLU N 128 -27.68 21.93 23.38
C GLU N 128 -26.39 22.33 22.70
N ILE N 129 -26.01 23.62 22.82
CA ILE N 129 -24.75 24.08 22.25
C ILE N 129 -23.57 23.41 22.95
N TYR N 130 -23.64 23.28 24.27
CA TYR N 130 -22.58 22.57 24.99
C TYR N 130 -22.51 21.11 24.57
N LYS N 131 -23.68 20.48 24.35
CA LYS N 131 -23.72 19.10 23.91
C LYS N 131 -23.09 18.94 22.52
N ARG N 132 -23.37 19.87 21.61
CA ARG N 132 -22.79 19.78 20.28
C ARG N 132 -21.28 20.05 20.31
N TRP N 133 -20.83 20.92 21.21
CA TRP N 133 -19.39 21.09 21.38
C TRP N 133 -18.75 19.81 21.89
N ILE N 134 -19.41 19.14 22.83
CA ILE N 134 -18.93 17.84 23.30
C ILE N 134 -18.93 16.82 22.18
N ILE N 135 -19.93 16.88 21.29
CA ILE N 135 -19.99 15.96 20.15
C ILE N 135 -18.79 16.18 19.22
N LEU N 136 -18.47 17.45 18.94
CA LEU N 136 -17.30 17.75 18.12
C LEU N 136 -16.01 17.25 18.80
N GLY N 137 -15.91 17.46 20.10
CA GLY N 137 -14.75 16.97 20.83
C GLY N 137 -14.64 15.45 20.78
N LEU N 138 -15.76 14.76 20.91
CA LEU N 138 -15.76 13.30 20.79
C LEU N 138 -15.38 12.85 19.39
N ASN N 139 -15.83 13.57 18.36
CA ASN N 139 -15.45 13.23 16.99
C ASN N 139 -13.94 13.34 16.80
N LYS N 140 -13.35 14.45 17.27
CA LYS N 140 -11.92 14.59 17.10
C LYS N 140 -11.14 13.62 17.98
N ILE N 141 -11.67 13.27 19.16
CA ILE N 141 -10.98 12.32 20.02
C ILE N 141 -11.04 10.91 19.45
N VAL N 142 -12.14 10.56 18.76
CA VAL N 142 -12.19 9.23 18.13
C VAL N 142 -11.37 9.22 16.86
N ARG N 143 -11.20 10.39 16.22
CA ARG N 143 -10.21 10.50 15.15
C ARG N 143 -8.80 10.27 15.70
N MET N 144 -8.50 10.83 16.86
CA MET N 144 -7.19 10.64 17.49
C MET N 144 -6.96 9.18 17.86
N TYR N 145 -7.96 8.56 18.49
CA TYR N 145 -7.81 7.22 19.05
C TYR N 145 -7.82 6.12 18.01
N SER N 146 -8.17 6.41 16.77
CA SER N 146 -8.09 5.41 15.73
C SER N 146 -6.64 5.21 15.33
N PRO N 147 -6.07 4.02 15.48
CA PRO N 147 -4.63 3.82 15.25
C PRO N 147 -4.25 3.47 13.81
N THR N 148 -5.21 3.20 12.93
CA THR N 148 -4.91 2.75 11.59
C THR N 148 -5.71 3.55 10.59
N SER N 149 -5.12 3.79 9.42
CA SER N 149 -5.78 4.50 8.35
C SER N 149 -6.67 3.53 7.56
N ILE N 150 -7.18 3.97 6.42
CA ILE N 150 -8.07 3.17 5.59
C ILE N 150 -7.39 2.63 4.33
N LEU N 151 -6.23 3.16 3.97
CA LEU N 151 -5.53 2.74 2.76
C LEU N 151 -4.55 1.59 2.99
N ASP N 152 -4.42 1.12 4.23
CA ASP N 152 -3.48 0.07 4.58
C ASP N 152 -4.20 -1.16 5.14
N ILE N 153 -5.31 -1.52 4.52
CA ILE N 153 -6.08 -2.70 4.90
C ILE N 153 -6.04 -3.68 3.75
N ARG N 154 -5.52 -4.88 4.01
CA ARG N 154 -5.39 -5.93 2.99
C ARG N 154 -5.91 -7.24 3.54
N GLN N 155 -6.73 -7.92 2.74
CA GLN N 155 -7.22 -9.24 3.12
C GLN N 155 -6.08 -10.25 3.12
N GLY N 156 -6.14 -11.20 4.05
CA GLY N 156 -5.14 -12.22 4.15
C GLY N 156 -5.16 -13.16 2.95
N PRO N 157 -4.10 -13.95 2.78
CA PRO N 157 -4.04 -14.85 1.62
C PRO N 157 -5.18 -15.85 1.56
N LYS N 158 -5.69 -16.30 2.71
CA LYS N 158 -6.86 -17.14 2.75
C LYS N 158 -7.81 -16.75 3.88
N GLU N 159 -7.64 -15.55 4.43
CA GLU N 159 -8.52 -15.10 5.50
C GLU N 159 -9.94 -14.92 4.96
N PRO N 160 -10.96 -15.32 5.73
CA PRO N 160 -12.35 -15.08 5.30
C PRO N 160 -12.60 -13.60 5.11
N PHE N 161 -13.36 -13.26 4.07
CA PHE N 161 -13.62 -11.87 3.73
C PHE N 161 -14.68 -11.22 4.62
N ARG N 162 -15.44 -12.01 5.39
CA ARG N 162 -16.52 -11.45 6.20
C ARG N 162 -15.99 -10.45 7.21
N ASP N 163 -15.13 -10.91 8.13
CA ASP N 163 -14.56 -10.01 9.12
C ASP N 163 -13.64 -8.96 8.47
N TYR N 164 -13.06 -9.28 7.31
CA TYR N 164 -12.23 -8.29 6.61
C TYR N 164 -13.06 -7.08 6.19
N VAL N 165 -14.17 -7.31 5.48
CA VAL N 165 -15.02 -6.20 5.09
C VAL N 165 -15.68 -5.56 6.30
N ASP N 166 -15.93 -6.35 7.36
CA ASP N 166 -16.51 -5.79 8.57
C ASP N 166 -15.59 -4.76 9.20
N ARG N 167 -14.32 -5.13 9.40
CA ARG N 167 -13.36 -4.20 9.97
C ARG N 167 -13.04 -3.06 9.01
N PHE N 168 -13.11 -3.31 7.70
CA PHE N 168 -12.93 -2.24 6.73
C PHE N 168 -14.01 -1.19 6.91
N TYR N 169 -15.27 -1.61 7.00
CA TYR N 169 -16.36 -0.66 7.23
C TYR N 169 -16.24 0.01 8.59
N LYS N 170 -15.82 -0.74 9.61
CA LYS N 170 -15.67 -0.17 10.95
C LYS N 170 -14.63 0.95 10.95
N THR N 171 -13.49 0.73 10.29
CA THR N 171 -12.49 1.77 10.18
C THR N 171 -12.96 2.91 9.29
N LEU N 172 -13.76 2.60 8.26
CA LEU N 172 -14.29 3.65 7.37
C LEU N 172 -15.20 4.60 8.13
N ARG N 173 -16.04 4.07 9.03
CA ARG N 173 -16.95 4.93 9.78
C ARG N 173 -16.18 5.89 10.68
N ALA N 174 -15.08 5.43 11.28
CA ALA N 174 -14.27 6.28 12.15
C ALA N 174 -13.41 7.28 11.37
N GLU N 175 -13.55 7.33 10.05
CA GLU N 175 -12.77 8.24 9.22
C GLU N 175 -13.56 9.51 8.95
N GLN N 176 -12.95 10.66 9.20
CA GLN N 176 -13.60 11.94 8.94
C GLN N 176 -13.31 12.36 7.50
N ALA N 177 -14.32 12.25 6.65
CA ALA N 177 -14.17 12.60 5.24
C ALA N 177 -15.52 13.08 4.72
N SER N 178 -15.66 13.16 3.41
CA SER N 178 -16.89 13.62 2.76
C SER N 178 -17.67 12.43 2.23
N GLN N 179 -18.93 12.68 1.87
CA GLN N 179 -19.80 11.62 1.38
C GLN N 179 -19.27 11.03 0.07
N GLU N 180 -18.84 11.89 -0.85
CA GLU N 180 -18.32 11.40 -2.12
C GLU N 180 -17.03 10.61 -1.95
N VAL N 181 -16.18 11.02 -1.01
CA VAL N 181 -14.96 10.26 -0.74
C VAL N 181 -15.30 8.88 -0.21
N LYS N 182 -16.29 8.80 0.69
CA LYS N 182 -16.73 7.50 1.20
C LYS N 182 -17.29 6.64 0.09
N ASN N 183 -18.08 7.23 -0.82
CA ASN N 183 -18.62 6.46 -1.94
C ASN N 183 -17.49 5.93 -2.82
N TRP N 184 -16.50 6.78 -3.11
CA TRP N 184 -15.39 6.35 -3.95
C TRP N 184 -14.60 5.22 -3.29
N MET N 185 -14.33 5.34 -1.99
CA MET N 185 -13.53 4.33 -1.32
C MET N 185 -14.31 3.02 -1.13
N THR N 186 -15.63 3.09 -0.97
CA THR N 186 -16.41 1.86 -0.90
C THR N 186 -16.68 1.28 -2.28
N GLU N 187 -16.44 2.04 -3.35
CA GLU N 187 -16.54 1.50 -4.69
C GLU N 187 -15.23 0.87 -5.15
N THR N 188 -14.09 1.44 -4.76
CA THR N 188 -12.81 1.03 -5.34
C THR N 188 -11.87 0.33 -4.36
N LEU N 189 -11.78 0.81 -3.12
CA LEU N 189 -10.73 0.32 -2.21
C LEU N 189 -10.93 -1.16 -1.88
N LEU N 190 -12.18 -1.58 -1.66
CA LEU N 190 -12.41 -2.93 -1.15
C LEU N 190 -12.03 -4.00 -2.17
N VAL N 191 -12.17 -3.69 -3.46
CA VAL N 191 -11.91 -4.71 -4.48
C VAL N 191 -10.41 -4.81 -4.75
N GLN N 192 -9.64 -3.77 -4.43
CA GLN N 192 -8.21 -3.79 -4.70
C GLN N 192 -7.41 -4.54 -3.65
N ASN N 193 -8.04 -4.98 -2.56
CA ASN N 193 -7.35 -5.65 -1.47
C ASN N 193 -8.07 -6.93 -1.08
N ALA N 194 -8.43 -7.74 -2.05
CA ALA N 194 -9.14 -9.00 -1.82
C ALA N 194 -8.37 -10.16 -2.42
N ASN N 195 -8.77 -11.37 -2.01
CA ASN N 195 -8.14 -12.58 -2.52
C ASN N 195 -8.39 -12.74 -4.01
N PRO N 196 -7.43 -13.30 -4.76
CA PRO N 196 -7.51 -13.27 -6.23
C PRO N 196 -8.78 -13.87 -6.80
N ASP N 197 -9.27 -14.99 -6.25
CA ASP N 197 -10.38 -15.69 -6.86
C ASP N 197 -11.64 -14.81 -6.88
N CYS N 198 -12.14 -14.43 -5.72
CA CYS N 198 -13.38 -13.66 -5.74
C CYS N 198 -13.15 -12.18 -6.02
N LYS N 199 -11.90 -11.70 -5.98
CA LYS N 199 -11.65 -10.35 -6.50
C LYS N 199 -11.75 -10.31 -8.02
N THR N 200 -11.27 -11.36 -8.71
CA THR N 200 -11.50 -11.43 -10.15
C THR N 200 -12.97 -11.72 -10.45
N ILE N 201 -13.65 -12.45 -9.56
CA ILE N 201 -15.10 -12.60 -9.70
C ILE N 201 -15.79 -11.24 -9.62
N LEU N 202 -15.38 -10.41 -8.66
CA LEU N 202 -15.95 -9.07 -8.54
C LEU N 202 -15.64 -8.22 -9.77
N LYS N 203 -14.41 -8.31 -10.28
CA LYS N 203 -14.07 -7.59 -11.51
C LYS N 203 -14.93 -8.07 -12.67
N ALA N 204 -15.31 -9.34 -12.67
CA ALA N 204 -16.26 -9.84 -13.67
C ALA N 204 -17.65 -9.28 -13.44
N LEU N 205 -18.03 -9.05 -12.19
CA LEU N 205 -19.35 -8.47 -11.88
C LEU N 205 -19.49 -7.05 -12.40
N GLY N 206 -18.39 -6.31 -12.54
CA GLY N 206 -18.43 -4.97 -13.04
C GLY N 206 -18.79 -3.96 -11.97
N PRO N 207 -18.86 -2.68 -12.36
CA PRO N 207 -19.19 -1.63 -11.39
C PRO N 207 -20.64 -1.70 -10.94
N GLY N 208 -20.89 -1.13 -9.76
CA GLY N 208 -22.23 -1.11 -9.20
C GLY N 208 -22.66 -2.39 -8.52
N ALA N 209 -21.79 -3.38 -8.42
CA ALA N 209 -22.12 -4.65 -7.77
C ALA N 209 -22.20 -4.42 -6.27
N THR N 210 -23.41 -4.50 -5.72
CA THR N 210 -23.61 -4.29 -4.30
C THR N 210 -23.02 -5.45 -3.51
N LEU N 211 -22.88 -5.24 -2.20
CA LEU N 211 -22.14 -6.18 -1.36
C LEU N 211 -22.85 -7.53 -1.22
N GLU N 212 -24.15 -7.61 -1.49
CA GLU N 212 -24.83 -8.90 -1.36
C GLU N 212 -24.34 -9.90 -2.41
N GLU N 213 -24.29 -9.48 -3.68
CA GLU N 213 -23.77 -10.36 -4.71
C GLU N 213 -22.30 -10.67 -4.49
N MET N 214 -21.53 -9.69 -4.03
CA MET N 214 -20.11 -9.90 -3.80
C MET N 214 -19.87 -10.90 -2.67
N MET N 215 -20.73 -10.88 -1.63
CA MET N 215 -20.54 -11.82 -0.53
C MET N 215 -21.07 -13.21 -0.89
N THR N 216 -22.14 -13.27 -1.70
CA THR N 216 -22.63 -14.56 -2.14
C THR N 216 -21.71 -15.20 -3.18
N ALA N 217 -20.90 -14.40 -3.87
CA ALA N 217 -19.96 -14.94 -4.85
C ALA N 217 -18.67 -15.41 -4.18
N CYS N 218 -18.20 -14.67 -3.17
CA CYS N 218 -16.99 -15.03 -2.45
C CYS N 218 -17.22 -16.16 -1.42
N GLN N 219 -18.38 -16.80 -1.42
CA GLN N 219 -18.67 -17.91 -0.51
C GLN N 219 -17.78 -19.10 -0.80
N GLY N 220 -16.98 -19.52 0.19
CA GLY N 220 -16.11 -20.67 0.04
C GLY N 220 -14.88 -20.39 -0.80
N PRO O 1 -32.83 11.31 51.41
CA PRO O 1 -32.59 12.71 51.04
C PRO O 1 -33.87 13.52 50.94
N ILE O 2 -33.74 14.85 50.95
CA ILE O 2 -34.89 15.73 50.79
C ILE O 2 -35.21 15.82 49.31
N VAL O 3 -36.41 15.42 48.93
CA VAL O 3 -36.83 15.40 47.54
C VAL O 3 -38.16 16.13 47.40
N GLN O 4 -38.40 16.66 46.21
CA GLN O 4 -39.63 17.39 45.91
C GLN O 4 -40.61 16.47 45.20
N ASN O 5 -41.86 16.49 45.67
CA ASN O 5 -42.91 15.74 45.01
C ASN O 5 -43.24 16.35 43.66
N LEU O 6 -43.88 15.56 42.80
CA LEU O 6 -44.26 16.05 41.48
C LEU O 6 -45.28 17.17 41.61
N GLN O 7 -44.85 18.40 41.35
CA GLN O 7 -45.66 19.59 41.58
C GLN O 7 -46.16 19.64 43.03
N GLY O 8 -45.27 19.29 43.96
CA GLY O 8 -45.60 19.23 45.37
C GLY O 8 -44.63 20.07 46.19
N GLN O 9 -44.26 19.54 47.35
CA GLN O 9 -43.39 20.21 48.30
C GLN O 9 -42.17 19.33 48.60
N MET O 10 -41.29 19.85 49.47
CA MET O 10 -40.08 19.15 49.86
C MET O 10 -40.38 18.23 51.05
N VAL O 11 -40.05 16.95 50.90
CA VAL O 11 -40.29 15.96 51.94
C VAL O 11 -39.03 15.09 52.09
N HIS O 12 -38.86 14.54 53.28
CA HIS O 12 -37.72 13.68 53.57
C HIS O 12 -38.02 12.24 53.18
N GLN O 13 -36.97 11.53 52.75
CA GLN O 13 -37.09 10.14 52.37
C GLN O 13 -35.86 9.39 52.84
N ALA O 14 -36.01 8.09 53.06
CA ALA O 14 -34.89 7.26 53.49
C ALA O 14 -33.91 7.05 52.34
N ILE O 15 -32.66 6.76 52.71
CA ILE O 15 -31.60 6.53 51.73
C ILE O 15 -31.82 5.19 51.06
N SER O 16 -31.81 5.17 49.73
CA SER O 16 -31.93 3.92 49.01
C SER O 16 -30.70 3.05 49.27
N PRO O 17 -30.88 1.76 49.57
CA PRO O 17 -29.70 0.91 49.83
C PRO O 17 -28.75 0.82 48.66
N ARG O 18 -29.27 0.90 47.43
CA ARG O 18 -28.40 0.80 46.26
C ARG O 18 -27.41 1.95 46.18
N THR O 19 -27.83 3.15 46.56
CA THR O 19 -26.93 4.31 46.50
C THR O 19 -25.73 4.11 47.41
N LEU O 20 -25.98 3.77 48.68
CA LEU O 20 -24.88 3.58 49.61
C LEU O 20 -24.04 2.35 49.25
N ASN O 21 -24.68 1.29 48.73
CA ASN O 21 -23.93 0.12 48.30
C ASN O 21 -22.98 0.47 47.15
N ALA O 22 -23.48 1.22 46.17
CA ALA O 22 -22.63 1.65 45.06
C ALA O 22 -21.51 2.55 45.56
N TRP O 23 -21.82 3.48 46.47
CA TRP O 23 -20.79 4.35 47.03
C TRP O 23 -19.68 3.55 47.69
N VAL O 24 -20.05 2.61 48.57
CA VAL O 24 -19.04 1.88 49.33
C VAL O 24 -18.24 0.95 48.40
N LYS O 25 -18.91 0.35 47.41
CA LYS O 25 -18.18 -0.56 46.53
C LYS O 25 -17.24 0.21 45.59
N VAL O 26 -17.65 1.40 45.14
CA VAL O 26 -16.75 2.18 44.29
C VAL O 26 -15.62 2.77 45.11
N VAL O 27 -15.84 3.02 46.40
CA VAL O 27 -14.76 3.48 47.25
C VAL O 27 -13.75 2.36 47.50
N GLU O 28 -14.24 1.16 47.79
CA GLU O 28 -13.35 0.05 48.12
C GLU O 28 -12.67 -0.56 46.90
N GLU O 29 -13.28 -0.46 45.72
CA GLU O 29 -12.70 -1.04 44.51
C GLU O 29 -11.81 -0.07 43.75
N LYS O 30 -12.01 1.23 43.90
CA LYS O 30 -11.21 2.24 43.23
C LYS O 30 -10.35 2.96 44.25
N ALA O 31 -9.05 3.06 43.96
CA ALA O 31 -8.14 3.79 44.83
C ALA O 31 -8.50 5.28 44.83
N PHE O 32 -8.15 5.95 45.92
CA PHE O 32 -8.46 7.37 46.05
C PHE O 32 -7.82 8.18 44.92
N SER O 33 -8.61 9.04 44.30
CA SER O 33 -8.21 9.80 43.13
C SER O 33 -9.13 11.00 42.99
N PRO O 34 -8.72 12.05 42.27
CA PRO O 34 -9.61 13.22 42.12
C PRO O 34 -10.97 12.89 41.50
N GLU O 35 -11.06 11.88 40.64
CA GLU O 35 -12.33 11.59 39.98
C GLU O 35 -13.39 11.10 40.96
N VAL O 36 -13.01 10.70 42.18
CA VAL O 36 -14.00 10.30 43.17
C VAL O 36 -14.68 11.52 43.78
N ILE O 37 -14.06 12.71 43.63
CA ILE O 37 -14.67 13.93 44.16
C ILE O 37 -16.01 14.24 43.49
N PRO O 38 -16.11 14.26 42.15
CA PRO O 38 -17.45 14.44 41.55
C PRO O 38 -18.41 13.31 41.89
N MET O 39 -17.92 12.07 41.94
CA MET O 39 -18.80 10.93 42.19
C MET O 39 -19.48 11.06 43.55
N PHE O 40 -18.74 11.50 44.57
CA PHE O 40 -19.35 11.76 45.86
C PHE O 40 -20.34 12.91 45.79
N SER O 41 -20.03 13.95 45.01
CA SER O 41 -20.87 15.14 44.99
C SER O 41 -22.16 14.91 44.20
N ALA O 42 -22.16 13.96 43.26
CA ALA O 42 -23.34 13.72 42.44
C ALA O 42 -24.34 12.80 43.14
N LEU O 43 -23.95 12.12 44.21
CA LEU O 43 -24.83 11.20 44.92
C LEU O 43 -25.44 11.81 46.18
N SER O 44 -24.73 12.70 46.86
CA SER O 44 -25.20 13.30 48.10
C SER O 44 -25.92 14.63 47.88
N GLU O 45 -26.46 14.86 46.68
CA GLU O 45 -27.17 16.11 46.43
C GLU O 45 -28.48 16.14 47.21
N GLY O 46 -28.72 17.25 47.89
CA GLY O 46 -29.94 17.39 48.68
C GLY O 46 -30.09 16.38 49.79
N ALA O 47 -29.00 16.10 50.51
CA ALA O 47 -28.99 15.10 51.56
C ALA O 47 -28.75 15.75 52.91
N THR O 48 -29.49 15.29 53.93
CA THR O 48 -29.32 15.79 55.27
C THR O 48 -27.96 15.35 55.83
N PRO O 49 -27.41 16.09 56.79
CA PRO O 49 -26.13 15.68 57.40
C PRO O 49 -26.16 14.28 58.00
N GLN O 50 -27.31 13.82 58.47
CA GLN O 50 -27.41 12.45 58.98
C GLN O 50 -27.05 11.44 57.89
N ASP O 51 -27.61 11.62 56.69
CA ASP O 51 -27.25 10.75 55.57
C ASP O 51 -25.77 10.86 55.24
N LEU O 52 -25.22 12.08 55.33
CA LEU O 52 -23.81 12.27 55.04
C LEU O 52 -22.93 11.46 55.99
N ASN O 53 -23.21 11.55 57.30
CA ASN O 53 -22.39 10.80 58.25
C ASN O 53 -22.65 9.30 58.20
N THR O 54 -23.87 8.86 57.88
CA THR O 54 -24.10 7.43 57.73
C THR O 54 -23.36 6.88 56.51
N MET O 55 -23.33 7.64 55.41
CA MET O 55 -22.54 7.24 54.25
C MET O 55 -21.05 7.25 54.57
N LEU O 56 -20.58 8.24 55.34
CA LEU O 56 -19.17 8.34 55.67
C LEU O 56 -18.72 7.19 56.57
N ASN O 57 -19.54 6.83 57.56
CA ASN O 57 -19.14 5.83 58.54
C ASN O 57 -19.14 4.42 57.96
N THR O 58 -19.99 4.17 56.96
CA THR O 58 -20.09 2.82 56.41
C THR O 58 -18.87 2.41 55.59
N VAL O 59 -17.96 3.34 55.31
CA VAL O 59 -16.77 3.01 54.54
C VAL O 59 -15.85 2.12 55.38
N GLY O 60 -15.43 1.01 54.80
CA GLY O 60 -14.53 0.07 55.46
C GLY O 60 -13.15 0.13 54.84
N GLY O 61 -12.13 0.16 55.69
CA GLY O 61 -10.75 0.26 55.26
C GLY O 61 -10.29 1.70 55.12
N HIS O 62 -8.96 1.86 55.19
CA HIS O 62 -8.31 3.17 55.13
C HIS O 62 -8.88 4.12 56.18
N GLN O 63 -9.05 3.62 57.40
CA GLN O 63 -9.67 4.41 58.46
C GLN O 63 -8.76 5.55 58.94
N ALA O 64 -7.47 5.53 58.58
CA ALA O 64 -6.62 6.66 58.90
C ALA O 64 -7.10 7.92 58.18
N ALA O 65 -7.48 7.78 56.91
CA ALA O 65 -8.06 8.90 56.18
C ALA O 65 -9.37 9.34 56.80
N MET O 66 -10.17 8.39 57.30
CA MET O 66 -11.42 8.75 57.98
C MET O 66 -11.15 9.57 59.23
N GLN O 67 -10.15 9.17 60.02
CA GLN O 67 -9.79 9.93 61.21
C GLN O 67 -9.26 11.31 60.84
N MET O 68 -8.46 11.39 59.78
CA MET O 68 -7.95 12.70 59.35
C MET O 68 -9.08 13.62 58.90
N LEU O 69 -10.04 13.10 58.14
CA LEU O 69 -11.15 13.94 57.71
C LEU O 69 -12.06 14.31 58.88
N LYS O 70 -12.20 13.43 59.87
CA LYS O 70 -12.95 13.79 61.06
C LYS O 70 -12.25 14.90 61.83
N GLU O 71 -10.92 14.84 61.92
CA GLU O 71 -10.17 15.91 62.58
C GLU O 71 -10.32 17.23 61.83
N THR O 72 -10.28 17.18 60.49
CA THR O 72 -10.49 18.40 59.72
C THR O 72 -11.91 18.92 59.86
N ILE O 73 -12.89 18.03 59.99
CA ILE O 73 -14.26 18.45 60.24
C ILE O 73 -14.36 19.16 61.59
N ASN O 74 -13.69 18.62 62.61
CA ASN O 74 -13.69 19.26 63.92
C ASN O 74 -13.03 20.63 63.87
N GLU O 75 -11.90 20.74 63.17
CA GLU O 75 -11.23 22.04 63.07
C GLU O 75 -12.05 23.03 62.26
N GLU O 76 -12.77 22.56 61.24
CA GLU O 76 -13.65 23.45 60.48
C GLU O 76 -14.84 23.89 61.32
N ALA O 77 -15.35 23.01 62.18
CA ALA O 77 -16.40 23.40 63.11
C ALA O 77 -15.89 24.46 64.08
N ALA O 78 -14.66 24.30 64.56
CA ALA O 78 -14.06 25.33 65.42
C ALA O 78 -13.91 26.64 64.66
N GLU O 79 -13.50 26.57 63.40
CA GLU O 79 -13.39 27.78 62.57
C GLU O 79 -14.74 28.46 62.41
N TRP O 80 -15.79 27.67 62.18
CA TRP O 80 -17.14 28.23 62.06
C TRP O 80 -17.58 28.89 63.35
N ASP O 81 -17.28 28.26 64.49
CA ASP O 81 -17.63 28.86 65.78
C ASP O 81 -16.87 30.17 66.01
N ARG O 82 -15.61 30.22 65.58
CA ARG O 82 -14.74 31.34 65.88
C ARG O 82 -14.90 32.52 64.92
N LEU O 83 -15.26 32.28 63.67
CA LEU O 83 -15.40 33.39 62.72
C LEU O 83 -16.84 33.87 62.62
N HIS O 84 -17.80 32.95 62.60
CA HIS O 84 -19.20 33.33 62.65
C HIS O 84 -19.58 33.56 64.11
N PRO O 85 -20.02 34.76 64.48
CA PRO O 85 -20.29 35.03 65.90
C PRO O 85 -21.33 34.08 66.47
N VAL O 86 -21.10 33.66 67.71
CA VAL O 86 -22.04 32.79 68.42
C VAL O 86 -23.13 33.67 69.02
N HIS O 87 -24.37 33.46 68.57
CA HIS O 87 -25.49 34.26 69.06
C HIS O 87 -25.86 33.86 70.48
N ALA O 88 -25.30 34.55 71.47
CA ALA O 88 -25.57 34.23 72.85
C ALA O 88 -26.98 34.63 73.25
N GLY O 89 -27.51 33.97 74.26
CA GLY O 89 -28.85 34.24 74.74
C GLY O 89 -29.89 33.38 74.04
N PRO O 90 -31.02 33.16 74.72
CA PRO O 90 -32.09 32.34 74.13
C PRO O 90 -32.83 33.10 73.03
N ILE O 91 -32.80 32.55 71.82
CA ILE O 91 -33.53 33.15 70.71
C ILE O 91 -35.02 33.02 70.95
N ALA O 92 -35.78 33.98 70.43
CA ALA O 92 -37.23 33.97 70.63
C ALA O 92 -37.84 32.73 69.97
N PRO O 93 -38.90 32.17 70.55
CA PRO O 93 -39.52 30.97 69.96
C PRO O 93 -40.09 31.26 68.57
N GLY O 94 -40.07 30.24 67.72
CA GLY O 94 -40.52 30.35 66.35
C GLY O 94 -39.41 30.43 65.33
N GLN O 95 -38.18 30.66 65.76
CA GLN O 95 -37.01 30.70 64.87
C GLN O 95 -35.99 29.68 65.33
N MET O 96 -35.47 28.91 64.38
CA MET O 96 -34.45 27.92 64.70
C MET O 96 -33.15 28.61 65.07
N ARG O 97 -32.50 28.11 66.13
CA ARG O 97 -31.29 28.74 66.62
C ARG O 97 -30.12 28.46 65.69
N GLU O 98 -29.02 29.18 65.91
CA GLU O 98 -27.84 29.03 65.10
C GLU O 98 -27.26 27.63 65.27
N PRO O 99 -26.97 26.91 64.18
CA PRO O 99 -26.36 25.58 64.32
C PRO O 99 -24.95 25.68 64.91
N ARG O 100 -24.64 24.74 65.78
CA ARG O 100 -23.33 24.69 66.41
C ARG O 100 -22.35 23.87 65.57
N GLY O 101 -21.12 23.77 66.07
CA GLY O 101 -20.13 22.93 65.42
C GLY O 101 -20.52 21.46 65.41
N SER O 102 -21.18 21.00 66.47
CA SER O 102 -21.67 19.63 66.50
C SER O 102 -22.93 19.47 65.65
N ASP O 103 -23.76 20.52 65.58
CA ASP O 103 -25.00 20.43 64.81
C ASP O 103 -24.72 20.25 63.33
N ILE O 104 -23.75 20.99 62.78
CA ILE O 104 -23.42 20.84 61.37
C ILE O 104 -22.79 19.47 61.12
N ALA O 105 -21.98 18.99 62.06
CA ALA O 105 -21.37 17.67 61.94
C ALA O 105 -22.38 16.54 62.10
N GLY O 106 -23.59 16.84 62.59
CA GLY O 106 -24.59 15.80 62.76
C GLY O 106 -24.41 14.93 63.98
N THR O 107 -23.46 15.26 64.86
CA THR O 107 -23.21 14.47 66.04
C THR O 107 -24.20 14.72 67.17
N THR O 108 -24.94 15.82 67.11
CA THR O 108 -25.92 16.14 68.14
C THR O 108 -27.29 16.55 67.60
N SER O 109 -27.43 16.77 66.30
CA SER O 109 -28.69 17.21 65.72
C SER O 109 -29.46 16.01 65.19
N THR O 110 -30.68 15.84 65.69
CA THR O 110 -31.56 14.77 65.21
C THR O 110 -32.21 15.19 63.89
N LEU O 111 -32.86 14.21 63.26
CA LEU O 111 -33.45 14.44 61.94
C LEU O 111 -34.55 15.51 61.98
N GLN O 112 -35.30 15.59 63.08
CA GLN O 112 -36.38 16.55 63.17
C GLN O 112 -35.87 17.98 63.09
N GLU O 113 -34.85 18.32 63.88
CA GLU O 113 -34.30 19.67 63.82
C GLU O 113 -33.51 19.91 62.54
N GLN O 114 -32.95 18.86 61.94
CA GLN O 114 -32.34 19.01 60.61
C GLN O 114 -33.38 19.44 59.59
N ILE O 115 -34.54 18.79 59.60
CA ILE O 115 -35.63 19.19 58.70
C ILE O 115 -36.11 20.59 59.03
N GLY O 116 -36.19 20.92 60.33
CA GLY O 116 -36.57 22.28 60.70
C GLY O 116 -35.61 23.32 60.17
N TRP O 117 -34.31 23.02 60.22
CA TRP O 117 -33.32 23.90 59.60
C TRP O 117 -33.52 24.00 58.10
N MET O 118 -33.85 22.87 57.45
CA MET O 118 -34.08 22.88 56.02
C MET O 118 -35.26 23.76 55.64
N THR O 119 -36.34 23.71 56.43
CA THR O 119 -37.56 24.45 56.14
C THR O 119 -37.60 25.83 56.79
N HIS O 120 -36.54 26.23 57.48
CA HIS O 120 -36.52 27.53 58.14
C HIS O 120 -36.55 28.65 57.11
N ASN O 121 -37.14 29.77 57.50
CA ASN O 121 -37.21 30.96 56.65
C ASN O 121 -36.38 32.08 57.26
N PRO O 122 -35.28 32.52 56.63
CA PRO O 122 -34.73 32.07 55.34
C PRO O 122 -34.06 30.70 55.42
N PRO O 123 -33.94 29.99 54.31
CA PRO O 123 -33.34 28.65 54.33
C PRO O 123 -31.91 28.69 54.85
N ILE O 124 -31.55 27.65 55.62
CA ILE O 124 -30.21 27.52 56.17
C ILE O 124 -29.53 26.34 55.51
N PRO O 125 -28.61 26.57 54.56
CA PRO O 125 -27.93 25.45 53.89
C PRO O 125 -26.76 24.89 54.70
N VAL O 126 -27.06 24.40 55.90
CA VAL O 126 -26.04 23.78 56.73
C VAL O 126 -25.51 22.50 56.08
N GLY O 127 -26.39 21.76 55.39
CA GLY O 127 -25.94 20.57 54.70
C GLY O 127 -24.92 20.88 53.62
N GLU O 128 -25.12 21.98 52.89
CA GLU O 128 -24.16 22.38 51.87
C GLU O 128 -22.82 22.75 52.48
N ILE O 129 -22.84 23.43 53.63
CA ILE O 129 -21.58 23.80 54.31
C ILE O 129 -20.85 22.55 54.77
N TYR O 130 -21.58 21.58 55.33
CA TYR O 130 -20.95 20.34 55.74
C TYR O 130 -20.41 19.58 54.53
N LYS O 131 -21.14 19.62 53.41
CA LYS O 131 -20.68 18.96 52.20
C LYS O 131 -19.40 19.57 51.68
N ARG O 132 -19.31 20.91 51.70
CA ARG O 132 -18.07 21.56 51.26
C ARG O 132 -16.92 21.30 52.22
N TRP O 133 -17.21 21.17 53.52
CA TRP O 133 -16.18 20.77 54.47
C TRP O 133 -15.67 19.37 54.15
N ILE O 134 -16.59 18.45 53.82
CA ILE O 134 -16.20 17.11 53.43
C ILE O 134 -15.38 17.14 52.14
N ILE O 135 -15.74 18.04 51.22
CA ILE O 135 -14.99 18.17 49.97
C ILE O 135 -13.56 18.62 50.26
N LEU O 136 -13.40 19.60 51.14
CA LEU O 136 -12.05 20.04 51.52
C LEU O 136 -11.26 18.91 52.19
N GLY O 137 -11.92 18.17 53.08
CA GLY O 137 -11.25 17.06 53.73
C GLY O 137 -10.81 15.99 52.74
N LEU O 138 -11.67 15.67 51.77
CA LEU O 138 -11.31 14.70 50.75
C LEU O 138 -10.21 15.21 49.84
N ASN O 139 -10.17 16.52 49.58
CA ASN O 139 -9.06 17.09 48.84
C ASN O 139 -7.75 16.92 49.59
N LYS O 140 -7.77 17.15 50.90
CA LYS O 140 -6.58 16.91 51.71
C LYS O 140 -6.19 15.43 51.70
N ILE O 141 -7.18 14.54 51.76
CA ILE O 141 -6.91 13.11 51.75
C ILE O 141 -6.27 12.68 50.43
N VAL O 142 -6.80 13.17 49.30
CA VAL O 142 -6.24 12.80 48.00
C VAL O 142 -4.87 13.43 47.81
N ARG O 143 -4.63 14.61 48.40
CA ARG O 143 -3.29 15.16 48.42
C ARG O 143 -2.34 14.24 49.18
N MET O 144 -2.79 13.72 50.32
CA MET O 144 -1.99 12.77 51.09
C MET O 144 -1.70 11.52 50.28
N TYR O 145 -2.70 10.99 49.61
CA TYR O 145 -2.61 9.71 48.89
C TYR O 145 -1.96 9.84 47.53
N SER O 146 -1.38 11.00 47.20
CA SER O 146 -0.67 11.15 45.93
C SER O 146 0.58 10.28 45.93
N PRO O 147 0.71 9.36 44.97
CA PRO O 147 1.88 8.47 44.96
C PRO O 147 3.21 9.18 44.80
N THR O 148 3.25 10.30 44.08
CA THR O 148 4.50 10.99 43.79
C THR O 148 4.19 12.46 43.50
N SER O 149 5.26 13.25 43.42
CA SER O 149 5.13 14.68 43.14
C SER O 149 5.03 14.89 41.63
N ILE O 150 5.11 16.14 41.19
CA ILE O 150 4.93 16.50 39.80
C ILE O 150 6.25 16.89 39.14
N LEU O 151 7.21 17.41 39.92
CA LEU O 151 8.47 17.85 39.35
C LEU O 151 9.41 16.69 39.02
N ASP O 152 9.15 15.49 39.52
CA ASP O 152 10.00 14.34 39.25
C ASP O 152 9.51 13.49 38.10
N ILE O 153 8.47 13.91 37.39
CA ILE O 153 7.96 13.14 36.26
C ILE O 153 8.99 13.16 35.14
N ARG O 154 9.28 11.98 34.59
CA ARG O 154 10.24 11.84 33.50
C ARG O 154 9.76 10.75 32.55
N GLN O 155 9.84 11.03 31.26
CA GLN O 155 9.46 10.05 30.24
C GLN O 155 10.62 9.08 30.01
N GLY O 156 10.33 7.78 30.13
CA GLY O 156 11.33 6.77 29.93
C GLY O 156 11.79 6.69 28.50
N PRO O 157 12.99 6.15 28.27
CA PRO O 157 13.49 6.03 26.89
C PRO O 157 12.59 5.21 25.99
N LYS O 158 11.96 4.16 26.52
CA LYS O 158 11.03 3.34 25.75
C LYS O 158 9.57 3.59 26.15
N GLU O 159 9.33 4.54 27.04
CA GLU O 159 7.96 4.83 27.48
C GLU O 159 7.22 5.59 26.39
N PRO O 160 6.04 5.12 25.98
CA PRO O 160 5.26 5.86 24.97
C PRO O 160 4.85 7.23 25.47
N PHE O 161 4.77 8.18 24.54
CA PHE O 161 4.37 9.54 24.89
C PHE O 161 2.92 9.60 25.38
N ARG O 162 2.07 8.71 24.86
CA ARG O 162 0.67 8.69 25.28
C ARG O 162 0.55 8.43 26.77
N ASP O 163 1.19 7.36 27.26
CA ASP O 163 1.13 7.04 28.68
C ASP O 163 1.79 8.13 29.51
N TYR O 164 2.89 8.70 29.01
CA TYR O 164 3.59 9.75 29.73
C TYR O 164 2.69 10.97 29.94
N VAL O 165 2.02 11.43 28.88
CA VAL O 165 1.16 12.59 29.02
C VAL O 165 -0.07 12.25 29.85
N ASP O 166 -0.58 11.02 29.74
CA ASP O 166 -1.73 10.62 30.56
C ASP O 166 -1.39 10.67 32.04
N ARG O 167 -0.25 10.10 32.43
CA ARG O 167 0.14 10.13 33.84
C ARG O 167 0.52 11.53 34.29
N PHE O 168 1.10 12.34 33.40
CA PHE O 168 1.41 13.73 33.73
C PHE O 168 0.13 14.49 34.07
N TYR O 169 -0.91 14.35 33.24
CA TYR O 169 -2.16 15.04 33.53
C TYR O 169 -2.88 14.43 34.73
N LYS O 170 -2.72 13.12 34.96
CA LYS O 170 -3.28 12.50 36.16
C LYS O 170 -2.68 13.12 37.42
N THR O 171 -1.35 13.24 37.46
CA THR O 171 -0.70 13.85 38.61
C THR O 171 -1.01 15.35 38.69
N LEU O 172 -1.16 16.01 37.56
CA LEU O 172 -1.54 17.42 37.55
C LEU O 172 -2.91 17.62 38.19
N ARG O 173 -3.87 16.74 37.85
CA ARG O 173 -5.16 16.76 38.53
C ARG O 173 -5.01 16.44 40.01
N ALA O 174 -4.12 15.50 40.34
CA ALA O 174 -3.86 15.17 41.73
C ALA O 174 -3.20 16.31 42.50
N GLU O 175 -2.69 17.33 41.81
CA GLU O 175 -2.07 18.47 42.46
C GLU O 175 -3.13 19.51 42.82
N GLN O 176 -3.00 20.08 44.01
CA GLN O 176 -3.92 21.09 44.52
C GLN O 176 -3.22 22.45 44.49
N ALA O 177 -3.67 23.32 43.61
CA ALA O 177 -3.08 24.64 43.43
C ALA O 177 -4.02 25.48 42.59
N SER O 178 -3.62 26.74 42.38
CA SER O 178 -4.42 27.67 41.61
C SER O 178 -4.34 27.35 40.12
N GLN O 179 -5.25 27.95 39.34
CA GLN O 179 -5.32 27.66 37.91
C GLN O 179 -4.13 28.24 37.16
N GLU O 180 -3.62 29.39 37.60
CA GLU O 180 -2.52 30.05 36.89
C GLU O 180 -1.25 29.19 36.91
N VAL O 181 -0.90 28.65 38.08
CA VAL O 181 0.28 27.80 38.17
C VAL O 181 0.05 26.49 37.43
N LYS O 182 -1.19 26.00 37.41
CA LYS O 182 -1.51 24.82 36.61
C LYS O 182 -1.25 25.06 35.13
N ASN O 183 -1.68 26.22 34.63
CA ASN O 183 -1.42 26.57 33.24
C ASN O 183 0.07 26.71 32.98
N TRP O 184 0.80 27.36 33.90
CA TRP O 184 2.24 27.52 33.73
C TRP O 184 2.92 26.15 33.66
N MET O 185 2.54 25.23 34.55
CA MET O 185 3.13 23.90 34.54
C MET O 185 2.80 23.15 33.25
N THR O 186 1.53 23.14 32.86
CA THR O 186 1.15 22.42 31.64
C THR O 186 1.69 23.10 30.38
N GLU O 187 2.20 24.31 30.47
CA GLU O 187 2.84 24.95 29.33
C GLU O 187 4.35 24.81 29.31
N THR O 188 4.99 24.60 30.47
CA THR O 188 6.45 24.57 30.51
C THR O 188 7.02 23.20 30.87
N LEU O 189 6.50 22.53 31.89
CA LEU O 189 7.19 21.40 32.50
C LEU O 189 7.19 20.16 31.61
N LEU O 190 6.09 19.89 30.91
CA LEU O 190 5.94 18.61 30.23
C LEU O 190 6.96 18.43 29.12
N VAL O 191 7.30 19.52 28.42
CA VAL O 191 8.27 19.42 27.32
C VAL O 191 9.68 19.21 27.84
N GLN O 192 9.97 19.60 29.08
CA GLN O 192 11.33 19.51 29.59
C GLN O 192 11.75 18.06 29.87
N ASN O 193 10.80 17.20 30.25
CA ASN O 193 11.11 15.84 30.68
C ASN O 193 10.68 14.79 29.66
N ALA O 194 10.60 15.16 28.38
CA ALA O 194 10.24 14.21 27.34
C ALA O 194 11.49 13.56 26.76
N ASN O 195 11.26 12.58 25.89
CA ASN O 195 12.36 11.92 25.20
C ASN O 195 13.06 12.91 24.25
N PRO O 196 14.35 12.72 24.00
CA PRO O 196 15.09 13.73 23.20
C PRO O 196 14.50 13.98 21.82
N ASP O 197 14.04 12.94 21.13
CA ASP O 197 13.49 13.14 19.79
C ASP O 197 12.25 14.03 19.83
N CYS O 198 11.29 13.71 20.69
CA CYS O 198 10.11 14.56 20.81
C CYS O 198 10.42 15.89 21.48
N LYS O 199 11.46 15.96 22.32
CA LYS O 199 11.87 17.25 22.86
C LYS O 199 12.32 18.19 21.74
N THR O 200 13.17 17.70 20.85
CA THR O 200 13.61 18.52 19.72
C THR O 200 12.45 18.82 18.78
N ILE O 201 11.54 17.87 18.61
CA ILE O 201 10.36 18.11 17.77
C ILE O 201 9.53 19.26 18.33
N LEU O 202 9.27 19.23 19.64
CA LEU O 202 8.46 20.28 20.24
C LEU O 202 9.20 21.61 20.27
N LYS O 203 10.52 21.58 20.43
CA LYS O 203 11.30 22.81 20.31
C LYS O 203 11.19 23.40 18.92
N ALA O 204 11.21 22.56 17.89
CA ALA O 204 10.98 23.03 16.53
C ALA O 204 9.57 23.58 16.37
N LEU O 205 8.59 22.97 17.05
CA LEU O 205 7.22 23.48 17.01
C LEU O 205 7.11 24.89 17.57
N GLY O 206 7.82 25.17 18.67
CA GLY O 206 7.83 26.48 19.26
C GLY O 206 6.65 26.74 20.18
N PRO O 207 6.59 27.96 20.71
CA PRO O 207 5.52 28.30 21.67
C PRO O 207 4.18 28.49 20.97
N GLY O 208 3.13 28.52 21.79
CA GLY O 208 1.78 28.70 21.27
C GLY O 208 1.30 27.55 20.41
N ALA O 209 1.63 26.31 20.79
CA ALA O 209 1.22 25.12 20.05
C ALA O 209 0.29 24.29 20.92
N THR O 210 -0.86 23.92 20.37
CA THR O 210 -1.79 23.07 21.08
C THR O 210 -1.24 21.64 21.20
N LEU O 211 -1.70 20.93 22.22
CA LEU O 211 -1.16 19.61 22.51
C LEU O 211 -1.47 18.59 21.43
N GLU O 212 -2.51 18.81 20.62
CA GLU O 212 -2.82 17.87 19.56
C GLU O 212 -1.72 17.83 18.51
N GLU O 213 -1.20 19.01 18.14
CA GLU O 213 -0.08 19.06 17.20
C GLU O 213 1.15 18.38 17.78
N MET O 214 1.41 18.61 19.07
CA MET O 214 2.56 17.98 19.73
C MET O 214 2.44 16.47 19.72
N MET O 215 1.25 15.94 20.05
CA MET O 215 1.08 14.50 20.12
C MET O 215 1.11 13.87 18.73
N THR O 216 0.59 14.57 17.72
CA THR O 216 0.67 14.03 16.37
C THR O 216 2.09 14.04 15.84
N ALA O 217 2.88 15.06 16.18
CA ALA O 217 4.26 15.12 15.72
C ALA O 217 5.17 14.17 16.49
N CYS O 218 4.85 13.87 17.74
CA CYS O 218 5.68 12.99 18.56
C CYS O 218 5.48 11.52 18.24
N GLN O 219 4.46 11.17 17.46
CA GLN O 219 4.24 9.77 17.08
C GLN O 219 5.44 9.23 16.32
N GLY O 220 5.88 8.04 16.71
CA GLY O 220 7.02 7.41 16.06
C GLY O 220 8.35 7.76 16.70
N PRO P 1 -41.98 0.08 56.72
CA PRO P 1 -42.02 0.48 58.13
C PRO P 1 -42.98 1.64 58.38
N ILE P 2 -42.83 2.32 59.51
CA ILE P 2 -43.64 3.48 59.81
C ILE P 2 -43.18 4.64 58.96
N VAL P 3 -43.96 4.99 57.94
CA VAL P 3 -43.63 6.05 56.99
C VAL P 3 -44.61 7.20 57.19
N GLN P 4 -44.07 8.41 57.29
CA GLN P 4 -44.91 9.60 57.42
C GLN P 4 -45.71 9.82 56.14
N ASN P 5 -46.96 10.26 56.30
CA ASN P 5 -47.85 10.48 55.18
C ASN P 5 -47.89 11.97 54.84
N LEU P 6 -47.99 12.26 53.54
CA LEU P 6 -48.04 13.63 53.05
C LEU P 6 -49.33 14.28 53.51
N GLN P 7 -49.21 15.21 54.46
CA GLN P 7 -50.34 15.93 55.07
C GLN P 7 -51.55 15.02 55.29
N GLY P 8 -51.29 13.87 55.91
CA GLY P 8 -52.34 12.92 56.21
C GLY P 8 -52.03 12.08 57.45
N GLN P 9 -52.58 10.87 57.49
CA GLN P 9 -52.32 9.94 58.59
C GLN P 9 -51.36 8.85 58.12
N MET P 10 -50.33 8.60 58.91
CA MET P 10 -49.33 7.60 58.54
C MET P 10 -49.93 6.21 58.55
N VAL P 11 -49.46 5.37 57.62
CA VAL P 11 -49.96 4.02 57.46
C VAL P 11 -48.77 3.07 57.35
N HIS P 12 -49.03 1.80 57.66
CA HIS P 12 -47.99 0.78 57.56
C HIS P 12 -47.56 0.58 56.11
N GLN P 13 -46.26 0.39 55.91
CA GLN P 13 -45.68 0.19 54.58
C GLN P 13 -44.96 -1.16 54.55
N ALA P 14 -45.16 -1.89 53.46
CA ALA P 14 -44.52 -3.18 53.30
C ALA P 14 -43.01 -3.04 53.17
N ILE P 15 -42.30 -4.06 53.61
CA ILE P 15 -40.83 -4.05 53.60
C ILE P 15 -40.35 -4.45 52.20
N SER P 16 -39.51 -3.61 51.61
CA SER P 16 -39.00 -3.91 50.28
C SER P 16 -38.05 -5.09 50.34
N PRO P 17 -38.11 -6.01 49.36
CA PRO P 17 -37.17 -7.14 49.36
C PRO P 17 -35.72 -6.72 49.19
N ARG P 18 -35.48 -5.54 48.60
CA ARG P 18 -34.11 -5.09 48.39
C ARG P 18 -33.38 -4.93 49.71
N THR P 19 -34.02 -4.35 50.72
CA THR P 19 -33.38 -4.14 52.00
C THR P 19 -33.01 -5.47 52.66
N LEU P 20 -33.93 -6.44 52.62
CA LEU P 20 -33.65 -7.74 53.21
C LEU P 20 -32.51 -8.45 52.49
N ASN P 21 -32.53 -8.43 51.15
CA ASN P 21 -31.48 -9.09 50.39
C ASN P 21 -30.12 -8.44 50.65
N ALA P 22 -30.07 -7.12 50.65
CA ALA P 22 -28.82 -6.42 50.93
C ALA P 22 -28.33 -6.71 52.34
N TRP P 23 -29.23 -6.70 53.32
CA TRP P 23 -28.83 -6.95 54.70
C TRP P 23 -28.25 -8.36 54.84
N VAL P 24 -28.94 -9.36 54.29
CA VAL P 24 -28.47 -10.72 54.45
C VAL P 24 -27.14 -10.93 53.72
N LYS P 25 -26.99 -10.35 52.53
CA LYS P 25 -25.75 -10.54 51.79
C LYS P 25 -24.57 -9.84 52.48
N VAL P 26 -24.78 -8.62 53.01
CA VAL P 26 -23.68 -7.93 53.68
C VAL P 26 -23.34 -8.61 54.99
N VAL P 27 -24.34 -9.19 55.67
CA VAL P 27 -24.07 -9.91 56.91
C VAL P 27 -23.27 -11.18 56.63
N GLU P 28 -23.66 -11.93 55.59
CA GLU P 28 -23.00 -13.19 55.30
C GLU P 28 -21.64 -12.99 54.64
N GLU P 29 -21.41 -11.82 54.03
CA GLU P 29 -20.24 -11.65 53.18
C GLU P 29 -18.92 -11.54 53.94
N LYS P 30 -18.71 -10.44 54.67
CA LYS P 30 -17.37 -10.17 55.17
C LYS P 30 -17.12 -10.69 56.58
N ALA P 31 -17.85 -10.15 57.57
CA ALA P 31 -17.57 -10.45 58.97
C ALA P 31 -18.56 -9.77 59.90
N PHE P 32 -18.42 -10.00 61.20
CA PHE P 32 -19.10 -9.22 62.23
C PHE P 32 -18.25 -8.04 62.66
N SER P 33 -17.78 -7.27 61.68
CA SER P 33 -16.91 -6.11 61.75
C SER P 33 -17.70 -4.88 62.20
N PRO P 34 -17.04 -3.87 62.76
CA PRO P 34 -17.76 -2.67 63.21
C PRO P 34 -18.54 -1.96 62.12
N GLU P 35 -18.15 -2.11 60.86
CA GLU P 35 -18.82 -1.40 59.78
C GLU P 35 -20.27 -1.84 59.60
N VAL P 36 -20.67 -2.97 60.18
CA VAL P 36 -22.06 -3.40 60.09
C VAL P 36 -22.93 -2.61 61.06
N ILE P 37 -22.32 -1.95 62.06
CA ILE P 37 -23.10 -1.16 63.00
C ILE P 37 -23.81 0.02 62.33
N PRO P 38 -23.14 0.86 61.51
CA PRO P 38 -23.87 1.92 60.82
C PRO P 38 -24.80 1.39 59.74
N MET P 39 -24.33 0.41 58.97
CA MET P 39 -25.12 -0.14 57.89
C MET P 39 -26.50 -0.59 58.38
N PHE P 40 -26.52 -1.34 59.50
CA PHE P 40 -27.78 -1.77 60.08
C PHE P 40 -28.66 -0.56 60.41
N SER P 41 -28.09 0.46 61.04
CA SER P 41 -28.88 1.64 61.38
C SER P 41 -29.35 2.38 60.14
N ALA P 42 -28.73 2.13 58.99
CA ALA P 42 -29.21 2.73 57.74
C ALA P 42 -30.35 1.92 57.14
N LEU P 43 -30.43 0.62 57.46
CA LEU P 43 -31.45 -0.26 56.89
C LEU P 43 -32.65 -0.44 57.81
N SER P 44 -32.68 0.23 58.97
CA SER P 44 -33.78 0.09 59.91
C SER P 44 -34.23 1.44 60.46
N GLU P 45 -34.35 2.44 59.59
CA GLU P 45 -34.74 3.77 60.04
C GLU P 45 -36.25 3.83 60.21
N GLY P 46 -36.70 4.10 61.44
CA GLY P 46 -38.12 4.19 61.72
C GLY P 46 -38.88 2.91 61.49
N ALA P 47 -38.32 1.79 61.92
CA ALA P 47 -38.93 0.48 61.72
C ALA P 47 -39.57 -0.01 63.01
N THR P 48 -40.67 -0.74 62.87
CA THR P 48 -41.36 -1.30 64.01
C THR P 48 -40.53 -2.42 64.65
N PRO P 49 -40.76 -2.70 65.93
CA PRO P 49 -40.06 -3.85 66.54
C PRO P 49 -40.32 -5.17 65.82
N GLN P 50 -41.51 -5.34 65.24
CA GLN P 50 -41.76 -6.53 64.43
C GLN P 50 -40.85 -6.57 63.21
N ASP P 51 -40.66 -5.42 62.55
CA ASP P 51 -39.74 -5.37 61.42
C ASP P 51 -38.31 -5.66 61.86
N LEU P 52 -37.91 -5.14 63.02
CA LEU P 52 -36.57 -5.40 63.53
C LEU P 52 -36.38 -6.89 63.81
N ASN P 53 -37.38 -7.53 64.41
CA ASN P 53 -37.29 -8.96 64.67
C ASN P 53 -37.23 -9.76 63.38
N THR P 54 -38.03 -9.36 62.38
CA THR P 54 -37.99 -10.04 61.08
C THR P 54 -36.63 -9.91 60.44
N MET P 55 -36.03 -8.72 60.49
CA MET P 55 -34.68 -8.53 59.98
C MET P 55 -33.67 -9.37 60.74
N LEU P 56 -33.82 -9.47 62.06
CA LEU P 56 -32.91 -10.24 62.90
C LEU P 56 -32.96 -11.72 62.56
N ASN P 57 -34.17 -12.26 62.34
CA ASN P 57 -34.31 -13.70 62.12
C ASN P 57 -33.90 -14.12 60.72
N THR P 58 -33.69 -13.18 59.80
CA THR P 58 -33.31 -13.53 58.43
C THR P 58 -31.89 -14.07 58.32
N VAL P 59 -31.01 -13.74 59.29
CA VAL P 59 -29.62 -14.15 59.18
C VAL P 59 -29.49 -15.67 59.20
N GLY P 60 -28.43 -16.16 58.58
CA GLY P 60 -28.17 -17.60 58.52
C GLY P 60 -26.82 -17.95 59.10
N GLY P 61 -26.80 -18.89 60.04
CA GLY P 61 -25.58 -19.27 60.70
C GLY P 61 -25.18 -18.27 61.78
N HIS P 62 -24.06 -18.57 62.43
CA HIS P 62 -23.52 -17.75 63.52
C HIS P 62 -24.56 -17.53 64.61
N GLN P 63 -25.26 -18.61 64.97
CA GLN P 63 -26.34 -18.54 65.94
C GLN P 63 -25.86 -18.20 67.34
N ALA P 64 -24.56 -18.33 67.62
CA ALA P 64 -24.04 -17.96 68.94
C ALA P 64 -24.24 -16.48 69.20
N ALA P 65 -23.95 -15.63 68.21
CA ALA P 65 -24.20 -14.19 68.36
C ALA P 65 -25.69 -13.91 68.52
N MET P 66 -26.54 -14.69 67.85
CA MET P 66 -27.98 -14.54 68.03
C MET P 66 -28.36 -14.84 69.47
N GLN P 67 -27.79 -15.90 70.06
CA GLN P 67 -28.06 -16.19 71.46
C GLN P 67 -27.56 -15.09 72.37
N MET P 68 -26.38 -14.54 72.09
CA MET P 68 -25.86 -13.42 72.87
C MET P 68 -26.82 -12.25 72.86
N LEU P 69 -27.27 -11.85 71.67
CA LEU P 69 -28.15 -10.69 71.57
C LEU P 69 -29.52 -10.97 72.17
N LYS P 70 -30.01 -12.21 72.06
CA LYS P 70 -31.28 -12.55 72.69
C LYS P 70 -31.18 -12.47 74.20
N GLU P 71 -30.10 -13.00 74.78
CA GLU P 71 -29.92 -12.92 76.23
C GLU P 71 -29.80 -11.47 76.69
N THR P 72 -29.03 -10.65 75.95
CA THR P 72 -28.92 -9.25 76.32
C THR P 72 -30.25 -8.52 76.19
N ILE P 73 -31.04 -8.85 75.16
CA ILE P 73 -32.36 -8.26 75.00
C ILE P 73 -33.25 -8.62 76.19
N ASN P 74 -33.20 -9.89 76.61
CA ASN P 74 -34.01 -10.31 77.75
C ASN P 74 -33.61 -9.55 79.01
N GLU P 75 -32.30 -9.47 79.28
CA GLU P 75 -31.86 -8.81 80.51
C GLU P 75 -32.17 -7.31 80.50
N GLU P 76 -31.99 -6.65 79.35
CA GLU P 76 -32.28 -5.21 79.31
C GLU P 76 -33.77 -4.94 79.28
N ALA P 77 -34.59 -5.85 78.74
CA ALA P 77 -36.03 -5.72 78.87
C ALA P 77 -36.46 -5.85 80.32
N ALA P 78 -35.85 -6.78 81.06
CA ALA P 78 -36.13 -6.88 82.49
C ALA P 78 -35.72 -5.61 83.22
N GLU P 79 -34.57 -5.05 82.86
CA GLU P 79 -34.12 -3.79 83.47
C GLU P 79 -35.10 -2.66 83.17
N TRP P 80 -35.57 -2.57 81.92
CA TRP P 80 -36.53 -1.53 81.55
C TRP P 80 -37.84 -1.71 82.32
N ASP P 81 -38.30 -2.94 82.46
CA ASP P 81 -39.52 -3.19 83.22
C ASP P 81 -39.35 -2.81 84.69
N ARG P 82 -38.18 -3.11 85.27
CA ARG P 82 -37.97 -2.82 86.69
C ARG P 82 -37.76 -1.34 86.95
N LEU P 83 -37.22 -0.60 85.96
CA LEU P 83 -36.99 0.83 86.18
C LEU P 83 -38.22 1.66 85.84
N HIS P 84 -38.93 1.31 84.78
CA HIS P 84 -40.12 2.06 84.40
C HIS P 84 -41.28 1.66 85.30
N PRO P 85 -41.96 2.61 85.94
CA PRO P 85 -43.10 2.26 86.80
C PRO P 85 -44.21 1.60 86.01
N VAL P 86 -44.88 0.64 86.64
CA VAL P 86 -45.98 -0.07 85.99
C VAL P 86 -47.18 0.87 85.87
N HIS P 87 -47.74 0.95 84.66
CA HIS P 87 -48.90 1.81 84.44
C HIS P 87 -50.10 1.29 85.21
N ALA P 88 -50.88 2.22 85.75
CA ALA P 88 -52.07 1.90 86.53
C ALA P 88 -53.21 2.79 86.09
N GLY P 89 -54.44 2.31 86.33
CA GLY P 89 -55.62 3.04 85.95
C GLY P 89 -56.23 2.53 84.66
N PRO P 90 -57.47 2.89 84.40
CA PRO P 90 -58.14 2.44 83.18
C PRO P 90 -57.46 2.98 81.93
N ILE P 91 -57.53 2.20 80.85
CA ILE P 91 -56.95 2.56 79.56
C ILE P 91 -58.07 3.05 78.66
N ALA P 92 -58.01 4.32 78.28
CA ALA P 92 -59.05 4.90 77.44
C ALA P 92 -58.94 4.37 76.01
N PRO P 93 -60.05 4.34 75.28
CA PRO P 93 -59.98 3.93 73.86
C PRO P 93 -59.08 4.87 73.07
N GLY P 94 -58.35 4.31 72.11
CA GLY P 94 -57.38 5.05 71.35
C GLY P 94 -56.01 5.14 72.00
N GLN P 95 -55.85 4.62 73.21
CA GLN P 95 -54.57 4.61 73.91
C GLN P 95 -54.26 3.20 74.36
N MET P 96 -52.97 2.96 74.62
CA MET P 96 -52.50 1.66 75.08
C MET P 96 -51.51 1.85 76.21
N ARG P 97 -51.39 0.84 77.06
CA ARG P 97 -50.45 0.89 78.17
C ARG P 97 -49.02 0.74 77.66
N GLU P 98 -48.07 0.98 78.55
CA GLU P 98 -46.67 0.93 78.18
C GLU P 98 -46.29 -0.49 77.74
N PRO P 99 -45.56 -0.63 76.63
CA PRO P 99 -45.22 -1.99 76.16
C PRO P 99 -44.39 -2.76 77.17
N ARG P 100 -44.65 -4.06 77.26
CA ARG P 100 -43.93 -4.92 78.17
C ARG P 100 -42.52 -5.20 77.63
N GLY P 101 -41.73 -5.91 78.45
CA GLY P 101 -40.42 -6.34 78.01
C GLY P 101 -40.47 -7.26 76.81
N SER P 102 -41.51 -8.10 76.73
CA SER P 102 -41.70 -8.94 75.56
C SER P 102 -42.26 -8.17 74.37
N ASP P 103 -43.02 -7.10 74.63
CA ASP P 103 -43.64 -6.35 73.54
C ASP P 103 -42.63 -5.50 72.78
N ILE P 104 -41.66 -4.91 73.49
CA ILE P 104 -40.64 -4.11 72.83
C ILE P 104 -39.77 -4.99 71.93
N ALA P 105 -39.52 -6.22 72.35
CA ALA P 105 -38.79 -7.17 71.51
C ALA P 105 -39.59 -7.59 70.29
N GLY P 106 -40.92 -7.44 70.33
CA GLY P 106 -41.77 -7.82 69.22
C GLY P 106 -42.07 -9.29 69.11
N THR P 107 -41.68 -10.10 70.09
CA THR P 107 -41.95 -11.53 70.03
C THR P 107 -43.44 -11.82 70.15
N THR P 108 -44.14 -11.09 71.02
CA THR P 108 -45.56 -11.32 71.25
C THR P 108 -46.45 -10.21 70.73
N SER P 109 -45.99 -8.96 70.75
CA SER P 109 -46.81 -7.85 70.29
C SER P 109 -47.05 -7.94 68.79
N THR P 110 -48.26 -7.58 68.37
CA THR P 110 -48.64 -7.61 66.96
C THR P 110 -48.44 -6.23 66.34
N LEU P 111 -48.53 -6.19 65.00
CA LEU P 111 -48.30 -4.95 64.26
C LEU P 111 -49.32 -3.89 64.65
N GLN P 112 -50.55 -4.30 64.97
CA GLN P 112 -51.58 -3.34 65.34
C GLN P 112 -51.21 -2.59 66.62
N GLU P 113 -50.61 -3.29 67.59
CA GLU P 113 -50.17 -2.63 68.80
C GLU P 113 -49.09 -1.61 68.51
N GLN P 114 -48.14 -1.95 67.63
CA GLN P 114 -47.09 -1.01 67.26
C GLN P 114 -47.67 0.21 66.56
N ILE P 115 -48.63 0.01 65.67
CA ILE P 115 -49.27 1.14 64.99
C ILE P 115 -50.00 2.03 65.99
N GLY P 116 -50.71 1.41 66.94
CA GLY P 116 -51.40 2.19 67.95
C GLY P 116 -50.45 2.98 68.84
N TRP P 117 -49.31 2.40 69.18
CA TRP P 117 -48.32 3.13 69.97
C TRP P 117 -47.71 4.27 69.16
N MET P 118 -47.47 4.04 67.86
CA MET P 118 -46.91 5.10 67.02
C MET P 118 -47.88 6.27 66.88
N THR P 119 -49.17 5.97 66.67
CA THR P 119 -50.16 7.03 66.49
C THR P 119 -50.56 7.69 67.81
N HIS P 120 -50.16 7.11 68.94
CA HIS P 120 -50.45 7.72 70.23
C HIS P 120 -49.66 9.02 70.40
N ASN P 121 -50.30 10.02 71.00
CA ASN P 121 -49.67 11.31 71.24
C ASN P 121 -49.43 11.50 72.74
N PRO P 122 -48.18 11.68 73.18
CA PRO P 122 -46.94 11.69 72.40
C PRO P 122 -46.48 10.29 71.98
N PRO P 123 -45.80 10.18 70.84
CA PRO P 123 -45.32 8.86 70.41
C PRO P 123 -44.34 8.26 71.41
N ILE P 124 -44.42 6.95 71.59
CA ILE P 124 -43.53 6.22 72.47
C ILE P 124 -42.34 5.73 71.65
N PRO P 125 -41.09 6.08 72.03
CA PRO P 125 -39.90 5.65 71.29
C PRO P 125 -39.48 4.21 71.59
N VAL P 126 -40.45 3.29 71.56
CA VAL P 126 -40.15 1.88 71.79
C VAL P 126 -39.21 1.35 70.72
N GLY P 127 -39.48 1.71 69.46
CA GLY P 127 -38.61 1.27 68.38
C GLY P 127 -37.18 1.77 68.53
N GLU P 128 -37.03 3.04 68.91
CA GLU P 128 -35.70 3.60 69.10
C GLU P 128 -34.96 2.92 70.25
N ILE P 129 -35.67 2.63 71.35
CA ILE P 129 -35.05 1.96 72.48
C ILE P 129 -34.60 0.55 72.09
N TYR P 130 -35.45 -0.17 71.36
CA TYR P 130 -35.07 -1.50 70.91
C TYR P 130 -33.90 -1.44 69.94
N LYS P 131 -33.87 -0.42 69.08
CA LYS P 131 -32.77 -0.27 68.14
C LYS P 131 -31.46 0.00 68.85
N ARG P 132 -31.48 0.85 69.88
CA ARG P 132 -30.26 1.11 70.62
C ARG P 132 -29.84 -0.09 71.46
N TRP P 133 -30.80 -0.89 71.92
CA TRP P 133 -30.48 -2.15 72.57
C TRP P 133 -29.76 -3.09 71.61
N ILE P 134 -30.25 -3.19 70.38
CA ILE P 134 -29.60 -4.01 69.37
C ILE P 134 -28.22 -3.46 69.05
N ILE P 135 -28.07 -2.13 69.05
CA ILE P 135 -26.78 -1.52 68.81
C ILE P 135 -25.78 -1.91 69.90
N LEU P 136 -26.21 -1.87 71.15
CA LEU P 136 -25.34 -2.30 72.25
C LEU P 136 -24.99 -3.79 72.13
N GLY P 137 -25.97 -4.61 71.76
CA GLY P 137 -25.68 -6.03 71.58
C GLY P 137 -24.66 -6.27 70.49
N LEU P 138 -24.81 -5.58 69.36
CA LEU P 138 -23.83 -5.71 68.27
C LEU P 138 -22.47 -5.18 68.69
N ASN P 139 -22.43 -4.11 69.49
CA ASN P 139 -21.15 -3.60 69.98
C ASN P 139 -20.43 -4.64 70.83
N LYS P 140 -21.15 -5.30 71.73
CA LYS P 140 -20.49 -6.32 72.55
C LYS P 140 -20.13 -7.55 71.73
N ILE P 141 -20.93 -7.87 70.71
CA ILE P 141 -20.60 -8.98 69.81
C ILE P 141 -19.29 -8.69 69.07
N VAL P 142 -19.16 -7.46 68.56
CA VAL P 142 -17.93 -7.06 67.88
C VAL P 142 -16.76 -7.04 68.86
N ARG P 143 -17.01 -6.64 70.11
CA ARG P 143 -15.97 -6.72 71.13
C ARG P 143 -15.49 -8.16 71.30
N MET P 144 -16.41 -9.12 71.34
CA MET P 144 -16.01 -10.53 71.45
C MET P 144 -15.27 -10.98 70.20
N TYR P 145 -15.74 -10.57 69.02
CA TYR P 145 -15.18 -11.03 67.76
C TYR P 145 -13.94 -10.26 67.31
N SER P 146 -13.20 -9.65 68.24
CA SER P 146 -11.95 -9.01 67.88
C SER P 146 -10.78 -9.85 68.40
N PRO P 147 -10.06 -10.56 67.52
CA PRO P 147 -8.98 -11.46 67.95
C PRO P 147 -7.63 -10.78 68.15
N THR P 148 -7.65 -9.60 68.77
CA THR P 148 -6.44 -8.83 69.03
C THR P 148 -6.75 -7.74 70.04
N SER P 149 -5.72 -7.31 70.75
CA SER P 149 -5.83 -6.21 71.69
C SER P 149 -5.27 -4.95 71.04
N ILE P 150 -5.21 -3.85 71.81
CA ILE P 150 -4.73 -2.58 71.30
C ILE P 150 -3.26 -2.42 71.64
N LEU P 151 -2.83 -3.06 72.73
CA LEU P 151 -1.47 -2.91 73.23
C LEU P 151 -0.49 -3.92 72.63
N ASP P 152 -0.96 -4.85 71.79
CA ASP P 152 -0.08 -5.86 71.21
C ASP P 152 0.35 -5.54 69.78
N ILE P 153 -0.07 -4.41 69.21
CA ILE P 153 0.27 -4.08 67.83
C ILE P 153 1.72 -3.62 67.77
N ARG P 154 2.50 -4.26 66.90
CA ARG P 154 3.90 -3.93 66.71
C ARG P 154 4.17 -3.57 65.25
N GLN P 155 5.10 -2.63 65.05
CA GLN P 155 5.49 -2.19 63.72
C GLN P 155 6.86 -2.76 63.38
N GLY P 156 6.98 -3.41 62.22
CA GLY P 156 8.23 -3.96 61.78
C GLY P 156 9.25 -2.89 61.46
N PRO P 157 10.54 -3.23 61.53
CA PRO P 157 11.57 -2.23 61.25
C PRO P 157 11.47 -1.64 59.85
N LYS P 158 11.11 -2.44 58.85
CA LYS P 158 10.91 -1.95 57.49
C LYS P 158 9.44 -1.84 57.13
N GLU P 159 8.54 -2.10 58.07
CA GLU P 159 7.12 -1.97 57.79
C GLU P 159 6.75 -0.49 57.64
N PRO P 160 6.03 -0.11 56.58
CA PRO P 160 5.61 1.29 56.44
C PRO P 160 4.65 1.69 57.55
N PHE P 161 4.67 2.98 57.89
CA PHE P 161 3.77 3.50 58.92
C PHE P 161 2.32 3.50 58.48
N ARG P 162 2.06 3.38 57.17
CA ARG P 162 0.70 3.49 56.65
C ARG P 162 -0.20 2.39 57.24
N ASP P 163 0.10 1.13 56.93
CA ASP P 163 -0.71 0.04 57.44
C ASP P 163 -0.61 -0.10 58.96
N TYR P 164 0.49 0.35 59.56
CA TYR P 164 0.58 0.37 61.02
C TYR P 164 -0.49 1.27 61.63
N VAL P 165 -0.59 2.51 61.13
CA VAL P 165 -1.61 3.43 61.62
C VAL P 165 -3.01 2.92 61.27
N ASP P 166 -3.13 2.31 60.09
CA ASP P 166 -4.42 1.75 59.68
C ASP P 166 -4.91 0.70 60.67
N ARG P 167 -4.05 -0.28 61.00
CA ARG P 167 -4.44 -1.32 61.94
C ARG P 167 -4.61 -0.75 63.34
N PHE P 168 -3.81 0.26 63.71
CA PHE P 168 -3.98 0.90 65.01
C PHE P 168 -5.38 1.48 65.15
N TYR P 169 -5.84 2.21 64.13
CA TYR P 169 -7.18 2.79 64.20
C TYR P 169 -8.27 1.74 64.06
N LYS P 170 -8.01 0.66 63.29
CA LYS P 170 -8.97 -0.44 63.23
C LYS P 170 -9.19 -1.04 64.60
N THR P 171 -8.11 -1.29 65.33
CA THR P 171 -8.23 -1.83 66.68
C THR P 171 -8.81 -0.81 67.65
N LEU P 172 -8.51 0.48 67.47
CA LEU P 172 -9.10 1.51 68.30
C LEU P 172 -10.62 1.53 68.16
N ARG P 173 -11.11 1.45 66.92
CA ARG P 173 -12.55 1.41 66.72
C ARG P 173 -13.15 0.08 67.18
N ALA P 174 -12.38 -1.00 67.05
CA ALA P 174 -12.86 -2.30 67.54
C ALA P 174 -12.94 -2.34 69.06
N GLU P 175 -12.16 -1.51 69.73
CA GLU P 175 -12.17 -1.44 71.19
C GLU P 175 -13.18 -0.39 71.65
N GLN P 176 -13.98 -0.74 72.64
CA GLN P 176 -15.01 0.15 73.18
C GLN P 176 -14.59 0.59 74.58
N ALA P 177 -14.55 1.91 74.77
CA ALA P 177 -14.17 2.50 76.05
C ALA P 177 -14.60 3.96 76.03
N SER P 178 -14.22 4.70 77.07
CA SER P 178 -14.53 6.12 77.13
C SER P 178 -13.70 6.90 76.11
N GLN P 179 -14.22 8.05 75.70
CA GLN P 179 -13.57 8.83 74.65
C GLN P 179 -12.22 9.37 75.11
N GLU P 180 -12.12 9.78 76.38
CA GLU P 180 -10.87 10.34 76.88
C GLU P 180 -9.75 9.30 76.84
N VAL P 181 -10.06 8.04 77.21
CA VAL P 181 -9.06 6.99 77.13
C VAL P 181 -8.65 6.73 75.69
N LYS P 182 -9.61 6.79 74.75
CA LYS P 182 -9.28 6.62 73.34
C LYS P 182 -8.34 7.73 72.86
N ASN P 183 -8.61 8.97 73.25
CA ASN P 183 -7.72 10.07 72.88
C ASN P 183 -6.34 9.88 73.47
N TRP P 184 -6.27 9.49 74.75
CA TRP P 184 -4.98 9.28 75.39
C TRP P 184 -4.18 8.18 74.70
N MET P 185 -4.84 7.07 74.37
CA MET P 185 -4.11 5.97 73.74
C MET P 185 -3.69 6.34 72.31
N THR P 186 -4.57 7.00 71.55
CA THR P 186 -4.18 7.38 70.20
C THR P 186 -3.14 8.48 70.18
N GLU P 187 -2.94 9.19 71.30
CA GLU P 187 -1.86 10.17 71.39
C GLU P 187 -0.57 9.57 71.90
N THR P 188 -0.63 8.51 72.71
CA THR P 188 0.58 7.94 73.31
C THR P 188 1.10 6.70 72.58
N LEU P 189 0.24 5.70 72.38
CA LEU P 189 0.69 4.43 71.80
C LEU P 189 1.20 4.62 70.37
N LEU P 190 0.70 5.62 69.66
CA LEU P 190 1.14 5.84 68.27
C LEU P 190 2.63 6.15 68.21
N VAL P 191 3.09 7.11 69.01
CA VAL P 191 4.50 7.43 69.04
C VAL P 191 5.30 6.37 69.79
N GLN P 192 4.73 5.84 70.88
CA GLN P 192 5.47 4.93 71.75
C GLN P 192 5.72 3.56 71.11
N ASN P 193 4.99 3.20 70.07
CA ASN P 193 5.07 1.86 69.49
C ASN P 193 5.40 1.93 68.01
N ALA P 194 6.43 2.71 67.66
CA ALA P 194 6.85 2.88 66.28
C ALA P 194 8.34 2.52 66.17
N ASN P 195 8.83 2.55 64.93
CA ASN P 195 10.24 2.28 64.68
C ASN P 195 11.09 3.40 65.27
N PRO P 196 12.35 3.09 65.65
CA PRO P 196 13.16 4.11 66.34
C PRO P 196 13.35 5.40 65.56
N ASP P 197 13.54 5.32 64.24
CA ASP P 197 13.77 6.53 63.45
C ASP P 197 12.57 7.45 63.49
N CYS P 198 11.39 6.92 63.15
CA CYS P 198 10.19 7.74 63.23
C CYS P 198 9.81 8.07 64.66
N LYS P 199 10.19 7.24 65.63
CA LYS P 199 9.95 7.58 67.03
C LYS P 199 10.71 8.83 67.44
N THR P 200 12.00 8.90 67.07
CA THR P 200 12.78 10.10 67.34
C THR P 200 12.28 11.29 66.53
N ILE P 201 11.79 11.04 65.31
CA ILE P 201 11.21 12.11 64.52
C ILE P 201 10.00 12.71 65.23
N LEU P 202 9.12 11.84 65.76
CA LEU P 202 7.94 12.31 66.48
C LEU P 202 8.34 13.03 67.77
N LYS P 203 9.36 12.52 68.48
CA LYS P 203 9.83 13.20 69.67
C LYS P 203 10.36 14.59 69.34
N ALA P 204 11.04 14.74 68.20
CA ALA P 204 11.46 16.05 67.75
C ALA P 204 10.26 16.93 67.42
N LEU P 205 9.23 16.36 66.80
CA LEU P 205 8.03 17.11 66.47
C LEU P 205 7.28 17.63 67.69
N GLY P 206 7.44 16.99 68.85
CA GLY P 206 6.82 17.44 70.06
C GLY P 206 5.42 16.89 70.25
N PRO P 207 4.88 17.02 71.46
CA PRO P 207 3.54 16.51 71.75
C PRO P 207 2.45 17.37 71.14
N GLY P 208 1.29 16.74 70.94
CA GLY P 208 0.14 17.44 70.41
C GLY P 208 0.16 17.70 68.93
N ALA P 209 1.13 17.14 68.20
CA ALA P 209 1.20 17.33 66.76
C ALA P 209 0.07 16.57 66.08
N THR P 210 -0.53 17.18 65.06
CA THR P 210 -1.57 16.51 64.29
C THR P 210 -1.01 15.32 63.55
N LEU P 211 -1.86 14.31 63.32
CA LEU P 211 -1.41 13.08 62.70
C LEU P 211 -0.94 13.28 61.25
N GLU P 212 -1.44 14.33 60.58
CA GLU P 212 -0.94 14.63 59.24
C GLU P 212 0.54 15.00 59.28
N GLU P 213 0.95 15.79 60.27
CA GLU P 213 2.35 16.17 60.39
C GLU P 213 3.24 14.96 60.63
N MET P 214 2.82 14.06 61.51
CA MET P 214 3.64 12.88 61.80
C MET P 214 3.68 11.92 60.62
N MET P 215 2.57 11.80 59.88
CA MET P 215 2.57 10.88 58.74
C MET P 215 3.38 11.45 57.58
N THR P 216 3.44 12.78 57.46
CA THR P 216 4.30 13.37 56.44
C THR P 216 5.77 13.31 56.86
N ALA P 217 6.05 13.41 58.16
CA ALA P 217 7.44 13.39 58.61
C ALA P 217 8.03 11.98 58.59
N CYS P 218 7.21 10.97 58.90
CA CYS P 218 7.70 9.59 58.95
C CYS P 218 7.95 9.02 57.56
N GLN P 219 7.54 9.71 56.49
CA GLN P 219 7.79 9.23 55.14
C GLN P 219 9.27 9.01 54.89
N GLY P 220 9.61 7.87 54.29
CA GLY P 220 11.00 7.54 54.01
C GLY P 220 11.52 6.40 54.84
N PRO Q 1 -49.51 -7.82 44.81
CA PRO Q 1 -50.41 -8.11 45.93
C PRO Q 1 -51.44 -7.00 46.15
N ILE Q 2 -52.56 -7.33 46.80
CA ILE Q 2 -53.58 -6.34 47.09
C ILE Q 2 -53.05 -5.37 48.14
N VAL Q 3 -53.21 -4.07 47.88
CA VAL Q 3 -52.62 -3.05 48.74
C VAL Q 3 -53.66 -1.96 48.99
N GLN Q 4 -53.49 -1.26 50.10
CA GLN Q 4 -54.38 -0.16 50.46
C GLN Q 4 -53.79 1.17 49.99
N ASN Q 5 -54.59 1.93 49.24
CA ASN Q 5 -54.19 3.27 48.85
C ASN Q 5 -54.13 4.17 50.09
N LEU Q 6 -53.18 5.10 50.08
CA LEU Q 6 -53.09 6.06 51.18
C LEU Q 6 -54.38 6.86 51.28
N GLN Q 7 -54.93 6.94 52.49
CA GLN Q 7 -56.23 7.53 52.79
C GLN Q 7 -57.26 7.18 51.72
N GLY Q 8 -57.29 5.92 51.31
CA GLY Q 8 -58.18 5.49 50.24
C GLY Q 8 -58.72 4.09 50.44
N GLN Q 9 -59.12 3.44 49.34
CA GLN Q 9 -59.71 2.12 49.39
C GLN Q 9 -58.63 1.06 49.20
N MET Q 10 -59.05 -0.20 49.09
CA MET Q 10 -58.14 -1.34 48.97
C MET Q 10 -58.25 -1.89 47.56
N VAL Q 11 -57.14 -1.84 46.81
CA VAL Q 11 -57.12 -2.22 45.40
C VAL Q 11 -56.21 -3.43 45.22
N HIS Q 12 -56.68 -4.40 44.46
CA HIS Q 12 -55.89 -5.60 44.19
C HIS Q 12 -54.88 -5.34 43.09
N GLN Q 13 -53.69 -5.93 43.26
CA GLN Q 13 -52.61 -5.80 42.28
C GLN Q 13 -51.91 -7.14 42.14
N ALA Q 14 -51.24 -7.32 41.00
CA ALA Q 14 -50.50 -8.53 40.73
C ALA Q 14 -49.19 -8.54 41.51
N ILE Q 15 -48.69 -9.75 41.75
CA ILE Q 15 -47.41 -9.90 42.46
C ILE Q 15 -46.27 -9.45 41.55
N SER Q 16 -45.37 -8.64 42.10
CA SER Q 16 -44.23 -8.18 41.33
C SER Q 16 -43.31 -9.36 41.00
N PRO Q 17 -42.74 -9.40 39.79
CA PRO Q 17 -41.83 -10.51 39.46
C PRO Q 17 -40.62 -10.60 40.37
N ARG Q 18 -40.18 -9.47 40.93
CA ARG Q 18 -39.01 -9.48 41.81
C ARG Q 18 -39.23 -10.38 43.02
N THR Q 19 -40.39 -10.27 43.66
CA THR Q 19 -40.67 -11.06 44.85
C THR Q 19 -40.68 -12.56 44.53
N LEU Q 20 -41.37 -12.94 43.46
CA LEU Q 20 -41.44 -14.37 43.10
C LEU Q 20 -40.07 -14.91 42.71
N ASN Q 21 -39.30 -14.13 41.94
CA ASN Q 21 -37.98 -14.58 41.54
C ASN Q 21 -37.06 -14.74 42.74
N ALA Q 22 -37.09 -13.78 43.67
CA ALA Q 22 -36.28 -13.89 44.87
C ALA Q 22 -36.71 -15.09 45.70
N TRP Q 23 -38.01 -15.31 45.83
CA TRP Q 23 -38.50 -16.44 46.62
C TRP Q 23 -38.04 -17.78 46.02
N VAL Q 24 -38.18 -17.93 44.71
CA VAL Q 24 -37.80 -19.21 44.10
C VAL Q 24 -36.30 -19.40 44.16
N LYS Q 25 -35.52 -18.33 43.97
CA LYS Q 25 -34.06 -18.45 44.05
C LYS Q 25 -33.62 -18.84 45.45
N VAL Q 26 -34.20 -18.19 46.48
CA VAL Q 26 -33.79 -18.47 47.85
C VAL Q 26 -34.25 -19.86 48.27
N VAL Q 27 -35.38 -20.33 47.73
CA VAL Q 27 -35.80 -21.70 47.99
C VAL Q 27 -34.81 -22.68 47.36
N GLU Q 28 -34.37 -22.40 46.13
CA GLU Q 28 -33.47 -23.31 45.43
C GLU Q 28 -32.10 -23.38 46.10
N GLU Q 29 -31.51 -22.21 46.40
CA GLU Q 29 -30.14 -22.18 46.89
C GLU Q 29 -30.01 -22.36 48.40
N LYS Q 30 -31.11 -22.32 49.14
CA LYS Q 30 -31.06 -22.34 50.60
C LYS Q 30 -31.94 -23.45 51.16
N ALA Q 31 -31.78 -24.68 50.64
CA ALA Q 31 -32.61 -25.84 50.94
C ALA Q 31 -33.06 -25.89 52.39
N PHE Q 32 -34.34 -26.26 52.59
CA PHE Q 32 -35.13 -25.97 53.79
C PHE Q 32 -34.31 -25.95 55.07
N SER Q 33 -34.35 -24.82 55.76
CA SER Q 33 -33.65 -24.55 57.01
C SER Q 33 -34.54 -23.63 57.82
N PRO Q 34 -34.36 -23.56 59.16
CA PRO Q 34 -35.24 -22.72 59.97
C PRO Q 34 -35.32 -21.26 59.53
N GLU Q 35 -34.19 -20.69 59.07
CA GLU Q 35 -34.18 -19.28 58.73
C GLU Q 35 -35.06 -18.94 57.53
N VAL Q 36 -35.49 -19.95 56.76
CA VAL Q 36 -36.38 -19.67 55.64
C VAL Q 36 -37.80 -19.45 56.12
N ILE Q 37 -38.13 -19.89 57.34
CA ILE Q 37 -39.47 -19.67 57.87
C ILE Q 37 -39.81 -18.20 58.02
N PRO Q 38 -38.96 -17.36 58.66
CA PRO Q 38 -39.26 -15.92 58.66
C PRO Q 38 -39.30 -15.30 57.27
N MET Q 39 -38.43 -15.76 56.36
CA MET Q 39 -38.35 -15.17 55.04
C MET Q 39 -39.72 -15.16 54.35
N PHE Q 40 -40.43 -16.29 54.40
CA PHE Q 40 -41.75 -16.36 53.82
C PHE Q 40 -42.69 -15.33 54.45
N SER Q 41 -42.64 -15.22 55.78
CA SER Q 41 -43.51 -14.25 56.46
C SER Q 41 -43.12 -12.82 56.12
N ALA Q 42 -41.91 -12.60 55.59
CA ALA Q 42 -41.51 -11.27 55.16
C ALA Q 42 -41.95 -11.00 53.72
N LEU Q 43 -42.31 -12.06 52.98
CA LEU Q 43 -42.70 -11.94 51.58
C LEU Q 43 -44.15 -12.31 51.34
N SER Q 44 -44.99 -12.25 52.38
CA SER Q 44 -46.40 -12.60 52.22
C SER Q 44 -47.33 -11.64 52.94
N GLU Q 45 -46.87 -10.43 53.26
CA GLU Q 45 -47.71 -9.46 53.94
C GLU Q 45 -48.72 -8.85 52.98
N GLY Q 46 -49.99 -8.87 53.36
CA GLY Q 46 -51.03 -8.32 52.51
C GLY Q 46 -51.19 -9.03 51.18
N ALA Q 47 -51.14 -10.36 51.20
CA ALA Q 47 -51.24 -11.16 49.99
C ALA Q 47 -52.48 -12.04 50.04
N THR Q 48 -53.17 -12.14 48.91
CA THR Q 48 -54.36 -12.98 48.80
C THR Q 48 -53.98 -14.46 48.84
N PRO Q 49 -54.89 -15.33 49.24
CA PRO Q 49 -54.60 -16.77 49.19
C PRO Q 49 -54.25 -17.26 47.80
N GLN Q 50 -54.81 -16.65 46.75
CA GLN Q 50 -54.43 -17.02 45.38
C GLN Q 50 -52.96 -16.75 45.14
N ASP Q 51 -52.47 -15.60 45.60
CA ASP Q 51 -51.04 -15.30 45.46
C ASP Q 51 -50.19 -16.29 46.26
N LEU Q 52 -50.65 -16.65 47.45
CA LEU Q 52 -49.91 -17.61 48.26
C LEU Q 52 -49.81 -18.96 47.56
N ASN Q 53 -50.93 -19.44 47.01
CA ASN Q 53 -50.89 -20.72 46.29
C ASN Q 53 -50.08 -20.64 45.00
N THR Q 54 -50.10 -19.48 44.32
CA THR Q 54 -49.29 -19.33 43.12
C THR Q 54 -47.80 -19.39 43.44
N MET Q 55 -47.37 -18.63 44.45
CA MET Q 55 -45.97 -18.67 44.84
C MET Q 55 -45.59 -20.01 45.48
N LEU Q 56 -46.57 -20.75 46.00
CA LEU Q 56 -46.29 -22.09 46.51
C LEU Q 56 -46.07 -23.09 45.39
N ASN Q 57 -46.87 -23.00 44.32
CA ASN Q 57 -46.77 -23.95 43.23
C ASN Q 57 -45.54 -23.72 42.34
N THR Q 58 -44.94 -22.52 42.39
CA THR Q 58 -43.79 -22.23 41.56
C THR Q 58 -42.51 -22.93 42.03
N VAL Q 59 -42.54 -23.57 43.19
CA VAL Q 59 -41.34 -24.24 43.70
C VAL Q 59 -40.96 -25.39 42.78
N GLY Q 60 -39.66 -25.63 42.65
CA GLY Q 60 -39.16 -26.74 41.86
C GLY Q 60 -38.39 -27.75 42.69
N GLY Q 61 -38.82 -29.00 42.65
CA GLY Q 61 -38.19 -30.05 43.44
C GLY Q 61 -38.76 -30.15 44.84
N HIS Q 62 -38.40 -31.25 45.50
CA HIS Q 62 -38.83 -31.53 46.88
C HIS Q 62 -40.35 -31.51 47.00
N GLN Q 63 -41.03 -32.13 46.04
CA GLN Q 63 -42.48 -32.14 46.02
C GLN Q 63 -43.09 -33.02 47.10
N ALA Q 64 -42.31 -33.85 47.78
CA ALA Q 64 -42.84 -34.62 48.91
C ALA Q 64 -43.29 -33.69 50.03
N ALA Q 65 -42.48 -32.68 50.36
CA ALA Q 65 -42.88 -31.69 51.35
C ALA Q 65 -44.07 -30.88 50.87
N MET Q 66 -44.15 -30.61 49.56
CA MET Q 66 -45.30 -29.89 49.02
C MET Q 66 -46.58 -30.70 49.19
N GLN Q 67 -46.53 -32.00 48.92
CA GLN Q 67 -47.69 -32.85 49.15
C GLN Q 67 -48.04 -32.94 50.63
N MET Q 68 -47.02 -32.99 51.50
CA MET Q 68 -47.29 -33.00 52.93
C MET Q 68 -48.02 -31.74 53.37
N LEU Q 69 -47.56 -30.58 52.91
CA LEU Q 69 -48.20 -29.33 53.31
C LEU Q 69 -49.59 -29.20 52.68
N LYS Q 70 -49.77 -29.74 51.47
CA LYS Q 70 -51.10 -29.76 50.87
C LYS Q 70 -52.07 -30.60 51.69
N GLU Q 71 -51.60 -31.77 52.15
CA GLU Q 71 -52.44 -32.63 52.99
C GLU Q 71 -52.75 -31.95 54.32
N THR Q 72 -51.76 -31.30 54.92
CA THR Q 72 -52.02 -30.59 56.18
C THR Q 72 -53.00 -29.44 55.98
N ILE Q 73 -52.90 -28.74 54.84
CA ILE Q 73 -53.86 -27.68 54.54
C ILE Q 73 -55.27 -28.26 54.40
N ASN Q 74 -55.40 -29.41 53.71
CA ASN Q 74 -56.70 -30.04 53.56
C ASN Q 74 -57.29 -30.44 54.90
N GLU Q 75 -56.47 -31.05 55.77
CA GLU Q 75 -57.00 -31.50 57.06
C GLU Q 75 -57.32 -30.32 57.96
N GLU Q 76 -56.54 -29.23 57.88
CA GLU Q 76 -56.85 -28.03 58.65
C GLU Q 76 -58.13 -27.36 58.14
N ALA Q 77 -58.35 -27.40 56.82
CA ALA Q 77 -59.61 -26.89 56.28
C ALA Q 77 -60.78 -27.72 56.75
N ALA Q 78 -60.62 -29.05 56.81
CA ALA Q 78 -61.67 -29.90 57.34
C ALA Q 78 -61.94 -29.59 58.81
N GLU Q 79 -60.88 -29.36 59.59
CA GLU Q 79 -61.05 -29.00 61.00
C GLU Q 79 -61.77 -27.66 61.14
N TRP Q 80 -61.42 -26.69 60.29
CA TRP Q 80 -62.10 -25.39 60.32
C TRP Q 80 -63.57 -25.54 59.98
N ASP Q 81 -63.89 -26.38 58.99
CA ASP Q 81 -65.29 -26.61 58.64
C ASP Q 81 -66.05 -27.28 59.78
N ARG Q 82 -65.44 -28.27 60.43
CA ARG Q 82 -66.13 -29.00 61.49
C ARG Q 82 -66.24 -28.20 62.77
N LEU Q 83 -65.34 -27.24 63.01
CA LEU Q 83 -65.36 -26.45 64.24
C LEU Q 83 -66.15 -25.16 64.06
N HIS Q 84 -65.76 -24.33 63.11
CA HIS Q 84 -66.49 -23.09 62.85
C HIS Q 84 -67.88 -23.40 62.31
N PRO Q 85 -68.92 -22.74 62.80
CA PRO Q 85 -70.28 -23.02 62.31
C PRO Q 85 -70.42 -22.69 60.83
N VAL Q 86 -70.80 -23.69 60.05
CA VAL Q 86 -71.00 -23.52 58.62
C VAL Q 86 -72.43 -23.03 58.40
N HIS Q 87 -72.58 -21.81 57.88
CA HIS Q 87 -73.88 -21.23 57.64
C HIS Q 87 -74.30 -21.45 56.19
N ALA Q 88 -75.61 -21.63 55.99
CA ALA Q 88 -76.18 -21.84 54.67
C ALA Q 88 -77.49 -21.07 54.59
N GLY Q 89 -78.28 -21.36 53.56
CA GLY Q 89 -79.55 -20.71 53.36
C GLY Q 89 -79.39 -19.31 52.80
N PRO Q 90 -80.33 -18.42 53.15
CA PRO Q 90 -80.28 -17.06 52.62
C PRO Q 90 -79.07 -16.30 53.12
N ILE Q 91 -78.58 -15.38 52.29
CA ILE Q 91 -77.44 -14.53 52.60
C ILE Q 91 -77.89 -13.07 52.49
N ALA Q 92 -77.52 -12.27 53.49
CA ALA Q 92 -77.94 -10.88 53.51
C ALA Q 92 -77.34 -10.13 52.32
N PRO Q 93 -78.12 -9.25 51.67
CA PRO Q 93 -77.58 -8.49 50.53
C PRO Q 93 -76.41 -7.62 50.95
N GLY Q 94 -75.44 -7.49 50.04
CA GLY Q 94 -74.25 -6.72 50.31
C GLY Q 94 -73.20 -7.43 51.14
N GLN Q 95 -73.45 -8.69 51.49
CA GLN Q 95 -72.52 -9.46 52.31
C GLN Q 95 -72.47 -10.89 51.78
N MET Q 96 -71.39 -11.59 52.12
CA MET Q 96 -71.22 -12.99 51.76
C MET Q 96 -70.77 -13.77 52.98
N ARG Q 97 -71.09 -15.06 52.99
CA ARG Q 97 -70.76 -15.91 54.12
C ARG Q 97 -69.25 -16.11 54.22
N GLU Q 98 -68.82 -16.60 55.38
CA GLU Q 98 -67.40 -16.78 55.63
C GLU Q 98 -66.82 -17.85 54.69
N PRO Q 99 -65.54 -17.74 54.34
CA PRO Q 99 -64.93 -18.74 53.46
C PRO Q 99 -64.95 -20.12 54.08
N ARG Q 100 -65.16 -21.13 53.23
CA ARG Q 100 -65.22 -22.51 53.65
C ARG Q 100 -63.84 -23.15 53.60
N GLY Q 101 -63.80 -24.47 53.77
CA GLY Q 101 -62.52 -25.18 53.72
C GLY Q 101 -61.87 -25.12 52.36
N SER Q 102 -62.67 -25.22 51.30
CA SER Q 102 -62.12 -25.12 49.95
C SER Q 102 -61.79 -23.67 49.61
N ASP Q 103 -62.50 -22.71 50.22
CA ASP Q 103 -62.28 -21.30 49.91
C ASP Q 103 -60.98 -20.79 50.51
N ILE Q 104 -60.66 -21.20 51.73
CA ILE Q 104 -59.42 -20.73 52.36
C ILE Q 104 -58.21 -21.27 51.62
N ALA Q 105 -58.28 -22.51 51.14
CA ALA Q 105 -57.21 -23.07 50.34
C ALA Q 105 -57.11 -22.44 48.97
N GLY Q 106 -58.16 -21.77 48.51
CA GLY Q 106 -58.15 -21.13 47.20
C GLY Q 106 -58.40 -22.05 46.04
N THR Q 107 -58.74 -23.32 46.29
CA THR Q 107 -58.95 -24.27 45.19
C THR Q 107 -60.21 -23.96 44.41
N THR Q 108 -61.27 -23.53 45.08
CA THR Q 108 -62.56 -23.31 44.44
C THR Q 108 -62.96 -21.85 44.39
N SER Q 109 -62.71 -21.10 45.48
CA SER Q 109 -63.13 -19.71 45.53
C SER Q 109 -62.35 -18.88 44.53
N THR Q 110 -63.06 -17.99 43.82
CA THR Q 110 -62.45 -17.12 42.85
C THR Q 110 -61.76 -15.93 43.53
N LEU Q 111 -60.91 -15.24 42.77
CA LEU Q 111 -60.16 -14.11 43.32
C LEU Q 111 -61.08 -12.98 43.75
N GLN Q 112 -62.20 -12.78 43.06
CA GLN Q 112 -63.12 -11.72 43.43
C GLN Q 112 -63.71 -11.96 44.82
N GLU Q 113 -63.99 -13.22 45.16
CA GLU Q 113 -64.49 -13.53 46.50
C GLU Q 113 -63.46 -13.16 47.57
N GLN Q 114 -62.19 -13.47 47.31
CA GLN Q 114 -61.13 -13.09 48.24
C GLN Q 114 -61.02 -11.57 48.37
N ILE Q 115 -61.12 -10.86 47.25
CA ILE Q 115 -61.06 -9.40 47.28
C ILE Q 115 -62.20 -8.83 48.12
N GLY Q 116 -63.41 -9.36 47.90
CA GLY Q 116 -64.55 -8.89 48.67
C GLY Q 116 -64.43 -9.21 50.16
N TRP Q 117 -63.90 -10.40 50.49
CA TRP Q 117 -63.73 -10.77 51.89
C TRP Q 117 -62.69 -9.89 52.57
N MET Q 118 -61.60 -9.56 51.87
CA MET Q 118 -60.56 -8.72 52.47
C MET Q 118 -61.10 -7.32 52.77
N THR Q 119 -61.89 -6.76 51.86
CA THR Q 119 -62.46 -5.43 52.03
C THR Q 119 -63.79 -5.44 52.77
N HIS Q 120 -64.25 -6.60 53.22
CA HIS Q 120 -65.53 -6.71 53.90
C HIS Q 120 -65.47 -6.01 55.26
N ASN Q 121 -66.65 -5.67 55.78
CA ASN Q 121 -66.79 -5.04 57.09
C ASN Q 121 -67.60 -5.94 58.00
N PRO Q 122 -66.97 -6.62 58.98
CA PRO Q 122 -65.53 -6.60 59.31
C PRO Q 122 -64.69 -7.44 58.35
N PRO Q 123 -63.40 -7.13 58.23
CA PRO Q 123 -62.54 -7.91 57.33
C PRO Q 123 -62.36 -9.34 57.82
N ILE Q 124 -62.16 -10.23 56.86
CA ILE Q 124 -61.99 -11.66 57.12
C ILE Q 124 -60.51 -11.98 56.94
N PRO Q 125 -59.79 -12.34 58.01
CA PRO Q 125 -58.38 -12.71 57.91
C PRO Q 125 -58.14 -14.15 57.44
N VAL Q 126 -58.84 -14.54 56.37
CA VAL Q 126 -58.68 -15.87 55.81
C VAL Q 126 -57.26 -16.07 55.30
N GLY Q 127 -56.70 -15.04 54.66
CA GLY Q 127 -55.34 -15.14 54.17
C GLY Q 127 -54.34 -15.38 55.30
N GLU Q 128 -54.55 -14.72 56.43
CA GLU Q 128 -53.65 -14.91 57.57
C GLU Q 128 -53.78 -16.30 58.17
N ILE Q 129 -54.98 -16.85 58.21
CA ILE Q 129 -55.15 -18.22 58.69
C ILE Q 129 -54.46 -19.20 57.75
N TYR Q 130 -54.60 -18.99 56.43
CA TYR Q 130 -53.88 -19.83 55.48
C TYR Q 130 -52.36 -19.69 55.65
N LYS Q 131 -51.89 -18.47 55.92
CA LYS Q 131 -50.47 -18.24 56.14
C LYS Q 131 -49.98 -18.98 57.38
N ARG Q 132 -50.75 -18.96 58.46
CA ARG Q 132 -50.33 -19.65 59.67
C ARG Q 132 -50.40 -21.16 59.49
N TRP Q 133 -51.34 -21.66 58.70
CA TRP Q 133 -51.35 -23.08 58.35
C TRP Q 133 -50.09 -23.44 57.58
N ILE Q 134 -49.68 -22.59 56.63
CA ILE Q 134 -48.45 -22.81 55.89
C ILE Q 134 -47.25 -22.76 56.83
N ILE Q 135 -47.31 -21.87 57.83
CA ILE Q 135 -46.21 -21.78 58.81
C ILE Q 135 -46.09 -23.07 59.60
N LEU Q 136 -47.22 -23.62 60.05
CA LEU Q 136 -47.20 -24.91 60.75
C LEU Q 136 -46.67 -26.02 59.84
N GLY Q 137 -47.09 -26.02 58.57
CA GLY Q 137 -46.59 -27.01 57.64
C GLY Q 137 -45.08 -26.92 57.44
N LEU Q 138 -44.58 -25.68 57.32
CA LEU Q 138 -43.14 -25.49 57.19
C LEU Q 138 -42.40 -25.91 58.46
N ASN Q 139 -43.01 -25.68 59.63
CA ASN Q 139 -42.39 -26.11 60.88
C ASN Q 139 -42.25 -27.62 60.93
N LYS Q 140 -43.32 -28.35 60.58
CA LYS Q 140 -43.21 -29.80 60.58
C LYS Q 140 -42.28 -30.30 59.47
N ILE Q 141 -42.22 -29.59 58.34
CA ILE Q 141 -41.31 -29.96 57.26
C ILE Q 141 -39.86 -29.83 57.72
N VAL Q 142 -39.53 -28.71 58.38
CA VAL Q 142 -38.16 -28.51 58.84
C VAL Q 142 -37.84 -29.45 59.99
N ARG Q 143 -38.84 -29.84 60.79
CA ARG Q 143 -38.64 -30.90 61.78
C ARG Q 143 -38.28 -32.20 61.10
N MET Q 144 -38.98 -32.54 60.01
CA MET Q 144 -38.69 -33.75 59.24
C MET Q 144 -37.29 -33.70 58.65
N TYR Q 145 -36.89 -32.54 58.12
CA TYR Q 145 -35.63 -32.37 57.42
C TYR Q 145 -34.43 -32.24 58.35
N SER Q 146 -34.57 -32.57 59.63
CA SER Q 146 -33.44 -32.49 60.55
C SER Q 146 -32.41 -33.55 60.20
N PRO Q 147 -31.14 -33.17 59.96
CA PRO Q 147 -30.13 -34.19 59.65
C PRO Q 147 -29.93 -35.21 60.76
N THR Q 148 -30.07 -34.80 62.02
CA THR Q 148 -29.86 -35.70 63.15
C THR Q 148 -30.58 -35.12 64.36
N SER Q 149 -30.50 -35.83 65.47
CA SER Q 149 -31.16 -35.40 66.71
C SER Q 149 -30.29 -34.35 67.40
N ILE Q 150 -30.63 -34.00 68.64
CA ILE Q 150 -29.91 -32.97 69.38
C ILE Q 150 -29.09 -33.52 70.53
N LEU Q 151 -29.29 -34.78 70.91
CA LEU Q 151 -28.58 -35.38 72.05
C LEU Q 151 -27.39 -36.23 71.63
N ASP Q 152 -27.04 -36.24 70.35
CA ASP Q 152 -25.95 -37.08 69.86
C ASP Q 152 -24.74 -36.31 69.37
N ILE Q 153 -24.81 -34.97 69.33
CA ILE Q 153 -23.68 -34.20 68.82
C ILE Q 153 -22.54 -34.18 69.83
N ARG Q 154 -21.32 -34.25 69.31
CA ARG Q 154 -20.10 -34.23 70.13
C ARG Q 154 -19.13 -33.21 69.55
N GLN Q 155 -17.97 -33.11 70.18
CA GLN Q 155 -16.92 -32.18 69.78
C GLN Q 155 -15.63 -32.97 69.56
N GLY Q 156 -15.02 -32.80 68.38
CA GLY Q 156 -13.81 -33.50 68.03
C GLY Q 156 -12.61 -33.02 68.81
N PRO Q 157 -11.58 -33.87 68.90
CA PRO Q 157 -10.35 -33.46 69.62
C PRO Q 157 -9.68 -32.25 68.99
N LYS Q 158 -9.71 -32.10 67.67
CA LYS Q 158 -9.13 -30.97 66.98
C LYS Q 158 -10.17 -29.95 66.56
N GLU Q 159 -11.34 -29.96 67.18
CA GLU Q 159 -12.43 -29.06 66.83
C GLU Q 159 -12.55 -27.96 67.87
N PRO Q 160 -12.35 -26.69 67.51
CA PRO Q 160 -12.58 -25.61 68.47
C PRO Q 160 -14.05 -25.56 68.87
N PHE Q 161 -14.29 -25.02 70.08
CA PHE Q 161 -15.65 -24.96 70.60
C PHE Q 161 -16.54 -23.98 69.86
N ARG Q 162 -15.97 -23.09 69.04
CA ARG Q 162 -16.78 -22.07 68.37
C ARG Q 162 -17.79 -22.71 67.41
N ASP Q 163 -17.30 -23.41 66.39
CA ASP Q 163 -18.22 -24.07 65.48
C ASP Q 163 -19.00 -25.19 66.17
N TYR Q 164 -18.48 -25.73 67.27
CA TYR Q 164 -19.22 -26.71 68.05
C TYR Q 164 -20.51 -26.11 68.61
N VAL Q 165 -20.40 -24.98 69.30
CA VAL Q 165 -21.60 -24.33 69.84
C VAL Q 165 -22.46 -23.77 68.70
N ASP Q 166 -21.82 -23.38 67.59
CA ASP Q 166 -22.60 -22.91 66.44
C ASP Q 166 -23.52 -24.00 65.92
N ARG Q 167 -22.97 -25.18 65.65
CA ARG Q 167 -23.80 -26.29 65.17
C ARG Q 167 -24.75 -26.78 66.24
N PHE Q 168 -24.36 -26.68 67.52
CA PHE Q 168 -25.26 -27.06 68.60
C PHE Q 168 -26.52 -26.19 68.59
N TYR Q 169 -26.34 -24.88 68.50
CA TYR Q 169 -27.50 -23.99 68.45
C TYR Q 169 -28.25 -24.12 67.13
N LYS Q 170 -27.56 -24.43 66.03
CA LYS Q 170 -28.24 -24.64 64.77
C LYS Q 170 -29.17 -25.85 64.85
N THR Q 171 -28.70 -26.94 65.44
CA THR Q 171 -29.55 -28.13 65.60
C THR Q 171 -30.64 -27.89 66.64
N LEU Q 172 -30.34 -27.11 67.68
CA LEU Q 172 -31.34 -26.85 68.72
C LEU Q 172 -32.48 -26.00 68.19
N ARG Q 173 -32.17 -25.03 67.33
CA ARG Q 173 -33.21 -24.17 66.77
C ARG Q 173 -34.18 -24.97 65.90
N ALA Q 174 -33.74 -26.10 65.37
CA ALA Q 174 -34.58 -26.96 64.55
C ALA Q 174 -35.42 -27.92 65.39
N GLU Q 175 -35.54 -27.69 66.69
CA GLU Q 175 -36.31 -28.53 67.59
C GLU Q 175 -37.62 -27.84 67.93
N GLN Q 176 -38.73 -28.53 67.71
CA GLN Q 176 -40.07 -28.02 68.05
C GLN Q 176 -40.45 -28.56 69.41
N ALA Q 177 -40.15 -27.79 70.45
CA ALA Q 177 -40.44 -28.20 71.82
C ALA Q 177 -40.65 -26.95 72.66
N SER Q 178 -41.01 -27.16 73.93
CA SER Q 178 -41.24 -26.06 74.84
C SER Q 178 -39.94 -25.34 75.17
N GLN Q 179 -40.06 -24.07 75.56
CA GLN Q 179 -38.87 -23.26 75.85
C GLN Q 179 -38.18 -23.71 77.14
N GLU Q 180 -38.95 -24.20 78.11
CA GLU Q 180 -38.36 -24.58 79.40
C GLU Q 180 -37.40 -25.75 79.25
N VAL Q 181 -37.80 -26.79 78.51
CA VAL Q 181 -36.90 -27.92 78.30
C VAL Q 181 -35.73 -27.52 77.44
N LYS Q 182 -35.94 -26.58 76.51
CA LYS Q 182 -34.84 -26.05 75.69
C LYS Q 182 -33.79 -25.39 76.57
N ASN Q 183 -34.23 -24.54 77.51
CA ASN Q 183 -33.30 -23.90 78.43
C ASN Q 183 -32.64 -24.91 79.34
N TRP Q 184 -33.39 -25.91 79.79
CA TRP Q 184 -32.82 -26.94 80.67
C TRP Q 184 -31.71 -27.72 79.97
N MET Q 185 -31.94 -28.09 78.71
CA MET Q 185 -30.96 -28.88 77.98
C MET Q 185 -29.78 -28.04 77.50
N THR Q 186 -29.99 -26.76 77.22
CA THR Q 186 -28.89 -25.90 76.77
C THR Q 186 -27.96 -25.50 77.90
N GLU Q 187 -28.31 -25.81 79.16
CA GLU Q 187 -27.49 -25.45 80.30
C GLU Q 187 -26.69 -26.61 80.87
N THR Q 188 -26.98 -27.84 80.47
CA THR Q 188 -26.35 -29.02 81.07
C THR Q 188 -25.45 -29.77 80.11
N LEU Q 189 -25.97 -30.23 78.97
CA LEU Q 189 -25.20 -31.09 78.07
C LEU Q 189 -24.29 -30.32 77.12
N LEU Q 190 -24.45 -29.00 77.01
CA LEU Q 190 -23.57 -28.22 76.14
C LEU Q 190 -22.13 -28.33 76.58
N VAL Q 191 -21.87 -28.57 77.87
CA VAL Q 191 -20.53 -28.85 78.32
C VAL Q 191 -20.27 -30.36 78.37
N GLN Q 192 -21.29 -31.16 78.66
CA GLN Q 192 -21.10 -32.60 78.74
C GLN Q 192 -20.72 -33.22 77.41
N ASN Q 193 -20.95 -32.51 76.30
CA ASN Q 193 -20.63 -33.01 74.96
C ASN Q 193 -19.49 -32.23 74.33
N ALA Q 194 -18.47 -31.87 75.12
CA ALA Q 194 -17.35 -31.07 74.64
C ALA Q 194 -16.03 -31.79 74.90
N ASN Q 195 -14.90 -31.08 74.67
CA ASN Q 195 -13.57 -31.62 74.89
C ASN Q 195 -13.21 -31.55 76.38
N PRO Q 196 -12.50 -32.55 76.90
CA PRO Q 196 -12.33 -32.65 78.36
C PRO Q 196 -11.65 -31.46 79.02
N ASP Q 197 -10.69 -30.81 78.35
CA ASP Q 197 -9.96 -29.70 78.96
C ASP Q 197 -10.87 -28.51 79.25
N CYS Q 198 -11.51 -27.97 78.21
CA CYS Q 198 -12.48 -26.90 78.42
C CYS Q 198 -13.69 -27.37 79.23
N LYS Q 199 -14.02 -28.67 79.19
CA LYS Q 199 -15.06 -29.21 80.06
C LYS Q 199 -14.71 -28.99 81.53
N THR Q 200 -13.51 -29.41 81.93
CA THR Q 200 -13.10 -29.24 83.32
C THR Q 200 -12.92 -27.76 83.66
N ILE Q 201 -12.49 -26.94 82.70
CA ILE Q 201 -12.39 -25.51 82.94
C ILE Q 201 -13.77 -24.94 83.27
N LEU Q 202 -14.78 -25.28 82.46
CA LEU Q 202 -16.14 -24.80 82.72
C LEU Q 202 -16.68 -25.33 84.03
N LYS Q 203 -16.40 -26.61 84.35
CA LYS Q 203 -16.85 -27.17 85.61
C LYS Q 203 -16.22 -26.44 86.80
N ALA Q 204 -14.94 -26.10 86.70
CA ALA Q 204 -14.30 -25.31 87.73
C ALA Q 204 -14.88 -23.90 87.82
N LEU Q 205 -15.37 -23.37 86.70
CA LEU Q 205 -16.04 -22.07 86.71
C LEU Q 205 -17.33 -22.07 87.52
N GLY Q 206 -17.95 -23.22 87.72
CA GLY Q 206 -19.18 -23.31 88.48
C GLY Q 206 -20.33 -23.86 87.67
N PRO Q 207 -21.26 -24.55 88.34
CA PRO Q 207 -22.38 -25.16 87.61
C PRO Q 207 -23.38 -24.11 87.11
N GLY Q 208 -23.32 -23.80 85.82
CA GLY Q 208 -24.20 -22.80 85.24
C GLY Q 208 -23.66 -21.38 85.37
N ALA Q 209 -23.69 -20.63 84.28
CA ALA Q 209 -23.25 -19.24 84.26
C ALA Q 209 -23.69 -18.64 82.93
N THR Q 210 -23.38 -17.35 82.76
CA THR Q 210 -23.60 -16.69 81.48
C THR Q 210 -22.62 -17.25 80.46
N LEU Q 211 -23.12 -17.50 79.24
CA LEU Q 211 -22.30 -18.19 78.25
C LEU Q 211 -21.15 -17.34 77.74
N GLU Q 212 -21.20 -16.03 77.92
CA GLU Q 212 -20.08 -15.19 77.49
C GLU Q 212 -18.81 -15.51 78.28
N GLU Q 213 -18.94 -15.69 79.60
CA GLU Q 213 -17.79 -16.10 80.40
C GLU Q 213 -17.34 -17.50 80.01
N MET Q 214 -18.29 -18.41 79.78
CA MET Q 214 -17.94 -19.78 79.43
C MET Q 214 -17.27 -19.89 78.08
N MET Q 215 -17.50 -18.93 77.18
CA MET Q 215 -16.79 -18.92 75.89
C MET Q 215 -15.49 -18.15 75.94
N THR Q 216 -15.39 -17.11 76.77
CA THR Q 216 -14.12 -16.42 76.92
C THR Q 216 -13.09 -17.28 77.64
N ALA Q 217 -13.52 -18.06 78.64
CA ALA Q 217 -12.60 -18.96 79.32
C ALA Q 217 -12.13 -20.08 78.39
N CYS Q 218 -13.03 -20.58 77.56
CA CYS Q 218 -12.79 -21.67 76.61
C CYS Q 218 -12.01 -21.20 75.37
N GLN Q 219 -11.74 -19.89 75.25
CA GLN Q 219 -11.00 -19.38 74.11
C GLN Q 219 -9.58 -19.94 74.05
N GLY Q 220 -9.08 -20.16 72.85
CA GLY Q 220 -7.74 -20.66 72.65
C GLY Q 220 -7.65 -22.17 72.69
N PRO R 1 -48.01 -4.09 29.94
CA PRO R 1 -49.18 -4.75 29.34
C PRO R 1 -50.47 -3.98 29.59
N ILE R 2 -51.40 -4.59 30.32
CA ILE R 2 -52.66 -3.97 30.69
C ILE R 2 -52.71 -3.89 32.21
N VAL R 3 -52.65 -2.66 32.73
CA VAL R 3 -52.68 -2.42 34.17
C VAL R 3 -53.59 -1.22 34.43
N GLN R 4 -54.45 -1.36 35.44
CA GLN R 4 -55.32 -0.26 35.82
C GLN R 4 -54.52 0.83 36.52
N ASN R 5 -54.83 2.08 36.19
CA ASN R 5 -54.15 3.23 36.78
C ASN R 5 -54.80 3.60 38.10
N LEU R 6 -53.98 4.04 39.05
CA LEU R 6 -54.49 4.45 40.36
C LEU R 6 -55.35 5.70 40.22
N GLN R 7 -56.57 5.63 40.76
CA GLN R 7 -57.54 6.73 40.67
C GLN R 7 -57.76 7.15 39.22
N GLY R 8 -57.85 6.17 38.33
CA GLY R 8 -58.02 6.45 36.92
C GLY R 8 -58.38 5.20 36.16
N GLN R 9 -58.67 5.39 34.87
CA GLN R 9 -59.06 4.28 34.02
C GLN R 9 -57.83 3.48 33.59
N MET R 10 -58.09 2.29 33.07
CA MET R 10 -57.02 1.44 32.58
C MET R 10 -56.37 2.06 31.35
N VAL R 11 -55.03 1.99 31.28
CA VAL R 11 -54.26 2.56 30.19
C VAL R 11 -53.24 1.54 29.71
N HIS R 12 -52.97 1.56 28.41
CA HIS R 12 -51.97 0.67 27.84
C HIS R 12 -50.58 1.02 28.35
N GLN R 13 -49.79 -0.02 28.61
CA GLN R 13 -48.44 0.12 29.12
C GLN R 13 -47.49 -0.77 28.33
N ALA R 14 -46.28 -0.25 28.09
CA ALA R 14 -45.28 -1.01 27.37
C ALA R 14 -44.78 -2.18 28.22
N ILE R 15 -44.29 -3.20 27.54
CA ILE R 15 -43.83 -4.42 28.21
C ILE R 15 -42.47 -4.16 28.84
N SER R 16 -42.33 -4.55 30.10
CA SER R 16 -41.06 -4.39 30.81
C SER R 16 -40.02 -5.34 30.24
N PRO R 17 -38.86 -4.85 29.80
CA PRO R 17 -37.83 -5.77 29.27
C PRO R 17 -37.35 -6.79 30.28
N ARG R 18 -37.29 -6.41 31.57
CA ARG R 18 -36.85 -7.36 32.59
C ARG R 18 -37.78 -8.55 32.69
N THR R 19 -39.09 -8.32 32.60
CA THR R 19 -40.04 -9.42 32.68
C THR R 19 -39.84 -10.39 31.52
N LEU R 20 -39.68 -9.86 30.30
CA LEU R 20 -39.46 -10.72 29.14
C LEU R 20 -38.16 -11.50 29.26
N ASN R 21 -37.09 -10.82 29.72
CA ASN R 21 -35.81 -11.50 29.88
C ASN R 21 -35.89 -12.62 30.91
N ALA R 22 -36.54 -12.34 32.05
CA ALA R 22 -36.70 -13.37 33.07
C ALA R 22 -37.51 -14.54 32.54
N TRP R 23 -38.60 -14.25 31.82
CA TRP R 23 -39.43 -15.32 31.26
C TRP R 23 -38.63 -16.19 30.30
N VAL R 24 -37.91 -15.56 29.36
CA VAL R 24 -37.21 -16.34 28.35
C VAL R 24 -36.08 -17.15 28.99
N LYS R 25 -35.36 -16.56 29.95
CA LYS R 25 -34.26 -17.29 30.58
C LYS R 25 -34.78 -18.45 31.41
N VAL R 26 -35.87 -18.24 32.17
CA VAL R 26 -36.39 -19.33 33.01
C VAL R 26 -36.99 -20.43 32.14
N VAL R 27 -37.54 -20.08 30.97
CA VAL R 27 -38.06 -21.10 30.08
C VAL R 27 -36.91 -21.90 29.46
N GLU R 28 -35.86 -21.21 29.01
CA GLU R 28 -34.81 -21.89 28.26
C GLU R 28 -33.89 -22.69 29.16
N GLU R 29 -33.65 -22.24 30.40
CA GLU R 29 -32.55 -22.79 31.16
C GLU R 29 -32.94 -24.07 31.91
N LYS R 30 -34.09 -24.08 32.58
CA LYS R 30 -34.35 -25.17 33.53
C LYS R 30 -34.87 -26.42 32.84
N ALA R 31 -36.09 -26.35 32.29
CA ALA R 31 -36.75 -27.51 31.68
C ALA R 31 -38.13 -27.14 31.15
N PHE R 32 -38.78 -28.10 30.49
CA PHE R 32 -40.21 -28.01 30.21
C PHE R 32 -40.95 -28.82 31.27
N SER R 33 -41.04 -28.24 32.46
CA SER R 33 -41.59 -28.87 33.65
C SER R 33 -42.87 -28.19 34.08
N PRO R 34 -43.73 -28.88 34.85
CA PRO R 34 -45.02 -28.29 35.22
C PRO R 34 -44.93 -26.99 35.99
N GLU R 35 -43.86 -26.77 36.78
CA GLU R 35 -43.81 -25.59 37.64
C GLU R 35 -43.74 -24.30 36.83
N VAL R 36 -43.42 -24.38 35.54
CA VAL R 36 -43.38 -23.17 34.72
C VAL R 36 -44.80 -22.75 34.34
N ILE R 37 -45.76 -23.67 34.41
CA ILE R 37 -47.14 -23.31 34.06
C ILE R 37 -47.72 -22.26 34.99
N PRO R 38 -47.65 -22.40 36.32
CA PRO R 38 -48.11 -21.28 37.17
C PRO R 38 -47.30 -20.01 36.98
N MET R 39 -45.98 -20.13 36.81
CA MET R 39 -45.14 -18.95 36.62
C MET R 39 -45.62 -18.13 35.42
N PHE R 40 -46.04 -18.80 34.35
CA PHE R 40 -46.60 -18.11 33.21
C PHE R 40 -47.79 -17.24 33.61
N SER R 41 -48.72 -17.80 34.39
CA SER R 41 -49.87 -17.02 34.83
C SER R 41 -49.45 -15.88 35.75
N ALA R 42 -48.27 -15.99 36.36
CA ALA R 42 -47.76 -14.88 37.17
C ALA R 42 -47.24 -13.76 36.29
N LEU R 43 -46.71 -14.09 35.11
CA LEU R 43 -46.12 -13.10 34.22
C LEU R 43 -47.02 -12.72 33.05
N SER R 44 -48.26 -13.21 33.03
CA SER R 44 -49.17 -12.94 31.92
C SER R 44 -50.51 -12.36 32.40
N GLU R 45 -50.60 -11.96 33.67
CA GLU R 45 -51.85 -11.41 34.18
C GLU R 45 -52.11 -10.04 33.57
N GLY R 46 -53.30 -9.87 32.98
CA GLY R 46 -53.68 -8.61 32.38
C GLY R 46 -52.78 -8.19 31.23
N ALA R 47 -52.81 -8.93 30.13
CA ALA R 47 -52.01 -8.61 28.95
C ALA R 47 -52.82 -8.87 27.70
N THR R 48 -52.52 -8.11 26.65
CA THR R 48 -53.18 -8.29 25.37
C THR R 48 -52.66 -9.55 24.69
N PRO R 49 -53.44 -10.12 23.76
CA PRO R 49 -52.95 -11.30 23.04
C PRO R 49 -51.66 -11.07 22.28
N GLN R 50 -51.42 -9.84 21.81
CA GLN R 50 -50.14 -9.52 21.17
C GLN R 50 -48.99 -9.69 22.15
N ASP R 51 -49.18 -9.28 23.40
CA ASP R 51 -48.16 -9.46 24.42
C ASP R 51 -47.87 -10.95 24.64
N LEU R 52 -48.92 -11.76 24.70
CA LEU R 52 -48.73 -13.20 24.87
C LEU R 52 -47.99 -13.80 23.68
N ASN R 53 -48.34 -13.38 22.46
CA ASN R 53 -47.65 -13.90 21.27
C ASN R 53 -46.17 -13.51 21.29
N THR R 54 -45.89 -12.26 21.64
CA THR R 54 -44.49 -11.81 21.72
C THR R 54 -43.73 -12.58 22.79
N MET R 55 -44.37 -12.83 23.93
CA MET R 55 -43.74 -13.62 24.98
C MET R 55 -43.47 -15.05 24.52
N LEU R 56 -44.38 -15.62 23.73
CA LEU R 56 -44.24 -17.00 23.28
C LEU R 56 -43.15 -17.14 22.22
N ASN R 57 -43.10 -16.22 21.25
CA ASN R 57 -42.20 -16.43 20.11
C ASN R 57 -40.77 -16.01 20.40
N THR R 58 -40.50 -15.41 21.56
CA THR R 58 -39.14 -14.96 21.86
C THR R 58 -38.26 -16.09 22.39
N VAL R 59 -38.82 -17.28 22.63
CA VAL R 59 -38.02 -18.38 23.16
C VAL R 59 -37.07 -18.90 22.09
N GLY R 60 -35.87 -19.27 22.50
CA GLY R 60 -34.86 -19.83 21.62
C GLY R 60 -34.76 -21.33 21.81
N GLY R 61 -34.81 -22.07 20.70
CA GLY R 61 -34.78 -23.52 20.76
C GLY R 61 -36.14 -24.11 21.05
N HIS R 62 -36.23 -25.44 21.03
CA HIS R 62 -37.48 -26.16 21.28
C HIS R 62 -38.59 -25.71 20.35
N GLN R 63 -38.26 -25.49 19.08
CA GLN R 63 -39.23 -24.99 18.11
C GLN R 63 -40.34 -25.98 17.82
N ALA R 64 -40.13 -27.27 18.10
CA ALA R 64 -41.20 -28.25 17.94
C ALA R 64 -42.35 -27.94 18.89
N ALA R 65 -42.03 -27.55 20.13
CA ALA R 65 -43.05 -27.14 21.07
C ALA R 65 -43.82 -25.92 20.57
N MET R 66 -43.09 -24.95 20.00
CA MET R 66 -43.75 -23.76 19.46
C MET R 66 -44.68 -24.11 18.30
N GLN R 67 -44.24 -25.01 17.42
CA GLN R 67 -45.10 -25.43 16.31
C GLN R 67 -46.35 -26.16 16.83
N MET R 68 -46.18 -27.02 17.83
CA MET R 68 -47.32 -27.72 18.42
C MET R 68 -48.29 -26.72 19.03
N LEU R 69 -47.77 -25.74 19.76
CA LEU R 69 -48.62 -24.72 20.37
C LEU R 69 -49.35 -23.88 19.32
N LYS R 70 -48.67 -23.54 18.23
CA LYS R 70 -49.32 -22.79 17.16
C LYS R 70 -50.44 -23.61 16.53
N GLU R 71 -50.20 -24.90 16.30
CA GLU R 71 -51.24 -25.75 15.70
C GLU R 71 -52.43 -25.89 16.64
N THR R 72 -52.18 -26.05 17.94
CA THR R 72 -53.27 -26.16 18.89
C THR R 72 -54.03 -24.84 19.00
N ILE R 73 -53.32 -23.71 18.90
CA ILE R 73 -54.00 -22.41 18.90
C ILE R 73 -54.89 -22.28 17.67
N ASN R 74 -54.41 -22.73 16.52
CA ASN R 74 -55.23 -22.71 15.30
C ASN R 74 -56.47 -23.58 15.45
N GLU R 75 -56.30 -24.78 16.01
CA GLU R 75 -57.46 -25.67 16.15
C GLU R 75 -58.45 -25.13 17.19
N GLU R 76 -57.96 -24.50 18.25
CA GLU R 76 -58.87 -23.88 19.21
C GLU R 76 -59.57 -22.66 18.62
N ALA R 77 -58.89 -21.92 17.73
CA ALA R 77 -59.55 -20.84 17.01
C ALA R 77 -60.66 -21.38 16.11
N ALA R 78 -60.40 -22.50 15.45
CA ALA R 78 -61.45 -23.15 14.66
C ALA R 78 -62.61 -23.59 15.55
N GLU R 79 -62.30 -24.11 16.73
CA GLU R 79 -63.35 -24.50 17.68
C GLU R 79 -64.18 -23.31 18.11
N TRP R 80 -63.52 -22.17 18.37
CA TRP R 80 -64.24 -20.96 18.73
C TRP R 80 -65.11 -20.48 17.59
N ASP R 81 -64.61 -20.57 16.35
CA ASP R 81 -65.40 -20.19 15.19
C ASP R 81 -66.63 -21.07 15.03
N ARG R 82 -66.49 -22.38 15.26
CA ARG R 82 -67.62 -23.28 15.08
C ARG R 82 -68.63 -23.16 16.22
N LEU R 83 -68.18 -22.92 17.45
CA LEU R 83 -69.11 -22.79 18.56
C LEU R 83 -69.86 -21.46 18.51
N HIS R 84 -69.17 -20.40 18.07
CA HIS R 84 -69.78 -19.07 17.96
C HIS R 84 -69.87 -18.69 16.50
N PRO R 85 -71.05 -18.76 15.89
CA PRO R 85 -71.17 -18.45 14.45
C PRO R 85 -70.79 -17.01 14.15
N VAL R 86 -70.27 -16.80 12.94
CA VAL R 86 -69.83 -15.49 12.51
C VAL R 86 -71.08 -14.62 12.31
N HIS R 87 -71.23 -13.59 13.15
CA HIS R 87 -72.36 -12.68 13.05
C HIS R 87 -72.09 -11.65 11.97
N ALA R 88 -72.96 -11.61 10.96
CA ALA R 88 -72.84 -10.65 9.87
C ALA R 88 -73.61 -9.38 10.23
N GLY R 89 -73.77 -8.48 9.27
CA GLY R 89 -74.50 -7.25 9.48
C GLY R 89 -73.57 -6.10 9.84
N PRO R 90 -74.14 -4.90 9.94
CA PRO R 90 -73.32 -3.71 10.27
C PRO R 90 -72.76 -3.80 11.68
N ILE R 91 -71.62 -3.14 11.87
CA ILE R 91 -70.99 -3.06 13.17
C ILE R 91 -71.74 -2.05 14.03
N ALA R 92 -72.04 -2.43 15.27
CA ALA R 92 -72.76 -1.55 16.16
C ALA R 92 -71.93 -0.30 16.46
N PRO R 93 -72.56 0.86 16.64
CA PRO R 93 -71.79 2.08 16.92
C PRO R 93 -71.02 1.97 18.22
N GLY R 94 -69.70 2.08 18.13
CA GLY R 94 -68.85 1.99 19.30
C GLY R 94 -68.77 0.61 19.92
N GLN R 95 -69.26 -0.43 19.24
CA GLN R 95 -69.26 -1.80 19.75
C GLN R 95 -68.75 -2.71 18.63
N MET R 96 -67.44 -2.96 18.63
CA MET R 96 -66.86 -3.87 17.66
C MET R 96 -67.35 -5.29 17.92
N ARG R 97 -67.50 -6.07 16.85
CA ARG R 97 -67.99 -7.42 16.97
C ARG R 97 -66.99 -8.29 17.73
N GLU R 98 -67.46 -9.46 18.17
CA GLU R 98 -66.63 -10.36 18.95
C GLU R 98 -65.45 -10.83 18.12
N PRO R 99 -64.28 -11.04 18.73
CA PRO R 99 -63.10 -11.45 17.96
C PRO R 99 -63.32 -12.79 17.27
N ARG R 100 -62.75 -12.91 16.07
CA ARG R 100 -62.83 -14.13 15.29
C ARG R 100 -61.73 -15.10 15.74
N GLY R 101 -61.61 -16.21 15.00
CA GLY R 101 -60.56 -17.17 15.30
C GLY R 101 -59.17 -16.60 15.08
N SER R 102 -58.99 -15.83 14.01
CA SER R 102 -57.71 -15.20 13.74
C SER R 102 -57.48 -13.97 14.61
N ASP R 103 -58.55 -13.39 15.16
CA ASP R 103 -58.44 -12.18 15.98
C ASP R 103 -57.93 -12.47 17.39
N ILE R 104 -58.34 -13.59 17.97
CA ILE R 104 -57.87 -13.94 19.32
C ILE R 104 -56.38 -14.26 19.29
N ALA R 105 -55.93 -14.93 18.21
CA ALA R 105 -54.50 -15.20 18.06
C ALA R 105 -53.70 -13.91 17.84
N GLY R 106 -54.36 -12.85 17.39
CA GLY R 106 -53.71 -11.58 17.16
C GLY R 106 -52.96 -11.46 15.86
N THR R 107 -53.01 -12.46 14.99
CA THR R 107 -52.28 -12.42 13.74
C THR R 107 -52.91 -11.51 12.70
N THR R 108 -54.20 -11.15 12.86
CA THR R 108 -54.89 -10.32 11.88
C THR R 108 -55.52 -9.07 12.48
N SER R 109 -55.38 -8.81 13.77
CA SER R 109 -55.99 -7.67 14.43
C SER R 109 -54.92 -6.72 14.95
N THR R 110 -55.12 -5.43 14.71
CA THR R 110 -54.21 -4.43 15.24
C THR R 110 -54.42 -4.25 16.73
N LEU R 111 -53.42 -3.65 17.40
CA LEU R 111 -53.46 -3.51 18.84
C LEU R 111 -54.66 -2.67 19.30
N GLN R 112 -55.09 -1.72 18.46
CA GLN R 112 -56.21 -0.87 18.83
C GLN R 112 -57.49 -1.68 19.05
N GLU R 113 -57.67 -2.76 18.29
CA GLU R 113 -58.86 -3.59 18.47
C GLU R 113 -58.89 -4.21 19.86
N GLN R 114 -57.76 -4.77 20.31
CA GLN R 114 -57.70 -5.34 21.65
C GLN R 114 -57.80 -4.25 22.72
N ILE R 115 -57.22 -3.07 22.48
CA ILE R 115 -57.33 -1.99 23.44
C ILE R 115 -58.79 -1.59 23.62
N GLY R 116 -59.54 -1.48 22.53
CA GLY R 116 -60.95 -1.17 22.62
C GLY R 116 -61.75 -2.28 23.27
N TRP R 117 -61.41 -3.54 22.96
CA TRP R 117 -62.15 -4.67 23.51
C TRP R 117 -61.96 -4.79 25.02
N MET R 118 -60.75 -4.54 25.50
CA MET R 118 -60.47 -4.65 26.93
C MET R 118 -61.29 -3.64 27.74
N THR R 119 -61.36 -2.41 27.26
CA THR R 119 -62.09 -1.36 27.97
C THR R 119 -63.57 -1.29 27.59
N HIS R 120 -64.02 -2.13 26.67
CA HIS R 120 -65.41 -2.10 26.23
C HIS R 120 -66.34 -2.59 27.33
N ASN R 121 -67.57 -2.09 27.31
CA ASN R 121 -68.60 -2.48 28.26
C ASN R 121 -69.70 -3.23 27.52
N PRO R 122 -69.96 -4.51 27.83
CA PRO R 122 -69.31 -5.35 28.85
C PRO R 122 -67.91 -5.80 28.43
N PRO R 123 -67.03 -6.08 29.40
CA PRO R 123 -65.67 -6.51 29.05
C PRO R 123 -65.66 -7.84 28.33
N ILE R 124 -64.70 -7.99 27.42
CA ILE R 124 -64.51 -9.19 26.64
C ILE R 124 -63.17 -9.80 27.02
N PRO R 125 -63.18 -10.88 27.82
CA PRO R 125 -61.93 -11.54 28.23
C PRO R 125 -61.36 -12.49 27.16
N VAL R 126 -61.20 -11.97 25.94
CA VAL R 126 -60.62 -12.76 24.87
C VAL R 126 -59.17 -13.10 25.17
N GLY R 127 -58.44 -12.17 25.81
CA GLY R 127 -57.08 -12.46 26.22
C GLY R 127 -57.02 -13.62 27.21
N GLU R 128 -58.01 -13.70 28.10
CA GLU R 128 -58.05 -14.82 29.04
C GLU R 128 -58.31 -16.14 28.31
N ILE R 129 -59.14 -16.12 27.27
CA ILE R 129 -59.37 -17.33 26.48
C ILE R 129 -58.09 -17.76 25.78
N TYR R 130 -57.36 -16.79 25.22
CA TYR R 130 -56.08 -17.12 24.59
C TYR R 130 -55.08 -17.66 25.61
N LYS R 131 -55.08 -17.09 26.81
CA LYS R 131 -54.21 -17.57 27.88
C LYS R 131 -54.56 -19.01 28.26
N ARG R 132 -55.86 -19.33 28.33
CA ARG R 132 -56.26 -20.70 28.64
C ARG R 132 -55.88 -21.66 27.52
N TRP R 133 -55.98 -21.22 26.27
CA TRP R 133 -55.52 -22.05 25.15
C TRP R 133 -54.02 -22.33 25.26
N ILE R 134 -53.25 -21.29 25.60
CA ILE R 134 -51.81 -21.46 25.82
C ILE R 134 -51.55 -22.40 27.00
N ILE R 135 -52.39 -22.33 28.04
CA ILE R 135 -52.24 -23.23 29.18
C ILE R 135 -52.48 -24.66 28.77
N LEU R 136 -53.49 -24.91 27.94
CA LEU R 136 -53.74 -26.26 27.43
C LEU R 136 -52.57 -26.75 26.60
N GLY R 137 -52.01 -25.88 25.75
CA GLY R 137 -50.84 -26.25 24.99
C GLY R 137 -49.64 -26.58 25.87
N LEU R 138 -49.45 -25.80 26.92
CA LEU R 138 -48.38 -26.08 27.87
C LEU R 138 -48.61 -27.42 28.57
N ASN R 139 -49.85 -27.71 28.93
CA ASN R 139 -50.17 -28.98 29.57
C ASN R 139 -49.83 -30.15 28.66
N LYS R 140 -50.23 -30.07 27.38
CA LYS R 140 -49.96 -31.20 26.49
C LYS R 140 -48.47 -31.31 26.16
N ILE R 141 -47.77 -30.18 26.05
CA ILE R 141 -46.35 -30.25 25.74
C ILE R 141 -45.55 -30.77 26.93
N VAL R 142 -46.00 -30.46 28.16
CA VAL R 142 -45.31 -31.00 29.33
C VAL R 142 -45.69 -32.46 29.55
N ARG R 143 -46.86 -32.87 29.06
CA ARG R 143 -47.21 -34.30 29.09
C ARG R 143 -46.33 -35.09 28.14
N MET R 144 -46.17 -34.60 26.90
CA MET R 144 -45.34 -35.31 25.93
C MET R 144 -43.86 -35.22 26.30
N TYR R 145 -43.47 -34.17 27.03
CA TYR R 145 -42.07 -34.01 27.43
C TYR R 145 -41.68 -34.99 28.53
N SER R 146 -42.64 -35.50 29.29
CA SER R 146 -42.34 -36.47 30.35
C SER R 146 -41.86 -37.77 29.71
N PRO R 147 -40.65 -38.22 30.04
CA PRO R 147 -40.11 -39.42 29.37
C PRO R 147 -40.69 -40.72 29.89
N THR R 148 -41.23 -40.75 31.09
CA THR R 148 -41.70 -41.98 31.71
C THR R 148 -43.07 -41.76 32.33
N SER R 149 -43.89 -42.81 32.30
CA SER R 149 -45.22 -42.79 32.90
C SER R 149 -45.14 -43.16 34.38
N ILE R 150 -46.31 -43.37 34.99
CA ILE R 150 -46.39 -43.70 36.41
C ILE R 150 -46.66 -45.17 36.67
N LEU R 151 -47.03 -45.94 35.65
CA LEU R 151 -47.33 -47.36 35.81
C LEU R 151 -46.11 -48.25 35.72
N ASP R 152 -44.94 -47.70 35.36
CA ASP R 152 -43.73 -48.50 35.18
C ASP R 152 -42.60 -48.08 36.11
N ILE R 153 -42.81 -47.11 36.99
CA ILE R 153 -41.75 -46.66 37.89
C ILE R 153 -41.52 -47.73 38.96
N ARG R 154 -40.26 -48.09 39.18
CA ARG R 154 -39.88 -49.11 40.13
C ARG R 154 -38.77 -48.58 41.03
N GLN R 155 -38.73 -49.05 42.27
CA GLN R 155 -37.73 -48.62 43.24
C GLN R 155 -36.59 -49.62 43.30
N GLY R 156 -35.37 -49.13 43.15
CA GLY R 156 -34.19 -49.95 43.30
C GLY R 156 -33.96 -50.33 44.75
N PRO R 157 -33.27 -51.46 44.98
CA PRO R 157 -33.08 -51.93 46.35
C PRO R 157 -31.92 -51.26 47.07
N LYS R 158 -31.05 -50.57 46.32
CA LYS R 158 -29.81 -50.04 46.87
C LYS R 158 -29.83 -48.52 47.02
N GLU R 159 -31.00 -47.90 47.11
CA GLU R 159 -31.08 -46.47 47.37
C GLU R 159 -32.23 -46.20 48.33
N PRO R 160 -32.17 -45.10 49.08
CA PRO R 160 -33.26 -44.78 50.00
C PRO R 160 -34.55 -44.46 49.25
N PHE R 161 -35.67 -44.63 49.94
CA PHE R 161 -36.98 -44.35 49.35
C PHE R 161 -37.26 -42.87 49.15
N ARG R 162 -36.40 -41.99 49.68
CA ARG R 162 -36.59 -40.55 49.57
C ARG R 162 -36.71 -40.11 48.11
N ASP R 163 -35.64 -40.33 47.34
CA ASP R 163 -35.67 -39.92 45.94
C ASP R 163 -36.68 -40.72 45.13
N TYR R 164 -37.01 -41.94 45.56
CA TYR R 164 -38.02 -42.72 44.83
C TYR R 164 -39.40 -42.09 44.96
N VAL R 165 -39.80 -41.74 46.19
CA VAL R 165 -41.09 -41.09 46.36
C VAL R 165 -41.05 -39.69 45.74
N ASP R 166 -39.89 -39.04 45.74
CA ASP R 166 -39.78 -37.74 45.08
C ASP R 166 -40.07 -37.87 43.59
N ARG R 167 -39.40 -38.79 42.90
CA ARG R 167 -39.62 -38.96 41.47
C ARG R 167 -41.01 -39.50 41.18
N PHE R 168 -41.58 -40.30 42.09
CA PHE R 168 -42.96 -40.75 41.94
C PHE R 168 -43.91 -39.56 41.94
N TYR R 169 -43.68 -38.60 42.83
CA TYR R 169 -44.51 -37.40 42.82
C TYR R 169 -44.24 -36.52 41.61
N LYS R 170 -42.99 -36.47 41.13
CA LYS R 170 -42.69 -35.74 39.90
C LYS R 170 -43.53 -36.29 38.75
N THR R 171 -43.52 -37.61 38.59
CA THR R 171 -44.28 -38.24 37.51
C THR R 171 -45.79 -38.12 37.74
N LEU R 172 -46.23 -38.14 39.00
CA LEU R 172 -47.65 -38.01 39.29
C LEU R 172 -48.17 -36.63 38.91
N ARG R 173 -47.43 -35.58 39.28
CA ARG R 173 -47.88 -34.23 38.96
C ARG R 173 -47.68 -33.88 37.48
N ALA R 174 -46.84 -34.62 36.77
CA ALA R 174 -46.62 -34.36 35.35
C ALA R 174 -47.70 -34.96 34.46
N GLU R 175 -48.63 -35.73 35.02
CA GLU R 175 -49.70 -36.35 34.26
C GLU R 175 -51.02 -35.67 34.59
N GLN R 176 -51.84 -35.50 33.55
CA GLN R 176 -53.12 -34.80 33.65
C GLN R 176 -54.23 -35.85 33.75
N ALA R 177 -54.97 -35.81 34.86
CA ALA R 177 -56.09 -36.71 35.08
C ALA R 177 -57.04 -36.08 36.10
N SER R 178 -58.11 -36.80 36.41
CA SER R 178 -59.07 -36.33 37.40
C SER R 178 -58.44 -36.35 38.80
N GLN R 179 -58.97 -35.50 39.68
CA GLN R 179 -58.45 -35.42 41.04
C GLN R 179 -58.66 -36.73 41.79
N GLU R 180 -59.81 -37.37 41.60
CA GLU R 180 -60.06 -38.64 42.27
C GLU R 180 -59.10 -39.73 41.79
N VAL R 181 -58.75 -39.73 40.50
CA VAL R 181 -57.77 -40.67 39.99
C VAL R 181 -56.41 -40.44 40.64
N LYS R 182 -56.03 -39.17 40.80
CA LYS R 182 -54.77 -38.85 41.48
C LYS R 182 -54.79 -39.31 42.93
N ASN R 183 -55.93 -39.14 43.60
CA ASN R 183 -56.06 -39.62 44.98
C ASN R 183 -55.92 -41.14 45.05
N TRP R 184 -56.56 -41.85 44.11
CA TRP R 184 -56.42 -43.31 44.08
C TRP R 184 -54.97 -43.72 43.83
N MET R 185 -54.29 -43.02 42.92
CA MET R 185 -52.89 -43.33 42.66
C MET R 185 -52.04 -43.10 43.90
N THR R 186 -52.18 -41.95 44.54
CA THR R 186 -51.38 -41.66 45.72
C THR R 186 -51.79 -42.48 46.93
N GLU R 187 -52.94 -43.15 46.87
CA GLU R 187 -53.32 -44.08 47.94
C GLU R 187 -52.81 -45.49 47.71
N THR R 188 -52.71 -45.92 46.45
CA THR R 188 -52.33 -47.30 46.16
C THR R 188 -50.87 -47.44 45.74
N LEU R 189 -50.45 -46.72 44.69
CA LEU R 189 -49.15 -46.97 44.08
C LEU R 189 -48.00 -46.55 44.97
N LEU R 190 -48.24 -45.67 45.95
CA LEU R 190 -47.17 -45.24 46.84
C LEU R 190 -46.68 -46.40 47.70
N VAL R 191 -47.54 -47.39 47.93
CA VAL R 191 -47.16 -48.54 48.75
C VAL R 191 -47.10 -49.84 47.94
N GLN R 192 -47.74 -49.89 46.78
CA GLN R 192 -47.72 -51.11 45.97
C GLN R 192 -46.42 -51.29 45.21
N ASN R 193 -45.52 -50.29 45.20
CA ASN R 193 -44.30 -50.39 44.41
C ASN R 193 -43.07 -49.95 45.21
N ALA R 194 -43.08 -50.14 46.52
CA ALA R 194 -41.97 -49.75 47.37
C ALA R 194 -41.00 -50.92 47.53
N ASN R 195 -39.96 -50.73 48.34
CA ASN R 195 -39.06 -51.82 48.66
C ASN R 195 -39.78 -52.84 49.54
N PRO R 196 -39.42 -54.13 49.43
CA PRO R 196 -40.18 -55.16 50.18
C PRO R 196 -40.21 -54.93 51.68
N ASP R 197 -39.10 -54.49 52.28
CA ASP R 197 -39.07 -54.27 53.73
C ASP R 197 -40.03 -53.16 54.14
N CYS R 198 -39.99 -52.03 53.44
CA CYS R 198 -40.93 -50.95 53.68
C CYS R 198 -42.37 -51.35 53.35
N LYS R 199 -42.57 -52.19 52.33
CA LYS R 199 -43.90 -52.68 52.00
C LYS R 199 -44.48 -53.50 53.14
N THR R 200 -43.70 -54.43 53.69
CA THR R 200 -44.19 -55.23 54.81
C THR R 200 -44.40 -54.38 56.05
N ILE R 201 -43.51 -53.41 56.30
CA ILE R 201 -43.68 -52.53 57.45
C ILE R 201 -45.00 -51.77 57.34
N LEU R 202 -45.29 -51.22 56.15
CA LEU R 202 -46.52 -50.46 55.96
C LEU R 202 -47.75 -51.37 55.99
N LYS R 203 -47.64 -52.60 55.49
CA LYS R 203 -48.76 -53.54 55.63
C LYS R 203 -49.03 -53.83 57.10
N ALA R 204 -47.98 -53.98 57.90
CA ALA R 204 -48.15 -54.14 59.34
C ALA R 204 -48.80 -52.91 59.96
N LEU R 205 -48.39 -51.71 59.53
CA LEU R 205 -49.00 -50.49 60.04
C LEU R 205 -50.46 -50.34 59.64
N GLY R 206 -50.86 -50.92 58.51
CA GLY R 206 -52.22 -50.85 58.05
C GLY R 206 -52.46 -49.66 57.15
N PRO R 207 -53.55 -49.70 56.38
CA PRO R 207 -53.89 -48.59 55.49
C PRO R 207 -54.34 -47.34 56.25
N GLY R 208 -54.60 -46.26 55.52
CA GLY R 208 -55.02 -45.03 56.16
C GLY R 208 -53.94 -44.31 56.92
N ALA R 209 -52.68 -44.55 56.58
CA ALA R 209 -51.56 -43.94 57.28
C ALA R 209 -51.02 -42.76 56.48
N THR R 210 -50.69 -41.68 57.19
CA THR R 210 -50.15 -40.50 56.54
C THR R 210 -48.73 -40.76 56.03
N LEU R 211 -48.27 -39.87 55.15
CA LEU R 211 -46.95 -40.06 54.55
C LEU R 211 -45.83 -39.83 55.55
N GLU R 212 -46.07 -39.03 56.60
CA GLU R 212 -45.02 -38.74 57.56
C GLU R 212 -44.60 -39.99 58.34
N GLU R 213 -45.58 -40.72 58.87
CA GLU R 213 -45.25 -41.97 59.55
C GLU R 213 -44.73 -43.01 58.56
N MET R 214 -45.17 -42.94 57.30
CA MET R 214 -44.66 -43.85 56.28
C MET R 214 -43.16 -43.64 56.06
N MET R 215 -42.73 -42.38 55.96
CA MET R 215 -41.31 -42.11 55.73
C MET R 215 -40.49 -42.32 56.99
N THR R 216 -41.07 -42.06 58.16
CA THR R 216 -40.35 -42.29 59.40
C THR R 216 -40.37 -43.75 59.83
N ALA R 217 -41.14 -44.61 59.15
CA ALA R 217 -41.23 -46.01 59.53
C ALA R 217 -39.94 -46.76 59.23
N CYS R 218 -39.51 -46.72 57.97
CA CYS R 218 -38.37 -47.52 57.51
C CYS R 218 -37.19 -46.65 57.07
N GLN R 219 -36.84 -45.63 57.87
CA GLN R 219 -35.69 -44.79 57.57
C GLN R 219 -34.41 -45.62 57.54
N GLY R 220 -33.55 -45.33 56.57
CA GLY R 220 -32.29 -46.05 56.42
C GLY R 220 -32.41 -47.30 55.58
N PRO S 1 9.79 28.52 -63.01
CA PRO S 1 9.81 28.33 -64.46
C PRO S 1 8.66 29.06 -65.16
N ILE S 2 7.83 28.31 -65.86
CA ILE S 2 6.64 28.87 -66.50
C ILE S 2 5.44 28.52 -65.65
N VAL S 3 4.71 29.54 -65.20
CA VAL S 3 3.58 29.38 -64.29
C VAL S 3 2.32 29.88 -64.98
N GLN S 4 1.26 29.07 -64.94
CA GLN S 4 -0.03 29.49 -65.48
C GLN S 4 -0.66 30.49 -64.51
N ASN S 5 -1.14 31.61 -65.07
CA ASN S 5 -1.71 32.69 -64.28
C ASN S 5 -3.23 32.61 -64.31
N LEU S 6 -3.85 33.12 -63.24
CA LEU S 6 -5.31 33.11 -63.12
C LEU S 6 -5.92 34.04 -64.16
N GLN S 7 -6.59 33.44 -65.15
CA GLN S 7 -7.26 34.14 -66.25
C GLN S 7 -6.43 35.32 -66.76
N GLY S 8 -5.16 35.04 -67.02
CA GLY S 8 -4.26 36.08 -67.51
C GLY S 8 -3.11 35.48 -68.29
N GLN S 9 -2.39 36.35 -68.99
CA GLN S 9 -1.25 35.93 -69.79
C GLN S 9 -0.11 35.44 -68.90
N MET S 10 0.65 34.49 -69.42
CA MET S 10 1.72 33.88 -68.63
C MET S 10 2.85 34.88 -68.39
N VAL S 11 3.54 34.71 -67.26
CA VAL S 11 4.66 35.56 -66.88
C VAL S 11 5.81 34.67 -66.40
N HIS S 12 7.02 35.21 -66.50
CA HIS S 12 8.20 34.47 -66.07
C HIS S 12 8.21 34.30 -64.56
N GLN S 13 8.69 33.14 -64.11
CA GLN S 13 8.80 32.84 -62.69
C GLN S 13 10.18 32.26 -62.41
N ALA S 14 10.75 32.60 -61.26
CA ALA S 14 12.02 32.04 -60.85
C ALA S 14 11.82 30.61 -60.36
N ILE S 15 12.91 29.98 -59.94
CA ILE S 15 12.90 28.60 -59.47
C ILE S 15 12.97 28.61 -57.95
N SER S 16 12.08 27.87 -57.31
CA SER S 16 12.09 27.77 -55.86
C SER S 16 13.37 27.08 -55.39
N PRO S 17 14.02 27.60 -54.34
CA PRO S 17 15.24 26.94 -53.85
C PRO S 17 15.02 25.52 -53.39
N ARG S 18 13.85 25.21 -52.84
CA ARG S 18 13.56 23.85 -52.39
C ARG S 18 13.55 22.86 -53.54
N THR S 19 13.11 23.29 -54.73
CA THR S 19 13.12 22.42 -55.89
C THR S 19 14.54 22.00 -56.24
N LEU S 20 15.46 22.96 -56.33
CA LEU S 20 16.85 22.65 -56.61
C LEU S 20 17.48 21.83 -55.50
N ASN S 21 17.16 22.14 -54.24
CA ASN S 21 17.69 21.37 -53.12
C ASN S 21 17.25 19.91 -53.21
N ALA S 22 15.97 19.67 -53.47
CA ALA S 22 15.48 18.31 -53.62
C ALA S 22 16.10 17.61 -54.82
N TRP S 23 16.27 18.32 -55.94
CA TRP S 23 16.88 17.71 -57.11
C TRP S 23 18.31 17.28 -56.83
N VAL S 24 19.11 18.16 -56.24
CA VAL S 24 20.51 17.80 -55.97
C VAL S 24 20.57 16.71 -54.91
N LYS S 25 19.66 16.73 -53.93
CA LYS S 25 19.65 15.70 -52.90
C LYS S 25 19.34 14.33 -53.50
N VAL S 26 18.33 14.26 -54.38
CA VAL S 26 17.96 12.97 -54.97
C VAL S 26 19.02 12.51 -55.96
N VAL S 27 19.71 13.44 -56.61
CA VAL S 27 20.81 13.07 -57.49
C VAL S 27 21.96 12.47 -56.69
N GLU S 28 22.30 13.10 -55.56
CA GLU S 28 23.46 12.65 -54.79
C GLU S 28 23.17 11.36 -54.04
N GLU S 29 21.97 11.23 -53.45
CA GLU S 29 21.69 10.11 -52.57
C GLU S 29 21.60 8.79 -53.33
N LYS S 30 21.10 8.83 -54.56
CA LYS S 30 20.90 7.63 -55.37
C LYS S 30 21.72 7.72 -56.65
N ALA S 31 22.36 6.61 -57.02
CA ALA S 31 23.08 6.54 -58.27
C ALA S 31 22.11 6.54 -59.44
N PHE S 32 22.66 6.57 -60.66
CA PHE S 32 21.84 6.58 -61.86
C PHE S 32 21.01 5.30 -61.95
N SER S 33 19.69 5.45 -61.80
CA SER S 33 18.74 4.35 -61.77
C SER S 33 17.50 4.80 -62.52
N PRO S 34 16.69 3.86 -63.04
CA PRO S 34 15.50 4.26 -63.80
C PRO S 34 14.55 5.15 -63.03
N GLU S 35 14.48 5.00 -61.71
CA GLU S 35 13.53 5.77 -60.91
C GLU S 35 13.80 7.26 -60.94
N VAL S 36 14.99 7.68 -61.38
CA VAL S 36 15.26 9.12 -61.47
C VAL S 36 14.61 9.71 -62.72
N ILE S 37 14.26 8.87 -63.69
CA ILE S 37 13.61 9.37 -64.91
C ILE S 37 12.26 10.01 -64.61
N PRO S 38 11.33 9.38 -63.86
CA PRO S 38 10.08 10.05 -63.53
C PRO S 38 10.29 11.31 -62.69
N MET S 39 11.16 11.20 -61.67
CA MET S 39 11.39 12.33 -60.78
C MET S 39 11.81 13.57 -61.55
N PHE S 40 12.69 13.40 -62.54
CA PHE S 40 13.08 14.51 -63.40
C PHE S 40 11.86 15.15 -64.06
N SER S 41 11.00 14.34 -64.67
CA SER S 41 9.81 14.87 -65.31
C SER S 41 8.82 15.42 -64.29
N ALA S 42 9.01 15.12 -63.00
CA ALA S 42 8.19 15.69 -61.96
C ALA S 42 8.73 17.02 -61.45
N LEU S 43 9.90 17.45 -61.91
CA LEU S 43 10.48 18.71 -61.48
C LEU S 43 10.75 19.68 -62.61
N SER S 44 10.54 19.28 -63.86
CA SER S 44 10.80 20.12 -65.02
C SER S 44 9.60 20.20 -65.94
N GLU S 45 8.41 20.40 -65.37
CA GLU S 45 7.19 20.49 -66.17
C GLU S 45 7.06 21.87 -66.78
N GLY S 46 7.08 21.94 -68.11
CA GLY S 46 6.97 23.21 -68.79
C GLY S 46 8.10 24.17 -68.49
N ALA S 47 9.29 23.65 -68.18
CA ALA S 47 10.41 24.51 -67.83
C ALA S 47 11.14 24.99 -69.08
N THR S 48 11.66 26.21 -68.98
CA THR S 48 12.42 26.80 -70.07
C THR S 48 13.78 26.10 -70.21
N PRO S 49 14.37 26.11 -71.40
CA PRO S 49 15.69 25.48 -71.57
C PRO S 49 16.77 26.07 -70.66
N GLN S 50 16.70 27.36 -70.35
CA GLN S 50 17.66 27.96 -69.42
C GLN S 50 17.54 27.32 -68.04
N ASP S 51 16.30 27.12 -67.58
CA ASP S 51 16.10 26.46 -66.30
C ASP S 51 16.61 25.02 -66.32
N LEU S 52 16.39 24.33 -67.45
CA LEU S 52 16.90 22.96 -67.57
C LEU S 52 18.42 22.92 -67.49
N ASN S 53 19.08 23.86 -68.18
CA ASN S 53 20.54 23.94 -68.11
C ASN S 53 21.00 24.25 -66.68
N THR S 54 20.31 25.18 -66.02
CA THR S 54 20.70 25.56 -64.66
C THR S 54 20.58 24.39 -63.70
N MET S 55 19.47 23.63 -63.80
CA MET S 55 19.30 22.49 -62.90
C MET S 55 20.21 21.33 -63.27
N LEU S 56 20.59 21.22 -64.55
CA LEU S 56 21.52 20.18 -64.96
C LEU S 56 22.93 20.47 -64.45
N ASN S 57 23.32 21.75 -64.44
CA ASN S 57 24.67 22.09 -64.02
C ASN S 57 24.85 21.99 -62.51
N THR S 58 23.75 21.90 -61.77
CA THR S 58 23.83 21.83 -60.31
C THR S 58 24.45 20.53 -59.81
N VAL S 59 24.44 19.47 -60.61
CA VAL S 59 24.93 18.18 -60.16
C VAL S 59 26.42 18.26 -59.84
N GLY S 60 26.85 17.43 -58.88
CA GLY S 60 28.25 17.36 -58.51
C GLY S 60 28.84 15.99 -58.72
N GLY S 61 29.96 15.92 -59.41
CA GLY S 61 30.58 14.65 -59.72
C GLY S 61 29.93 13.97 -60.91
N HIS S 62 30.49 12.82 -61.30
CA HIS S 62 30.02 12.03 -62.43
C HIS S 62 29.96 12.87 -63.71
N GLN S 63 30.99 13.68 -63.95
CA GLN S 63 30.98 14.59 -65.09
C GLN S 63 31.10 13.86 -66.43
N ALA S 64 31.51 12.58 -66.40
CA ALA S 64 31.57 11.81 -67.64
C ALA S 64 30.18 11.65 -68.25
N ALA S 65 29.18 11.35 -67.41
CA ALA S 65 27.80 11.27 -67.90
C ALA S 65 27.31 12.63 -68.41
N MET S 66 27.72 13.71 -67.74
CA MET S 66 27.34 15.04 -68.22
C MET S 66 27.93 15.33 -69.59
N GLN S 67 29.19 14.96 -69.80
CA GLN S 67 29.80 15.14 -71.13
C GLN S 67 29.12 14.27 -72.17
N MET S 68 28.76 13.04 -71.81
CA MET S 68 28.06 12.16 -72.74
C MET S 68 26.71 12.74 -73.14
N LEU S 69 25.95 13.25 -72.17
CA LEU S 69 24.65 13.82 -72.49
C LEU S 69 24.78 15.12 -73.26
N LYS S 70 25.83 15.91 -72.99
CA LYS S 70 26.08 17.09 -73.81
C LYS S 70 26.39 16.71 -75.25
N GLU S 71 27.19 15.65 -75.45
CA GLU S 71 27.48 15.20 -76.80
C GLU S 71 26.21 14.72 -77.52
N THR S 72 25.36 13.97 -76.80
CA THR S 72 24.11 13.52 -77.41
C THR S 72 23.19 14.70 -77.72
N ILE S 73 23.17 15.71 -76.85
CA ILE S 73 22.38 16.91 -77.12
C ILE S 73 22.89 17.61 -78.37
N ASN S 74 24.22 17.70 -78.52
CA ASN S 74 24.80 18.34 -79.70
C ASN S 74 24.43 17.59 -80.97
N GLU S 75 24.55 16.25 -80.94
CA GLU S 75 24.24 15.48 -82.14
C GLU S 75 22.74 15.54 -82.45
N GLU S 76 21.89 15.54 -81.43
CA GLU S 76 20.45 15.68 -81.65
C GLU S 76 20.12 17.06 -82.22
N ALA S 77 20.80 18.10 -81.75
CA ALA S 77 20.59 19.44 -82.28
C ALA S 77 21.00 19.51 -83.74
N ALA S 78 22.14 18.89 -84.08
CA ALA S 78 22.56 18.87 -85.48
C ALA S 78 21.56 18.13 -86.35
N GLU S 79 21.05 16.99 -85.86
CA GLU S 79 20.05 16.24 -86.61
C GLU S 79 18.76 17.05 -86.77
N TRP S 80 18.34 17.75 -85.72
CA TRP S 80 17.15 18.59 -85.80
C TRP S 80 17.33 19.72 -86.81
N ASP S 81 18.50 20.35 -86.81
CA ASP S 81 18.77 21.38 -87.80
C ASP S 81 18.77 20.81 -89.22
N ARG S 82 19.31 19.61 -89.40
CA ARG S 82 19.33 19.01 -90.72
C ARG S 82 17.91 18.69 -91.21
N LEU S 83 17.08 18.13 -90.33
CA LEU S 83 15.75 17.70 -90.77
C LEU S 83 14.82 18.89 -91.00
N HIS S 84 14.90 19.93 -90.13
CA HIS S 84 13.96 21.01 -90.39
C HIS S 84 14.60 22.09 -91.26
N PRO S 85 13.81 22.78 -92.08
CA PRO S 85 14.37 23.83 -92.93
C PRO S 85 14.91 24.98 -92.10
N VAL S 86 16.16 25.38 -92.40
CA VAL S 86 16.78 26.46 -91.65
C VAL S 86 16.06 27.78 -91.94
N HIS S 87 16.05 28.66 -90.96
CA HIS S 87 15.38 29.95 -91.06
C HIS S 87 16.37 31.08 -90.80
N ALA S 88 16.16 32.19 -91.50
CA ALA S 88 17.01 33.36 -91.36
C ALA S 88 16.26 34.57 -91.91
N GLY S 89 16.92 35.73 -91.92
CA GLY S 89 16.33 36.94 -92.41
C GLY S 89 15.48 37.64 -91.39
N PRO S 90 15.06 38.87 -91.70
CA PRO S 90 14.22 39.61 -90.75
C PRO S 90 12.86 38.96 -90.58
N ILE S 91 12.30 39.11 -89.38
CA ILE S 91 10.98 38.57 -89.04
C ILE S 91 10.10 39.72 -88.57
N ALA S 92 8.80 39.57 -88.79
CA ALA S 92 7.84 40.59 -88.39
C ALA S 92 7.82 40.72 -86.87
N PRO S 93 7.53 41.92 -86.35
CA PRO S 93 7.49 42.11 -84.89
C PRO S 93 6.42 41.23 -84.25
N GLY S 94 6.73 40.74 -83.05
CA GLY S 94 5.88 39.78 -82.37
C GLY S 94 6.10 38.34 -82.77
N GLN S 95 6.95 38.07 -83.75
CA GLN S 95 7.26 36.73 -84.20
C GLN S 95 8.75 36.61 -84.46
N MET S 96 9.26 35.39 -84.38
CA MET S 96 10.65 35.13 -84.69
C MET S 96 10.81 33.68 -85.15
N ARG S 97 11.93 33.40 -85.80
CA ARG S 97 12.18 32.10 -86.40
C ARG S 97 12.34 31.02 -85.32
N GLU S 98 12.27 29.77 -85.77
CA GLU S 98 12.39 28.64 -84.86
C GLU S 98 13.79 28.60 -84.24
N PRO S 99 13.91 28.10 -83.02
CA PRO S 99 15.22 28.05 -82.37
C PRO S 99 16.20 27.18 -83.14
N ARG S 100 17.47 27.60 -83.14
CA ARG S 100 18.52 26.82 -83.77
C ARG S 100 18.88 25.61 -82.92
N GLY S 101 19.84 24.82 -83.41
CA GLY S 101 20.35 23.72 -82.62
C GLY S 101 21.05 24.17 -81.36
N SER S 102 21.73 25.32 -81.41
CA SER S 102 22.32 25.90 -80.21
C SER S 102 21.28 26.60 -79.33
N ASP S 103 20.18 27.08 -79.91
CA ASP S 103 19.17 27.78 -79.12
C ASP S 103 18.35 26.82 -78.27
N ILE S 104 18.02 25.64 -78.80
CA ILE S 104 17.27 24.66 -78.02
C ILE S 104 18.12 24.17 -76.85
N ALA S 105 19.43 24.05 -77.04
CA ALA S 105 20.32 23.69 -75.95
C ALA S 105 20.47 24.82 -74.94
N GLY S 106 20.08 26.04 -75.29
CA GLY S 106 20.14 27.16 -74.38
C GLY S 106 21.51 27.79 -74.20
N THR S 107 22.51 27.36 -74.97
CA THR S 107 23.85 27.90 -74.84
C THR S 107 24.01 29.27 -75.47
N THR S 108 23.11 29.68 -76.36
CA THR S 108 23.20 30.99 -76.98
C THR S 108 21.89 31.76 -76.83
N SER S 109 20.77 31.05 -76.78
CA SER S 109 19.48 31.70 -76.63
C SER S 109 19.33 32.28 -75.23
N THR S 110 18.70 33.44 -75.14
CA THR S 110 18.47 34.10 -73.86
C THR S 110 17.08 33.75 -73.33
N LEU S 111 16.81 34.20 -72.10
CA LEU S 111 15.52 33.95 -71.48
C LEU S 111 14.39 34.62 -72.25
N GLN S 112 14.63 35.84 -72.75
CA GLN S 112 13.59 36.56 -73.47
C GLN S 112 13.19 35.83 -74.74
N GLU S 113 14.17 35.25 -75.45
CA GLU S 113 13.85 34.48 -76.65
C GLU S 113 12.99 33.26 -76.31
N GLN S 114 13.31 32.57 -75.22
CA GLN S 114 12.50 31.42 -74.81
C GLN S 114 11.08 31.85 -74.43
N ILE S 115 10.96 32.97 -73.72
CA ILE S 115 9.62 33.47 -73.34
C ILE S 115 8.82 33.83 -74.58
N GLY S 116 9.45 34.51 -75.54
CA GLY S 116 8.74 34.84 -76.77
C GLY S 116 8.35 33.62 -77.58
N TRP S 117 9.22 32.60 -77.60
CA TRP S 117 8.90 31.36 -78.30
C TRP S 117 7.73 30.65 -77.65
N MET S 118 7.69 30.59 -76.32
CA MET S 118 6.61 29.88 -75.65
C MET S 118 5.30 30.67 -75.69
N THR S 119 5.38 32.01 -75.79
CA THR S 119 4.19 32.83 -75.90
C THR S 119 3.78 33.08 -77.35
N HIS S 120 4.52 32.54 -78.31
CA HIS S 120 4.21 32.74 -79.71
C HIS S 120 2.90 32.05 -80.08
N ASN S 121 2.29 32.51 -81.17
CA ASN S 121 1.05 31.94 -81.67
C ASN S 121 1.26 31.43 -83.09
N PRO S 122 1.31 30.10 -83.30
CA PRO S 122 1.18 29.01 -82.32
C PRO S 122 2.46 28.81 -81.51
N PRO S 123 2.34 28.33 -80.27
CA PRO S 123 3.54 28.11 -79.45
C PRO S 123 4.43 27.03 -80.02
N ILE S 124 5.74 27.19 -79.79
CA ILE S 124 6.74 26.23 -80.22
C ILE S 124 7.22 25.47 -78.98
N PRO S 125 6.97 24.16 -78.87
CA PRO S 125 7.42 23.40 -77.69
C PRO S 125 8.89 22.99 -77.77
N VAL S 126 9.76 24.00 -77.87
CA VAL S 126 11.20 23.75 -77.90
C VAL S 126 11.66 23.16 -76.58
N GLY S 127 11.11 23.66 -75.47
CA GLY S 127 11.46 23.10 -74.17
C GLY S 127 11.10 21.63 -74.05
N GLU S 128 9.95 21.24 -74.61
CA GLU S 128 9.56 19.83 -74.58
C GLU S 128 10.52 18.97 -75.40
N ILE S 129 10.98 19.47 -76.55
CA ILE S 129 11.92 18.72 -77.37
C ILE S 129 13.25 18.57 -76.63
N TYR S 130 13.72 19.64 -75.99
CA TYR S 130 14.94 19.53 -75.20
C TYR S 130 14.76 18.57 -74.04
N LYS S 131 13.59 18.59 -73.40
CA LYS S 131 13.32 17.68 -72.28
C LYS S 131 13.33 16.22 -72.75
N ARG S 132 12.74 15.94 -73.92
CA ARG S 132 12.74 14.57 -74.40
C ARG S 132 14.13 14.14 -74.86
N TRP S 133 14.94 15.07 -75.37
CA TRP S 133 16.34 14.74 -75.65
C TRP S 133 17.08 14.38 -74.36
N ILE S 134 16.83 15.14 -73.29
CA ILE S 134 17.43 14.83 -72.00
C ILE S 134 16.93 13.47 -71.49
N ILE S 135 15.67 13.16 -71.76
CA ILE S 135 15.11 11.87 -71.35
C ILE S 135 15.82 10.73 -72.07
N LEU S 136 16.06 10.90 -73.37
CA LEU S 136 16.80 9.90 -74.12
C LEU S 136 18.23 9.74 -73.58
N GLY S 137 18.88 10.86 -73.27
CA GLY S 137 20.21 10.79 -72.68
C GLY S 137 20.20 10.07 -71.34
N LEU S 138 19.19 10.34 -70.51
CA LEU S 138 19.07 9.65 -69.23
C LEU S 138 18.86 8.16 -69.43
N ASN S 139 18.04 7.78 -70.41
CA ASN S 139 17.82 6.36 -70.69
C ASN S 139 19.13 5.69 -71.10
N LYS S 140 19.90 6.34 -71.98
CA LYS S 140 21.13 5.70 -72.45
C LYS S 140 22.19 5.63 -71.35
N ILE S 141 22.25 6.65 -70.48
CA ILE S 141 23.22 6.59 -69.38
C ILE S 141 22.78 5.66 -68.26
N VAL S 142 21.48 5.42 -68.11
CA VAL S 142 21.03 4.38 -67.18
C VAL S 142 21.36 3.00 -67.74
N ARG S 143 21.20 2.82 -69.05
CA ARG S 143 21.67 1.59 -69.67
C ARG S 143 23.17 1.41 -69.47
N MET S 144 23.93 2.52 -69.56
CA MET S 144 25.36 2.46 -69.30
C MET S 144 25.68 2.03 -67.88
N TYR S 145 24.90 2.53 -66.91
CA TYR S 145 25.15 2.28 -65.49
C TYR S 145 24.44 1.02 -64.98
N SER S 146 24.11 0.08 -65.86
CA SER S 146 23.54 -1.19 -65.42
C SER S 146 24.57 -2.29 -65.59
N PRO S 147 25.16 -2.78 -64.49
CA PRO S 147 26.23 -3.79 -64.60
C PRO S 147 25.71 -5.16 -65.01
N THR S 148 24.62 -5.60 -64.39
CA THR S 148 24.11 -6.94 -64.65
C THR S 148 23.31 -6.97 -65.95
N SER S 149 23.21 -8.17 -66.52
CA SER S 149 22.46 -8.40 -67.75
C SER S 149 21.08 -8.98 -67.39
N ILE S 150 20.29 -9.29 -68.42
CA ILE S 150 18.95 -9.83 -68.22
C ILE S 150 18.99 -11.34 -68.33
N LEU S 151 19.96 -11.87 -69.08
CA LEU S 151 20.07 -13.30 -69.34
C LEU S 151 21.03 -14.01 -68.39
N ASP S 152 21.29 -13.43 -67.22
CA ASP S 152 22.18 -14.05 -66.25
C ASP S 152 21.59 -14.19 -64.85
N ILE S 153 20.37 -13.72 -64.61
CA ILE S 153 19.77 -13.81 -63.29
C ILE S 153 19.31 -15.25 -63.07
N ARG S 154 19.80 -15.86 -61.98
CA ARG S 154 19.46 -17.23 -61.63
C ARG S 154 18.81 -17.26 -60.24
N GLN S 155 17.91 -18.21 -60.06
CA GLN S 155 17.24 -18.39 -58.77
C GLN S 155 17.90 -19.52 -58.00
N GLY S 156 18.37 -19.22 -56.80
CA GLY S 156 18.97 -20.21 -55.94
C GLY S 156 17.96 -21.23 -55.46
N PRO S 157 18.44 -22.44 -55.11
CA PRO S 157 17.51 -23.46 -54.60
C PRO S 157 16.74 -23.03 -53.37
N LYS S 158 17.37 -22.27 -52.47
CA LYS S 158 16.71 -21.76 -51.28
C LYS S 158 16.28 -20.30 -51.44
N GLU S 159 16.53 -19.70 -52.60
CA GLU S 159 16.15 -18.31 -52.83
C GLU S 159 14.65 -18.22 -53.12
N PRO S 160 13.90 -17.38 -52.41
CA PRO S 160 12.48 -17.24 -52.70
C PRO S 160 12.25 -16.61 -54.07
N PHE S 161 11.05 -16.84 -54.60
CA PHE S 161 10.69 -16.26 -55.89
C PHE S 161 10.48 -14.75 -55.81
N ARG S 162 10.25 -14.22 -54.62
CA ARG S 162 9.94 -12.79 -54.47
C ARG S 162 11.07 -11.93 -54.98
N ASP S 163 12.25 -12.02 -54.34
CA ASP S 163 13.38 -11.21 -54.77
C ASP S 163 13.85 -11.58 -56.16
N TYR S 164 13.63 -12.83 -56.59
CA TYR S 164 14.00 -13.23 -57.94
C TYR S 164 13.21 -12.43 -58.98
N VAL S 165 11.88 -12.43 -58.85
CA VAL S 165 11.07 -11.66 -59.79
C VAL S 165 11.29 -10.16 -59.61
N ASP S 166 11.60 -9.74 -58.38
CA ASP S 166 11.92 -8.33 -58.16
C ASP S 166 13.12 -7.90 -58.98
N ARG S 167 14.23 -8.64 -58.88
CA ARG S 167 15.42 -8.30 -59.64
C ARG S 167 15.22 -8.50 -61.13
N PHE S 168 14.40 -9.49 -61.51
CA PHE S 168 14.06 -9.66 -62.92
C PHE S 168 13.40 -8.40 -63.48
N TYR S 169 12.46 -7.83 -62.72
CA TYR S 169 11.80 -6.60 -63.18
C TYR S 169 12.73 -5.39 -63.10
N LYS S 170 13.64 -5.36 -62.12
CA LYS S 170 14.64 -4.30 -62.09
C LYS S 170 15.45 -4.29 -63.37
N THR S 171 15.94 -5.46 -63.78
CA THR S 171 16.73 -5.55 -65.00
C THR S 171 15.88 -5.32 -66.25
N LEU S 172 14.61 -5.74 -66.23
CA LEU S 172 13.73 -5.49 -67.36
C LEU S 172 13.53 -4.00 -67.58
N ARG S 173 13.32 -3.24 -66.50
CA ARG S 173 13.18 -1.80 -66.64
C ARG S 173 14.52 -1.14 -66.97
N ALA S 174 15.62 -1.72 -66.48
CA ALA S 174 16.94 -1.18 -66.79
C ALA S 174 17.36 -1.43 -68.23
N GLU S 175 16.72 -2.38 -68.91
CA GLU S 175 17.01 -2.68 -70.30
C GLU S 175 16.02 -1.98 -71.22
N GLN S 176 16.54 -1.32 -72.25
CA GLN S 176 15.73 -0.56 -73.19
C GLN S 176 15.62 -1.33 -74.50
N ALA S 177 14.39 -1.63 -74.90
CA ALA S 177 14.13 -2.37 -76.14
C ALA S 177 12.67 -2.16 -76.51
N SER S 178 12.20 -2.90 -77.50
CA SER S 178 10.82 -2.80 -77.94
C SER S 178 9.89 -3.45 -76.91
N GLN S 179 8.60 -3.12 -77.01
CA GLN S 179 7.63 -3.64 -76.05
C GLN S 179 7.39 -5.13 -76.28
N GLU S 180 7.37 -5.58 -77.54
CA GLU S 180 7.07 -6.98 -77.83
C GLU S 180 8.14 -7.91 -77.25
N VAL S 181 9.42 -7.56 -77.43
CA VAL S 181 10.47 -8.41 -76.87
C VAL S 181 10.43 -8.38 -75.35
N LYS S 182 10.06 -7.25 -74.75
CA LYS S 182 9.90 -7.18 -73.30
C LYS S 182 8.80 -8.11 -72.83
N ASN S 183 7.67 -8.14 -73.53
CA ASN S 183 6.60 -9.06 -73.17
C ASN S 183 7.04 -10.51 -73.33
N TRP S 184 7.76 -10.81 -74.43
CA TRP S 184 8.22 -12.17 -74.66
C TRP S 184 9.18 -12.63 -73.55
N MET S 185 10.13 -11.77 -73.17
CA MET S 185 11.07 -12.14 -72.13
C MET S 185 10.39 -12.26 -70.77
N THR S 186 9.52 -11.30 -70.42
CA THR S 186 8.83 -11.39 -69.14
C THR S 186 7.81 -12.53 -69.10
N GLU S 187 7.48 -13.12 -70.24
CA GLU S 187 6.64 -14.30 -70.26
C GLU S 187 7.40 -15.61 -70.28
N THR S 188 8.63 -15.63 -70.81
CA THR S 188 9.38 -16.87 -70.97
C THR S 188 10.53 -17.03 -69.98
N LEU S 189 11.36 -16.00 -69.81
CA LEU S 189 12.59 -16.16 -69.03
C LEU S 189 12.30 -16.42 -67.57
N LEU S 190 11.23 -15.84 -67.03
CA LEU S 190 10.94 -15.99 -65.60
C LEU S 190 10.66 -17.45 -65.24
N VAL S 191 9.97 -18.17 -66.13
CA VAL S 191 9.69 -19.58 -65.86
C VAL S 191 10.86 -20.46 -66.33
N GLN S 192 11.53 -20.05 -67.41
CA GLN S 192 12.63 -20.85 -67.94
C GLN S 192 13.88 -20.79 -67.06
N ASN S 193 13.94 -19.84 -66.13
CA ASN S 193 15.13 -19.63 -65.31
C ASN S 193 14.80 -19.68 -63.82
N ALA S 194 14.03 -20.67 -63.41
CA ALA S 194 13.62 -20.83 -62.02
C ALA S 194 14.06 -22.20 -61.50
N ASN S 195 13.78 -22.43 -60.22
CA ASN S 195 14.07 -23.72 -59.61
C ASN S 195 13.20 -24.81 -60.25
N PRO S 196 13.67 -26.06 -60.27
CA PRO S 196 12.90 -27.12 -60.95
C PRO S 196 11.49 -27.31 -60.40
N ASP S 197 11.32 -27.18 -59.09
CA ASP S 197 9.99 -27.37 -58.49
C ASP S 197 9.00 -26.31 -58.99
N CYS S 198 9.38 -25.03 -58.88
CA CYS S 198 8.51 -23.99 -59.38
C CYS S 198 8.40 -24.03 -60.90
N LYS S 199 9.45 -24.49 -61.59
CA LYS S 199 9.39 -24.61 -63.04
C LYS S 199 8.31 -25.62 -63.44
N THR S 200 8.29 -26.79 -62.79
CA THR S 200 7.25 -27.77 -63.07
C THR S 200 5.88 -27.27 -62.63
N ILE S 201 5.81 -26.52 -61.53
CA ILE S 201 4.53 -25.96 -61.09
C ILE S 201 3.97 -25.02 -62.15
N LEU S 202 4.83 -24.14 -62.69
CA LEU S 202 4.37 -23.19 -63.70
C LEU S 202 4.03 -23.90 -65.01
N LYS S 203 4.78 -24.95 -65.36
CA LYS S 203 4.42 -25.74 -66.54
C LYS S 203 3.06 -26.40 -66.37
N ALA S 204 2.75 -26.89 -65.16
CA ALA S 204 1.43 -27.42 -64.88
C ALA S 204 0.37 -26.32 -64.97
N LEU S 205 0.71 -25.10 -64.52
CA LEU S 205 -0.22 -23.99 -64.62
C LEU S 205 -0.56 -23.64 -66.06
N GLY S 206 0.31 -23.95 -67.00
CA GLY S 206 0.06 -23.70 -68.41
C GLY S 206 0.59 -22.37 -68.88
N PRO S 207 0.88 -22.27 -70.18
CA PRO S 207 1.37 -21.01 -70.74
C PRO S 207 0.31 -19.93 -70.71
N GLY S 208 0.77 -18.69 -70.61
CA GLY S 208 -0.12 -17.55 -70.59
C GLY S 208 -0.83 -17.30 -69.28
N ALA S 209 -0.47 -18.00 -68.22
CA ALA S 209 -1.09 -17.79 -66.92
C ALA S 209 -0.71 -16.42 -66.37
N THR S 210 -1.65 -15.79 -65.67
CA THR S 210 -1.41 -14.49 -65.08
C THR S 210 -0.36 -14.60 -63.97
N LEU S 211 0.32 -13.47 -63.73
CA LEU S 211 1.40 -13.45 -62.75
C LEU S 211 0.92 -13.71 -61.34
N GLU S 212 -0.29 -13.29 -60.99
CA GLU S 212 -0.79 -13.46 -59.62
C GLU S 212 -0.91 -14.92 -59.24
N GLU S 213 -1.62 -15.71 -60.07
CA GLU S 213 -1.72 -17.14 -59.79
C GLU S 213 -0.38 -17.83 -59.94
N MET S 214 0.45 -17.35 -60.86
CA MET S 214 1.79 -17.91 -61.02
C MET S 214 2.59 -17.83 -59.73
N MET S 215 2.65 -16.64 -59.13
CA MET S 215 3.46 -16.46 -57.93
C MET S 215 2.77 -16.95 -56.67
N THR S 216 1.43 -17.12 -56.69
CA THR S 216 0.78 -17.77 -55.57
C THR S 216 0.85 -19.29 -55.68
N ALA S 217 1.22 -19.82 -56.84
CA ALA S 217 1.46 -21.25 -56.97
C ALA S 217 2.92 -21.59 -56.71
N CYS S 218 3.85 -20.73 -57.13
CA CYS S 218 5.25 -20.99 -56.85
C CYS S 218 5.62 -20.74 -55.39
N GLN S 219 4.88 -19.89 -54.69
CA GLN S 219 5.19 -19.60 -53.30
C GLN S 219 5.07 -20.85 -52.43
N GLY S 220 5.94 -20.96 -51.44
CA GLY S 220 5.95 -22.10 -50.56
C GLY S 220 7.11 -23.04 -50.82
N PRO T 1 12.44 39.87 -52.92
CA PRO T 1 13.23 40.58 -53.93
C PRO T 1 12.37 41.31 -54.95
N ILE T 2 12.97 41.69 -56.07
CA ILE T 2 12.24 42.36 -57.14
C ILE T 2 11.30 41.35 -57.79
N VAL T 3 9.99 41.60 -57.67
CA VAL T 3 8.98 40.72 -58.24
C VAL T 3 7.99 41.56 -59.04
N GLN T 4 7.13 40.87 -59.78
CA GLN T 4 6.10 41.51 -60.58
C GLN T 4 4.72 41.13 -60.05
N ASN T 5 3.86 42.11 -59.88
CA ASN T 5 2.50 41.86 -59.44
C ASN T 5 1.73 41.10 -60.52
N LEU T 6 0.75 40.31 -60.08
CA LEU T 6 -0.06 39.54 -61.02
C LEU T 6 -0.80 40.45 -61.97
N GLN T 7 -0.39 40.46 -63.24
CA GLN T 7 -0.95 41.35 -64.27
C GLN T 7 -0.87 42.80 -63.81
N GLY T 8 0.25 43.18 -63.21
CA GLY T 8 0.42 44.52 -62.69
C GLY T 8 1.83 45.07 -62.87
N GLN T 9 2.23 45.98 -62.00
CA GLN T 9 3.53 46.63 -62.09
C GLN T 9 4.53 45.96 -61.16
N MET T 10 5.81 46.29 -61.37
CA MET T 10 6.90 45.69 -60.62
C MET T 10 6.98 46.30 -59.22
N VAL T 11 7.23 45.45 -58.22
CA VAL T 11 7.37 45.88 -56.84
C VAL T 11 8.61 45.22 -56.25
N HIS T 12 9.03 45.71 -55.09
CA HIS T 12 10.19 45.20 -54.37
C HIS T 12 9.76 44.60 -53.04
N GLN T 13 10.38 43.48 -52.70
CA GLN T 13 10.05 42.75 -51.48
C GLN T 13 11.33 42.40 -50.74
N ALA T 14 11.18 42.02 -49.47
CA ALA T 14 12.32 41.65 -48.66
C ALA T 14 12.87 40.29 -49.11
N ILE T 15 14.14 40.06 -48.81
CA ILE T 15 14.81 38.83 -49.19
C ILE T 15 14.36 37.71 -48.25
N SER T 16 14.03 36.56 -48.83
CA SER T 16 13.60 35.42 -48.03
C SER T 16 14.77 34.88 -47.21
N PRO T 17 14.61 34.73 -45.89
CA PRO T 17 15.72 34.17 -45.09
C PRO T 17 16.12 32.76 -45.51
N ARG T 18 15.17 31.97 -45.99
CA ARG T 18 15.47 30.59 -46.38
C ARG T 18 16.50 30.54 -47.51
N THR T 19 16.33 31.39 -48.52
CA THR T 19 17.26 31.39 -49.65
C THR T 19 18.67 31.79 -49.21
N LEU T 20 18.78 32.81 -48.36
CA LEU T 20 20.09 33.24 -47.87
C LEU T 20 20.74 32.16 -47.02
N ASN T 21 19.95 31.51 -46.16
CA ASN T 21 20.49 30.44 -45.33
C ASN T 21 20.98 29.27 -46.20
N ALA T 22 20.19 28.88 -47.20
CA ALA T 22 20.61 27.81 -48.09
C ALA T 22 21.87 28.19 -48.85
N TRP T 23 21.95 29.44 -49.31
CA TRP T 23 23.14 29.87 -50.05
C TRP T 23 24.39 29.83 -49.18
N VAL T 24 24.30 30.38 -47.96
CA VAL T 24 25.48 30.42 -47.10
C VAL T 24 25.87 29.00 -46.68
N LYS T 25 24.88 28.14 -46.41
CA LYS T 25 25.20 26.77 -46.04
C LYS T 25 25.89 26.03 -47.19
N VAL T 26 25.35 26.14 -48.40
CA VAL T 26 25.93 25.41 -49.52
C VAL T 26 27.30 25.96 -49.89
N VAL T 27 27.52 27.26 -49.69
CA VAL T 27 28.85 27.83 -49.93
C VAL T 27 29.85 27.31 -48.91
N GLU T 28 29.47 27.29 -47.64
CA GLU T 28 30.43 26.98 -46.59
C GLU T 28 30.72 25.49 -46.51
N GLU T 29 29.70 24.65 -46.70
CA GLU T 29 29.79 23.26 -46.25
C GLU T 29 30.77 22.43 -47.08
N LYS T 30 30.68 22.49 -48.41
CA LYS T 30 31.40 21.49 -49.21
C LYS T 30 32.79 21.98 -49.64
N ALA T 31 32.83 23.04 -50.43
CA ALA T 31 34.07 23.51 -51.04
C ALA T 31 33.76 24.72 -51.92
N PHE T 32 34.80 25.28 -52.52
CA PHE T 32 34.65 26.29 -53.57
C PHE T 32 34.79 25.61 -54.94
N SER T 33 33.88 24.69 -55.20
CA SER T 33 33.83 23.92 -56.44
C SER T 33 33.13 24.73 -57.53
N PRO T 34 33.32 24.36 -58.80
CA PRO T 34 32.72 25.18 -59.88
C PRO T 34 31.21 25.28 -59.83
N GLU T 35 30.53 24.34 -59.16
CA GLU T 35 29.07 24.37 -59.12
C GLU T 35 28.52 25.57 -58.36
N VAL T 36 29.37 26.38 -57.74
CA VAL T 36 28.91 27.63 -57.15
C VAL T 36 28.49 28.61 -58.24
N ILE T 37 29.10 28.52 -59.42
CA ILE T 37 28.74 29.42 -60.52
C ILE T 37 27.28 29.26 -60.93
N PRO T 38 26.76 28.05 -61.19
CA PRO T 38 25.32 27.93 -61.49
C PRO T 38 24.45 28.23 -60.28
N MET T 39 24.81 27.66 -59.12
CA MET T 39 23.99 27.82 -57.93
C MET T 39 23.71 29.29 -57.64
N PHE T 40 24.76 30.12 -57.66
CA PHE T 40 24.57 31.56 -57.44
C PHE T 40 23.63 32.15 -58.48
N SER T 41 23.83 31.80 -59.75
CA SER T 41 22.96 32.32 -60.80
C SER T 41 21.55 31.76 -60.70
N ALA T 42 21.34 30.73 -59.88
CA ALA T 42 20.01 30.20 -59.62
C ALA T 42 19.35 30.87 -58.43
N LEU T 43 20.06 31.74 -57.72
CA LEU T 43 19.50 32.42 -56.55
C LEU T 43 19.47 33.93 -56.71
N SER T 44 19.68 34.43 -57.93
CA SER T 44 19.67 35.88 -58.18
C SER T 44 18.92 36.22 -59.46
N GLU T 45 17.73 35.63 -59.65
CA GLU T 45 16.90 35.92 -60.82
C GLU T 45 16.10 37.18 -60.55
N GLY T 46 16.81 38.31 -60.50
CA GLY T 46 16.18 39.59 -60.27
C GLY T 46 16.34 40.10 -58.85
N ALA T 47 17.28 41.01 -58.65
CA ALA T 47 17.54 41.58 -57.32
C ALA T 47 18.34 42.86 -57.49
N THR T 48 18.24 43.73 -56.49
CA THR T 48 18.99 44.98 -56.49
C THR T 48 20.46 44.70 -56.17
N PRO T 49 21.37 45.59 -56.58
CA PRO T 49 22.78 45.41 -56.19
C PRO T 49 22.99 45.40 -54.69
N GLN T 50 22.16 46.13 -53.93
CA GLN T 50 22.24 46.04 -52.48
C GLN T 50 21.91 44.64 -51.98
N ASP T 51 20.90 44.00 -52.58
CA ASP T 51 20.58 42.62 -52.22
C ASP T 51 21.74 41.69 -52.56
N LEU T 52 22.39 41.91 -53.71
CA LEU T 52 23.54 41.09 -54.08
C LEU T 52 24.67 41.27 -53.08
N ASN T 53 24.93 42.50 -52.66
CA ASN T 53 25.98 42.75 -51.67
C ASN T 53 25.65 42.09 -50.34
N THR T 54 24.38 42.17 -49.91
CA THR T 54 23.98 41.52 -48.67
C THR T 54 24.15 40.01 -48.76
N MET T 55 23.77 39.43 -49.90
CA MET T 55 23.95 37.99 -50.10
C MET T 55 25.42 37.62 -50.14
N LEU T 56 26.27 38.54 -50.60
CA LEU T 56 27.70 38.24 -50.77
C LEU T 56 28.44 38.31 -49.45
N ASN T 57 28.26 39.40 -48.70
CA ASN T 57 29.07 39.62 -47.50
C ASN T 57 28.69 38.72 -46.33
N THR T 58 27.58 37.98 -46.42
CA THR T 58 27.20 37.10 -45.32
C THR T 58 28.03 35.83 -45.24
N VAL T 59 28.90 35.57 -46.22
CA VAL T 59 29.70 34.36 -46.20
C VAL T 59 30.67 34.39 -45.02
N GLY T 60 30.81 33.24 -44.36
CA GLY T 60 31.71 33.10 -43.23
C GLY T 60 32.94 32.30 -43.63
N GLY T 61 34.11 32.88 -43.40
CA GLY T 61 35.37 32.25 -43.73
C GLY T 61 35.78 32.51 -45.17
N HIS T 62 37.03 32.13 -45.46
CA HIS T 62 37.60 32.26 -46.80
C HIS T 62 37.54 33.70 -47.32
N GLN T 63 37.93 34.65 -46.46
CA GLN T 63 37.85 36.06 -46.82
C GLN T 63 38.89 36.47 -47.85
N ALA T 64 39.86 35.61 -48.14
CA ALA T 64 40.84 35.92 -49.19
C ALA T 64 40.15 36.04 -50.55
N ALA T 65 39.31 35.05 -50.89
CA ALA T 65 38.57 35.13 -52.14
C ALA T 65 37.58 36.30 -52.13
N MET T 66 37.05 36.64 -50.95
CA MET T 66 36.16 37.79 -50.85
C MET T 66 36.91 39.09 -51.16
N GLN T 67 38.13 39.22 -50.66
CA GLN T 67 38.94 40.38 -51.01
C GLN T 67 39.30 40.38 -52.50
N MET T 68 39.60 39.21 -53.05
CA MET T 68 39.86 39.11 -54.48
C MET T 68 38.68 39.63 -55.29
N LEU T 69 37.47 39.17 -54.98
CA LEU T 69 36.30 39.58 -55.74
C LEU T 69 35.96 41.05 -55.48
N LYS T 70 36.22 41.55 -54.26
CA LYS T 70 36.00 42.97 -53.99
C LYS T 70 36.93 43.84 -54.82
N GLU T 71 38.21 43.45 -54.91
CA GLU T 71 39.16 44.20 -55.71
C GLU T 71 38.80 44.14 -57.19
N THR T 72 38.38 42.97 -57.68
CA THR T 72 37.97 42.88 -59.07
C THR T 72 36.73 43.72 -59.34
N ILE T 73 35.80 43.78 -58.39
CA ILE T 73 34.62 44.62 -58.54
C ILE T 73 35.03 46.09 -58.60
N ASN T 74 35.97 46.50 -57.74
CA ASN T 74 36.42 47.89 -57.75
C ASN T 74 37.09 48.24 -59.09
N GLU T 75 37.95 47.36 -59.59
CA GLU T 75 38.62 47.65 -60.85
C GLU T 75 37.64 47.62 -62.02
N GLU T 76 36.63 46.75 -61.98
CA GLU T 76 35.61 46.73 -63.01
C GLU T 76 34.77 48.01 -62.98
N ALA T 77 34.46 48.49 -61.78
CA ALA T 77 33.74 49.76 -61.67
C ALA T 77 34.58 50.91 -62.23
N ALA T 78 35.88 50.92 -61.92
CA ALA T 78 36.76 51.96 -62.44
C ALA T 78 36.84 51.90 -63.98
N GLU T 79 36.96 50.69 -64.53
CA GLU T 79 37.07 50.57 -65.98
C GLU T 79 35.75 50.93 -66.67
N TRP T 80 34.61 50.60 -66.04
CA TRP T 80 33.33 51.02 -66.58
C TRP T 80 33.19 52.54 -66.55
N ASP T 81 33.65 53.17 -65.46
CA ASP T 81 33.61 54.63 -65.38
C ASP T 81 34.48 55.28 -66.45
N ARG T 82 35.66 54.71 -66.70
CA ARG T 82 36.56 55.33 -67.68
C ARG T 82 36.10 55.08 -69.11
N LEU T 83 35.53 53.90 -69.39
CA LEU T 83 35.10 53.62 -70.76
C LEU T 83 33.82 54.37 -71.11
N HIS T 84 32.88 54.45 -70.17
CA HIS T 84 31.60 55.13 -70.37
C HIS T 84 31.37 56.08 -69.21
N PRO T 85 32.00 57.26 -69.24
CA PRO T 85 31.77 58.24 -68.17
C PRO T 85 30.32 58.71 -68.16
N VAL T 86 29.81 58.97 -66.96
CA VAL T 86 28.44 59.44 -66.81
C VAL T 86 28.35 60.87 -67.32
N HIS T 87 27.43 61.12 -68.25
CA HIS T 87 27.30 62.43 -68.87
C HIS T 87 26.83 63.45 -67.85
N ALA T 88 27.45 64.63 -67.88
CA ALA T 88 27.09 65.71 -66.97
C ALA T 88 25.94 66.52 -67.57
N GLY T 89 25.63 67.66 -66.97
CA GLY T 89 24.57 68.51 -67.45
C GLY T 89 23.29 68.35 -66.64
N PRO T 90 22.24 69.06 -67.04
CA PRO T 90 20.98 68.99 -66.32
C PRO T 90 20.36 67.60 -66.39
N ILE T 91 19.60 67.26 -65.35
CA ILE T 91 18.88 65.99 -65.27
C ILE T 91 17.40 66.29 -65.41
N ALA T 92 16.75 65.60 -66.35
CA ALA T 92 15.34 65.85 -66.61
C ALA T 92 14.48 65.43 -65.41
N PRO T 93 13.43 66.19 -65.09
CA PRO T 93 12.54 65.79 -63.99
C PRO T 93 11.88 64.46 -64.27
N GLY T 94 11.64 63.69 -63.21
CA GLY T 94 11.11 62.35 -63.33
C GLY T 94 12.13 61.26 -63.57
N GLN T 95 13.40 61.62 -63.74
CA GLN T 95 14.47 60.65 -63.94
C GLN T 95 15.61 60.97 -63.00
N MET T 96 16.70 60.23 -63.15
CA MET T 96 17.89 60.43 -62.33
C MET T 96 19.13 60.18 -63.17
N ARG T 97 20.28 60.62 -62.65
CA ARG T 97 21.53 60.50 -63.38
C ARG T 97 21.93 59.04 -63.52
N GLU T 98 22.80 58.78 -64.49
CA GLU T 98 23.27 57.42 -64.73
C GLU T 98 24.05 56.93 -63.52
N PRO T 99 23.86 55.67 -63.12
CA PRO T 99 24.58 55.15 -61.95
C PRO T 99 26.09 55.19 -62.17
N ARG T 100 26.82 55.50 -61.09
CA ARG T 100 28.27 55.58 -61.13
C ARG T 100 28.87 54.21 -60.83
N GLY T 101 30.21 54.17 -60.72
CA GLY T 101 30.87 52.94 -60.32
C GLY T 101 30.50 52.52 -58.90
N SER T 102 30.45 53.50 -57.99
CA SER T 102 30.01 53.20 -56.63
C SER T 102 28.54 52.78 -56.60
N ASP T 103 27.74 53.27 -57.54
CA ASP T 103 26.34 52.90 -57.58
C ASP T 103 26.15 51.45 -58.04
N ILE T 104 26.84 51.04 -59.10
CA ILE T 104 26.75 49.65 -59.55
C ILE T 104 27.39 48.72 -58.52
N ALA T 105 28.47 49.17 -57.88
CA ALA T 105 29.06 48.40 -56.79
C ALA T 105 28.16 48.34 -55.56
N GLY T 106 27.22 49.27 -55.44
CA GLY T 106 26.31 49.31 -54.30
C GLY T 106 26.89 49.89 -53.04
N THR T 107 28.08 50.48 -53.09
CA THR T 107 28.71 51.01 -51.88
C THR T 107 28.00 52.27 -51.39
N THR T 108 27.61 53.15 -52.30
CA THR T 108 27.04 54.44 -51.93
C THR T 108 25.57 54.59 -52.30
N SER T 109 25.14 54.03 -53.42
CA SER T 109 23.76 54.19 -53.86
C SER T 109 22.80 53.49 -52.89
N THR T 110 21.72 54.19 -52.56
CA THR T 110 20.72 53.65 -51.65
C THR T 110 19.76 52.74 -52.41
N LEU T 111 18.94 52.01 -51.65
CA LEU T 111 17.99 51.08 -52.25
C LEU T 111 16.94 51.80 -53.09
N GLN T 112 16.54 53.01 -52.69
CA GLN T 112 15.53 53.75 -53.43
C GLN T 112 16.01 54.09 -54.83
N GLU T 113 17.28 54.50 -54.97
CA GLU T 113 17.82 54.81 -56.29
C GLU T 113 17.84 53.56 -57.16
N GLN T 114 18.23 52.41 -56.59
CA GLN T 114 18.24 51.17 -57.36
C GLN T 114 16.83 50.78 -57.80
N ILE T 115 15.85 50.92 -56.92
CA ILE T 115 14.47 50.61 -57.27
C ILE T 115 13.98 51.53 -58.39
N GLY T 116 14.28 52.82 -58.28
CA GLY T 116 13.90 53.75 -59.33
C GLY T 116 14.56 53.43 -60.66
N TRP T 117 15.83 53.01 -60.62
CA TRP T 117 16.51 52.63 -61.85
C TRP T 117 15.88 51.39 -62.47
N MET T 118 15.51 50.41 -61.64
CA MET T 118 14.90 49.20 -62.16
C MET T 118 13.55 49.48 -62.82
N THR T 119 12.75 50.35 -62.21
CA THR T 119 11.43 50.70 -62.73
C THR T 119 11.49 51.82 -63.77
N HIS T 120 12.68 52.35 -64.05
CA HIS T 120 12.82 53.43 -65.01
C HIS T 120 12.49 52.95 -66.42
N ASN T 121 12.16 53.90 -67.29
CA ASN T 121 11.85 53.62 -68.70
C ASN T 121 12.88 54.32 -69.58
N PRO T 122 13.78 53.58 -70.23
CA PRO T 122 13.92 52.11 -70.24
C PRO T 122 14.58 51.58 -68.97
N PRO T 123 14.29 50.34 -68.60
CA PRO T 123 14.90 49.76 -67.39
C PRO T 123 16.41 49.64 -67.53
N ILE T 124 17.07 49.80 -66.40
CA ILE T 124 18.53 49.68 -66.30
C ILE T 124 18.83 48.41 -65.51
N PRO T 125 19.32 47.34 -66.15
CA PRO T 125 19.69 46.14 -65.40
C PRO T 125 21.08 46.25 -64.80
N VAL T 126 21.36 47.40 -64.18
CA VAL T 126 22.70 47.70 -63.69
C VAL T 126 23.16 46.62 -62.71
N GLY T 127 22.31 46.29 -61.73
CA GLY T 127 22.65 45.25 -60.79
C GLY T 127 22.97 43.93 -61.46
N GLU T 128 22.19 43.59 -62.50
CA GLU T 128 22.47 42.37 -63.25
C GLU T 128 23.87 42.41 -63.84
N ILE T 129 24.26 43.56 -64.40
CA ILE T 129 25.63 43.70 -64.89
C ILE T 129 26.62 43.45 -63.75
N TYR T 130 26.32 44.03 -62.58
CA TYR T 130 27.15 43.78 -61.40
C TYR T 130 27.29 42.29 -61.16
N LYS T 131 26.19 41.54 -61.24
CA LYS T 131 26.24 40.10 -61.07
C LYS T 131 27.26 39.48 -62.02
N ARG T 132 27.21 39.85 -63.30
CA ARG T 132 28.14 39.26 -64.26
C ARG T 132 29.58 39.58 -63.86
N TRP T 133 29.82 40.78 -63.34
CA TRP T 133 31.14 41.12 -62.86
C TRP T 133 31.58 40.12 -61.80
N ILE T 134 30.71 39.86 -60.83
CA ILE T 134 31.02 38.88 -59.79
C ILE T 134 31.35 37.54 -60.43
N ILE T 135 30.59 37.16 -61.46
CA ILE T 135 30.82 35.88 -62.13
C ILE T 135 32.27 35.80 -62.60
N LEU T 136 32.75 36.88 -63.22
CA LEU T 136 34.14 36.91 -63.67
C LEU T 136 35.08 36.58 -62.53
N GLY T 137 34.92 37.28 -61.40
CA GLY T 137 35.76 36.99 -60.25
C GLY T 137 35.65 35.56 -59.81
N LEU T 138 34.43 35.02 -59.81
CA LEU T 138 34.23 33.63 -59.41
C LEU T 138 35.05 32.68 -60.25
N ASN T 139 35.17 32.98 -61.56
CA ASN T 139 36.01 32.16 -62.41
C ASN T 139 37.43 32.09 -61.86
N LYS T 140 38.02 33.27 -61.59
CA LYS T 140 39.35 33.30 -61.00
C LYS T 140 39.38 32.58 -59.66
N ILE T 141 38.27 32.64 -58.91
CA ILE T 141 38.20 31.94 -57.63
C ILE T 141 38.40 30.45 -57.84
N VAL T 142 37.80 29.89 -58.89
CA VAL T 142 38.00 28.48 -59.16
C VAL T 142 39.44 28.21 -59.52
N ARG T 143 40.10 29.13 -60.23
CA ARG T 143 41.52 28.97 -60.51
C ARG T 143 42.34 28.98 -59.23
N MET T 144 41.81 29.62 -58.17
CA MET T 144 42.41 29.56 -56.85
C MET T 144 42.42 28.13 -56.32
N TYR T 145 41.32 27.40 -56.52
CA TYR T 145 41.14 26.12 -55.83
C TYR T 145 41.42 24.90 -56.71
N SER T 146 42.01 25.09 -57.88
CA SER T 146 42.44 23.92 -58.66
C SER T 146 43.71 23.34 -58.03
N PRO T 147 43.67 22.11 -57.52
CA PRO T 147 44.84 21.55 -56.84
C PRO T 147 45.91 21.04 -57.79
N THR T 148 45.57 20.76 -59.05
CA THR T 148 46.52 20.21 -60.01
C THR T 148 46.38 20.99 -61.31
N SER T 149 47.06 20.50 -62.36
CA SER T 149 47.00 21.10 -63.68
C SER T 149 46.18 20.18 -64.60
N ILE T 150 46.17 20.52 -65.90
CA ILE T 150 45.44 19.74 -66.89
C ILE T 150 46.29 18.61 -67.48
N LEU T 151 47.54 18.45 -67.03
CA LEU T 151 48.43 17.44 -67.58
C LEU T 151 48.92 16.43 -66.56
N ASP T 152 48.93 16.75 -65.28
CA ASP T 152 49.48 15.87 -64.25
C ASP T 152 48.48 14.83 -63.76
N ILE T 153 47.44 14.53 -64.53
CA ILE T 153 46.48 13.50 -64.17
C ILE T 153 46.96 12.17 -64.74
N ARG T 154 47.05 11.16 -63.88
CA ARG T 154 47.50 9.84 -64.30
C ARG T 154 46.64 8.77 -63.63
N GLN T 155 46.41 7.69 -64.35
CA GLN T 155 45.60 6.58 -63.85
C GLN T 155 46.50 5.58 -63.15
N GLY T 156 46.10 5.18 -61.94
CA GLY T 156 46.87 4.25 -61.14
C GLY T 156 46.81 2.84 -61.68
N PRO T 157 47.79 2.02 -61.28
CA PRO T 157 47.78 0.61 -61.74
C PRO T 157 46.56 -0.16 -61.29
N LYS T 158 46.04 0.13 -60.10
CA LYS T 158 44.83 -0.52 -59.59
C LYS T 158 43.62 0.41 -59.64
N GLU T 159 43.69 1.46 -60.46
CA GLU T 159 42.61 2.44 -60.55
C GLU T 159 41.81 2.22 -61.82
N PRO T 160 40.51 1.92 -61.73
CA PRO T 160 39.70 1.79 -62.94
C PRO T 160 39.59 3.12 -63.67
N PHE T 161 39.26 3.04 -64.96
CA PHE T 161 39.20 4.25 -65.79
C PHE T 161 38.00 5.13 -65.46
N ARG T 162 37.02 4.64 -64.70
CA ARG T 162 35.82 5.42 -64.41
C ARG T 162 36.16 6.69 -63.64
N ASP T 163 36.70 6.54 -62.42
CA ASP T 163 37.08 7.71 -61.65
C ASP T 163 38.23 8.46 -62.29
N TYR T 164 39.06 7.79 -63.10
CA TYR T 164 40.11 8.48 -63.83
C TYR T 164 39.53 9.52 -64.78
N VAL T 165 38.58 9.10 -65.62
CA VAL T 165 37.97 10.03 -66.56
C VAL T 165 37.10 11.05 -65.83
N ASP T 166 36.51 10.65 -64.69
CA ASP T 166 35.75 11.61 -63.89
C ASP T 166 36.65 12.74 -63.41
N ARG T 167 37.82 12.39 -62.84
CA ARG T 167 38.78 13.40 -62.41
C ARG T 167 39.30 14.21 -63.58
N PHE T 168 39.55 13.57 -64.72
CA PHE T 168 40.04 14.29 -65.89
C PHE T 168 39.04 15.34 -66.35
N TYR T 169 37.76 14.97 -66.43
CA TYR T 169 36.75 15.94 -66.84
C TYR T 169 36.52 17.01 -65.78
N LYS T 170 36.63 16.65 -64.49
CA LYS T 170 36.51 17.65 -63.43
C LYS T 170 37.61 18.70 -63.56
N THR T 171 38.85 18.25 -63.76
CA THR T 171 39.96 19.19 -63.91
C THR T 171 39.84 19.99 -65.19
N LEU T 172 39.33 19.37 -66.26
CA LEU T 172 39.13 20.09 -67.51
C LEU T 172 38.09 21.20 -67.34
N ARG T 173 37.00 20.90 -66.62
CA ARG T 173 35.98 21.92 -66.37
C ARG T 173 36.51 23.01 -65.45
N ALA T 174 37.36 22.65 -64.49
CA ALA T 174 37.98 23.66 -63.64
C ALA T 174 38.95 24.54 -64.41
N GLU T 175 39.40 24.10 -65.58
CA GLU T 175 40.30 24.89 -66.40
C GLU T 175 39.54 25.95 -67.17
N GLN T 176 40.08 27.17 -67.16
CA GLN T 176 39.49 28.30 -67.88
C GLN T 176 40.32 28.51 -69.15
N ALA T 177 39.80 28.04 -70.29
CA ALA T 177 40.48 28.18 -71.56
C ALA T 177 39.43 28.12 -72.67
N SER T 178 39.91 28.10 -73.92
CA SER T 178 39.02 28.01 -75.07
C SER T 178 38.39 26.63 -75.17
N GLN T 179 37.24 26.55 -75.82
CA GLN T 179 36.58 25.26 -76.02
C GLN T 179 37.34 24.41 -77.04
N GLU T 180 37.94 25.05 -78.05
CA GLU T 180 38.65 24.29 -79.08
C GLU T 180 39.85 23.56 -78.50
N VAL T 181 40.62 24.22 -77.63
CA VAL T 181 41.77 23.56 -77.03
C VAL T 181 41.32 22.46 -76.09
N LYS T 182 40.19 22.63 -75.41
CA LYS T 182 39.64 21.56 -74.57
C LYS T 182 39.28 20.35 -75.42
N ASN T 183 38.65 20.58 -76.58
CA ASN T 183 38.33 19.47 -77.47
C ASN T 183 39.59 18.80 -78.00
N TRP T 184 40.63 19.59 -78.30
CA TRP T 184 41.88 19.02 -78.77
C TRP T 184 42.54 18.17 -77.70
N MET T 185 42.55 18.64 -76.46
CA MET T 185 43.23 17.90 -75.39
C MET T 185 42.45 16.69 -74.92
N THR T 186 41.11 16.74 -75.00
CA THR T 186 40.33 15.59 -74.56
C THR T 186 40.39 14.44 -75.56
N GLU T 187 40.79 14.71 -76.80
CA GLU T 187 40.93 13.65 -77.81
C GLU T 187 42.31 13.01 -77.79
N THR T 188 43.29 13.62 -77.13
CA THR T 188 44.66 13.14 -77.14
C THR T 188 45.17 12.76 -75.77
N LEU T 189 44.94 13.61 -74.75
CA LEU T 189 45.51 13.35 -73.43
C LEU T 189 44.83 12.20 -72.71
N LEU T 190 43.64 11.78 -73.15
CA LEU T 190 42.97 10.65 -72.51
C LEU T 190 43.75 9.36 -72.72
N VAL T 191 44.14 9.08 -73.96
CA VAL T 191 44.87 7.85 -74.26
C VAL T 191 46.28 7.89 -73.68
N GLN T 192 46.90 9.07 -73.65
CA GLN T 192 48.29 9.16 -73.20
C GLN T 192 48.43 8.83 -71.72
N ASN T 193 47.41 9.16 -70.92
CA ASN T 193 47.46 8.98 -69.47
C ASN T 193 46.63 7.79 -69.00
N ALA T 194 46.61 6.71 -69.78
CA ALA T 194 45.81 5.55 -69.46
C ALA T 194 46.69 4.32 -69.26
N ASN T 195 46.17 3.34 -68.53
CA ASN T 195 46.91 2.11 -68.29
C ASN T 195 47.13 1.36 -69.60
N PRO T 196 48.27 0.69 -69.77
CA PRO T 196 48.65 0.21 -71.11
C PRO T 196 47.67 -0.73 -71.77
N ASP T 197 47.02 -1.63 -71.01
CA ASP T 197 46.13 -2.63 -71.61
C ASP T 197 44.94 -2.00 -72.32
N CYS T 198 44.08 -1.32 -71.56
CA CYS T 198 42.93 -0.63 -72.15
C CYS T 198 43.33 0.51 -73.07
N LYS T 199 44.49 1.13 -72.84
CA LYS T 199 45.00 2.14 -73.77
C LYS T 199 45.25 1.54 -75.15
N THR T 200 45.98 0.43 -75.20
CA THR T 200 46.23 -0.22 -76.49
C THR T 200 44.95 -0.78 -77.10
N ILE T 201 44.02 -1.26 -76.26
CA ILE T 201 42.74 -1.74 -76.78
C ILE T 201 41.99 -0.61 -77.47
N LEU T 202 41.90 0.56 -76.83
CA LEU T 202 41.17 1.67 -77.43
C LEU T 202 41.91 2.25 -78.62
N LYS T 203 43.24 2.19 -78.63
CA LYS T 203 43.98 2.58 -79.83
C LYS T 203 43.69 1.63 -80.99
N ALA T 204 43.60 0.33 -80.71
CA ALA T 204 43.21 -0.63 -81.73
C ALA T 204 41.79 -0.37 -82.21
N LEU T 205 40.92 0.15 -81.34
CA LEU T 205 39.59 0.56 -81.77
C LEU T 205 39.65 1.69 -82.80
N GLY T 206 40.55 2.65 -82.61
CA GLY T 206 40.66 3.78 -83.51
C GLY T 206 40.81 5.09 -82.77
N PRO T 207 41.85 5.85 -83.10
CA PRO T 207 42.08 7.12 -82.43
C PRO T 207 41.00 8.15 -82.76
N GLY T 208 40.74 9.04 -81.79
CA GLY T 208 39.75 10.07 -81.97
C GLY T 208 38.31 9.62 -81.79
N ALA T 209 38.09 8.37 -81.42
CA ALA T 209 36.73 7.88 -81.22
C ALA T 209 36.13 8.45 -79.95
N THR T 210 34.80 8.47 -79.90
CA THR T 210 34.10 8.96 -78.73
C THR T 210 34.30 8.02 -77.55
N LEU T 211 34.04 8.54 -76.35
CA LEU T 211 34.28 7.77 -75.13
C LEU T 211 33.36 6.57 -74.99
N GLU T 212 32.29 6.46 -75.79
CA GLU T 212 31.39 5.32 -75.70
C GLU T 212 32.11 4.02 -76.04
N GLU T 213 32.78 3.98 -77.19
CA GLU T 213 33.55 2.79 -77.56
C GLU T 213 34.70 2.56 -76.58
N MET T 214 35.34 3.63 -76.12
CA MET T 214 36.44 3.50 -75.17
C MET T 214 35.99 2.82 -73.89
N MET T 215 34.83 3.23 -73.36
CA MET T 215 34.31 2.68 -72.12
C MET T 215 33.74 1.27 -72.32
N THR T 216 33.17 0.99 -73.49
CA THR T 216 32.69 -0.37 -73.74
C THR T 216 33.84 -1.36 -73.88
N ALA T 217 34.97 -0.92 -74.44
CA ALA T 217 36.13 -1.79 -74.51
C ALA T 217 36.84 -1.88 -73.15
N CYS T 218 36.85 -0.79 -72.39
CA CYS T 218 37.53 -0.70 -71.11
C CYS T 218 36.73 -1.27 -69.95
N GLN T 219 35.66 -2.02 -70.24
CA GLN T 219 34.82 -2.57 -69.17
C GLN T 219 35.60 -3.53 -68.29
N GLY T 220 35.33 -3.48 -67.00
CA GLY T 220 36.00 -4.34 -66.04
C GLY T 220 37.27 -3.71 -65.48
N PRO U 1 7.07 41.25 -38.13
CA PRO U 1 7.26 42.66 -38.49
C PRO U 1 6.00 43.24 -39.15
N ILE U 2 6.17 44.33 -39.90
CA ILE U 2 5.07 44.97 -40.63
C ILE U 2 5.38 44.85 -42.12
N VAL U 3 4.45 44.27 -42.87
CA VAL U 3 4.66 43.99 -44.29
C VAL U 3 3.62 44.76 -45.10
N GLN U 4 4.00 45.16 -46.30
CA GLN U 4 3.10 45.89 -47.17
C GLN U 4 2.28 44.93 -48.02
N ASN U 5 0.99 45.21 -48.14
CA ASN U 5 0.12 44.42 -48.99
C ASN U 5 0.43 44.71 -50.46
N LEU U 6 0.05 43.76 -51.32
CA LEU U 6 0.17 43.96 -52.76
C LEU U 6 -0.62 45.20 -53.18
N GLN U 7 0.09 46.21 -53.66
CA GLN U 7 -0.44 47.56 -53.92
C GLN U 7 -1.45 47.98 -52.85
N GLY U 8 -1.05 47.79 -51.59
CA GLY U 8 -1.89 48.09 -50.46
C GLY U 8 -1.19 48.89 -49.38
N GLN U 9 -1.68 48.78 -48.14
CA GLN U 9 -1.13 49.52 -47.03
C GLN U 9 -0.18 48.62 -46.22
N MET U 10 0.38 49.16 -45.15
CA MET U 10 1.38 48.47 -44.33
C MET U 10 0.66 47.84 -43.14
N VAL U 11 0.49 46.51 -43.18
CA VAL U 11 -0.24 45.76 -42.18
C VAL U 11 0.75 44.98 -41.31
N HIS U 12 0.49 44.97 -40.01
CA HIS U 12 1.34 44.26 -39.07
C HIS U 12 1.13 42.76 -39.17
N GLN U 13 2.17 42.00 -38.83
CA GLN U 13 2.12 40.55 -38.86
C GLN U 13 2.95 40.01 -37.70
N ALA U 14 2.59 38.81 -37.24
CA ALA U 14 3.33 38.16 -36.17
C ALA U 14 4.71 37.70 -36.67
N ILE U 15 5.63 37.54 -35.72
CA ILE U 15 6.99 37.14 -36.05
C ILE U 15 7.00 35.69 -36.50
N SER U 16 7.61 35.43 -37.66
CA SER U 16 7.69 34.06 -38.16
C SER U 16 8.63 33.24 -37.29
N PRO U 17 8.21 32.07 -36.82
CA PRO U 17 9.11 31.24 -35.99
C PRO U 17 10.40 30.86 -36.69
N ARG U 18 10.36 30.67 -38.01
CA ARG U 18 11.56 30.28 -38.74
C ARG U 18 12.65 31.34 -38.62
N THR U 19 12.26 32.61 -38.74
CA THR U 19 13.24 33.70 -38.70
C THR U 19 13.92 33.76 -37.33
N LEU U 20 13.14 33.73 -36.26
CA LEU U 20 13.72 33.81 -34.92
C LEU U 20 14.56 32.57 -34.59
N ASN U 21 14.10 31.39 -35.02
CA ASN U 21 14.88 30.18 -34.78
C ASN U 21 16.21 30.22 -35.53
N ALA U 22 16.19 30.67 -36.79
CA ALA U 22 17.42 30.80 -37.54
C ALA U 22 18.35 31.82 -36.91
N TRP U 23 17.80 32.94 -36.44
CA TRP U 23 18.61 33.96 -35.79
C TRP U 23 19.30 33.41 -34.55
N VAL U 24 18.53 32.74 -33.68
CA VAL U 24 19.11 32.26 -32.44
C VAL U 24 20.13 31.16 -32.70
N LYS U 25 19.85 30.27 -33.66
CA LYS U 25 20.80 29.19 -33.94
C LYS U 25 22.08 29.72 -34.58
N VAL U 26 21.97 30.73 -35.44
CA VAL U 26 23.17 31.28 -36.05
C VAL U 26 23.97 32.11 -35.05
N VAL U 27 23.29 32.74 -34.08
CA VAL U 27 24.02 33.44 -33.03
C VAL U 27 24.76 32.45 -32.15
N GLU U 28 24.10 31.34 -31.79
CA GLU U 28 24.76 30.33 -30.96
C GLU U 28 25.94 29.69 -31.67
N GLU U 29 25.74 29.30 -32.94
CA GLU U 29 26.76 28.54 -33.64
C GLU U 29 27.94 29.42 -34.06
N LYS U 30 27.66 30.62 -34.55
CA LYS U 30 28.69 31.51 -35.09
C LYS U 30 29.33 32.41 -34.04
N ALA U 31 29.00 32.21 -32.76
CA ALA U 31 29.50 33.05 -31.69
C ALA U 31 29.24 34.53 -31.97
N PHE U 32 30.31 35.32 -32.12
CA PHE U 32 30.19 36.74 -32.41
C PHE U 32 31.13 37.14 -33.54
N SER U 33 31.18 36.34 -34.60
CA SER U 33 31.98 36.69 -35.75
C SER U 33 31.34 37.87 -36.50
N PRO U 34 32.14 38.67 -37.20
CA PRO U 34 31.59 39.87 -37.87
C PRO U 34 30.55 39.56 -38.94
N GLU U 35 30.55 38.37 -39.52
CA GLU U 35 29.63 38.10 -40.64
C GLU U 35 28.17 38.10 -40.20
N VAL U 36 27.90 38.08 -38.90
CA VAL U 36 26.53 38.16 -38.42
C VAL U 36 25.98 39.57 -38.53
N ILE U 37 26.83 40.56 -38.77
CA ILE U 37 26.39 41.96 -38.86
C ILE U 37 25.43 42.13 -40.04
N PRO U 38 25.75 41.68 -41.26
CA PRO U 38 24.74 41.77 -42.33
C PRO U 38 23.52 40.91 -42.08
N MET U 39 23.69 39.71 -41.53
CA MET U 39 22.55 38.81 -41.31
C MET U 39 21.47 39.48 -40.47
N PHE U 40 21.88 40.24 -39.46
CA PHE U 40 20.92 40.98 -38.64
C PHE U 40 20.05 41.88 -39.52
N SER U 41 20.67 42.66 -40.40
CA SER U 41 19.91 43.54 -41.26
C SER U 41 19.05 42.74 -42.25
N ALA U 42 19.41 41.49 -42.50
CA ALA U 42 18.58 40.65 -43.36
C ALA U 42 17.33 40.17 -42.63
N LEU U 43 17.37 40.16 -41.30
CA LEU U 43 16.27 39.64 -40.50
C LEU U 43 15.53 40.72 -39.72
N SER U 44 15.71 42.00 -40.09
CA SER U 44 15.06 43.08 -39.35
C SER U 44 14.48 44.17 -40.25
N GLU U 45 14.22 43.88 -41.52
CA GLU U 45 13.66 44.90 -42.41
C GLU U 45 12.19 45.14 -42.08
N GLY U 46 11.84 46.40 -41.90
CA GLY U 46 10.45 46.77 -41.62
C GLY U 46 9.89 46.17 -40.35
N ALA U 47 10.68 46.14 -39.28
CA ALA U 47 10.26 45.56 -38.02
C ALA U 47 10.18 46.62 -36.93
N THR U 48 9.24 46.43 -36.02
CA THR U 48 9.04 47.33 -34.90
C THR U 48 10.16 47.18 -33.88
N PRO U 49 10.43 48.23 -33.09
CA PRO U 49 11.41 48.08 -32.00
C PRO U 49 11.06 46.98 -31.01
N GLN U 50 9.77 46.68 -30.84
CA GLN U 50 9.37 45.55 -30.00
C GLN U 50 9.93 44.24 -30.56
N ASP U 51 9.87 44.08 -31.88
CA ASP U 51 10.40 42.86 -32.50
C ASP U 51 11.91 42.75 -32.28
N LEU U 52 12.63 43.86 -32.45
CA LEU U 52 14.07 43.85 -32.22
C LEU U 52 14.40 43.54 -30.77
N ASN U 53 13.65 44.12 -29.83
CA ASN U 53 13.88 43.84 -28.42
C ASN U 53 13.63 42.37 -28.10
N THR U 54 12.55 41.80 -28.66
CA THR U 54 12.26 40.39 -28.44
C THR U 54 13.36 39.51 -29.02
N MET U 55 13.84 39.84 -30.22
CA MET U 55 14.90 39.06 -30.84
C MET U 55 16.21 39.17 -30.06
N LEU U 56 16.47 40.33 -29.45
CA LEU U 56 17.64 40.47 -28.60
C LEU U 56 17.49 39.68 -27.31
N ASN U 57 16.27 39.60 -26.78
CA ASN U 57 16.03 38.89 -25.53
C ASN U 57 16.00 37.37 -25.71
N THR U 58 15.67 36.88 -26.90
CA THR U 58 15.51 35.43 -27.07
C THR U 58 16.82 34.69 -26.87
N VAL U 59 17.94 35.25 -27.35
CA VAL U 59 19.21 34.55 -27.29
C VAL U 59 19.66 34.38 -25.85
N GLY U 60 20.07 33.17 -25.50
CA GLY U 60 20.57 32.86 -24.18
C GLY U 60 22.08 32.72 -24.20
N GLY U 61 22.71 32.97 -23.06
CA GLY U 61 24.16 32.96 -22.97
C GLY U 61 24.75 34.27 -23.45
N HIS U 62 26.03 34.50 -23.17
CA HIS U 62 26.73 35.72 -23.54
C HIS U 62 26.01 36.97 -22.99
N GLN U 63 25.54 36.88 -21.74
CA GLN U 63 24.70 37.93 -21.19
C GLN U 63 25.45 39.24 -21.01
N ALA U 64 26.79 39.19 -20.94
CA ALA U 64 27.56 40.43 -20.86
C ALA U 64 27.37 41.28 -22.11
N ALA U 65 27.36 40.64 -23.28
CA ALA U 65 27.11 41.36 -24.53
C ALA U 65 25.72 41.98 -24.53
N MET U 66 24.72 41.25 -24.02
CA MET U 66 23.37 41.80 -23.94
C MET U 66 23.31 42.99 -22.98
N GLN U 67 23.99 42.91 -21.84
CA GLN U 67 24.01 44.04 -20.91
C GLN U 67 24.68 45.26 -21.52
N MET U 68 25.79 45.04 -22.24
CA MET U 68 26.46 46.16 -22.91
C MET U 68 25.57 46.77 -23.99
N LEU U 69 24.85 45.92 -24.74
CA LEU U 69 23.90 46.42 -25.72
C LEU U 69 22.81 47.25 -25.04
N LYS U 70 22.31 46.77 -23.90
CA LYS U 70 21.28 47.51 -23.17
C LYS U 70 21.78 48.86 -22.71
N GLU U 71 22.99 48.92 -22.16
CA GLU U 71 23.52 50.19 -21.67
C GLU U 71 23.82 51.14 -22.82
N THR U 72 24.29 50.62 -23.96
CA THR U 72 24.51 51.49 -25.11
C THR U 72 23.19 52.01 -25.67
N ILE U 73 22.15 51.18 -25.66
CA ILE U 73 20.83 51.64 -26.08
C ILE U 73 20.33 52.74 -25.13
N ASN U 74 20.56 52.56 -23.83
CA ASN U 74 20.15 53.59 -22.87
C ASN U 74 20.88 54.90 -23.11
N GLU U 75 22.20 54.84 -23.34
CA GLU U 75 22.94 56.07 -23.56
C GLU U 75 22.58 56.72 -24.90
N GLU U 76 22.28 55.92 -25.92
CA GLU U 76 21.83 56.48 -27.18
C GLU U 76 20.45 57.11 -27.03
N ALA U 77 19.59 56.53 -26.20
CA ALA U 77 18.30 57.15 -25.90
C ALA U 77 18.50 58.48 -25.18
N ALA U 78 19.46 58.53 -24.26
CA ALA U 78 19.79 59.80 -23.60
C ALA U 78 20.29 60.82 -24.61
N GLU U 79 21.12 60.39 -25.56
CA GLU U 79 21.60 61.29 -26.60
C GLU U 79 20.43 61.82 -27.45
N TRP U 80 19.49 60.94 -27.79
CA TRP U 80 18.32 61.36 -28.54
C TRP U 80 17.48 62.35 -27.76
N ASP U 81 17.29 62.12 -26.46
CA ASP U 81 16.56 63.07 -25.63
C ASP U 81 17.27 64.41 -25.57
N ARG U 82 18.61 64.39 -25.51
CA ARG U 82 19.40 65.61 -25.44
C ARG U 82 19.40 66.39 -26.75
N LEU U 83 19.46 65.72 -27.91
CA LEU U 83 19.46 66.44 -29.17
C LEU U 83 18.08 66.94 -29.54
N HIS U 84 17.03 66.22 -29.15
CA HIS U 84 15.64 66.62 -29.36
C HIS U 84 14.99 66.77 -27.99
N PRO U 85 14.94 67.99 -27.44
CA PRO U 85 14.38 68.19 -26.10
C PRO U 85 12.90 67.84 -26.05
N VAL U 86 12.39 67.80 -24.83
CA VAL U 86 10.98 67.46 -24.58
C VAL U 86 10.08 68.54 -25.16
N HIS U 87 9.28 68.17 -26.16
CA HIS U 87 8.36 69.10 -26.77
C HIS U 87 7.16 69.36 -25.86
N ALA U 88 6.39 70.39 -26.21
CA ALA U 88 5.23 70.78 -25.43
C ALA U 88 4.14 71.25 -26.39
N GLY U 89 2.94 71.45 -25.86
CA GLY U 89 1.81 71.88 -26.64
C GLY U 89 0.93 70.73 -27.10
N PRO U 90 -0.35 71.03 -27.33
CA PRO U 90 -1.27 69.98 -27.78
C PRO U 90 -0.87 69.44 -29.14
N ILE U 91 -1.14 68.15 -29.35
CA ILE U 91 -0.85 67.45 -30.60
C ILE U 91 -2.14 67.34 -31.41
N ALA U 92 -2.03 67.57 -32.72
CA ALA U 92 -3.20 67.51 -33.58
C ALA U 92 -3.79 66.10 -33.59
N PRO U 93 -5.11 65.98 -33.74
CA PRO U 93 -5.72 64.65 -33.77
C PRO U 93 -5.19 63.80 -34.91
N GLY U 94 -5.06 62.50 -34.65
CA GLY U 94 -4.47 61.60 -35.60
C GLY U 94 -2.95 61.59 -35.60
N GLN U 95 -2.31 62.37 -34.74
CA GLN U 95 -0.86 62.46 -34.66
C GLN U 95 -0.40 62.22 -33.24
N MET U 96 0.81 61.72 -33.11
CA MET U 96 1.45 61.49 -31.81
C MET U 96 2.75 62.27 -31.74
N ARG U 97 3.08 62.76 -30.55
CA ARG U 97 4.28 63.57 -30.38
C ARG U 97 5.53 62.73 -30.63
N GLU U 98 6.67 63.42 -30.73
CA GLU U 98 7.92 62.75 -31.04
C GLU U 98 8.27 61.76 -29.94
N PRO U 99 8.62 60.51 -30.28
CA PRO U 99 8.88 59.52 -29.24
C PRO U 99 10.07 59.90 -28.36
N ARG U 100 9.98 59.54 -27.08
CA ARG U 100 11.08 59.73 -26.17
C ARG U 100 12.11 58.62 -26.35
N GLY U 101 13.21 58.73 -25.59
CA GLY U 101 14.24 57.69 -25.65
C GLY U 101 13.72 56.35 -25.19
N SER U 102 12.92 56.33 -24.12
CA SER U 102 12.34 55.08 -23.65
C SER U 102 11.37 54.49 -24.68
N ASP U 103 10.60 55.35 -25.36
CA ASP U 103 9.70 54.86 -26.40
C ASP U 103 10.47 54.20 -27.53
N ILE U 104 11.59 54.83 -27.95
CA ILE U 104 12.43 54.23 -28.98
C ILE U 104 13.01 52.91 -28.50
N ALA U 105 13.46 52.86 -27.24
CA ALA U 105 13.97 51.62 -26.68
C ALA U 105 12.88 50.55 -26.59
N GLY U 106 11.61 50.96 -26.57
CA GLY U 106 10.51 50.04 -26.51
C GLY U 106 10.13 49.57 -25.12
N THR U 107 10.81 50.05 -24.07
CA THR U 107 10.51 49.60 -22.72
C THR U 107 9.21 50.19 -22.18
N THR U 108 8.81 51.38 -22.64
CA THR U 108 7.61 52.03 -22.14
C THR U 108 6.57 52.31 -23.23
N SER U 109 6.82 51.90 -24.46
CA SER U 109 5.92 52.17 -25.57
C SER U 109 5.25 50.88 -26.04
N THR U 110 3.92 50.89 -26.11
CA THR U 110 3.17 49.72 -26.55
C THR U 110 3.24 49.59 -28.07
N LEU U 111 2.87 48.40 -28.55
CA LEU U 111 2.91 48.13 -29.99
C LEU U 111 1.97 49.04 -30.76
N GLN U 112 0.89 49.50 -30.13
CA GLN U 112 -0.04 50.41 -30.82
C GLN U 112 0.65 51.71 -31.19
N GLU U 113 1.51 52.23 -30.31
CA GLU U 113 2.26 53.44 -30.63
C GLU U 113 3.19 53.21 -31.83
N GLN U 114 3.85 52.06 -31.88
CA GLN U 114 4.69 51.74 -33.02
C GLN U 114 3.88 51.66 -34.31
N ILE U 115 2.70 51.03 -34.24
CA ILE U 115 1.86 50.92 -35.43
C ILE U 115 1.42 52.30 -35.90
N GLY U 116 1.04 53.16 -34.96
CA GLY U 116 0.63 54.51 -35.31
C GLY U 116 1.77 55.33 -35.92
N TRP U 117 2.97 55.21 -35.35
CA TRP U 117 4.12 55.97 -35.84
C TRP U 117 4.57 55.49 -37.22
N MET U 118 4.56 54.17 -37.45
CA MET U 118 4.99 53.65 -38.74
C MET U 118 4.06 54.09 -39.87
N THR U 119 2.75 54.07 -39.62
CA THR U 119 1.78 54.45 -40.65
C THR U 119 1.53 55.95 -40.69
N HIS U 120 2.10 56.71 -39.77
CA HIS U 120 1.89 58.16 -39.74
C HIS U 120 2.52 58.81 -40.96
N ASN U 121 1.93 59.91 -41.41
CA ASN U 121 2.46 60.70 -42.53
C ASN U 121 2.86 62.07 -42.01
N PRO U 122 4.15 62.43 -42.07
CA PRO U 122 5.29 61.68 -42.61
C PRO U 122 5.72 60.52 -41.71
N PRO U 123 6.33 59.48 -42.27
CA PRO U 123 6.72 58.32 -41.47
C PRO U 123 7.81 58.68 -40.46
N ILE U 124 7.77 57.98 -39.32
CA ILE U 124 8.74 58.14 -38.26
C ILE U 124 9.64 56.90 -38.27
N PRO U 125 10.91 57.02 -38.67
CA PRO U 125 11.82 55.87 -38.71
C PRO U 125 12.43 55.51 -37.35
N VAL U 126 11.56 55.37 -36.35
CA VAL U 126 12.03 54.96 -35.02
C VAL U 126 12.65 53.58 -35.08
N GLY U 127 12.03 52.66 -35.81
CA GLY U 127 12.59 51.32 -35.95
C GLY U 127 13.96 51.32 -36.60
N GLU U 128 14.14 52.14 -37.64
CA GLU U 128 15.43 52.22 -38.31
C GLU U 128 16.49 52.83 -37.40
N ILE U 129 16.13 53.85 -36.61
CA ILE U 129 17.09 54.44 -35.68
C ILE U 129 17.48 53.43 -34.62
N TYR U 130 16.52 52.68 -34.09
CA TYR U 130 16.82 51.64 -33.10
C TYR U 130 17.70 50.56 -33.72
N LYS U 131 17.43 50.18 -34.97
CA LYS U 131 18.27 49.20 -35.65
C LYS U 131 19.69 49.70 -35.82
N ARG U 132 19.86 50.98 -36.16
CA ARG U 132 21.19 51.55 -36.30
C ARG U 132 21.92 51.61 -34.96
N TRP U 133 21.19 51.91 -33.88
CA TRP U 133 21.80 51.87 -32.54
C TRP U 133 22.25 50.46 -32.21
N ILE U 134 21.43 49.47 -32.52
CA ILE U 134 21.81 48.07 -32.29
C ILE U 134 23.01 47.70 -33.15
N ILE U 135 23.08 48.23 -34.37
CA ILE U 135 24.22 47.97 -35.25
C ILE U 135 25.49 48.54 -34.64
N LEU U 136 25.43 49.75 -34.11
CA LEU U 136 26.60 50.34 -33.44
C LEU U 136 27.01 49.51 -32.23
N GLY U 137 26.03 49.07 -31.44
CA GLY U 137 26.34 48.22 -30.30
C GLY U 137 26.98 46.91 -30.70
N LEU U 138 26.49 46.29 -31.77
CA LEU U 138 27.09 45.06 -32.27
C LEU U 138 28.49 45.30 -32.81
N ASN U 139 28.72 46.45 -33.45
CA ASN U 139 30.06 46.79 -33.92
C ASN U 139 31.02 46.90 -32.74
N LYS U 140 30.61 47.58 -31.66
CA LYS U 140 31.51 47.71 -30.52
C LYS U 140 31.69 46.38 -29.80
N ILE U 141 30.66 45.53 -29.76
CA ILE U 141 30.81 44.24 -29.12
C ILE U 141 31.69 43.29 -29.93
N VAL U 142 31.69 43.40 -31.27
CA VAL U 142 32.58 42.56 -32.06
C VAL U 142 33.99 43.12 -32.04
N ARG U 143 34.15 44.43 -31.82
CA ARG U 143 35.46 44.98 -31.54
C ARG U 143 36.01 44.45 -30.22
N MET U 144 35.15 44.40 -29.20
CA MET U 144 35.54 43.87 -27.90
C MET U 144 35.90 42.38 -27.98
N TYR U 145 35.11 41.61 -28.72
CA TYR U 145 35.26 40.16 -28.75
C TYR U 145 36.37 39.69 -29.67
N SER U 146 37.07 40.59 -30.35
CA SER U 146 38.18 40.19 -31.22
C SER U 146 39.28 39.57 -30.37
N PRO U 147 39.78 38.38 -30.74
CA PRO U 147 40.80 37.72 -29.89
C PRO U 147 42.08 38.51 -29.74
N THR U 148 42.51 39.25 -30.77
CA THR U 148 43.78 39.96 -30.74
C THR U 148 43.70 41.16 -31.67
N SER U 149 44.78 41.95 -31.68
CA SER U 149 44.85 43.15 -32.50
C SER U 149 45.30 42.77 -33.92
N ILE U 150 45.62 43.79 -34.72
CA ILE U 150 45.98 43.58 -36.12
C ILE U 150 47.48 43.79 -36.31
N LEU U 151 48.10 44.48 -35.37
CA LEU U 151 49.52 44.82 -35.47
C LEU U 151 50.45 43.73 -34.92
N ASP U 152 49.90 42.59 -34.50
CA ASP U 152 50.71 41.52 -33.94
C ASP U 152 50.52 40.18 -34.65
N ILE U 153 50.03 40.20 -35.89
CA ILE U 153 49.85 38.96 -36.64
C ILE U 153 51.20 38.51 -37.18
N ARG U 154 51.65 37.33 -36.75
CA ARG U 154 52.96 36.80 -37.12
C ARG U 154 52.76 35.56 -37.98
N GLN U 155 53.46 35.50 -39.11
CA GLN U 155 53.37 34.34 -39.99
C GLN U 155 54.39 33.29 -39.59
N GLY U 156 53.93 32.04 -39.47
CA GLY U 156 54.80 30.95 -39.12
C GLY U 156 55.79 30.62 -40.23
N PRO U 157 56.93 30.03 -39.86
CA PRO U 157 57.95 29.69 -40.86
C PRO U 157 57.46 28.63 -41.85
N LYS U 158 56.88 27.55 -41.34
CA LYS U 158 56.35 26.49 -42.19
C LYS U 158 54.91 26.73 -42.61
N GLU U 159 54.25 27.76 -42.06
CA GLU U 159 52.87 28.04 -42.40
C GLU U 159 52.79 28.70 -43.77
N PRO U 160 52.01 28.16 -44.70
CA PRO U 160 51.83 28.85 -46.00
C PRO U 160 51.10 30.17 -45.81
N PHE U 161 51.37 31.10 -46.72
CA PHE U 161 50.81 32.46 -46.62
C PHE U 161 49.32 32.50 -46.89
N ARG U 162 48.71 31.41 -47.37
CA ARG U 162 47.28 31.42 -47.66
C ARG U 162 46.46 31.68 -46.40
N ASP U 163 46.54 30.77 -45.43
CA ASP U 163 45.81 30.97 -44.19
C ASP U 163 46.32 32.19 -43.43
N TYR U 164 47.59 32.54 -43.61
CA TYR U 164 48.13 33.73 -42.97
C TYR U 164 47.40 34.99 -43.44
N VAL U 165 47.30 35.19 -44.75
CA VAL U 165 46.60 36.36 -45.26
C VAL U 165 45.10 36.24 -44.99
N ASP U 166 44.57 35.02 -44.94
CA ASP U 166 43.15 34.85 -44.61
C ASP U 166 42.85 35.37 -43.22
N ARG U 167 43.64 34.95 -42.22
CA ARG U 167 43.42 35.42 -40.86
C ARG U 167 43.81 36.89 -40.70
N PHE U 168 44.77 37.36 -41.50
CA PHE U 168 45.10 38.79 -41.49
C PHE U 168 43.89 39.61 -41.92
N TYR U 169 43.22 39.19 -42.99
CA TYR U 169 42.00 39.89 -43.42
C TYR U 169 40.85 39.68 -42.44
N LYS U 170 40.80 38.52 -41.77
CA LYS U 170 39.81 38.34 -40.71
C LYS U 170 39.97 39.39 -39.63
N THR U 171 41.20 39.57 -39.14
CA THR U 171 41.46 40.57 -38.10
C THR U 171 41.25 41.98 -38.63
N LEU U 172 41.59 42.23 -39.90
CA LEU U 172 41.38 43.54 -40.49
C LEU U 172 39.89 43.90 -40.54
N ARG U 173 39.07 42.96 -41.01
CA ARG U 173 37.62 43.21 -41.07
C ARG U 173 37.03 43.30 -39.67
N ALA U 174 37.57 42.56 -38.71
CA ALA U 174 37.13 42.68 -37.34
C ALA U 174 37.49 44.03 -36.73
N GLU U 175 38.44 44.76 -37.33
CA GLU U 175 38.86 46.06 -36.83
C GLU U 175 38.01 47.17 -37.42
N GLN U 176 37.63 48.12 -36.58
CA GLN U 176 36.86 49.29 -36.99
C GLN U 176 37.82 50.46 -37.21
N ALA U 177 37.88 50.93 -38.45
CA ALA U 177 38.75 52.05 -38.80
C ALA U 177 38.19 52.73 -40.05
N SER U 178 38.97 53.63 -40.62
CA SER U 178 38.59 54.34 -41.83
C SER U 178 38.98 53.53 -43.06
N GLN U 179 38.33 53.85 -44.19
CA GLN U 179 38.61 53.14 -45.43
C GLN U 179 40.05 53.37 -45.89
N GLU U 180 40.52 54.62 -45.78
CA GLU U 180 41.89 54.91 -46.17
C GLU U 180 42.90 54.19 -45.28
N VAL U 181 42.62 54.10 -43.98
CA VAL U 181 43.51 53.37 -43.08
C VAL U 181 43.56 51.89 -43.45
N LYS U 182 42.40 51.31 -43.78
CA LYS U 182 42.37 49.91 -44.21
C LYS U 182 43.13 49.72 -45.52
N ASN U 183 43.02 50.68 -46.45
CA ASN U 183 43.80 50.60 -47.68
C ASN U 183 45.30 50.65 -47.40
N TRP U 184 45.72 51.55 -46.50
CA TRP U 184 47.13 51.61 -46.14
C TRP U 184 47.59 50.31 -45.50
N MET U 185 46.76 49.71 -44.64
CA MET U 185 47.09 48.42 -44.05
C MET U 185 47.26 47.35 -45.12
N THR U 186 46.27 47.23 -46.01
CA THR U 186 46.34 46.24 -47.08
C THR U 186 47.47 46.50 -48.07
N GLU U 187 48.00 47.72 -48.10
CA GLU U 187 49.13 48.02 -48.97
C GLU U 187 50.49 47.77 -48.32
N THR U 188 50.61 47.93 -47.00
CA THR U 188 51.90 47.81 -46.33
C THR U 188 52.00 46.58 -45.44
N LEU U 189 51.06 46.41 -44.51
CA LEU U 189 51.22 45.40 -43.46
C LEU U 189 51.15 43.98 -44.01
N LEU U 190 50.53 43.80 -45.18
CA LEU U 190 50.43 42.47 -45.76
C LEU U 190 51.80 41.93 -46.15
N VAL U 191 52.74 42.82 -46.46
CA VAL U 191 54.06 42.40 -46.90
C VAL U 191 55.15 42.75 -45.88
N GLN U 192 54.90 43.69 -44.97
CA GLN U 192 55.93 44.06 -44.00
C GLN U 192 56.19 42.98 -42.97
N ASN U 193 55.31 42.00 -42.82
CA ASN U 193 55.45 40.97 -41.79
C ASN U 193 55.12 39.59 -42.36
N ALA U 194 55.65 39.30 -43.55
CA ALA U 194 55.48 38.00 -44.18
C ALA U 194 56.71 37.13 -43.94
N ASN U 195 56.69 35.92 -44.50
CA ASN U 195 57.86 35.06 -44.44
C ASN U 195 58.97 35.66 -45.29
N PRO U 196 60.24 35.47 -44.88
CA PRO U 196 61.34 36.15 -45.60
C PRO U 196 61.42 35.83 -47.09
N ASP U 197 61.17 34.58 -47.47
CA ASP U 197 61.22 34.24 -48.90
C ASP U 197 60.13 34.95 -49.68
N CYS U 198 58.90 34.98 -49.14
CA CYS U 198 57.83 35.72 -49.81
C CYS U 198 58.10 37.22 -49.81
N LYS U 199 58.73 37.72 -48.73
CA LYS U 199 59.09 39.13 -48.69
C LYS U 199 60.07 39.47 -49.81
N THR U 200 61.10 38.65 -50.00
CA THR U 200 62.06 38.90 -51.06
C THR U 200 61.43 38.76 -52.44
N ILE U 201 60.54 37.78 -52.61
CA ILE U 201 59.86 37.61 -53.88
C ILE U 201 59.00 38.83 -54.20
N LEU U 202 58.25 39.31 -53.20
CA LEU U 202 57.40 40.49 -53.42
C LEU U 202 58.24 41.73 -53.69
N LYS U 203 59.37 41.89 -53.00
CA LYS U 203 60.25 43.02 -53.28
C LYS U 203 60.80 42.95 -54.69
N ALA U 204 61.13 41.74 -55.16
CA ALA U 204 61.55 41.58 -56.55
C ALA U 204 60.43 41.95 -57.51
N LEU U 205 59.19 41.58 -57.17
CA LEU U 205 58.05 41.96 -58.01
C LEU U 205 57.86 43.47 -58.08
N GLY U 206 58.02 44.16 -56.95
CA GLY U 206 57.85 45.59 -56.91
C GLY U 206 56.49 46.03 -56.39
N PRO U 207 56.48 46.98 -55.47
CA PRO U 207 55.20 47.49 -54.95
C PRO U 207 54.38 48.16 -56.03
N GLY U 208 53.07 48.08 -55.89
CA GLY U 208 52.14 48.64 -56.85
C GLY U 208 51.44 47.65 -57.74
N ALA U 209 51.22 46.43 -57.29
CA ALA U 209 50.57 45.39 -58.07
C ALA U 209 49.51 44.69 -57.24
N THR U 210 48.55 44.08 -57.92
CA THR U 210 47.47 43.37 -57.24
C THR U 210 48.01 42.15 -56.49
N LEU U 211 47.26 41.74 -55.47
CA LEU U 211 47.65 40.59 -54.65
C LEU U 211 47.53 39.26 -55.39
N GLU U 212 46.93 39.24 -56.59
CA GLU U 212 46.93 38.02 -57.39
C GLU U 212 48.35 37.61 -57.77
N GLU U 213 49.18 38.58 -58.15
CA GLU U 213 50.59 38.29 -58.41
C GLU U 213 51.28 37.80 -57.15
N MET U 214 50.93 38.37 -56.00
CA MET U 214 51.52 37.95 -54.73
C MET U 214 51.19 36.50 -54.43
N MET U 215 49.93 36.09 -54.64
CA MET U 215 49.54 34.73 -54.31
C MET U 215 50.08 33.74 -55.35
N THR U 216 50.22 34.17 -56.60
CA THR U 216 50.79 33.30 -57.62
C THR U 216 52.31 33.28 -57.59
N ALA U 217 52.93 34.15 -56.80
CA ALA U 217 54.40 34.24 -56.80
C ALA U 217 55.02 33.28 -55.81
N CYS U 218 54.62 33.35 -54.54
CA CYS U 218 55.25 32.58 -53.47
C CYS U 218 54.62 31.20 -53.27
N GLN U 219 54.01 30.63 -54.30
CA GLN U 219 53.45 29.29 -54.19
C GLN U 219 54.56 28.27 -53.93
N GLY U 220 54.29 27.35 -53.01
CA GLY U 220 55.25 26.32 -52.66
C GLY U 220 56.07 26.66 -51.42
N PRO V 1 -4.29 32.54 -35.03
CA PRO V 1 -4.48 33.56 -33.99
C PRO V 1 -5.31 34.75 -34.50
N ILE V 2 -5.63 35.67 -33.60
CA ILE V 2 -6.41 36.86 -33.97
C ILE V 2 -5.49 37.78 -34.77
N VAL V 3 -5.70 37.84 -36.09
CA VAL V 3 -4.90 38.66 -36.98
C VAL V 3 -5.83 39.62 -37.72
N GLN V 4 -5.42 40.88 -37.79
CA GLN V 4 -6.23 41.88 -38.47
C GLN V 4 -6.22 41.64 -39.98
N ASN V 5 -7.39 41.68 -40.58
CA ASN V 5 -7.50 41.51 -42.03
C ASN V 5 -6.92 42.73 -42.74
N LEU V 6 -6.31 42.48 -43.90
CA LEU V 6 -5.73 43.54 -44.70
C LEU V 6 -6.81 44.51 -45.16
N GLN V 7 -6.79 45.73 -44.63
CA GLN V 7 -7.83 46.72 -44.89
C GLN V 7 -9.22 46.18 -44.54
N GLY V 8 -9.29 45.45 -43.43
CA GLY V 8 -10.53 44.84 -43.00
C GLY V 8 -10.73 44.86 -41.50
N GLN V 9 -11.26 43.76 -40.96
CA GLN V 9 -11.55 43.64 -39.53
C GLN V 9 -10.77 42.48 -38.94
N MET V 10 -10.46 42.60 -37.65
CA MET V 10 -9.72 41.56 -36.94
C MET V 10 -10.53 40.27 -36.88
N VAL V 11 -10.01 39.20 -37.49
CA VAL V 11 -10.71 37.93 -37.55
C VAL V 11 -9.87 36.87 -36.85
N HIS V 12 -10.54 36.06 -36.03
CA HIS V 12 -9.88 34.98 -35.32
C HIS V 12 -9.50 33.86 -36.28
N GLN V 13 -8.32 33.28 -36.05
CA GLN V 13 -7.81 32.19 -36.86
C GLN V 13 -7.27 31.08 -35.95
N ALA V 14 -7.19 29.88 -36.50
CA ALA V 14 -6.68 28.73 -35.76
C ALA V 14 -5.18 28.85 -35.55
N ILE V 15 -4.69 28.17 -34.50
CA ILE V 15 -3.27 28.18 -34.19
C ILE V 15 -2.52 27.29 -35.16
N SER V 16 -1.45 27.82 -35.74
CA SER V 16 -0.65 27.05 -36.69
C SER V 16 0.03 25.88 -35.98
N PRO V 17 0.01 24.69 -36.59
CA PRO V 17 0.65 23.53 -35.95
C PRO V 17 2.15 23.72 -35.70
N ARG V 18 2.84 24.40 -36.60
CA ARG V 18 4.29 24.51 -36.47
C ARG V 18 4.68 25.38 -35.28
N THR V 19 3.90 26.42 -34.97
CA THR V 19 4.22 27.26 -33.83
C THR V 19 4.12 26.47 -32.52
N LEU V 20 3.06 25.68 -32.36
CA LEU V 20 2.92 24.88 -31.15
C LEU V 20 3.93 23.74 -31.10
N ASN V 21 4.29 23.18 -32.25
CA ASN V 21 5.35 22.17 -32.28
C ASN V 21 6.67 22.77 -31.81
N ALA V 22 7.00 23.97 -32.30
CA ALA V 22 8.22 24.64 -31.85
C ALA V 22 8.16 24.95 -30.37
N TRP V 23 7.00 25.39 -29.88
CA TRP V 23 6.84 25.68 -28.46
C TRP V 23 7.08 24.44 -27.61
N VAL V 24 6.47 23.31 -27.98
CA VAL V 24 6.60 22.12 -27.16
C VAL V 24 8.02 21.56 -27.25
N LYS V 25 8.65 21.64 -28.43
CA LYS V 25 10.02 21.13 -28.53
C LYS V 25 11.01 21.99 -27.76
N VAL V 26 10.81 23.31 -27.76
CA VAL V 26 11.72 24.17 -27.00
C VAL V 26 11.44 24.03 -25.50
N VAL V 27 10.21 23.70 -25.11
CA VAL V 27 9.91 23.45 -23.71
C VAL V 27 10.57 22.16 -23.25
N GLU V 28 10.49 21.10 -24.06
CA GLU V 28 11.06 19.83 -23.65
C GLU V 28 12.58 19.82 -23.75
N GLU V 29 13.17 20.63 -24.64
CA GLU V 29 14.62 20.63 -24.78
C GLU V 29 15.31 21.34 -23.61
N LYS V 30 14.74 22.46 -23.17
CA LYS V 30 15.36 23.28 -22.12
C LYS V 30 14.57 23.13 -20.82
N ALA V 31 15.31 23.10 -19.70
CA ALA V 31 14.70 22.92 -18.38
C ALA V 31 14.20 24.27 -17.83
N PHE V 32 13.33 24.91 -18.61
CA PHE V 32 12.73 26.20 -18.26
C PHE V 32 13.78 27.24 -17.92
N SER V 33 14.67 27.47 -18.88
CA SER V 33 15.66 28.52 -18.78
C SER V 33 14.98 29.88 -18.90
N PRO V 34 15.59 30.94 -18.36
CA PRO V 34 14.97 32.27 -18.46
C PRO V 34 14.74 32.74 -19.88
N GLU V 35 15.56 32.30 -20.84
CA GLU V 35 15.42 32.74 -22.22
C GLU V 35 14.08 32.33 -22.82
N VAL V 36 13.42 31.31 -22.26
CA VAL V 36 12.13 30.90 -22.80
C VAL V 36 11.03 31.87 -22.39
N ILE V 37 11.27 32.70 -21.38
CA ILE V 37 10.25 33.64 -20.92
C ILE V 37 9.87 34.65 -22.01
N PRO V 38 10.82 35.34 -22.65
CA PRO V 38 10.41 36.18 -23.80
C PRO V 38 9.84 35.39 -24.96
N MET V 39 10.36 34.19 -25.22
CA MET V 39 9.91 33.40 -26.36
C MET V 39 8.42 33.11 -26.29
N PHE V 40 7.89 32.95 -25.07
CA PHE V 40 6.45 32.78 -24.90
C PHE V 40 5.69 33.95 -25.51
N SER V 41 6.09 35.17 -25.16
CA SER V 41 5.44 36.35 -25.74
C SER V 41 5.73 36.48 -27.22
N ALA V 42 6.71 35.74 -27.74
CA ALA V 42 6.97 35.72 -29.17
C ALA V 42 6.08 34.72 -29.91
N LEU V 43 5.27 33.94 -29.19
CA LEU V 43 4.42 32.94 -29.82
C LEU V 43 2.94 33.12 -29.54
N SER V 44 2.56 33.89 -28.51
CA SER V 44 1.17 34.05 -28.11
C SER V 44 0.67 35.47 -28.29
N GLU V 45 1.04 36.14 -29.37
CA GLU V 45 0.57 37.50 -29.61
C GLU V 45 -0.87 37.49 -30.11
N GLY V 46 -1.76 38.17 -29.37
CA GLY V 46 -3.15 38.26 -29.75
C GLY V 46 -3.86 36.92 -29.81
N ALA V 47 -3.68 36.09 -28.78
CA ALA V 47 -4.26 34.76 -28.73
C ALA V 47 -5.34 34.69 -27.65
N THR V 48 -6.42 33.99 -27.95
CA THR V 48 -7.51 33.83 -27.01
C THR V 48 -7.08 32.95 -25.83
N PRO V 49 -7.69 33.12 -24.66
CA PRO V 49 -7.32 32.27 -23.51
C PRO V 49 -7.48 30.79 -23.79
N GLN V 50 -8.43 30.40 -24.64
CA GLN V 50 -8.55 28.99 -25.03
C GLN V 50 -7.28 28.51 -25.73
N ASP V 51 -6.74 29.35 -26.62
CA ASP V 51 -5.48 29.00 -27.27
C ASP V 51 -4.33 28.93 -26.28
N LEU V 52 -4.32 29.83 -25.29
CA LEU V 52 -3.29 29.77 -24.25
C LEU V 52 -3.37 28.47 -23.47
N ASN V 53 -4.58 28.05 -23.11
CA ASN V 53 -4.75 26.78 -22.39
C ASN V 53 -4.32 25.60 -23.26
N THR V 54 -4.67 25.63 -24.55
CA THR V 54 -4.29 24.55 -25.45
C THR V 54 -2.77 24.47 -25.56
N MET V 55 -2.10 25.61 -25.68
CA MET V 55 -0.64 25.63 -25.73
C MET V 55 -0.04 25.12 -24.41
N LEU V 56 -0.63 25.52 -23.28
CA LEU V 56 -0.12 25.09 -21.99
C LEU V 56 -0.24 23.58 -21.81
N ASN V 57 -1.36 23.00 -22.27
CA ASN V 57 -1.61 21.58 -22.08
C ASN V 57 -0.70 20.70 -22.94
N THR V 58 0.05 21.28 -23.87
CA THR V 58 0.93 20.50 -24.74
C THR V 58 2.17 19.98 -24.02
N VAL V 59 2.47 20.49 -22.83
CA VAL V 59 3.71 20.12 -22.15
C VAL V 59 3.67 18.65 -21.74
N GLY V 60 4.80 17.97 -21.94
CA GLY V 60 4.95 16.59 -21.51
C GLY V 60 5.86 16.47 -20.31
N GLY V 61 5.31 16.05 -19.18
CA GLY V 61 6.07 15.99 -17.94
C GLY V 61 6.15 17.35 -17.27
N HIS V 62 6.96 17.40 -16.21
CA HIS V 62 7.15 18.61 -15.41
C HIS V 62 5.81 19.13 -14.89
N GLN V 63 4.98 18.21 -14.40
CA GLN V 63 3.61 18.53 -14.00
C GLN V 63 3.53 19.31 -12.69
N ALA V 64 4.58 19.27 -11.86
CA ALA V 64 4.55 20.03 -10.61
C ALA V 64 4.47 21.54 -10.89
N ALA V 65 5.28 22.02 -11.83
CA ALA V 65 5.22 23.43 -12.20
C ALA V 65 3.88 23.79 -12.82
N MET V 66 3.31 22.89 -13.61
CA MET V 66 1.99 23.14 -14.20
C MET V 66 0.93 23.25 -13.13
N GLN V 67 0.98 22.38 -12.11
CA GLN V 67 0.03 22.46 -11.01
C GLN V 67 0.22 23.76 -10.23
N MET V 68 1.48 24.16 -10.00
CA MET V 68 1.74 25.41 -9.28
C MET V 68 1.17 26.60 -10.06
N LEU V 69 1.40 26.64 -11.37
CA LEU V 69 0.90 27.76 -12.16
C LEU V 69 -0.62 27.73 -12.25
N LYS V 70 -1.23 26.55 -12.30
CA LYS V 70 -2.70 26.48 -12.26
C LYS V 70 -3.24 27.01 -10.95
N GLU V 71 -2.60 26.66 -9.82
CA GLU V 71 -3.04 27.18 -8.54
C GLU V 71 -2.89 28.69 -8.47
N THR V 72 -1.78 29.22 -8.97
CA THR V 72 -1.59 30.67 -8.96
C THR V 72 -2.59 31.37 -9.87
N ILE V 73 -2.92 30.74 -11.01
CA ILE V 73 -3.94 31.30 -11.90
C ILE V 73 -5.29 31.33 -11.19
N ASN V 74 -5.63 30.26 -10.48
CA ASN V 74 -6.90 30.23 -9.76
C ASN V 74 -6.95 31.31 -8.69
N GLU V 75 -5.87 31.46 -7.91
CA GLU V 75 -5.88 32.47 -6.86
C GLU V 75 -5.91 33.89 -7.44
N GLU V 76 -5.22 34.11 -8.56
CA GLU V 76 -5.27 35.42 -9.21
C GLU V 76 -6.66 35.71 -9.76
N ALA V 77 -7.33 34.68 -10.31
CA ALA V 77 -8.69 34.86 -10.76
C ALA V 77 -9.63 35.20 -9.61
N ALA V 78 -9.42 34.55 -8.46
CA ALA V 78 -10.21 34.89 -7.28
C ALA V 78 -9.96 36.32 -6.84
N GLU V 79 -8.70 36.76 -6.86
CA GLU V 79 -8.37 38.15 -6.51
C GLU V 79 -9.05 39.12 -7.47
N TRP V 80 -9.01 38.82 -8.77
CA TRP V 80 -9.65 39.69 -9.76
C TRP V 80 -11.16 39.75 -9.54
N ASP V 81 -11.78 38.60 -9.22
CA ASP V 81 -13.21 38.59 -8.95
C ASP V 81 -13.54 39.42 -7.72
N ARG V 82 -12.72 39.32 -6.68
CA ARG V 82 -13.01 40.02 -5.43
C ARG V 82 -12.72 41.52 -5.50
N LEU V 83 -11.72 41.94 -6.27
CA LEU V 83 -11.40 43.36 -6.33
C LEU V 83 -12.39 44.14 -7.20
N HIS V 84 -12.86 43.51 -8.28
CA HIS V 84 -13.77 44.19 -9.21
C HIS V 84 -15.21 43.95 -8.82
N PRO V 85 -16.01 45.00 -8.63
CA PRO V 85 -17.43 44.80 -8.28
C PRO V 85 -18.17 44.06 -9.39
N VAL V 86 -18.98 43.10 -8.99
CA VAL V 86 -19.69 42.24 -9.95
C VAL V 86 -20.99 42.93 -10.35
N HIS V 87 -21.06 43.40 -11.59
CA HIS V 87 -22.29 44.01 -12.08
C HIS V 87 -23.35 42.95 -12.31
N ALA V 88 -24.59 43.27 -11.93
CA ALA V 88 -25.72 42.36 -12.08
C ALA V 88 -26.85 43.07 -12.81
N GLY V 89 -27.49 42.36 -13.73
CA GLY V 89 -28.60 42.90 -14.47
C GLY V 89 -28.61 42.47 -15.92
N PRO V 90 -29.38 43.16 -16.76
CA PRO V 90 -29.45 42.80 -18.17
C PRO V 90 -28.13 43.04 -18.88
N ILE V 91 -27.91 42.27 -19.94
CA ILE V 91 -26.71 42.36 -20.76
C ILE V 91 -27.03 43.16 -22.01
N ALA V 92 -26.25 44.20 -22.26
CA ALA V 92 -26.47 45.02 -23.43
C ALA V 92 -26.19 44.23 -24.71
N PRO V 93 -27.00 44.41 -25.76
CA PRO V 93 -26.75 43.69 -27.01
C PRO V 93 -25.38 44.05 -27.59
N GLY V 94 -24.72 43.05 -28.15
CA GLY V 94 -23.39 43.22 -28.71
C GLY V 94 -22.28 43.29 -27.69
N GLN V 95 -22.59 43.22 -26.39
CA GLN V 95 -21.58 43.30 -25.35
C GLN V 95 -21.79 42.21 -24.31
N MET V 96 -21.02 42.24 -23.23
CA MET V 96 -21.17 41.26 -22.17
C MET V 96 -20.63 41.88 -20.88
N ARG V 97 -21.06 41.32 -19.75
CA ARG V 97 -20.59 41.79 -18.46
C ARG V 97 -19.13 41.41 -18.26
N GLU V 98 -18.59 41.84 -17.12
CA GLU V 98 -17.19 41.58 -16.82
C GLU V 98 -16.95 40.08 -16.71
N PRO V 99 -15.84 39.57 -17.24
CA PRO V 99 -15.57 38.13 -17.14
C PRO V 99 -15.37 37.69 -15.69
N ARG V 100 -15.79 36.46 -15.41
CA ARG V 100 -15.59 35.87 -14.10
C ARG V 100 -14.18 35.29 -14.00
N GLY V 101 -13.87 34.68 -12.85
CA GLY V 101 -12.59 34.03 -12.70
C GLY V 101 -12.41 32.85 -13.64
N SER V 102 -13.44 32.02 -13.77
CA SER V 102 -13.37 30.92 -14.72
C SER V 102 -13.41 31.42 -16.16
N ASP V 103 -14.02 32.58 -16.39
CA ASP V 103 -14.05 33.14 -17.74
C ASP V 103 -12.68 33.67 -18.16
N ILE V 104 -12.00 34.40 -17.27
CA ILE V 104 -10.65 34.86 -17.58
C ILE V 104 -9.69 33.69 -17.61
N ALA V 105 -9.96 32.64 -16.83
CA ALA V 105 -9.17 31.42 -16.95
C ALA V 105 -9.42 30.72 -18.28
N GLY V 106 -10.58 30.96 -18.90
CA GLY V 106 -10.90 30.40 -20.19
C GLY V 106 -11.45 28.98 -20.17
N THR V 107 -11.70 28.41 -18.99
CA THR V 107 -12.19 27.05 -18.90
C THR V 107 -13.70 26.93 -19.08
N THR V 108 -14.43 28.03 -19.01
CA THR V 108 -15.87 27.99 -19.21
C THR V 108 -16.36 28.96 -20.27
N SER V 109 -15.69 30.09 -20.45
CA SER V 109 -16.10 31.05 -21.47
C SER V 109 -15.91 30.47 -22.86
N THR V 110 -16.95 30.58 -23.69
CA THR V 110 -16.91 30.03 -25.04
C THR V 110 -16.12 30.95 -25.97
N LEU V 111 -15.82 30.44 -27.16
CA LEU V 111 -15.07 31.21 -28.15
C LEU V 111 -15.84 32.45 -28.58
N GLN V 112 -17.17 32.36 -28.71
CA GLN V 112 -17.97 33.50 -29.11
C GLN V 112 -17.87 34.63 -28.10
N GLU V 113 -17.91 34.29 -26.80
CA GLU V 113 -17.75 35.31 -25.77
C GLU V 113 -16.38 35.96 -25.83
N GLN V 114 -15.34 35.17 -26.08
CA GLN V 114 -14.00 35.73 -26.20
C GLN V 114 -13.90 36.68 -27.38
N ILE V 115 -14.49 36.30 -28.51
CA ILE V 115 -14.47 37.17 -29.69
C ILE V 115 -15.23 38.46 -29.41
N GLY V 116 -16.40 38.34 -28.79
CA GLY V 116 -17.18 39.53 -28.45
C GLY V 116 -16.45 40.46 -27.51
N TRP V 117 -15.74 39.90 -26.54
CA TRP V 117 -14.95 40.73 -25.62
C TRP V 117 -13.78 41.39 -26.33
N MET V 118 -13.13 40.66 -27.24
CA MET V 118 -12.01 41.25 -27.99
C MET V 118 -12.49 42.39 -28.87
N THR V 119 -13.64 42.23 -29.52
CA THR V 119 -14.17 43.28 -30.38
C THR V 119 -14.97 44.33 -29.61
N HIS V 120 -15.15 44.15 -28.29
CA HIS V 120 -15.93 45.09 -27.50
C HIS V 120 -15.18 46.41 -27.35
N ASN V 121 -15.93 47.50 -27.39
CA ASN V 121 -15.41 48.85 -27.16
C ASN V 121 -16.08 49.42 -25.93
N PRO V 122 -15.34 49.80 -24.86
CA PRO V 122 -13.88 49.79 -24.71
C PRO V 122 -13.26 48.39 -24.78
N PRO V 123 -11.99 48.30 -25.17
CA PRO V 123 -11.35 46.98 -25.32
C PRO V 123 -11.27 46.25 -23.99
N ILE V 124 -11.35 44.92 -24.08
CA ILE V 124 -11.25 44.06 -22.90
C ILE V 124 -10.02 43.17 -23.06
N PRO V 125 -8.87 43.53 -22.50
CA PRO V 125 -7.65 42.73 -22.60
C PRO V 125 -7.61 41.57 -21.60
N VAL V 126 -8.66 40.74 -21.61
CA VAL V 126 -8.71 39.57 -20.75
C VAL V 126 -7.57 38.62 -21.08
N GLY V 127 -7.32 38.40 -22.37
CA GLY V 127 -6.20 37.57 -22.78
C GLY V 127 -4.87 38.13 -22.30
N GLU V 128 -4.72 39.46 -22.32
CA GLU V 128 -3.49 40.08 -21.85
C GLU V 128 -3.30 39.92 -20.35
N ILE V 129 -4.38 40.03 -19.57
CA ILE V 129 -4.29 39.81 -18.13
C ILE V 129 -3.92 38.36 -17.84
N TYR V 130 -4.52 37.43 -18.57
CA TYR V 130 -4.18 36.02 -18.39
C TYR V 130 -2.73 35.76 -18.77
N LYS V 131 -2.25 36.42 -19.84
CA LYS V 131 -0.85 36.28 -20.25
C LYS V 131 0.10 36.81 -19.18
N ARG V 132 -0.26 37.95 -18.57
CA ARG V 132 0.58 38.48 -17.49
C ARG V 132 0.58 37.56 -16.28
N TRP V 133 -0.57 36.97 -15.96
CA TRP V 133 -0.61 35.98 -14.88
C TRP V 133 0.28 34.79 -15.19
N ILE V 134 0.25 34.33 -16.45
CA ILE V 134 1.12 33.24 -16.88
C ILE V 134 2.58 33.66 -16.80
N ILE V 135 2.88 34.92 -17.10
CA ILE V 135 4.26 35.41 -16.99
C ILE V 135 4.73 35.36 -15.54
N LEU V 136 3.87 35.78 -14.61
CA LEU V 136 4.22 35.70 -13.20
C LEU V 136 4.42 34.25 -12.76
N GLY V 137 3.54 33.36 -13.22
CA GLY V 137 3.71 31.95 -12.91
C GLY V 137 5.00 31.38 -13.46
N LEU V 138 5.37 31.76 -14.67
CA LEU V 138 6.64 31.31 -15.25
C LEU V 138 7.83 31.89 -14.50
N ASN V 139 7.72 33.13 -14.02
CA ASN V 139 8.79 33.70 -13.20
C ASN V 139 8.99 32.92 -11.92
N LYS V 140 7.89 32.58 -11.24
CA LYS V 140 8.04 31.79 -10.02
C LYS V 140 8.49 30.36 -10.32
N ILE V 141 8.15 29.83 -11.50
CA ILE V 141 8.67 28.53 -11.92
C ILE V 141 10.18 28.60 -12.12
N VAL V 142 10.66 29.68 -12.74
CA VAL V 142 12.10 29.86 -12.93
C VAL V 142 12.79 29.98 -11.58
N ARG V 143 12.18 30.71 -10.64
CA ARG V 143 12.72 30.77 -9.29
C ARG V 143 12.76 29.38 -8.65
N MET V 144 11.74 28.56 -8.92
CA MET V 144 11.71 27.19 -8.42
C MET V 144 12.86 26.37 -9.00
N TYR V 145 13.15 26.55 -10.29
CA TYR V 145 14.13 25.76 -10.99
C TYR V 145 15.54 26.34 -10.92
N SER V 146 15.74 27.43 -10.19
CA SER V 146 17.08 27.99 -10.07
C SER V 146 17.96 27.05 -9.24
N PRO V 147 19.08 26.57 -9.78
CA PRO V 147 19.92 25.63 -9.03
C PRO V 147 20.70 26.24 -7.88
N THR V 148 20.92 27.55 -7.89
CA THR V 148 21.70 28.21 -6.86
C THR V 148 21.33 29.69 -6.85
N SER V 149 21.72 30.39 -5.80
CA SER V 149 21.48 31.81 -5.68
C SER V 149 22.59 32.59 -6.39
N ILE V 150 22.62 33.90 -6.17
CA ILE V 150 23.57 34.78 -6.83
C ILE V 150 24.65 35.27 -5.87
N LEU V 151 24.29 35.48 -4.60
CA LEU V 151 25.27 36.02 -3.65
C LEU V 151 26.35 35.00 -3.32
N ASP V 152 26.10 33.72 -3.56
CA ASP V 152 27.06 32.68 -3.19
C ASP V 152 28.01 32.29 -4.33
N ILE V 153 27.90 32.92 -5.50
CA ILE V 153 28.78 32.57 -6.59
C ILE V 153 30.18 33.14 -6.34
N ARG V 154 31.19 32.39 -6.76
CA ARG V 154 32.59 32.78 -6.56
C ARG V 154 33.35 32.65 -7.87
N GLN V 155 34.45 33.40 -7.96
CA GLN V 155 35.32 33.39 -9.12
C GLN V 155 36.57 32.56 -8.82
N GLY V 156 36.95 31.71 -9.77
CA GLY V 156 38.11 30.87 -9.61
C GLY V 156 39.40 31.67 -9.58
N PRO V 157 40.41 31.14 -8.89
CA PRO V 157 41.70 31.85 -8.81
C PRO V 157 42.37 32.06 -10.16
N LYS V 158 42.23 31.11 -11.08
CA LYS V 158 42.83 31.22 -12.42
C LYS V 158 41.78 31.24 -13.52
N GLU V 159 40.52 31.40 -13.18
CA GLU V 159 39.46 31.40 -14.19
C GLU V 159 39.46 32.73 -14.94
N PRO V 160 39.45 32.71 -16.27
CA PRO V 160 39.21 33.96 -17.02
C PRO V 160 37.88 34.57 -16.62
N PHE V 161 37.88 35.86 -16.29
CA PHE V 161 36.69 36.49 -15.72
C PHE V 161 35.58 36.69 -16.73
N ARG V 162 35.81 36.42 -18.01
CA ARG V 162 34.74 36.52 -19.00
C ARG V 162 33.59 35.56 -18.66
N ASP V 163 33.92 34.28 -18.46
CA ASP V 163 32.89 33.32 -18.07
C ASP V 163 32.31 33.65 -16.71
N TYR V 164 33.13 34.18 -15.80
CA TYR V 164 32.67 34.55 -14.47
C TYR V 164 31.57 35.61 -14.56
N VAL V 165 31.83 36.71 -15.28
CA VAL V 165 30.83 37.77 -15.39
C VAL V 165 29.64 37.29 -16.21
N ASP V 166 29.88 36.42 -17.19
CA ASP V 166 28.77 35.90 -17.99
C ASP V 166 27.78 35.12 -17.12
N ARG V 167 28.30 34.17 -16.33
CA ARG V 167 27.43 33.40 -15.44
C ARG V 167 26.87 34.25 -14.30
N PHE V 168 27.61 35.28 -13.86
CA PHE V 168 27.08 36.20 -12.86
C PHE V 168 25.84 36.90 -13.37
N TYR V 169 25.91 37.44 -14.59
CA TYR V 169 24.75 38.10 -15.17
C TYR V 169 23.63 37.10 -15.49
N LYS V 170 23.99 35.88 -15.92
CA LYS V 170 22.98 34.88 -16.20
C LYS V 170 22.19 34.53 -14.93
N THR V 171 22.88 34.40 -13.80
CA THR V 171 22.18 34.17 -12.54
C THR V 171 21.44 35.42 -12.08
N LEU V 172 21.98 36.61 -12.38
CA LEU V 172 21.33 37.85 -11.99
C LEU V 172 19.98 38.01 -12.67
N ARG V 173 19.89 37.64 -13.95
CA ARG V 173 18.63 37.79 -14.67
C ARG V 173 17.53 36.91 -14.07
N ALA V 174 17.91 35.81 -13.42
CA ALA V 174 16.94 34.93 -12.77
C ALA V 174 16.44 35.47 -11.44
N GLU V 175 17.06 36.52 -10.90
CA GLU V 175 16.66 37.06 -9.62
C GLU V 175 15.32 37.80 -9.73
N GLN V 176 14.55 37.75 -8.65
CA GLN V 176 13.23 38.37 -8.57
C GLN V 176 13.24 39.53 -7.59
N ALA V 177 14.35 40.26 -7.52
CA ALA V 177 14.47 41.39 -6.61
C ALA V 177 14.04 42.68 -7.31
N SER V 178 13.92 43.75 -6.54
CA SER V 178 13.53 45.04 -7.09
C SER V 178 14.67 45.62 -7.92
N GLN V 179 14.31 46.58 -8.78
CA GLN V 179 15.28 47.13 -9.73
C GLN V 179 16.43 47.84 -9.01
N GLU V 180 16.11 48.59 -7.95
CA GLU V 180 17.15 49.30 -7.22
C GLU V 180 18.15 48.34 -6.57
N VAL V 181 17.64 47.25 -5.98
CA VAL V 181 18.52 46.25 -5.39
C VAL V 181 19.36 45.58 -6.47
N LYS V 182 18.77 45.36 -7.65
CA LYS V 182 19.52 44.78 -8.75
C LYS V 182 20.65 45.71 -9.18
N ASN V 183 20.39 47.01 -9.27
CA ASN V 183 21.44 47.96 -9.61
C ASN V 183 22.53 47.97 -8.55
N TRP V 184 22.14 47.97 -7.29
CA TRP V 184 23.13 47.98 -6.21
C TRP V 184 24.02 46.74 -6.27
N MET V 185 23.42 45.57 -6.47
CA MET V 185 24.22 44.34 -6.50
C MET V 185 25.09 44.28 -7.75
N THR V 186 24.56 44.68 -8.91
CA THR V 186 25.38 44.68 -10.12
C THR V 186 26.44 45.78 -10.10
N GLU V 187 26.36 46.71 -9.15
CA GLU V 187 27.45 47.67 -8.97
C GLU V 187 28.49 47.21 -7.95
N THR V 188 28.07 46.45 -6.92
CA THR V 188 28.96 46.13 -5.81
C THR V 188 29.50 44.71 -5.83
N LEU V 189 28.65 43.70 -6.07
CA LEU V 189 29.03 42.31 -5.87
C LEU V 189 30.17 41.88 -6.77
N LEU V 190 30.05 42.14 -8.08
CA LEU V 190 31.04 41.63 -9.02
C LEU V 190 32.38 42.35 -8.86
N VAL V 191 32.37 43.60 -8.42
CA VAL V 191 33.61 44.33 -8.24
C VAL V 191 34.24 43.97 -6.90
N GLN V 192 33.45 43.52 -5.93
CA GLN V 192 34.00 43.12 -4.65
C GLN V 192 34.25 41.62 -4.53
N ASN V 193 33.92 40.84 -5.56
CA ASN V 193 34.08 39.39 -5.53
C ASN V 193 34.85 38.89 -6.75
N ALA V 194 35.98 39.53 -7.05
CA ALA V 194 36.81 39.19 -8.19
C ALA V 194 38.17 38.67 -7.71
N ASN V 195 39.04 38.40 -8.68
CA ASN V 195 40.41 38.02 -8.36
C ASN V 195 41.17 39.23 -7.79
N PRO V 196 42.20 38.98 -6.98
CA PRO V 196 42.89 40.11 -6.33
C PRO V 196 43.46 41.13 -7.31
N ASP V 197 44.04 40.69 -8.43
CA ASP V 197 44.63 41.63 -9.37
C ASP V 197 43.57 42.48 -10.05
N CYS V 198 42.50 41.83 -10.54
CA CYS V 198 41.44 42.57 -11.21
C CYS V 198 40.68 43.45 -10.24
N LYS V 199 40.47 42.98 -9.01
CA LYS V 199 39.80 43.82 -8.01
C LYS V 199 40.65 45.02 -7.65
N THR V 200 41.97 44.85 -7.58
CA THR V 200 42.86 45.98 -7.34
C THR V 200 42.78 46.98 -8.48
N ILE V 201 42.78 46.49 -9.73
CA ILE V 201 42.67 47.39 -10.87
C ILE V 201 41.35 48.14 -10.85
N LEU V 202 40.25 47.44 -10.53
CA LEU V 202 38.94 48.09 -10.51
C LEU V 202 38.84 49.13 -9.40
N LYS V 203 39.36 48.81 -8.20
CA LYS V 203 39.32 49.79 -7.12
C LYS V 203 40.25 50.97 -7.41
N ALA V 204 41.31 50.75 -8.19
CA ALA V 204 42.09 51.88 -8.70
C ALA V 204 41.26 52.73 -9.66
N LEU V 205 40.46 52.08 -10.51
CA LEU V 205 39.59 52.81 -11.42
C LEU V 205 38.52 53.62 -10.68
N GLY V 206 38.15 53.21 -9.47
CA GLY V 206 37.18 53.94 -8.69
C GLY V 206 35.75 53.58 -9.06
N PRO V 207 34.79 54.23 -8.40
CA PRO V 207 33.38 53.95 -8.66
C PRO V 207 32.91 54.57 -9.97
N GLY V 208 31.72 54.16 -10.39
CA GLY V 208 31.14 54.68 -11.62
C GLY V 208 31.81 54.19 -12.89
N ALA V 209 32.48 53.05 -12.83
CA ALA V 209 33.20 52.50 -13.99
C ALA V 209 32.27 51.54 -14.73
N THR V 210 32.08 51.79 -16.02
CA THR V 210 31.27 50.89 -16.84
C THR V 210 31.94 49.54 -16.99
N LEU V 211 31.14 48.50 -17.27
CA LEU V 211 31.67 47.15 -17.37
C LEU V 211 32.62 46.99 -18.55
N GLU V 212 32.47 47.79 -19.61
CA GLU V 212 33.40 47.71 -20.73
C GLU V 212 34.81 48.09 -20.30
N GLU V 213 34.95 49.25 -19.64
CA GLU V 213 36.25 49.63 -19.10
C GLU V 213 36.69 48.66 -18.01
N MET V 214 35.72 48.11 -17.27
CA MET V 214 36.02 47.13 -16.23
C MET V 214 36.76 45.93 -16.81
N MET V 215 36.25 45.38 -17.91
CA MET V 215 36.88 44.21 -18.52
C MET V 215 38.10 44.55 -19.35
N THR V 216 38.14 45.73 -19.99
CA THR V 216 39.33 46.10 -20.74
C THR V 216 40.51 46.42 -19.83
N ALA V 217 40.23 46.86 -18.60
CA ALA V 217 41.30 47.13 -17.65
C ALA V 217 41.93 45.84 -17.15
N CYS V 218 41.13 44.77 -17.03
CA CYS V 218 41.61 43.48 -16.55
C CYS V 218 41.97 42.52 -17.67
N GLN V 219 42.13 43.01 -18.91
CA GLN V 219 42.51 42.13 -20.01
C GLN V 219 43.90 41.57 -19.81
N GLY V 220 44.07 40.30 -20.16
CA GLY V 220 45.35 39.63 -20.04
C GLY V 220 45.70 38.81 -21.25
N PRO W 1 -9.51 21.74 -43.80
CA PRO W 1 -10.82 21.92 -43.16
C PRO W 1 -11.62 23.07 -43.78
N ILE W 2 -12.86 23.24 -43.33
CA ILE W 2 -13.70 24.33 -43.81
C ILE W 2 -13.28 25.60 -43.07
N VAL W 3 -12.58 26.49 -43.77
CA VAL W 3 -12.07 27.73 -43.20
C VAL W 3 -12.62 28.89 -44.01
N GLN W 4 -13.14 29.90 -43.31
CA GLN W 4 -13.66 31.08 -43.98
C GLN W 4 -12.54 31.82 -44.70
N ASN W 5 -12.85 32.29 -45.92
CA ASN W 5 -11.89 33.02 -46.72
C ASN W 5 -11.92 34.50 -46.37
N LEU W 6 -10.75 35.13 -46.43
CA LEU W 6 -10.63 36.55 -46.16
C LEU W 6 -11.38 37.36 -47.20
N GLN W 7 -12.49 37.99 -46.80
CA GLN W 7 -13.36 38.73 -47.71
C GLN W 7 -13.85 37.84 -48.85
N GLY W 8 -14.20 36.61 -48.51
CA GLY W 8 -14.65 35.64 -49.49
C GLY W 8 -15.70 34.72 -48.89
N GLN W 9 -16.18 33.80 -49.73
CA GLN W 9 -17.22 32.87 -49.32
C GLN W 9 -16.63 31.74 -48.48
N MET W 10 -17.52 31.00 -47.83
CA MET W 10 -17.12 29.81 -47.08
C MET W 10 -16.69 28.72 -48.05
N VAL W 11 -15.46 28.25 -47.93
CA VAL W 11 -14.90 27.25 -48.83
C VAL W 11 -14.26 26.15 -48.01
N HIS W 12 -14.16 24.96 -48.61
CA HIS W 12 -13.53 23.81 -48.00
C HIS W 12 -12.20 23.52 -48.68
N GLN W 13 -11.19 23.17 -47.86
CA GLN W 13 -9.85 22.88 -48.35
C GLN W 13 -9.39 21.55 -47.78
N ALA W 14 -8.55 20.86 -48.53
CA ALA W 14 -8.10 19.53 -48.15
C ALA W 14 -7.17 19.60 -46.95
N ILE W 15 -7.02 18.46 -46.28
CA ILE W 15 -6.14 18.38 -45.11
C ILE W 15 -4.69 18.48 -45.55
N SER W 16 -3.94 19.36 -44.88
CA SER W 16 -2.54 19.53 -45.22
C SER W 16 -1.75 18.27 -44.88
N PRO W 17 -0.85 17.82 -45.76
CA PRO W 17 -0.03 16.64 -45.44
C PRO W 17 0.83 16.82 -44.19
N ARG W 18 1.30 18.05 -43.95
CA ARG W 18 2.18 18.28 -42.81
C ARG W 18 1.47 18.04 -41.49
N THR W 19 0.21 18.48 -41.37
CA THR W 19 -0.53 18.31 -40.13
C THR W 19 -0.75 16.82 -39.82
N LEU W 20 -1.16 16.05 -40.81
CA LEU W 20 -1.38 14.62 -40.59
C LEU W 20 -0.06 13.89 -40.35
N ASN W 21 1.02 14.31 -41.00
CA ASN W 21 2.33 13.71 -40.74
C ASN W 21 2.77 13.98 -39.31
N ALA W 22 2.57 15.21 -38.83
CA ALA W 22 2.91 15.51 -37.44
C ALA W 22 2.03 14.70 -36.48
N TRP W 23 0.74 14.57 -36.80
CA TRP W 23 -0.15 13.79 -35.95
C TRP W 23 0.29 12.33 -35.88
N VAL W 24 0.61 11.73 -37.02
CA VAL W 24 0.98 10.31 -37.02
C VAL W 24 2.33 10.11 -36.33
N LYS W 25 3.27 11.04 -36.50
CA LYS W 25 4.57 10.87 -35.86
C LYS W 25 4.47 11.05 -34.35
N VAL W 26 3.66 12.01 -33.89
CA VAL W 26 3.49 12.17 -32.46
C VAL W 26 2.65 11.04 -31.87
N VAL W 27 1.82 10.38 -32.69
CA VAL W 27 1.13 9.18 -32.22
C VAL W 27 2.10 8.02 -32.09
N GLU W 28 3.00 7.86 -33.08
CA GLU W 28 3.90 6.71 -33.05
C GLU W 28 4.99 6.86 -31.99
N GLU W 29 5.39 8.09 -31.67
CA GLU W 29 6.44 8.30 -30.70
C GLU W 29 5.92 8.58 -29.29
N LYS W 30 4.69 9.08 -29.16
CA LYS W 30 4.10 9.43 -27.87
C LYS W 30 2.74 8.75 -27.70
N ALA W 31 2.70 7.43 -27.93
CA ALA W 31 1.49 6.65 -28.17
C ALA W 31 0.25 7.07 -27.39
N PHE W 32 0.26 6.91 -26.07
CA PHE W 32 -0.95 7.18 -25.29
C PHE W 32 -0.63 7.98 -24.04
N SER W 33 0.24 8.99 -24.18
CA SER W 33 0.40 9.97 -23.14
C SER W 33 -0.83 10.86 -23.07
N PRO W 34 -1.19 11.36 -21.87
CA PRO W 34 -2.37 12.24 -21.76
C PRO W 34 -2.24 13.51 -22.60
N GLU W 35 -1.00 13.94 -22.86
CA GLU W 35 -0.78 15.17 -23.62
C GLU W 35 -1.31 15.09 -25.04
N VAL W 36 -1.57 13.88 -25.55
CA VAL W 36 -2.12 13.75 -26.90
C VAL W 36 -3.60 14.10 -26.92
N ILE W 37 -4.26 14.07 -25.75
CA ILE W 37 -5.69 14.39 -25.67
C ILE W 37 -5.94 15.84 -26.09
N PRO W 38 -5.20 16.84 -25.56
CA PRO W 38 -5.40 18.20 -26.08
C PRO W 38 -4.79 18.41 -27.46
N MET W 39 -3.64 17.79 -27.74
CA MET W 39 -2.96 17.97 -29.02
C MET W 39 -3.90 17.63 -30.18
N PHE W 40 -4.65 16.53 -30.05
CA PHE W 40 -5.60 16.16 -31.10
C PHE W 40 -6.64 17.25 -31.30
N SER W 41 -7.16 17.82 -30.21
CA SER W 41 -8.15 18.88 -30.35
C SER W 41 -7.54 20.13 -30.94
N ALA W 42 -6.21 20.24 -30.93
CA ALA W 42 -5.55 21.36 -31.60
C ALA W 42 -5.53 21.16 -33.10
N LEU W 43 -5.49 19.90 -33.56
CA LEU W 43 -5.37 19.60 -34.98
C LEU W 43 -6.67 19.12 -35.61
N SER W 44 -7.79 19.17 -34.89
CA SER W 44 -9.08 18.73 -35.40
C SER W 44 -10.14 19.80 -35.23
N GLU W 45 -9.82 21.04 -35.62
CA GLU W 45 -10.74 22.15 -35.51
C GLU W 45 -11.26 22.54 -36.90
N GLY W 46 -12.58 22.59 -37.03
CA GLY W 46 -13.19 23.00 -38.28
C GLY W 46 -13.18 21.95 -39.38
N ALA W 47 -12.81 20.72 -39.07
CA ALA W 47 -12.70 19.66 -40.07
C ALA W 47 -13.98 18.83 -40.10
N THR W 48 -14.38 18.41 -41.30
CA THR W 48 -15.54 17.56 -41.45
C THR W 48 -15.26 16.17 -40.88
N PRO W 49 -16.32 15.43 -40.50
CA PRO W 49 -16.10 14.06 -39.98
C PRO W 49 -15.37 13.15 -40.96
N GLN W 50 -15.55 13.35 -42.27
CA GLN W 50 -14.77 12.58 -43.23
C GLN W 50 -13.28 12.84 -43.05
N ASP W 51 -12.90 14.10 -42.87
CA ASP W 51 -11.51 14.42 -42.57
C ASP W 51 -11.06 13.79 -41.25
N LEU W 52 -11.95 13.76 -40.26
CA LEU W 52 -11.61 13.16 -38.97
C LEU W 52 -11.29 11.68 -39.13
N ASN W 53 -12.13 10.92 -39.83
CA ASN W 53 -11.86 9.50 -39.99
C ASN W 53 -10.68 9.26 -40.93
N THR W 54 -10.47 10.13 -41.91
CA THR W 54 -9.29 10.02 -42.76
C THR W 54 -8.01 10.19 -41.95
N MET W 55 -8.00 11.17 -41.04
CA MET W 55 -6.86 11.35 -40.15
C MET W 55 -6.71 10.16 -39.21
N LEU W 56 -7.83 9.63 -38.70
CA LEU W 56 -7.76 8.55 -37.73
C LEU W 56 -7.29 7.23 -38.35
N ASN W 57 -7.63 6.97 -39.61
CA ASN W 57 -7.30 5.69 -40.23
C ASN W 57 -5.82 5.56 -40.58
N THR W 58 -5.04 6.63 -40.47
CA THR W 58 -3.62 6.58 -40.81
C THR W 58 -2.75 6.13 -39.65
N VAL W 59 -3.34 5.84 -38.49
CA VAL W 59 -2.56 5.41 -37.34
C VAL W 59 -2.05 3.99 -37.56
N GLY W 60 -0.74 3.82 -37.38
CA GLY W 60 -0.09 2.52 -37.56
C GLY W 60 0.14 1.84 -36.22
N GLY W 61 -0.39 0.62 -36.11
CA GLY W 61 -0.28 -0.15 -34.88
C GLY W 61 -1.34 0.26 -33.87
N HIS W 62 -1.37 -0.50 -32.76
CA HIS W 62 -2.32 -0.28 -31.67
C HIS W 62 -3.76 -0.32 -32.17
N GLN W 63 -4.09 -1.39 -32.91
CA GLN W 63 -5.42 -1.50 -33.50
C GLN W 63 -6.51 -1.70 -32.45
N ALA W 64 -6.14 -2.09 -31.23
CA ALA W 64 -7.12 -2.26 -30.17
C ALA W 64 -7.83 -0.94 -29.87
N ALA W 65 -7.07 0.15 -29.80
CA ALA W 65 -7.65 1.47 -29.57
C ALA W 65 -8.58 1.86 -30.71
N MET W 66 -8.18 1.55 -31.96
CA MET W 66 -9.02 1.86 -33.10
C MET W 66 -10.35 1.12 -33.02
N GLN W 67 -10.29 -0.17 -32.68
CA GLN W 67 -11.52 -0.94 -32.56
C GLN W 67 -12.39 -0.44 -31.43
N MET W 68 -11.80 -0.10 -30.28
CA MET W 68 -12.57 0.42 -29.16
C MET W 68 -13.25 1.74 -29.50
N LEU W 69 -12.52 2.64 -30.18
CA LEU W 69 -13.14 3.90 -30.57
C LEU W 69 -14.22 3.69 -31.62
N LYS W 70 -14.04 2.74 -32.54
CA LYS W 70 -15.10 2.44 -33.50
C LYS W 70 -16.34 1.91 -32.80
N GLU W 71 -16.15 1.02 -31.81
CA GLU W 71 -17.28 0.48 -31.08
C GLU W 71 -18.02 1.57 -30.30
N THR W 72 -17.26 2.46 -29.66
CA THR W 72 -17.88 3.56 -28.92
C THR W 72 -18.62 4.50 -29.88
N ILE W 73 -18.05 4.77 -31.05
CA ILE W 73 -18.73 5.59 -32.04
C ILE W 73 -20.05 4.94 -32.45
N ASN W 74 -20.01 3.62 -32.69
CA ASN W 74 -21.22 2.91 -33.12
C ASN W 74 -22.30 2.96 -32.04
N GLU W 75 -21.92 2.69 -30.78
CA GLU W 75 -22.91 2.67 -29.71
C GLU W 75 -23.47 4.07 -29.44
N GLU W 76 -22.61 5.09 -29.50
CA GLU W 76 -23.10 6.45 -29.29
C GLU W 76 -23.97 6.92 -30.45
N ALA W 77 -23.66 6.50 -31.68
CA ALA W 77 -24.54 6.78 -32.80
C ALA W 77 -25.89 6.10 -32.63
N ALA W 78 -25.89 4.86 -32.16
CA ALA W 78 -27.14 4.15 -31.92
C ALA W 78 -27.97 4.86 -30.86
N GLU W 79 -27.34 5.27 -29.76
CA GLU W 79 -28.09 5.97 -28.71
C GLU W 79 -28.54 7.36 -29.16
N TRP W 80 -27.76 8.02 -30.03
CA TRP W 80 -28.19 9.30 -30.59
C TRP W 80 -29.43 9.13 -31.46
N ASP W 81 -29.44 8.08 -32.30
CA ASP W 81 -30.64 7.80 -33.09
C ASP W 81 -31.80 7.38 -32.22
N ARG W 82 -31.52 6.75 -31.07
CA ARG W 82 -32.59 6.40 -30.14
C ARG W 82 -33.23 7.63 -29.52
N LEU W 83 -32.40 8.55 -29.00
CA LEU W 83 -32.94 9.70 -28.29
C LEU W 83 -33.64 10.67 -29.23
N HIS W 84 -33.07 10.89 -30.42
CA HIS W 84 -33.65 11.81 -31.38
C HIS W 84 -34.55 11.05 -32.35
N PRO W 85 -35.84 11.41 -32.45
CA PRO W 85 -36.74 10.66 -33.34
C PRO W 85 -36.27 10.74 -34.79
N VAL W 86 -36.47 9.63 -35.50
CA VAL W 86 -36.06 9.54 -36.90
C VAL W 86 -37.02 10.33 -37.76
N HIS W 87 -36.49 11.24 -38.58
CA HIS W 87 -37.32 12.07 -39.42
C HIS W 87 -37.88 11.26 -40.60
N ALA W 88 -38.98 11.77 -41.15
CA ALA W 88 -39.63 11.12 -42.28
C ALA W 88 -40.24 12.17 -43.19
N GLY W 89 -40.48 11.78 -44.44
CA GLY W 89 -41.04 12.66 -45.42
C GLY W 89 -40.00 13.46 -46.16
N PRO W 90 -40.42 14.19 -47.18
CA PRO W 90 -39.47 14.99 -47.97
C PRO W 90 -38.88 16.13 -47.16
N ILE W 91 -37.66 16.52 -47.52
CA ILE W 91 -36.95 17.61 -46.87
C ILE W 91 -36.94 18.81 -47.82
N ALA W 92 -36.86 20.00 -47.25
CA ALA W 92 -36.87 21.22 -48.04
C ALA W 92 -35.66 21.27 -48.97
N PRO W 93 -35.81 21.75 -50.20
CA PRO W 93 -34.65 21.81 -51.11
C PRO W 93 -33.54 22.68 -50.55
N GLY W 94 -32.30 22.26 -50.80
CA GLY W 94 -31.14 22.96 -50.32
C GLY W 94 -30.72 22.61 -48.91
N GLN W 95 -31.54 21.84 -48.19
CA GLN W 95 -31.24 21.44 -46.82
C GLN W 95 -31.57 19.97 -46.66
N MET W 96 -30.91 19.34 -45.69
CA MET W 96 -31.13 17.94 -45.35
C MET W 96 -31.49 17.82 -43.88
N ARG W 97 -32.22 16.76 -43.54
CA ARG W 97 -32.64 16.54 -42.16
C ARG W 97 -31.43 16.34 -41.25
N GLU W 98 -31.70 16.34 -39.95
CA GLU W 98 -30.63 16.24 -38.97
C GLU W 98 -29.87 14.93 -39.15
N PRO W 99 -28.53 14.96 -39.14
CA PRO W 99 -27.77 13.73 -39.43
C PRO W 99 -28.08 12.62 -38.44
N ARG W 100 -28.13 11.40 -38.95
CA ARG W 100 -28.42 10.22 -38.16
C ARG W 100 -27.12 9.62 -37.60
N GLY W 101 -27.25 8.43 -37.00
CA GLY W 101 -26.09 7.79 -36.41
C GLY W 101 -25.05 7.37 -37.44
N SER W 102 -25.49 6.87 -38.59
CA SER W 102 -24.54 6.50 -39.63
C SER W 102 -23.96 7.72 -40.33
N ASP W 103 -24.67 8.85 -40.29
CA ASP W 103 -24.21 10.05 -40.98
C ASP W 103 -23.07 10.75 -40.23
N ILE W 104 -23.07 10.70 -38.91
CA ILE W 104 -22.04 11.41 -38.14
C ILE W 104 -20.66 10.81 -38.38
N ALA W 105 -20.59 9.50 -38.64
CA ALA W 105 -19.32 8.84 -38.90
C ALA W 105 -18.86 8.98 -40.34
N GLY W 106 -19.72 9.46 -41.24
CA GLY W 106 -19.37 9.62 -42.63
C GLY W 106 -19.42 8.35 -43.46
N THR W 107 -19.83 7.23 -42.88
CA THR W 107 -19.87 5.98 -43.63
C THR W 107 -21.00 5.96 -44.65
N THR W 108 -22.06 6.74 -44.44
CA THR W 108 -23.19 6.76 -45.36
C THR W 108 -23.44 8.13 -45.98
N SER W 109 -22.78 9.18 -45.52
CA SER W 109 -22.96 10.53 -46.06
C SER W 109 -21.68 10.95 -46.79
N THR W 110 -21.85 11.46 -48.00
CA THR W 110 -20.72 11.92 -48.78
C THR W 110 -20.23 13.28 -48.26
N LEU W 111 -19.08 13.72 -48.78
CA LEU W 111 -18.51 14.99 -48.34
C LEU W 111 -19.42 16.16 -48.68
N GLN W 112 -20.15 16.06 -49.80
CA GLN W 112 -21.08 17.12 -50.17
C GLN W 112 -22.18 17.28 -49.13
N GLU W 113 -22.68 16.17 -48.59
CA GLU W 113 -23.68 16.24 -47.53
C GLU W 113 -23.10 16.89 -46.28
N GLN W 114 -21.85 16.57 -45.95
CA GLN W 114 -21.21 17.21 -44.80
C GLN W 114 -21.07 18.71 -45.00
N ILE W 115 -20.69 19.14 -46.21
CA ILE W 115 -20.57 20.56 -46.50
C ILE W 115 -21.92 21.24 -46.40
N GLY W 116 -22.97 20.59 -46.93
CA GLY W 116 -24.31 21.16 -46.85
C GLY W 116 -24.80 21.28 -45.42
N TRP W 117 -24.49 20.29 -44.59
CA TRP W 117 -24.87 20.37 -43.18
C TRP W 117 -24.10 21.47 -42.46
N MET W 118 -22.82 21.63 -42.78
CA MET W 118 -22.03 22.69 -42.14
C MET W 118 -22.52 24.07 -42.54
N THR W 119 -22.87 24.24 -43.81
CA THR W 119 -23.36 25.54 -44.29
C THR W 119 -24.84 25.77 -44.00
N HIS W 120 -25.52 24.78 -43.44
CA HIS W 120 -26.93 24.93 -43.10
C HIS W 120 -27.10 25.98 -42.01
N ASN W 121 -28.24 26.69 -42.06
CA ASN W 121 -28.57 27.70 -41.07
C ASN W 121 -29.75 27.22 -40.24
N PRO W 122 -29.60 26.98 -38.93
CA PRO W 122 -28.39 27.14 -38.11
C PRO W 122 -27.35 26.06 -38.38
N PRO W 123 -26.08 26.33 -38.09
CA PRO W 123 -25.03 25.34 -38.36
C PRO W 123 -25.27 24.04 -37.60
N ILE W 124 -24.98 22.93 -38.27
CA ILE W 124 -25.13 21.60 -37.68
C ILE W 124 -23.76 21.14 -37.20
N PRO W 125 -23.53 21.03 -35.89
CA PRO W 125 -22.22 20.63 -35.36
C PRO W 125 -22.01 19.11 -35.36
N VAL W 126 -22.27 18.47 -36.50
CA VAL W 126 -22.03 17.04 -36.62
C VAL W 126 -20.54 16.73 -36.43
N GLY W 127 -19.68 17.55 -37.03
CA GLY W 127 -18.24 17.37 -36.82
C GLY W 127 -17.84 17.56 -35.38
N GLU W 128 -18.46 18.54 -34.70
CA GLU W 128 -18.14 18.78 -33.30
C GLU W 128 -18.57 17.62 -32.42
N ILE W 129 -19.75 17.04 -32.68
CA ILE W 129 -20.20 15.89 -31.89
C ILE W 129 -19.32 14.68 -32.16
N TYR W 130 -18.90 14.48 -33.42
CA TYR W 130 -17.98 13.40 -33.73
C TYR W 130 -16.64 13.62 -33.01
N LYS W 131 -16.17 14.87 -32.96
CA LYS W 131 -14.93 15.19 -32.28
C LYS W 131 -15.03 14.91 -30.79
N ARG W 132 -16.15 15.28 -30.17
CA ARG W 132 -16.30 15.04 -28.73
C ARG W 132 -16.46 13.55 -28.42
N TRP W 133 -17.08 12.79 -29.33
CA TRP W 133 -17.12 11.35 -29.17
C TRP W 133 -15.72 10.75 -29.25
N ILE W 134 -14.92 11.25 -30.19
CA ILE W 134 -13.52 10.83 -30.28
C ILE W 134 -12.76 11.21 -29.01
N ILE W 135 -13.08 12.37 -28.44
CA ILE W 135 -12.43 12.80 -27.20
C ILE W 135 -12.77 11.83 -26.07
N LEU W 136 -14.04 11.44 -25.97
CA LEU W 136 -14.44 10.46 -24.96
C LEU W 136 -13.72 9.13 -25.16
N GLY W 137 -13.61 8.69 -26.42
CA GLY W 137 -12.86 7.46 -26.70
C GLY W 137 -11.41 7.57 -26.32
N LEU W 138 -10.79 8.71 -26.60
CA LEU W 138 -9.41 8.94 -26.21
C LEU W 138 -9.26 8.92 -24.69
N ASN W 139 -10.22 9.51 -23.99
CA ASN W 139 -10.18 9.50 -22.53
C ASN W 139 -10.24 8.08 -21.99
N LYS W 140 -11.15 7.27 -22.52
CA LYS W 140 -11.24 5.89 -22.01
C LYS W 140 -10.03 5.06 -22.39
N ILE W 141 -9.48 5.25 -23.60
CA ILE W 141 -8.31 4.47 -24.01
C ILE W 141 -7.09 4.89 -23.21
N VAL W 142 -6.97 6.17 -22.84
CA VAL W 142 -5.84 6.59 -22.03
C VAL W 142 -6.03 6.18 -20.58
N ARG W 143 -7.29 6.01 -20.16
CA ARG W 143 -7.56 5.36 -18.88
C ARG W 143 -7.07 3.92 -18.90
N MET W 144 -7.35 3.20 -19.99
CA MET W 144 -6.90 1.81 -20.13
C MET W 144 -5.37 1.75 -20.11
N TYR W 145 -4.73 2.66 -20.84
CA TYR W 145 -3.29 2.65 -21.02
C TYR W 145 -2.51 3.15 -19.81
N SER W 146 -3.16 3.37 -18.68
CA SER W 146 -2.45 3.75 -17.47
C SER W 146 -1.58 2.60 -16.99
N PRO W 147 -0.28 2.80 -16.77
CA PRO W 147 0.57 1.67 -16.36
C PRO W 147 0.17 1.04 -15.04
N THR W 148 -0.35 1.82 -14.09
CA THR W 148 -0.73 1.31 -12.79
C THR W 148 -1.69 2.31 -12.15
N SER W 149 -2.10 2.02 -10.92
CA SER W 149 -3.00 2.89 -10.19
C SER W 149 -2.23 4.07 -9.61
N ILE W 150 -2.88 4.84 -8.74
CA ILE W 150 -2.29 6.03 -8.14
C ILE W 150 -1.90 5.77 -6.68
N LEU W 151 -2.66 4.93 -5.97
CA LEU W 151 -2.39 4.67 -4.56
C LEU W 151 -1.08 3.92 -4.34
N ASP W 152 -0.56 3.24 -5.36
CA ASP W 152 0.63 2.41 -5.20
C ASP W 152 1.93 3.20 -5.25
N ILE W 153 1.88 4.50 -5.55
CA ILE W 153 3.09 5.29 -5.66
C ILE W 153 3.69 5.51 -4.28
N ARG W 154 4.97 5.17 -4.13
CA ARG W 154 5.68 5.33 -2.86
C ARG W 154 7.10 5.80 -3.15
N GLN W 155 7.54 6.82 -2.42
CA GLN W 155 8.84 7.41 -2.67
C GLN W 155 9.96 6.50 -2.14
N GLY W 156 11.04 6.40 -2.90
CA GLY W 156 12.17 5.59 -2.51
C GLY W 156 12.83 6.09 -1.24
N PRO W 157 13.59 5.21 -0.57
CA PRO W 157 14.22 5.61 0.70
C PRO W 157 15.15 6.81 0.58
N LYS W 158 15.86 6.95 -0.54
CA LYS W 158 16.69 8.13 -0.77
C LYS W 158 16.46 8.71 -2.16
N GLU W 159 15.38 8.31 -2.84
CA GLU W 159 15.06 8.90 -4.12
C GLU W 159 14.66 10.37 -3.93
N PRO W 160 15.10 11.27 -4.82
CA PRO W 160 14.68 12.67 -4.70
C PRO W 160 13.16 12.81 -4.83
N PHE W 161 12.60 13.77 -4.11
CA PHE W 161 11.15 13.99 -4.10
C PHE W 161 10.65 14.65 -5.38
N ARG W 162 11.53 15.28 -6.16
CA ARG W 162 11.11 16.01 -7.34
C ARG W 162 10.42 15.12 -8.36
N ASP W 163 11.15 14.13 -8.90
CA ASP W 163 10.54 13.21 -9.85
C ASP W 163 9.42 12.38 -9.21
N TYR W 164 9.48 12.17 -7.90
CA TYR W 164 8.40 11.45 -7.21
C TYR W 164 7.08 12.22 -7.32
N VAL W 165 7.09 13.49 -6.94
CA VAL W 165 5.85 14.27 -7.03
C VAL W 165 5.49 14.51 -8.48
N ASP W 166 6.48 14.61 -9.37
CA ASP W 166 6.18 14.79 -10.79
C ASP W 166 5.42 13.60 -11.35
N ARG W 167 5.90 12.38 -11.06
CA ARG W 167 5.20 11.19 -11.53
C ARG W 167 3.88 10.98 -10.79
N PHE W 168 3.78 11.43 -9.54
CA PHE W 168 2.50 11.38 -8.84
C PHE W 168 1.46 12.23 -9.54
N TYR W 169 1.83 13.46 -9.91
CA TYR W 169 0.90 14.32 -10.65
C TYR W 169 0.64 13.76 -12.05
N LYS W 170 1.65 13.15 -12.67
CA LYS W 170 1.47 12.54 -13.98
C LYS W 170 0.43 11.42 -13.93
N THR W 171 0.52 10.56 -12.91
CA THR W 171 -0.45 9.49 -12.75
C THR W 171 -1.83 10.03 -12.39
N LEU W 172 -1.89 11.05 -11.53
CA LEU W 172 -3.17 11.63 -11.15
C LEU W 172 -3.86 12.30 -12.33
N ARG W 173 -3.08 12.83 -13.28
CA ARG W 173 -3.68 13.49 -14.44
C ARG W 173 -4.48 12.50 -15.29
N ALA W 174 -3.96 11.28 -15.48
CA ALA W 174 -4.67 10.28 -16.27
C ALA W 174 -5.86 9.68 -15.52
N GLU W 175 -5.88 9.78 -14.19
CA GLU W 175 -6.97 9.21 -13.41
C GLU W 175 -8.26 9.98 -13.67
N GLN W 176 -9.36 9.23 -13.78
CA GLN W 176 -10.68 9.79 -14.00
C GLN W 176 -11.45 9.77 -12.68
N ALA W 177 -11.76 10.96 -12.17
CA ALA W 177 -12.48 11.10 -10.91
C ALA W 177 -13.04 12.52 -10.83
N SER W 178 -13.58 12.87 -9.67
CA SER W 178 -14.15 14.19 -9.44
C SER W 178 -13.10 15.11 -8.84
N GLN W 179 -13.45 16.40 -8.77
CA GLN W 179 -12.53 17.39 -8.21
C GLN W 179 -12.26 17.13 -6.74
N GLU W 180 -13.29 16.75 -5.98
CA GLU W 180 -13.10 16.50 -4.55
C GLU W 180 -12.14 15.34 -4.32
N VAL W 181 -12.25 14.28 -5.11
CA VAL W 181 -11.33 13.15 -4.98
C VAL W 181 -9.91 13.60 -5.29
N LYS W 182 -9.74 14.42 -6.33
CA LYS W 182 -8.41 14.93 -6.66
C LYS W 182 -7.84 15.76 -5.52
N ASN W 183 -8.66 16.62 -4.90
CA ASN W 183 -8.18 17.43 -3.78
C ASN W 183 -7.79 16.55 -2.61
N TRP W 184 -8.60 15.54 -2.30
CA TRP W 184 -8.27 14.62 -1.21
C TRP W 184 -6.97 13.89 -1.48
N MET W 185 -6.79 13.41 -2.72
CA MET W 185 -5.56 12.70 -3.06
C MET W 185 -4.35 13.62 -2.95
N THR W 186 -4.43 14.81 -3.52
CA THR W 186 -3.30 15.73 -3.51
C THR W 186 -3.07 16.36 -2.14
N GLU W 187 -4.00 16.18 -1.19
CA GLU W 187 -3.75 16.64 0.17
C GLU W 187 -3.33 15.53 1.13
N THR W 188 -3.55 14.26 0.76
CA THR W 188 -3.18 13.16 1.66
C THR W 188 -2.05 12.28 1.13
N LEU W 189 -2.13 11.83 -0.11
CA LEU W 189 -1.25 10.76 -0.58
C LEU W 189 0.22 11.20 -0.64
N LEU W 190 0.46 12.44 -1.09
CA LEU W 190 1.84 12.88 -1.27
C LEU W 190 2.59 12.96 0.05
N VAL W 191 1.90 13.32 1.14
CA VAL W 191 2.54 13.34 2.44
C VAL W 191 2.49 11.97 3.10
N GLN W 192 1.56 11.11 2.69
CA GLN W 192 1.50 9.77 3.26
C GLN W 192 2.61 8.87 2.71
N ASN W 193 3.02 9.09 1.46
CA ASN W 193 3.97 8.22 0.77
C ASN W 193 5.26 8.95 0.46
N ALA W 194 5.80 9.71 1.41
CA ALA W 194 7.02 10.47 1.23
C ALA W 194 8.12 9.95 2.15
N ASN W 195 9.34 10.46 1.93
CA ASN W 195 10.46 10.06 2.76
C ASN W 195 10.28 10.58 4.18
N PRO W 196 10.73 9.80 5.19
CA PRO W 196 10.39 10.14 6.58
C PRO W 196 10.79 11.53 7.03
N ASP W 197 11.98 12.01 6.66
CA ASP W 197 12.48 13.28 7.15
C ASP W 197 11.61 14.44 6.65
N CYS W 198 11.47 14.56 5.33
CA CYS W 198 10.71 15.66 4.75
C CYS W 198 9.21 15.50 4.91
N LYS W 199 8.71 14.26 5.06
CA LYS W 199 7.29 14.10 5.39
C LYS W 199 7.01 14.50 6.83
N THR W 200 7.97 14.26 7.74
CA THR W 200 7.84 14.78 9.10
C THR W 200 7.91 16.30 9.09
N ILE W 201 8.76 16.87 8.24
CA ILE W 201 8.79 18.33 8.08
C ILE W 201 7.44 18.84 7.61
N LEU W 202 6.83 18.16 6.64
CA LEU W 202 5.51 18.55 6.16
C LEU W 202 4.46 18.45 7.26
N LYS W 203 4.50 17.37 8.05
CA LYS W 203 3.56 17.23 9.16
C LYS W 203 3.75 18.34 10.19
N ALA W 204 5.00 18.81 10.36
CA ALA W 204 5.24 19.96 11.21
C ALA W 204 4.60 21.23 10.64
N LEU W 205 4.58 21.36 9.31
CA LEU W 205 3.95 22.51 8.68
C LEU W 205 2.43 22.50 8.88
N GLY W 206 1.84 21.36 9.17
CA GLY W 206 0.42 21.26 9.39
C GLY W 206 -0.38 21.19 8.11
N PRO W 207 -1.70 21.15 8.23
CA PRO W 207 -2.55 21.06 7.04
C PRO W 207 -2.59 22.38 6.27
N GLY W 208 -3.09 22.28 5.04
CA GLY W 208 -3.18 23.45 4.18
C GLY W 208 -1.83 24.02 3.78
N ALA W 209 -0.89 23.15 3.42
CA ALA W 209 0.44 23.55 2.98
C ALA W 209 0.53 23.39 1.48
N THR W 210 0.92 24.46 0.78
CA THR W 210 1.04 24.42 -0.66
C THR W 210 2.23 23.57 -1.08
N LEU W 211 2.16 23.03 -2.30
CA LEU W 211 3.25 22.20 -2.80
C LEU W 211 4.53 23.01 -3.00
N GLU W 212 4.40 24.33 -3.17
CA GLU W 212 5.59 25.19 -3.22
C GLU W 212 6.34 25.15 -1.89
N GLU W 213 5.62 25.26 -0.78
CA GLU W 213 6.25 25.12 0.53
C GLU W 213 6.78 23.70 0.72
N MET W 214 6.07 22.71 0.19
CA MET W 214 6.52 21.33 0.27
C MET W 214 7.88 21.16 -0.40
N MET W 215 8.04 21.74 -1.59
CA MET W 215 9.30 21.60 -2.30
C MET W 215 10.41 22.49 -1.72
N THR W 216 10.05 23.64 -1.13
CA THR W 216 11.08 24.47 -0.50
C THR W 216 11.52 23.91 0.85
N ALA W 217 10.72 23.03 1.45
CA ALA W 217 11.09 22.39 2.71
C ALA W 217 11.75 21.04 2.49
N CYS W 218 11.32 20.30 1.46
CA CYS W 218 11.85 18.98 1.16
C CYS W 218 13.26 19.03 0.58
N GLN W 219 13.75 20.20 0.19
CA GLN W 219 15.09 20.32 -0.36
C GLN W 219 16.14 20.00 0.70
N GLY W 220 17.20 19.33 0.29
CA GLY W 220 18.29 18.98 1.19
C GLY W 220 17.98 17.80 2.08
N PRO X 1 -1.69 19.85 -58.15
CA PRO X 1 -2.90 19.40 -58.83
C PRO X 1 -3.89 20.54 -59.07
N ILE X 2 -5.10 20.20 -59.48
CA ILE X 2 -6.15 21.20 -59.66
C ILE X 2 -6.70 21.59 -58.29
N VAL X 3 -6.67 22.89 -58.00
CA VAL X 3 -7.07 23.40 -56.70
C VAL X 3 -8.09 24.50 -56.88
N GLN X 4 -8.82 24.78 -55.80
CA GLN X 4 -9.86 25.82 -55.80
C GLN X 4 -9.22 27.15 -55.40
N ASN X 5 -9.19 28.09 -56.33
CA ASN X 5 -8.70 29.42 -56.03
C ASN X 5 -9.62 30.12 -55.04
N LEU X 6 -9.03 30.90 -54.14
CA LEU X 6 -9.82 31.66 -53.18
C LEU X 6 -10.76 32.60 -53.92
N GLN X 7 -12.05 32.50 -53.60
CA GLN X 7 -13.14 33.22 -54.24
C GLN X 7 -12.95 33.32 -55.76
N GLY X 8 -12.51 32.22 -56.38
CA GLY X 8 -12.26 32.20 -57.80
C GLY X 8 -12.78 30.96 -58.51
N GLN X 9 -11.92 30.30 -59.28
CA GLN X 9 -12.30 29.11 -60.04
C GLN X 9 -11.20 28.07 -59.92
N MET X 10 -11.47 26.89 -60.47
CA MET X 10 -10.48 25.82 -60.46
C MET X 10 -9.26 26.20 -61.29
N VAL X 11 -8.07 25.93 -60.74
CA VAL X 11 -6.81 26.27 -61.39
C VAL X 11 -5.88 25.07 -61.29
N HIS X 12 -5.27 24.71 -62.42
CA HIS X 12 -4.30 23.62 -62.45
C HIS X 12 -2.97 24.07 -61.86
N GLN X 13 -2.28 23.14 -61.19
CA GLN X 13 -0.99 23.41 -60.61
C GLN X 13 -0.16 22.13 -60.61
N ALA X 14 1.16 22.31 -60.59
CA ALA X 14 2.06 21.17 -60.56
C ALA X 14 2.11 20.58 -59.14
N ILE X 15 2.64 19.36 -59.05
CA ILE X 15 2.76 18.67 -57.77
C ILE X 15 3.93 19.25 -57.00
N SER X 16 3.68 19.65 -55.75
CA SER X 16 4.75 20.15 -54.91
C SER X 16 5.75 19.04 -54.62
N PRO X 17 7.05 19.32 -54.62
CA PRO X 17 8.03 18.26 -54.32
C PRO X 17 7.85 17.63 -52.95
N ARG X 18 7.37 18.40 -51.97
CA ARG X 18 7.21 17.87 -50.62
C ARG X 18 6.24 16.70 -50.58
N THR X 19 5.11 16.83 -51.27
CA THR X 19 4.08 15.79 -51.25
C THR X 19 4.62 14.48 -51.82
N LEU X 20 5.22 14.55 -53.02
CA LEU X 20 5.74 13.35 -53.65
C LEU X 20 6.90 12.75 -52.87
N ASN X 21 7.77 13.60 -52.33
CA ASN X 21 8.89 13.10 -51.52
C ASN X 21 8.38 12.38 -50.28
N ALA X 22 7.41 12.97 -49.58
CA ALA X 22 6.85 12.33 -48.40
C ALA X 22 6.18 11.01 -48.76
N TRP X 23 5.42 11.00 -49.86
CA TRP X 23 4.76 9.76 -50.29
C TRP X 23 5.79 8.66 -50.56
N VAL X 24 6.80 8.96 -51.37
CA VAL X 24 7.76 7.93 -51.74
C VAL X 24 8.55 7.45 -50.52
N LYS X 25 8.95 8.38 -49.64
CA LYS X 25 9.73 7.97 -48.48
C LYS X 25 8.90 7.12 -47.52
N VAL X 26 7.62 7.50 -47.29
CA VAL X 26 6.81 6.72 -46.36
C VAL X 26 6.49 5.35 -46.96
N VAL X 27 6.25 5.28 -48.27
CA VAL X 27 5.97 4.00 -48.90
C VAL X 27 7.19 3.09 -48.83
N GLU X 28 8.37 3.64 -49.10
CA GLU X 28 9.58 2.81 -49.13
C GLU X 28 10.01 2.40 -47.72
N GLU X 29 9.76 3.25 -46.72
CA GLU X 29 10.34 3.02 -45.41
C GLU X 29 9.40 2.37 -44.42
N LYS X 30 8.10 2.71 -44.42
CA LYS X 30 7.24 2.25 -43.35
C LYS X 30 6.78 0.82 -43.56
N ALA X 31 5.94 0.59 -44.58
CA ALA X 31 5.41 -0.73 -44.87
C ALA X 31 4.54 -0.72 -46.12
N PHE X 32 4.04 -1.90 -46.50
CA PHE X 32 2.91 -2.02 -47.42
C PHE X 32 1.63 -2.36 -46.68
N SER X 33 1.54 -1.97 -45.40
CA SER X 33 0.39 -2.27 -44.57
C SER X 33 -0.84 -1.52 -45.07
N PRO X 34 -2.05 -2.01 -44.76
CA PRO X 34 -3.27 -1.34 -45.28
C PRO X 34 -3.45 0.09 -44.78
N GLU X 35 -2.76 0.49 -43.71
CA GLU X 35 -2.88 1.87 -43.24
C GLU X 35 -2.34 2.88 -44.24
N VAL X 36 -1.55 2.44 -45.23
CA VAL X 36 -1.10 3.36 -46.26
C VAL X 36 -2.20 3.62 -47.27
N ILE X 37 -3.24 2.79 -47.29
CA ILE X 37 -4.34 2.99 -48.23
C ILE X 37 -5.07 4.31 -47.97
N PRO X 38 -5.48 4.65 -46.75
CA PRO X 38 -6.03 5.99 -46.52
C PRO X 38 -5.04 7.11 -46.84
N MET X 39 -3.76 6.89 -46.53
CA MET X 39 -2.75 7.93 -46.76
C MET X 39 -2.75 8.37 -48.22
N PHE X 40 -2.76 7.41 -49.14
CA PHE X 40 -2.85 7.74 -50.55
C PHE X 40 -4.09 8.57 -50.85
N SER X 41 -5.24 8.16 -50.30
CA SER X 41 -6.48 8.91 -50.51
C SER X 41 -6.46 10.26 -49.81
N ALA X 42 -5.49 10.50 -48.94
CA ALA X 42 -5.31 11.81 -48.33
C ALA X 42 -4.32 12.69 -49.08
N LEU X 43 -3.69 12.16 -50.13
CA LEU X 43 -2.69 12.91 -50.89
C LEU X 43 -3.10 13.16 -52.34
N SER X 44 -3.83 12.23 -52.97
CA SER X 44 -4.22 12.37 -54.36
C SER X 44 -5.59 13.02 -54.54
N GLU X 45 -6.05 13.82 -53.58
CA GLU X 45 -7.35 14.45 -53.70
C GLU X 45 -7.31 15.56 -54.73
N GLY X 46 -8.27 15.54 -55.66
CA GLY X 46 -8.34 16.55 -56.69
C GLY X 46 -7.13 16.59 -57.61
N ALA X 47 -6.57 15.43 -57.94
CA ALA X 47 -5.38 15.34 -58.77
C ALA X 47 -5.76 15.10 -60.22
N THR X 48 -4.75 14.85 -61.06
CA THR X 48 -4.90 14.55 -62.47
C THR X 48 -4.25 13.21 -62.77
N PRO X 49 -4.69 12.53 -63.84
CA PRO X 49 -4.09 11.22 -64.16
C PRO X 49 -2.58 11.29 -64.37
N GLN X 50 -2.08 12.37 -64.96
CA GLN X 50 -0.63 12.53 -65.13
C GLN X 50 0.08 12.50 -63.79
N ASP X 51 -0.41 13.29 -62.83
CA ASP X 51 0.18 13.30 -61.50
C ASP X 51 0.05 11.94 -60.82
N LEU X 52 -1.09 11.27 -61.04
CA LEU X 52 -1.29 9.95 -60.44
C LEU X 52 -0.23 8.97 -60.92
N ASN X 53 -0.04 8.87 -62.24
CA ASN X 53 0.96 7.94 -62.75
C ASN X 53 2.38 8.37 -62.41
N THR X 54 2.66 9.67 -62.34
CA THR X 54 3.99 10.14 -61.96
C THR X 54 4.30 9.72 -60.52
N MET X 55 3.35 9.92 -59.61
CA MET X 55 3.51 9.45 -58.24
C MET X 55 3.60 7.94 -58.16
N LEU X 56 2.88 7.23 -59.04
CA LEU X 56 2.86 5.77 -59.00
C LEU X 56 4.20 5.17 -59.41
N ASN X 57 4.77 5.64 -60.53
CA ASN X 57 5.98 5.01 -61.05
C ASN X 57 7.26 5.58 -60.48
N THR X 58 7.21 6.69 -59.75
CA THR X 58 8.44 7.28 -59.22
C THR X 58 9.07 6.38 -58.16
N VAL X 59 8.26 5.79 -57.28
CA VAL X 59 8.79 5.04 -56.15
C VAL X 59 9.55 3.82 -56.65
N GLY X 60 10.77 3.63 -56.14
CA GLY X 60 11.59 2.49 -56.48
C GLY X 60 11.47 1.39 -55.44
N GLY X 61 11.82 0.18 -55.87
CA GLY X 61 11.70 -0.98 -55.01
C GLY X 61 10.35 -1.66 -55.14
N HIS X 62 10.35 -2.99 -54.99
CA HIS X 62 9.12 -3.79 -55.07
C HIS X 62 8.41 -3.58 -56.40
N GLN X 63 9.16 -3.63 -57.50
CA GLN X 63 8.58 -3.41 -58.82
C GLN X 63 7.63 -4.54 -59.22
N ALA X 64 7.66 -5.68 -58.53
CA ALA X 64 6.67 -6.71 -58.79
C ALA X 64 5.27 -6.22 -58.47
N ALA X 65 5.12 -5.47 -57.37
CA ALA X 65 3.84 -4.84 -57.06
C ALA X 65 3.44 -3.85 -58.13
N MET X 66 4.42 -3.09 -58.65
CA MET X 66 4.13 -2.15 -59.73
C MET X 66 3.62 -2.86 -60.97
N GLN X 67 4.24 -3.97 -61.34
CA GLN X 67 3.77 -4.74 -62.49
C GLN X 67 2.39 -5.31 -62.23
N MET X 68 2.14 -5.78 -61.01
CA MET X 68 0.81 -6.31 -60.67
C MET X 68 -0.26 -5.23 -60.81
N LEU X 69 0.01 -4.03 -60.29
CA LEU X 69 -0.99 -2.97 -60.38
C LEU X 69 -1.13 -2.47 -61.82
N LYS X 70 -0.06 -2.49 -62.62
CA LYS X 70 -0.19 -2.16 -64.02
C LYS X 70 -1.06 -3.17 -64.75
N GLU X 71 -0.89 -4.46 -64.45
CA GLU X 71 -1.73 -5.48 -65.06
C GLU X 71 -3.20 -5.30 -64.66
N THR X 72 -3.45 -5.01 -63.38
CA THR X 72 -4.83 -4.78 -62.94
C THR X 72 -5.41 -3.51 -63.58
N ILE X 73 -4.59 -2.48 -63.76
CA ILE X 73 -5.07 -1.28 -64.45
C ILE X 73 -5.43 -1.60 -65.90
N ASN X 74 -4.62 -2.41 -66.57
CA ASN X 74 -4.92 -2.80 -67.94
C ASN X 74 -6.22 -3.60 -68.01
N GLU X 75 -6.40 -4.54 -67.09
CA GLU X 75 -7.63 -5.34 -67.11
C GLU X 75 -8.85 -4.50 -66.76
N GLU X 76 -8.71 -3.53 -65.85
CA GLU X 76 -9.81 -2.63 -65.56
C GLU X 76 -10.12 -1.70 -66.72
N ALA X 77 -9.09 -1.28 -67.47
CA ALA X 77 -9.33 -0.51 -68.69
C ALA X 77 -10.09 -1.34 -69.72
N ALA X 78 -9.73 -2.62 -69.86
CA ALA X 78 -10.48 -3.49 -70.74
C ALA X 78 -11.93 -3.65 -70.28
N GLU X 79 -12.13 -3.79 -68.97
CA GLU X 79 -13.48 -3.89 -68.43
C GLU X 79 -14.28 -2.63 -68.73
N TRP X 80 -13.66 -1.45 -68.55
CA TRP X 80 -14.35 -0.19 -68.85
C TRP X 80 -14.69 -0.09 -70.33
N ASP X 81 -13.77 -0.50 -71.20
CA ASP X 81 -14.03 -0.46 -72.63
C ASP X 81 -15.17 -1.40 -73.01
N ARG X 82 -15.24 -2.56 -72.39
CA ARG X 82 -16.22 -3.57 -72.80
C ARG X 82 -17.60 -3.35 -72.17
N LEU X 83 -17.67 -2.87 -70.92
CA LEU X 83 -18.97 -2.66 -70.30
C LEU X 83 -19.62 -1.38 -70.80
N HIS X 84 -18.83 -0.34 -71.02
CA HIS X 84 -19.36 0.93 -71.50
C HIS X 84 -19.23 0.97 -73.02
N PRO X 85 -20.33 1.08 -73.76
CA PRO X 85 -20.23 1.06 -75.23
C PRO X 85 -19.36 2.19 -75.75
N VAL X 86 -18.59 1.88 -76.79
CA VAL X 86 -17.71 2.86 -77.42
C VAL X 86 -18.52 3.58 -78.50
N HIS X 87 -18.76 4.88 -78.29
CA HIS X 87 -19.55 5.69 -79.21
C HIS X 87 -18.61 6.34 -80.21
N ALA X 88 -18.66 5.89 -81.45
CA ALA X 88 -17.83 6.41 -82.53
C ALA X 88 -18.67 7.30 -83.44
N GLY X 89 -18.22 8.53 -83.66
CA GLY X 89 -18.93 9.46 -84.50
C GLY X 89 -18.27 10.82 -84.53
N PRO X 90 -18.91 11.78 -85.20
CA PRO X 90 -18.34 13.13 -85.28
C PRO X 90 -18.34 13.81 -83.92
N ILE X 91 -17.38 14.70 -83.73
CA ILE X 91 -17.22 15.47 -82.50
C ILE X 91 -17.52 16.93 -82.83
N ALA X 92 -18.47 17.51 -82.11
CA ALA X 92 -18.94 18.87 -82.32
C ALA X 92 -18.41 19.78 -81.20
N PRO X 93 -18.34 21.09 -81.45
CA PRO X 93 -17.95 22.01 -80.38
C PRO X 93 -18.90 21.92 -79.19
N GLY X 94 -18.34 22.05 -77.99
CA GLY X 94 -19.06 21.79 -76.77
C GLY X 94 -18.99 20.36 -76.28
N GLN X 95 -18.43 19.46 -77.09
CA GLN X 95 -18.23 18.06 -76.73
C GLN X 95 -16.83 17.63 -77.15
N MET X 96 -16.31 16.60 -76.49
CA MET X 96 -15.02 16.06 -76.85
C MET X 96 -15.13 14.53 -76.92
N ARG X 97 -14.01 13.90 -77.28
CA ARG X 97 -14.00 12.46 -77.50
C ARG X 97 -14.34 11.70 -76.22
N GLU X 98 -14.97 10.54 -76.36
CA GLU X 98 -15.36 9.75 -75.21
C GLU X 98 -14.12 9.23 -74.49
N PRO X 99 -14.13 9.24 -73.16
CA PRO X 99 -12.99 8.67 -72.41
C PRO X 99 -12.82 7.19 -72.73
N ARG X 100 -11.56 6.77 -72.82
CA ARG X 100 -11.21 5.39 -73.12
C ARG X 100 -10.48 4.77 -71.94
N GLY X 101 -10.31 3.44 -72.01
CA GLY X 101 -9.58 2.74 -70.96
C GLY X 101 -8.14 3.20 -70.86
N SER X 102 -7.48 3.40 -72.00
CA SER X 102 -6.13 3.94 -71.99
C SER X 102 -6.10 5.40 -71.56
N ASP X 103 -7.16 6.15 -71.88
CA ASP X 103 -7.24 7.54 -71.43
C ASP X 103 -7.31 7.64 -69.92
N ILE X 104 -8.03 6.71 -69.28
CA ILE X 104 -8.10 6.70 -67.82
C ILE X 104 -6.72 6.46 -67.22
N ALA X 105 -5.95 5.54 -67.83
CA ALA X 105 -4.59 5.28 -67.38
C ALA X 105 -3.64 6.44 -67.64
N GLY X 106 -4.04 7.43 -68.42
CA GLY X 106 -3.18 8.57 -68.72
C GLY X 106 -1.98 8.22 -69.57
N THR X 107 -2.15 7.31 -70.54
CA THR X 107 -1.07 6.91 -71.44
C THR X 107 -1.21 7.50 -72.83
N THR X 108 -2.41 7.47 -73.41
CA THR X 108 -2.66 8.03 -74.73
C THR X 108 -3.24 9.44 -74.65
N SER X 109 -3.26 10.05 -73.47
CA SER X 109 -3.79 11.40 -73.29
C SER X 109 -2.74 12.27 -72.62
N THR X 110 -2.79 13.56 -72.91
CA THR X 110 -1.88 14.55 -72.36
C THR X 110 -2.60 15.41 -71.33
N LEU X 111 -1.86 16.35 -70.74
CA LEU X 111 -2.35 17.08 -69.57
C LEU X 111 -3.44 18.08 -69.94
N GLN X 112 -3.29 18.79 -71.07
CA GLN X 112 -4.24 19.85 -71.41
C GLN X 112 -5.62 19.29 -71.67
N GLU X 113 -5.72 18.15 -72.37
CA GLU X 113 -7.03 17.57 -72.60
C GLU X 113 -7.61 16.95 -71.33
N GLN X 114 -6.76 16.52 -70.40
CA GLN X 114 -7.25 16.11 -69.10
C GLN X 114 -7.87 17.29 -68.35
N ILE X 115 -7.23 18.46 -68.42
CA ILE X 115 -7.81 19.66 -67.81
C ILE X 115 -9.12 20.02 -68.49
N GLY X 116 -9.16 19.89 -69.82
CA GLY X 116 -10.41 20.14 -70.54
C GLY X 116 -11.52 19.20 -70.13
N TRP X 117 -11.18 17.93 -69.89
CA TRP X 117 -12.14 16.99 -69.34
C TRP X 117 -12.61 17.42 -67.96
N MET X 118 -11.68 17.87 -67.12
CA MET X 118 -12.03 18.30 -65.77
C MET X 118 -13.00 19.48 -65.80
N THR X 119 -12.78 20.42 -66.70
CA THR X 119 -13.66 21.59 -66.83
C THR X 119 -14.85 21.33 -67.75
N HIS X 120 -14.94 20.16 -68.35
CA HIS X 120 -16.03 19.86 -69.28
C HIS X 120 -17.34 19.69 -68.52
N ASN X 121 -18.43 20.18 -69.13
CA ASN X 121 -19.78 20.02 -68.60
C ASN X 121 -20.58 19.12 -69.52
N PRO X 122 -21.16 18.02 -69.01
CA PRO X 122 -21.17 17.54 -67.63
C PRO X 122 -19.79 17.06 -67.17
N PRO X 123 -19.52 17.12 -65.85
CA PRO X 123 -18.21 16.71 -65.35
C PRO X 123 -17.93 15.24 -65.65
N ILE X 124 -16.67 14.95 -65.97
CA ILE X 124 -16.19 13.62 -66.26
C ILE X 124 -15.18 13.22 -65.20
N PRO X 125 -15.57 12.42 -64.20
CA PRO X 125 -14.65 12.01 -63.14
C PRO X 125 -13.76 10.84 -63.54
N VAL X 126 -12.96 11.04 -64.59
CA VAL X 126 -12.00 10.02 -65.02
C VAL X 126 -10.93 9.84 -63.95
N GLY X 127 -10.50 10.93 -63.31
CA GLY X 127 -9.52 10.82 -62.26
C GLY X 127 -10.01 9.98 -61.09
N GLU X 128 -11.29 10.12 -60.75
CA GLU X 128 -11.85 9.31 -59.67
C GLU X 128 -11.90 7.83 -60.05
N ILE X 129 -12.21 7.53 -61.31
CA ILE X 129 -12.22 6.14 -61.76
C ILE X 129 -10.82 5.55 -61.70
N TYR X 130 -9.82 6.31 -62.14
CA TYR X 130 -8.44 5.82 -62.05
C TYR X 130 -8.02 5.65 -60.59
N LYS X 131 -8.45 6.56 -59.72
CA LYS X 131 -8.12 6.45 -58.31
C LYS X 131 -8.73 5.20 -57.68
N ARG X 132 -9.99 4.90 -58.02
CA ARG X 132 -10.61 3.70 -57.46
C ARG X 132 -10.01 2.43 -58.05
N TRP X 133 -9.57 2.46 -59.31
CA TRP X 133 -8.82 1.33 -59.86
C TRP X 133 -7.52 1.12 -59.11
N ILE X 134 -6.81 2.21 -58.81
CA ILE X 134 -5.59 2.12 -58.02
C ILE X 134 -5.89 1.59 -56.62
N ILE X 135 -7.03 1.99 -56.06
CA ILE X 135 -7.44 1.50 -54.73
C ILE X 135 -7.65 -0.01 -54.78
N LEU X 136 -8.34 -0.50 -55.82
CA LEU X 136 -8.55 -1.93 -55.95
C LEU X 136 -7.22 -2.68 -56.11
N GLY X 137 -6.31 -2.13 -56.93
CA GLY X 137 -5.01 -2.76 -57.08
C GLY X 137 -4.22 -2.79 -55.79
N LEU X 138 -4.27 -1.70 -55.02
CA LEU X 138 -3.59 -1.66 -53.73
C LEU X 138 -4.21 -2.61 -52.73
N ASN X 139 -5.54 -2.79 -52.77
CA ASN X 139 -6.18 -3.80 -51.93
C ASN X 139 -5.69 -5.19 -52.29
N LYS X 140 -5.57 -5.47 -53.59
CA LYS X 140 -5.06 -6.78 -54.00
C LYS X 140 -3.62 -6.97 -53.53
N ILE X 141 -2.78 -5.94 -53.67
CA ILE X 141 -1.38 -6.08 -53.29
C ILE X 141 -1.19 -6.14 -51.78
N VAL X 142 -2.10 -5.54 -50.99
CA VAL X 142 -1.99 -5.66 -49.54
C VAL X 142 -2.56 -7.00 -49.08
N ARG X 143 -3.49 -7.58 -49.84
CA ARG X 143 -3.84 -8.98 -49.63
C ARG X 143 -2.66 -9.89 -49.93
N MET X 144 -1.88 -9.54 -50.96
CA MET X 144 -0.70 -10.33 -51.30
C MET X 144 0.32 -10.35 -50.16
N TYR X 145 0.47 -9.22 -49.47
CA TYR X 145 1.48 -9.06 -48.43
C TYR X 145 0.99 -9.45 -47.04
N SER X 146 -0.01 -10.33 -46.94
CA SER X 146 -0.37 -10.89 -45.65
C SER X 146 0.20 -12.30 -45.56
N PRO X 147 1.37 -12.46 -44.93
CA PRO X 147 2.03 -13.78 -44.93
C PRO X 147 1.21 -14.87 -44.28
N THR X 148 0.44 -14.56 -43.26
CA THR X 148 -0.35 -15.57 -42.54
C THR X 148 -1.82 -15.42 -42.88
N SER X 149 -2.56 -16.51 -42.65
CA SER X 149 -4.01 -16.52 -42.82
C SER X 149 -4.65 -15.88 -41.59
N ILE X 150 -5.96 -16.00 -41.47
CA ILE X 150 -6.68 -15.41 -40.34
C ILE X 150 -7.05 -16.50 -39.34
N LEU X 151 -7.00 -17.76 -39.80
CA LEU X 151 -7.33 -18.89 -38.94
C LEU X 151 -6.11 -19.46 -38.21
N ASP X 152 -4.91 -19.00 -38.50
CA ASP X 152 -3.70 -19.57 -37.92
C ASP X 152 -3.15 -18.75 -36.75
N ILE X 153 -3.82 -17.67 -36.35
CA ILE X 153 -3.33 -16.85 -35.25
C ILE X 153 -3.61 -17.58 -33.93
N ARG X 154 -2.55 -17.90 -33.19
CA ARG X 154 -2.67 -18.59 -31.92
C ARG X 154 -1.85 -17.85 -30.87
N GLN X 155 -2.42 -17.74 -29.67
CA GLN X 155 -1.76 -17.03 -28.58
C GLN X 155 -0.75 -17.96 -27.91
N GLY X 156 0.49 -17.49 -27.76
CA GLY X 156 1.52 -18.23 -27.10
C GLY X 156 1.26 -18.37 -25.62
N PRO X 157 1.78 -19.44 -25.01
CA PRO X 157 1.57 -19.62 -23.56
C PRO X 157 2.11 -18.47 -22.72
N LYS X 158 3.25 -17.90 -23.11
CA LYS X 158 3.82 -16.75 -22.42
C LYS X 158 3.56 -15.43 -23.14
N GLU X 159 2.88 -15.46 -24.28
CA GLU X 159 2.62 -14.25 -25.04
C GLU X 159 1.50 -13.45 -24.40
N PRO X 160 1.70 -12.18 -24.07
CA PRO X 160 0.61 -11.36 -23.53
C PRO X 160 -0.52 -11.22 -24.56
N PHE X 161 -1.75 -11.14 -24.05
CA PHE X 161 -2.90 -11.03 -24.93
C PHE X 161 -3.00 -9.67 -25.61
N ARG X 162 -2.28 -8.67 -25.11
CA ARG X 162 -2.33 -7.34 -25.70
C ARG X 162 -1.82 -7.35 -27.15
N ASP X 163 -0.54 -7.67 -27.33
CA ASP X 163 0.01 -7.73 -28.68
C ASP X 163 -0.67 -8.81 -29.51
N TYR X 164 -1.13 -9.88 -28.88
CA TYR X 164 -1.85 -10.93 -29.59
C TYR X 164 -3.11 -10.37 -30.25
N VAL X 165 -3.95 -9.68 -29.48
CA VAL X 165 -5.17 -9.12 -30.05
C VAL X 165 -4.85 -7.98 -31.00
N ASP X 166 -3.75 -7.25 -30.76
CA ASP X 166 -3.37 -6.18 -31.67
C ASP X 166 -3.05 -6.73 -33.06
N ARG X 167 -2.20 -7.76 -33.11
CA ARG X 167 -1.86 -8.35 -34.40
C ARG X 167 -3.04 -9.10 -35.00
N PHE X 168 -3.93 -9.65 -34.15
CA PHE X 168 -5.16 -10.25 -34.66
C PHE X 168 -6.01 -9.22 -35.40
N TYR X 169 -6.19 -8.04 -34.81
CA TYR X 169 -6.95 -6.98 -35.48
C TYR X 169 -6.21 -6.46 -36.71
N LYS X 170 -4.88 -6.39 -36.65
CA LYS X 170 -4.12 -5.96 -37.82
C LYS X 170 -4.32 -6.91 -38.98
N THR X 171 -4.22 -8.21 -38.73
CA THR X 171 -4.43 -9.20 -39.79
C THR X 171 -5.88 -9.22 -40.26
N LEU X 172 -6.82 -8.96 -39.35
CA LEU X 172 -8.23 -8.87 -39.74
C LEU X 172 -8.46 -7.71 -40.70
N ARG X 173 -7.87 -6.55 -40.39
CA ARG X 173 -8.02 -5.41 -41.30
C ARG X 173 -7.32 -5.66 -42.62
N ALA X 174 -6.13 -6.30 -42.57
CA ALA X 174 -5.44 -6.64 -43.81
C ALA X 174 -6.20 -7.69 -44.61
N GLU X 175 -7.05 -8.48 -43.95
CA GLU X 175 -7.82 -9.51 -44.63
C GLU X 175 -8.92 -8.88 -45.48
N GLN X 176 -9.06 -9.37 -46.72
CA GLN X 176 -10.13 -8.91 -47.61
C GLN X 176 -11.40 -9.67 -47.28
N ALA X 177 -12.38 -8.98 -46.71
CA ALA X 177 -13.63 -9.61 -46.32
C ALA X 177 -14.71 -8.55 -46.18
N SER X 178 -15.96 -9.01 -46.16
CA SER X 178 -17.10 -8.12 -45.99
C SER X 178 -17.26 -7.75 -44.51
N GLN X 179 -18.24 -6.89 -44.23
CA GLN X 179 -18.44 -6.38 -42.88
C GLN X 179 -19.00 -7.48 -41.97
N GLU X 180 -20.02 -8.19 -42.44
CA GLU X 180 -20.68 -9.18 -41.58
C GLU X 180 -19.76 -10.34 -41.25
N VAL X 181 -18.99 -10.83 -42.23
CA VAL X 181 -18.05 -11.89 -41.95
C VAL X 181 -16.94 -11.41 -41.02
N LYS X 182 -16.52 -10.16 -41.16
CA LYS X 182 -15.54 -9.59 -40.23
C LYS X 182 -16.11 -9.55 -38.80
N ASN X 183 -17.38 -9.17 -38.67
CA ASN X 183 -18.00 -9.17 -37.35
C ASN X 183 -18.06 -10.58 -36.76
N TRP X 184 -18.44 -11.56 -37.58
CA TRP X 184 -18.48 -12.94 -37.10
C TRP X 184 -17.10 -13.41 -36.66
N MET X 185 -16.07 -13.08 -37.45
CA MET X 185 -14.72 -13.50 -37.10
C MET X 185 -14.23 -12.83 -35.83
N THR X 186 -14.44 -11.52 -35.70
CA THR X 186 -14.02 -10.84 -34.48
C THR X 186 -14.88 -11.21 -33.28
N GLU X 187 -16.02 -11.86 -33.50
CA GLU X 187 -16.79 -12.38 -32.38
C GLU X 187 -16.43 -13.80 -31.99
N THR X 188 -15.90 -14.60 -32.92
CA THR X 188 -15.62 -16.01 -32.64
C THR X 188 -14.14 -16.34 -32.54
N LEU X 189 -13.33 -15.94 -33.53
CA LEU X 189 -11.97 -16.46 -33.64
C LEU X 189 -11.10 -16.07 -32.45
N LEU X 190 -11.21 -14.82 -31.99
CA LEU X 190 -10.32 -14.38 -30.91
C LEU X 190 -10.55 -15.17 -29.63
N VAL X 191 -11.81 -15.49 -29.33
CA VAL X 191 -12.07 -16.32 -28.15
C VAL X 191 -11.86 -17.80 -28.44
N GLN X 192 -11.82 -18.20 -29.71
CA GLN X 192 -11.57 -19.60 -30.05
C GLN X 192 -10.09 -19.93 -30.16
N ASN X 193 -9.19 -18.95 -30.00
CA ASN X 193 -7.76 -19.21 -30.17
C ASN X 193 -6.92 -18.53 -29.09
N ALA X 194 -7.49 -18.30 -27.91
CA ALA X 194 -6.75 -17.66 -26.82
C ALA X 194 -6.10 -18.72 -25.92
N ASN X 195 -5.30 -18.23 -24.97
CA ASN X 195 -4.71 -19.11 -23.97
C ASN X 195 -5.81 -19.75 -23.12
N PRO X 196 -5.59 -20.97 -22.63
CA PRO X 196 -6.69 -21.67 -21.92
C PRO X 196 -7.26 -20.92 -20.74
N ASP X 197 -6.43 -20.25 -19.93
CA ASP X 197 -6.94 -19.55 -18.76
C ASP X 197 -7.86 -18.41 -19.16
N CYS X 198 -7.42 -17.54 -20.07
CA CYS X 198 -8.27 -16.47 -20.54
C CYS X 198 -9.43 -17.01 -21.37
N LYS X 199 -9.24 -18.16 -22.02
CA LYS X 199 -10.33 -18.80 -22.74
C LYS X 199 -11.48 -19.13 -21.79
N THR X 200 -11.17 -19.80 -20.68
CA THR X 200 -12.19 -20.13 -19.71
C THR X 200 -12.77 -18.87 -19.06
N ILE X 201 -11.92 -17.86 -18.81
CA ILE X 201 -12.41 -16.62 -18.22
C ILE X 201 -13.44 -15.96 -19.13
N LEU X 202 -13.13 -15.86 -20.42
CA LEU X 202 -14.04 -15.21 -21.36
C LEU X 202 -15.29 -16.05 -21.60
N LYS X 203 -15.15 -17.38 -21.56
CA LYS X 203 -16.33 -18.23 -21.65
C LYS X 203 -17.24 -18.03 -20.45
N ALA X 204 -16.67 -17.85 -19.26
CA ALA X 204 -17.45 -17.51 -18.09
C ALA X 204 -18.10 -16.14 -18.24
N LEU X 205 -17.41 -15.21 -18.90
CA LEU X 205 -17.99 -13.89 -19.16
C LEU X 205 -19.23 -13.98 -20.03
N GLY X 206 -19.20 -14.85 -21.05
CA GLY X 206 -20.35 -15.06 -21.90
C GLY X 206 -20.44 -14.07 -23.05
N PRO X 207 -21.40 -14.29 -23.94
CA PRO X 207 -21.56 -13.39 -25.10
C PRO X 207 -22.18 -12.07 -24.68
N GLY X 208 -22.32 -11.17 -25.65
CA GLY X 208 -22.91 -9.87 -25.40
C GLY X 208 -22.02 -8.92 -24.61
N ALA X 209 -20.72 -9.15 -24.59
CA ALA X 209 -19.78 -8.31 -23.87
C ALA X 209 -18.77 -7.72 -24.85
N THR X 210 -18.51 -6.42 -24.73
CA THR X 210 -17.55 -5.77 -25.59
C THR X 210 -16.13 -6.14 -25.18
N LEU X 211 -15.16 -5.72 -26.00
CA LEU X 211 -13.78 -6.09 -25.77
C LEU X 211 -13.22 -5.51 -24.47
N GLU X 212 -13.86 -4.49 -23.92
CA GLU X 212 -13.38 -3.90 -22.67
C GLU X 212 -13.43 -4.91 -21.53
N GLU X 213 -14.54 -5.65 -21.40
CA GLU X 213 -14.64 -6.67 -20.36
C GLU X 213 -13.59 -7.77 -20.56
N MET X 214 -13.39 -8.19 -21.81
CA MET X 214 -12.42 -9.24 -22.09
C MET X 214 -11.01 -8.80 -21.73
N MET X 215 -10.65 -7.56 -22.07
CA MET X 215 -9.30 -7.08 -21.78
C MET X 215 -9.10 -6.80 -20.30
N THR X 216 -10.14 -6.37 -19.59
CA THR X 216 -10.02 -6.19 -18.15
C THR X 216 -10.00 -7.51 -17.40
N ALA X 217 -10.57 -8.57 -17.98
CA ALA X 217 -10.58 -9.86 -17.32
C ALA X 217 -9.35 -10.71 -17.61
N CYS X 218 -8.80 -10.61 -18.83
CA CYS X 218 -7.65 -11.42 -19.20
C CYS X 218 -6.35 -10.93 -18.58
N GLN X 219 -6.34 -9.73 -17.99
CA GLN X 219 -5.12 -9.23 -17.35
C GLN X 219 -4.68 -10.16 -16.22
N GLY X 220 -3.38 -10.43 -16.19
CA GLY X 220 -2.81 -11.30 -15.18
C GLY X 220 -2.79 -12.77 -15.58
N PRO Y 1 22.34 77.79 22.25
CA PRO Y 1 21.03 77.83 21.57
C PRO Y 1 20.09 78.86 22.19
N ILE Y 2 19.33 79.56 21.35
CA ILE Y 2 18.36 80.52 21.86
C ILE Y 2 17.20 79.77 22.49
N VAL Y 3 16.87 80.13 23.73
CA VAL Y 3 15.85 79.42 24.49
C VAL Y 3 14.81 80.41 24.99
N GLN Y 4 13.63 79.89 25.31
CA GLN Y 4 12.53 80.70 25.81
C GLN Y 4 12.81 81.07 27.27
N ASN Y 5 12.70 82.36 27.58
CA ASN Y 5 12.87 82.82 28.95
C ASN Y 5 11.59 82.60 29.74
N LEU Y 6 11.74 82.41 31.05
CA LEU Y 6 10.60 82.23 31.93
C LEU Y 6 9.74 83.49 31.94
N GLN Y 7 8.54 83.40 31.33
CA GLN Y 7 7.67 84.56 31.12
C GLN Y 7 8.43 85.70 30.44
N GLY Y 8 9.21 85.35 29.42
CA GLY Y 8 10.01 86.33 28.71
C GLY Y 8 10.17 85.96 27.25
N GLN Y 9 10.88 86.81 26.52
CA GLN Y 9 11.11 86.62 25.10
C GLN Y 9 12.20 85.58 24.86
N MET Y 10 12.33 85.16 23.60
CA MET Y 10 13.32 84.15 23.21
C MET Y 10 14.71 84.78 23.29
N VAL Y 11 15.49 84.38 24.30
CA VAL Y 11 16.78 84.98 24.60
C VAL Y 11 17.88 84.00 24.21
N HIS Y 12 18.93 84.51 23.57
CA HIS Y 12 20.10 83.71 23.24
C HIS Y 12 20.99 83.54 24.47
N GLN Y 13 21.51 82.33 24.65
CA GLN Y 13 22.38 82.02 25.77
C GLN Y 13 23.67 81.39 25.27
N ALA Y 14 24.73 81.57 26.03
CA ALA Y 14 26.04 81.01 25.67
C ALA Y 14 26.08 79.51 25.99
N ILE Y 15 27.06 78.84 25.40
CA ILE Y 15 27.25 77.41 25.63
C ILE Y 15 27.86 77.22 27.00
N SER Y 16 27.24 76.37 27.81
CA SER Y 16 27.76 76.08 29.13
C SER Y 16 29.11 75.34 29.02
N PRO Y 17 30.05 75.59 29.93
CA PRO Y 17 31.32 74.85 29.86
C PRO Y 17 31.16 73.34 29.94
N ARG Y 18 30.17 72.88 30.72
CA ARG Y 18 29.96 71.44 30.83
C ARG Y 18 29.59 70.82 29.49
N THR Y 19 28.72 71.48 28.73
CA THR Y 19 28.28 70.92 27.45
C THR Y 19 29.44 70.79 26.47
N LEU Y 20 30.21 71.85 26.31
CA LEU Y 20 31.34 71.81 25.37
C LEU Y 20 32.41 70.83 25.85
N ASN Y 21 32.66 70.77 27.16
CA ASN Y 21 33.63 69.82 27.68
C ASN Y 21 33.18 68.39 27.41
N ALA Y 22 31.90 68.08 27.65
CA ALA Y 22 31.40 66.74 27.37
C ALA Y 22 31.49 66.42 25.89
N TRP Y 23 31.14 67.38 25.03
CA TRP Y 23 31.21 67.15 23.60
C TRP Y 23 32.64 66.84 23.15
N VAL Y 24 33.59 67.68 23.58
CA VAL Y 24 34.96 67.49 23.11
C VAL Y 24 35.54 66.19 23.67
N LYS Y 25 35.22 65.87 24.93
CA LYS Y 25 35.78 64.65 25.51
C LYS Y 25 35.17 63.40 24.90
N VAL Y 26 33.86 63.43 24.59
CA VAL Y 26 33.26 62.27 23.96
C VAL Y 26 33.72 62.11 22.51
N VAL Y 27 34.05 63.21 21.84
CA VAL Y 27 34.58 63.14 20.48
C VAL Y 27 35.99 62.59 20.49
N GLU Y 28 36.84 63.12 21.39
CA GLU Y 28 38.27 62.79 21.34
C GLU Y 28 38.56 61.45 22.03
N GLU Y 29 37.69 61.03 22.95
CA GLU Y 29 38.03 59.91 23.81
C GLU Y 29 37.69 58.57 23.16
N LYS Y 30 36.44 58.37 22.76
CA LYS Y 30 35.97 57.03 22.42
C LYS Y 30 36.40 56.62 21.02
N ALA Y 31 35.89 57.29 19.99
CA ALA Y 31 36.17 56.96 18.60
C ALA Y 31 35.43 57.96 17.72
N PHE Y 32 35.68 57.87 16.42
CA PHE Y 32 34.85 58.52 15.42
C PHE Y 32 33.79 57.56 14.88
N SER Y 33 33.12 56.86 15.82
CA SER Y 33 32.13 55.80 15.75
C SER Y 33 30.75 56.37 15.40
N PRO Y 34 29.87 55.57 14.80
CA PRO Y 34 28.55 56.11 14.40
C PRO Y 34 27.73 56.70 15.53
N GLU Y 35 27.83 56.17 16.74
CA GLU Y 35 26.97 56.63 17.83
C GLU Y 35 27.26 58.07 18.23
N VAL Y 36 28.39 58.63 17.81
CA VAL Y 36 28.65 60.04 18.11
C VAL Y 36 27.76 60.94 17.28
N ILE Y 37 27.25 60.44 16.14
CA ILE Y 37 26.36 61.26 15.31
C ILE Y 37 25.07 61.60 16.06
N PRO Y 38 24.33 60.66 16.65
CA PRO Y 38 23.20 61.07 17.49
C PRO Y 38 23.60 61.93 18.69
N MET Y 39 24.76 61.62 19.30
CA MET Y 39 25.19 62.37 20.48
C MET Y 39 25.31 63.85 20.19
N PHE Y 40 25.83 64.20 19.02
CA PHE Y 40 25.89 65.60 18.59
C PHE Y 40 24.50 66.22 18.61
N SER Y 41 23.52 65.55 18.00
CA SER Y 41 22.16 66.09 18.00
C SER Y 41 21.54 66.08 19.39
N ALA Y 42 22.17 65.39 20.35
CA ALA Y 42 21.69 65.44 21.72
C ALA Y 42 22.08 66.75 22.38
N LEU Y 43 23.16 67.39 21.92
CA LEU Y 43 23.67 68.58 22.58
C LEU Y 43 23.57 69.84 21.73
N SER Y 44 23.50 69.73 20.40
CA SER Y 44 23.49 70.88 19.51
C SER Y 44 22.10 71.19 18.97
N GLU Y 45 21.05 70.93 19.76
CA GLU Y 45 19.69 71.20 19.31
C GLU Y 45 19.39 72.69 19.37
N GLY Y 46 18.90 73.24 18.27
CA GLY Y 46 18.54 74.65 18.21
C GLY Y 46 19.70 75.59 18.39
N ALA Y 47 20.92 75.08 18.25
CA ALA Y 47 22.11 75.90 18.48
C ALA Y 47 22.32 76.89 17.35
N THR Y 48 22.78 78.08 17.71
CA THR Y 48 23.09 79.10 16.71
C THR Y 48 24.29 78.67 15.88
N PRO Y 49 24.38 79.13 14.63
CA PRO Y 49 25.52 78.74 13.78
C PRO Y 49 26.88 79.12 14.37
N GLN Y 50 26.97 80.26 15.05
CA GLN Y 50 28.25 80.66 15.65
C GLN Y 50 28.66 79.68 16.73
N ASP Y 51 27.71 79.25 17.58
CA ASP Y 51 28.02 78.26 18.60
C ASP Y 51 28.45 76.94 17.97
N LEU Y 52 27.79 76.53 16.88
CA LEU Y 52 28.18 75.32 16.17
C LEU Y 52 29.60 75.43 15.65
N ASN Y 53 29.94 76.59 15.06
CA ASN Y 53 31.29 76.78 14.54
C ASN Y 53 32.32 76.72 15.65
N THR Y 54 32.05 77.37 16.79
CA THR Y 54 33.01 77.36 17.88
C THR Y 54 33.19 75.97 18.46
N MET Y 55 32.09 75.25 18.69
CA MET Y 55 32.20 73.90 19.25
C MET Y 55 32.81 72.92 18.26
N LEU Y 56 32.70 73.21 16.96
CA LEU Y 56 33.35 72.37 15.96
C LEU Y 56 34.85 72.66 15.89
N ASN Y 57 35.23 73.93 16.05
CA ASN Y 57 36.64 74.30 16.00
C ASN Y 57 37.39 73.96 17.28
N THR Y 58 36.68 73.80 18.40
CA THR Y 58 37.35 73.45 19.65
C THR Y 58 37.85 72.01 19.68
N VAL Y 59 37.49 71.19 18.69
CA VAL Y 59 37.92 69.80 18.69
C VAL Y 59 39.44 69.73 18.47
N GLY Y 60 40.05 68.70 19.05
CA GLY Y 60 41.48 68.49 18.90
C GLY Y 60 41.82 67.18 18.24
N GLY Y 61 42.57 67.23 17.15
CA GLY Y 61 42.94 66.05 16.40
C GLY Y 61 42.03 65.79 15.21
N HIS Y 62 42.57 65.02 14.26
CA HIS Y 62 41.85 64.61 13.06
C HIS Y 62 41.35 65.81 12.25
N GLN Y 63 42.31 66.62 11.77
CA GLN Y 63 41.95 67.80 10.99
C GLN Y 63 41.63 67.48 9.54
N ALA Y 64 41.95 66.28 9.06
CA ALA Y 64 41.55 65.90 7.71
C ALA Y 64 40.03 65.83 7.59
N ALA Y 65 39.38 65.23 8.60
CA ALA Y 65 37.92 65.22 8.62
C ALA Y 65 37.37 66.64 8.74
N MET Y 66 38.06 67.51 9.48
CA MET Y 66 37.63 68.90 9.58
C MET Y 66 37.68 69.59 8.23
N GLN Y 67 38.75 69.37 7.47
CA GLN Y 67 38.85 69.96 6.14
C GLN Y 67 37.79 69.40 5.20
N MET Y 68 37.53 68.09 5.29
CA MET Y 68 36.48 67.50 4.45
C MET Y 68 35.11 68.05 4.78
N LEU Y 69 34.79 68.21 6.06
CA LEU Y 69 33.49 68.80 6.41
C LEU Y 69 33.43 70.26 6.02
N LYS Y 70 34.56 70.99 6.09
CA LYS Y 70 34.59 72.37 5.62
C LYS Y 70 34.29 72.45 4.13
N GLU Y 71 34.91 71.57 3.34
CA GLU Y 71 34.68 71.61 1.90
C GLU Y 71 33.26 71.17 1.54
N THR Y 72 32.71 70.21 2.28
CA THR Y 72 31.32 69.81 2.04
C THR Y 72 30.36 70.94 2.41
N ILE Y 73 30.65 71.66 3.49
CA ILE Y 73 29.83 72.82 3.85
C ILE Y 73 29.92 73.88 2.77
N ASN Y 74 31.11 74.13 2.25
CA ASN Y 74 31.28 75.13 1.20
C ASN Y 74 30.50 74.75 -0.06
N GLU Y 75 30.59 73.48 -0.47
CA GLU Y 75 29.88 73.06 -1.68
C GLU Y 75 28.38 73.05 -1.46
N GLU Y 76 27.92 72.70 -0.25
CA GLU Y 76 26.49 72.76 0.04
C GLU Y 76 25.99 74.19 0.05
N ALA Y 77 26.79 75.13 0.56
CA ALA Y 77 26.41 76.54 0.50
C ALA Y 77 26.35 77.02 -0.95
N ALA Y 78 27.30 76.59 -1.78
CA ALA Y 78 27.24 76.93 -3.20
C ALA Y 78 25.99 76.38 -3.84
N GLU Y 79 25.62 75.13 -3.52
CA GLU Y 79 24.40 74.55 -4.07
C GLU Y 79 23.16 75.30 -3.59
N TRP Y 80 23.14 75.72 -2.32
CA TRP Y 80 22.02 76.48 -1.80
C TRP Y 80 21.89 77.82 -2.51
N ASP Y 81 23.03 78.50 -2.76
CA ASP Y 81 22.99 79.76 -3.49
C ASP Y 81 22.57 79.54 -4.95
N ARG Y 82 22.87 78.38 -5.50
CA ARG Y 82 22.49 78.08 -6.89
C ARG Y 82 20.99 77.83 -7.01
N LEU Y 83 20.47 76.86 -6.24
CA LEU Y 83 19.05 76.51 -6.34
C LEU Y 83 18.17 77.65 -5.85
N HIS Y 84 18.60 78.36 -4.81
CA HIS Y 84 17.84 79.48 -4.27
C HIS Y 84 18.52 80.79 -4.67
N PRO Y 85 17.97 81.54 -5.62
CA PRO Y 85 18.59 82.82 -5.99
C PRO Y 85 18.54 83.81 -4.86
N VAL Y 86 19.51 84.73 -4.86
CA VAL Y 86 19.57 85.77 -3.84
C VAL Y 86 18.56 86.86 -4.20
N HIS Y 87 17.62 87.12 -3.29
CA HIS Y 87 16.59 88.13 -3.48
C HIS Y 87 17.02 89.40 -2.74
N ALA Y 88 17.38 90.42 -3.50
CA ALA Y 88 17.80 91.69 -2.94
C ALA Y 88 16.65 92.70 -3.05
N GLY Y 89 16.94 93.94 -2.65
CA GLY Y 89 15.94 94.99 -2.70
C GLY Y 89 15.53 95.46 -1.32
N PRO Y 90 14.46 96.25 -1.24
CA PRO Y 90 13.99 96.73 0.05
C PRO Y 90 13.56 95.57 0.95
N ILE Y 91 13.79 95.74 2.25
CA ILE Y 91 13.46 94.74 3.25
C ILE Y 91 12.47 95.35 4.23
N ALA Y 92 11.40 94.62 4.50
CA ALA Y 92 10.37 95.11 5.41
C ALA Y 92 10.94 95.29 6.81
N PRO Y 93 10.51 96.30 7.56
CA PRO Y 93 11.01 96.50 8.92
C PRO Y 93 10.57 95.37 9.84
N GLY Y 94 11.41 95.09 10.82
CA GLY Y 94 11.16 94.00 11.75
C GLY Y 94 11.49 92.63 11.20
N GLN Y 95 12.06 92.55 10.00
CA GLN Y 95 12.42 91.28 9.38
C GLN Y 95 13.80 91.41 8.77
N MET Y 96 14.31 90.29 8.27
CA MET Y 96 15.64 90.24 7.66
C MET Y 96 15.57 89.45 6.36
N ARG Y 97 16.44 89.80 5.42
CA ARG Y 97 16.46 89.13 4.13
C ARG Y 97 17.01 87.70 4.27
N GLU Y 98 16.87 86.93 3.20
CA GLU Y 98 17.30 85.54 3.22
C GLU Y 98 18.82 85.45 3.40
N PRO Y 99 19.31 84.45 4.10
CA PRO Y 99 20.76 84.30 4.29
C PRO Y 99 21.44 83.85 3.00
N ARG Y 100 22.74 84.12 2.94
CA ARG Y 100 23.58 83.70 1.83
C ARG Y 100 24.25 82.38 2.16
N GLY Y 101 25.14 81.94 1.28
CA GLY Y 101 25.89 80.72 1.55
C GLY Y 101 26.79 80.83 2.76
N SER Y 102 27.40 81.99 2.97
CA SER Y 102 28.28 82.21 4.10
C SER Y 102 27.57 82.79 5.32
N ASP Y 103 26.41 83.41 5.13
CA ASP Y 103 25.67 83.92 6.28
C ASP Y 103 25.21 82.80 7.20
N ILE Y 104 24.71 81.71 6.62
CA ILE Y 104 24.36 80.54 7.43
C ILE Y 104 25.60 79.93 8.05
N ALA Y 105 26.74 79.99 7.35
CA ALA Y 105 28.00 79.49 7.89
C ALA Y 105 28.54 80.37 9.00
N GLY Y 106 27.99 81.57 9.20
CA GLY Y 106 28.38 82.43 10.29
C GLY Y 106 29.68 83.19 10.10
N THR Y 107 30.38 82.99 8.98
CA THR Y 107 31.64 83.69 8.76
C THR Y 107 31.42 85.16 8.43
N THR Y 108 30.39 85.46 7.64
CA THR Y 108 30.11 86.84 7.22
C THR Y 108 28.83 87.38 7.81
N SER Y 109 28.30 86.74 8.85
CA SER Y 109 27.07 87.16 9.50
C SER Y 109 27.30 87.26 11.00
N THR Y 110 26.79 88.33 11.61
CA THR Y 110 26.94 88.54 13.04
C THR Y 110 25.89 87.74 13.81
N LEU Y 111 26.11 87.62 15.12
CA LEU Y 111 25.18 86.90 15.97
C LEU Y 111 23.82 87.59 16.03
N GLN Y 112 23.78 88.92 15.87
CA GLN Y 112 22.51 89.63 15.87
C GLN Y 112 21.64 89.19 14.71
N GLU Y 113 22.23 88.96 13.54
CA GLU Y 113 21.47 88.46 12.40
C GLU Y 113 20.91 87.07 12.70
N GLN Y 114 21.69 86.22 13.36
CA GLN Y 114 21.20 84.90 13.74
C GLN Y 114 20.03 85.00 14.71
N ILE Y 115 20.13 85.91 15.69
CA ILE Y 115 19.03 86.10 16.63
C ILE Y 115 17.78 86.58 15.91
N GLY Y 116 17.94 87.53 14.99
CA GLY Y 116 16.80 88.03 14.23
C GLY Y 116 16.17 86.96 13.37
N TRP Y 117 16.99 86.09 12.77
CA TRP Y 117 16.46 85.00 11.96
C TRP Y 117 15.73 83.98 12.82
N MET Y 118 16.22 83.72 14.03
CA MET Y 118 15.53 82.78 14.92
C MET Y 118 14.16 83.32 15.34
N THR Y 119 14.07 84.62 15.59
CA THR Y 119 12.81 85.25 15.98
C THR Y 119 12.08 85.88 14.79
N HIS Y 120 12.42 85.48 13.57
CA HIS Y 120 11.81 86.05 12.38
C HIS Y 120 10.31 85.75 12.34
N ASN Y 121 9.60 86.52 11.52
CA ASN Y 121 8.15 86.37 11.36
C ASN Y 121 7.83 86.26 9.88
N PRO Y 122 7.66 85.03 9.36
CA PRO Y 122 7.79 83.73 10.03
C PRO Y 122 9.24 83.37 10.32
N PRO Y 123 9.49 82.50 11.30
CA PRO Y 123 10.87 82.16 11.65
C PRO Y 123 11.62 81.54 10.49
N ILE Y 124 12.91 81.83 10.42
CA ILE Y 124 13.79 81.27 9.39
C ILE Y 124 14.94 80.57 10.10
N PRO Y 125 14.73 79.36 10.63
CA PRO Y 125 15.76 78.67 11.42
C PRO Y 125 16.81 77.93 10.58
N VAL Y 126 17.81 78.69 10.13
CA VAL Y 126 18.94 78.10 9.41
C VAL Y 126 19.83 77.27 10.31
N GLY Y 127 19.62 77.33 11.62
CA GLY Y 127 20.41 76.51 12.53
C GLY Y 127 20.25 75.03 12.27
N GLU Y 128 19.01 74.59 12.07
CA GLU Y 128 18.76 73.18 11.75
C GLU Y 128 19.29 72.81 10.37
N ILE Y 129 19.30 73.75 9.42
CA ILE Y 129 19.86 73.48 8.10
C ILE Y 129 21.36 73.24 8.21
N TYR Y 130 22.05 74.10 8.96
CA TYR Y 130 23.47 73.88 9.18
C TYR Y 130 23.72 72.61 9.98
N LYS Y 131 22.81 72.29 10.92
CA LYS Y 131 22.95 71.07 11.70
C LYS Y 131 22.86 69.83 10.82
N ARG Y 132 21.92 69.80 9.87
CA ARG Y 132 21.82 68.65 8.98
C ARG Y 132 22.94 68.63 7.96
N TRP Y 133 23.47 69.79 7.58
CA TRP Y 133 24.70 69.81 6.78
C TRP Y 133 25.85 69.15 7.53
N ILE Y 134 25.99 69.48 8.81
CA ILE Y 134 27.00 68.84 9.65
C ILE Y 134 26.72 67.35 9.81
N ILE Y 135 25.44 66.97 9.86
CA ILE Y 135 25.08 65.55 9.96
C ILE Y 135 25.54 64.81 8.71
N LEU Y 136 25.33 65.41 7.54
CA LEU Y 136 25.82 64.80 6.30
C LEU Y 136 27.34 64.70 6.30
N GLY Y 137 28.02 65.75 6.78
CA GLY Y 137 29.46 65.70 6.89
C GLY Y 137 29.93 64.59 7.82
N LEU Y 138 29.25 64.41 8.95
CA LEU Y 138 29.59 63.34 9.88
C LEU Y 138 29.32 61.97 9.28
N ASN Y 139 28.25 61.84 8.48
CA ASN Y 139 28.02 60.59 7.77
C ASN Y 139 29.16 60.29 6.81
N LYS Y 140 29.64 61.30 6.09
CA LYS Y 140 30.80 61.11 5.23
C LYS Y 140 32.03 60.71 6.04
N ILE Y 141 32.24 61.34 7.20
CA ILE Y 141 33.38 61.02 8.04
C ILE Y 141 33.32 59.59 8.54
N VAL Y 142 32.14 59.15 8.99
CA VAL Y 142 32.01 57.78 9.51
C VAL Y 142 32.11 56.76 8.37
N ARG Y 143 31.69 57.14 7.16
CA ARG Y 143 31.94 56.27 6.01
C ARG Y 143 33.43 56.16 5.73
N MET Y 144 34.16 57.26 5.86
CA MET Y 144 35.61 57.27 5.69
C MET Y 144 36.29 56.37 6.71
N TYR Y 145 35.83 56.44 7.96
CA TYR Y 145 36.47 55.73 9.07
C TYR Y 145 35.90 54.33 9.30
N SER Y 146 35.03 53.84 8.42
CA SER Y 146 34.52 52.49 8.56
C SER Y 146 35.65 51.49 8.38
N PRO Y 147 35.90 50.60 9.35
CA PRO Y 147 37.05 49.68 9.24
C PRO Y 147 36.96 48.73 8.06
N THR Y 148 35.77 48.30 7.67
CA THR Y 148 35.62 47.33 6.60
C THR Y 148 34.20 47.38 6.07
N SER Y 149 33.94 46.59 5.02
CA SER Y 149 32.63 46.53 4.41
C SER Y 149 31.69 45.67 5.27
N ILE Y 150 30.52 45.37 4.72
CA ILE Y 150 29.50 44.62 5.45
C ILE Y 150 29.42 43.20 4.93
N LEU Y 151 29.62 43.02 3.62
CA LEU Y 151 29.38 41.74 2.99
C LEU Y 151 30.46 40.70 3.31
N ASP Y 152 31.62 41.13 3.77
CA ASP Y 152 32.74 40.21 3.99
C ASP Y 152 32.79 39.62 5.40
N ILE Y 153 31.81 39.91 6.25
CA ILE Y 153 31.79 39.34 7.59
C ILE Y 153 31.30 37.90 7.53
N ARG Y 154 32.09 36.99 8.08
CA ARG Y 154 31.75 35.57 8.14
C ARG Y 154 31.82 35.09 9.58
N GLN Y 155 30.80 34.34 10.00
CA GLN Y 155 30.77 33.82 11.36
C GLN Y 155 31.82 32.74 11.56
N GLY Y 156 32.45 32.76 12.73
CA GLY Y 156 33.45 31.76 13.06
C GLY Y 156 32.83 30.40 13.31
N PRO Y 157 33.65 29.35 13.22
CA PRO Y 157 33.10 28.00 13.44
C PRO Y 157 32.61 27.76 14.86
N LYS Y 158 33.45 28.04 15.85
CA LYS Y 158 33.09 27.86 17.25
C LYS Y 158 32.68 29.16 17.93
N GLU Y 159 33.00 30.30 17.33
CA GLU Y 159 32.61 31.59 17.89
C GLU Y 159 31.09 31.70 17.94
N PRO Y 160 30.51 32.13 19.06
CA PRO Y 160 29.04 32.21 19.15
C PRO Y 160 28.48 33.22 18.16
N PHE Y 161 27.23 32.99 17.74
CA PHE Y 161 26.55 33.88 16.82
C PHE Y 161 26.10 35.18 17.47
N ARG Y 162 26.18 35.29 18.80
CA ARG Y 162 25.72 36.51 19.46
C ARG Y 162 26.55 37.72 19.06
N ASP Y 163 27.86 37.67 19.33
CA ASP Y 163 28.71 38.78 18.90
C ASP Y 163 28.82 38.87 17.38
N TYR Y 164 28.58 37.77 16.67
CA TYR Y 164 28.56 37.83 15.21
C TYR Y 164 27.44 38.73 14.72
N VAL Y 165 26.21 38.49 15.18
CA VAL Y 165 25.10 39.34 14.77
C VAL Y 165 25.25 40.73 15.36
N ASP Y 166 25.87 40.85 16.54
CA ASP Y 166 26.12 42.17 17.11
C ASP Y 166 27.01 43.02 16.20
N ARG Y 167 28.16 42.47 15.79
CA ARG Y 167 29.04 43.21 14.89
C ARG Y 167 28.42 43.38 13.52
N PHE Y 168 27.60 42.43 13.08
CA PHE Y 168 26.89 42.57 11.81
C PHE Y 168 25.98 43.79 11.82
N TYR Y 169 25.17 43.93 12.88
CA TYR Y 169 24.29 45.09 12.97
C TYR Y 169 25.06 46.38 13.24
N LYS Y 170 26.19 46.30 13.96
CA LYS Y 170 27.01 47.48 14.15
C LYS Y 170 27.54 48.00 12.83
N THR Y 171 28.06 47.10 11.99
CA THR Y 171 28.53 47.49 10.67
C THR Y 171 27.39 47.87 9.73
N LEU Y 172 26.18 47.33 9.97
CA LEU Y 172 25.02 47.79 9.22
C LEU Y 172 24.72 49.26 9.52
N ARG Y 173 24.69 49.60 10.81
CA ARG Y 173 24.43 50.99 11.18
C ARG Y 173 25.58 51.90 10.72
N ALA Y 174 26.80 51.39 10.75
CA ALA Y 174 27.93 52.15 10.23
C ALA Y 174 27.90 52.27 8.71
N GLU Y 175 27.20 51.36 8.04
CA GLU Y 175 27.15 51.35 6.59
C GLU Y 175 26.27 52.48 6.08
N GLN Y 176 26.69 53.08 4.96
CA GLN Y 176 25.93 54.13 4.29
C GLN Y 176 25.36 53.58 3.00
N ALA Y 177 24.02 53.52 2.92
CA ALA Y 177 23.32 53.00 1.76
C ALA Y 177 21.87 53.45 1.86
N SER Y 178 21.02 52.96 0.96
CA SER Y 178 19.60 53.27 0.95
C SER Y 178 18.83 52.27 1.80
N GLN Y 179 17.67 52.71 2.28
CA GLN Y 179 16.88 51.89 3.22
C GLN Y 179 16.41 50.60 2.55
N GLU Y 180 16.09 50.64 1.26
CA GLU Y 180 15.63 49.44 0.57
C GLU Y 180 16.72 48.37 0.54
N VAL Y 181 17.98 48.79 0.30
CA VAL Y 181 19.08 47.84 0.34
C VAL Y 181 19.23 47.25 1.74
N LYS Y 182 19.06 48.07 2.77
CA LYS Y 182 19.14 47.58 4.14
C LYS Y 182 18.06 46.54 4.41
N ASN Y 183 16.83 46.81 3.96
CA ASN Y 183 15.75 45.85 4.14
C ASN Y 183 16.02 44.56 3.39
N TRP Y 184 16.57 44.66 2.18
CA TRP Y 184 16.89 43.45 1.43
C TRP Y 184 17.99 42.63 2.11
N MET Y 185 19.01 43.30 2.64
CA MET Y 185 20.17 42.61 3.19
C MET Y 185 19.97 42.13 4.62
N THR Y 186 18.99 42.69 5.35
CA THR Y 186 18.79 42.29 6.73
C THR Y 186 18.15 40.92 6.87
N GLU Y 187 17.71 40.30 5.78
CA GLU Y 187 17.05 39.01 5.84
C GLU Y 187 17.79 37.89 5.11
N THR Y 188 18.82 38.22 4.34
CA THR Y 188 19.50 37.23 3.51
C THR Y 188 20.98 37.08 3.83
N LEU Y 189 21.68 38.18 4.09
CA LEU Y 189 23.13 38.12 4.24
C LEU Y 189 23.54 37.46 5.56
N LEU Y 190 22.87 37.82 6.66
CA LEU Y 190 23.28 37.31 7.97
C LEU Y 190 23.08 35.80 8.07
N VAL Y 191 21.96 35.29 7.55
CA VAL Y 191 21.70 33.86 7.63
C VAL Y 191 22.64 33.09 6.71
N GLN Y 192 22.92 33.64 5.52
CA GLN Y 192 23.77 32.94 4.55
C GLN Y 192 25.19 32.77 5.07
N ASN Y 193 25.72 33.78 5.77
CA ASN Y 193 27.09 33.76 6.26
C ASN Y 193 27.20 33.24 7.70
N ALA Y 194 26.27 32.38 8.12
CA ALA Y 194 26.27 31.81 9.45
C ALA Y 194 26.72 30.35 9.41
N ASN Y 195 26.73 29.71 10.58
CA ASN Y 195 27.11 28.31 10.68
C ASN Y 195 26.09 27.45 9.93
N PRO Y 196 26.55 26.35 9.31
CA PRO Y 196 25.64 25.54 8.48
C PRO Y 196 24.41 25.03 9.22
N ASP Y 197 24.56 24.53 10.45
CA ASP Y 197 23.45 23.94 11.17
C ASP Y 197 22.40 25.00 11.51
N CYS Y 198 22.84 26.12 12.09
CA CYS Y 198 21.93 27.20 12.43
C CYS Y 198 21.31 27.87 11.20
N LYS Y 199 22.07 28.04 10.12
CA LYS Y 199 21.50 28.63 8.92
C LYS Y 199 20.47 27.70 8.27
N THR Y 200 20.71 26.39 8.29
CA THR Y 200 19.70 25.47 7.78
C THR Y 200 18.46 25.44 8.67
N ILE Y 201 18.65 25.58 9.99
CA ILE Y 201 17.50 25.70 10.88
C ILE Y 201 16.69 26.95 10.54
N LEU Y 202 17.37 28.06 10.32
CA LEU Y 202 16.67 29.29 9.95
C LEU Y 202 15.94 29.15 8.62
N LYS Y 203 16.57 28.49 7.65
CA LYS Y 203 15.92 28.25 6.37
C LYS Y 203 14.67 27.38 6.54
N ALA Y 204 14.75 26.36 7.41
CA ALA Y 204 13.58 25.53 7.67
C ALA Y 204 12.48 26.31 8.38
N LEU Y 205 12.85 27.30 9.21
CA LEU Y 205 11.85 28.09 9.91
C LEU Y 205 11.03 28.95 8.95
N GLY Y 206 11.55 29.30 7.79
CA GLY Y 206 10.83 30.06 6.81
C GLY Y 206 11.17 31.55 6.83
N PRO Y 207 11.05 32.18 5.66
CA PRO Y 207 11.35 33.62 5.58
C PRO Y 207 10.30 34.46 6.27
N GLY Y 208 10.69 35.69 6.61
CA GLY Y 208 9.79 36.65 7.24
C GLY Y 208 9.71 36.60 8.74
N ALA Y 209 10.37 35.63 9.38
CA ALA Y 209 10.34 35.54 10.83
C ALA Y 209 11.23 36.60 11.46
N THR Y 210 10.90 36.98 12.69
CA THR Y 210 11.68 37.98 13.41
C THR Y 210 13.04 37.42 13.79
N LEU Y 211 14.00 38.32 13.96
CA LEU Y 211 15.38 37.91 14.26
C LEU Y 211 15.48 37.26 15.63
N GLU Y 212 14.61 37.65 16.57
CA GLU Y 212 14.63 37.04 17.90
C GLU Y 212 14.35 35.54 17.82
N GLU Y 213 13.36 35.14 17.01
CA GLU Y 213 13.11 33.73 16.79
C GLU Y 213 14.30 33.06 16.12
N MET Y 214 14.94 33.76 15.17
CA MET Y 214 16.10 33.21 14.49
C MET Y 214 17.21 32.85 15.47
N MET Y 215 17.56 33.78 16.36
CA MET Y 215 18.67 33.52 17.27
C MET Y 215 18.26 32.72 18.50
N THR Y 216 16.95 32.57 18.78
CA THR Y 216 16.55 31.60 19.81
C THR Y 216 16.62 30.18 19.26
N ALA Y 217 16.26 29.99 17.99
CA ALA Y 217 16.42 28.68 17.39
C ALA Y 217 17.88 28.36 17.11
N CYS Y 218 18.69 29.39 16.86
CA CYS Y 218 20.12 29.25 16.62
C CYS Y 218 20.89 28.85 17.88
N GLN Y 219 20.25 28.89 19.05
CA GLN Y 219 20.92 28.52 20.29
C GLN Y 219 21.32 27.05 20.27
N GLY Y 220 22.45 26.76 20.90
CA GLY Y 220 22.97 25.41 20.97
C GLY Y 220 24.24 25.21 20.16
N PRO Z 1 30.96 86.20 35.63
CA PRO Z 1 31.03 87.32 34.68
C PRO Z 1 29.71 88.06 34.55
N ILE Z 2 29.58 88.89 33.52
CA ILE Z 2 28.33 89.62 33.29
C ILE Z 2 27.26 88.65 32.82
N VAL Z 3 26.13 88.62 33.54
CA VAL Z 3 25.03 87.73 33.22
C VAL Z 3 23.74 88.54 33.14
N GLN Z 4 22.75 87.97 32.48
CA GLN Z 4 21.45 88.61 32.33
C GLN Z 4 20.57 88.33 33.54
N ASN Z 5 19.44 89.02 33.61
CA ASN Z 5 18.44 88.81 34.65
C ASN Z 5 17.09 88.54 34.00
N LEU Z 6 16.18 87.95 34.76
CA LEU Z 6 14.84 87.66 34.28
C LEU Z 6 14.10 88.98 34.10
N GLN Z 7 13.97 89.42 32.85
CA GLN Z 7 13.35 90.70 32.50
C GLN Z 7 14.02 91.85 33.24
N GLY Z 8 15.35 91.82 33.28
CA GLY Z 8 16.15 92.83 33.93
C GLY Z 8 17.22 93.37 32.99
N GLN Z 9 18.33 93.77 33.59
CA GLN Z 9 19.48 94.32 32.87
C GLN Z 9 20.69 93.41 33.04
N MET Z 10 21.81 93.82 32.45
CA MET Z 10 23.04 93.03 32.51
C MET Z 10 23.84 93.44 33.73
N VAL Z 11 23.78 92.63 34.79
CA VAL Z 11 24.47 92.92 36.03
C VAL Z 11 25.69 92.02 36.14
N HIS Z 12 26.70 92.49 36.87
CA HIS Z 12 27.90 91.69 37.11
C HIS Z 12 27.61 90.58 38.11
N GLN Z 13 28.21 89.41 37.86
CA GLN Z 13 28.03 88.25 38.73
C GLN Z 13 29.39 87.65 39.02
N ALA Z 14 29.45 86.86 40.09
CA ALA Z 14 30.70 86.24 40.51
C ALA Z 14 31.19 85.25 39.45
N ILE Z 15 32.51 85.22 39.25
CA ILE Z 15 33.11 84.28 38.32
C ILE Z 15 32.93 82.86 38.84
N SER Z 16 32.45 81.97 37.98
CA SER Z 16 32.23 80.59 38.37
C SER Z 16 33.57 79.91 38.64
N PRO Z 17 33.79 79.35 39.82
CA PRO Z 17 35.06 78.63 40.08
C PRO Z 17 35.28 77.47 39.13
N ARG Z 18 34.21 76.77 38.73
CA ARG Z 18 34.36 75.64 37.81
C ARG Z 18 34.84 76.10 36.44
N THR Z 19 34.37 77.25 35.97
CA THR Z 19 34.79 77.76 34.67
C THR Z 19 36.28 78.07 34.66
N LEU Z 20 36.76 78.79 35.68
CA LEU Z 20 38.19 79.11 35.73
C LEU Z 20 39.03 77.88 35.96
N ASN Z 21 38.51 76.91 36.73
CA ASN Z 21 39.23 75.65 36.93
C ASN Z 21 39.37 74.90 35.61
N ALA Z 22 38.30 74.85 34.82
CA ALA Z 22 38.38 74.20 33.51
C ALA Z 22 39.36 74.94 32.60
N TRP Z 23 39.32 76.27 32.62
CA TRP Z 23 40.24 77.05 31.79
C TRP Z 23 41.69 76.74 32.14
N VAL Z 24 42.03 76.78 33.43
CA VAL Z 24 43.41 76.56 33.82
C VAL Z 24 43.83 75.12 33.55
N LYS Z 25 42.90 74.16 33.74
CA LYS Z 25 43.28 72.76 33.51
C LYS Z 25 43.51 72.48 32.04
N VAL Z 26 42.69 73.07 31.16
CA VAL Z 26 42.90 72.86 29.73
C VAL Z 26 44.11 73.64 29.23
N VAL Z 27 44.48 74.73 29.93
CA VAL Z 27 45.71 75.43 29.58
C VAL Z 27 46.93 74.61 29.97
N GLU Z 28 46.92 74.04 31.18
CA GLU Z 28 48.10 73.33 31.68
C GLU Z 28 48.26 71.95 31.05
N GLU Z 29 47.15 71.25 30.81
CA GLU Z 29 47.25 69.86 30.35
C GLU Z 29 47.62 69.80 28.87
N LYS Z 30 47.22 70.79 28.09
CA LYS Z 30 47.46 70.81 26.66
C LYS Z 30 48.37 71.98 26.30
N ALA Z 31 49.31 71.74 25.40
CA ALA Z 31 50.24 72.77 24.96
C ALA Z 31 49.51 73.77 24.07
N PHE Z 32 50.26 74.75 23.56
CA PHE Z 32 49.68 75.79 22.71
C PHE Z 32 49.28 75.16 21.38
N SER Z 33 47.96 74.98 21.19
CA SER Z 33 47.40 74.40 19.98
C SER Z 33 46.32 75.34 19.45
N PRO Z 34 46.09 75.34 18.13
CA PRO Z 34 45.10 76.26 17.56
C PRO Z 34 43.71 76.11 18.16
N GLU Z 35 43.28 74.88 18.45
CA GLU Z 35 41.91 74.65 18.91
C GLU Z 35 41.64 75.29 20.26
N VAL Z 36 42.67 75.62 21.02
CA VAL Z 36 42.45 76.28 22.30
C VAL Z 36 42.13 77.76 22.13
N ILE Z 37 42.35 78.31 20.94
CA ILE Z 37 42.06 79.73 20.69
C ILE Z 37 40.55 79.94 20.68
N PRO Z 38 39.76 79.20 19.89
CA PRO Z 38 38.30 79.35 20.01
C PRO Z 38 37.77 78.99 21.39
N MET Z 39 38.38 78.00 22.05
CA MET Z 39 37.94 77.59 23.37
C MET Z 39 37.91 78.77 24.34
N PHE Z 40 38.99 79.57 24.31
CA PHE Z 40 39.04 80.77 25.14
C PHE Z 40 37.89 81.71 24.82
N SER Z 41 37.61 81.90 23.53
CA SER Z 41 36.50 82.79 23.17
C SER Z 41 35.16 82.22 23.61
N ALA Z 42 35.09 80.90 23.85
CA ALA Z 42 33.88 80.32 24.40
C ALA Z 42 33.74 80.66 25.88
N LEU Z 43 34.86 80.80 26.59
CA LEU Z 43 34.82 81.08 28.02
C LEU Z 43 34.90 82.57 28.33
N SER Z 44 35.06 83.43 27.33
CA SER Z 44 35.21 84.87 27.52
C SER Z 44 34.08 85.65 26.85
N GLU Z 45 32.86 85.14 26.93
CA GLU Z 45 31.69 85.81 26.34
C GLU Z 45 30.99 86.62 27.43
N GLY Z 46 30.92 87.93 27.23
CA GLY Z 46 30.25 88.82 28.16
C GLY Z 46 30.89 88.86 29.53
N ALA Z 47 32.12 89.36 29.61
CA ALA Z 47 32.83 89.49 30.87
C ALA Z 47 33.55 90.83 30.92
N THR Z 48 33.74 91.34 32.12
CA THR Z 48 34.42 92.61 32.30
C THR Z 48 35.91 92.46 31.99
N PRO Z 49 36.56 93.54 31.53
CA PRO Z 49 38.01 93.46 31.30
C PRO Z 49 38.81 93.10 32.53
N GLN Z 50 38.34 93.50 33.72
CA GLN Z 50 39.01 93.10 34.95
C GLN Z 50 38.98 91.58 35.12
N ASP Z 51 37.84 90.96 34.82
CA ASP Z 51 37.76 89.49 34.88
C ASP Z 51 38.71 88.85 33.87
N LEU Z 52 38.80 89.41 32.66
CA LEU Z 52 39.74 88.89 31.67
C LEU Z 52 41.17 88.99 32.17
N ASN Z 53 41.54 90.13 32.76
CA ASN Z 53 42.90 90.29 33.28
C ASN Z 53 43.18 89.30 34.40
N THR Z 54 42.23 89.14 35.32
CA THR Z 54 42.45 88.22 36.44
C THR Z 54 42.57 86.78 35.96
N MET Z 55 41.74 86.37 35.00
CA MET Z 55 41.83 85.01 34.49
C MET Z 55 43.07 84.79 33.63
N LEU Z 56 43.59 85.84 33.00
CA LEU Z 56 44.85 85.72 32.29
C LEU Z 56 46.03 85.65 33.25
N ASN Z 57 45.89 86.26 34.43
CA ASN Z 57 46.96 86.23 35.41
C ASN Z 57 47.01 84.91 36.18
N THR Z 58 45.97 84.08 36.08
CA THR Z 58 45.92 82.83 36.84
C THR Z 58 46.42 81.62 36.05
N VAL Z 59 46.93 81.82 34.83
CA VAL Z 59 47.43 80.69 34.05
C VAL Z 59 48.75 80.22 34.63
N GLY Z 60 48.94 78.90 34.67
CA GLY Z 60 50.14 78.31 35.24
C GLY Z 60 51.18 78.05 34.17
N GLY Z 61 52.36 78.63 34.38
CA GLY Z 61 53.48 78.44 33.48
C GLY Z 61 53.47 79.41 32.31
N HIS Z 62 54.60 79.44 31.60
CA HIS Z 62 54.78 80.26 30.41
C HIS Z 62 54.54 81.74 30.68
N GLN Z 63 55.13 82.26 31.75
CA GLN Z 63 55.01 83.68 32.05
C GLN Z 63 55.72 84.56 31.05
N ALA Z 64 56.69 84.02 30.29
CA ALA Z 64 57.30 84.78 29.21
C ALA Z 64 56.26 85.13 28.15
N ALA Z 65 55.39 84.17 27.82
CA ALA Z 65 54.29 84.45 26.92
C ALA Z 65 53.36 85.50 27.49
N MET Z 66 53.16 85.49 28.81
CA MET Z 66 52.33 86.51 29.44
C MET Z 66 52.95 87.89 29.29
N GLN Z 67 54.26 88.00 29.48
CA GLN Z 67 54.93 89.28 29.28
C GLN Z 67 54.85 89.73 27.83
N MET Z 68 54.99 88.80 26.88
CA MET Z 68 54.91 89.15 25.47
C MET Z 68 53.51 89.66 25.12
N LEU Z 69 52.47 89.00 25.61
CA LEU Z 69 51.11 89.46 25.34
C LEU Z 69 50.83 90.78 26.06
N LYS Z 70 51.41 90.99 27.24
CA LYS Z 70 51.28 92.28 27.91
C LYS Z 70 51.93 93.39 27.10
N GLU Z 71 53.10 93.12 26.52
CA GLU Z 71 53.76 94.11 25.69
C GLU Z 71 52.94 94.41 24.44
N THR Z 72 52.38 93.38 23.80
CA THR Z 72 51.54 93.63 22.64
C THR Z 72 50.27 94.38 23.02
N ILE Z 73 49.70 94.10 24.20
CA ILE Z 73 48.55 94.86 24.68
C ILE Z 73 48.90 96.31 24.87
N ASN Z 74 50.08 96.58 25.45
CA ASN Z 74 50.51 97.97 25.62
C ASN Z 74 50.70 98.66 24.27
N GLU Z 75 51.30 97.96 23.30
CA GLU Z 75 51.49 98.54 21.98
C GLU Z 75 50.15 98.87 21.32
N GLU Z 76 49.21 97.93 21.37
CA GLU Z 76 47.89 98.18 20.78
C GLU Z 76 47.12 99.24 21.55
N ALA Z 77 47.34 99.36 22.85
CA ALA Z 77 46.75 100.45 23.62
C ALA Z 77 47.29 101.80 23.16
N ALA Z 78 48.60 101.86 22.91
CA ALA Z 78 49.18 103.08 22.36
C ALA Z 78 48.59 103.39 20.98
N GLU Z 79 48.41 102.37 20.16
CA GLU Z 79 47.80 102.56 18.84
C GLU Z 79 46.37 103.10 18.99
N TRP Z 80 45.60 102.55 19.92
CA TRP Z 80 44.23 103.01 20.14
C TRP Z 80 44.21 104.45 20.65
N ASP Z 81 45.15 104.79 21.54
CA ASP Z 81 45.24 106.17 22.02
C ASP Z 81 45.57 107.12 20.89
N ARG Z 82 46.45 106.71 19.98
CA ARG Z 82 46.87 107.57 18.89
C ARG Z 82 45.78 107.71 17.83
N LEU Z 83 45.01 106.66 17.55
CA LEU Z 83 44.01 106.73 16.49
C LEU Z 83 42.78 107.49 16.94
N HIS Z 84 42.39 107.33 18.21
CA HIS Z 84 41.16 107.96 18.68
C HIS Z 84 41.47 109.36 19.21
N PRO Z 85 40.58 110.33 18.99
CA PRO Z 85 40.80 111.67 19.53
C PRO Z 85 40.88 111.65 21.06
N VAL Z 86 41.75 112.51 21.60
CA VAL Z 86 41.95 112.57 23.03
C VAL Z 86 40.70 113.11 23.72
N HIS Z 87 40.47 112.66 24.95
CA HIS Z 87 39.35 113.11 25.76
C HIS Z 87 39.80 114.22 26.69
N ALA Z 88 39.07 115.33 26.69
CA ALA Z 88 39.42 116.48 27.53
C ALA Z 88 38.16 117.29 27.80
N GLY Z 89 38.25 118.17 28.79
CA GLY Z 89 37.14 119.00 29.18
C GLY Z 89 36.21 118.30 30.15
N PRO Z 90 35.15 119.00 30.55
CA PRO Z 90 34.19 118.39 31.49
C PRO Z 90 33.45 117.22 30.86
N ILE Z 91 33.07 116.26 31.69
CA ILE Z 91 32.34 115.07 31.27
C ILE Z 91 30.87 115.23 31.66
N ALA Z 92 29.98 114.90 30.73
CA ALA Z 92 28.55 115.08 30.98
C ALA Z 92 28.09 114.15 32.11
N PRO Z 93 27.22 114.64 32.99
CA PRO Z 93 26.71 113.77 34.07
C PRO Z 93 25.95 112.58 33.50
N GLY Z 94 26.12 111.43 34.16
CA GLY Z 94 25.55 110.19 33.68
C GLY Z 94 26.29 109.53 32.55
N GLN Z 95 27.39 110.13 32.09
CA GLN Z 95 28.19 109.59 31.00
C GLN Z 95 29.65 109.54 31.40
N MET Z 96 30.41 108.68 30.74
CA MET Z 96 31.85 108.58 30.95
C MET Z 96 32.54 108.52 29.61
N ARG Z 97 33.73 109.12 29.52
CA ARG Z 97 34.47 109.11 28.27
C ARG Z 97 34.95 107.70 27.94
N GLU Z 98 35.25 107.50 26.67
CA GLU Z 98 35.67 106.18 26.20
C GLU Z 98 36.97 105.79 26.91
N PRO Z 99 37.09 104.53 27.38
CA PRO Z 99 38.27 104.14 28.15
C PRO Z 99 39.55 104.30 27.35
N ARG Z 100 40.62 104.70 28.06
CA ARG Z 100 41.92 104.90 27.47
C ARG Z 100 42.67 103.56 27.42
N GLY Z 101 43.89 103.59 26.89
CA GLY Z 101 44.68 102.37 26.79
C GLY Z 101 45.02 101.76 28.13
N SER Z 102 45.08 102.59 29.18
CA SER Z 102 45.30 102.05 30.51
C SER Z 102 44.02 101.43 31.08
N ASP Z 103 42.86 101.99 30.71
CA ASP Z 103 41.59 101.53 31.26
C ASP Z 103 41.13 100.21 30.65
N ILE Z 104 41.45 99.95 29.37
CA ILE Z 104 40.98 98.73 28.72
C ILE Z 104 41.60 97.50 29.38
N ALA Z 105 42.88 97.57 29.72
CA ALA Z 105 43.55 96.45 30.37
C ALA Z 105 43.01 96.18 31.77
N GLY Z 106 42.27 97.13 32.36
CA GLY Z 106 41.71 96.95 33.68
C GLY Z 106 42.66 97.27 34.83
N THR Z 107 43.90 97.66 34.54
CA THR Z 107 44.85 97.98 35.60
C THR Z 107 44.53 99.30 36.29
N THR Z 108 43.81 100.20 35.61
CA THR Z 108 43.47 101.49 36.18
C THR Z 108 41.97 101.75 36.24
N SER Z 109 41.14 100.78 35.87
CA SER Z 109 39.69 100.93 35.87
C SER Z 109 39.09 99.96 36.88
N THR Z 110 38.21 100.46 37.73
CA THR Z 110 37.54 99.62 38.72
C THR Z 110 36.33 98.93 38.10
N LEU Z 111 35.68 98.06 38.87
CA LEU Z 111 34.52 97.35 38.38
C LEU Z 111 33.36 98.30 38.09
N GLN Z 112 33.20 99.34 38.91
CA GLN Z 112 32.10 100.28 38.72
C GLN Z 112 32.25 101.01 37.38
N GLU Z 113 33.46 101.40 37.01
CA GLU Z 113 33.67 102.06 35.73
C GLU Z 113 33.32 101.14 34.56
N GLN Z 114 33.71 99.87 34.66
CA GLN Z 114 33.39 98.91 33.61
C GLN Z 114 31.88 98.71 33.50
N ILE Z 115 31.20 98.60 34.64
CA ILE Z 115 29.75 98.44 34.63
C ILE Z 115 29.08 99.65 34.00
N GLY Z 116 29.53 100.85 34.37
CA GLY Z 116 28.96 102.05 33.78
C GLY Z 116 29.20 102.14 32.29
N TRP Z 117 30.39 101.74 31.84
CA TRP Z 117 30.66 101.73 30.40
C TRP Z 117 29.77 100.73 29.68
N MET Z 118 29.55 99.55 30.27
CA MET Z 118 28.74 98.54 29.61
C MET Z 118 27.27 98.93 29.57
N THR Z 119 26.75 99.53 30.65
CA THR Z 119 25.33 99.81 30.74
C THR Z 119 24.93 101.10 30.03
N HIS Z 120 25.73 102.16 30.17
CA HIS Z 120 25.37 103.45 29.60
C HIS Z 120 25.37 103.40 28.08
N ASN Z 121 24.34 103.98 27.48
CA ASN Z 121 24.24 104.04 26.02
C ASN Z 121 25.11 105.16 25.48
N PRO Z 122 25.91 104.92 24.44
CA PRO Z 122 26.09 103.65 23.73
C PRO Z 122 26.97 102.67 24.50
N PRO Z 123 26.63 101.39 24.52
CA PRO Z 123 27.46 100.40 25.22
C PRO Z 123 28.81 100.27 24.55
N ILE Z 124 29.87 100.62 25.30
CA ILE Z 124 31.23 100.59 24.79
C ILE Z 124 31.71 99.14 24.84
N PRO Z 125 32.10 98.54 23.70
CA PRO Z 125 32.62 97.17 23.69
C PRO Z 125 34.11 97.10 23.98
N VAL Z 126 34.54 97.77 25.07
CA VAL Z 126 35.94 97.77 25.45
C VAL Z 126 36.41 96.37 25.80
N GLY Z 127 35.55 95.58 26.46
CA GLY Z 127 35.89 94.19 26.71
C GLY Z 127 36.12 93.42 25.43
N GLU Z 128 35.32 93.70 24.39
CA GLU Z 128 35.52 93.05 23.10
C GLU Z 128 36.82 93.49 22.44
N ILE Z 129 37.22 94.75 22.61
CA ILE Z 129 38.50 95.22 22.08
C ILE Z 129 39.65 94.50 22.76
N TYR Z 130 39.57 94.36 24.09
CA TYR Z 130 40.60 93.60 24.80
C TYR Z 130 40.59 92.15 24.37
N LYS Z 131 39.41 91.59 24.10
CA LYS Z 131 39.30 90.21 23.65
C LYS Z 131 39.97 90.02 22.28
N ARG Z 132 39.77 90.97 21.37
CA ARG Z 132 40.42 90.85 20.06
C ARG Z 132 41.93 91.08 20.16
N TRP Z 133 42.36 91.95 21.07
CA TRP Z 133 43.80 92.12 21.29
C TRP Z 133 44.43 90.84 21.81
N ILE Z 134 43.79 90.19 22.79
CA ILE Z 134 44.31 88.94 23.29
C ILE Z 134 44.16 87.81 22.27
N ILE Z 135 43.20 87.93 21.35
CA ILE Z 135 43.10 86.97 20.25
C ILE Z 135 44.30 87.10 19.31
N LEU Z 136 44.69 88.34 19.01
CA LEU Z 136 45.91 88.56 18.23
C LEU Z 136 47.13 88.02 18.97
N GLY Z 137 47.18 88.22 20.29
CA GLY Z 137 48.25 87.64 21.09
C GLY Z 137 48.27 86.12 21.03
N LEU Z 138 47.10 85.50 21.08
CA LEU Z 138 47.01 84.04 20.96
C LEU Z 138 47.48 83.58 19.59
N ASN Z 139 47.11 84.31 18.54
CA ASN Z 139 47.56 83.97 17.20
C ASN Z 139 49.09 84.02 17.11
N LYS Z 140 49.69 85.09 17.64
CA LYS Z 140 51.14 85.20 17.55
C LYS Z 140 51.83 84.15 18.43
N ILE Z 141 51.26 83.83 19.60
CA ILE Z 141 51.90 82.83 20.44
C ILE Z 141 51.78 81.43 19.85
N VAL Z 142 50.65 81.11 19.18
CA VAL Z 142 50.52 79.80 18.57
C VAL Z 142 51.38 79.71 17.31
N ARG Z 143 51.63 80.83 16.64
CA ARG Z 143 52.63 80.83 15.57
C ARG Z 143 54.04 80.62 16.12
N MET Z 144 54.34 81.24 17.26
CA MET Z 144 55.66 81.12 17.89
C MET Z 144 55.94 79.69 18.34
N TYR Z 145 54.99 79.07 19.03
CA TYR Z 145 55.18 77.73 19.59
C TYR Z 145 54.93 76.62 18.59
N SER Z 146 54.83 76.92 17.30
CA SER Z 146 54.70 75.86 16.31
C SER Z 146 55.99 75.05 16.25
N PRO Z 147 55.90 73.72 16.20
CA PRO Z 147 57.13 72.91 16.18
C PRO Z 147 58.02 73.18 14.98
N THR Z 148 57.46 73.46 13.81
CA THR Z 148 58.24 73.70 12.60
C THR Z 148 57.35 74.39 11.59
N SER Z 149 57.91 74.64 10.41
CA SER Z 149 57.20 75.32 9.33
C SER Z 149 56.30 74.31 8.61
N ILE Z 150 55.75 74.72 7.46
CA ILE Z 150 54.80 73.89 6.71
C ILE Z 150 55.54 73.16 5.59
N LEU Z 151 56.50 73.85 4.96
CA LEU Z 151 57.20 73.36 3.77
C LEU Z 151 58.20 72.24 4.06
N ASP Z 152 58.27 71.65 5.25
CA ASP Z 152 59.26 70.61 5.53
C ASP Z 152 58.66 69.26 5.88
N ILE Z 153 57.33 69.12 5.88
CA ILE Z 153 56.72 67.83 6.21
C ILE Z 153 56.89 66.87 5.05
N ARG Z 154 57.40 65.68 5.34
CA ARG Z 154 57.62 64.65 4.32
C ARG Z 154 57.02 63.34 4.80
N GLN Z 155 56.34 62.64 3.90
CA GLN Z 155 55.74 61.36 4.24
C GLN Z 155 56.81 60.27 4.23
N GLY Z 156 56.94 59.56 5.34
CA GLY Z 156 57.92 58.50 5.46
C GLY Z 156 57.55 57.28 4.63
N PRO Z 157 58.56 56.50 4.22
CA PRO Z 157 58.27 55.27 3.46
C PRO Z 157 57.39 54.29 4.22
N LYS Z 158 57.59 54.16 5.53
CA LYS Z 158 56.72 53.34 6.37
C LYS Z 158 55.58 54.12 6.98
N GLU Z 159 55.58 55.44 6.87
CA GLU Z 159 54.52 56.26 7.44
C GLU Z 159 53.31 56.26 6.52
N PRO Z 160 52.12 55.89 7.01
CA PRO Z 160 50.92 56.01 6.18
C PRO Z 160 50.58 57.46 5.92
N PHE Z 161 49.85 57.69 4.82
CA PHE Z 161 49.49 59.05 4.45
C PHE Z 161 48.48 59.68 5.42
N ARG Z 162 47.83 58.89 6.28
CA ARG Z 162 46.81 59.41 7.18
C ARG Z 162 47.39 60.45 8.14
N ASP Z 163 48.30 60.03 9.02
CA ASP Z 163 48.90 60.97 9.95
C ASP Z 163 49.78 61.99 9.23
N TYR Z 164 50.28 61.67 8.04
CA TYR Z 164 51.03 62.65 7.25
C TYR Z 164 50.15 63.84 6.88
N VAL Z 165 48.99 63.58 6.29
CA VAL Z 165 48.09 64.68 5.95
C VAL Z 165 47.51 65.31 7.21
N ASP Z 166 47.37 64.53 8.28
CA ASP Z 166 46.91 65.11 9.55
C ASP Z 166 47.88 66.17 10.06
N ARG Z 167 49.17 65.83 10.14
CA ARG Z 167 50.15 66.82 10.61
C ARG Z 167 50.34 67.93 9.60
N PHE Z 168 50.13 67.65 8.30
CA PHE Z 168 50.14 68.71 7.30
C PHE Z 168 49.04 69.74 7.61
N TYR Z 169 47.85 69.26 7.95
CA TYR Z 169 46.77 70.19 8.30
C TYR Z 169 47.01 70.86 9.64
N LYS Z 170 47.67 70.18 10.59
CA LYS Z 170 48.04 70.82 11.84
C LYS Z 170 48.94 72.03 11.57
N THR Z 171 49.99 71.82 10.78
CA THR Z 171 50.91 72.92 10.47
C THR Z 171 50.24 73.97 9.59
N LEU Z 172 49.26 73.58 8.76
CA LEU Z 172 48.52 74.56 7.98
C LEU Z 172 47.69 75.47 8.87
N ARG Z 173 46.97 74.88 9.83
CA ARG Z 173 46.16 75.69 10.75
C ARG Z 173 47.04 76.54 11.65
N ALA Z 174 48.21 76.01 12.03
CA ALA Z 174 49.16 76.82 12.78
C ALA Z 174 49.70 77.98 11.94
N GLU Z 175 49.96 77.73 10.65
CA GLU Z 175 50.46 78.78 9.77
C GLU Z 175 49.37 79.82 9.51
N GLN Z 176 49.78 81.09 9.50
CA GLN Z 176 48.89 82.21 9.22
C GLN Z 176 49.31 82.84 7.91
N ALA Z 177 48.44 82.77 6.91
CA ALA Z 177 48.73 83.32 5.59
C ALA Z 177 47.41 83.59 4.87
N SER Z 178 47.51 84.07 3.65
CA SER Z 178 46.33 84.39 2.85
C SER Z 178 45.62 83.10 2.41
N GLN Z 179 44.34 83.25 2.05
CA GLN Z 179 43.55 82.10 1.64
C GLN Z 179 44.06 81.49 0.35
N GLU Z 180 44.46 82.32 -0.62
CA GLU Z 180 44.95 81.80 -1.89
C GLU Z 180 46.25 81.01 -1.69
N VAL Z 181 47.13 81.51 -0.83
CA VAL Z 181 48.38 80.78 -0.54
C VAL Z 181 48.07 79.45 0.12
N LYS Z 182 47.09 79.43 1.03
CA LYS Z 182 46.70 78.18 1.67
C LYS Z 182 46.16 77.19 0.65
N ASN Z 183 45.33 77.66 -0.28
CA ASN Z 183 44.81 76.78 -1.32
C ASN Z 183 45.94 76.24 -2.19
N TRP Z 184 46.89 77.09 -2.56
CA TRP Z 184 48.01 76.64 -3.39
C TRP Z 184 48.86 75.60 -2.67
N MET Z 185 49.16 75.83 -1.39
CA MET Z 185 49.97 74.87 -0.65
C MET Z 185 49.22 73.55 -0.45
N THR Z 186 47.93 73.62 -0.14
CA THR Z 186 47.15 72.39 -0.01
C THR Z 186 46.98 71.66 -1.34
N GLU Z 187 47.11 72.36 -2.46
CA GLU Z 187 47.04 71.70 -3.76
C GLU Z 187 48.38 71.15 -4.23
N THR Z 188 49.50 71.70 -3.77
CA THR Z 188 50.81 71.29 -4.26
C THR Z 188 51.62 70.46 -3.27
N LEU Z 189 51.74 70.91 -2.02
CA LEU Z 189 52.73 70.34 -1.11
C LEU Z 189 52.42 68.88 -0.75
N LEU Z 190 51.14 68.52 -0.61
CA LEU Z 190 50.81 67.17 -0.20
C LEU Z 190 51.18 66.15 -1.27
N VAL Z 191 51.16 66.54 -2.54
CA VAL Z 191 51.59 65.63 -3.60
C VAL Z 191 53.08 65.78 -3.89
N GLN Z 192 53.68 66.92 -3.55
CA GLN Z 192 55.10 67.11 -3.75
C GLN Z 192 55.93 66.52 -2.62
N ASN Z 193 55.31 66.01 -1.56
CA ASN Z 193 56.01 65.38 -0.44
C ASN Z 193 55.33 64.07 -0.03
N ALA Z 194 54.96 63.24 -0.99
CA ALA Z 194 54.29 61.98 -0.72
C ALA Z 194 55.11 60.80 -1.25
N ASN Z 195 54.71 59.60 -0.84
CA ASN Z 195 55.35 58.39 -1.31
C ASN Z 195 55.12 58.21 -2.80
N PRO Z 196 56.10 57.66 -3.54
CA PRO Z 196 56.00 57.65 -5.00
C PRO Z 196 54.77 56.94 -5.54
N ASP Z 197 54.34 55.83 -4.93
CA ASP Z 197 53.22 55.07 -5.48
C ASP Z 197 51.92 55.88 -5.42
N CYS Z 198 51.54 56.35 -4.23
CA CYS Z 198 50.36 57.18 -4.09
C CYS Z 198 50.50 58.53 -4.76
N LYS Z 199 51.72 59.08 -4.85
CA LYS Z 199 51.93 60.31 -5.59
C LYS Z 199 51.62 60.12 -7.07
N THR Z 200 52.11 59.03 -7.68
CA THR Z 200 51.80 58.77 -9.08
C THR Z 200 50.32 58.44 -9.27
N ILE Z 201 49.70 57.77 -8.29
CA ILE Z 201 48.27 57.52 -8.38
C ILE Z 201 47.50 58.84 -8.39
N LEU Z 202 47.87 59.78 -7.52
CA LEU Z 202 47.20 61.08 -7.50
C LEU Z 202 47.48 61.86 -8.77
N LYS Z 203 48.69 61.74 -9.33
CA LYS Z 203 48.97 62.35 -10.62
C LYS Z 203 48.07 61.79 -11.72
N ALA Z 204 47.85 60.48 -11.71
CA ALA Z 204 46.92 59.87 -12.66
C ALA Z 204 45.49 60.32 -12.40
N LEU Z 205 45.16 60.64 -11.15
CA LEU Z 205 43.82 61.15 -10.83
C LEU Z 205 43.54 62.50 -11.50
N GLY Z 206 44.56 63.23 -11.91
CA GLY Z 206 44.36 64.50 -12.59
C GLY Z 206 44.31 65.68 -11.64
N PRO Z 207 44.44 66.88 -12.20
CA PRO Z 207 44.42 68.10 -11.38
C PRO Z 207 43.03 68.41 -10.84
N GLY Z 208 43.02 69.15 -9.74
CA GLY Z 208 41.76 69.56 -9.13
C GLY Z 208 40.98 68.44 -8.49
N ALA Z 209 41.65 67.35 -8.10
CA ALA Z 209 40.98 66.23 -7.47
C ALA Z 209 40.83 66.49 -5.97
N THR Z 210 39.62 66.27 -5.47
CA THR Z 210 39.37 66.45 -4.05
C THR Z 210 40.05 65.34 -3.25
N LEU Z 211 40.28 65.62 -1.95
CA LEU Z 211 41.06 64.71 -1.12
C LEU Z 211 40.32 63.43 -0.78
N GLU Z 212 39.03 63.31 -1.08
CA GLU Z 212 38.32 62.07 -0.82
C GLU Z 212 38.80 60.95 -1.74
N GLU Z 213 38.90 61.22 -3.04
CA GLU Z 213 39.48 60.25 -3.96
C GLU Z 213 40.95 60.00 -3.61
N MET Z 214 41.66 61.03 -3.18
CA MET Z 214 43.06 60.86 -2.79
C MET Z 214 43.19 59.90 -1.62
N MET Z 215 42.30 60.01 -0.63
CA MET Z 215 42.40 59.13 0.54
C MET Z 215 41.88 57.73 0.22
N THR Z 216 40.92 57.61 -0.71
CA THR Z 216 40.43 56.29 -1.08
C THR Z 216 41.40 55.54 -1.98
N ALA Z 217 42.26 56.25 -2.73
CA ALA Z 217 43.22 55.59 -3.61
C ALA Z 217 44.57 55.41 -2.93
N CYS Z 218 44.95 56.35 -2.05
CA CYS Z 218 46.24 56.31 -1.38
C CYS Z 218 46.34 55.13 -0.43
N GLN Z 219 45.22 54.65 0.11
CA GLN Z 219 45.24 53.52 1.03
C GLN Z 219 45.64 52.24 0.31
N GLY Z 220 46.39 51.38 1.00
CA GLY Z 220 46.83 50.12 0.42
C GLY Z 220 48.00 50.27 -0.53
N PRO AA 1 29.59 83.17 50.69
CA PRO AA 1 29.80 84.62 50.56
C PRO AA 1 28.50 85.37 50.26
N ILE AA 2 28.45 86.66 50.62
CA ILE AA 2 27.27 87.46 50.35
C ILE AA 2 27.18 87.73 48.85
N VAL AA 3 26.04 87.42 48.26
CA VAL AA 3 25.86 87.54 46.82
C VAL AA 3 24.56 88.29 46.55
N GLN AA 4 24.50 88.93 45.38
CA GLN AA 4 23.27 89.60 44.97
C GLN AA 4 22.28 88.59 44.41
N ASN AA 5 21.00 88.96 44.44
CA ASN AA 5 19.95 88.12 43.91
C ASN AA 5 19.50 88.67 42.55
N LEU AA 6 19.05 87.76 41.69
CA LEU AA 6 18.53 88.18 40.40
C LEU AA 6 17.35 89.12 40.60
N GLN AA 7 17.46 90.32 40.03
CA GLN AA 7 16.53 91.44 40.28
C GLN AA 7 16.11 91.48 41.75
N GLY AA 8 17.11 91.44 42.63
CA GLY AA 8 16.87 91.41 44.05
C GLY AA 8 17.99 92.14 44.79
N GLN AA 9 17.98 91.99 46.12
CA GLN AA 9 18.93 92.68 46.97
C GLN AA 9 20.14 91.79 47.24
N MET AA 10 21.00 92.22 48.16
CA MET AA 10 22.21 91.50 48.53
C MET AA 10 21.92 90.63 49.74
N VAL AA 11 22.10 89.31 49.59
CA VAL AA 11 21.75 88.35 50.63
C VAL AA 11 22.98 87.48 50.91
N HIS AA 12 23.20 87.19 52.19
CA HIS AA 12 24.27 86.27 52.58
C HIS AA 12 23.98 84.86 52.09
N GLN AA 13 25.03 84.17 51.64
CA GLN AA 13 24.91 82.81 51.14
C GLN AA 13 25.96 81.93 51.81
N ALA AA 14 25.62 80.66 52.03
CA ALA AA 14 26.53 79.74 52.68
C ALA AA 14 27.71 79.41 51.77
N ILE AA 15 28.75 78.84 52.38
CA ILE AA 15 29.97 78.51 51.65
C ILE AA 15 29.77 77.23 50.86
N SER AA 16 30.04 77.28 49.57
CA SER AA 16 29.95 76.10 48.73
C SER AA 16 31.14 75.18 49.00
N PRO AA 17 30.91 73.89 49.28
CA PRO AA 17 32.05 72.99 49.54
C PRO AA 17 33.01 72.88 48.36
N ARG AA 18 32.52 73.03 47.14
CA ARG AA 18 33.38 72.90 45.97
C ARG AA 18 34.46 73.97 45.96
N THR AA 19 34.11 75.20 46.32
CA THR AA 19 35.10 76.28 46.34
C THR AA 19 36.20 76.00 47.36
N LEU AA 20 35.81 75.54 48.55
CA LEU AA 20 36.81 75.21 49.57
C LEU AA 20 37.68 74.04 49.15
N ASN AA 21 37.11 73.02 48.52
CA ASN AA 21 37.90 71.90 48.04
C ASN AA 21 38.90 72.36 46.98
N ALA AA 22 38.46 73.21 46.06
CA ALA AA 22 39.37 73.74 45.05
C ALA AA 22 40.48 74.55 45.69
N TRP AA 23 40.15 75.37 46.68
CA TRP AA 23 41.16 76.16 47.36
C TRP AA 23 42.19 75.28 48.05
N VAL AA 24 41.74 74.26 48.78
CA VAL AA 24 42.69 73.45 49.54
C VAL AA 24 43.56 72.62 48.59
N LYS AA 25 42.99 72.11 47.50
CA LYS AA 25 43.81 71.36 46.55
C LYS AA 25 44.81 72.26 45.85
N VAL AA 26 44.39 73.47 45.45
CA VAL AA 26 45.30 74.39 44.78
C VAL AA 26 46.31 74.98 45.75
N VAL AA 27 46.09 74.82 47.04
CA VAL AA 27 47.12 75.17 48.02
C VAL AA 27 48.11 74.02 48.19
N GLU AA 28 47.60 72.80 48.33
CA GLU AA 28 48.48 71.68 48.67
C GLU AA 28 49.33 71.22 47.48
N GLU AA 29 48.73 71.14 46.29
CA GLU AA 29 49.41 70.56 45.14
C GLU AA 29 50.00 71.61 44.20
N LYS AA 30 49.90 72.89 44.56
CA LYS AA 30 50.31 74.00 43.69
C LYS AA 30 51.19 74.96 44.49
N ALA AA 31 52.27 74.42 45.07
CA ALA AA 31 53.16 75.14 45.97
C ALA AA 31 53.46 76.56 45.49
N PHE AA 32 53.60 77.48 46.45
CA PHE AA 32 53.45 78.92 46.28
C PHE AA 32 54.04 79.45 44.97
N SER AA 33 53.19 80.12 44.21
CA SER AA 33 53.53 80.91 43.03
C SER AA 33 52.69 82.18 43.11
N PRO AA 34 53.15 83.28 42.50
CA PRO AA 34 52.40 84.55 42.64
C PRO AA 34 50.96 84.47 42.16
N GLU AA 35 50.63 83.52 41.28
CA GLU AA 35 49.28 83.44 40.71
C GLU AA 35 48.24 83.08 41.76
N VAL AA 36 48.68 82.68 42.96
CA VAL AA 36 47.74 82.44 44.05
C VAL AA 36 47.09 83.74 44.49
N ILE AA 37 47.80 84.87 44.33
CA ILE AA 37 47.23 86.15 44.73
C ILE AA 37 45.98 86.50 43.93
N PRO AA 38 45.97 86.43 42.59
CA PRO AA 38 44.70 86.66 41.87
C PRO AA 38 43.66 85.59 42.14
N MET AA 39 44.07 84.32 42.09
CA MET AA 39 43.13 83.21 42.25
C MET AA 39 42.35 83.35 43.55
N PHE AA 40 43.05 83.63 44.65
CA PHE AA 40 42.37 83.82 45.93
C PHE AA 40 41.38 84.97 45.86
N SER AA 41 41.75 86.08 45.23
CA SER AA 41 40.82 87.19 45.09
C SER AA 41 39.63 86.83 44.22
N ALA AA 42 39.75 85.79 43.39
CA ALA AA 42 38.60 85.32 42.64
C ALA AA 42 37.65 84.53 43.53
N LEU AA 43 38.18 83.87 44.56
CA LEU AA 43 37.35 83.07 45.44
C LEU AA 43 36.74 83.90 46.57
N SER AA 44 37.37 85.02 46.93
CA SER AA 44 36.92 85.86 48.04
C SER AA 44 36.10 87.06 47.58
N GLU AA 45 35.36 86.94 46.48
CA GLU AA 45 34.54 88.03 45.98
C GLU AA 45 33.28 88.14 46.83
N GLY AA 46 33.18 89.19 47.64
CA GLY AA 46 32.04 89.38 48.51
C GLY AA 46 32.01 88.49 49.72
N ALA AA 47 33.10 87.79 50.03
CA ALA AA 47 33.16 86.90 51.17
C ALA AA 47 33.27 87.69 52.47
N THR AA 48 32.60 87.19 53.50
CA THR AA 48 32.66 87.81 54.81
C THR AA 48 34.04 87.56 55.44
N PRO AA 49 34.43 88.39 56.42
CA PRO AA 49 35.67 88.08 57.16
C PRO AA 49 35.66 86.72 57.83
N GLN AA 50 34.49 86.23 58.24
CA GLN AA 50 34.40 84.87 58.76
C GLN AA 50 34.78 83.85 57.68
N ASP AA 51 34.32 84.07 56.45
CA ASP AA 51 34.70 83.19 55.35
C ASP AA 51 36.20 83.22 55.11
N LEU AA 52 36.81 84.41 55.17
CA LEU AA 52 38.25 84.50 55.00
C LEU AA 52 38.99 83.78 56.12
N ASN AA 53 38.51 83.93 57.36
CA ASN AA 53 39.14 83.25 58.48
C ASN AA 53 39.05 81.74 58.34
N THR AA 54 37.89 81.23 57.92
CA THR AA 54 37.73 79.79 57.73
C THR AA 54 38.59 79.30 56.57
N MET AA 55 38.72 80.11 55.52
CA MET AA 55 39.61 79.76 54.41
C MET AA 55 41.06 79.66 54.88
N LEU AA 56 41.47 80.60 55.75
CA LEU AA 56 42.80 80.55 56.32
C LEU AA 56 42.98 79.31 57.20
N ASN AA 57 41.95 78.94 57.96
CA ASN AA 57 42.06 77.83 58.89
C ASN AA 57 42.15 76.49 58.17
N THR AA 58 41.50 76.36 57.02
CA THR AA 58 41.47 75.09 56.28
C THR AA 58 42.78 74.77 55.56
N VAL AA 59 43.87 75.49 55.84
CA VAL AA 59 45.13 75.22 55.18
C VAL AA 59 45.66 73.86 55.60
N GLY AA 60 46.23 73.13 54.63
CA GLY AA 60 46.84 71.85 54.92
C GLY AA 60 48.36 71.91 54.86
N GLY AA 61 49.01 71.92 56.02
CA GLY AA 61 50.45 72.02 56.08
C GLY AA 61 50.95 73.43 55.85
N HIS AA 62 52.28 73.57 55.83
CA HIS AA 62 52.96 74.85 55.62
C HIS AA 62 52.49 75.88 56.65
N GLN AA 63 52.43 75.47 57.91
CA GLN AA 63 51.95 76.33 58.97
C GLN AA 63 52.88 77.50 59.28
N ALA AA 64 54.13 77.45 58.82
CA ALA AA 64 55.04 78.58 59.04
C ALA AA 64 54.53 79.84 58.37
N ALA AA 65 54.16 79.74 57.09
CA ALA AA 65 53.60 80.88 56.39
C ALA AA 65 52.27 81.32 57.00
N MET AA 66 51.51 80.36 57.54
CA MET AA 66 50.27 80.71 58.22
C MET AA 66 50.55 81.56 59.46
N GLN AA 67 51.56 81.19 60.24
CA GLN AA 67 51.93 82.01 61.39
C GLN AA 67 52.44 83.37 60.94
N MET AA 68 53.20 83.42 59.85
CA MET AA 68 53.68 84.69 59.33
C MET AA 68 52.52 85.61 58.98
N LEU AA 69 51.54 85.08 58.25
CA LEU AA 69 50.39 85.91 57.85
C LEU AA 69 49.53 86.28 59.06
N LYS AA 70 49.40 85.39 60.05
CA LYS AA 70 48.67 85.75 61.26
C LYS AA 70 49.35 86.90 62.00
N GLU AA 71 50.69 86.84 62.11
CA GLU AA 71 51.42 87.89 62.78
C GLU AA 71 51.30 89.22 62.02
N THR AA 72 51.40 89.17 60.68
CA THR AA 72 51.24 90.39 59.91
C THR AA 72 49.85 90.97 60.05
N ILE AA 73 48.82 90.10 60.05
CA ILE AA 73 47.45 90.56 60.25
C ILE AA 73 47.31 91.23 61.62
N ASN AA 74 47.87 90.62 62.65
CA ASN AA 74 47.75 91.18 64.00
C ASN AA 74 48.43 92.54 64.09
N GLU AA 75 49.64 92.66 63.53
CA GLU AA 75 50.36 93.93 63.63
C GLU AA 75 49.68 95.01 62.79
N GLU AA 76 49.15 94.65 61.62
CA GLU AA 76 48.44 95.63 60.80
C GLU AA 76 47.14 96.06 61.47
N ALA AA 77 46.45 95.13 62.15
CA ALA AA 77 45.25 95.50 62.90
C ALA AA 77 45.60 96.44 64.05
N ALA AA 78 46.72 96.18 64.74
CA ALA AA 78 47.15 97.08 65.80
C ALA AA 78 47.47 98.47 65.26
N GLU AA 79 48.14 98.53 64.11
CA GLU AA 79 48.44 99.82 63.50
C GLU AA 79 47.17 100.54 63.08
N TRP AA 80 46.19 99.81 62.53
CA TRP AA 80 44.92 100.41 62.16
C TRP AA 80 44.19 100.95 63.38
N ASP AA 81 44.20 100.21 64.48
CA ASP AA 81 43.57 100.69 65.70
C ASP AA 81 44.27 101.95 66.23
N ARG AA 82 45.60 101.97 66.20
CA ARG AA 82 46.32 103.10 66.78
C ARG AA 82 46.26 104.34 65.89
N LEU AA 83 46.05 104.16 64.58
CA LEU AA 83 45.96 105.31 63.70
C LEU AA 83 44.54 105.88 63.64
N HIS AA 84 43.52 105.05 63.83
CA HIS AA 84 42.14 105.49 63.76
C HIS AA 84 41.55 105.55 65.16
N PRO AA 85 41.24 106.75 65.67
CA PRO AA 85 40.62 106.84 67.01
C PRO AA 85 39.27 106.16 67.04
N VAL AA 86 38.95 105.60 68.21
CA VAL AA 86 37.68 104.90 68.38
C VAL AA 86 36.53 105.90 68.42
N HIS AA 87 35.35 105.44 68.02
CA HIS AA 87 34.14 106.27 68.02
C HIS AA 87 33.01 105.50 68.69
N ALA AA 88 32.25 106.21 69.52
CA ALA AA 88 31.11 105.63 70.23
C ALA AA 88 29.85 105.88 69.40
N GLY AA 89 29.37 104.84 68.72
CA GLY AA 89 28.20 104.95 67.89
C GLY AA 89 27.05 104.10 68.40
N PRO AA 90 25.83 104.55 68.13
CA PRO AA 90 24.65 103.78 68.55
C PRO AA 90 24.56 102.45 67.83
N ILE AA 91 23.93 101.49 68.50
CA ILE AA 91 23.75 100.15 67.98
C ILE AA 91 22.31 100.03 67.48
N ALA AA 92 22.16 99.79 66.18
CA ALA AA 92 20.85 99.73 65.53
C ALA AA 92 21.04 99.10 64.16
N PRO AA 93 19.98 98.53 63.58
CA PRO AA 93 20.09 98.00 62.21
C PRO AA 93 20.36 99.09 61.19
N GLY AA 94 21.54 99.06 60.58
CA GLY AA 94 21.97 100.08 59.65
C GLY AA 94 22.92 101.12 60.22
N GLN AA 95 23.30 100.99 61.48
CA GLN AA 95 24.24 101.93 62.10
C GLN AA 95 24.81 101.30 63.36
N MET AA 96 26.12 101.08 63.38
CA MET AA 96 26.76 100.48 64.54
C MET AA 96 28.16 101.09 64.71
N ARG AA 97 28.82 100.72 65.81
CA ARG AA 97 30.07 101.35 66.19
C ARG AA 97 31.20 100.91 65.26
N GLU AA 98 32.34 101.58 65.41
CA GLU AA 98 33.49 101.30 64.57
C GLU AA 98 34.04 99.91 64.84
N PRO AA 99 34.39 99.14 63.81
CA PRO AA 99 35.00 97.83 64.04
C PRO AA 99 36.38 97.94 64.67
N ARG AA 100 36.74 96.91 65.43
CA ARG AA 100 38.03 96.87 66.11
C ARG AA 100 39.05 96.11 65.28
N GLY AA 101 40.30 96.13 65.75
CA GLY AA 101 41.36 95.40 65.06
C GLY AA 101 41.15 93.90 65.07
N SER AA 102 40.66 93.35 66.19
CA SER AA 102 40.30 91.95 66.22
C SER AA 102 38.98 91.68 65.50
N ASP AA 103 38.14 92.70 65.33
CA ASP AA 103 36.87 92.51 64.64
C ASP AA 103 37.06 92.35 63.15
N ILE AA 104 37.96 93.15 62.56
CA ILE AA 104 38.20 93.05 61.12
C ILE AA 104 38.85 91.72 60.77
N ALA AA 105 39.63 91.15 61.70
CA ALA AA 105 40.26 89.86 61.46
C ALA AA 105 39.26 88.73 61.33
N GLY AA 106 38.02 88.93 61.78
CA GLY AA 106 37.00 87.91 61.67
C GLY AA 106 37.06 86.81 62.71
N THR AA 107 37.84 86.99 63.77
CA THR AA 107 37.96 85.98 64.83
C THR AA 107 37.17 86.32 66.08
N THR AA 108 36.90 87.59 66.34
CA THR AA 108 36.15 88.02 67.53
C THR AA 108 34.79 88.61 67.17
N SER AA 109 34.30 88.35 65.96
CA SER AA 109 33.03 88.87 65.50
C SER AA 109 32.19 87.76 64.91
N THR AA 110 30.86 87.93 65.01
CA THR AA 110 29.92 86.96 64.47
C THR AA 110 29.44 87.39 63.09
N LEU AA 111 28.74 86.46 62.42
CA LEU AA 111 28.22 86.75 61.08
C LEU AA 111 27.21 87.90 61.11
N GLN AA 112 26.47 88.04 62.21
CA GLN AA 112 25.50 89.13 62.32
C GLN AA 112 26.20 90.49 62.28
N GLU AA 113 27.36 90.60 62.94
CA GLU AA 113 28.11 91.85 62.89
C GLU AA 113 28.59 92.14 61.47
N GLN AA 114 29.03 91.11 60.74
CA GLN AA 114 29.45 91.32 59.36
C GLN AA 114 28.28 91.77 58.49
N ILE AA 115 27.10 91.17 58.69
CA ILE AA 115 25.92 91.59 57.94
C ILE AA 115 25.55 93.03 58.27
N GLY AA 116 25.64 93.40 59.54
CA GLY AA 116 25.35 94.78 59.93
C GLY AA 116 26.33 95.76 59.32
N TRP AA 117 27.61 95.39 59.26
CA TRP AA 117 28.60 96.24 58.59
C TRP AA 117 28.28 96.37 57.12
N MET AA 118 27.89 95.28 56.46
CA MET AA 118 27.57 95.32 55.04
C MET AA 118 26.36 96.20 54.77
N THR AA 119 25.33 96.11 55.61
CA THR AA 119 24.11 96.88 55.43
C THR AA 119 24.19 98.28 56.02
N HIS AA 120 25.31 98.63 56.67
CA HIS AA 120 25.47 99.97 57.22
C HIS AA 120 25.49 101.00 56.10
N ASN AA 121 24.97 102.19 56.42
CA ASN AA 121 24.97 103.30 55.48
C ASN AA 121 25.93 104.38 55.96
N PRO AA 122 27.01 104.69 55.22
CA PRO AA 122 27.42 104.10 53.93
C PRO AA 122 28.02 102.71 54.11
N PRO AA 123 28.03 101.88 53.06
CA PRO AA 123 28.59 100.53 53.19
C PRO AA 123 30.06 100.57 53.56
N ILE AA 124 30.45 99.64 54.42
CA ILE AA 124 31.82 99.58 54.93
C ILE AA 124 32.45 98.27 54.48
N PRO AA 125 33.28 98.28 53.42
CA PRO AA 125 33.97 97.04 53.03
C PRO AA 125 35.23 96.79 53.86
N VAL AA 126 35.11 96.96 55.17
CA VAL AA 126 36.26 96.81 56.05
C VAL AA 126 36.83 95.40 55.97
N GLY AA 127 35.95 94.40 55.88
CA GLY AA 127 36.40 93.03 55.67
C GLY AA 127 37.21 92.88 54.41
N GLU AA 128 36.80 93.57 53.33
CA GLU AA 128 37.60 93.58 52.11
C GLU AA 128 39.00 94.11 52.39
N ILE AA 129 39.10 95.16 53.22
CA ILE AA 129 40.41 95.64 53.65
C ILE AA 129 41.19 94.50 54.30
N TYR AA 130 40.54 93.75 55.18
CA TYR AA 130 41.17 92.57 55.77
C TYR AA 130 41.72 91.66 54.67
N LYS AA 131 40.91 91.41 53.64
CA LYS AA 131 41.38 90.62 52.51
C LYS AA 131 42.68 91.17 51.95
N ARG AA 132 42.71 92.47 51.67
CA ARG AA 132 43.92 93.07 51.11
C ARG AA 132 45.09 92.91 52.06
N TRP AA 133 44.83 92.96 53.38
CA TRP AA 133 45.89 92.70 54.34
C TRP AA 133 46.52 91.35 54.09
N ILE AA 134 45.68 90.31 53.97
CA ILE AA 134 46.18 88.98 53.65
C ILE AA 134 46.99 89.03 52.36
N ILE AA 135 46.49 89.75 51.36
CA ILE AA 135 47.21 89.86 50.09
C ILE AA 135 48.62 90.37 50.34
N LEU AA 136 48.75 91.42 51.15
CA LEU AA 136 50.07 91.94 51.48
C LEU AA 136 50.96 90.84 52.02
N GLY AA 137 50.47 90.10 53.02
CA GLY AA 137 51.25 89.00 53.55
C GLY AA 137 51.62 88.01 52.48
N LEU AA 138 50.65 87.65 51.63
CA LEU AA 138 50.93 86.75 50.52
C LEU AA 138 52.13 87.24 49.74
N ASN AA 139 52.13 88.53 49.38
CA ASN AA 139 53.23 89.08 48.60
C ASN AA 139 54.56 88.77 49.27
N LYS AA 140 54.69 89.10 50.56
CA LYS AA 140 55.98 88.93 51.21
C LYS AA 140 56.35 87.46 51.29
N ILE AA 141 55.37 86.58 51.51
CA ILE AA 141 55.73 85.17 51.62
C ILE AA 141 56.07 84.61 50.24
N VAL AA 142 55.52 85.22 49.18
CA VAL AA 142 55.97 84.88 47.83
C VAL AA 142 57.44 85.23 47.67
N ARG AA 143 57.86 86.35 48.27
CA ARG AA 143 59.28 86.69 48.27
C ARG AA 143 60.06 85.76 49.20
N MET AA 144 59.38 85.14 50.17
CA MET AA 144 60.07 84.31 51.14
C MET AA 144 60.46 82.95 50.57
N TYR AA 145 59.63 82.38 49.69
CA TYR AA 145 59.87 81.05 49.17
C TYR AA 145 60.42 81.06 47.74
N SER AA 146 60.95 82.20 47.30
CA SER AA 146 61.57 82.27 45.99
C SER AA 146 62.87 81.48 46.00
N PRO AA 147 63.06 80.50 45.10
CA PRO AA 147 64.28 79.69 45.16
C PRO AA 147 65.56 80.47 44.97
N THR AA 148 65.55 81.50 44.12
CA THR AA 148 66.77 82.24 43.82
C THR AA 148 66.42 83.70 43.55
N SER AA 149 67.40 84.57 43.70
CA SER AA 149 67.22 85.99 43.43
C SER AA 149 67.13 86.22 41.92
N ILE AA 150 66.71 87.43 41.56
CA ILE AA 150 66.56 87.77 40.15
C ILE AA 150 67.87 88.30 39.56
N LEU AA 151 68.76 88.83 40.39
CA LEU AA 151 69.99 89.46 39.91
C LEU AA 151 71.10 88.46 39.63
N ASP AA 152 70.89 87.16 39.88
CA ASP AA 152 71.93 86.16 39.68
C ASP AA 152 71.48 84.99 38.82
N ILE AA 153 70.49 85.18 37.95
CA ILE AA 153 70.03 84.12 37.06
C ILE AA 153 70.92 84.10 35.82
N ARG AA 154 71.80 83.10 35.72
CA ARG AA 154 72.73 82.97 34.61
C ARG AA 154 72.29 81.82 33.72
N GLN AA 155 72.24 82.08 32.41
CA GLN AA 155 71.85 81.04 31.46
C GLN AA 155 73.00 80.06 31.25
N GLY AA 156 72.70 78.77 31.34
CA GLY AA 156 73.69 77.74 31.14
C GLY AA 156 74.09 77.62 29.68
N PRO AA 157 75.31 77.12 29.44
CA PRO AA 157 75.78 76.97 28.05
C PRO AA 157 74.89 76.06 27.22
N LYS AA 158 74.37 74.98 27.81
CA LYS AA 158 73.43 74.11 27.13
C LYS AA 158 71.99 74.51 27.37
N GLU AA 159 71.74 75.37 28.36
CA GLU AA 159 70.38 75.79 28.66
C GLU AA 159 69.84 76.68 27.54
N PRO AA 160 68.70 76.36 26.96
CA PRO AA 160 68.16 77.20 25.88
C PRO AA 160 67.59 78.51 26.43
N PHE AA 161 67.26 79.41 25.50
CA PHE AA 161 66.73 80.71 25.88
C PHE AA 161 65.28 80.64 26.35
N ARG AA 162 64.51 79.65 25.88
CA ARG AA 162 63.10 79.56 26.21
C ARG AA 162 62.88 79.43 27.72
N ASP AA 163 63.38 78.33 28.30
CA ASP AA 163 63.20 78.11 29.73
C ASP AA 163 64.00 79.13 30.55
N TYR AA 164 65.08 79.66 30.00
CA TYR AA 164 65.84 80.71 30.69
C TYR AA 164 64.98 81.95 30.91
N VAL AA 165 64.37 82.45 29.82
CA VAL AA 165 63.47 83.60 29.94
C VAL AA 165 62.26 83.25 30.78
N ASP AA 166 61.77 82.01 30.67
CA ASP AA 166 60.62 81.60 31.45
C ASP AA 166 60.89 81.72 32.95
N ARG AA 167 61.99 81.12 33.42
CA ARG AA 167 62.32 81.18 34.84
C ARG AA 167 62.73 82.59 35.27
N PHE AA 168 63.37 83.36 34.37
CA PHE AA 168 63.72 84.74 34.68
C PHE AA 168 62.46 85.54 34.97
N TYR AA 169 61.41 85.34 34.16
CA TYR AA 169 60.16 86.03 34.41
C TYR AA 169 59.37 85.44 35.58
N LYS AA 170 59.54 84.14 35.88
CA LYS AA 170 59.00 83.61 37.13
C LYS AA 170 59.55 84.40 38.32
N THR AA 171 60.87 84.55 38.36
CA THR AA 171 61.50 85.29 39.45
C THR AA 171 61.13 86.78 39.40
N LEU AA 172 60.96 87.33 38.20
CA LEU AA 172 60.55 88.73 38.07
C LEU AA 172 59.17 88.97 38.66
N ARG AA 173 58.21 88.08 38.34
CA ARG AA 173 56.88 88.21 38.91
C ARG AA 173 56.91 87.98 40.41
N ALA AA 174 57.71 87.01 40.86
CA ALA AA 174 57.85 86.77 42.30
C ALA AA 174 58.56 87.91 43.01
N GLU AA 175 59.28 88.76 42.28
CA GLU AA 175 59.99 89.89 42.87
C GLU AA 175 59.01 90.99 43.23
N GLN AA 176 59.21 91.61 44.39
CA GLN AA 176 58.35 92.69 44.86
C GLN AA 176 58.99 94.02 44.48
N ALA AA 177 58.49 94.64 43.41
CA ALA AA 177 59.00 95.92 42.95
C ALA AA 177 57.94 96.58 42.08
N SER AA 178 58.08 97.88 41.88
CA SER AA 178 57.16 98.63 41.05
C SER AA 178 57.36 98.27 39.57
N GLN AA 179 56.35 98.58 38.77
CA GLN AA 179 56.39 98.21 37.35
C GLN AA 179 57.53 98.92 36.63
N GLU AA 180 57.76 100.19 36.94
CA GLU AA 180 58.76 100.97 36.22
C GLU AA 180 60.17 100.41 36.44
N VAL AA 181 60.53 100.14 37.69
CA VAL AA 181 61.87 99.63 37.97
C VAL AA 181 62.03 98.21 37.43
N LYS AA 182 60.96 97.42 37.48
CA LYS AA 182 61.02 96.07 36.93
C LYS AA 182 61.27 96.11 35.42
N ASN AA 183 60.56 96.98 34.71
CA ASN AA 183 60.80 97.12 33.27
C ASN AA 183 62.21 97.62 33.00
N TRP AA 184 62.68 98.60 33.78
CA TRP AA 184 64.02 99.13 33.58
C TRP AA 184 65.08 98.05 33.78
N MET AA 185 64.90 97.20 34.80
CA MET AA 185 65.88 96.16 35.07
C MET AA 185 65.78 95.01 34.07
N THR AA 186 64.59 94.72 33.57
CA THR AA 186 64.41 93.61 32.63
C THR AA 186 64.71 94.00 31.19
N GLU AA 187 64.84 95.29 30.88
CA GLU AA 187 65.21 95.69 29.54
C GLU AA 187 66.71 95.61 29.29
N THR AA 188 67.51 95.47 30.34
CA THR AA 188 68.96 95.40 30.21
C THR AA 188 69.54 94.09 30.72
N LEU AA 189 69.10 93.63 31.90
CA LEU AA 189 69.68 92.43 32.49
C LEU AA 189 69.17 91.14 31.82
N LEU AA 190 68.15 91.23 30.97
CA LEU AA 190 67.65 90.03 30.31
C LEU AA 190 68.67 89.46 29.33
N VAL AA 191 69.52 90.32 28.78
CA VAL AA 191 70.53 89.88 27.83
C VAL AA 191 71.94 89.84 28.44
N GLN AA 192 72.15 90.54 29.56
CA GLN AA 192 73.48 90.55 30.18
C GLN AA 192 73.89 89.19 30.69
N ASN AA 193 72.93 88.36 31.11
CA ASN AA 193 73.22 87.03 31.65
C ASN AA 193 72.93 85.92 30.64
N ALA AA 194 72.68 86.26 29.38
CA ALA AA 194 72.38 85.25 28.37
C ALA AA 194 73.65 84.56 27.91
N ASN AA 195 73.48 83.56 27.04
CA ASN AA 195 74.61 82.87 26.47
C ASN AA 195 75.41 83.79 25.56
N PRO AA 196 76.73 83.61 25.46
CA PRO AA 196 77.55 84.55 24.69
C PRO AA 196 77.15 84.67 23.22
N ASP AA 197 76.75 83.58 22.59
CA ASP AA 197 76.35 83.65 21.18
C ASP AA 197 75.12 84.54 21.00
N CYS AA 198 74.09 84.32 21.82
CA CYS AA 198 72.92 85.17 21.74
C CYS AA 198 73.22 86.60 22.18
N LYS AA 199 74.14 86.77 23.14
CA LYS AA 199 74.55 88.11 23.54
C LYS AA 199 75.13 88.87 22.36
N THR AA 200 76.07 88.25 21.63
CA THR AA 200 76.67 88.91 20.49
C THR AA 200 75.65 89.15 19.38
N ILE AA 201 74.75 88.18 19.15
CA ILE AA 201 73.75 88.33 18.10
C ILE AA 201 72.83 89.51 18.42
N LEU AA 202 72.39 89.63 19.67
CA LEU AA 202 71.49 90.72 20.04
C LEU AA 202 72.21 92.06 20.10
N LYS AA 203 73.51 92.06 20.44
CA LYS AA 203 74.28 93.30 20.36
C LYS AA 203 74.41 93.76 18.92
N ALA AA 204 74.61 92.81 17.99
CA ALA AA 204 74.63 93.16 16.57
C ALA AA 204 73.27 93.67 16.11
N LEU AA 205 72.19 93.06 16.61
CA LEU AA 205 70.85 93.52 16.25
C LEU AA 205 70.61 94.94 16.74
N GLY AA 206 71.03 95.25 17.95
CA GLY AA 206 70.87 96.58 18.51
C GLY AA 206 69.78 96.65 19.57
N PRO AA 207 69.89 97.64 20.45
CA PRO AA 207 68.89 97.77 21.53
C PRO AA 207 67.63 98.49 21.06
N GLY AA 208 66.65 98.61 21.95
CA GLY AA 208 65.40 99.29 21.63
C GLY AA 208 64.36 98.43 20.96
N ALA AA 209 64.65 97.17 20.68
CA ALA AA 209 63.69 96.27 20.05
C ALA AA 209 63.00 95.40 21.09
N THR AA 210 61.79 94.97 20.76
CA THR AA 210 61.03 94.11 21.66
C THR AA 210 61.67 92.72 21.72
N LEU AA 211 61.23 91.94 22.72
CA LEU AA 211 61.80 90.61 22.94
C LEU AA 211 61.43 89.62 21.84
N GLU AA 212 60.49 89.97 20.95
CA GLU AA 212 60.21 89.11 19.80
C GLU AA 212 61.45 88.93 18.94
N GLU AA 213 62.09 90.05 18.58
CA GLU AA 213 63.32 89.98 17.79
C GLU AA 213 64.43 89.27 18.56
N MET AA 214 64.53 89.51 19.86
CA MET AA 214 65.55 88.86 20.66
C MET AA 214 65.39 87.34 20.64
N MET AA 215 64.17 86.86 20.86
CA MET AA 215 63.95 85.41 20.89
C MET AA 215 64.11 84.80 19.50
N THR AA 216 63.69 85.50 18.45
CA THR AA 216 63.87 84.97 17.10
C THR AA 216 65.34 84.90 16.72
N ALA AA 217 66.13 85.91 17.09
CA ALA AA 217 67.55 85.91 16.77
C ALA AA 217 68.37 85.01 17.68
N CYS AA 218 67.85 84.65 18.85
CA CYS AA 218 68.57 83.75 19.75
C CYS AA 218 68.35 82.28 19.41
N GLN AA 219 67.50 81.97 18.43
CA GLN AA 219 67.28 80.59 18.02
C GLN AA 219 68.55 80.05 17.38
N GLY AA 220 69.26 79.19 18.11
CA GLY AA 220 70.50 78.63 17.61
C GLY AA 220 71.70 79.51 17.90
N PRO BA 1 20.39 72.57 56.48
CA PRO BA 1 20.17 73.35 57.71
C PRO BA 1 19.10 74.42 57.53
N ILE BA 2 18.92 75.26 58.55
CA ILE BA 2 17.95 76.34 58.50
C ILE BA 2 18.61 77.53 57.82
N VAL BA 3 18.28 77.76 56.55
CA VAL BA 3 18.92 78.79 55.75
C VAL BA 3 17.95 79.95 55.55
N GLN BA 4 18.48 81.05 55.03
CA GLN BA 4 17.68 82.25 54.82
C GLN BA 4 16.74 82.08 53.62
N ASN BA 5 15.79 83.00 53.52
CA ASN BA 5 14.81 83.00 52.44
C ASN BA 5 14.82 84.36 51.76
N LEU BA 6 14.61 84.36 50.44
CA LEU BA 6 14.57 85.59 49.66
C LEU BA 6 13.35 86.41 50.09
N GLN BA 7 13.60 87.51 50.81
CA GLN BA 7 12.57 88.38 51.39
C GLN BA 7 11.39 87.58 51.93
N GLY BA 8 11.72 86.54 52.71
CA GLY BA 8 10.71 85.66 53.28
C GLY BA 8 10.94 85.35 54.74
N GLN BA 9 10.39 84.22 55.19
CA GLN BA 9 10.50 83.79 56.58
C GLN BA 9 11.60 82.73 56.71
N MET BA 10 12.18 82.67 57.90
CA MET BA 10 13.25 81.72 58.18
C MET BA 10 12.68 80.30 58.16
N VAL BA 11 13.13 79.48 57.21
CA VAL BA 11 12.63 78.14 57.03
C VAL BA 11 13.80 77.18 56.88
N HIS BA 12 13.55 75.91 57.19
CA HIS BA 12 14.56 74.86 57.09
C HIS BA 12 14.53 74.22 55.71
N GLN BA 13 15.69 73.76 55.26
CA GLN BA 13 15.82 73.08 53.98
C GLN BA 13 16.55 71.75 54.19
N ALA BA 14 16.37 70.85 53.22
CA ALA BA 14 16.96 69.52 53.32
C ALA BA 14 18.48 69.60 53.29
N ILE BA 15 19.11 68.66 53.99
CA ILE BA 15 20.57 68.60 54.07
C ILE BA 15 21.11 68.20 52.70
N SER BA 16 22.17 68.88 52.27
CA SER BA 16 22.78 68.59 50.97
C SER BA 16 23.58 67.30 51.04
N PRO BA 17 23.26 66.30 50.22
CA PRO BA 17 24.07 65.07 50.22
C PRO BA 17 25.53 65.28 49.85
N ARG BA 18 25.81 66.29 49.02
CA ARG BA 18 27.18 66.52 48.56
C ARG BA 18 28.11 66.84 49.72
N THR BA 19 27.66 67.69 50.66
CA THR BA 19 28.49 68.03 51.80
C THR BA 19 28.78 66.81 52.67
N LEU BA 20 27.76 65.98 52.91
CA LEU BA 20 27.97 64.77 53.69
C LEU BA 20 28.94 63.82 53.01
N ASN BA 21 28.79 63.65 51.69
CA ASN BA 21 29.70 62.78 50.95
C ASN BA 21 31.13 63.30 50.99
N ALA BA 22 31.31 64.61 50.83
CA ALA BA 22 32.64 65.19 50.91
C ALA BA 22 33.24 64.99 52.29
N TRP BA 23 32.43 65.19 53.34
CA TRP BA 23 32.93 65.02 54.69
C TRP BA 23 33.35 63.58 54.96
N VAL BA 24 32.52 62.61 54.57
CA VAL BA 24 32.87 61.22 54.84
C VAL BA 24 34.10 60.81 54.04
N LYS BA 25 34.19 61.27 52.79
CA LYS BA 25 35.37 60.95 51.98
C LYS BA 25 36.63 61.54 52.59
N VAL BA 26 36.57 62.79 53.04
CA VAL BA 26 37.76 63.45 53.57
C VAL BA 26 38.15 62.91 54.95
N VAL BA 27 37.19 62.37 55.70
CA VAL BA 27 37.55 61.77 56.98
C VAL BA 27 37.97 60.31 56.83
N GLU BA 28 37.58 59.64 55.74
CA GLU BA 28 38.01 58.27 55.53
C GLU BA 28 39.33 58.19 54.77
N GLU BA 29 39.65 59.21 53.97
CA GLU BA 29 40.87 59.19 53.17
C GLU BA 29 42.08 59.73 53.93
N LYS BA 30 41.86 60.48 55.01
CA LYS BA 30 42.93 61.10 55.78
C LYS BA 30 42.82 60.68 57.23
N ALA BA 31 43.98 60.45 57.85
CA ALA BA 31 44.03 60.18 59.28
C ALA BA 31 43.59 61.41 60.07
N PHE BA 32 43.08 61.17 61.28
CA PHE BA 32 42.53 62.24 62.10
C PHE BA 32 43.57 63.33 62.36
N SER BA 33 43.21 64.57 62.02
CA SER BA 33 44.04 65.75 62.17
C SER BA 33 43.22 66.87 62.77
N PRO BA 34 43.85 67.82 63.49
CA PRO BA 34 43.08 68.94 64.05
C PRO BA 34 42.40 69.81 63.01
N GLU BA 35 42.80 69.74 61.74
CA GLU BA 35 42.20 70.59 60.73
C GLU BA 35 40.73 70.29 60.49
N VAL BA 36 40.25 69.15 61.00
CA VAL BA 36 38.82 68.84 60.89
C VAL BA 36 38.00 69.74 61.80
N ILE BA 37 38.63 70.30 62.85
CA ILE BA 37 37.88 71.14 63.79
C ILE BA 37 37.29 72.37 63.12
N PRO BA 38 38.05 73.19 62.35
CA PRO BA 38 37.42 74.33 61.67
C PRO BA 38 36.52 73.88 60.51
N MET BA 39 37.02 72.95 59.69
CA MET BA 39 36.30 72.57 58.47
C MET BA 39 34.91 72.03 58.80
N PHE BA 40 34.81 71.22 59.85
CA PHE BA 40 33.49 70.72 60.27
C PHE BA 40 32.56 71.86 60.62
N SER BA 41 33.06 72.85 61.36
CA SER BA 41 32.23 74.02 61.69
C SER BA 41 31.87 74.82 60.45
N ALA BA 42 32.63 74.68 59.37
CA ALA BA 42 32.26 75.34 58.12
C ALA BA 42 31.10 74.62 57.44
N LEU BA 43 30.95 73.32 57.71
CA LEU BA 43 29.89 72.53 57.12
C LEU BA 43 28.66 72.42 58.02
N SER BA 44 28.67 73.07 59.18
CA SER BA 44 27.57 73.02 60.13
C SER BA 44 27.07 74.44 60.45
N GLU BA 45 26.93 75.27 59.41
CA GLU BA 45 26.50 76.65 59.60
C GLU BA 45 24.99 76.69 59.78
N GLY BA 46 24.55 77.09 60.97
CA GLY BA 46 23.12 77.18 61.25
C GLY BA 46 22.39 75.86 61.18
N ALA BA 47 23.02 74.78 61.64
CA ALA BA 47 22.43 73.45 61.59
C ALA BA 47 21.92 73.04 62.96
N THR BA 48 20.77 72.37 62.97
CA THR BA 48 20.18 71.89 64.22
C THR BA 48 21.02 70.75 64.79
N PRO BA 49 20.90 70.49 66.10
CA PRO BA 49 21.64 69.35 66.68
C PRO BA 49 21.32 68.03 66.03
N GLN BA 50 20.09 67.84 65.53
CA GLN BA 50 19.77 66.63 64.81
C GLN BA 50 20.60 66.50 63.54
N ASP BA 51 20.80 67.61 62.82
CA ASP BA 51 21.63 67.58 61.63
C ASP BA 51 23.07 67.21 61.96
N LEU BA 52 23.62 67.77 63.04
CA LEU BA 52 24.97 67.41 63.45
C LEU BA 52 25.06 65.94 63.85
N ASN BA 53 24.05 65.44 64.56
CA ASN BA 53 24.06 64.03 64.94
C ASN BA 53 24.02 63.13 63.71
N THR BA 54 23.20 63.49 62.72
CA THR BA 54 23.14 62.73 61.48
C THR BA 54 24.48 62.77 60.75
N MET BA 55 25.10 63.94 60.69
CA MET BA 55 26.39 64.09 60.01
C MET BA 55 27.51 63.34 60.73
N LEU BA 56 27.43 63.22 62.06
CA LEU BA 56 28.46 62.56 62.84
C LEU BA 56 28.29 61.05 62.91
N ASN BA 57 27.04 60.57 62.87
CA ASN BA 57 26.81 59.13 62.92
C ASN BA 57 27.24 58.44 61.63
N THR BA 58 27.24 59.17 60.52
CA THR BA 58 27.65 58.59 59.24
C THR BA 58 29.15 58.32 59.15
N VAL BA 59 29.94 58.82 60.12
CA VAL BA 59 31.38 58.59 60.10
C VAL BA 59 31.67 57.11 60.36
N GLY BA 60 32.48 56.51 59.50
CA GLY BA 60 32.83 55.10 59.61
C GLY BA 60 34.30 54.95 59.94
N GLY BA 61 34.62 53.87 60.65
CA GLY BA 61 35.99 53.61 61.05
C GLY BA 61 36.37 54.32 62.33
N HIS BA 62 37.17 53.66 63.17
CA HIS BA 62 37.68 54.22 64.42
C HIS BA 62 36.53 54.63 65.34
N GLN BA 63 35.75 53.63 65.74
CA GLN BA 63 34.59 53.86 66.61
C GLN BA 63 34.97 54.28 68.02
N ALA BA 64 36.26 54.20 68.38
CA ALA BA 64 36.69 54.72 69.67
C ALA BA 64 36.42 56.21 69.79
N ALA BA 65 36.65 56.96 68.71
CA ALA BA 65 36.33 58.38 68.70
C ALA BA 65 34.83 58.61 68.86
N MET BA 66 34.02 57.77 68.23
CA MET BA 66 32.57 57.87 68.37
C MET BA 66 32.15 57.64 69.82
N GLN BA 67 32.74 56.63 70.47
CA GLN BA 67 32.42 56.38 71.86
C GLN BA 67 32.87 57.53 72.75
N MET BA 68 34.06 58.10 72.46
CA MET BA 68 34.55 59.23 73.21
C MET BA 68 33.59 60.42 73.12
N LEU BA 69 33.18 60.76 71.90
CA LEU BA 69 32.27 61.89 71.72
C LEU BA 69 30.90 61.61 72.35
N LYS BA 70 30.44 60.36 72.29
CA LYS BA 70 29.17 60.02 72.93
C LYS BA 70 29.26 60.20 74.45
N GLU BA 71 30.34 59.72 75.06
CA GLU BA 71 30.49 59.86 76.50
C GLU BA 71 30.61 61.33 76.90
N THR BA 72 31.39 62.10 76.14
CA THR BA 72 31.53 63.52 76.46
C THR BA 72 30.21 64.26 76.29
N ILE BA 73 29.44 63.93 75.24
CA ILE BA 73 28.17 64.60 75.04
C ILE BA 73 27.19 64.22 76.15
N ASN BA 74 27.23 62.97 76.63
CA ASN BA 74 26.34 62.57 77.70
C ASN BA 74 26.67 63.29 79.00
N GLU BA 75 27.95 63.33 79.37
CA GLU BA 75 28.33 64.00 80.61
C GLU BA 75 28.06 65.50 80.52
N GLU BA 76 28.34 66.11 79.37
CA GLU BA 76 28.06 67.53 79.21
C GLU BA 76 26.56 67.82 79.26
N ALA BA 77 25.74 66.95 78.66
CA ALA BA 77 24.29 67.13 78.73
C ALA BA 77 23.79 67.02 80.17
N ALA BA 78 24.31 66.05 80.92
CA ALA BA 78 23.92 65.92 82.32
C ALA BA 78 24.32 67.16 83.12
N GLU BA 79 25.54 67.64 82.92
CA GLU BA 79 26.00 68.84 83.62
C GLU BA 79 25.14 70.05 83.27
N TRP BA 80 24.82 70.20 81.98
CA TRP BA 80 24.01 71.32 81.53
C TRP BA 80 22.59 71.24 82.07
N ASP BA 81 22.03 70.03 82.19
CA ASP BA 81 20.75 69.88 82.85
C ASP BA 81 20.84 70.28 84.32
N ARG BA 82 21.91 69.87 84.99
CA ARG BA 82 22.07 70.12 86.42
C ARG BA 82 22.39 71.57 86.76
N LEU BA 83 22.93 72.35 85.82
CA LEU BA 83 23.28 73.73 86.09
C LEU BA 83 22.31 74.73 85.51
N HIS BA 84 21.80 74.50 84.30
CA HIS BA 84 20.91 75.45 83.66
C HIS BA 84 19.48 75.28 84.20
N PRO BA 85 18.84 76.34 84.66
CA PRO BA 85 17.46 76.21 85.16
C PRO BA 85 16.52 75.73 84.07
N VAL BA 86 15.54 74.92 84.46
CA VAL BA 86 14.60 74.32 83.53
C VAL BA 86 13.24 75.01 83.68
N HIS BA 87 12.47 74.97 82.60
CA HIS BA 87 11.12 75.52 82.63
C HIS BA 87 10.20 74.63 83.46
N ALA BA 88 9.19 75.27 84.06
CA ALA BA 88 8.22 74.56 84.88
C ALA BA 88 6.87 75.26 84.78
N GLY BA 89 5.82 74.51 85.10
CA GLY BA 89 4.47 75.03 85.05
C GLY BA 89 3.94 75.11 83.64
N PRO BA 90 2.76 75.74 83.47
CA PRO BA 90 2.18 75.87 82.13
C PRO BA 90 3.01 76.76 81.22
N ILE BA 91 3.48 76.19 80.10
CA ILE BA 91 4.26 76.96 79.15
C ILE BA 91 3.33 77.83 78.31
N ALA BA 92 3.67 79.11 78.19
CA ALA BA 92 2.84 80.04 77.43
C ALA BA 92 2.83 79.65 75.95
N PRO BA 93 1.74 79.92 75.24
CA PRO BA 93 1.67 79.60 73.81
C PRO BA 93 2.76 80.33 73.03
N GLY BA 94 3.26 79.66 71.99
CA GLY BA 94 4.35 80.20 71.20
C GLY BA 94 5.73 79.92 71.75
N GLN BA 95 5.83 79.23 72.88
CA GLN BA 95 7.12 78.90 73.50
C GLN BA 95 7.15 77.42 73.83
N MET BA 96 8.37 76.89 73.93
CA MET BA 96 8.59 75.49 74.27
C MET BA 96 9.41 75.40 75.55
N ARG BA 97 9.20 74.32 76.30
CA ARG BA 97 9.88 74.15 77.57
C ARG BA 97 11.37 73.95 77.37
N GLU BA 98 12.12 74.03 78.47
CA GLU BA 98 13.57 73.97 78.40
C GLU BA 98 14.02 72.59 77.91
N PRO BA 99 14.95 72.53 76.95
CA PRO BA 99 15.36 71.23 76.39
C PRO BA 99 16.03 70.35 77.43
N ARG BA 100 15.87 69.05 77.26
CA ARG BA 100 16.49 68.06 78.12
C ARG BA 100 17.91 67.73 77.63
N GLY BA 101 18.57 66.83 78.37
CA GLY BA 101 19.90 66.41 77.97
C GLY BA 101 19.90 65.68 76.63
N SER BA 102 18.93 64.80 76.42
CA SER BA 102 18.80 64.15 75.13
C SER BA 102 18.36 65.13 74.05
N ASP BA 103 17.62 66.18 74.42
CA ASP BA 103 17.20 67.18 73.45
C ASP BA 103 18.38 67.95 72.87
N ILE BA 104 19.32 68.34 73.73
CA ILE BA 104 20.50 69.07 73.25
C ILE BA 104 21.46 68.15 72.52
N ALA BA 105 21.36 66.84 72.72
CA ALA BA 105 22.20 65.88 72.02
C ALA BA 105 21.68 65.55 70.63
N GLY BA 106 20.50 66.02 70.26
CA GLY BA 106 19.93 65.73 68.95
C GLY BA 106 19.60 64.27 68.74
N THR BA 107 19.08 63.60 69.75
CA THR BA 107 18.74 62.18 69.67
C THR BA 107 17.25 61.91 69.78
N THR BA 108 16.58 62.52 70.76
CA THR BA 108 15.14 62.31 70.96
C THR BA 108 14.30 63.40 70.34
N SER BA 109 14.75 64.66 70.36
CA SER BA 109 13.99 65.75 69.79
C SER BA 109 13.97 65.64 68.27
N THR BA 110 12.80 65.80 67.67
CA THR BA 110 12.66 65.80 66.23
C THR BA 110 13.08 67.15 65.67
N LEU BA 111 13.19 67.21 64.34
CA LEU BA 111 13.58 68.46 63.68
C LEU BA 111 12.57 69.57 63.92
N GLN BA 112 11.29 69.22 64.05
CA GLN BA 112 10.26 70.23 64.27
C GLN BA 112 10.45 70.93 65.62
N GLU BA 113 10.86 70.20 66.64
CA GLU BA 113 11.13 70.82 67.94
C GLU BA 113 12.28 71.83 67.84
N GLN BA 114 13.34 71.47 67.10
CA GLN BA 114 14.45 72.39 66.91
C GLN BA 114 14.02 73.62 66.13
N ILE BA 115 13.16 73.43 65.10
CA ILE BA 115 12.66 74.57 64.34
C ILE BA 115 11.83 75.49 65.23
N GLY BA 116 10.98 74.90 66.07
CA GLY BA 116 10.19 75.71 67.00
C GLY BA 116 11.05 76.46 68.00
N TRP BA 117 12.11 75.82 68.49
CA TRP BA 117 13.04 76.50 69.38
C TRP BA 117 13.74 77.66 68.67
N MET BA 118 14.15 77.46 67.43
CA MET BA 118 14.85 78.51 66.69
C MET BA 118 13.93 79.68 66.38
N THR BA 119 12.70 79.41 65.94
CA THR BA 119 11.78 80.48 65.60
C THR BA 119 11.31 81.25 66.81
N HIS BA 120 11.47 80.70 68.01
CA HIS BA 120 11.15 81.43 69.23
C HIS BA 120 12.12 82.59 69.43
N ASN BA 121 11.61 83.68 69.99
CA ASN BA 121 12.43 84.86 70.26
C ASN BA 121 12.58 85.04 71.76
N PRO BA 122 13.80 84.92 72.32
CA PRO BA 122 15.06 84.56 71.66
C PRO BA 122 15.18 83.07 71.42
N PRO BA 123 15.87 82.66 70.35
CA PRO BA 123 16.05 81.23 70.09
C PRO BA 123 16.93 80.57 71.14
N ILE BA 124 16.66 79.29 71.39
CA ILE BA 124 17.48 78.51 72.31
C ILE BA 124 18.74 78.08 71.58
N PRO BA 125 19.93 78.50 72.03
CA PRO BA 125 21.17 78.25 71.28
C PRO BA 125 21.82 76.90 71.58
N VAL BA 126 21.02 75.83 71.52
CA VAL BA 126 21.55 74.50 71.76
C VAL BA 126 22.46 74.03 70.62
N GLY BA 127 22.25 74.55 69.40
CA GLY BA 127 23.06 74.10 68.28
C GLY BA 127 24.53 74.42 68.45
N GLU BA 128 24.84 75.65 68.86
CA GLU BA 128 26.23 76.03 69.06
C GLU BA 128 26.84 75.35 70.28
N ILE BA 129 26.04 75.03 71.30
CA ILE BA 129 26.54 74.27 72.44
C ILE BA 129 26.94 72.87 71.99
N TYR BA 130 26.09 72.24 71.17
CA TYR BA 130 26.43 70.94 70.61
C TYR BA 130 27.68 71.03 69.75
N LYS BA 131 27.79 72.09 68.94
CA LYS BA 131 28.96 72.29 68.09
C LYS BA 131 30.23 72.38 68.92
N ARG BA 132 30.21 73.20 69.98
CA ARG BA 132 31.42 73.37 70.79
C ARG BA 132 31.75 72.13 71.60
N TRP BA 133 30.74 71.38 72.05
CA TRP BA 133 31.01 70.11 72.72
C TRP BA 133 31.68 69.11 71.76
N ILE BA 134 31.18 69.05 70.53
CA ILE BA 134 31.81 68.18 69.52
C ILE BA 134 33.22 68.66 69.23
N ILE BA 135 33.43 69.97 69.20
CA ILE BA 135 34.76 70.53 68.96
C ILE BA 135 35.71 70.13 70.07
N LEU BA 136 35.25 70.21 71.32
CA LEU BA 136 36.08 69.79 72.45
C LEU BA 136 36.42 68.31 72.38
N GLY BA 137 35.44 67.48 72.05
CA GLY BA 137 35.71 66.05 71.90
C GLY BA 137 36.73 65.77 70.80
N LEU BA 138 36.57 66.45 69.65
CA LEU BA 138 37.53 66.29 68.56
C LEU BA 138 38.91 66.76 68.97
N ASN BA 139 38.99 67.86 69.71
CA ASN BA 139 40.28 68.34 70.19
C ASN BA 139 40.95 67.31 71.09
N LYS BA 140 40.18 66.73 72.01
CA LYS BA 140 40.75 65.72 72.90
C LYS BA 140 41.24 64.51 72.12
N ILE BA 141 40.44 64.03 71.16
CA ILE BA 141 40.84 62.81 70.45
C ILE BA 141 42.04 63.08 69.55
N VAL BA 142 42.12 64.26 68.92
CA VAL BA 142 43.27 64.54 68.06
C VAL BA 142 44.52 64.79 68.90
N ARG BA 143 44.35 65.35 70.11
CA ARG BA 143 45.48 65.49 71.01
C ARG BA 143 46.00 64.11 71.42
N MET BA 144 45.09 63.17 71.68
CA MET BA 144 45.51 61.80 71.97
C MET BA 144 46.20 61.15 70.77
N TYR BA 145 45.69 61.42 69.57
CA TYR BA 145 46.23 60.77 68.37
C TYR BA 145 47.68 61.13 68.11
N SER BA 146 48.16 62.25 68.64
CA SER BA 146 49.53 62.67 68.41
C SER BA 146 50.48 61.71 69.11
N PRO BA 147 51.44 61.11 68.39
CA PRO BA 147 52.34 60.14 69.01
C PRO BA 147 53.50 60.75 69.78
N THR BA 148 53.62 62.08 69.79
CA THR BA 148 54.71 62.76 70.48
C THR BA 148 54.15 63.90 71.32
N SER BA 149 54.89 64.24 72.37
CA SER BA 149 54.50 65.33 73.27
C SER BA 149 54.89 66.67 72.64
N ILE BA 150 54.78 67.74 73.41
CA ILE BA 150 55.06 69.08 72.92
C ILE BA 150 56.39 69.62 73.42
N LEU BA 151 56.95 69.07 74.50
CA LEU BA 151 58.20 69.54 75.08
C LEU BA 151 59.37 68.59 74.82
N ASP BA 152 59.33 67.85 73.71
CA ASP BA 152 60.39 66.93 73.35
C ASP BA 152 60.86 67.11 71.91
N ILE BA 153 60.49 68.21 71.25
CA ILE BA 153 60.86 68.44 69.87
C ILE BA 153 62.31 68.87 69.79
N ARG BA 154 63.06 68.26 68.87
CA ARG BA 154 64.45 68.60 68.65
C ARG BA 154 64.74 68.64 67.16
N GLN BA 155 65.55 69.62 66.75
CA GLN BA 155 65.90 69.77 65.35
C GLN BA 155 67.00 68.81 64.97
N GLY BA 156 66.87 68.21 63.78
CA GLY BA 156 67.85 67.28 63.29
C GLY BA 156 69.20 67.91 63.03
N PRO BA 157 70.27 67.13 63.18
CA PRO BA 157 71.62 67.69 62.96
C PRO BA 157 71.83 68.22 61.55
N LYS BA 158 71.22 67.58 60.55
CA LYS BA 158 71.34 68.04 59.17
C LYS BA 158 70.00 68.43 58.55
N GLU BA 159 68.90 68.27 59.28
CA GLU BA 159 67.60 68.68 58.75
C GLU BA 159 67.54 70.19 58.61
N PRO BA 160 67.00 70.70 57.50
CA PRO BA 160 66.85 72.15 57.36
C PRO BA 160 65.88 72.72 58.38
N PHE BA 161 66.10 73.98 58.74
CA PHE BA 161 65.26 74.62 59.76
C PHE BA 161 63.82 74.76 59.30
N ARG BA 162 63.58 74.77 57.99
CA ARG BA 162 62.22 74.91 57.48
C ARG BA 162 61.33 73.77 57.94
N ASP BA 163 61.78 72.53 57.73
CA ASP BA 163 60.98 71.38 58.16
C ASP BA 163 60.84 71.35 59.67
N TYR BA 164 61.90 71.71 60.40
CA TYR BA 164 61.84 71.72 61.86
C TYR BA 164 60.79 72.69 62.36
N VAL BA 165 60.79 73.93 61.84
CA VAL BA 165 59.82 74.91 62.31
C VAL BA 165 58.41 74.53 61.84
N ASP BA 166 58.29 73.93 60.66
CA ASP BA 166 56.97 73.48 60.20
C ASP BA 166 56.40 72.43 61.14
N ARG BA 167 57.21 71.43 61.50
CA ARG BA 167 56.74 70.40 62.42
C ARG BA 167 56.47 70.97 63.81
N PHE BA 168 57.32 71.90 64.26
CA PHE BA 168 57.11 72.52 65.57
C PHE BA 168 55.79 73.27 65.62
N TYR BA 169 55.46 74.02 64.57
CA TYR BA 169 54.21 74.77 64.59
C TYR BA 169 53.01 73.86 64.35
N LYS BA 170 53.18 72.77 63.59
CA LYS BA 170 52.12 71.79 63.45
C LYS BA 170 51.78 71.16 64.81
N THR BA 171 52.81 70.78 65.57
CA THR BA 171 52.56 70.21 66.89
C THR BA 171 52.05 71.25 67.88
N LEU BA 172 52.45 72.52 67.71
CA LEU BA 172 51.90 73.59 68.53
C LEU BA 172 50.41 73.77 68.27
N ARG BA 173 50.01 73.73 66.99
CA ARG BA 173 48.60 73.81 66.66
C ARG BA 173 47.84 72.60 67.19
N ALA BA 174 48.47 71.42 67.16
CA ALA BA 174 47.89 70.24 67.79
C ALA BA 174 47.89 70.32 69.30
N GLU BA 175 48.72 71.20 69.89
CA GLU BA 175 48.77 71.36 71.33
C GLU BA 175 47.60 72.22 71.80
N GLN BA 176 46.98 71.80 72.90
CA GLN BA 176 45.80 72.46 73.44
C GLN BA 176 46.03 72.77 74.92
N ALA BA 177 46.18 74.06 75.23
CA ALA BA 177 46.38 74.52 76.59
C ALA BA 177 45.96 75.99 76.64
N SER BA 178 46.29 76.66 77.74
CA SER BA 178 45.97 78.07 77.87
C SER BA 178 46.80 78.89 76.90
N GLN BA 179 46.25 80.03 76.47
CA GLN BA 179 46.90 80.84 75.45
C GLN BA 179 48.24 81.40 75.94
N GLU BA 180 48.31 81.77 77.21
CA GLU BA 180 49.54 82.38 77.73
C GLU BA 180 50.71 81.41 77.68
N VAL BA 181 50.49 80.17 78.15
CA VAL BA 181 51.58 79.19 78.12
C VAL BA 181 51.91 78.79 76.70
N LYS BA 182 50.91 78.79 75.81
CA LYS BA 182 51.18 78.51 74.40
C LYS BA 182 52.10 79.57 73.80
N ASN BA 183 51.82 80.85 74.10
CA ASN BA 183 52.68 81.92 73.62
C ASN BA 183 54.08 81.81 74.22
N TRP BA 184 54.17 81.52 75.51
CA TRP BA 184 55.47 81.39 76.16
C TRP BA 184 56.29 80.27 75.53
N MET BA 185 55.66 79.11 75.28
CA MET BA 185 56.39 77.99 74.71
C MET BA 185 56.74 78.24 73.25
N THR BA 186 55.85 78.86 72.47
CA THR BA 186 56.20 79.16 71.08
C THR BA 186 57.21 80.28 70.98
N GLU BA 187 57.45 81.03 72.05
CA GLU BA 187 58.54 82.01 72.06
C GLU BA 187 59.85 81.45 72.58
N THR BA 188 59.80 80.41 73.43
CA THR BA 188 61.01 79.88 74.04
C THR BA 188 61.53 78.60 73.39
N LEU BA 189 60.67 77.58 73.23
CA LEU BA 189 61.14 76.27 72.81
C LEU BA 189 61.67 76.28 71.39
N LEU BA 190 61.12 77.14 70.52
CA LEU BA 190 61.55 77.16 69.12
C LEU BA 190 63.01 77.57 69.00
N VAL BA 191 63.49 78.41 69.92
CA VAL BA 191 64.90 78.78 69.92
C VAL BA 191 65.70 77.95 70.92
N GLN BA 192 65.03 77.25 71.83
CA GLN BA 192 65.71 76.39 72.79
C GLN BA 192 66.07 75.02 72.22
N ASN BA 193 65.51 74.65 71.07
CA ASN BA 193 65.73 73.33 70.49
C ASN BA 193 66.12 73.43 69.02
N ALA BA 194 67.06 74.32 68.72
CA ALA BA 194 67.53 74.53 67.36
C ALA BA 194 68.97 74.04 67.20
N ASN BA 195 69.41 73.98 65.95
CA ASN BA 195 70.78 73.59 65.66
C ASN BA 195 71.75 74.67 66.18
N PRO BA 196 73.00 74.29 66.49
CA PRO BA 196 73.92 75.27 67.08
C PRO BA 196 74.14 76.51 66.24
N ASP BA 197 74.16 76.40 64.91
CA ASP BA 197 74.35 77.58 64.07
C ASP BA 197 73.18 78.54 64.20
N CYS BA 198 71.95 78.02 64.11
CA CYS BA 198 70.77 78.86 64.33
C CYS BA 198 70.76 79.43 65.75
N LYS BA 199 71.14 78.61 66.73
CA LYS BA 199 71.19 79.08 68.12
C LYS BA 199 72.11 80.29 68.26
N THR BA 200 73.34 80.17 67.77
CA THR BA 200 74.30 81.27 67.90
C THR BA 200 73.84 82.50 67.11
N ILE BA 201 73.36 82.30 65.87
CA ILE BA 201 72.95 83.43 65.05
C ILE BA 201 71.81 84.19 65.71
N LEU BA 202 70.79 83.47 66.20
CA LEU BA 202 69.63 84.13 66.78
C LEU BA 202 69.88 84.66 68.18
N LYS BA 203 70.82 84.08 68.94
CA LYS BA 203 71.16 84.68 70.23
C LYS BA 203 72.02 85.92 70.04
N ALA BA 204 72.80 85.99 68.95
CA ALA BA 204 73.47 87.24 68.61
C ALA BA 204 72.47 88.28 68.09
N LEU BA 205 71.45 87.84 67.36
CA LEU BA 205 70.44 88.77 66.85
C LEU BA 205 69.66 89.41 68.00
N GLY BA 206 69.28 88.63 69.00
CA GLY BA 206 68.56 89.15 70.14
C GLY BA 206 67.20 88.52 70.30
N PRO BA 207 66.93 87.98 71.50
CA PRO BA 207 65.61 87.38 71.76
C PRO BA 207 64.50 88.43 71.78
N GLY BA 208 63.30 87.96 71.49
CA GLY BA 208 62.12 88.81 71.48
C GLY BA 208 61.65 89.24 70.12
N ALA BA 209 62.43 89.00 69.07
CA ALA BA 209 62.02 89.39 67.72
C ALA BA 209 61.03 88.39 67.15
N THR BA 210 60.38 88.80 66.06
CA THR BA 210 59.40 87.95 65.40
C THR BA 210 60.07 86.73 64.77
N LEU BA 211 59.30 85.65 64.64
CA LEU BA 211 59.85 84.40 64.12
C LEU BA 211 60.27 84.53 62.66
N GLU BA 212 59.72 85.49 61.91
CA GLU BA 212 60.17 85.71 60.54
C GLU BA 212 61.64 86.11 60.51
N GLU BA 213 62.05 86.98 61.43
CA GLU BA 213 63.46 87.31 61.56
C GLU BA 213 64.29 86.09 61.91
N MET BA 214 63.76 85.22 62.79
CA MET BA 214 64.48 84.01 63.17
C MET BA 214 64.73 83.11 61.97
N MET BA 215 63.69 82.86 61.17
CA MET BA 215 63.81 81.99 60.01
C MET BA 215 64.61 82.62 58.86
N THR BA 216 64.61 83.95 58.75
CA THR BA 216 65.48 84.58 57.76
C THR BA 216 66.93 84.54 58.20
N ALA BA 217 67.18 84.62 59.51
CA ALA BA 217 68.55 84.50 60.01
C ALA BA 217 69.07 83.08 59.86
N CYS BA 218 68.22 82.08 60.09
CA CYS BA 218 68.63 80.69 59.91
C CYS BA 218 68.95 80.37 58.46
N GLN BA 219 68.49 81.19 57.50
CA GLN BA 219 68.75 80.94 56.10
C GLN BA 219 70.25 81.02 55.80
N GLY BA 220 70.71 80.15 54.92
CA GLY BA 220 72.12 80.10 54.56
C GLY BA 220 72.90 79.07 55.36
N PRO CA 1 11.38 64.04 45.28
CA PRO CA 1 10.61 64.05 46.52
C PRO CA 1 9.85 65.36 46.74
N ILE CA 2 9.06 65.42 47.81
CA ILE CA 2 8.32 66.63 48.14
C ILE CA 2 9.31 67.68 48.63
N VAL CA 3 9.55 68.71 47.82
CA VAL CA 3 10.49 69.77 48.16
C VAL CA 3 9.71 71.00 48.60
N GLN CA 4 10.35 71.83 49.43
CA GLN CA 4 9.72 73.04 49.93
C GLN CA 4 10.03 74.22 49.03
N ASN CA 5 8.99 74.92 48.60
CA ASN CA 5 9.14 76.12 47.79
C ASN CA 5 9.25 77.34 48.69
N LEU CA 6 10.19 78.23 48.38
CA LEU CA 6 10.38 79.43 49.17
C LEU CA 6 9.12 80.28 49.13
N GLN CA 7 8.71 80.75 50.32
CA GLN CA 7 7.49 81.55 50.52
C GLN CA 7 6.31 81.03 49.69
N GLY CA 8 6.18 79.71 49.59
CA GLY CA 8 5.12 79.11 48.81
C GLY CA 8 4.48 77.90 49.45
N GLN CA 9 4.37 76.81 48.69
CA GLN CA 9 3.72 75.60 49.16
C GLN CA 9 4.58 74.39 48.78
N MET CA 10 4.27 73.25 49.40
CA MET CA 10 4.98 72.02 49.10
C MET CA 10 4.60 71.54 47.71
N VAL CA 11 5.62 71.19 46.91
CA VAL CA 11 5.42 70.75 45.53
C VAL CA 11 6.28 69.52 45.29
N HIS CA 12 5.71 68.54 44.60
CA HIS CA 12 6.45 67.32 44.27
C HIS CA 12 7.54 67.61 43.24
N GLN CA 13 8.65 66.89 43.35
CA GLN CA 13 9.77 67.04 42.44
C GLN CA 13 10.26 65.66 42.02
N ALA CA 14 10.86 65.60 40.84
CA ALA CA 14 11.46 64.38 40.35
C ALA CA 14 12.69 64.03 41.18
N ILE CA 15 12.98 62.72 41.25
CA ILE CA 15 14.11 62.23 42.02
C ILE CA 15 15.41 62.64 41.33
N SER CA 16 16.31 63.26 42.08
CA SER CA 16 17.58 63.70 41.51
C SER CA 16 18.43 62.49 41.13
N PRO CA 17 18.96 62.43 39.91
CA PRO CA 17 19.85 61.31 39.55
C PRO CA 17 21.10 61.24 40.40
N ARG CA 18 21.62 62.38 40.85
CA ARG CA 18 22.85 62.38 41.64
C ARG CA 18 22.65 61.67 42.98
N THR CA 19 21.52 61.90 43.64
CA THR CA 19 21.29 61.28 44.94
C THR CA 19 21.20 59.76 44.81
N LEU CA 20 20.46 59.28 43.81
CA LEU CA 20 20.36 57.83 43.62
C LEU CA 20 21.67 57.22 43.16
N ASN CA 21 22.46 57.96 42.36
CA ASN CA 21 23.78 57.48 41.98
C ASN CA 21 24.69 57.35 43.20
N ALA CA 22 24.67 58.35 44.08
CA ALA CA 22 25.45 58.25 45.31
C ALA CA 22 24.97 57.09 46.18
N TRP CA 23 23.66 56.89 46.26
CA TRP CA 23 23.11 55.78 47.03
C TRP CA 23 23.59 54.44 46.49
N VAL CA 24 23.50 54.25 45.16
CA VAL CA 24 23.92 52.98 44.59
C VAL CA 24 25.41 52.77 44.73
N LYS CA 25 26.20 53.85 44.62
CA LYS CA 25 27.64 53.73 44.83
C LYS CA 25 27.95 53.32 46.27
N VAL CA 26 27.25 53.90 47.24
CA VAL CA 26 27.56 53.60 48.64
C VAL CA 26 27.02 52.22 49.03
N VAL CA 27 26.01 51.72 48.32
CA VAL CA 27 25.48 50.39 48.61
C VAL CA 27 26.06 49.37 47.64
N GLU CA 28 27.03 49.78 46.83
CA GLU CA 28 27.83 48.83 46.07
C GLU CA 28 29.28 48.76 46.51
N GLU CA 29 29.81 49.81 47.16
CA GLU CA 29 31.20 49.77 47.62
C GLU CA 29 31.32 49.02 48.94
N LYS CA 30 30.69 49.53 50.00
CA LYS CA 30 30.67 48.82 51.28
C LYS CA 30 29.45 47.91 51.36
N ALA CA 31 28.26 48.50 51.24
CA ALA CA 31 26.99 47.80 50.99
C ALA CA 31 26.45 47.06 52.20
N PHE CA 32 27.23 46.94 53.28
CA PHE CA 32 26.76 46.19 54.43
C PHE CA 32 27.14 46.80 55.77
N SER CA 33 27.82 47.95 55.80
CA SER CA 33 28.19 48.55 57.06
C SER CA 33 26.96 49.16 57.74
N PRO CA 34 26.92 49.16 59.08
CA PRO CA 34 25.79 49.80 59.77
C PRO CA 34 25.68 51.29 59.48
N GLU CA 35 26.78 51.94 59.09
CA GLU CA 35 26.77 53.38 58.86
C GLU CA 35 25.86 53.78 57.69
N VAL CA 36 25.43 52.83 56.86
CA VAL CA 36 24.49 53.14 55.80
C VAL CA 36 23.11 53.45 56.35
N ILE CA 37 22.83 53.09 57.61
CA ILE CA 37 21.52 53.36 58.19
C ILE CA 37 21.23 54.85 58.27
N PRO CA 38 22.12 55.70 58.81
CA PRO CA 38 21.82 57.14 58.78
C PRO CA 38 21.78 57.73 57.39
N MET CA 39 22.77 57.41 56.55
CA MET CA 39 22.86 57.99 55.21
C MET CA 39 21.57 57.78 54.43
N PHE CA 40 21.01 56.57 54.48
CA PHE CA 40 19.77 56.27 53.79
C PHE CA 40 18.66 57.23 54.23
N SER CA 41 18.55 57.46 55.54
CA SER CA 41 17.55 58.41 56.02
C SER CA 41 17.81 59.81 55.48
N ALA CA 42 19.09 60.19 55.40
CA ALA CA 42 19.43 61.49 54.82
C ALA CA 42 19.02 61.57 53.37
N LEU CA 43 18.88 60.44 52.69
CA LEU CA 43 18.42 60.39 51.32
C LEU CA 43 16.93 60.10 51.20
N SER CA 44 16.22 60.00 52.32
CA SER CA 44 14.79 59.71 52.32
C SER CA 44 14.01 60.72 53.15
N GLU CA 45 14.35 62.00 53.02
CA GLU CA 45 13.68 63.06 53.76
C GLU CA 45 12.55 63.64 52.92
N GLY CA 46 11.31 63.44 53.37
CA GLY CA 46 10.16 63.98 52.67
C GLY CA 46 9.95 63.42 51.28
N ALA CA 47 10.12 62.12 51.12
CA ALA CA 47 9.96 61.45 49.83
C ALA CA 47 8.75 60.51 49.86
N THR CA 48 8.06 60.43 48.72
CA THR CA 48 6.90 59.57 48.63
C THR CA 48 7.32 58.11 48.70
N PRO CA 49 6.44 57.23 49.19
CA PRO CA 49 6.79 55.80 49.27
C PRO CA 49 7.12 55.17 47.93
N GLN CA 50 6.55 55.67 46.84
CA GLN CA 50 6.93 55.19 45.52
C GLN CA 50 8.40 55.50 45.24
N ASP CA 51 8.86 56.70 45.60
CA ASP CA 51 10.27 57.04 45.47
C ASP CA 51 11.13 56.16 46.36
N LEU CA 52 10.65 55.85 47.57
CA LEU CA 52 11.38 54.95 48.45
C LEU CA 52 11.54 53.57 47.82
N ASN CA 53 10.46 53.05 47.22
CA ASN CA 53 10.55 51.75 46.56
C ASN CA 53 11.50 51.80 45.37
N THR CA 54 11.44 52.89 44.59
CA THR CA 54 12.32 53.02 43.44
C THR CA 54 13.78 53.04 43.87
N MET CA 55 14.09 53.80 44.93
CA MET CA 55 15.45 53.83 45.45
C MET CA 55 15.87 52.48 46.02
N LEU CA 56 14.94 51.77 46.65
CA LEU CA 56 15.24 50.45 47.20
C LEU CA 56 15.47 49.42 46.10
N ASN CA 57 14.92 49.66 44.91
CA ASN CA 57 15.08 48.70 43.81
C ASN CA 57 16.35 48.94 43.00
N THR CA 58 17.05 50.05 43.21
CA THR CA 58 18.22 50.35 42.39
C THR CA 58 19.48 49.65 42.88
N VAL CA 59 19.47 49.06 44.08
CA VAL CA 59 20.67 48.39 44.59
C VAL CA 59 20.84 47.07 43.86
N GLY CA 60 22.05 46.85 43.34
CA GLY CA 60 22.36 45.64 42.60
C GLY CA 60 23.10 44.63 43.46
N GLY CA 61 22.76 43.36 43.30
CA GLY CA 61 23.38 42.30 44.06
C GLY CA 61 22.72 42.05 45.40
N HIS CA 62 22.96 40.85 45.95
CA HIS CA 62 22.45 40.46 47.27
C HIS CA 62 20.92 40.56 47.33
N GLN CA 63 20.27 39.77 46.47
CA GLN CA 63 18.82 39.74 46.43
C GLN CA 63 18.20 39.05 47.64
N ALA CA 64 18.98 38.30 48.41
CA ALA CA 64 18.46 37.68 49.63
C ALA CA 64 17.99 38.75 50.61
N ALA CA 65 18.78 39.82 50.76
CA ALA CA 65 18.38 40.93 51.61
C ALA CA 65 17.11 41.60 51.07
N MET CA 66 17.00 41.74 49.76
CA MET CA 66 15.81 42.32 49.16
C MET CA 66 14.57 41.49 49.48
N GLN CA 67 14.69 40.16 49.36
CA GLN CA 67 13.56 39.29 49.66
C GLN CA 67 13.21 39.34 51.15
N MET CA 68 14.23 39.39 52.02
CA MET CA 68 13.97 39.48 53.45
C MET CA 68 13.24 40.77 53.80
N LEU CA 69 13.68 41.89 53.23
CA LEU CA 69 13.01 43.16 53.52
C LEU CA 69 11.62 43.20 52.91
N LYS CA 70 11.41 42.56 51.74
CA LYS CA 70 10.06 42.47 51.19
C LYS CA 70 9.15 41.65 52.10
N GLU CA 71 9.66 40.54 52.65
CA GLU CA 71 8.87 39.74 53.57
C GLU CA 71 8.53 40.52 54.83
N THR CA 72 9.50 41.27 55.37
CA THR CA 72 9.21 42.08 56.55
C THR CA 72 8.21 43.19 56.24
N ILE CA 73 8.31 43.80 55.06
CA ILE CA 73 7.32 44.81 54.65
C ILE CA 73 5.93 44.19 54.57
N ASN CA 74 5.83 42.99 53.98
CA ASN CA 74 4.54 42.33 53.88
C ASN CA 74 3.96 42.01 55.26
N GLU CA 75 4.79 41.50 56.17
CA GLU CA 75 4.28 41.14 57.49
C GLU CA 75 3.90 42.39 58.29
N GLU CA 76 4.66 43.48 58.14
CA GLU CA 76 4.29 44.72 58.82
C GLU CA 76 3.02 45.33 58.20
N ALA CA 77 2.83 45.16 56.90
CA ALA CA 77 1.58 45.60 56.27
C ALA CA 77 0.40 44.81 56.81
N ALA CA 78 0.58 43.50 56.98
CA ALA CA 78 -0.47 42.69 57.59
C ALA CA 78 -0.75 43.15 59.03
N GLU CA 79 0.30 43.45 59.78
CA GLU CA 79 0.13 43.96 61.14
C GLU CA 79 -0.65 45.27 61.14
N TRP CA 80 -0.31 46.17 60.21
CA TRP CA 80 -1.01 47.46 60.12
C TRP CA 80 -2.48 47.24 59.76
N ASP CA 81 -2.75 46.34 58.81
CA ASP CA 81 -4.14 46.08 58.43
C ASP CA 81 -4.92 45.44 59.57
N ARG CA 82 -4.25 44.69 60.44
CA ARG CA 82 -4.92 44.06 61.56
C ARG CA 82 -5.18 45.04 62.72
N LEU CA 83 -4.12 45.61 63.29
CA LEU CA 83 -4.28 46.47 64.45
C LEU CA 83 -5.06 47.74 64.11
N HIS CA 84 -4.77 48.36 62.96
CA HIS CA 84 -5.50 49.54 62.53
C HIS CA 84 -6.75 49.10 61.77
N PRO CA 85 -7.94 49.46 62.22
CA PRO CA 85 -9.16 48.98 61.56
C PRO CA 85 -9.22 49.42 60.10
N VAL CA 86 -9.72 48.51 59.25
CA VAL CA 86 -9.93 48.80 57.83
C VAL CA 86 -11.35 49.34 57.72
N HIS CA 87 -11.48 50.66 57.86
CA HIS CA 87 -12.79 51.30 57.82
C HIS CA 87 -13.37 51.24 56.42
N ALA CA 88 -14.62 50.80 56.32
CA ALA CA 88 -15.32 50.69 55.05
C ALA CA 88 -16.52 51.63 55.05
N GLY CA 89 -16.64 52.42 53.99
CA GLY CA 89 -17.73 53.36 53.87
C GLY CA 89 -17.38 54.54 52.97
N PRO CA 90 -18.33 55.44 52.78
CA PRO CA 90 -18.07 56.62 51.95
C PRO CA 90 -17.05 57.54 52.58
N ILE CA 91 -16.31 58.25 51.72
CA ILE CA 91 -15.30 59.20 52.13
C ILE CA 91 -15.73 60.60 51.69
N ALA CA 92 -15.65 61.56 52.60
CA ALA CA 92 -16.07 62.91 52.28
C ALA CA 92 -15.18 63.52 51.21
N PRO CA 93 -15.73 64.38 50.35
CA PRO CA 93 -14.93 65.01 49.31
C PRO CA 93 -13.79 65.84 49.90
N GLY CA 94 -12.65 65.83 49.21
CA GLY CA 94 -11.47 66.50 49.68
C GLY CA 94 -10.63 65.72 50.67
N GLN CA 95 -11.05 64.51 51.04
CA GLN CA 95 -10.33 63.66 51.97
C GLN CA 95 -10.12 62.29 51.34
N MET CA 96 -9.38 61.44 52.04
CA MET CA 96 -9.13 60.09 51.58
C MET CA 96 -8.84 59.20 52.78
N ARG CA 97 -9.25 57.94 52.70
CA ARG CA 97 -9.05 57.02 53.82
C ARG CA 97 -7.56 56.69 53.97
N GLU CA 98 -7.23 56.12 55.11
CA GLU CA 98 -5.84 55.82 55.42
C GLU CA 98 -5.30 54.78 54.44
N PRO CA 99 -4.03 54.86 54.07
CA PRO CA 99 -3.46 53.86 53.16
C PRO CA 99 -3.50 52.46 53.78
N ARG CA 100 -3.68 51.47 52.91
CA ARG CA 100 -3.77 50.07 53.34
C ARG CA 100 -2.39 49.43 53.32
N GLY CA 101 -2.34 48.11 53.49
CA GLY CA 101 -1.08 47.40 53.50
C GLY CA 101 -0.37 47.38 52.16
N SER CA 102 -1.11 47.50 51.07
CA SER CA 102 -0.52 47.61 49.74
C SER CA 102 -0.29 49.05 49.32
N ASP CA 103 -1.07 49.99 49.88
CA ASP CA 103 -0.90 51.39 49.53
C ASP CA 103 0.37 51.98 50.14
N ILE CA 104 0.79 51.50 51.31
CA ILE CA 104 2.01 52.02 51.94
C ILE CA 104 3.23 51.68 51.10
N ALA CA 105 3.25 50.47 50.53
CA ALA CA 105 4.36 50.09 49.66
C ALA CA 105 4.26 50.72 48.27
N GLY CA 106 3.13 51.32 47.93
CA GLY CA 106 2.95 51.92 46.62
C GLY CA 106 2.71 50.95 45.49
N THR CA 107 2.46 49.67 45.80
CA THR CA 107 2.25 48.68 44.77
C THR CA 107 0.90 48.82 44.08
N THR CA 108 -0.09 49.41 44.75
CA THR CA 108 -1.43 49.56 44.18
C THR CA 108 -1.91 51.01 44.14
N SER CA 109 -1.10 51.97 44.56
CA SER CA 109 -1.48 53.37 44.60
C SER CA 109 -0.59 54.17 43.66
N THR CA 110 -1.22 55.02 42.85
CA THR CA 110 -0.48 55.86 41.92
C THR CA 110 0.15 57.05 42.65
N LEU CA 111 1.02 57.78 41.95
CA LEU CA 111 1.70 58.92 42.55
C LEU CA 111 0.70 60.00 43.00
N GLN CA 112 -0.41 60.14 42.29
CA GLN CA 112 -1.41 61.13 42.67
C GLN CA 112 -1.99 60.83 44.04
N GLU CA 113 -2.20 59.54 44.36
CA GLU CA 113 -2.68 59.17 45.69
C GLU CA 113 -1.67 59.55 46.76
N GLN CA 114 -0.38 59.33 46.50
CA GLN CA 114 0.64 59.73 47.46
C GLN CA 114 0.66 61.24 47.66
N ILE CA 115 0.52 62.00 46.57
CA ILE CA 115 0.51 63.46 46.67
C ILE CA 115 -0.70 63.91 47.49
N GLY CA 116 -1.86 63.32 47.23
CA GLY CA 116 -3.05 63.68 47.98
C GLY CA 116 -2.93 63.34 49.46
N TRP CA 117 -2.35 62.17 49.77
CA TRP CA 117 -2.15 61.80 51.16
C TRP CA 117 -1.19 62.75 51.87
N MET CA 118 -0.11 63.14 51.19
CA MET CA 118 0.85 64.05 51.79
C MET CA 118 0.26 65.44 52.00
N THR CA 119 -0.52 65.93 51.03
CA THR CA 119 -1.08 67.26 51.13
C THR CA 119 -2.38 67.31 51.94
N HIS CA 120 -2.92 66.17 52.33
CA HIS CA 120 -4.17 66.14 53.09
C HIS CA 120 -3.96 66.72 54.48
N ASN CA 121 -5.03 67.28 55.03
CA ASN CA 121 -5.03 67.80 56.39
C ASN CA 121 -5.95 66.96 57.26
N PRO CA 122 -5.45 66.25 58.28
CA PRO CA 122 -4.05 66.18 58.74
C PRO CA 122 -3.16 65.38 57.80
N PRO CA 123 -1.86 65.67 57.80
CA PRO CA 123 -0.94 64.93 56.91
C PRO CA 123 -0.86 63.46 57.27
N ILE CA 124 -0.59 62.65 56.25
CA ILE CA 124 -0.47 61.20 56.42
C ILE CA 124 1.00 60.83 56.33
N PRO CA 125 1.65 60.47 57.44
CA PRO CA 125 3.06 60.04 57.43
C PRO CA 125 3.25 58.59 57.02
N VAL CA 126 2.61 58.20 55.92
CA VAL CA 126 2.74 56.83 55.43
C VAL CA 126 4.17 56.57 54.96
N GLY CA 127 4.81 57.57 54.35
CA GLY CA 127 6.19 57.42 53.96
C GLY CA 127 7.11 57.20 55.14
N GLU CA 128 6.82 57.86 56.27
CA GLU CA 128 7.60 57.66 57.48
C GLU CA 128 7.46 56.22 57.98
N ILE CA 129 6.25 55.67 57.95
CA ILE CA 129 6.05 54.29 58.39
C ILE CA 129 6.78 53.32 57.47
N TYR CA 130 6.70 53.55 56.16
CA TYR CA 130 7.42 52.69 55.23
C TYR CA 130 8.93 52.78 55.45
N LYS CA 131 9.44 53.99 55.70
CA LYS CA 131 10.87 54.17 55.93
C LYS CA 131 11.31 53.51 57.24
N ARG CA 132 10.47 53.53 58.27
CA ARG CA 132 10.84 52.86 59.51
C ARG CA 132 10.78 51.35 59.37
N TRP CA 133 9.85 50.84 58.56
CA TRP CA 133 9.85 49.40 58.26
C TRP CA 133 11.12 49.01 57.51
N ILE CA 134 11.53 49.84 56.55
CA ILE CA 134 12.79 49.59 55.84
C ILE CA 134 13.97 49.66 56.79
N ILE CA 135 13.94 50.59 57.75
CA ILE CA 135 15.02 50.72 58.72
C ILE CA 135 15.12 49.44 59.57
N LEU CA 136 13.97 48.93 60.04
CA LEU CA 136 13.98 47.69 60.80
C LEU CA 136 14.51 46.52 59.97
N GLY CA 137 14.08 46.45 58.70
CA GLY CA 137 14.58 45.40 57.82
C GLY CA 137 16.08 45.48 57.62
N LEU CA 138 16.59 46.69 57.43
CA LEU CA 138 18.03 46.86 57.24
C LEU CA 138 18.80 46.58 58.53
N ASN CA 139 18.22 46.89 59.69
CA ASN CA 139 18.87 46.55 60.95
C ASN CA 139 18.98 45.04 61.11
N LYS CA 140 17.90 44.32 60.79
CA LYS CA 140 17.98 42.86 60.88
C LYS CA 140 18.92 42.30 59.83
N ILE CA 141 19.03 42.95 58.67
CA ILE CA 141 20.03 42.53 57.67
C ILE CA 141 21.44 42.72 58.21
N VAL CA 142 21.69 43.85 58.87
CA VAL CA 142 23.02 44.10 59.44
C VAL CA 142 23.35 43.07 60.50
N ARG CA 143 22.37 42.74 61.36
CA ARG CA 143 22.58 41.68 62.35
C ARG CA 143 22.84 40.35 61.66
N MET CA 144 22.12 40.07 60.58
CA MET CA 144 22.30 38.81 59.85
C MET CA 144 23.69 38.70 59.26
N TYR CA 145 24.22 39.80 58.72
CA TYR CA 145 25.47 39.81 57.97
C TYR CA 145 26.68 40.12 58.84
N SER CA 146 26.65 39.77 60.12
CA SER CA 146 27.82 39.88 60.97
C SER CA 146 28.32 38.48 61.32
N PRO CA 147 29.25 37.92 60.56
CA PRO CA 147 29.68 36.54 60.76
C PRO CA 147 30.52 36.30 62.01
N THR CA 148 30.74 37.32 62.84
CA THR CA 148 31.54 37.20 64.04
C THR CA 148 30.64 37.29 65.26
N SER CA 149 30.87 36.41 66.23
CA SER CA 149 30.08 36.38 67.44
C SER CA 149 30.51 37.53 68.36
N ILE CA 150 29.97 37.57 69.57
CA ILE CA 150 30.18 38.70 70.46
C ILE CA 150 31.23 38.42 71.53
N LEU CA 151 31.62 37.17 71.73
CA LEU CA 151 32.59 36.81 72.76
C LEU CA 151 33.86 36.16 72.23
N ASP CA 152 33.97 35.94 70.92
CA ASP CA 152 35.15 35.29 70.37
C ASP CA 152 36.30 36.25 70.09
N ILE CA 153 36.10 37.56 70.31
CA ILE CA 153 37.16 38.53 70.04
C ILE CA 153 38.27 38.37 71.08
N ARG CA 154 39.51 38.22 70.59
CA ARG CA 154 40.65 38.05 71.49
C ARG CA 154 41.81 38.88 70.94
N GLN CA 155 42.49 39.59 71.83
CA GLN CA 155 43.66 40.38 71.45
C GLN CA 155 44.92 39.52 71.56
N GLY CA 156 45.57 39.27 70.43
CA GLY CA 156 46.77 38.48 70.41
C GLY CA 156 47.96 39.23 70.95
N PRO CA 157 49.02 38.50 71.33
CA PRO CA 157 50.24 39.18 71.81
C PRO CA 157 50.86 40.09 70.78
N LYS CA 158 50.80 39.73 69.50
CA LYS CA 158 51.32 40.56 68.43
C LYS CA 158 50.31 41.60 67.94
N GLU CA 159 49.06 41.52 68.39
CA GLU CA 159 48.02 42.44 67.95
C GLU CA 159 47.98 43.64 68.90
N PRO CA 160 48.13 44.87 68.40
CA PRO CA 160 47.98 46.03 69.28
C PRO CA 160 46.55 46.16 69.78
N PHE CA 161 46.41 46.73 70.98
CA PHE CA 161 45.09 46.86 71.58
C PHE CA 161 44.18 47.80 70.81
N ARG CA 162 44.74 48.68 69.99
CA ARG CA 162 43.92 49.60 69.20
C ARG CA 162 43.03 48.82 68.24
N ASP CA 163 43.59 47.86 67.52
CA ASP CA 163 42.80 47.03 66.62
C ASP CA 163 41.78 46.22 67.40
N TYR CA 164 42.16 45.72 68.58
CA TYR CA 164 41.25 44.94 69.41
C TYR CA 164 40.03 45.77 69.79
N VAL CA 165 40.24 46.97 70.33
CA VAL CA 165 39.12 47.80 70.75
C VAL CA 165 38.30 48.27 69.54
N ASP CA 166 38.97 48.54 68.42
CA ASP CA 166 38.25 48.94 67.22
C ASP CA 166 37.31 47.84 66.75
N ARG CA 167 37.80 46.60 66.67
CA ARG CA 167 36.94 45.50 66.25
C ARG CA 167 35.88 45.20 67.30
N PHE CA 168 36.19 45.37 68.57
CA PHE CA 168 35.19 45.18 69.62
C PHE CA 168 34.03 46.15 69.44
N TYR CA 169 34.33 47.42 69.18
CA TYR CA 169 33.26 48.38 68.96
C TYR CA 169 32.54 48.16 67.63
N LYS CA 170 33.27 47.67 66.62
CA LYS CA 170 32.62 47.34 65.35
C LYS CA 170 31.58 46.24 65.54
N THR CA 171 31.94 45.20 66.29
CA THR CA 171 30.98 44.13 66.57
C THR CA 171 29.89 44.60 67.54
N LEU CA 172 30.22 45.55 68.43
CA LEU CA 172 29.22 46.07 69.36
C LEU CA 172 28.13 46.85 68.64
N ARG CA 173 28.51 47.66 67.64
CA ARG CA 173 27.52 48.46 66.93
C ARG CA 173 26.57 47.60 66.14
N ALA CA 174 27.03 46.47 65.60
CA ALA CA 174 26.16 45.58 64.84
C ALA CA 174 25.22 44.78 65.72
N GLU CA 175 25.40 44.81 67.04
CA GLU CA 175 24.57 44.07 67.97
C GLU CA 175 23.26 44.82 68.22
N GLN CA 176 22.16 44.06 68.27
CA GLN CA 176 20.84 44.62 68.49
C GLN CA 176 20.38 44.53 69.94
N ALA CA 177 21.28 44.15 70.86
CA ALA CA 177 20.91 44.00 72.25
C ALA CA 177 20.60 45.35 72.89
N SER CA 178 20.09 45.31 74.11
CA SER CA 178 19.71 46.52 74.83
C SER CA 178 20.95 47.28 75.29
N GLN CA 179 20.71 48.48 75.83
CA GLN CA 179 21.80 49.36 76.23
C GLN CA 179 22.44 48.91 77.53
N GLU CA 180 21.65 48.37 78.47
CA GLU CA 180 22.20 47.97 79.77
C GLU CA 180 23.14 46.77 79.61
N VAL CA 181 22.72 45.75 78.86
CA VAL CA 181 23.59 44.61 78.62
C VAL CA 181 24.82 45.04 77.82
N LYS CA 182 24.65 46.03 76.93
CA LYS CA 182 25.80 46.56 76.19
C LYS CA 182 26.80 47.20 77.15
N ASN CA 183 26.32 47.97 78.11
CA ASN CA 183 27.22 48.57 79.10
C ASN CA 183 27.91 47.49 79.92
N TRP CA 184 27.16 46.46 80.34
CA TRP CA 184 27.75 45.40 81.13
C TRP CA 184 28.84 44.67 80.36
N MET CA 185 28.58 44.34 79.09
CA MET CA 185 29.57 43.61 78.31
C MET CA 185 30.78 44.47 77.99
N THR CA 186 30.58 45.76 77.68
CA THR CA 186 31.73 46.62 77.43
C THR CA 186 32.52 46.91 78.70
N GLU CA 187 31.90 46.76 79.87
CA GLU CA 187 32.66 46.87 81.12
C GLU CA 187 33.44 45.60 81.41
N THR CA 188 32.88 44.43 81.12
CA THR CA 188 33.50 43.16 81.51
C THR CA 188 34.41 42.57 80.43
N LEU CA 189 33.85 42.27 79.26
CA LEU CA 189 34.60 41.53 78.25
C LEU CA 189 35.74 42.35 77.66
N LEU CA 190 35.57 43.68 77.59
CA LEU CA 190 36.61 44.52 77.02
C LEU CA 190 37.90 44.42 77.81
N VAL CA 191 37.80 44.41 79.14
CA VAL CA 191 38.98 44.22 79.97
C VAL CA 191 39.33 42.75 80.11
N GLN CA 192 38.37 41.84 79.87
CA GLN CA 192 38.66 40.42 79.97
C GLN CA 192 39.55 39.94 78.83
N ASN CA 193 39.32 40.43 77.61
CA ASN CA 193 39.96 39.88 76.42
C ASN CA 193 41.09 40.77 75.89
N ALA CA 194 41.87 41.39 76.76
CA ALA CA 194 43.01 42.20 76.34
C ALA CA 194 44.31 41.46 76.64
N ASN CA 195 45.44 42.10 76.30
CA ASN CA 195 46.74 41.52 76.62
C ASN CA 195 46.97 41.56 78.13
N PRO CA 196 47.65 40.54 78.67
CA PRO CA 196 47.75 40.42 80.14
C PRO CA 196 48.40 41.61 80.83
N ASP CA 197 49.40 42.25 80.20
CA ASP CA 197 50.12 43.34 80.85
C ASP CA 197 49.18 44.50 81.18
N CYS CA 198 48.60 45.11 80.16
CA CYS CA 198 47.71 46.22 80.43
C CYS CA 198 46.36 45.73 80.98
N LYS CA 199 46.06 44.44 80.88
CA LYS CA 199 44.94 43.88 81.62
C LYS CA 199 45.15 44.04 83.13
N THR CA 200 46.31 43.62 83.63
CA THR CA 200 46.60 43.82 85.04
C THR CA 200 46.77 45.30 85.38
N ILE CA 201 47.25 46.10 84.43
CA ILE CA 201 47.30 47.54 84.65
C ILE CA 201 45.91 48.10 84.90
N LEU CA 202 44.94 47.71 84.07
CA LEU CA 202 43.56 48.17 84.24
C LEU CA 202 42.96 47.61 85.54
N LYS CA 203 43.26 46.36 85.87
CA LYS CA 203 42.76 45.79 87.11
C LYS CA 203 43.28 46.56 88.33
N ALA CA 204 44.55 46.95 88.30
CA ALA CA 204 45.09 47.79 89.37
C ALA CA 204 44.50 49.19 89.34
N LEU CA 205 44.11 49.68 88.15
CA LEU CA 205 43.50 50.99 88.06
C LEU CA 205 42.19 51.06 88.83
N GLY CA 206 41.37 50.01 88.74
CA GLY CA 206 40.12 49.96 89.44
C GLY CA 206 39.03 49.26 88.65
N PRO CA 207 37.90 48.97 89.29
CA PRO CA 207 36.81 48.29 88.59
C PRO CA 207 36.03 49.22 87.66
N GLY CA 208 36.26 49.10 86.36
CA GLY CA 208 35.55 49.89 85.36
C GLY CA 208 36.02 51.32 85.30
N ALA CA 209 36.04 51.89 84.09
CA ALA CA 209 36.50 53.26 83.85
C ALA CA 209 36.28 53.59 82.39
N THR CA 210 36.27 54.89 82.09
CA THR CA 210 36.23 55.33 80.69
C THR CA 210 37.49 54.85 79.98
N LEU CA 211 37.33 54.48 78.71
CA LEU CA 211 38.46 53.90 77.97
C LEU CA 211 39.55 54.90 77.67
N GLU CA 212 39.43 56.17 78.07
CA GLU CA 212 40.52 57.12 77.90
C GLU CA 212 41.77 56.66 78.63
N GLU CA 213 41.62 56.35 79.93
CA GLU CA 213 42.75 55.81 80.68
C GLU CA 213 43.17 54.45 80.16
N MET CA 214 42.22 53.68 79.61
CA MET CA 214 42.55 52.37 79.05
C MET CA 214 43.53 52.51 77.89
N MET CA 215 43.26 53.45 76.98
CA MET CA 215 44.12 53.61 75.82
C MET CA 215 45.32 54.52 76.08
N THR CA 216 45.33 55.25 77.20
CA THR CA 216 46.55 55.94 77.60
C THR CA 216 47.44 55.08 78.50
N ALA CA 217 46.94 53.93 78.96
CA ALA CA 217 47.71 53.04 79.81
C ALA CA 217 48.21 51.81 79.06
N CYS CA 218 47.42 51.32 78.10
CA CYS CA 218 47.78 50.15 77.32
C CYS CA 218 48.77 50.45 76.19
N GLN CA 219 49.28 51.67 76.13
CA GLN CA 219 50.25 52.04 75.10
C GLN CA 219 51.52 51.23 75.25
N GLY CA 220 52.10 50.83 74.12
CA GLY CA 220 53.32 50.04 74.13
C GLY CA 220 53.07 48.56 74.29
N PRO DA 1 13.75 68.58 28.34
CA PRO DA 1 12.51 67.85 28.64
C PRO DA 1 11.51 68.72 29.40
N ILE DA 2 10.24 68.32 29.39
CA ILE DA 2 9.18 69.05 30.08
C ILE DA 2 9.24 68.71 31.56
N VAL DA 3 9.07 69.73 32.41
CA VAL DA 3 9.14 69.55 33.85
C VAL DA 3 8.45 70.73 34.51
N GLN DA 4 7.90 70.49 35.70
CA GLN DA 4 7.28 71.56 36.48
C GLN DA 4 8.33 72.52 36.99
N ASN DA 5 7.97 73.79 37.07
CA ASN DA 5 8.85 74.85 37.54
C ASN DA 5 8.25 75.49 38.79
N LEU DA 6 9.12 75.97 39.67
CA LEU DA 6 8.67 76.58 40.91
C LEU DA 6 7.89 77.86 40.63
N GLN DA 7 6.67 77.94 41.16
CA GLN DA 7 5.78 79.09 40.98
C GLN DA 7 5.59 79.42 39.50
N GLY DA 8 5.46 78.39 38.69
CA GLY DA 8 5.28 78.57 37.27
C GLY DA 8 4.42 77.51 36.61
N GLN DA 9 4.79 77.10 35.40
CA GLN DA 9 4.05 76.08 34.65
C GLN DA 9 5.06 75.11 34.04
N MET DA 10 4.53 74.15 33.29
CA MET DA 10 5.37 73.18 32.59
C MET DA 10 6.20 73.89 31.52
N VAL DA 11 7.52 73.85 31.66
CA VAL DA 11 8.43 74.56 30.78
C VAL DA 11 9.46 73.60 30.21
N HIS DA 12 9.73 73.71 28.91
CA HIS DA 12 10.73 72.88 28.26
C HIS DA 12 12.13 73.26 28.71
N GLN DA 13 13.00 72.24 28.79
CA GLN DA 13 14.37 72.43 29.22
C GLN DA 13 15.28 71.62 28.29
N ALA DA 14 16.54 71.45 28.70
CA ALA DA 14 17.52 70.71 27.92
C ALA DA 14 18.00 69.50 28.72
N ILE DA 15 18.36 68.43 28.00
CA ILE DA 15 18.84 67.22 28.64
C ILE DA 15 20.19 67.49 29.29
N SER DA 16 20.34 67.07 30.54
CA SER DA 16 21.59 67.25 31.25
C SER DA 16 22.66 66.32 30.68
N PRO DA 17 23.81 66.81 30.25
CA PRO DA 17 24.84 65.92 29.69
C PRO DA 17 25.32 64.87 30.68
N ARG DA 18 25.44 65.22 31.97
CA ARG DA 18 25.90 64.25 32.94
C ARG DA 18 24.88 63.15 33.16
N THR DA 19 23.59 63.47 33.08
CA THR DA 19 22.55 62.44 33.23
C THR DA 19 22.65 61.40 32.12
N LEU DA 20 22.75 61.85 30.86
CA LEU DA 20 22.85 60.90 29.76
C LEU DA 20 24.18 60.15 29.78
N ASN DA 21 25.26 60.82 30.20
CA ASN DA 21 26.55 60.13 30.33
C ASN DA 21 26.47 59.03 31.37
N ALA DA 22 25.87 59.31 32.53
CA ALA DA 22 25.70 58.30 33.55
C ALA DA 22 24.81 57.16 33.05
N TRP DA 23 23.74 57.48 32.34
CA TRP DA 23 22.85 56.45 31.82
C TRP DA 23 23.59 55.52 30.88
N VAL DA 24 24.32 56.09 29.91
CA VAL DA 24 25.00 55.24 28.93
C VAL DA 24 26.12 54.45 29.59
N LYS DA 25 26.82 55.04 30.56
CA LYS DA 25 27.91 54.31 31.20
C LYS DA 25 27.38 53.15 32.06
N VAL DA 26 26.27 53.36 32.78
CA VAL DA 26 25.73 52.25 33.58
C VAL DA 26 25.10 51.20 32.68
N VAL DA 27 24.58 51.60 31.51
CA VAL DA 27 24.07 50.61 30.56
C VAL DA 27 25.21 49.76 30.03
N GLU DA 28 26.34 50.37 29.66
CA GLU DA 28 27.41 49.63 29.02
C GLU DA 28 28.27 48.85 30.01
N GLU DA 29 28.33 49.29 31.28
CA GLU DA 29 29.34 48.72 32.17
C GLU DA 29 28.82 47.62 33.08
N LYS DA 30 27.60 47.74 33.61
CA LYS DA 30 27.16 46.83 34.66
C LYS DA 30 26.68 45.49 34.12
N ALA DA 31 25.50 45.48 33.49
CA ALA DA 31 24.90 44.27 32.94
C ALA DA 31 23.62 44.67 32.21
N PHE DA 32 23.02 43.68 31.54
CA PHE DA 32 21.64 43.79 31.07
C PHE DA 32 20.68 43.15 32.07
N SER DA 33 20.87 43.53 33.33
CA SER DA 33 20.11 43.00 34.45
C SER DA 33 18.74 43.65 34.50
N PRO DA 34 17.77 43.04 35.17
CA PRO DA 34 16.50 43.72 35.42
C PRO DA 34 16.66 45.06 36.12
N GLU DA 35 17.80 45.28 36.78
CA GLU DA 35 18.07 46.55 37.43
C GLU DA 35 17.95 47.73 36.48
N VAL DA 36 18.23 47.52 35.18
CA VAL DA 36 18.17 48.63 34.23
C VAL DA 36 16.74 49.07 33.98
N ILE DA 37 15.75 48.26 34.37
CA ILE DA 37 14.35 48.60 34.10
C ILE DA 37 13.91 49.73 35.03
N PRO DA 38 14.01 49.62 36.36
CA PRO DA 38 13.65 50.77 37.20
C PRO DA 38 14.58 51.96 36.99
N MET DA 39 15.87 51.71 36.79
CA MET DA 39 16.83 52.79 36.61
C MET DA 39 16.43 53.67 35.42
N PHE DA 40 15.98 53.04 34.33
CA PHE DA 40 15.48 53.79 33.19
C PHE DA 40 14.34 54.71 33.62
N SER DA 41 13.37 54.17 34.37
CA SER DA 41 12.25 55.00 34.82
C SER DA 41 12.70 56.04 35.83
N ALA DA 42 13.92 55.93 36.36
CA ALA DA 42 14.44 56.97 37.23
C ALA DA 42 14.84 58.20 36.44
N LEU DA 43 15.21 58.02 35.17
CA LEU DA 43 15.67 59.12 34.33
C LEU DA 43 14.67 59.54 33.27
N SER DA 44 13.82 58.62 32.80
CA SER DA 44 12.83 58.93 31.77
C SER DA 44 11.55 59.44 32.44
N GLU DA 45 11.67 60.62 33.04
CA GLU DA 45 10.55 61.28 33.71
C GLU DA 45 10.31 62.63 33.06
N GLY DA 46 9.11 62.85 32.55
CA GLY DA 46 8.80 64.09 31.86
C GLY DA 46 9.63 64.29 30.60
N ALA DA 47 9.84 63.23 29.83
CA ALA DA 47 10.64 63.29 28.61
C ALA DA 47 9.77 63.07 27.39
N THR DA 48 9.97 63.91 26.38
CA THR DA 48 9.25 63.77 25.13
C THR DA 48 9.70 62.51 24.39
N PRO DA 49 8.87 61.98 23.49
CA PRO DA 49 9.29 60.80 22.72
C PRO DA 49 10.58 61.00 21.94
N GLN DA 50 10.81 62.21 21.42
CA GLN DA 50 12.08 62.48 20.73
C GLN DA 50 13.26 62.38 21.70
N ASP DA 51 13.10 62.91 22.91
CA ASP DA 51 14.15 62.78 23.91
C ASP DA 51 14.40 61.33 24.27
N LEU DA 52 13.34 60.53 24.40
CA LEU DA 52 13.51 59.11 24.68
C LEU DA 52 14.24 58.40 23.54
N ASN DA 53 13.91 58.74 22.30
CA ASN DA 53 14.59 58.13 21.16
C ASN DA 53 16.07 58.52 21.14
N THR DA 54 16.37 59.78 21.41
CA THR DA 54 17.77 60.22 21.45
C THR DA 54 18.53 59.52 22.57
N MET DA 55 17.89 59.37 23.74
CA MET DA 55 18.51 58.67 24.85
C MET DA 55 18.78 57.21 24.52
N LEU DA 56 17.83 56.57 23.81
CA LEU DA 56 18.02 55.17 23.43
C LEU DA 56 19.09 55.01 22.36
N ASN DA 57 19.22 56.00 21.47
CA ASN DA 57 20.13 55.88 20.34
C ASN DA 57 21.59 56.15 20.70
N THR DA 58 21.89 56.54 21.94
CA THR DA 58 23.25 56.91 22.31
C THR DA 58 24.00 55.80 23.03
N VAL DA 59 23.73 54.54 22.70
CA VAL DA 59 24.40 53.40 23.32
C VAL DA 59 25.11 52.59 22.25
N GLY DA 60 26.37 52.24 22.50
CA GLY DA 60 27.15 51.46 21.57
C GLY DA 60 27.22 50.00 21.97
N GLY DA 61 27.26 49.13 20.95
CA GLY DA 61 27.30 47.70 21.18
C GLY DA 61 25.93 47.10 21.39
N HIS DA 62 25.83 45.77 21.28
CA HIS DA 62 24.57 45.06 21.45
C HIS DA 62 23.48 45.61 20.54
N GLN DA 63 23.84 45.85 19.27
CA GLN DA 63 22.90 46.41 18.31
C GLN DA 63 21.74 45.48 18.00
N ALA DA 64 21.90 44.18 18.29
CA ALA DA 64 20.77 43.25 18.12
C ALA DA 64 19.62 43.62 19.05
N ALA DA 65 19.93 43.99 20.28
CA ALA DA 65 18.89 44.46 21.19
C ALA DA 65 18.24 45.74 20.68
N MET DA 66 19.04 46.62 20.08
CA MET DA 66 18.49 47.85 19.51
C MET DA 66 17.51 47.53 18.37
N GLN DA 67 17.89 46.58 17.50
CA GLN DA 67 17.00 46.18 16.42
C GLN DA 67 15.73 45.54 16.95
N MET DA 68 15.86 44.71 17.99
CA MET DA 68 14.67 44.11 18.61
C MET DA 68 13.75 45.18 19.17
N LEU DA 69 14.32 46.19 19.85
CA LEU DA 69 13.51 47.28 20.37
C LEU DA 69 12.82 48.03 19.25
N LYS DA 70 13.54 48.29 18.15
CA LYS DA 70 12.95 49.02 17.03
C LYS DA 70 11.79 48.24 16.42
N GLU DA 71 11.98 46.93 16.22
CA GLU DA 71 10.91 46.14 15.60
C GLU DA 71 9.72 45.97 16.54
N THR DA 72 9.96 45.82 17.85
CA THR DA 72 8.85 45.76 18.79
C THR DA 72 8.09 47.08 18.82
N ILE DA 73 8.81 48.20 18.76
CA ILE DA 73 8.15 49.50 18.71
C ILE DA 73 7.31 49.62 17.44
N ASN DA 74 7.86 49.16 16.31
CA ASN DA 74 7.11 49.23 15.05
C ASN DA 74 5.84 48.40 15.11
N GLU DA 75 5.93 47.17 15.62
CA GLU DA 75 4.74 46.32 15.67
C GLU DA 75 3.72 46.84 16.68
N GLU DA 76 4.20 47.40 17.81
CA GLU DA 76 3.28 48.01 18.76
C GLU DA 76 2.60 49.24 18.17
N ALA DA 77 3.32 50.02 17.38
CA ALA DA 77 2.73 51.17 16.71
C ALA DA 77 1.68 50.73 15.71
N ALA DA 78 1.97 49.66 14.95
CA ALA DA 78 0.99 49.14 14.00
C ALA DA 78 -0.27 48.65 14.71
N GLU DA 79 -0.09 47.94 15.84
CA GLU DA 79 -1.24 47.49 16.61
C GLU DA 79 -2.04 48.65 17.18
N TRP DA 80 -1.35 49.70 17.65
CA TRP DA 80 -2.02 50.88 18.17
C TRP DA 80 -2.82 51.59 17.09
N ASP DA 81 -2.27 51.67 15.88
CA ASP DA 81 -3.00 52.27 14.77
C ASP DA 81 -4.19 51.39 14.37
N ARG DA 82 -4.05 50.07 14.49
CA ARG DA 82 -5.13 49.17 14.11
C ARG DA 82 -6.30 49.23 15.09
N LEU DA 83 -6.03 49.02 16.38
CA LEU DA 83 -7.11 48.90 17.35
C LEU DA 83 -7.87 50.22 17.50
N HIS DA 84 -7.16 51.34 17.54
CA HIS DA 84 -7.82 52.63 17.69
C HIS DA 84 -8.28 53.13 16.32
N PRO DA 85 -9.54 53.55 16.19
CA PRO DA 85 -10.02 54.04 14.89
C PRO DA 85 -9.22 55.25 14.41
N VAL DA 86 -8.99 55.30 13.10
CA VAL DA 86 -8.23 56.39 12.51
C VAL DA 86 -9.05 57.67 12.55
N HIS DA 87 -8.42 58.77 12.99
CA HIS DA 87 -9.09 60.06 13.07
C HIS DA 87 -9.07 60.76 11.73
N ALA DA 88 -10.22 61.27 11.31
CA ALA DA 88 -10.34 62.01 10.07
C ALA DA 88 -11.48 63.01 10.19
N GLY DA 89 -11.42 64.05 9.36
CA GLY DA 89 -12.45 65.07 9.35
C GLY DA 89 -11.87 66.46 9.52
N PRO DA 90 -12.72 67.40 9.95
CA PRO DA 90 -12.24 68.78 10.15
C PRO DA 90 -11.21 68.86 11.27
N ILE DA 91 -10.31 69.83 11.12
CA ILE DA 91 -9.25 70.07 12.09
C ILE DA 91 -9.61 71.33 12.87
N ALA DA 92 -9.89 71.17 14.16
CA ALA DA 92 -10.23 72.30 15.00
C ALA DA 92 -9.01 73.18 15.25
N PRO DA 93 -9.20 74.49 15.36
CA PRO DA 93 -8.06 75.37 15.66
C PRO DA 93 -7.44 75.03 17.01
N GLY DA 94 -6.11 75.11 17.05
CA GLY DA 94 -5.38 74.77 18.27
C GLY DA 94 -5.40 73.31 18.64
N GLN DA 95 -5.88 72.44 17.75
CA GLN DA 95 -5.96 71.00 18.04
C GLN DA 95 -5.45 70.22 16.84
N MET DA 96 -4.96 69.01 17.11
CA MET DA 96 -4.47 68.11 16.09
C MET DA 96 -5.04 66.72 16.32
N ARG DA 97 -5.12 65.93 15.25
CA ARG DA 97 -5.68 64.59 15.35
C ARG DA 97 -4.78 63.70 16.23
N GLU DA 98 -5.32 62.53 16.56
CA GLU DA 98 -4.62 61.62 17.47
C GLU DA 98 -3.29 61.19 16.86
N PRO DA 99 -2.22 61.15 17.67
CA PRO DA 99 -0.92 60.70 17.14
C PRO DA 99 -0.99 59.28 16.60
N ARG DA 100 -0.25 59.04 15.54
CA ARG DA 100 -0.23 57.75 14.85
C ARG DA 100 1.01 56.96 15.25
N GLY DA 101 1.25 55.85 14.53
CA GLY DA 101 2.40 55.02 14.85
C GLY DA 101 3.73 55.72 14.65
N SER DA 102 3.83 56.52 13.59
CA SER DA 102 5.05 57.28 13.36
C SER DA 102 5.17 58.48 14.30
N ASP DA 103 4.10 58.81 15.03
CA ASP DA 103 4.13 59.97 15.92
C ASP DA 103 4.61 59.58 17.32
N ILE DA 104 4.20 58.41 17.82
CA ILE DA 104 4.61 57.99 19.15
C ILE DA 104 6.12 57.75 19.19
N ALA DA 105 6.67 57.14 18.15
CA ALA DA 105 8.11 56.91 18.08
C ALA DA 105 8.87 58.21 17.85
N GLY DA 106 8.21 59.25 17.36
CA GLY DA 106 8.87 60.52 17.10
C GLY DA 106 9.70 60.56 15.83
N THR DA 107 9.59 59.55 14.97
CA THR DA 107 10.38 59.52 13.76
C THR DA 107 9.94 60.57 12.75
N THR DA 108 8.66 60.92 12.72
CA THR DA 108 8.14 61.90 11.79
C THR DA 108 7.67 63.19 12.46
N SER DA 109 7.01 63.10 13.60
CA SER DA 109 6.53 64.28 14.29
C SER DA 109 7.70 65.05 14.90
N THR DA 110 7.72 66.36 14.70
CA THR DA 110 8.75 67.21 15.26
C THR DA 110 8.48 67.45 16.75
N LEU DA 111 9.46 68.06 17.41
CA LEU DA 111 9.32 68.35 18.84
C LEU DA 111 8.16 69.31 19.09
N GLN DA 112 7.89 70.22 18.16
CA GLN DA 112 6.78 71.16 18.34
C GLN DA 112 5.44 70.42 18.41
N GLU DA 113 5.25 69.43 17.55
CA GLU DA 113 4.01 68.65 17.58
C GLU DA 113 3.88 67.88 18.90
N GLN DA 114 4.98 67.31 19.39
CA GLN DA 114 4.94 66.60 20.66
C GLN DA 114 4.60 67.54 21.81
N ILE DA 115 5.17 68.74 21.81
CA ILE DA 115 4.85 69.72 22.84
C ILE DA 115 3.38 70.12 22.76
N GLY DA 116 2.87 70.32 21.54
CA GLY DA 116 1.47 70.67 21.37
C GLY DA 116 0.54 69.57 21.87
N TRP DA 117 0.90 68.32 21.61
CA TRP DA 117 0.10 67.22 22.14
C TRP DA 117 0.18 67.14 23.66
N MET DA 118 1.35 67.44 24.23
CA MET DA 118 1.50 67.42 25.68
C MET DA 118 0.61 68.48 26.34
N THR DA 119 0.56 69.68 25.77
CA THR DA 119 -0.25 70.76 26.31
C THR DA 119 -1.69 70.73 25.81
N HIS DA 120 -2.04 69.77 24.96
CA HIS DA 120 -3.40 69.67 24.44
C HIS DA 120 -4.38 69.34 25.57
N ASN DA 121 -5.63 69.74 25.37
CA ASN DA 121 -6.70 69.46 26.33
C ASN DA 121 -7.71 68.52 25.68
N PRO DA 122 -7.87 67.29 26.16
CA PRO DA 122 -7.18 66.65 27.30
C PRO DA 122 -5.74 66.28 26.99
N PRO DA 123 -4.90 66.15 28.02
CA PRO DA 123 -3.48 65.82 27.78
C PRO DA 123 -3.33 64.46 27.11
N ILE DA 124 -2.29 64.34 26.29
CA ILE DA 124 -2.00 63.10 25.58
C ILE DA 124 -0.73 62.49 26.16
N PRO DA 125 -0.83 61.47 27.00
CA PRO DA 125 0.36 60.81 27.58
C PRO DA 125 0.97 59.77 26.65
N VAL DA 126 1.22 60.16 25.40
CA VAL DA 126 1.85 59.26 24.44
C VAL DA 126 3.27 58.93 24.87
N GLY DA 127 3.93 59.85 25.58
CA GLY DA 127 5.24 59.54 26.13
C GLY DA 127 5.20 58.38 27.10
N GLU DA 128 4.13 58.29 27.89
CA GLU DA 128 3.98 57.15 28.80
C GLU DA 128 3.78 55.85 28.04
N ILE DA 129 3.06 55.91 26.91
CA ILE DA 129 2.89 54.72 26.08
C ILE DA 129 4.23 54.27 25.51
N TYR DA 130 5.04 55.23 25.04
CA TYR DA 130 6.37 54.88 24.57
C TYR DA 130 7.23 54.32 25.69
N LYS DA 131 7.11 54.88 26.90
CA LYS DA 131 7.86 54.38 28.04
C LYS DA 131 7.49 52.95 28.38
N ARG DA 132 6.19 52.64 28.36
CA ARG DA 132 5.78 51.27 28.67
C ARG DA 132 6.17 50.30 27.56
N TRP DA 133 6.18 50.77 26.31
CA TRP DA 133 6.70 49.93 25.23
C TRP DA 133 8.18 49.64 25.44
N ILE DA 134 8.96 50.65 25.84
CA ILE DA 134 10.37 50.45 26.16
C ILE DA 134 10.52 49.48 27.32
N ILE DA 135 9.62 49.57 28.31
CA ILE DA 135 9.67 48.67 29.46
C ILE DA 135 9.44 47.23 29.00
N LEU DA 136 8.45 47.02 28.14
CA LEU DA 136 8.20 45.68 27.61
C LEU DA 136 9.39 45.16 26.82
N GLY DA 137 9.99 46.03 25.99
CA GLY DA 137 11.16 45.62 25.24
C GLY DA 137 12.33 45.25 26.12
N LEU DA 138 12.58 46.04 27.17
CA LEU DA 138 13.64 45.71 28.11
C LEU DA 138 13.35 44.41 28.87
N ASN DA 139 12.08 44.18 29.22
CA ASN DA 139 11.73 42.94 29.90
C ASN DA 139 11.99 41.74 29.01
N LYS DA 140 11.61 41.81 27.73
CA LYS DA 140 11.87 40.68 26.84
C LYS DA 140 13.35 40.52 26.53
N ILE DA 141 14.11 41.63 26.51
CA ILE DA 141 15.55 41.54 26.34
C ILE DA 141 16.18 40.83 27.53
N VAL DA 142 15.76 41.20 28.74
CA VAL DA 142 16.27 40.54 29.94
C VAL DA 142 15.90 39.06 29.93
N ARG DA 143 14.66 38.75 29.56
CA ARG DA 143 14.25 37.35 29.43
C ARG DA 143 15.12 36.60 28.43
N MET DA 144 15.56 37.29 27.37
CA MET DA 144 16.41 36.68 26.35
C MET DA 144 17.85 36.51 26.81
N TYR DA 145 18.32 37.33 27.74
CA TYR DA 145 19.71 37.30 28.19
C TYR DA 145 19.90 36.45 29.43
N SER DA 146 18.87 35.72 29.87
CA SER DA 146 19.01 34.80 30.99
C SER DA 146 19.23 33.39 30.44
N PRO DA 147 20.47 32.89 30.47
CA PRO DA 147 20.75 31.58 29.87
C PRO DA 147 20.17 30.41 30.66
N THR DA 148 19.81 30.61 31.92
CA THR DA 148 19.32 29.53 32.78
C THR DA 148 17.86 29.77 33.16
N SER DA 149 17.10 28.68 33.21
CA SER DA 149 15.70 28.74 33.62
C SER DA 149 15.62 28.74 35.14
N ILE DA 150 14.41 28.56 35.67
CA ILE DA 150 14.22 28.57 37.11
C ILE DA 150 14.37 27.18 37.73
N LEU DA 151 14.23 26.12 36.95
CA LEU DA 151 14.28 24.76 37.47
C LEU DA 151 15.61 24.07 37.22
N ASP DA 152 16.39 24.51 36.23
CA ASP DA 152 17.66 23.86 35.91
C ASP DA 152 18.77 24.19 36.91
N ILE DA 153 18.56 25.15 37.80
CA ILE DA 153 19.59 25.54 38.75
C ILE DA 153 19.62 24.54 39.90
N ARG DA 154 20.82 24.08 40.25
CA ARG DA 154 20.99 23.10 41.32
C ARG DA 154 22.21 23.49 42.14
N GLN DA 155 22.08 23.38 43.46
CA GLN DA 155 23.15 23.80 44.36
C GLN DA 155 24.35 22.87 44.25
N GLY DA 156 25.54 23.45 44.39
CA GLY DA 156 26.78 22.70 44.30
C GLY DA 156 26.94 21.75 45.47
N PRO DA 157 27.78 20.72 45.30
CA PRO DA 157 27.98 19.75 46.37
C PRO DA 157 28.53 20.35 47.65
N LYS DA 158 29.39 21.37 47.56
CA LYS DA 158 29.96 22.04 48.73
C LYS DA 158 30.16 23.50 48.38
N GLU DA 159 29.19 24.33 48.75
CA GLU DA 159 29.26 25.77 48.51
C GLU DA 159 28.33 26.45 49.51
N PRO DA 160 28.57 27.72 49.83
CA PRO DA 160 27.65 28.47 50.71
C PRO DA 160 26.30 28.63 50.03
N PHE DA 161 25.23 28.33 50.77
CA PHE DA 161 23.88 28.43 50.23
C PHE DA 161 23.45 29.88 50.00
N ARG DA 162 24.17 30.85 50.56
CA ARG DA 162 23.82 32.26 50.33
C ARG DA 162 23.96 32.61 48.86
N ASP DA 163 25.06 32.18 48.23
CA ASP DA 163 25.24 32.44 46.81
C ASP DA 163 24.18 31.70 45.99
N TYR DA 164 23.82 30.49 46.39
CA TYR DA 164 22.81 29.74 45.66
C TYR DA 164 21.46 30.44 45.72
N VAL DA 165 21.06 30.92 46.90
CA VAL DA 165 19.77 31.61 46.99
C VAL DA 165 19.83 32.95 46.27
N ASP DA 166 21.00 33.62 46.28
CA ASP DA 166 21.15 34.86 45.54
C ASP DA 166 20.97 34.63 44.05
N ARG DA 167 21.59 33.58 43.51
CA ARG DA 167 21.44 33.31 42.08
C ARG DA 167 20.03 32.82 41.75
N PHE DA 168 19.39 32.10 42.68
CA PHE DA 168 18.00 31.69 42.47
C PHE DA 168 17.09 32.90 42.38
N TYR DA 169 17.30 33.88 43.25
CA TYR DA 169 16.49 35.10 43.18
C TYR DA 169 16.86 35.96 41.98
N LYS DA 170 18.13 35.92 41.54
CA LYS DA 170 18.51 36.59 40.31
C LYS DA 170 17.75 36.04 39.11
N THR DA 171 17.69 34.70 39.01
CA THR DA 171 16.94 34.09 37.93
C THR DA 171 15.44 34.32 38.08
N LEU DA 172 14.93 34.34 39.32
CA LEU DA 172 13.51 34.59 39.55
C LEU DA 172 13.13 35.99 39.08
N ARG DA 173 13.96 36.99 39.39
CA ARG DA 173 13.64 38.36 38.97
C ARG DA 173 13.78 38.52 37.46
N ALA DA 174 14.60 37.68 36.83
CA ALA DA 174 14.80 37.75 35.39
C ALA DA 174 13.72 37.02 34.59
N GLU DA 175 12.80 36.33 35.26
CA GLU DA 175 11.73 35.59 34.61
C GLU DA 175 10.44 36.41 34.68
N GLN DA 176 9.83 36.66 33.53
CA GLN DA 176 8.58 37.41 33.45
C GLN DA 176 7.42 36.45 33.62
N ALA DA 177 6.78 36.47 34.79
CA ALA DA 177 5.69 35.54 35.09
C ALA DA 177 4.80 36.18 36.14
N SER DA 178 3.67 35.52 36.40
CA SER DA 178 2.71 36.01 37.38
C SER DA 178 3.30 35.93 38.79
N GLN DA 179 2.79 36.80 39.67
CA GLN DA 179 3.30 36.85 41.04
C GLN DA 179 3.02 35.56 41.80
N GLU DA 180 1.85 34.97 41.57
CA GLU DA 180 1.51 33.71 42.25
C GLU DA 180 2.46 32.59 41.85
N VAL DA 181 2.80 32.51 40.56
CA VAL DA 181 3.75 31.51 40.11
C VAL DA 181 5.12 31.75 40.73
N LYS DA 182 5.52 33.01 40.85
CA LYS DA 182 6.79 33.34 41.49
C LYS DA 182 6.79 32.91 42.95
N ASN DA 183 5.69 33.13 43.66
CA ASN DA 183 5.60 32.70 45.05
C ASN DA 183 5.68 31.18 45.15
N TRP DA 184 4.97 30.48 44.27
CA TRP DA 184 4.98 29.02 44.29
C TRP DA 184 6.39 28.47 44.04
N MET DA 185 7.08 29.02 43.03
CA MET DA 185 8.42 28.52 42.73
C MET DA 185 9.41 28.88 43.84
N THR DA 186 9.33 30.10 44.39
CA THR DA 186 10.23 30.48 45.46
C THR DA 186 9.92 29.79 46.77
N GLU DA 187 8.73 29.18 46.91
CA GLU DA 187 8.41 28.41 48.09
C GLU DA 187 8.67 26.91 47.92
N THR DA 188 8.76 26.42 46.69
CA THR DA 188 8.99 24.99 46.45
C THR DA 188 10.42 24.69 45.99
N LEU DA 189 10.85 25.31 44.89
CA LEU DA 189 12.12 24.92 44.27
C LEU DA 189 13.31 25.27 45.15
N LEU DA 190 13.16 26.23 46.07
CA LEU DA 190 14.28 26.63 46.91
C LEU DA 190 14.70 25.52 47.86
N VAL DA 191 13.80 24.61 48.18
CA VAL DA 191 14.11 23.50 49.08
C VAL DA 191 14.15 22.21 48.29
N GLN DA 192 13.40 22.15 47.18
CA GLN DA 192 13.37 20.93 46.39
C GLN DA 192 14.64 20.72 45.56
N ASN DA 193 15.52 21.72 45.51
CA ASN DA 193 16.79 21.62 44.79
C ASN DA 193 17.96 22.07 45.66
N ALA DA 194 17.99 21.61 46.91
CA ALA DA 194 19.05 21.97 47.84
C ALA DA 194 19.89 20.76 48.19
N ASN DA 195 20.97 21.01 48.92
CA ASN DA 195 21.84 19.93 49.38
C ASN DA 195 21.11 19.05 50.39
N PRO DA 196 21.47 17.77 50.50
CA PRO DA 196 20.72 16.87 51.38
C PRO DA 196 20.68 17.32 52.84
N ASP DA 197 21.77 17.88 53.36
CA ASP DA 197 21.80 18.26 54.77
C ASP DA 197 20.79 19.36 55.06
N CYS DA 198 20.82 20.45 54.29
CA CYS DA 198 19.82 21.49 54.48
C CYS DA 198 18.44 21.07 54.03
N LYS DA 199 18.33 20.09 53.13
CA LYS DA 199 17.03 19.53 52.79
C LYS DA 199 16.39 18.86 54.01
N THR DA 200 17.15 18.02 54.70
CA THR DA 200 16.63 17.38 55.91
C THR DA 200 16.39 18.40 57.02
N ILE DA 201 17.24 19.42 57.09
CA ILE DA 201 17.03 20.48 58.08
C ILE DA 201 15.71 21.20 57.82
N LEU DA 202 15.45 21.55 56.55
CA LEU DA 202 14.20 22.20 56.20
C LEU DA 202 13.00 21.30 56.47
N LYS DA 203 13.13 20.00 56.17
CA LYS DA 203 12.04 19.07 56.46
C LYS DA 203 11.77 18.98 57.96
N ALA DA 204 12.82 18.99 58.78
CA ALA DA 204 12.63 19.01 60.22
C ALA DA 204 11.97 20.31 60.68
N LEU DA 205 12.36 21.43 60.09
CA LEU DA 205 11.74 22.71 60.44
C LEU DA 205 10.27 22.74 60.06
N GLY DA 206 9.90 22.16 58.92
CA GLY DA 206 8.53 22.11 58.49
C GLY DA 206 8.14 23.29 57.62
N PRO DA 207 7.00 23.15 56.92
CA PRO DA 207 6.53 24.23 56.05
C PRO DA 207 6.07 25.44 56.84
N GLY DA 208 6.07 26.59 56.16
CA GLY DA 208 5.64 27.83 56.75
C GLY DA 208 6.71 28.65 57.42
N ALA DA 209 7.94 28.13 57.50
CA ALA DA 209 9.04 28.87 58.10
C ALA DA 209 9.48 30.00 57.18
N THR DA 210 9.90 31.10 57.78
CA THR DA 210 10.39 32.25 57.03
C THR DA 210 11.78 31.98 56.47
N LEU DA 211 12.21 32.85 55.56
CA LEU DA 211 13.51 32.69 54.92
C LEU DA 211 14.64 32.81 55.94
N GLU DA 212 14.53 33.76 56.87
CA GLU DA 212 15.59 33.97 57.85
C GLU DA 212 15.78 32.75 58.74
N GLU DA 213 14.67 32.17 59.21
CA GLU DA 213 14.75 31.02 60.09
C GLU DA 213 15.34 29.81 59.37
N MET DA 214 14.87 29.54 58.16
CA MET DA 214 15.37 28.37 57.42
C MET DA 214 16.84 28.55 57.05
N MET DA 215 17.25 29.79 56.73
CA MET DA 215 18.64 30.01 56.35
C MET DA 215 19.57 30.00 57.56
N THR DA 216 19.08 30.41 58.74
CA THR DA 216 19.90 30.27 59.95
C THR DA 216 19.99 28.81 60.37
N ALA DA 217 18.94 28.02 60.14
CA ALA DA 217 19.01 26.60 60.41
C ALA DA 217 19.92 25.88 59.41
N CYS DA 218 19.98 26.37 58.17
CA CYS DA 218 20.84 25.79 57.15
C CYS DA 218 22.30 26.21 57.29
N GLN DA 219 22.61 27.13 58.20
CA GLN DA 219 23.99 27.56 58.40
C GLN DA 219 24.87 26.37 58.78
N GLY DA 220 26.02 26.30 58.13
CA GLY DA 220 26.97 25.22 58.37
C GLY DA 220 27.17 24.34 57.14
N PRO EA 1 -54.75 -41.60 -64.06
CA PRO EA 1 -55.42 -41.88 -65.33
C PRO EA 1 -56.42 -40.80 -65.72
N ILE EA 2 -57.39 -41.16 -66.55
CA ILE EA 2 -58.47 -40.25 -66.94
C ILE EA 2 -59.76 -40.81 -66.36
N VAL EA 3 -60.42 -40.03 -65.51
CA VAL EA 3 -61.62 -40.46 -64.81
C VAL EA 3 -62.79 -39.60 -65.24
N GLN EA 4 -63.98 -40.16 -65.15
CA GLN EA 4 -65.19 -39.42 -65.47
C GLN EA 4 -65.54 -38.44 -64.35
N ASN EA 5 -66.21 -37.37 -64.72
CA ASN EA 5 -66.63 -36.36 -63.76
C ASN EA 5 -68.00 -36.71 -63.19
N LEU EA 6 -68.31 -36.10 -62.04
CA LEU EA 6 -69.61 -36.29 -61.39
C LEU EA 6 -70.64 -35.49 -62.15
N GLN EA 7 -71.26 -36.13 -63.15
CA GLN EA 7 -72.26 -35.51 -64.02
C GLN EA 7 -71.71 -34.27 -64.70
N GLY EA 8 -70.51 -34.39 -65.26
CA GLY EA 8 -69.87 -33.28 -65.94
C GLY EA 8 -69.14 -33.70 -67.21
N GLN EA 9 -67.96 -33.12 -67.42
CA GLN EA 9 -67.15 -33.39 -68.60
C GLN EA 9 -65.84 -34.06 -68.19
N MET EA 10 -65.26 -34.82 -69.11
CA MET EA 10 -64.09 -35.64 -68.82
C MET EA 10 -62.93 -34.78 -68.35
N VAL EA 11 -62.35 -35.15 -67.21
CA VAL EA 11 -61.24 -34.42 -66.60
C VAL EA 11 -60.16 -35.43 -66.21
N HIS EA 12 -58.91 -35.12 -66.55
CA HIS EA 12 -57.80 -35.97 -66.17
C HIS EA 12 -57.60 -35.96 -64.66
N GLN EA 13 -57.20 -37.11 -64.13
CA GLN EA 13 -56.97 -37.29 -62.70
C GLN EA 13 -55.52 -37.64 -62.45
N ALA EA 14 -55.01 -37.21 -61.29
CA ALA EA 14 -53.63 -37.47 -60.93
C ALA EA 14 -53.41 -38.95 -60.64
N ILE EA 15 -52.14 -39.37 -60.75
CA ILE EA 15 -51.76 -40.76 -60.52
C ILE EA 15 -51.63 -40.99 -59.02
N SER EA 16 -52.31 -42.02 -58.53
CA SER EA 16 -52.24 -42.36 -57.11
C SER EA 16 -50.91 -43.02 -56.81
N PRO EA 17 -50.09 -42.46 -55.91
CA PRO EA 17 -48.80 -43.10 -55.60
C PRO EA 17 -48.94 -44.45 -54.91
N ARG EA 18 -50.03 -44.68 -54.17
CA ARG EA 18 -50.17 -45.93 -53.44
C ARG EA 18 -50.25 -47.13 -54.37
N THR EA 19 -50.97 -47.00 -55.48
CA THR EA 19 -51.08 -48.09 -56.44
C THR EA 19 -49.72 -48.44 -57.02
N LEU EA 20 -48.94 -47.42 -57.40
CA LEU EA 20 -47.61 -47.65 -57.94
C LEU EA 20 -46.70 -48.32 -56.92
N ASN EA 21 -46.75 -47.83 -55.67
CA ASN EA 21 -45.92 -48.41 -54.61
C ASN EA 21 -46.28 -49.87 -54.37
N ALA EA 22 -47.57 -50.18 -54.32
CA ALA EA 22 -48.00 -51.56 -54.12
C ALA EA 22 -47.56 -52.45 -55.28
N TRP EA 23 -47.71 -51.95 -56.51
CA TRP EA 23 -47.30 -52.73 -57.68
C TRP EA 23 -45.81 -53.04 -57.65
N VAL EA 24 -44.99 -52.01 -57.43
CA VAL EA 24 -43.54 -52.22 -57.47
C VAL EA 24 -43.11 -53.12 -56.30
N LYS EA 25 -43.70 -52.92 -55.13
CA LYS EA 25 -43.30 -53.73 -53.97
C LYS EA 25 -43.69 -55.19 -54.16
N VAL EA 26 -44.88 -55.46 -54.72
CA VAL EA 26 -45.26 -56.86 -54.91
C VAL EA 26 -44.42 -57.50 -56.00
N VAL EA 27 -44.15 -56.77 -57.08
CA VAL EA 27 -43.33 -57.31 -58.16
C VAL EA 27 -41.93 -57.64 -57.66
N GLU EA 28 -41.34 -56.75 -56.87
CA GLU EA 28 -40.00 -56.98 -56.35
C GLU EA 28 -39.97 -57.95 -55.17
N GLU EA 29 -41.13 -58.25 -54.56
CA GLU EA 29 -41.10 -59.09 -53.37
C GLU EA 29 -41.48 -60.54 -53.64
N LYS EA 30 -42.45 -60.82 -54.51
CA LYS EA 30 -42.91 -62.21 -54.62
C LYS EA 30 -42.21 -62.98 -55.74
N ALA EA 31 -42.45 -62.63 -57.00
CA ALA EA 31 -41.86 -63.32 -58.13
C ALA EA 31 -42.27 -62.59 -59.40
N PHE EA 32 -41.70 -63.03 -60.52
CA PHE EA 32 -42.14 -62.62 -61.86
C PHE EA 32 -43.15 -63.62 -62.43
N SER EA 33 -44.16 -63.93 -61.61
CA SER EA 33 -45.18 -64.90 -61.96
C SER EA 33 -46.14 -64.30 -62.98
N PRO EA 34 -46.73 -65.13 -63.85
CA PRO EA 34 -47.72 -64.60 -64.82
C PRO EA 34 -48.96 -64.02 -64.16
N GLU EA 35 -49.16 -64.21 -62.86
CA GLU EA 35 -50.31 -63.62 -62.17
C GLU EA 35 -50.29 -62.10 -62.24
N VAL EA 36 -49.11 -61.50 -62.45
CA VAL EA 36 -49.03 -60.05 -62.61
C VAL EA 36 -49.68 -59.60 -63.92
N ILE EA 37 -49.81 -60.50 -64.90
CA ILE EA 37 -50.34 -60.11 -66.20
C ILE EA 37 -51.78 -59.62 -66.12
N PRO EA 38 -52.73 -60.34 -65.48
CA PRO EA 38 -54.09 -59.81 -65.40
C PRO EA 38 -54.22 -58.63 -64.45
N MET EA 39 -53.64 -58.74 -63.26
CA MET EA 39 -53.79 -57.68 -62.27
C MET EA 39 -53.19 -56.36 -62.73
N PHE EA 40 -52.18 -56.41 -63.61
CA PHE EA 40 -51.65 -55.18 -64.21
C PHE EA 40 -52.75 -54.38 -64.88
N SER EA 41 -53.65 -55.08 -65.60
CA SER EA 41 -54.78 -54.38 -66.21
C SER EA 41 -55.64 -53.69 -65.16
N ALA EA 42 -55.83 -54.33 -64.00
CA ALA EA 42 -56.60 -53.71 -62.94
C ALA EA 42 -55.95 -52.42 -62.44
N LEU EA 43 -54.64 -52.29 -62.63
CA LEU EA 43 -53.92 -51.08 -62.26
C LEU EA 43 -53.67 -50.15 -63.43
N SER EA 44 -54.18 -50.48 -64.62
CA SER EA 44 -53.97 -49.67 -65.82
C SER EA 44 -55.27 -49.51 -66.59
N GLU EA 45 -56.35 -49.20 -65.89
CA GLU EA 45 -57.65 -48.97 -66.50
C GLU EA 45 -57.82 -47.49 -66.78
N GLY EA 46 -58.01 -47.15 -68.06
CA GLY EA 46 -58.18 -45.76 -68.44
C GLY EA 46 -56.96 -44.89 -68.28
N ALA EA 47 -55.77 -45.48 -68.25
CA ALA EA 47 -54.53 -44.76 -68.04
C ALA EA 47 -53.85 -44.45 -69.36
N THR EA 48 -53.28 -43.26 -69.45
CA THR EA 48 -52.57 -42.84 -70.64
C THR EA 48 -51.26 -43.61 -70.78
N PRO EA 49 -50.71 -43.68 -72.00
CA PRO EA 49 -49.40 -44.35 -72.16
C PRO EA 49 -48.30 -43.75 -71.32
N GLN EA 50 -48.40 -42.47 -70.98
CA GLN EA 50 -47.41 -41.87 -70.08
C GLN EA 50 -47.43 -42.55 -68.71
N ASP EA 51 -48.63 -42.83 -68.20
CA ASP EA 51 -48.75 -43.50 -66.91
C ASP EA 51 -48.18 -44.92 -66.98
N LEU EA 52 -48.46 -45.64 -68.06
CA LEU EA 52 -47.91 -46.98 -68.22
C LEU EA 52 -46.39 -46.95 -68.30
N ASN EA 53 -45.83 -45.98 -69.02
CA ASN EA 53 -44.39 -45.85 -69.13
C ASN EA 53 -43.77 -45.51 -67.77
N THR EA 54 -44.42 -44.64 -67.00
CA THR EA 54 -43.93 -44.31 -65.67
C THR EA 54 -43.96 -45.54 -64.77
N MET EA 55 -45.04 -46.31 -64.83
CA MET EA 55 -45.13 -47.53 -64.04
C MET EA 55 -44.04 -48.53 -64.44
N LEU EA 56 -43.78 -48.66 -65.74
CA LEU EA 56 -42.78 -49.59 -66.22
C LEU EA 56 -41.37 -49.17 -65.80
N ASN EA 57 -41.10 -47.86 -65.84
CA ASN EA 57 -39.75 -47.39 -65.54
C ASN EA 57 -39.42 -47.50 -64.06
N THR EA 58 -40.43 -47.41 -63.18
CA THR EA 58 -40.20 -47.49 -61.74
C THR EA 58 -39.94 -48.91 -61.25
N VAL EA 59 -39.77 -49.89 -62.14
CA VAL EA 59 -39.49 -51.25 -61.71
C VAL EA 59 -38.07 -51.32 -61.15
N GLY EA 60 -37.85 -52.29 -60.26
CA GLY EA 60 -36.55 -52.49 -59.67
C GLY EA 60 -36.02 -53.90 -59.82
N GLY EA 61 -34.83 -54.04 -60.39
CA GLY EA 61 -34.23 -55.34 -60.59
C GLY EA 61 -34.64 -56.00 -61.88
N HIS EA 62 -33.78 -56.91 -62.38
CA HIS EA 62 -34.04 -57.69 -63.59
C HIS EA 62 -34.31 -56.78 -64.79
N GLN EA 63 -33.31 -55.98 -65.15
CA GLN EA 63 -33.45 -55.06 -66.28
C GLN EA 63 -33.33 -55.76 -67.62
N ALA EA 64 -32.93 -57.04 -67.65
CA ALA EA 64 -32.88 -57.77 -68.90
C ALA EA 64 -34.27 -57.92 -69.51
N ALA EA 65 -35.26 -58.24 -68.67
CA ALA EA 65 -36.64 -58.30 -69.14
C ALA EA 65 -37.11 -56.93 -69.61
N MET EA 66 -36.68 -55.86 -68.95
CA MET EA 66 -37.02 -54.52 -69.39
C MET EA 66 -36.46 -54.23 -70.77
N GLN EA 67 -35.20 -54.63 -71.01
CA GLN EA 67 -34.62 -54.47 -72.34
C GLN EA 67 -35.38 -55.29 -73.38
N MET EA 68 -35.76 -56.52 -73.03
CA MET EA 68 -36.53 -57.36 -73.94
C MET EA 68 -37.83 -56.69 -74.32
N LEU EA 69 -38.57 -56.19 -73.32
CA LEU EA 69 -39.86 -55.57 -73.62
C LEU EA 69 -39.69 -54.25 -74.37
N LYS EA 70 -38.62 -53.50 -74.11
CA LYS EA 70 -38.36 -52.30 -74.87
C LYS EA 70 -38.08 -52.62 -76.34
N GLU EA 71 -37.29 -53.66 -76.58
CA GLU EA 71 -37.03 -54.09 -77.96
C GLU EA 71 -38.32 -54.55 -78.63
N THR EA 72 -39.16 -55.28 -77.91
CA THR EA 72 -40.43 -55.73 -78.47
C THR EA 72 -41.32 -54.53 -78.80
N ILE EA 73 -41.36 -53.54 -77.92
CA ILE EA 73 -42.15 -52.34 -78.18
C ILE EA 73 -41.63 -51.61 -79.40
N ASN EA 74 -40.31 -51.49 -79.53
CA ASN EA 74 -39.74 -50.80 -80.69
C ASN EA 74 -40.07 -51.53 -81.98
N GLU EA 75 -39.92 -52.86 -82.00
CA GLU EA 75 -40.18 -53.61 -83.23
C GLU EA 75 -41.67 -53.60 -83.57
N GLU EA 76 -42.55 -53.64 -82.57
CA GLU EA 76 -43.97 -53.54 -82.84
C GLU EA 76 -44.39 -52.15 -83.28
N ALA EA 77 -43.75 -51.10 -82.77
CA ALA EA 77 -44.00 -49.75 -83.28
C ALA EA 77 -43.57 -49.64 -84.74
N ALA EA 78 -42.42 -50.24 -85.08
CA ALA EA 78 -41.99 -50.26 -86.48
C ALA EA 78 -42.99 -51.02 -87.35
N GLU EA 79 -43.49 -52.15 -86.85
CA GLU EA 79 -44.51 -52.91 -87.58
C GLU EA 79 -45.77 -52.09 -87.79
N TRP EA 80 -46.21 -51.38 -86.75
CA TRP EA 80 -47.40 -50.53 -86.86
C TRP EA 80 -47.17 -49.41 -87.88
N ASP EA 81 -45.98 -48.80 -87.87
CA ASP EA 81 -45.68 -47.74 -88.82
C ASP EA 81 -45.67 -48.25 -90.26
N ARG EA 82 -45.09 -49.43 -90.48
CA ARG EA 82 -45.01 -49.93 -91.85
C ARG EA 82 -46.35 -50.47 -92.35
N LEU EA 83 -47.15 -51.06 -91.46
CA LEU EA 83 -48.46 -51.55 -91.89
C LEU EA 83 -49.44 -50.40 -92.10
N HIS EA 84 -49.38 -49.38 -91.25
CA HIS EA 84 -50.25 -48.21 -91.35
C HIS EA 84 -49.39 -46.98 -91.58
N PRO EA 85 -49.32 -46.46 -92.81
CA PRO EA 85 -48.45 -45.32 -93.09
C PRO EA 85 -48.89 -44.07 -92.34
N VAL EA 86 -47.93 -43.17 -92.16
CA VAL EA 86 -48.18 -41.92 -91.44
C VAL EA 86 -49.11 -41.04 -92.27
N HIS EA 87 -50.18 -40.57 -91.66
CA HIS EA 87 -51.13 -39.71 -92.34
C HIS EA 87 -50.54 -38.32 -92.56
N ALA EA 88 -51.03 -37.65 -93.60
CA ALA EA 88 -50.59 -36.30 -93.94
C ALA EA 88 -51.79 -35.40 -94.12
N GLY EA 89 -51.54 -34.15 -94.47
CA GLY EA 89 -52.60 -33.18 -94.66
C GLY EA 89 -52.83 -32.32 -93.43
N PRO EA 90 -53.45 -31.16 -93.62
CA PRO EA 90 -53.74 -30.29 -92.48
C PRO EA 90 -54.68 -30.96 -91.48
N ILE EA 91 -54.49 -30.65 -90.21
CA ILE EA 91 -55.32 -31.19 -89.14
C ILE EA 91 -56.50 -30.26 -88.92
N ALA EA 92 -57.70 -30.76 -89.14
CA ALA EA 92 -58.89 -29.94 -88.93
C ALA EA 92 -59.09 -29.68 -87.44
N PRO EA 93 -59.56 -28.49 -87.07
CA PRO EA 93 -59.81 -28.20 -85.65
C PRO EA 93 -60.86 -29.14 -85.08
N GLY EA 94 -60.64 -29.57 -83.84
CA GLY EA 94 -61.52 -30.51 -83.17
C GLY EA 94 -61.17 -31.97 -83.37
N GLN EA 95 -60.23 -32.27 -84.26
CA GLN EA 95 -59.78 -33.64 -84.49
C GLN EA 95 -58.25 -33.67 -84.47
N MET EA 96 -57.69 -34.87 -84.61
CA MET EA 96 -56.25 -35.05 -84.63
C MET EA 96 -55.94 -36.39 -85.28
N ARG EA 97 -54.83 -36.46 -86.01
CA ARG EA 97 -54.46 -37.68 -86.68
C ARG EA 97 -53.97 -38.72 -85.68
N GLU EA 98 -53.78 -39.94 -86.16
CA GLU EA 98 -53.38 -41.03 -85.29
C GLU EA 98 -51.96 -40.80 -84.78
N PRO EA 99 -51.65 -41.32 -83.58
CA PRO EA 99 -50.28 -41.18 -83.06
C PRO EA 99 -49.28 -41.94 -83.92
N ARG EA 100 -48.06 -41.43 -83.94
CA ARG EA 100 -46.99 -42.04 -84.71
C ARG EA 100 -46.48 -43.30 -84.00
N GLY EA 101 -45.45 -43.92 -84.56
CA GLY EA 101 -44.84 -45.06 -83.92
C GLY EA 101 -44.19 -44.72 -82.59
N SER EA 102 -43.54 -43.57 -82.50
CA SER EA 102 -42.98 -43.10 -81.25
C SER EA 102 -44.04 -42.53 -80.32
N ASP EA 103 -45.07 -41.86 -80.87
CA ASP EA 103 -46.12 -41.31 -80.04
C ASP EA 103 -46.93 -42.41 -79.35
N ILE EA 104 -47.22 -43.50 -80.07
CA ILE EA 104 -47.99 -44.59 -79.50
C ILE EA 104 -47.20 -45.32 -78.41
N ALA EA 105 -45.88 -45.16 -78.38
CA ALA EA 105 -45.05 -45.75 -77.33
C ALA EA 105 -44.97 -44.88 -76.10
N GLY EA 106 -45.59 -43.70 -76.10
CA GLY EA 106 -45.56 -42.82 -74.95
C GLY EA 106 -44.19 -42.25 -74.61
N THR EA 107 -43.43 -41.85 -75.63
CA THR EA 107 -42.10 -41.29 -75.43
C THR EA 107 -42.00 -39.85 -75.90
N THR EA 108 -42.41 -39.55 -77.13
CA THR EA 108 -42.33 -38.20 -77.69
C THR EA 108 -43.68 -37.50 -77.67
N SER EA 109 -44.49 -37.76 -76.65
CA SER EA 109 -45.81 -37.15 -76.52
C SER EA 109 -46.02 -36.65 -75.09
N THR EA 110 -46.88 -35.65 -74.96
CA THR EA 110 -47.23 -35.09 -73.67
C THR EA 110 -48.65 -35.49 -73.30
N LEU EA 111 -49.00 -35.29 -72.02
CA LEU EA 111 -50.31 -35.70 -71.53
C LEU EA 111 -51.44 -35.00 -72.26
N GLN EA 112 -51.24 -33.73 -72.65
CA GLN EA 112 -52.28 -33.01 -73.37
C GLN EA 112 -52.58 -33.65 -74.72
N GLU EA 113 -51.57 -34.22 -75.39
CA GLU EA 113 -51.82 -34.92 -76.64
C GLU EA 113 -52.71 -36.14 -76.42
N GLN EA 114 -52.45 -36.90 -75.34
CA GLN EA 114 -53.31 -38.04 -75.02
C GLN EA 114 -54.73 -37.59 -74.68
N ILE EA 115 -54.86 -36.47 -73.96
CA ILE EA 115 -56.19 -35.96 -73.62
C ILE EA 115 -56.94 -35.57 -74.89
N GLY EA 116 -56.26 -34.88 -75.81
CA GLY EA 116 -56.89 -34.51 -77.06
C GLY EA 116 -57.28 -35.70 -77.91
N TRP EA 117 -56.43 -36.73 -77.91
CA TRP EA 117 -56.76 -37.96 -78.64
C TRP EA 117 -57.98 -38.66 -78.02
N MET EA 118 -58.06 -38.69 -76.69
CA MET EA 118 -59.18 -39.35 -76.03
C MET EA 118 -60.49 -38.58 -76.28
N THR EA 119 -60.43 -37.25 -76.19
CA THR EA 119 -61.64 -36.47 -76.42
C THR EA 119 -62.01 -36.41 -77.90
N HIS EA 120 -61.09 -36.79 -78.79
CA HIS EA 120 -61.40 -36.86 -80.21
C HIS EA 120 -62.39 -37.97 -80.49
N ASN EA 121 -63.29 -37.73 -81.44
CA ASN EA 121 -64.30 -38.72 -81.83
C ASN EA 121 -64.01 -39.22 -83.23
N PRO EA 122 -63.73 -40.51 -83.44
CA PRO EA 122 -63.68 -41.58 -82.42
C PRO EA 122 -62.39 -41.55 -81.60
N PRO EA 123 -62.44 -42.00 -80.35
CA PRO EA 123 -61.23 -42.00 -79.51
C PRO EA 123 -60.26 -43.09 -79.96
N ILE EA 124 -59.05 -42.68 -80.32
CA ILE EA 124 -58.01 -43.61 -80.72
C ILE EA 124 -57.48 -44.30 -79.48
N PRO EA 125 -57.54 -45.63 -79.40
CA PRO EA 125 -57.06 -46.35 -78.21
C PRO EA 125 -55.55 -46.55 -78.21
N VAL EA 126 -54.80 -45.44 -78.19
CA VAL EA 126 -53.35 -45.52 -78.14
C VAL EA 126 -52.90 -46.18 -76.84
N GLY EA 127 -53.50 -45.78 -75.71
CA GLY EA 127 -53.18 -46.40 -74.45
C GLY EA 127 -53.52 -47.88 -74.43
N GLU EA 128 -54.65 -48.24 -75.03
CA GLU EA 128 -55.04 -49.66 -75.08
C GLU EA 128 -54.08 -50.48 -75.92
N ILE EA 129 -53.62 -49.93 -77.05
CA ILE EA 129 -52.66 -50.65 -77.89
C ILE EA 129 -51.32 -50.79 -77.18
N TYR EA 130 -50.87 -49.73 -76.51
CA TYR EA 130 -49.63 -49.81 -75.74
C TYR EA 130 -49.75 -50.84 -74.62
N LYS EA 131 -50.92 -50.89 -73.97
CA LYS EA 131 -51.16 -51.88 -72.93
C LYS EA 131 -51.13 -53.30 -73.50
N ARG EA 132 -51.70 -53.49 -74.69
CA ARG EA 132 -51.65 -54.79 -75.35
C ARG EA 132 -50.20 -55.18 -75.66
N TRP EA 133 -49.40 -54.23 -76.13
CA TRP EA 133 -47.99 -54.51 -76.40
C TRP EA 133 -47.24 -54.87 -75.13
N ILE EA 134 -47.54 -54.17 -74.02
CA ILE EA 134 -46.93 -54.51 -72.74
C ILE EA 134 -47.34 -55.91 -72.31
N ILE EA 135 -48.61 -56.27 -72.54
CA ILE EA 135 -49.09 -57.61 -72.19
C ILE EA 135 -48.34 -58.67 -73.00
N LEU EA 136 -48.15 -58.41 -74.29
CA LEU EA 136 -47.40 -59.35 -75.12
C LEU EA 136 -45.95 -59.48 -74.65
N GLY EA 137 -45.33 -58.35 -74.29
CA GLY EA 137 -43.98 -58.40 -73.76
C GLY EA 137 -43.89 -59.21 -72.47
N LEU EA 138 -44.86 -59.02 -71.58
CA LEU EA 138 -44.89 -59.80 -70.34
C LEU EA 138 -45.14 -61.27 -70.62
N ASN EA 139 -45.95 -61.59 -71.64
CA ASN EA 139 -46.13 -62.99 -72.03
C ASN EA 139 -44.81 -63.60 -72.49
N LYS EA 140 -44.05 -62.85 -73.29
CA LYS EA 140 -42.72 -63.33 -73.70
C LYS EA 140 -41.81 -63.51 -72.49
N ILE EA 141 -41.88 -62.56 -71.54
CA ILE EA 141 -41.03 -62.63 -70.35
C ILE EA 141 -41.35 -63.87 -69.53
N VAL EA 142 -42.64 -64.15 -69.33
CA VAL EA 142 -43.01 -65.31 -68.52
C VAL EA 142 -42.77 -66.61 -69.29
N ARG EA 143 -42.79 -66.56 -70.63
CA ARG EA 143 -42.35 -67.70 -71.43
C ARG EA 143 -40.87 -67.97 -71.17
N MET EA 144 -40.06 -66.92 -71.12
CA MET EA 144 -38.64 -67.09 -70.81
C MET EA 144 -38.46 -67.63 -69.39
N TYR EA 145 -39.23 -67.13 -68.44
CA TYR EA 145 -39.01 -67.46 -67.03
C TYR EA 145 -39.34 -68.91 -66.70
N SER EA 146 -40.00 -69.64 -67.60
CA SER EA 146 -40.34 -71.02 -67.31
C SER EA 146 -39.09 -71.89 -67.27
N PRO EA 147 -38.80 -72.56 -66.16
CA PRO EA 147 -37.59 -73.38 -66.07
C PRO EA 147 -37.72 -74.79 -66.63
N THR EA 148 -38.91 -75.21 -67.04
CA THR EA 148 -39.13 -76.56 -67.52
C THR EA 148 -40.26 -76.54 -68.54
N SER EA 149 -40.28 -77.58 -69.38
CA SER EA 149 -41.31 -77.72 -70.39
C SER EA 149 -42.59 -78.27 -69.77
N ILE EA 150 -43.56 -78.59 -70.63
CA ILE EA 150 -44.87 -79.07 -70.17
C ILE EA 150 -44.95 -80.59 -70.35
N LEU EA 151 -44.22 -81.12 -71.33
CA LEU EA 151 -44.29 -82.53 -71.67
C LEU EA 151 -43.36 -83.40 -70.83
N ASP EA 152 -42.45 -82.81 -70.05
CA ASP EA 152 -41.50 -83.57 -69.25
C ASP EA 152 -41.91 -83.72 -67.80
N ILE EA 153 -43.11 -83.27 -67.44
CA ILE EA 153 -43.55 -83.35 -66.04
C ILE EA 153 -43.87 -84.80 -65.69
N ARG EA 154 -43.43 -85.21 -64.50
CA ARG EA 154 -43.69 -86.55 -64.01
C ARG EA 154 -44.07 -86.46 -62.54
N GLN EA 155 -44.97 -87.35 -62.10
CA GLN EA 155 -45.47 -87.36 -60.74
C GLN EA 155 -44.68 -88.35 -59.90
N GLY EA 156 -44.21 -87.91 -58.74
CA GLY EA 156 -43.46 -88.76 -57.85
C GLY EA 156 -44.30 -89.83 -57.21
N PRO EA 157 -43.71 -91.02 -56.99
CA PRO EA 157 -44.46 -92.11 -56.35
C PRO EA 157 -44.94 -91.78 -54.95
N LYS EA 158 -44.20 -90.98 -54.19
CA LYS EA 158 -44.52 -90.66 -52.80
C LYS EA 158 -45.16 -89.29 -52.67
N GLU EA 159 -45.95 -88.87 -53.67
CA GLU EA 159 -46.53 -87.53 -53.66
C GLU EA 159 -48.02 -87.60 -53.95
N PRO EA 160 -48.84 -86.83 -53.23
CA PRO EA 160 -50.27 -86.76 -53.55
C PRO EA 160 -50.51 -86.13 -54.91
N PHE EA 161 -51.63 -86.49 -55.52
CA PHE EA 161 -51.95 -85.99 -56.86
C PHE EA 161 -52.31 -84.51 -56.86
N ARG EA 162 -52.62 -83.93 -55.69
CA ARG EA 162 -53.00 -82.52 -55.64
C ARG EA 162 -51.87 -81.61 -56.09
N ASP EA 163 -50.67 -81.83 -55.55
CA ASP EA 163 -49.54 -81.00 -55.95
C ASP EA 163 -49.18 -81.22 -57.42
N TYR EA 164 -49.29 -82.48 -57.88
CA TYR EA 164 -49.00 -82.77 -59.29
C TYR EA 164 -49.94 -82.04 -60.22
N VAL EA 165 -51.25 -82.09 -59.94
CA VAL EA 165 -52.20 -81.39 -60.81
C VAL EA 165 -52.04 -79.88 -60.68
N ASP EA 166 -51.70 -79.38 -59.49
CA ASP EA 166 -51.48 -77.96 -59.31
C ASP EA 166 -50.32 -77.48 -60.16
N ARG EA 167 -49.18 -78.18 -60.11
CA ARG EA 167 -48.04 -77.78 -60.92
C ARG EA 167 -48.30 -77.99 -62.41
N PHE EA 168 -49.03 -79.04 -62.78
CA PHE EA 168 -49.37 -79.26 -64.18
C PHE EA 168 -50.20 -78.09 -64.71
N TYR EA 169 -51.20 -77.65 -63.94
CA TYR EA 169 -52.03 -76.55 -64.40
C TYR EA 169 -51.29 -75.21 -64.38
N LYS EA 170 -50.41 -75.00 -63.40
CA LYS EA 170 -49.65 -73.75 -63.38
C LYS EA 170 -48.67 -73.68 -64.56
N THR EA 171 -48.07 -74.82 -64.93
CA THR EA 171 -47.20 -74.83 -66.10
C THR EA 171 -48.00 -74.73 -67.39
N LEU EA 172 -49.21 -75.30 -67.42
CA LEU EA 172 -50.09 -75.14 -68.58
C LEU EA 172 -50.47 -73.68 -68.78
N ARG EA 173 -50.78 -72.99 -67.69
CA ARG EA 173 -51.03 -71.55 -67.75
C ARG EA 173 -49.80 -70.79 -68.18
N ALA EA 174 -48.62 -71.20 -67.69
CA ALA EA 174 -47.37 -70.55 -68.09
C ALA EA 174 -47.01 -70.82 -69.55
N GLU EA 175 -47.66 -71.78 -70.19
CA GLU EA 175 -47.39 -72.05 -71.60
C GLU EA 175 -48.04 -70.99 -72.48
N GLN EA 176 -47.38 -70.69 -73.61
CA GLN EA 176 -47.88 -69.72 -74.58
C GLN EA 176 -48.32 -70.37 -75.88
N ALA EA 177 -48.55 -71.69 -75.87
CA ALA EA 177 -49.01 -72.38 -77.07
C ALA EA 177 -50.46 -72.03 -77.35
N SER EA 178 -50.96 -72.55 -78.47
CA SER EA 178 -52.35 -72.30 -78.86
C SER EA 178 -53.31 -72.95 -77.88
N GLN EA 179 -54.47 -72.31 -77.71
CA GLN EA 179 -55.44 -72.77 -76.72
C GLN EA 179 -56.00 -74.14 -77.09
N GLU EA 180 -56.17 -74.41 -78.39
CA GLU EA 180 -56.77 -75.66 -78.82
C GLU EA 180 -55.93 -76.86 -78.40
N VAL EA 181 -54.64 -76.84 -78.74
CA VAL EA 181 -53.78 -77.96 -78.37
C VAL EA 181 -53.59 -78.01 -76.85
N LYS EA 182 -53.62 -76.87 -76.19
CA LYS EA 182 -53.52 -76.85 -74.73
C LYS EA 182 -54.69 -77.58 -74.09
N ASN EA 183 -55.91 -77.28 -74.53
CA ASN EA 183 -57.09 -77.96 -73.99
C ASN EA 183 -57.12 -79.42 -74.41
N TRP EA 184 -56.58 -79.73 -75.60
CA TRP EA 184 -56.51 -81.13 -76.01
C TRP EA 184 -55.57 -81.94 -75.12
N MET EA 185 -54.41 -81.36 -74.77
CA MET EA 185 -53.41 -82.10 -74.02
C MET EA 185 -53.67 -82.08 -72.51
N THR EA 186 -54.43 -81.09 -72.01
CA THR EA 186 -54.72 -81.08 -70.58
C THR EA 186 -55.64 -82.23 -70.16
N GLU EA 187 -56.31 -82.88 -71.10
CA GLU EA 187 -57.16 -84.03 -70.81
C GLU EA 187 -56.43 -85.35 -70.97
N THR EA 188 -55.22 -85.35 -71.49
CA THR EA 188 -54.45 -86.58 -71.72
C THR EA 188 -53.18 -86.66 -70.90
N LEU EA 189 -52.34 -85.61 -70.95
CA LEU EA 189 -51.04 -85.70 -70.29
C LEU EA 189 -51.16 -85.83 -68.78
N LEU EA 190 -52.23 -85.29 -68.19
CA LEU EA 190 -52.37 -85.34 -66.73
C LEU EA 190 -52.47 -86.78 -66.24
N VAL EA 191 -53.04 -87.67 -67.05
CA VAL EA 191 -53.08 -89.08 -66.69
C VAL EA 191 -51.93 -89.85 -67.34
N GLN EA 192 -51.39 -89.36 -68.45
CA GLN EA 192 -50.23 -90.00 -69.06
C GLN EA 192 -48.98 -89.86 -68.21
N ASN EA 193 -48.95 -88.89 -67.30
CA ASN EA 193 -47.80 -88.65 -66.42
C ASN EA 193 -48.21 -88.68 -64.95
N ALA EA 194 -49.09 -89.61 -64.59
CA ALA EA 194 -49.61 -89.71 -63.24
C ALA EA 194 -49.09 -90.97 -62.54
N ASN EA 195 -49.38 -91.07 -61.25
CA ASN EA 195 -49.00 -92.23 -60.47
C ASN EA 195 -49.80 -93.46 -60.93
N PRO EA 196 -49.26 -94.66 -60.70
CA PRO EA 196 -49.97 -95.86 -61.17
C PRO EA 196 -51.38 -96.02 -60.62
N ASP EA 197 -51.64 -95.63 -59.37
CA ASP EA 197 -52.99 -95.77 -58.83
C ASP EA 197 -53.97 -94.85 -59.55
N CYS EA 198 -53.59 -93.58 -59.76
CA CYS EA 198 -54.43 -92.68 -60.54
C CYS EA 198 -54.62 -93.19 -61.96
N LYS EA 199 -53.56 -93.73 -62.56
CA LYS EA 199 -53.65 -94.28 -63.92
C LYS EA 199 -54.67 -95.41 -63.98
N THR EA 200 -54.59 -96.36 -63.04
CA THR EA 200 -55.51 -97.49 -63.05
C THR EA 200 -56.94 -97.03 -62.81
N ILE EA 201 -57.14 -96.13 -61.85
CA ILE EA 201 -58.49 -95.64 -61.57
C ILE EA 201 -59.06 -94.92 -62.79
N LEU EA 202 -58.25 -94.09 -63.45
CA LEU EA 202 -58.74 -93.34 -64.60
C LEU EA 202 -59.05 -94.25 -65.78
N LYS EA 203 -58.20 -95.25 -66.04
CA LYS EA 203 -58.50 -96.15 -67.15
C LYS EA 203 -59.66 -97.07 -66.83
N ALA EA 204 -59.93 -97.30 -65.54
CA ALA EA 204 -61.18 -97.96 -65.17
C ALA EA 204 -62.38 -97.05 -65.40
N LEU EA 205 -62.19 -95.73 -65.20
CA LEU EA 205 -63.25 -94.78 -65.47
C LEU EA 205 -63.58 -94.70 -66.96
N GLY EA 206 -62.57 -94.90 -67.81
CA GLY EA 206 -62.76 -94.84 -69.24
C GLY EA 206 -62.31 -93.52 -69.84
N PRO EA 207 -61.94 -93.54 -71.12
CA PRO EA 207 -61.47 -92.30 -71.77
C PRO EA 207 -62.55 -91.24 -71.81
N GLY EA 208 -62.14 -90.00 -71.55
CA GLY EA 208 -63.04 -88.87 -71.56
C GLY EA 208 -63.76 -88.68 -70.23
N ALA EA 209 -63.61 -87.50 -69.63
CA ALA EA 209 -64.20 -87.21 -68.33
C ALA EA 209 -63.96 -85.76 -67.93
N THR EA 210 -64.54 -85.33 -66.82
CA THR EA 210 -64.28 -84.01 -66.26
C THR EA 210 -63.23 -84.14 -65.17
N LEU EA 211 -62.37 -83.11 -65.05
CA LEU EA 211 -61.25 -83.19 -64.11
C LEU EA 211 -61.73 -83.25 -62.67
N GLU EA 212 -62.94 -82.74 -62.38
CA GLU EA 212 -63.51 -82.92 -61.05
C GLU EA 212 -63.64 -84.41 -60.73
N GLU EA 213 -64.21 -85.17 -61.66
CA GLU EA 213 -64.35 -86.62 -61.46
C GLU EA 213 -62.99 -87.29 -61.37
N MET EA 214 -62.03 -86.85 -62.19
CA MET EA 214 -60.68 -87.43 -62.15
C MET EA 214 -60.05 -87.25 -60.79
N MET EA 215 -60.07 -86.02 -60.26
CA MET EA 215 -59.43 -85.72 -58.99
C MET EA 215 -60.20 -86.26 -57.79
N THR EA 216 -61.51 -86.49 -57.92
CA THR EA 216 -62.23 -87.19 -56.86
C THR EA 216 -61.95 -88.69 -56.90
N ALA EA 217 -61.74 -89.24 -58.08
CA ALA EA 217 -61.41 -90.66 -58.21
C ALA EA 217 -60.00 -90.94 -57.71
N CYS EA 218 -59.06 -90.04 -57.96
CA CYS EA 218 -57.71 -90.19 -57.43
C CYS EA 218 -57.69 -90.17 -55.90
N GLN EA 219 -58.71 -89.59 -55.26
CA GLN EA 219 -58.75 -89.54 -53.81
C GLN EA 219 -58.86 -90.93 -53.22
N GLY EA 220 -58.18 -91.15 -52.10
CA GLY EA 220 -58.20 -92.44 -51.43
C GLY EA 220 -57.19 -93.41 -52.00
N PRO FA 1 -50.88 -30.20 -53.61
CA PRO FA 1 -50.17 -29.52 -54.69
C PRO FA 1 -51.11 -29.05 -55.81
N ILE FA 2 -50.66 -29.17 -57.05
CA ILE FA 2 -51.47 -28.80 -58.21
C ILE FA 2 -52.52 -29.88 -58.42
N VAL FA 3 -53.76 -29.58 -58.06
CA VAL FA 3 -54.87 -30.52 -58.17
C VAL FA 3 -55.99 -29.86 -58.96
N GLN FA 4 -56.55 -30.59 -59.91
CA GLN FA 4 -57.66 -30.08 -60.71
C GLN FA 4 -58.96 -30.17 -59.92
N ASN FA 5 -59.77 -29.12 -60.03
CA ASN FA 5 -61.07 -29.08 -59.39
C ASN FA 5 -62.12 -29.71 -60.27
N LEU FA 6 -63.20 -30.20 -59.64
CA LEU FA 6 -64.30 -30.81 -60.37
C LEU FA 6 -64.98 -29.75 -61.23
N GLN FA 7 -64.75 -29.84 -62.55
CA GLN FA 7 -65.26 -28.90 -63.56
C GLN FA 7 -65.21 -27.45 -63.07
N GLY FA 8 -64.10 -27.06 -62.46
CA GLY FA 8 -63.97 -25.71 -61.93
C GLY FA 8 -62.62 -25.07 -62.21
N GLN FA 9 -62.31 -24.00 -61.49
CA GLN FA 9 -61.05 -23.29 -61.68
C GLN FA 9 -59.91 -23.99 -60.93
N MET FA 10 -58.68 -23.63 -61.31
CA MET FA 10 -57.51 -24.24 -60.70
C MET FA 10 -57.35 -23.77 -59.26
N VAL FA 11 -57.24 -24.72 -58.34
CA VAL FA 11 -57.16 -24.44 -56.91
C VAL FA 11 -55.92 -25.10 -56.34
N HIS FA 12 -55.13 -24.33 -55.60
CA HIS FA 12 -53.90 -24.81 -54.98
C HIS FA 12 -54.23 -25.62 -53.73
N GLN FA 13 -53.39 -26.61 -53.45
CA GLN FA 13 -53.55 -27.48 -52.29
C GLN FA 13 -52.20 -27.70 -51.64
N ALA FA 14 -52.22 -28.02 -50.35
CA ALA FA 14 -51.01 -28.34 -49.61
C ALA FA 14 -50.55 -29.76 -49.94
N ILE FA 15 -49.31 -30.06 -49.58
CA ILE FA 15 -48.72 -31.35 -49.88
C ILE FA 15 -49.29 -32.40 -48.93
N SER FA 16 -49.74 -33.52 -49.50
CA SER FA 16 -50.27 -34.61 -48.68
C SER FA 16 -49.16 -35.22 -47.84
N PRO FA 17 -49.38 -35.42 -46.54
CA PRO FA 17 -48.32 -36.02 -45.70
C PRO FA 17 -47.88 -37.40 -46.16
N ARG FA 18 -48.81 -38.21 -46.68
CA ARG FA 18 -48.46 -39.56 -47.10
C ARG FA 18 -47.50 -39.55 -48.29
N THR FA 19 -47.66 -38.59 -49.21
CA THR FA 19 -46.77 -38.52 -50.36
C THR FA 19 -45.34 -38.24 -49.93
N LEU FA 20 -45.14 -37.23 -49.06
CA LEU FA 20 -43.80 -36.92 -48.60
C LEU FA 20 -43.24 -38.03 -47.71
N ASN FA 21 -44.09 -38.69 -46.93
CA ASN FA 21 -43.64 -39.83 -46.13
C ASN FA 21 -43.13 -40.95 -47.03
N ALA FA 22 -43.88 -41.28 -48.08
CA ALA FA 22 -43.43 -42.30 -49.01
C ALA FA 22 -42.14 -41.90 -49.71
N TRP FA 23 -42.03 -40.62 -50.09
CA TRP FA 23 -40.83 -40.12 -50.73
C TRP FA 23 -39.62 -40.30 -49.82
N VAL FA 24 -39.72 -39.84 -48.57
CA VAL FA 24 -38.58 -39.92 -47.67
C VAL FA 24 -38.25 -41.35 -47.34
N LYS FA 25 -39.26 -42.23 -47.20
CA LYS FA 25 -38.98 -43.63 -46.91
C LYS FA 25 -38.26 -44.29 -48.08
N VAL FA 26 -38.71 -44.04 -49.31
CA VAL FA 26 -38.07 -44.69 -50.46
C VAL FA 26 -36.67 -44.11 -50.68
N VAL FA 27 -36.46 -42.85 -50.31
CA VAL FA 27 -35.12 -42.26 -50.43
C VAL FA 27 -34.17 -42.88 -49.40
N GLU FA 28 -34.63 -43.01 -48.16
CA GLU FA 28 -33.74 -43.48 -47.09
C GLU FA 28 -33.50 -44.99 -47.19
N GLU FA 29 -34.52 -45.75 -47.60
CA GLU FA 29 -34.38 -47.21 -47.65
C GLU FA 29 -33.68 -47.65 -48.92
N LYS FA 30 -34.19 -47.25 -50.08
CA LYS FA 30 -33.60 -47.62 -51.35
C LYS FA 30 -32.46 -46.66 -51.68
N ALA FA 31 -31.33 -47.21 -52.11
CA ALA FA 31 -30.17 -46.40 -52.45
C ALA FA 31 -30.42 -45.61 -53.73
N PHE FA 32 -29.53 -44.66 -54.00
CA PHE FA 32 -29.64 -43.82 -55.19
C PHE FA 32 -29.54 -44.65 -56.45
N SER FA 33 -30.66 -44.79 -57.18
CA SER FA 33 -30.74 -45.58 -58.38
C SER FA 33 -31.52 -44.80 -59.43
N PRO FA 34 -31.26 -45.03 -60.72
CA PRO FA 34 -32.05 -44.35 -61.75
C PRO FA 34 -33.54 -44.64 -61.67
N GLU FA 35 -33.93 -45.82 -61.17
CA GLU FA 35 -35.34 -46.17 -61.10
C GLU FA 35 -36.14 -45.24 -60.21
N VAL FA 36 -35.51 -44.59 -59.23
CA VAL FA 36 -36.21 -43.64 -58.38
C VAL FA 36 -36.40 -42.30 -59.05
N ILE FA 37 -35.74 -42.06 -60.18
CA ILE FA 37 -35.86 -40.80 -60.91
C ILE FA 37 -37.31 -40.64 -61.41
N PRO FA 38 -37.91 -41.64 -62.07
CA PRO FA 38 -39.35 -41.54 -62.34
C PRO FA 38 -40.18 -41.47 -61.08
N MET FA 39 -39.77 -42.16 -60.01
CA MET FA 39 -40.53 -42.14 -58.76
C MET FA 39 -40.69 -40.72 -58.25
N PHE FA 40 -39.67 -39.89 -58.42
CA PHE FA 40 -39.77 -38.47 -58.08
C PHE FA 40 -40.84 -37.79 -58.94
N SER FA 41 -40.78 -37.99 -60.26
CA SER FA 41 -41.68 -37.29 -61.16
C SER FA 41 -43.13 -37.66 -60.90
N ALA FA 42 -43.40 -38.93 -60.65
CA ALA FA 42 -44.74 -39.36 -60.30
C ALA FA 42 -45.21 -38.70 -59.01
N LEU FA 43 -44.29 -38.42 -58.09
CA LEU FA 43 -44.65 -37.71 -56.87
C LEU FA 43 -44.66 -36.19 -57.06
N SER FA 44 -44.26 -35.71 -58.24
CA SER FA 44 -44.25 -34.28 -58.52
C SER FA 44 -44.97 -33.97 -59.83
N GLU FA 45 -46.11 -34.62 -60.08
CA GLU FA 45 -46.92 -34.37 -61.26
C GLU FA 45 -47.79 -33.14 -61.01
N GLY FA 46 -47.12 -31.99 -60.93
CA GLY FA 46 -47.80 -30.74 -60.66
C GLY FA 46 -47.67 -30.29 -59.23
N ALA FA 47 -46.78 -29.33 -58.97
CA ALA FA 47 -46.58 -28.78 -57.64
C ALA FA 47 -45.82 -27.48 -57.75
N THR FA 48 -46.10 -26.57 -56.82
CA THR FA 48 -45.40 -25.29 -56.79
C THR FA 48 -43.94 -25.48 -56.41
N PRO FA 49 -43.05 -24.59 -56.86
CA PRO FA 49 -41.63 -24.72 -56.49
C PRO FA 49 -41.39 -24.72 -55.00
N GLN FA 50 -42.20 -24.00 -54.22
CA GLN FA 50 -42.07 -24.03 -52.78
C GLN FA 50 -42.27 -25.45 -52.25
N ASP FA 51 -43.30 -26.14 -52.76
CA ASP FA 51 -43.50 -27.53 -52.38
C ASP FA 51 -42.34 -28.40 -52.83
N LEU FA 52 -41.77 -28.10 -54.00
CA LEU FA 52 -40.63 -28.87 -54.49
C LEU FA 52 -39.44 -28.78 -53.54
N ASN FA 53 -39.08 -27.56 -53.14
CA ASN FA 53 -37.94 -27.43 -52.23
C ASN FA 53 -38.28 -27.93 -50.83
N THR FA 54 -39.54 -27.82 -50.42
CA THR FA 54 -39.94 -28.37 -49.12
C THR FA 54 -39.75 -29.87 -49.07
N MET FA 55 -40.23 -30.58 -50.10
CA MET FA 55 -40.06 -32.02 -50.15
C MET FA 55 -38.61 -32.42 -50.44
N LEU FA 56 -37.83 -31.52 -51.06
CA LEU FA 56 -36.43 -31.81 -51.32
C LEU FA 56 -35.59 -31.67 -50.05
N ASN FA 57 -36.00 -30.80 -49.12
CA ASN FA 57 -35.23 -30.58 -47.90
C ASN FA 57 -35.54 -31.60 -46.81
N THR FA 58 -36.50 -32.51 -47.02
CA THR FA 58 -36.86 -33.45 -45.97
C THR FA 58 -35.82 -34.55 -45.81
N VAL FA 59 -35.08 -34.86 -46.88
CA VAL FA 59 -34.14 -35.98 -46.83
C VAL FA 59 -32.99 -35.65 -45.89
N GLY FA 60 -32.68 -36.58 -44.99
CA GLY FA 60 -31.56 -36.45 -44.09
C GLY FA 60 -30.38 -37.30 -44.55
N GLY FA 61 -29.19 -36.75 -44.36
CA GLY FA 61 -27.98 -37.40 -44.83
C GLY FA 61 -27.74 -37.15 -46.31
N HIS FA 62 -26.53 -37.53 -46.75
CA HIS FA 62 -26.08 -37.32 -48.13
C HIS FA 62 -26.20 -35.85 -48.52
N GLN FA 63 -25.80 -34.97 -47.60
CA GLN FA 63 -25.91 -33.54 -47.82
C GLN FA 63 -25.01 -33.04 -48.94
N ALA FA 64 -23.98 -33.81 -49.31
CA ALA FA 64 -23.13 -33.43 -50.43
C ALA FA 64 -23.93 -33.36 -51.72
N ALA FA 65 -24.80 -34.36 -51.96
CA ALA FA 65 -25.67 -34.32 -53.13
C ALA FA 65 -26.63 -33.13 -53.08
N MET FA 66 -27.12 -32.79 -51.90
CA MET FA 66 -27.98 -31.62 -51.76
C MET FA 66 -27.23 -30.35 -52.13
N GLN FA 67 -25.98 -30.23 -51.69
CA GLN FA 67 -25.18 -29.06 -52.05
C GLN FA 67 -24.92 -29.02 -53.55
N MET FA 68 -24.66 -30.19 -54.16
CA MET FA 68 -24.44 -30.24 -55.60
C MET FA 68 -25.67 -29.78 -56.36
N LEU FA 69 -26.86 -30.25 -55.95
CA LEU FA 69 -28.07 -29.85 -56.65
C LEU FA 69 -28.40 -28.39 -56.40
N LYS FA 70 -28.08 -27.86 -55.21
CA LYS FA 70 -28.27 -26.43 -54.97
C LYS FA 70 -27.34 -25.61 -55.87
N GLU FA 71 -26.10 -26.04 -56.03
CA GLU FA 71 -25.17 -25.35 -56.91
C GLU FA 71 -25.66 -25.39 -58.36
N THR FA 72 -26.16 -26.55 -58.81
CA THR FA 72 -26.68 -26.62 -60.17
C THR FA 72 -27.92 -25.75 -60.34
N ILE FA 73 -28.77 -25.67 -59.31
CA ILE FA 73 -29.92 -24.78 -59.36
C ILE FA 73 -29.47 -23.34 -59.48
N ASN FA 74 -28.44 -22.94 -58.71
CA ASN FA 74 -27.94 -21.58 -58.78
C ASN FA 74 -27.37 -21.27 -60.17
N GLU FA 75 -26.60 -22.21 -60.73
CA GLU FA 75 -26.02 -21.96 -62.05
C GLU FA 75 -27.10 -21.91 -63.13
N GLU FA 76 -28.14 -22.73 -63.00
CA GLU FA 76 -29.25 -22.67 -63.95
C GLU FA 76 -30.04 -21.38 -63.80
N ALA FA 77 -30.18 -20.88 -62.58
CA ALA FA 77 -30.81 -19.58 -62.38
C ALA FA 77 -29.99 -18.47 -63.02
N ALA FA 78 -28.66 -18.54 -62.91
CA ALA FA 78 -27.80 -17.57 -63.58
C ALA FA 78 -27.96 -17.66 -65.09
N GLU FA 79 -28.04 -18.89 -65.62
CA GLU FA 79 -28.26 -19.07 -67.05
C GLU FA 79 -29.59 -18.48 -67.49
N TRP FA 80 -30.65 -18.70 -66.70
CA TRP FA 80 -31.95 -18.14 -67.01
C TRP FA 80 -31.92 -16.61 -66.99
N ASP FA 81 -31.21 -16.04 -66.03
CA ASP FA 81 -31.09 -14.59 -65.98
C ASP FA 81 -30.34 -14.06 -67.20
N ARG FA 82 -29.30 -14.77 -67.63
CA ARG FA 82 -28.51 -14.34 -68.79
C ARG FA 82 -29.27 -14.46 -70.10
N LEU FA 83 -29.92 -15.60 -70.36
CA LEU FA 83 -30.59 -15.79 -71.65
C LEU FA 83 -31.90 -15.02 -71.72
N HIS FA 84 -32.61 -14.88 -70.59
CA HIS FA 84 -33.85 -14.14 -70.58
C HIS FA 84 -33.60 -12.78 -69.97
N PRO FA 85 -33.61 -11.70 -70.75
CA PRO FA 85 -33.31 -10.37 -70.18
C PRO FA 85 -34.37 -9.94 -69.17
N VAL FA 86 -33.91 -9.20 -68.16
CA VAL FA 86 -34.82 -8.66 -67.16
C VAL FA 86 -35.64 -7.53 -67.78
N HIS FA 87 -36.94 -7.54 -67.54
CA HIS FA 87 -37.85 -6.55 -68.08
C HIS FA 87 -38.35 -5.62 -66.99
N ALA FA 88 -38.67 -4.40 -67.38
CA ALA FA 88 -39.20 -3.39 -66.47
C ALA FA 88 -40.39 -2.72 -67.13
N GLY FA 89 -40.83 -1.60 -66.56
CA GLY FA 89 -41.96 -0.88 -67.09
C GLY FA 89 -43.25 -1.25 -66.40
N PRO FA 90 -44.38 -0.87 -67.00
CA PRO FA 90 -45.68 -1.16 -66.38
C PRO FA 90 -45.98 -2.66 -66.35
N ILE FA 91 -46.76 -3.05 -65.36
CA ILE FA 91 -47.22 -4.43 -65.20
C ILE FA 91 -48.73 -4.44 -65.30
N ALA FA 92 -49.26 -5.32 -66.14
CA ALA FA 92 -50.70 -5.38 -66.36
C ALA FA 92 -51.40 -5.83 -65.07
N PRO FA 93 -52.50 -5.18 -64.68
CA PRO FA 93 -53.22 -5.60 -63.48
C PRO FA 93 -53.78 -7.01 -63.63
N GLY FA 94 -53.78 -7.75 -62.53
CA GLY FA 94 -54.23 -9.13 -62.54
C GLY FA 94 -53.20 -10.13 -63.01
N GLN FA 95 -52.00 -9.67 -63.38
CA GLN FA 95 -50.94 -10.54 -63.85
C GLN FA 95 -49.62 -10.11 -63.24
N MET FA 96 -48.67 -11.05 -63.17
CA MET FA 96 -47.36 -10.82 -62.62
C MET FA 96 -46.29 -11.09 -63.68
N ARG FA 97 -45.18 -10.38 -63.58
CA ARG FA 97 -44.09 -10.55 -64.54
C ARG FA 97 -43.47 -11.94 -64.40
N GLU FA 98 -42.72 -12.33 -65.41
CA GLU FA 98 -42.16 -13.68 -65.45
C GLU FA 98 -41.19 -13.87 -64.29
N PRO FA 99 -41.13 -15.08 -63.72
CA PRO FA 99 -40.21 -15.33 -62.60
C PRO FA 99 -38.76 -15.20 -63.03
N ARG FA 100 -37.93 -14.77 -62.09
CA ARG FA 100 -36.51 -14.60 -62.32
C ARG FA 100 -35.76 -15.85 -61.86
N GLY FA 101 -34.43 -15.78 -61.86
CA GLY FA 101 -33.64 -16.90 -61.41
C GLY FA 101 -33.84 -17.22 -59.95
N SER FA 102 -34.03 -16.19 -59.11
CA SER FA 102 -34.33 -16.42 -57.71
C SER FA 102 -35.79 -16.84 -57.50
N ASP FA 103 -36.69 -16.39 -58.37
CA ASP FA 103 -38.11 -16.68 -58.21
C ASP FA 103 -38.46 -18.13 -58.55
N ILE FA 104 -37.78 -18.72 -59.53
CA ILE FA 104 -38.09 -20.10 -59.91
C ILE FA 104 -37.74 -21.05 -58.77
N ALA FA 105 -36.65 -20.78 -58.06
CA ALA FA 105 -36.28 -21.60 -56.92
C ALA FA 105 -37.19 -21.39 -55.71
N GLY FA 106 -38.00 -20.33 -55.71
CA GLY FA 106 -38.90 -20.07 -54.60
C GLY FA 106 -38.25 -19.50 -53.37
N THR FA 107 -36.99 -19.04 -53.46
CA THR FA 107 -36.31 -18.50 -52.30
C THR FA 107 -36.83 -17.13 -51.90
N THR FA 108 -37.35 -16.36 -52.85
CA THR FA 108 -37.87 -15.02 -52.56
C THR FA 108 -39.37 -14.91 -52.82
N SER FA 109 -39.87 -15.55 -53.87
CA SER FA 109 -41.29 -15.48 -54.16
C SER FA 109 -42.10 -16.22 -53.11
N THR FA 110 -43.21 -15.61 -52.69
CA THR FA 110 -44.09 -16.21 -51.70
C THR FA 110 -45.07 -17.16 -52.37
N LEU FA 111 -45.92 -17.81 -51.57
CA LEU FA 111 -46.91 -18.73 -52.11
C LEU FA 111 -47.92 -18.00 -52.99
N GLN FA 112 -48.25 -16.75 -52.65
CA GLN FA 112 -49.22 -16.01 -53.45
C GLN FA 112 -48.71 -15.78 -54.86
N GLU FA 113 -47.42 -15.46 -55.01
CA GLU FA 113 -46.85 -15.28 -56.34
C GLU FA 113 -46.89 -16.57 -57.14
N GLN FA 114 -46.60 -17.70 -56.49
CA GLN FA 114 -46.67 -18.98 -57.18
C GLN FA 114 -48.09 -19.29 -57.62
N ILE FA 115 -49.08 -19.01 -56.77
CA ILE FA 115 -50.47 -19.24 -57.13
C ILE FA 115 -50.86 -18.36 -58.31
N GLY FA 116 -50.46 -17.09 -58.28
CA GLY FA 116 -50.76 -16.20 -59.39
C GLY FA 116 -50.11 -16.64 -60.69
N TRP FA 117 -48.90 -17.19 -60.60
CA TRP FA 117 -48.22 -17.67 -61.81
C TRP FA 117 -48.88 -18.95 -62.33
N MET FA 118 -49.40 -19.79 -61.44
CA MET FA 118 -50.11 -20.99 -61.88
C MET FA 118 -51.38 -20.64 -62.63
N THR FA 119 -52.10 -19.62 -62.16
CA THR FA 119 -53.36 -19.19 -62.77
C THR FA 119 -53.16 -18.12 -63.84
N HIS FA 120 -51.92 -17.78 -64.16
CA HIS FA 120 -51.64 -16.75 -65.15
C HIS FA 120 -52.13 -17.19 -66.53
N ASN FA 121 -52.44 -16.21 -67.37
CA ASN FA 121 -52.89 -16.44 -68.75
C ASN FA 121 -51.94 -15.71 -69.69
N PRO FA 122 -51.09 -16.42 -70.44
CA PRO FA 122 -50.95 -17.89 -70.52
C PRO FA 122 -50.29 -18.49 -69.28
N PRO FA 123 -50.55 -19.75 -68.98
CA PRO FA 123 -49.97 -20.36 -67.77
C PRO FA 123 -48.45 -20.38 -67.83
N ILE FA 124 -47.84 -20.18 -66.66
CA ILE FA 124 -46.38 -20.20 -66.54
C ILE FA 124 -45.97 -21.50 -65.86
N PRO FA 125 -45.42 -22.47 -66.60
CA PRO FA 125 -44.96 -23.71 -65.96
C PRO FA 125 -43.59 -23.56 -65.34
N VAL FA 126 -43.38 -22.46 -64.61
CA VAL FA 126 -42.06 -22.15 -64.06
C VAL FA 126 -41.60 -23.28 -63.15
N GLY FA 127 -42.48 -23.73 -62.25
CA GLY FA 127 -42.14 -24.86 -61.40
C GLY FA 127 -41.76 -26.09 -62.19
N GLU FA 128 -42.50 -26.36 -63.28
CA GLU FA 128 -42.14 -27.45 -64.16
C GLU FA 128 -40.69 -27.30 -64.62
N ILE FA 129 -40.33 -26.10 -65.08
CA ILE FA 129 -38.95 -25.84 -65.47
C ILE FA 129 -38.01 -26.17 -64.33
N TYR FA 130 -38.36 -25.70 -63.12
CA TYR FA 130 -37.55 -25.99 -61.94
C TYR FA 130 -37.34 -27.49 -61.81
N LYS FA 131 -38.40 -28.28 -61.99
CA LYS FA 131 -38.27 -29.73 -61.84
C LYS FA 131 -37.28 -30.28 -62.86
N ARG FA 132 -37.33 -29.80 -64.10
CA ARG FA 132 -36.39 -30.30 -65.09
C ARG FA 132 -34.97 -29.90 -64.72
N TRP FA 133 -34.80 -28.72 -64.10
CA TRP FA 133 -33.50 -28.35 -63.58
C TRP FA 133 -33.00 -29.42 -62.61
N ILE FA 134 -33.88 -29.82 -61.68
CA ILE FA 134 -33.52 -30.87 -60.74
C ILE FA 134 -33.11 -32.13 -61.49
N ILE FA 135 -33.82 -32.43 -62.58
CA ILE FA 135 -33.49 -33.61 -63.38
C ILE FA 135 -32.02 -33.55 -63.79
N LEU FA 136 -31.60 -32.41 -64.35
CA LEU FA 136 -30.21 -32.27 -64.75
C LEU FA 136 -29.29 -32.61 -63.58
N GLY FA 137 -29.57 -32.03 -62.41
CA GLY FA 137 -28.73 -32.30 -61.26
C GLY FA 137 -28.70 -33.78 -60.93
N LEU FA 138 -29.87 -34.41 -60.86
CA LEU FA 138 -29.87 -35.81 -60.46
C LEU FA 138 -29.14 -36.68 -61.47
N ASN FA 139 -29.03 -36.21 -62.71
CA ASN FA 139 -28.25 -36.93 -63.70
C ASN FA 139 -26.82 -37.14 -63.20
N LYS FA 140 -26.17 -36.05 -62.80
CA LYS FA 140 -24.80 -36.20 -62.28
C LYS FA 140 -24.80 -36.91 -60.94
N ILE FA 141 -25.93 -36.90 -60.22
CA ILE FA 141 -26.03 -37.70 -59.00
C ILE FA 141 -25.91 -39.17 -59.32
N VAL FA 142 -26.43 -39.58 -60.49
CA VAL FA 142 -26.23 -40.97 -60.92
C VAL FA 142 -24.75 -41.26 -61.10
N ARG FA 143 -23.98 -40.25 -61.53
CA ARG FA 143 -22.54 -40.42 -61.66
C ARG FA 143 -21.81 -40.42 -60.33
N MET FA 144 -22.51 -40.10 -59.23
CA MET FA 144 -21.84 -40.01 -57.92
C MET FA 144 -21.48 -41.38 -57.39
N TYR FA 145 -22.47 -42.24 -57.20
CA TYR FA 145 -22.29 -43.51 -56.53
C TYR FA 145 -22.02 -44.67 -57.49
N SER FA 146 -21.69 -44.39 -58.74
CA SER FA 146 -21.28 -45.45 -59.64
C SER FA 146 -19.90 -45.95 -59.23
N PRO FA 147 -19.76 -47.23 -58.86
CA PRO FA 147 -18.47 -47.71 -58.38
C PRO FA 147 -17.49 -48.10 -59.47
N THR FA 148 -17.96 -48.54 -60.64
CA THR FA 148 -17.08 -49.00 -61.69
C THR FA 148 -17.40 -48.34 -63.02
N SER FA 149 -16.73 -48.75 -64.08
CA SER FA 149 -16.95 -48.25 -65.43
C SER FA 149 -17.89 -49.19 -66.18
N ILE FA 150 -18.07 -48.93 -67.48
CA ILE FA 150 -18.95 -49.74 -68.30
C ILE FA 150 -18.21 -50.80 -69.11
N LEU FA 151 -16.91 -50.94 -68.90
CA LEU FA 151 -16.11 -51.92 -69.64
C LEU FA 151 -15.26 -52.82 -68.76
N ASP FA 152 -15.28 -52.67 -67.44
CA ASP FA 152 -14.49 -53.50 -66.55
C ASP FA 152 -15.29 -54.65 -65.95
N ILE FA 153 -16.53 -54.85 -66.38
CA ILE FA 153 -17.35 -55.94 -65.86
C ILE FA 153 -16.89 -57.25 -66.47
N ARG FA 154 -16.69 -58.25 -65.62
CA ARG FA 154 -16.26 -59.57 -66.06
C ARG FA 154 -17.10 -60.63 -65.36
N GLN FA 155 -17.43 -61.69 -66.09
CA GLN FA 155 -18.24 -62.78 -65.57
C GLN FA 155 -17.33 -63.87 -65.02
N GLY FA 156 -17.45 -64.16 -63.74
CA GLY FA 156 -16.68 -65.21 -63.11
C GLY FA 156 -17.13 -66.58 -63.57
N PRO FA 157 -16.21 -67.55 -63.57
CA PRO FA 157 -16.59 -68.92 -63.96
C PRO FA 157 -17.69 -69.51 -63.11
N LYS FA 158 -17.68 -69.22 -61.80
CA LYS FA 158 -18.72 -69.72 -60.90
C LYS FA 158 -19.94 -68.82 -60.85
N GLU FA 159 -19.87 -67.62 -61.45
CA GLU FA 159 -20.99 -66.70 -61.42
C GLU FA 159 -21.92 -66.95 -62.60
N PRO FA 160 -23.21 -67.15 -62.39
CA PRO FA 160 -24.12 -67.42 -63.52
C PRO FA 160 -24.18 -66.24 -64.49
N PHE FA 161 -24.46 -66.55 -65.76
CA PHE FA 161 -24.56 -65.52 -66.78
C PHE FA 161 -25.69 -64.55 -66.49
N ARG FA 162 -26.73 -64.99 -65.79
CA ARG FA 162 -27.85 -64.12 -65.47
C ARG FA 162 -27.40 -62.92 -64.65
N ASP FA 163 -26.61 -63.18 -63.60
CA ASP FA 163 -26.10 -62.08 -62.78
C ASP FA 163 -25.20 -61.15 -63.58
N TYR FA 164 -24.36 -61.73 -64.44
CA TYR FA 164 -23.46 -60.92 -65.25
C TYR FA 164 -24.23 -59.98 -66.17
N VAL FA 165 -25.21 -60.50 -66.91
CA VAL FA 165 -25.98 -59.66 -67.81
C VAL FA 165 -26.83 -58.66 -67.03
N ASP FA 166 -27.33 -59.05 -65.85
CA ASP FA 166 -28.10 -58.13 -65.03
C ASP FA 166 -27.24 -56.94 -64.61
N ARG FA 167 -26.02 -57.20 -64.12
CA ARG FA 167 -25.15 -56.10 -63.74
C ARG FA 167 -24.69 -55.28 -64.93
N PHE FA 168 -24.47 -55.92 -66.08
CA PHE FA 168 -24.10 -55.19 -67.29
C PHE FA 168 -25.20 -54.21 -67.68
N TYR FA 169 -26.46 -54.66 -67.64
CA TYR FA 169 -27.55 -53.76 -67.98
C TYR FA 169 -27.80 -52.71 -66.90
N LYS FA 170 -27.55 -53.05 -65.64
CA LYS FA 170 -27.62 -52.04 -64.58
C LYS FA 170 -26.63 -50.91 -64.85
N THR FA 171 -25.38 -51.27 -65.16
CA THR FA 171 -24.36 -50.25 -65.44
C THR FA 171 -24.67 -49.50 -66.74
N LEU FA 172 -25.26 -50.18 -67.73
CA LEU FA 172 -25.62 -49.50 -68.97
C LEU FA 172 -26.73 -48.48 -68.74
N ARG FA 173 -27.78 -48.87 -68.02
CA ARG FA 173 -28.87 -47.95 -67.73
C ARG FA 173 -28.42 -46.81 -66.85
N ALA FA 174 -27.59 -47.10 -65.85
CA ALA FA 174 -27.10 -46.05 -64.96
C ALA FA 174 -26.24 -45.04 -65.71
N GLU FA 175 -25.38 -45.54 -66.61
CA GLU FA 175 -24.46 -44.66 -67.33
C GLU FA 175 -25.23 -43.68 -68.21
N GLN FA 176 -24.81 -42.42 -68.19
CA GLN FA 176 -25.40 -41.37 -69.00
C GLN FA 176 -24.51 -41.13 -70.22
N ALA FA 177 -25.06 -41.36 -71.41
CA ALA FA 177 -24.34 -41.19 -72.65
C ALA FA 177 -25.36 -41.08 -73.79
N SER FA 178 -24.88 -41.09 -75.02
CA SER FA 178 -25.74 -41.00 -76.19
C SER FA 178 -26.31 -42.37 -76.53
N GLN FA 179 -27.27 -42.38 -77.47
CA GLN FA 179 -27.90 -43.63 -77.87
C GLN FA 179 -26.97 -44.47 -78.74
N GLU FA 180 -26.21 -43.81 -79.61
CA GLU FA 180 -25.36 -44.54 -80.55
C GLU FA 180 -24.28 -45.34 -79.84
N VAL FA 181 -23.65 -44.76 -78.82
CA VAL FA 181 -22.59 -45.48 -78.11
C VAL FA 181 -23.17 -46.66 -77.34
N LYS FA 182 -24.37 -46.50 -76.77
CA LYS FA 182 -25.02 -47.63 -76.10
C LYS FA 182 -25.36 -48.74 -77.09
N ASN FA 183 -25.85 -48.36 -78.28
CA ASN FA 183 -26.15 -49.37 -79.30
C ASN FA 183 -24.89 -50.10 -79.74
N TRP FA 184 -23.78 -49.37 -79.85
CA TRP FA 184 -22.51 -50.00 -80.22
C TRP FA 184 -22.03 -50.95 -79.14
N MET FA 185 -22.12 -50.54 -77.86
CA MET FA 185 -21.56 -51.33 -76.78
C MET FA 185 -22.47 -52.47 -76.33
N THR FA 186 -23.74 -52.45 -76.71
CA THR FA 186 -24.65 -53.53 -76.33
C THR FA 186 -24.43 -54.81 -77.14
N GLU FA 187 -23.50 -54.80 -78.10
CA GLU FA 187 -23.19 -55.97 -78.90
C GLU FA 187 -21.73 -56.36 -78.86
N THR FA 188 -20.88 -55.64 -78.12
CA THR FA 188 -19.45 -55.89 -78.08
C THR FA 188 -18.95 -56.28 -76.70
N LEU FA 189 -19.30 -55.51 -75.66
CA LEU FA 189 -18.75 -55.76 -74.33
C LEU FA 189 -19.29 -57.06 -73.74
N LEU FA 190 -20.59 -57.31 -73.90
CA LEU FA 190 -21.22 -58.45 -73.23
C LEU FA 190 -20.66 -59.78 -73.75
N VAL FA 191 -20.45 -59.88 -75.07
CA VAL FA 191 -19.86 -61.10 -75.62
C VAL FA 191 -18.38 -61.19 -75.25
N GLN FA 192 -17.68 -60.06 -75.26
CA GLN FA 192 -16.25 -60.08 -74.98
C GLN FA 192 -15.94 -60.47 -73.54
N ASN FA 193 -16.84 -60.14 -72.61
CA ASN FA 193 -16.60 -60.37 -71.19
C ASN FA 193 -17.47 -61.49 -70.63
N ALA FA 194 -17.64 -62.57 -71.41
CA ALA FA 194 -18.42 -63.73 -70.99
C ALA FA 194 -17.51 -64.94 -70.84
N ASN FA 195 -18.03 -65.97 -70.17
CA ASN FA 195 -17.28 -67.19 -69.97
C ASN FA 195 -17.03 -67.88 -71.31
N PRO FA 196 -15.88 -68.53 -71.49
CA PRO FA 196 -15.45 -68.94 -72.83
C PRO FA 196 -16.43 -69.85 -73.57
N ASP FA 197 -17.09 -70.77 -72.87
CA ASP FA 197 -17.98 -71.73 -73.53
C ASP FA 197 -19.13 -71.04 -74.26
N CYS FA 198 -19.98 -70.35 -73.52
CA CYS FA 198 -21.11 -69.66 -74.14
C CYS FA 198 -20.68 -68.42 -74.90
N LYS FA 199 -19.48 -67.89 -74.62
CA LYS FA 199 -18.93 -66.83 -75.46
C LYS FA 199 -18.65 -67.33 -76.87
N THR FA 200 -18.00 -68.50 -76.99
CA THR FA 200 -17.77 -69.07 -78.31
C THR FA 200 -19.07 -69.54 -78.94
N ILE FA 201 -20.04 -69.96 -78.12
CA ILE FA 201 -21.37 -70.27 -78.66
C ILE FA 201 -21.98 -69.02 -79.31
N LEU FA 202 -21.89 -67.87 -78.63
CA LEU FA 202 -22.42 -66.63 -79.20
C LEU FA 202 -21.64 -66.22 -80.44
N LYS FA 203 -20.32 -66.41 -80.44
CA LYS FA 203 -19.52 -66.08 -81.62
C LYS FA 203 -19.92 -66.94 -82.81
N ALA FA 204 -20.19 -68.23 -82.57
CA ALA FA 204 -20.71 -69.09 -83.64
C ALA FA 204 -22.11 -68.67 -84.06
N LEU FA 205 -22.88 -68.08 -83.14
CA LEU FA 205 -24.22 -67.59 -83.49
C LEU FA 205 -24.14 -66.48 -84.53
N GLY FA 206 -23.15 -65.59 -84.42
CA GLY FA 206 -22.96 -64.53 -85.39
C GLY FA 206 -23.73 -63.27 -85.07
N PRO FA 207 -23.84 -62.38 -86.04
CA PRO FA 207 -24.52 -61.09 -85.81
C PRO FA 207 -26.02 -61.27 -85.61
N GLY FA 208 -26.67 -60.16 -85.27
CA GLY FA 208 -28.10 -60.19 -85.02
C GLY FA 208 -28.50 -60.84 -83.73
N ALA FA 209 -27.60 -60.92 -82.76
CA ALA FA 209 -27.87 -61.59 -81.50
C ALA FA 209 -28.75 -60.72 -80.61
N THR FA 210 -29.80 -61.31 -80.05
CA THR FA 210 -30.65 -60.68 -79.06
C THR FA 210 -30.41 -61.31 -77.71
N LEU FA 211 -30.60 -60.53 -76.64
CA LEU FA 211 -30.25 -60.99 -75.30
C LEU FA 211 -31.03 -62.23 -74.90
N GLU FA 212 -32.27 -62.37 -75.37
CA GLU FA 212 -33.08 -63.53 -75.03
C GLU FA 212 -32.42 -64.82 -75.52
N GLU FA 213 -32.18 -64.91 -76.83
CA GLU FA 213 -31.46 -66.06 -77.37
C GLU FA 213 -30.04 -66.13 -76.83
N MET FA 214 -29.45 -64.97 -76.52
CA MET FA 214 -28.08 -64.92 -76.02
C MET FA 214 -27.95 -65.72 -74.73
N MET FA 215 -28.80 -65.44 -73.75
CA MET FA 215 -28.69 -66.10 -72.46
C MET FA 215 -29.65 -67.28 -72.32
N THR FA 216 -30.38 -67.65 -73.37
CA THR FA 216 -30.94 -68.99 -73.38
C THR FA 216 -29.98 -70.00 -74.02
N ALA FA 217 -29.10 -69.53 -74.90
CA ALA FA 217 -28.04 -70.40 -75.40
C ALA FA 217 -26.94 -70.60 -74.38
N CYS FA 218 -26.75 -69.64 -73.47
CA CYS FA 218 -25.73 -69.73 -72.44
C CYS FA 218 -26.15 -70.60 -71.27
N GLN FA 219 -27.38 -71.10 -71.26
CA GLN FA 219 -27.82 -71.99 -70.18
C GLN FA 219 -26.97 -73.26 -70.16
N GLY FA 220 -26.59 -73.68 -68.95
CA GLY FA 220 -25.76 -74.86 -68.78
C GLY FA 220 -24.30 -74.53 -68.49
N PRO GA 1 -58.48 -29.52 -39.24
CA PRO GA 1 -58.46 -28.11 -38.81
C PRO GA 1 -58.88 -27.16 -39.92
N ILE GA 2 -58.06 -26.15 -40.19
CA ILE GA 2 -58.31 -25.23 -41.29
C ILE GA 2 -57.89 -25.91 -42.59
N VAL GA 3 -58.86 -26.50 -43.29
CA VAL GA 3 -58.60 -27.23 -44.52
C VAL GA 3 -59.67 -26.86 -45.54
N GLN GA 4 -59.23 -26.61 -46.78
CA GLN GA 4 -60.17 -26.25 -47.84
C GLN GA 4 -61.06 -27.44 -48.20
N ASN GA 5 -62.26 -27.13 -48.66
CA ASN GA 5 -63.21 -28.13 -49.13
C ASN GA 5 -63.33 -28.06 -50.64
N LEU GA 6 -63.86 -29.13 -51.22
CA LEU GA 6 -64.02 -29.19 -52.67
C LEU GA 6 -65.02 -28.14 -53.13
N GLN GA 7 -64.53 -27.21 -53.94
CA GLN GA 7 -65.31 -26.07 -54.46
C GLN GA 7 -66.26 -25.50 -53.41
N GLY GA 8 -65.72 -25.26 -52.23
CA GLY GA 8 -66.50 -24.74 -51.12
C GLY GA 8 -65.63 -24.01 -50.12
N GLN GA 9 -66.29 -23.30 -49.22
CA GLN GA 9 -65.58 -22.52 -48.21
C GLN GA 9 -64.92 -23.45 -47.19
N MET GA 10 -63.82 -22.98 -46.62
CA MET GA 10 -63.08 -23.76 -45.63
C MET GA 10 -63.92 -23.95 -44.36
N VAL GA 11 -63.84 -25.15 -43.79
CA VAL GA 11 -64.57 -25.49 -42.58
C VAL GA 11 -63.61 -26.12 -41.58
N HIS GA 12 -63.95 -26.02 -40.30
CA HIS GA 12 -63.14 -26.59 -39.24
C HIS GA 12 -63.21 -28.10 -39.26
N GLN GA 13 -62.09 -28.74 -38.89
CA GLN GA 13 -62.00 -30.19 -38.84
C GLN GA 13 -61.04 -30.57 -37.72
N ALA GA 14 -60.60 -31.82 -37.71
CA ALA GA 14 -59.68 -32.34 -36.70
C ALA GA 14 -58.51 -33.03 -37.38
N ILE GA 15 -57.36 -33.00 -36.70
CA ILE GA 15 -56.17 -33.64 -37.24
C ILE GA 15 -56.32 -35.16 -37.17
N SER GA 16 -55.99 -35.82 -38.27
CA SER GA 16 -56.10 -37.28 -38.31
C SER GA 16 -55.07 -37.91 -37.38
N PRO GA 17 -55.40 -39.03 -36.73
CA PRO GA 17 -54.44 -39.67 -35.82
C PRO GA 17 -53.17 -40.12 -36.51
N ARG GA 18 -53.25 -40.50 -37.80
CA ARG GA 18 -52.06 -40.98 -38.50
C ARG GA 18 -51.01 -39.88 -38.62
N THR GA 19 -51.45 -38.63 -38.83
CA THR GA 19 -50.51 -37.53 -38.98
C THR GA 19 -49.74 -37.30 -37.69
N LEU GA 20 -50.44 -37.22 -36.56
CA LEU GA 20 -49.76 -37.00 -35.28
C LEU GA 20 -48.91 -38.20 -34.90
N ASN GA 21 -49.37 -39.42 -35.20
CA ASN GA 21 -48.55 -40.60 -34.91
C ASN GA 21 -47.25 -40.58 -35.72
N ALA GA 22 -47.35 -40.25 -37.01
CA ALA GA 22 -46.14 -40.15 -37.82
C ALA GA 22 -45.22 -39.05 -37.32
N TRP GA 23 -45.79 -37.91 -36.94
CA TRP GA 23 -44.97 -36.81 -36.43
C TRP GA 23 -44.22 -37.21 -35.17
N VAL GA 24 -44.91 -37.81 -34.21
CA VAL GA 24 -44.26 -38.17 -32.96
C VAL GA 24 -43.23 -39.27 -33.18
N LYS GA 25 -43.52 -40.23 -34.06
CA LYS GA 25 -42.57 -41.31 -34.30
C LYS GA 25 -41.31 -40.79 -34.98
N VAL GA 26 -41.46 -39.89 -35.97
CA VAL GA 26 -40.27 -39.37 -36.64
C VAL GA 26 -39.49 -38.44 -35.72
N VAL GA 27 -40.18 -37.75 -34.81
CA VAL GA 27 -39.48 -36.93 -33.83
C VAL GA 27 -38.66 -37.81 -32.89
N GLU GA 28 -39.24 -38.90 -32.42
CA GLU GA 28 -38.56 -39.73 -31.44
C GLU GA 28 -37.55 -40.69 -32.06
N GLU GA 29 -37.58 -40.91 -33.37
CA GLU GA 29 -36.74 -41.95 -33.96
C GLU GA 29 -35.57 -41.41 -34.78
N LYS GA 30 -35.74 -40.29 -35.50
CA LYS GA 30 -34.70 -39.88 -36.44
C LYS GA 30 -33.57 -39.14 -35.76
N ALA GA 31 -33.85 -37.94 -35.24
CA ALA GA 31 -32.87 -37.07 -34.59
C ALA GA 31 -33.58 -35.76 -34.25
N PHE GA 32 -32.87 -34.89 -33.54
CA PHE GA 32 -33.27 -33.49 -33.45
C PHE GA 32 -32.51 -32.64 -34.48
N SER GA 33 -32.50 -33.13 -35.74
CA SER GA 33 -31.81 -32.67 -36.94
C SER GA 33 -32.55 -31.49 -37.58
N PRO GA 34 -31.85 -30.63 -38.32
CA PRO GA 34 -32.53 -29.47 -38.93
C PRO GA 34 -33.63 -29.85 -39.90
N GLU GA 35 -33.55 -31.03 -40.54
CA GLU GA 35 -34.54 -31.39 -41.55
C GLU GA 35 -35.93 -31.58 -40.94
N VAL GA 36 -36.03 -31.69 -39.61
CA VAL GA 36 -37.36 -31.80 -38.99
C VAL GA 36 -38.05 -30.45 -38.99
N ILE GA 37 -37.30 -29.36 -39.12
CA ILE GA 37 -37.89 -28.03 -39.13
C ILE GA 37 -38.81 -27.86 -40.35
N PRO GA 38 -38.37 -28.17 -41.57
CA PRO GA 38 -39.33 -28.16 -42.69
C PRO GA 38 -40.46 -29.16 -42.52
N MET GA 39 -40.16 -30.34 -41.97
CA MET GA 39 -41.19 -31.36 -41.80
C MET GA 39 -42.35 -30.84 -40.97
N PHE GA 40 -42.05 -30.14 -39.89
CA PHE GA 40 -43.09 -29.51 -39.09
C PHE GA 40 -43.93 -28.56 -39.93
N SER GA 41 -43.27 -27.73 -40.75
CA SER GA 41 -44.02 -26.81 -41.59
C SER GA 41 -44.85 -27.54 -42.64
N ALA GA 42 -44.53 -28.80 -42.93
CA ALA GA 42 -45.35 -29.59 -43.83
C ALA GA 42 -46.62 -30.06 -43.12
N LEU GA 43 -46.54 -30.29 -41.82
CA LEU GA 43 -47.67 -30.79 -41.05
C LEU GA 43 -48.40 -29.71 -40.26
N SER GA 44 -47.99 -28.45 -40.40
CA SER GA 44 -48.61 -27.34 -39.68
C SER GA 44 -49.29 -26.35 -40.61
N GLU GA 45 -49.81 -26.83 -41.74
CA GLU GA 45 -50.49 -25.97 -42.70
C GLU GA 45 -51.98 -25.89 -42.32
N GLY GA 46 -52.46 -24.68 -42.07
CA GLY GA 46 -53.84 -24.50 -41.65
C GLY GA 46 -54.15 -25.14 -40.32
N ALA GA 47 -53.30 -24.93 -39.32
CA ALA GA 47 -53.48 -25.51 -38.00
C ALA GA 47 -53.72 -24.42 -36.97
N THR GA 48 -54.76 -24.60 -36.16
CA THR GA 48 -55.08 -23.65 -35.10
C THR GA 48 -54.04 -23.76 -33.99
N PRO GA 49 -53.90 -22.70 -33.16
CA PRO GA 49 -52.95 -22.78 -32.04
C PRO GA 49 -53.22 -23.93 -31.09
N GLN GA 50 -54.47 -24.33 -30.90
CA GLN GA 50 -54.76 -25.50 -30.08
C GLN GA 50 -54.15 -26.76 -30.70
N ASP GA 51 -54.31 -26.91 -32.01
CA ASP GA 51 -53.72 -28.07 -32.69
C ASP GA 51 -52.20 -28.04 -32.61
N LEU GA 52 -51.60 -26.85 -32.76
CA LEU GA 52 -50.15 -26.74 -32.64
C LEU GA 52 -49.69 -27.12 -31.24
N ASN GA 53 -50.40 -26.66 -30.22
CA ASN GA 53 -50.03 -27.00 -28.84
C ASN GA 53 -50.16 -28.49 -28.59
N THR GA 54 -51.23 -29.11 -29.09
CA THR GA 54 -51.41 -30.55 -28.90
C THR GA 54 -50.31 -31.33 -29.62
N MET GA 55 -50.00 -30.93 -30.85
CA MET GA 55 -48.93 -31.59 -31.60
C MET GA 55 -47.58 -31.41 -30.92
N LEU GA 56 -47.36 -30.26 -30.28
CA LEU GA 56 -46.14 -30.04 -29.52
C LEU GA 56 -46.09 -30.93 -28.29
N ASN GA 57 -47.21 -31.06 -27.58
CA ASN GA 57 -47.26 -31.78 -26.32
C ASN GA 57 -47.34 -33.29 -26.49
N THR GA 58 -47.68 -33.80 -27.67
CA THR GA 58 -47.78 -35.24 -27.86
C THR GA 58 -46.43 -35.95 -27.82
N VAL GA 59 -45.32 -35.20 -27.87
CA VAL GA 59 -44.01 -35.83 -27.85
C VAL GA 59 -43.72 -36.41 -26.47
N GLY GA 60 -43.01 -37.52 -26.44
CA GLY GA 60 -42.62 -38.19 -25.21
C GLY GA 60 -41.12 -38.07 -24.99
N GLY GA 61 -40.76 -37.68 -23.77
CA GLY GA 61 -39.36 -37.49 -23.43
C GLY GA 61 -38.83 -36.17 -23.93
N HIS GA 62 -37.54 -35.94 -23.64
CA HIS GA 62 -36.84 -34.71 -24.03
C HIS GA 62 -37.57 -33.47 -23.50
N GLN GA 63 -38.00 -33.54 -22.23
CA GLN GA 63 -38.79 -32.46 -21.65
C GLN GA 63 -37.98 -31.19 -21.44
N ALA GA 64 -36.65 -31.28 -21.41
CA ALA GA 64 -35.83 -30.08 -21.29
C ALA GA 64 -36.02 -29.16 -22.50
N ALA GA 65 -36.04 -29.75 -23.70
CA ALA GA 65 -36.30 -28.96 -24.90
C ALA GA 65 -37.69 -28.35 -24.86
N MET GA 66 -38.67 -29.10 -24.36
CA MET GA 66 -40.03 -28.57 -24.24
C MET GA 66 -40.07 -27.38 -23.29
N GLN GA 67 -39.38 -27.47 -22.15
CA GLN GA 67 -39.34 -26.35 -21.23
C GLN GA 67 -38.64 -25.15 -21.85
N MET GA 68 -37.55 -25.39 -22.57
CA MET GA 68 -36.83 -24.30 -23.23
C MET GA 68 -37.71 -23.59 -24.25
N LEU GA 69 -38.44 -24.36 -25.08
CA LEU GA 69 -39.29 -23.73 -26.07
C LEU GA 69 -40.49 -23.05 -25.44
N LYS GA 70 -41.02 -23.58 -24.33
CA LYS GA 70 -42.09 -22.88 -23.63
C LYS GA 70 -41.60 -21.56 -23.07
N GLU GA 71 -40.39 -21.54 -22.52
CA GLU GA 71 -39.83 -20.29 -21.99
C GLU GA 71 -39.60 -19.28 -23.10
N THR GA 72 -39.09 -19.73 -24.26
CA THR GA 72 -38.92 -18.82 -25.38
C THR GA 72 -40.26 -18.30 -25.89
N ILE GA 73 -41.29 -19.16 -25.90
CA ILE GA 73 -42.62 -18.71 -26.28
C ILE GA 73 -43.13 -17.66 -25.30
N ASN GA 74 -42.90 -17.87 -24.00
CA ASN GA 74 -43.35 -16.89 -23.01
C ASN GA 74 -42.65 -15.56 -23.18
N GLU GA 75 -41.33 -15.58 -23.41
CA GLU GA 75 -40.60 -14.32 -23.57
C GLU GA 75 -40.99 -13.62 -24.87
N GLU GA 76 -41.24 -14.39 -25.94
CA GLU GA 76 -41.72 -13.80 -27.19
C GLU GA 76 -43.10 -13.20 -27.01
N ALA GA 77 -43.95 -13.84 -26.22
CA ALA GA 77 -45.28 -13.29 -25.94
C ALA GA 77 -45.16 -11.99 -25.15
N ALA GA 78 -44.25 -11.94 -24.18
CA ALA GA 78 -44.02 -10.71 -23.44
C ALA GA 78 -43.51 -9.60 -24.36
N GLU GA 79 -42.59 -9.94 -25.27
CA GLU GA 79 -42.10 -8.95 -26.23
C GLU GA 79 -43.22 -8.45 -27.14
N TRP GA 80 -44.08 -9.36 -27.60
CA TRP GA 80 -45.22 -8.96 -28.42
C TRP GA 80 -46.17 -8.05 -27.65
N ASP GA 81 -46.41 -8.36 -26.39
CA ASP GA 81 -47.31 -7.54 -25.57
C ASP GA 81 -46.73 -6.15 -25.35
N ARG GA 82 -45.42 -6.06 -25.09
CA ARG GA 82 -44.83 -4.74 -24.82
C ARG GA 82 -44.66 -3.93 -26.11
N LEU GA 83 -44.45 -4.62 -27.24
CA LEU GA 83 -44.25 -3.91 -28.50
C LEU GA 83 -45.57 -3.47 -29.12
N HIS GA 84 -46.47 -4.42 -29.35
CA HIS GA 84 -47.78 -4.09 -29.89
C HIS GA 84 -48.56 -3.26 -28.86
N PRO GA 85 -49.34 -2.28 -29.32
CA PRO GA 85 -50.09 -1.44 -28.36
C PRO GA 85 -51.05 -2.28 -27.53
N VAL GA 86 -51.15 -1.91 -26.25
CA VAL GA 86 -52.02 -2.61 -25.30
C VAL GA 86 -53.39 -1.96 -25.40
N HIS GA 87 -54.33 -2.65 -26.03
CA HIS GA 87 -55.68 -2.11 -26.20
C HIS GA 87 -56.40 -2.05 -24.86
N ALA GA 88 -57.02 -0.91 -24.58
CA ALA GA 88 -57.79 -0.70 -23.37
C ALA GA 88 -59.22 -0.31 -23.73
N GLY GA 89 -60.18 -0.99 -23.13
CA GLY GA 89 -61.57 -0.75 -23.41
C GLY GA 89 -62.11 -1.64 -24.52
N PRO GA 90 -63.37 -2.01 -24.42
CA PRO GA 90 -63.97 -2.88 -25.44
C PRO GA 90 -64.12 -2.17 -26.78
N ILE GA 91 -64.16 -2.97 -27.84
CA ILE GA 91 -64.36 -2.47 -29.19
C ILE GA 91 -65.82 -2.65 -29.57
N ALA GA 92 -66.22 -2.03 -30.67
CA ALA GA 92 -67.59 -2.12 -31.14
C ALA GA 92 -67.94 -3.57 -31.46
N PRO GA 93 -69.21 -3.96 -31.28
CA PRO GA 93 -69.59 -5.36 -31.52
C PRO GA 93 -69.34 -5.76 -32.97
N GLY GA 94 -68.95 -7.02 -33.15
CA GLY GA 94 -68.54 -7.54 -34.43
C GLY GA 94 -67.05 -7.66 -34.62
N GLN GA 95 -66.26 -7.05 -33.74
CA GLN GA 95 -64.80 -7.11 -33.80
C GLN GA 95 -64.26 -7.39 -32.41
N MET GA 96 -63.06 -7.98 -32.36
CA MET GA 96 -62.40 -8.30 -31.11
C MET GA 96 -60.97 -7.78 -31.16
N ARG GA 97 -60.44 -7.41 -29.99
CA ARG GA 97 -59.09 -6.87 -29.93
C ARG GA 97 -58.07 -7.97 -30.23
N GLU GA 98 -56.82 -7.55 -30.43
CA GLU GA 98 -55.77 -8.48 -30.79
C GLU GA 98 -55.53 -9.48 -29.67
N PRO GA 99 -55.24 -10.74 -29.99
CA PRO GA 99 -55.05 -11.74 -28.93
C PRO GA 99 -53.87 -11.41 -28.04
N ARG GA 100 -54.01 -11.71 -26.75
CA ARG GA 100 -52.97 -11.42 -25.78
C ARG GA 100 -51.79 -12.38 -25.97
N GLY GA 101 -50.76 -12.18 -25.15
CA GLY GA 101 -49.60 -13.05 -25.18
C GLY GA 101 -49.89 -14.46 -24.72
N SER GA 102 -50.92 -14.65 -23.89
CA SER GA 102 -51.32 -15.98 -23.48
C SER GA 102 -52.31 -16.61 -24.45
N ASP GA 103 -52.82 -15.83 -25.41
CA ASP GA 103 -53.79 -16.36 -26.37
C ASP GA 103 -53.12 -16.98 -27.59
N ILE GA 104 -51.91 -16.53 -27.94
CA ILE GA 104 -51.20 -17.12 -29.09
C ILE GA 104 -50.85 -18.57 -28.80
N ALA GA 105 -50.40 -18.86 -27.57
CA ALA GA 105 -50.10 -20.24 -27.20
C ALA GA 105 -51.35 -21.07 -26.96
N GLY GA 106 -52.51 -20.43 -26.82
CA GLY GA 106 -53.74 -21.14 -26.57
C GLY GA 106 -53.95 -21.58 -25.14
N THR GA 107 -53.11 -21.13 -24.21
CA THR GA 107 -53.26 -21.53 -22.81
C THR GA 107 -54.53 -20.98 -22.19
N THR GA 108 -54.90 -19.73 -22.50
CA THR GA 108 -56.08 -19.12 -21.93
C THR GA 108 -57.19 -18.85 -22.95
N SER GA 109 -56.90 -18.91 -24.24
CA SER GA 109 -57.89 -18.66 -25.28
C SER GA 109 -58.46 -19.98 -25.77
N THR GA 110 -59.78 -20.07 -25.84
CA THR GA 110 -60.45 -21.27 -26.32
C THR GA 110 -60.40 -21.33 -27.84
N LEU GA 111 -60.81 -22.48 -28.38
CA LEU GA 111 -60.80 -22.67 -29.83
C LEU GA 111 -61.76 -21.73 -30.53
N GLN GA 112 -62.90 -21.42 -29.89
CA GLN GA 112 -63.87 -20.53 -30.50
C GLN GA 112 -63.30 -19.13 -30.72
N GLU GA 113 -62.54 -18.63 -29.76
CA GLU GA 113 -61.92 -17.32 -29.91
C GLU GA 113 -60.92 -17.33 -31.06
N GLN GA 114 -60.14 -18.40 -31.19
CA GLN GA 114 -59.19 -18.51 -32.28
C GLN GA 114 -59.90 -18.54 -33.63
N ILE GA 115 -61.00 -19.29 -33.71
CA ILE GA 115 -61.77 -19.35 -34.96
C ILE GA 115 -62.34 -17.97 -35.30
N GLY GA 116 -62.87 -17.27 -34.29
CA GLY GA 116 -63.39 -15.94 -34.54
C GLY GA 116 -62.33 -14.97 -35.00
N TRP GA 117 -61.13 -15.05 -34.41
CA TRP GA 117 -60.02 -14.21 -34.84
C TRP GA 117 -59.61 -14.55 -36.28
N MET GA 118 -59.57 -15.83 -36.61
CA MET GA 118 -59.18 -16.24 -37.97
C MET GA 118 -60.19 -15.75 -39.00
N THR GA 119 -61.49 -15.88 -38.69
CA THR GA 119 -62.52 -15.47 -39.64
C THR GA 119 -62.75 -13.96 -39.63
N HIS GA 120 -62.18 -13.23 -38.68
CA HIS GA 120 -62.33 -11.79 -38.62
C HIS GA 120 -61.66 -11.13 -39.82
N ASN GA 121 -62.21 -9.99 -40.24
CA ASN GA 121 -61.63 -9.20 -41.33
C ASN GA 121 -61.09 -7.90 -40.77
N PRO GA 122 -59.78 -7.62 -40.88
CA PRO GA 122 -58.73 -8.41 -41.54
C PRO GA 122 -58.38 -9.68 -40.77
N PRO GA 123 -57.85 -10.70 -41.47
CA PRO GA 123 -57.52 -11.95 -40.80
C PRO GA 123 -56.39 -11.77 -39.81
N ILE GA 124 -56.38 -12.63 -38.78
CA ILE GA 124 -55.36 -12.58 -37.74
C ILE GA 124 -54.47 -13.81 -37.89
N PRO GA 125 -53.26 -13.68 -38.45
CA PRO GA 125 -52.33 -14.81 -38.60
C PRO GA 125 -51.53 -15.09 -37.33
N VAL GA 126 -52.23 -15.19 -36.19
CA VAL GA 126 -51.57 -15.49 -34.93
C VAL GA 126 -50.98 -16.89 -34.96
N GLY GA 127 -51.61 -17.82 -35.70
CA GLY GA 127 -51.04 -19.14 -35.86
C GLY GA 127 -49.69 -19.10 -36.57
N GLU GA 128 -49.56 -18.21 -37.56
CA GLU GA 128 -48.27 -18.05 -38.23
C GLU GA 128 -47.20 -17.54 -37.28
N ILE GA 129 -47.57 -16.60 -36.40
CA ILE GA 129 -46.61 -16.09 -35.41
C ILE GA 129 -46.19 -17.20 -34.47
N TYR GA 130 -47.14 -18.02 -34.01
CA TYR GA 130 -46.80 -19.13 -33.14
C TYR GA 130 -45.90 -20.13 -33.86
N LYS GA 131 -46.18 -20.40 -35.14
CA LYS GA 131 -45.37 -21.34 -35.90
C LYS GA 131 -43.95 -20.82 -36.08
N ARG GA 132 -43.78 -19.52 -36.36
CA ARG GA 132 -42.43 -19.00 -36.52
C ARG GA 132 -41.69 -18.94 -35.18
N TRP GA 133 -42.42 -18.73 -34.07
CA TRP GA 133 -41.80 -18.85 -32.76
C TRP GA 133 -41.31 -20.29 -32.52
N ILE GA 134 -42.12 -21.28 -32.91
CA ILE GA 134 -41.71 -22.67 -32.81
C ILE GA 134 -40.50 -22.93 -33.69
N ILE GA 135 -40.46 -22.30 -34.87
CA ILE GA 135 -39.31 -22.46 -35.77
C ILE GA 135 -38.05 -21.92 -35.13
N LEU GA 136 -38.15 -20.75 -34.49
CA LEU GA 136 -36.99 -20.18 -33.80
C LEU GA 136 -36.54 -21.09 -32.66
N GLY GA 137 -37.50 -21.63 -31.89
CA GLY GA 137 -37.14 -22.56 -30.83
C GLY GA 137 -36.48 -23.81 -31.35
N LEU GA 138 -36.97 -24.35 -32.47
CA LEU GA 138 -36.35 -25.52 -33.08
C LEU GA 138 -34.94 -25.20 -33.57
N ASN GA 139 -34.74 -24.02 -34.14
CA ASN GA 139 -33.40 -23.63 -34.59
C ASN GA 139 -32.44 -23.54 -33.41
N LYS GA 140 -32.88 -22.93 -32.31
CA LYS GA 140 -31.99 -22.82 -31.16
C LYS GA 140 -31.74 -24.16 -30.50
N ILE GA 141 -32.73 -25.06 -30.46
CA ILE GA 141 -32.47 -26.37 -29.87
C ILE GA 141 -31.58 -27.22 -30.79
N VAL GA 142 -31.67 -27.03 -32.11
CA VAL GA 142 -30.75 -27.71 -33.01
C VAL GA 142 -29.34 -27.19 -32.82
N ARG GA 143 -29.18 -25.88 -32.65
CA ARG GA 143 -27.86 -25.33 -32.37
C ARG GA 143 -27.32 -25.84 -31.04
N MET GA 144 -28.20 -25.99 -30.04
CA MET GA 144 -27.80 -26.54 -28.76
C MET GA 144 -27.33 -27.98 -28.90
N TYR GA 145 -28.04 -28.77 -29.71
CA TYR GA 145 -27.79 -30.20 -29.83
C TYR GA 145 -26.66 -30.54 -30.79
N SER GA 146 -26.05 -29.56 -31.43
CA SER GA 146 -24.90 -29.85 -32.30
C SER GA 146 -23.70 -30.22 -31.44
N PRO GA 147 -23.11 -31.41 -31.62
CA PRO GA 147 -22.03 -31.85 -30.73
C PRO GA 147 -20.68 -31.20 -31.01
N THR GA 148 -20.53 -30.46 -32.11
CA THR GA 148 -19.25 -29.89 -32.45
C THR GA 148 -19.47 -28.62 -33.26
N SER GA 149 -18.44 -27.79 -33.32
CA SER GA 149 -18.46 -26.55 -34.08
C SER GA 149 -17.93 -26.78 -35.50
N ILE GA 150 -18.10 -25.77 -36.34
CA ILE GA 150 -17.69 -25.86 -37.74
C ILE GA 150 -16.19 -25.64 -37.92
N LEU GA 151 -15.49 -25.17 -36.89
CA LEU GA 151 -14.08 -24.80 -37.01
C LEU GA 151 -13.14 -25.95 -36.72
N ASP GA 152 -13.57 -26.97 -35.97
CA ASP GA 152 -12.70 -28.02 -35.48
C ASP GA 152 -13.06 -29.37 -36.07
N ILE GA 153 -13.32 -29.41 -37.37
CA ILE GA 153 -13.61 -30.64 -38.10
C ILE GA 153 -12.36 -31.02 -38.88
N ARG GA 154 -11.75 -32.16 -38.53
CA ARG GA 154 -10.52 -32.64 -39.15
C ARG GA 154 -10.79 -33.94 -39.89
N GLN GA 155 -10.35 -34.00 -41.14
CA GLN GA 155 -10.50 -35.21 -41.93
C GLN GA 155 -9.53 -36.29 -41.45
N GLY GA 156 -10.02 -37.53 -41.39
CA GLY GA 156 -9.20 -38.65 -40.99
C GLY GA 156 -8.11 -38.96 -42.00
N PRO GA 157 -6.98 -39.49 -41.52
CA PRO GA 157 -5.89 -39.83 -42.45
C PRO GA 157 -6.27 -40.84 -43.52
N LYS GA 158 -7.13 -41.81 -43.19
CA LYS GA 158 -7.58 -42.80 -44.16
C LYS GA 158 -9.06 -42.66 -44.51
N GLU GA 159 -9.80 -41.82 -43.80
CA GLU GA 159 -11.21 -41.63 -44.11
C GLU GA 159 -11.36 -40.91 -45.44
N PRO GA 160 -12.20 -41.41 -46.35
CA PRO GA 160 -12.44 -40.70 -47.62
C PRO GA 160 -13.09 -39.35 -47.37
N PHE GA 161 -12.80 -38.39 -48.25
CA PHE GA 161 -13.33 -37.04 -48.10
C PHE GA 161 -14.82 -36.94 -48.36
N ARG GA 162 -15.46 -38.00 -48.87
CA ARG GA 162 -16.90 -37.98 -49.05
C ARG GA 162 -17.62 -37.82 -47.71
N ASP GA 163 -17.25 -38.67 -46.73
CA ASP GA 163 -17.84 -38.55 -45.40
C ASP GA 163 -17.47 -37.22 -44.77
N TYR GA 164 -16.26 -36.74 -45.00
CA TYR GA 164 -15.83 -35.47 -44.44
C TYR GA 164 -16.70 -34.32 -44.94
N VAL GA 165 -16.92 -34.24 -46.26
CA VAL GA 165 -17.72 -33.16 -46.80
C VAL GA 165 -19.19 -33.33 -46.39
N ASP GA 166 -19.66 -34.57 -46.30
CA ASP GA 166 -21.03 -34.81 -45.85
C ASP GA 166 -21.25 -34.31 -44.44
N ARG GA 167 -20.34 -34.65 -43.51
CA ARG GA 167 -20.49 -34.19 -42.14
C ARG GA 167 -20.26 -32.68 -42.02
N PHE GA 168 -19.37 -32.13 -42.85
CA PHE GA 168 -19.18 -30.67 -42.85
C PHE GA 168 -20.46 -29.95 -43.25
N TYR GA 169 -21.11 -30.42 -44.31
CA TYR GA 169 -22.36 -29.79 -44.73
C TYR GA 169 -23.49 -30.02 -43.73
N LYS GA 170 -23.53 -31.21 -43.11
CA LYS GA 170 -24.55 -31.47 -42.09
C LYS GA 170 -24.37 -30.55 -40.89
N THR GA 171 -23.12 -30.33 -40.46
CA THR GA 171 -22.85 -29.40 -39.38
C THR GA 171 -23.19 -27.97 -39.79
N LEU GA 172 -22.87 -27.61 -41.04
CA LEU GA 172 -23.16 -26.26 -41.52
C LEU GA 172 -24.65 -25.98 -41.53
N ARG GA 173 -25.46 -26.97 -41.92
CA ARG GA 173 -26.90 -26.78 -41.91
C ARG GA 173 -27.45 -26.59 -40.50
N ALA GA 174 -26.75 -27.09 -39.48
CA ALA GA 174 -27.15 -26.89 -38.10
C ALA GA 174 -26.64 -25.57 -37.52
N GLU GA 175 -25.88 -24.79 -38.30
CA GLU GA 175 -25.35 -23.52 -37.84
C GLU GA 175 -26.39 -22.42 -38.03
N GLN GA 176 -26.57 -21.60 -37.00
CA GLN GA 176 -27.48 -20.45 -37.06
C GLN GA 176 -26.66 -19.21 -37.36
N ALA GA 177 -26.56 -18.88 -38.64
CA ALA GA 177 -25.76 -17.73 -39.07
C ALA GA 177 -26.28 -17.29 -40.45
N SER GA 178 -25.70 -16.20 -40.95
CA SER GA 178 -26.09 -15.67 -42.25
C SER GA 178 -25.60 -16.58 -43.37
N GLN GA 179 -26.25 -16.45 -44.54
CA GLN GA 179 -25.88 -17.28 -45.67
C GLN GA 179 -24.51 -16.91 -46.23
N GLU GA 180 -24.12 -15.63 -46.12
CA GLU GA 180 -22.80 -15.22 -46.59
C GLU GA 180 -21.69 -15.88 -45.77
N VAL GA 181 -21.90 -16.01 -44.45
CA VAL GA 181 -20.94 -16.73 -43.62
C VAL GA 181 -20.84 -18.18 -44.09
N LYS GA 182 -21.97 -18.79 -44.42
CA LYS GA 182 -21.97 -20.17 -44.91
C LYS GA 182 -21.19 -20.29 -46.21
N ASN GA 183 -21.40 -19.33 -47.12
CA ASN GA 183 -20.67 -19.35 -48.40
C ASN GA 183 -19.17 -19.21 -48.17
N TRP GA 184 -18.77 -18.29 -47.30
CA TRP GA 184 -17.35 -18.11 -47.00
C TRP GA 184 -16.77 -19.37 -46.39
N MET GA 185 -17.49 -20.01 -45.47
CA MET GA 185 -17.01 -21.23 -44.85
C MET GA 185 -16.87 -22.35 -45.89
N THR GA 186 -17.89 -22.54 -46.73
CA THR GA 186 -17.81 -23.60 -47.73
C THR GA 186 -16.69 -23.34 -48.73
N GLU GA 187 -16.39 -22.07 -49.00
CA GLU GA 187 -15.34 -21.77 -49.97
C GLU GA 187 -13.93 -21.81 -49.36
N THR GA 188 -13.80 -21.63 -48.04
CA THR GA 188 -12.47 -21.60 -47.42
C THR GA 188 -12.15 -22.85 -46.61
N LEU GA 189 -12.99 -23.18 -45.63
CA LEU GA 189 -12.61 -24.19 -44.64
C LEU GA 189 -12.59 -25.60 -45.22
N LEU GA 190 -13.21 -25.81 -46.38
CA LEU GA 190 -13.33 -27.16 -46.91
C LEU GA 190 -11.99 -27.75 -47.31
N VAL GA 191 -10.96 -26.91 -47.49
CA VAL GA 191 -9.67 -27.38 -47.96
C VAL GA 191 -8.63 -27.22 -46.86
N GLN GA 192 -8.90 -26.33 -45.90
CA GLN GA 192 -7.90 -26.03 -44.86
C GLN GA 192 -7.65 -27.23 -43.97
N ASN GA 193 -8.69 -27.98 -43.62
CA ASN GA 193 -8.60 -29.08 -42.66
C ASN GA 193 -8.76 -30.44 -43.33
N ALA GA 194 -8.23 -30.61 -44.52
CA ALA GA 194 -8.31 -31.85 -45.26
C ALA GA 194 -6.96 -32.56 -45.25
N ASN GA 195 -6.92 -33.74 -45.87
CA ASN GA 195 -5.70 -34.51 -45.94
C ASN GA 195 -4.69 -33.82 -46.85
N PRO GA 196 -3.39 -34.04 -46.62
CA PRO GA 196 -2.38 -33.34 -47.43
C PRO GA 196 -2.49 -33.58 -48.93
N ASP GA 197 -2.84 -34.81 -49.34
CA ASP GA 197 -2.89 -35.11 -50.77
C ASP GA 197 -4.06 -34.38 -51.44
N CYS GA 198 -5.25 -34.45 -50.85
CA CYS GA 198 -6.37 -33.69 -51.40
C CYS GA 198 -6.13 -32.19 -51.30
N LYS GA 199 -5.41 -31.75 -50.25
CA LYS GA 199 -5.06 -30.34 -50.14
C LYS GA 199 -4.19 -29.88 -51.30
N THR GA 200 -3.14 -30.65 -51.61
CA THR GA 200 -2.24 -30.28 -52.70
C THR GA 200 -2.95 -30.34 -54.04
N ILE GA 201 -3.81 -31.36 -54.24
CA ILE GA 201 -4.55 -31.46 -55.48
C ILE GA 201 -5.54 -30.30 -55.62
N LEU GA 202 -6.19 -29.91 -54.52
CA LEU GA 202 -7.10 -28.78 -54.54
C LEU GA 202 -6.36 -27.49 -54.89
N LYS GA 203 -5.19 -27.29 -54.29
CA LYS GA 203 -4.41 -26.09 -54.61
C LYS GA 203 -3.94 -26.09 -56.05
N ALA GA 204 -3.59 -27.26 -56.59
CA ALA GA 204 -3.20 -27.34 -57.99
C ALA GA 204 -4.37 -27.04 -58.92
N LEU GA 205 -5.57 -27.52 -58.57
CA LEU GA 205 -6.75 -27.28 -59.39
C LEU GA 205 -7.21 -25.83 -59.35
N GLY GA 206 -6.80 -25.06 -58.35
CA GLY GA 206 -7.19 -23.67 -58.26
C GLY GA 206 -8.46 -23.46 -57.46
N PRO GA 207 -8.68 -22.23 -57.00
CA PRO GA 207 -9.87 -21.93 -56.19
C PRO GA 207 -11.12 -21.56 -56.99
N GLY GA 208 -11.04 -21.52 -58.32
CA GLY GA 208 -12.18 -21.14 -59.14
C GLY GA 208 -13.13 -22.25 -59.49
N ALA GA 209 -12.74 -23.50 -59.27
CA ALA GA 209 -13.61 -24.62 -59.60
C ALA GA 209 -14.66 -24.82 -58.52
N THR GA 210 -15.76 -25.48 -58.91
CA THR GA 210 -16.85 -25.77 -58.00
C THR GA 210 -16.51 -27.01 -57.17
N LEU GA 211 -17.45 -27.39 -56.30
CA LEU GA 211 -17.23 -28.55 -55.45
C LEU GA 211 -17.14 -29.85 -56.26
N GLU GA 212 -17.85 -29.92 -57.39
CA GLU GA 212 -17.86 -31.15 -58.18
C GLU GA 212 -16.49 -31.45 -58.76
N GLU GA 213 -15.87 -30.46 -59.40
CA GLU GA 213 -14.56 -30.69 -60.01
C GLU GA 213 -13.51 -31.04 -58.97
N MET GA 214 -13.51 -30.33 -57.83
CA MET GA 214 -12.50 -30.59 -56.81
C MET GA 214 -12.72 -31.94 -56.12
N MET GA 215 -13.98 -32.35 -55.97
CA MET GA 215 -14.24 -33.65 -55.36
C MET GA 215 -13.94 -34.78 -56.33
N THR GA 216 -14.06 -34.54 -57.62
CA THR GA 216 -13.65 -35.55 -58.61
C THR GA 216 -12.17 -35.48 -58.93
N ALA GA 217 -11.45 -34.48 -58.43
CA ALA GA 217 -10.02 -34.35 -58.71
C ALA GA 217 -9.19 -35.30 -57.86
N CYS GA 218 -9.39 -35.28 -56.54
CA CYS GA 218 -8.56 -36.03 -55.60
C CYS GA 218 -9.27 -37.27 -55.06
N GLN GA 219 -10.06 -37.95 -55.90
CA GLN GA 219 -10.72 -39.18 -55.48
C GLN GA 219 -9.70 -40.23 -55.09
N GLY GA 220 -9.99 -40.95 -54.01
CA GLY GA 220 -9.10 -42.00 -53.52
C GLY GA 220 -8.00 -41.47 -52.63
N PRO HA 1 -67.79 -38.20 -33.87
CA PRO HA 1 -68.29 -37.39 -32.76
C PRO HA 1 -69.32 -36.36 -33.20
N ILE HA 2 -69.02 -35.08 -33.02
CA ILE HA 2 -69.88 -33.98 -33.42
C ILE HA 2 -69.14 -33.18 -34.48
N VAL HA 3 -69.77 -33.04 -35.65
CA VAL HA 3 -69.18 -32.32 -36.77
C VAL HA 3 -70.19 -31.32 -37.31
N GLN HA 4 -69.68 -30.32 -38.02
CA GLN HA 4 -70.51 -29.30 -38.66
C GLN HA 4 -70.56 -29.56 -40.15
N ASN HA 5 -71.76 -29.73 -40.69
CA ASN HA 5 -71.94 -29.96 -42.12
C ASN HA 5 -71.58 -28.71 -42.90
N LEU HA 6 -70.89 -28.89 -44.02
CA LEU HA 6 -70.53 -27.78 -44.89
C LEU HA 6 -71.79 -27.14 -45.48
N GLN HA 7 -72.00 -25.87 -45.16
CA GLN HA 7 -73.20 -25.12 -45.58
C GLN HA 7 -74.47 -25.87 -45.19
N GLY HA 8 -74.48 -26.44 -43.98
CA GLY HA 8 -75.61 -27.19 -43.51
C GLY HA 8 -75.80 -27.16 -42.01
N GLN HA 9 -76.76 -27.94 -41.50
CA GLN HA 9 -77.09 -27.99 -40.09
C GLN HA 9 -76.17 -28.97 -39.37
N MET HA 10 -76.14 -28.85 -38.04
CA MET HA 10 -75.28 -29.70 -37.22
C MET HA 10 -75.77 -31.14 -37.25
N VAL HA 11 -74.84 -32.06 -37.48
CA VAL HA 11 -75.16 -33.49 -37.60
C VAL HA 11 -74.19 -34.28 -36.72
N HIS HA 12 -74.71 -35.27 -36.02
CA HIS HA 12 -73.92 -36.15 -35.17
C HIS HA 12 -73.52 -37.40 -35.94
N GLN HA 13 -72.23 -37.72 -35.92
CA GLN HA 13 -71.69 -38.88 -36.61
C GLN HA 13 -71.15 -39.88 -35.60
N ALA HA 14 -70.80 -41.06 -36.10
CA ALA HA 14 -70.27 -42.13 -35.27
C ALA HA 14 -68.77 -41.93 -35.08
N ILE HA 15 -68.10 -42.93 -34.51
CA ILE HA 15 -66.66 -42.90 -34.28
C ILE HA 15 -65.98 -43.72 -35.37
N SER HA 16 -65.03 -43.09 -36.06
CA SER HA 16 -64.30 -43.78 -37.11
C SER HA 16 -63.44 -44.90 -36.53
N PRO HA 17 -63.30 -46.02 -37.22
CA PRO HA 17 -62.45 -47.11 -36.71
C PRO HA 17 -60.99 -46.69 -36.53
N ARG HA 18 -60.51 -45.75 -37.35
CA ARG HA 18 -59.12 -45.31 -37.24
C ARG HA 18 -58.83 -44.75 -35.85
N THR HA 19 -59.68 -43.85 -35.36
CA THR HA 19 -59.43 -43.19 -34.09
C THR HA 19 -59.41 -44.19 -32.94
N LEU HA 20 -60.45 -45.05 -32.87
CA LEU HA 20 -60.53 -46.00 -31.78
C LEU HA 20 -59.40 -47.02 -31.83
N ASN HA 21 -59.05 -47.49 -33.04
CA ASN HA 21 -57.96 -48.45 -33.17
C ASN HA 21 -56.63 -47.84 -32.75
N ALA HA 22 -56.35 -46.61 -33.19
CA ALA HA 22 -55.11 -45.94 -32.79
C ALA HA 22 -55.09 -45.71 -31.29
N TRP HA 23 -56.21 -45.28 -30.70
CA TRP HA 23 -56.24 -45.04 -29.27
C TRP HA 23 -56.00 -46.32 -28.48
N VAL HA 24 -56.66 -47.41 -28.87
CA VAL HA 24 -56.52 -48.64 -28.11
C VAL HA 24 -55.11 -49.21 -28.27
N LYS HA 25 -54.52 -49.11 -29.47
CA LYS HA 25 -53.17 -49.64 -29.65
C LYS HA 25 -52.14 -48.80 -28.89
N VAL HA 26 -52.30 -47.47 -28.87
CA VAL HA 26 -51.34 -46.63 -28.16
C VAL HA 26 -51.51 -46.80 -26.66
N VAL HA 27 -52.73 -47.06 -26.19
CA VAL HA 27 -52.92 -47.28 -24.76
C VAL HA 27 -52.34 -48.63 -24.35
N GLU HA 28 -52.55 -49.67 -25.15
CA GLU HA 28 -52.04 -51.00 -24.78
C GLU HA 28 -50.53 -51.07 -24.90
N GLU HA 29 -49.95 -50.34 -25.86
CA GLU HA 29 -48.50 -50.36 -26.02
C GLU HA 29 -47.81 -49.43 -25.02
N LYS HA 30 -48.12 -48.14 -25.10
CA LYS HA 30 -47.52 -47.17 -24.20
C LYS HA 30 -48.06 -47.35 -22.79
N ALA HA 31 -47.19 -47.16 -21.80
CA ALA HA 31 -47.60 -47.28 -20.40
C ALA HA 31 -48.45 -46.06 -20.00
N PHE HA 32 -48.85 -46.03 -18.73
CA PHE HA 32 -49.66 -44.93 -18.20
C PHE HA 32 -48.76 -43.75 -17.80
N SER HA 33 -48.04 -43.24 -18.79
CA SER HA 33 -47.13 -42.11 -18.81
C SER HA 33 -47.90 -40.80 -18.97
N PRO HA 34 -47.35 -39.68 -18.52
CA PRO HA 34 -48.09 -38.41 -18.61
C PRO HA 34 -48.50 -38.02 -20.02
N GLU HA 35 -47.68 -38.35 -21.03
CA GLU HA 35 -47.96 -37.90 -22.39
C GLU HA 35 -49.26 -38.49 -22.94
N VAL HA 36 -49.79 -39.55 -22.33
CA VAL HA 36 -51.06 -40.10 -22.80
C VAL HA 36 -52.22 -39.19 -22.41
N ILE HA 37 -52.05 -38.36 -21.39
CA ILE HA 37 -53.12 -37.45 -20.98
C ILE HA 37 -53.47 -36.45 -22.08
N PRO HA 38 -52.51 -35.72 -22.67
CA PRO HA 38 -52.88 -34.87 -23.83
C PRO HA 38 -53.40 -35.67 -25.01
N MET HA 39 -52.84 -36.86 -25.25
CA MET HA 39 -53.23 -37.65 -26.42
C MET HA 39 -54.73 -37.92 -26.42
N PHE HA 40 -55.28 -38.22 -25.24
CA PHE HA 40 -56.72 -38.41 -25.12
C PHE HA 40 -57.48 -37.19 -25.63
N SER HA 41 -57.09 -36.00 -25.15
CA SER HA 41 -57.76 -34.78 -25.61
C SER HA 41 -57.48 -34.49 -27.07
N ALA HA 42 -56.50 -35.18 -27.66
CA ALA HA 42 -56.26 -35.04 -29.09
C ALA HA 42 -57.33 -35.75 -29.90
N LEU HA 43 -57.93 -36.80 -29.34
CA LEU HA 43 -58.90 -37.60 -30.07
C LEU HA 43 -60.29 -37.61 -29.44
N SER HA 44 -60.51 -36.87 -28.36
CA SER HA 44 -61.80 -36.85 -27.67
C SER HA 44 -62.37 -35.43 -27.62
N GLU HA 45 -62.10 -34.65 -28.65
CA GLU HA 45 -62.61 -33.28 -28.71
C GLU HA 45 -63.99 -33.26 -29.39
N GLY HA 46 -64.92 -32.55 -28.77
CA GLY HA 46 -66.27 -32.46 -29.30
C GLY HA 46 -66.97 -33.79 -29.42
N ALA HA 47 -66.80 -34.67 -28.45
CA ALA HA 47 -67.38 -36.00 -28.49
C ALA HA 47 -68.52 -36.12 -27.49
N THR HA 48 -69.56 -36.86 -27.88
CA THR HA 48 -70.69 -37.07 -27.00
C THR HA 48 -70.29 -37.96 -25.82
N PRO HA 49 -70.98 -37.84 -24.68
CA PRO HA 49 -70.63 -38.68 -23.53
C PRO HA 49 -70.72 -40.18 -23.80
N GLN HA 50 -71.65 -40.60 -24.67
CA GLN HA 50 -71.74 -42.01 -25.01
C GLN HA 50 -70.48 -42.47 -25.73
N ASP HA 51 -69.97 -41.66 -26.66
CA ASP HA 51 -68.70 -41.99 -27.31
C ASP HA 51 -67.55 -42.01 -26.29
N LEU HA 52 -67.58 -41.10 -25.32
CA LEU HA 52 -66.53 -41.08 -24.31
C LEU HA 52 -66.54 -42.35 -23.48
N ASN HA 53 -67.72 -42.82 -23.05
CA ASN HA 53 -67.74 -44.02 -22.23
C ASN HA 53 -67.47 -45.27 -23.05
N THR HA 54 -67.85 -45.30 -24.33
CA THR HA 54 -67.47 -46.42 -25.17
C THR HA 54 -65.95 -46.47 -25.38
N MET HA 55 -65.33 -45.31 -25.58
CA MET HA 55 -63.87 -45.25 -25.68
C MET HA 55 -63.24 -45.72 -24.38
N LEU HA 56 -63.81 -45.33 -23.25
CA LEU HA 56 -63.31 -45.80 -21.95
C LEU HA 56 -63.42 -47.31 -21.83
N ASN HA 57 -64.55 -47.89 -22.26
CA ASN HA 57 -64.80 -49.31 -22.09
C ASN HA 57 -64.00 -50.17 -23.07
N THR HA 58 -63.62 -49.63 -24.23
CA THR HA 58 -62.87 -50.43 -25.21
C THR HA 58 -61.47 -50.76 -24.74
N VAL HA 59 -60.98 -50.13 -23.67
CA VAL HA 59 -59.64 -50.44 -23.18
C VAL HA 59 -59.61 -51.86 -22.60
N GLY HA 60 -58.42 -52.46 -22.61
CA GLY HA 60 -58.24 -53.79 -22.06
C GLY HA 60 -57.13 -53.86 -21.04
N GLY HA 61 -57.43 -54.47 -19.88
CA GLY HA 61 -56.45 -54.59 -18.82
C GLY HA 61 -56.40 -53.35 -17.94
N HIS HA 62 -55.62 -53.47 -16.86
CA HIS HA 62 -55.45 -52.40 -15.88
C HIS HA 62 -56.79 -51.94 -15.32
N GLN HA 63 -57.63 -52.91 -14.95
CA GLN HA 63 -58.99 -52.61 -14.50
C GLN HA 63 -59.03 -51.92 -13.14
N ALA HA 64 -57.94 -51.94 -12.37
CA ALA HA 64 -57.92 -51.21 -11.12
C ALA HA 64 -58.05 -49.72 -11.36
N ALA HA 65 -57.34 -49.19 -12.37
CA ALA HA 65 -57.49 -47.80 -12.73
C ALA HA 65 -58.91 -47.51 -13.22
N MET HA 66 -59.51 -48.45 -13.94
CA MET HA 66 -60.89 -48.29 -14.39
C MET HA 66 -61.84 -48.17 -13.20
N GLN HA 67 -61.66 -49.03 -12.19
CA GLN HA 67 -62.51 -48.95 -11.00
C GLN HA 67 -62.30 -47.64 -10.25
N MET HA 68 -61.03 -47.21 -10.14
CA MET HA 68 -60.76 -45.94 -9.46
C MET HA 68 -61.39 -44.76 -10.20
N LEU HA 69 -61.29 -44.73 -11.53
CA LEU HA 69 -61.90 -43.63 -12.27
C LEU HA 69 -63.42 -43.70 -12.23
N LYS HA 70 -63.99 -44.91 -12.20
CA LYS HA 70 -65.43 -45.02 -12.03
C LYS HA 70 -65.87 -44.46 -10.68
N GLU HA 71 -65.11 -44.77 -9.62
CA GLU HA 71 -65.44 -44.24 -8.30
C GLU HA 71 -65.34 -42.72 -8.27
N THR HA 72 -64.28 -42.17 -8.88
CA THR HA 72 -64.12 -40.72 -8.91
C THR HA 72 -65.24 -40.07 -9.73
N ILE HA 73 -65.62 -40.68 -10.85
CA ILE HA 73 -66.71 -40.15 -11.66
C ILE HA 73 -68.02 -40.15 -10.87
N ASN HA 74 -68.29 -41.25 -10.16
CA ASN HA 74 -69.53 -41.33 -9.38
C ASN HA 74 -69.54 -40.28 -8.27
N GLU HA 75 -68.43 -40.12 -7.55
CA GLU HA 75 -68.42 -39.15 -6.45
C GLU HA 75 -68.51 -37.72 -6.99
N GLU HA 76 -67.84 -37.44 -8.11
CA GLU HA 76 -67.94 -36.10 -8.69
C GLU HA 76 -69.34 -35.82 -9.21
N ALA HA 77 -70.00 -36.84 -9.78
CA ALA HA 77 -71.37 -36.66 -10.23
C ALA HA 77 -72.30 -36.40 -9.06
N ALA HA 78 -72.10 -37.11 -7.94
CA ALA HA 78 -72.90 -36.85 -6.75
C ALA HA 78 -72.67 -35.43 -6.23
N GLU HA 79 -71.41 -34.98 -6.22
CA GLU HA 79 -71.10 -33.63 -5.78
C GLU HA 79 -71.75 -32.60 -6.69
N TRP HA 80 -71.71 -32.82 -8.01
CA TRP HA 80 -72.35 -31.91 -8.95
C TRP HA 80 -73.86 -31.89 -8.74
N ASP HA 81 -74.46 -33.04 -8.49
CA ASP HA 81 -75.90 -33.09 -8.25
C ASP HA 81 -76.28 -32.32 -7.00
N ARG HA 82 -75.50 -32.48 -5.92
CA ARG HA 82 -75.87 -31.82 -4.67
C ARG HA 82 -75.59 -30.32 -4.71
N LEU HA 83 -74.50 -29.91 -5.38
CA LEU HA 83 -74.18 -28.48 -5.40
C LEU HA 83 -75.08 -27.73 -6.38
N HIS HA 84 -75.40 -28.33 -7.52
CA HIS HA 84 -76.22 -27.65 -8.51
C HIS HA 84 -77.65 -27.49 -8.01
N PRO HA 85 -78.30 -26.37 -8.32
CA PRO HA 85 -79.72 -26.22 -7.96
C PRO HA 85 -80.62 -27.04 -8.87
N VAL HA 86 -80.79 -28.33 -8.54
CA VAL HA 86 -81.58 -29.22 -9.38
C VAL HA 86 -83.00 -28.70 -9.49
N HIS HA 87 -83.40 -28.37 -10.71
CA HIS HA 87 -84.75 -27.84 -10.94
C HIS HA 87 -85.80 -28.91 -10.68
N ALA HA 88 -86.88 -28.52 -10.04
CA ALA HA 88 -87.98 -29.43 -9.71
C ALA HA 88 -89.30 -28.82 -10.16
N GLY HA 89 -90.23 -29.69 -10.56
CA GLY HA 89 -91.53 -29.27 -11.00
C GLY HA 89 -91.73 -29.47 -12.48
N PRO HA 90 -92.68 -28.74 -13.06
CA PRO HA 90 -92.96 -28.90 -14.50
C PRO HA 90 -91.83 -28.36 -15.35
N ILE HA 91 -91.71 -28.93 -16.55
CA ILE HA 91 -90.71 -28.52 -17.54
C ILE HA 91 -91.46 -28.04 -18.78
N ALA HA 92 -91.12 -26.85 -19.25
CA ALA HA 92 -91.79 -26.28 -20.41
C ALA HA 92 -91.49 -27.12 -21.66
N PRO HA 93 -92.46 -27.24 -22.56
CA PRO HA 93 -92.23 -28.00 -23.80
C PRO HA 93 -91.15 -27.36 -24.66
N GLY HA 94 -90.40 -28.20 -25.36
CA GLY HA 94 -89.29 -27.76 -26.17
C GLY HA 94 -88.00 -27.52 -25.42
N GLN HA 95 -87.99 -27.73 -24.10
CA GLN HA 95 -86.79 -27.57 -23.29
C GLN HA 95 -86.21 -28.94 -22.93
N MET HA 96 -85.07 -28.89 -22.24
CA MET HA 96 -84.39 -30.10 -21.77
C MET HA 96 -83.75 -29.77 -20.42
N ARG HA 97 -84.15 -30.50 -19.38
CA ARG HA 97 -83.70 -30.19 -18.03
C ARG HA 97 -82.21 -30.46 -17.88
N GLU HA 98 -81.68 -30.07 -16.71
CA GLU HA 98 -80.26 -30.19 -16.45
C GLU HA 98 -79.83 -31.66 -16.42
N PRO HA 99 -78.60 -31.95 -16.86
CA PRO HA 99 -78.14 -33.34 -16.86
C PRO HA 99 -78.08 -33.92 -15.45
N ARG HA 100 -78.39 -35.22 -15.35
CA ARG HA 100 -78.31 -35.92 -14.09
C ARG HA 100 -76.86 -36.32 -13.80
N GLY HA 101 -76.64 -36.85 -12.59
CA GLY HA 101 -75.34 -37.40 -12.27
C GLY HA 101 -74.99 -38.61 -13.11
N SER HA 102 -76.00 -39.35 -13.57
CA SER HA 102 -75.80 -40.49 -14.45
C SER HA 102 -75.93 -40.12 -15.93
N ASP HA 103 -76.64 -39.03 -16.24
CA ASP HA 103 -76.77 -38.61 -17.63
C ASP HA 103 -75.42 -38.14 -18.19
N ILE HA 104 -74.62 -37.45 -17.38
CA ILE HA 104 -73.32 -36.97 -17.84
C ILE HA 104 -72.41 -38.16 -18.14
N ALA HA 105 -72.51 -39.23 -17.35
CA ALA HA 105 -71.73 -40.43 -17.62
C ALA HA 105 -72.22 -41.16 -18.86
N GLY HA 106 -73.42 -40.86 -19.34
CA GLY HA 106 -73.95 -41.48 -20.54
C GLY HA 106 -74.61 -42.83 -20.34
N THR HA 107 -74.68 -43.33 -19.11
CA THR HA 107 -75.28 -44.63 -18.85
C THR HA 107 -76.81 -44.59 -18.79
N THR HA 108 -77.41 -43.39 -18.69
CA THR HA 108 -78.85 -43.26 -18.66
C THR HA 108 -79.39 -42.19 -19.61
N SER HA 109 -78.54 -41.47 -20.33
CA SER HA 109 -78.98 -40.45 -21.26
C SER HA 109 -78.88 -40.97 -22.69
N THR HA 110 -79.99 -40.90 -23.42
CA THR HA 110 -80.03 -41.36 -24.79
C THR HA 110 -79.26 -40.40 -25.69
N LEU HA 111 -78.88 -40.91 -26.88
CA LEU HA 111 -78.12 -40.09 -27.82
C LEU HA 111 -78.92 -38.87 -28.28
N GLN HA 112 -80.24 -39.01 -28.41
CA GLN HA 112 -81.07 -37.86 -28.78
C GLN HA 112 -81.00 -36.78 -27.71
N GLU HA 113 -80.97 -37.18 -26.44
CA GLU HA 113 -80.84 -36.20 -25.36
C GLU HA 113 -79.50 -35.50 -25.42
N GLN HA 114 -78.43 -36.24 -25.73
CA GLN HA 114 -77.12 -35.62 -25.86
C GLN HA 114 -77.10 -34.62 -27.01
N ILE HA 115 -77.71 -34.99 -28.14
CA ILE HA 115 -77.77 -34.08 -29.29
C ILE HA 115 -78.56 -32.82 -28.93
N GLY HA 116 -79.69 -32.99 -28.25
CA GLY HA 116 -80.47 -31.84 -27.83
C GLY HA 116 -79.70 -30.93 -26.89
N TRP HA 117 -78.93 -31.53 -25.97
CA TRP HA 117 -78.10 -30.73 -25.08
C TRP HA 117 -77.03 -29.96 -25.84
N MET HA 118 -76.41 -30.59 -26.84
CA MET HA 118 -75.37 -29.93 -27.61
C MET HA 118 -75.93 -28.73 -28.38
N THR HA 119 -77.11 -28.88 -28.96
CA THR HA 119 -77.73 -27.84 -29.77
C THR HA 119 -78.73 -27.01 -28.98
N HIS HA 120 -78.74 -27.12 -27.65
CA HIS HA 120 -79.71 -26.42 -26.83
C HIS HA 120 -79.51 -24.91 -26.93
N ASN HA 121 -80.52 -24.17 -26.47
CA ASN HA 121 -80.49 -22.70 -26.47
C ASN HA 121 -80.77 -22.22 -25.06
N PRO HA 122 -79.74 -21.89 -24.28
CA PRO HA 122 -78.30 -21.93 -24.61
C PRO HA 122 -77.74 -23.35 -24.56
N PRO HA 123 -76.65 -23.62 -25.28
CA PRO HA 123 -76.07 -24.97 -25.26
C PRO HA 123 -75.51 -25.33 -23.90
N ILE HA 124 -75.58 -26.62 -23.58
CA ILE HA 124 -75.10 -27.16 -22.32
C ILE HA 124 -73.86 -28.00 -22.62
N PRO HA 125 -72.65 -27.54 -22.25
CA PRO HA 125 -71.42 -28.30 -22.49
C PRO HA 125 -71.18 -29.40 -21.45
N VAL HA 126 -72.17 -30.28 -21.28
CA VAL HA 126 -72.05 -31.38 -20.34
C VAL HA 126 -70.94 -32.34 -20.76
N GLY HA 127 -70.77 -32.52 -22.08
CA GLY HA 127 -69.68 -33.36 -22.55
C GLY HA 127 -68.31 -32.82 -22.15
N GLU HA 128 -68.15 -31.50 -22.16
CA GLU HA 128 -66.90 -30.90 -21.70
C GLU HA 128 -66.68 -31.12 -20.21
N ILE HA 129 -67.76 -31.07 -19.41
CA ILE HA 129 -67.65 -31.35 -17.98
C ILE HA 129 -67.20 -32.80 -17.77
N TYR HA 130 -67.79 -33.72 -18.54
CA TYR HA 130 -67.39 -35.12 -18.42
C TYR HA 130 -65.93 -35.31 -18.86
N LYS HA 131 -65.51 -34.58 -19.89
CA LYS HA 131 -64.12 -34.66 -20.34
C LYS HA 131 -63.17 -34.15 -19.27
N ARG HA 132 -63.53 -33.07 -18.59
CA ARG HA 132 -62.70 -32.56 -17.50
C ARG HA 132 -62.65 -33.56 -16.34
N TRP HA 133 -63.77 -34.21 -16.04
CA TRP HA 133 -63.76 -35.25 -15.02
C TRP HA 133 -62.83 -36.40 -15.43
N ILE HA 134 -62.85 -36.78 -16.71
CA ILE HA 134 -61.95 -37.81 -17.21
C ILE HA 134 -60.50 -37.36 -17.10
N ILE HA 135 -60.24 -36.07 -17.35
CA ILE HA 135 -58.88 -35.54 -17.23
C ILE HA 135 -58.40 -35.65 -15.80
N LEU HA 136 -59.26 -35.31 -14.84
CA LEU HA 136 -58.90 -35.46 -13.43
C LEU HA 136 -58.64 -36.92 -13.08
N GLY HA 137 -59.48 -37.82 -13.59
CA GLY HA 137 -59.27 -39.24 -13.34
C GLY HA 137 -57.96 -39.75 -13.91
N LEU HA 138 -57.61 -39.29 -15.11
CA LEU HA 138 -56.34 -39.65 -15.72
C LEU HA 138 -55.16 -39.06 -14.95
N ASN HA 139 -55.30 -37.87 -14.39
CA ASN HA 139 -54.27 -37.33 -13.52
C ASN HA 139 -54.09 -38.20 -12.28
N LYS HA 140 -55.20 -38.65 -11.69
CA LYS HA 140 -55.11 -39.58 -10.57
C LYS HA 140 -54.43 -40.88 -10.98
N ILE HA 141 -54.75 -41.39 -12.16
CA ILE HA 141 -54.15 -42.64 -12.65
C ILE HA 141 -52.64 -42.47 -12.85
N VAL HA 142 -52.22 -41.36 -13.46
CA VAL HA 142 -50.80 -41.15 -13.70
C VAL HA 142 -50.06 -40.90 -12.38
N ARG HA 143 -50.74 -40.32 -11.39
CA ARG HA 143 -50.16 -40.25 -10.06
C ARG HA 143 -49.99 -41.64 -9.47
N MET HA 144 -50.98 -42.52 -9.67
CA MET HA 144 -50.90 -43.89 -9.18
C MET HA 144 -49.74 -44.64 -9.82
N TYR HA 145 -49.54 -44.46 -11.12
CA TYR HA 145 -48.50 -45.15 -11.87
C TYR HA 145 -47.17 -44.41 -11.87
N SER HA 146 -46.99 -43.43 -10.98
CA SER HA 146 -45.71 -42.74 -10.90
C SER HA 146 -44.66 -43.68 -10.33
N PRO HA 147 -43.52 -43.87 -10.99
CA PRO HA 147 -42.52 -44.83 -10.48
C PRO HA 147 -41.95 -44.43 -9.12
N THR HA 148 -41.43 -43.20 -9.01
CA THR HA 148 -40.86 -42.73 -7.76
C THR HA 148 -41.33 -41.32 -7.45
N SER HA 149 -40.76 -40.71 -6.42
CA SER HA 149 -41.09 -39.34 -6.04
C SER HA 149 -40.27 -38.35 -6.85
N ILE HA 150 -40.31 -37.09 -6.46
CA ILE HA 150 -39.58 -36.03 -7.15
C ILE HA 150 -38.32 -35.61 -6.40
N LEU HA 151 -38.28 -35.78 -5.08
CA LEU HA 151 -37.14 -35.33 -4.28
C LEU HA 151 -35.99 -36.33 -4.25
N ASP HA 152 -36.20 -37.55 -4.73
CA ASP HA 152 -35.19 -38.61 -4.62
C ASP HA 152 -34.31 -38.73 -5.86
N ILE HA 153 -34.46 -37.85 -6.85
CA ILE HA 153 -33.63 -37.91 -8.04
C ILE HA 153 -32.24 -37.39 -7.72
N ARG HA 154 -31.21 -38.19 -8.02
CA ARG HA 154 -29.83 -37.82 -7.77
C ARG HA 154 -29.03 -37.97 -9.06
N GLN HA 155 -28.16 -37.01 -9.34
CA GLN HA 155 -27.33 -37.06 -10.52
C GLN HA 155 -26.08 -37.90 -10.27
N GLY HA 156 -25.77 -38.78 -11.22
CA GLY HA 156 -24.60 -39.63 -11.12
C GLY HA 156 -23.31 -38.84 -11.25
N PRO HA 157 -22.24 -39.34 -10.64
CA PRO HA 157 -20.94 -38.63 -10.73
C PRO HA 157 -20.42 -38.50 -12.15
N LYS HA 158 -20.65 -39.50 -13.00
CA LYS HA 158 -20.21 -39.45 -14.38
C LYS HA 158 -21.36 -39.38 -15.37
N GLU HA 159 -22.59 -39.67 -14.95
CA GLU HA 159 -23.74 -39.55 -15.84
C GLU HA 159 -23.92 -38.10 -16.28
N PRO HA 160 -24.07 -37.84 -17.58
CA PRO HA 160 -24.27 -36.46 -18.03
C PRO HA 160 -25.53 -35.86 -17.43
N PHE HA 161 -25.49 -34.55 -17.18
CA PHE HA 161 -26.65 -33.87 -16.61
C PHE HA 161 -27.81 -33.75 -17.60
N ARG HA 162 -27.59 -34.06 -18.88
CA ARG HA 162 -28.64 -33.90 -19.89
C ARG HA 162 -29.83 -34.79 -19.58
N ASP HA 163 -29.62 -36.11 -19.57
CA ASP HA 163 -30.71 -37.02 -19.23
C ASP HA 163 -31.16 -36.85 -17.78
N TYR HA 164 -30.28 -36.33 -16.90
CA TYR HA 164 -30.68 -36.05 -15.53
C TYR HA 164 -31.78 -35.01 -15.48
N VAL HA 165 -31.56 -33.86 -16.12
CA VAL HA 165 -32.59 -32.82 -16.15
C VAL HA 165 -33.78 -33.27 -16.99
N ASP HA 166 -33.54 -34.12 -18.00
CA ASP HA 166 -34.64 -34.66 -18.79
C ASP HA 166 -35.61 -35.46 -17.92
N ARG HA 167 -35.07 -36.42 -17.16
CA ARG HA 167 -35.93 -37.21 -16.26
C ARG HA 167 -36.47 -36.37 -15.12
N PHE HA 168 -35.73 -35.36 -14.68
CA PHE HA 168 -36.25 -34.45 -13.66
C PHE HA 168 -37.51 -33.74 -14.14
N TYR HA 169 -37.46 -33.19 -15.35
CA TYR HA 169 -38.63 -32.51 -15.90
C TYR HA 169 -39.74 -33.49 -16.25
N LYS HA 170 -39.40 -34.71 -16.66
CA LYS HA 170 -40.41 -35.73 -16.89
C LYS HA 170 -41.17 -36.04 -15.61
N THR HA 171 -40.45 -36.22 -14.50
CA THR HA 171 -41.10 -36.47 -13.23
C THR HA 171 -41.87 -35.25 -12.74
N LEU HA 172 -41.38 -34.05 -13.05
CA LEU HA 172 -42.13 -32.84 -12.74
C LEU HA 172 -43.46 -32.81 -13.47
N ARG HA 173 -43.45 -33.20 -14.75
CA ARG HA 173 -44.70 -33.33 -15.49
C ARG HA 173 -45.58 -34.42 -14.90
N ALA HA 174 -44.98 -35.47 -14.36
CA ALA HA 174 -45.74 -36.53 -13.69
C ALA HA 174 -46.09 -36.18 -12.24
N GLU HA 175 -45.67 -35.03 -11.75
CA GLU HA 175 -45.87 -34.68 -10.35
C GLU HA 175 -47.29 -34.17 -10.12
N GLN HA 176 -47.81 -34.47 -8.92
CA GLN HA 176 -49.14 -34.02 -8.51
C GLN HA 176 -49.11 -32.66 -7.83
N ALA HA 177 -47.94 -32.04 -7.69
CA ALA HA 177 -47.82 -30.76 -7.01
C ALA HA 177 -48.51 -29.65 -7.81
N SER HA 178 -48.72 -28.52 -7.14
CA SER HA 178 -49.44 -27.40 -7.73
C SER HA 178 -48.45 -26.50 -8.51
N GLN HA 179 -48.89 -25.29 -8.85
CA GLN HA 179 -48.10 -24.42 -9.71
C GLN HA 179 -46.97 -23.74 -8.95
N GLU HA 180 -47.29 -23.08 -7.83
CA GLU HA 180 -46.28 -22.30 -7.12
C GLU HA 180 -45.17 -23.18 -6.56
N VAL HA 181 -45.50 -24.36 -6.03
CA VAL HA 181 -44.48 -25.24 -5.47
C VAL HA 181 -43.55 -25.73 -6.56
N LYS HA 182 -44.10 -26.09 -7.73
CA LYS HA 182 -43.22 -26.55 -8.81
C LYS HA 182 -42.39 -25.42 -9.37
N ASN HA 183 -42.93 -24.19 -9.41
CA ASN HA 183 -42.12 -23.04 -9.81
C ASN HA 183 -40.97 -22.81 -8.85
N TRP HA 184 -41.23 -22.97 -7.55
CA TRP HA 184 -40.16 -22.83 -6.56
C TRP HA 184 -39.12 -23.93 -6.72
N MET HA 185 -39.56 -25.17 -6.94
CA MET HA 185 -38.66 -26.31 -6.97
C MET HA 185 -37.87 -26.42 -8.27
N THR HA 186 -38.36 -25.84 -9.37
CA THR HA 186 -37.64 -25.93 -10.63
C THR HA 186 -36.43 -24.99 -10.69
N GLU HA 187 -36.24 -24.13 -9.69
CA GLU HA 187 -35.12 -23.21 -9.67
C GLU HA 187 -34.07 -23.54 -8.62
N THR HA 188 -34.34 -24.48 -7.72
CA THR HA 188 -33.42 -24.79 -6.63
C THR HA 188 -33.01 -26.25 -6.55
N LEU HA 189 -33.91 -27.17 -6.89
CA LEU HA 189 -33.60 -28.59 -6.71
C LEU HA 189 -32.59 -29.08 -7.74
N LEU HA 190 -32.70 -28.63 -8.99
CA LEU HA 190 -31.81 -29.12 -10.04
C LEU HA 190 -30.38 -28.65 -9.80
N VAL HA 191 -30.21 -27.44 -9.26
CA VAL HA 191 -28.86 -26.93 -9.01
C VAL HA 191 -28.31 -27.46 -7.69
N GLN HA 192 -29.18 -28.07 -6.87
CA GLN HA 192 -28.73 -28.61 -5.58
C GLN HA 192 -28.29 -30.07 -5.68
N ASN HA 193 -28.82 -30.83 -6.65
CA ASN HA 193 -28.60 -32.27 -6.75
C ASN HA 193 -27.82 -32.63 -8.01
N ALA HA 194 -26.79 -31.85 -8.32
CA ALA HA 194 -25.93 -32.10 -9.47
C ALA HA 194 -24.49 -32.36 -9.00
N ASN HA 195 -23.60 -32.51 -9.97
CA ASN HA 195 -22.19 -32.71 -9.65
C ASN HA 195 -21.61 -31.45 -9.02
N PRO HA 196 -20.74 -31.59 -8.02
CA PRO HA 196 -20.31 -30.40 -7.25
C PRO HA 196 -19.63 -29.33 -8.09
N ASP HA 197 -18.82 -29.69 -9.08
CA ASP HA 197 -18.13 -28.69 -9.89
C ASP HA 197 -19.13 -27.87 -10.68
N CYS HA 198 -20.05 -28.53 -11.39
CA CYS HA 198 -21.08 -27.80 -12.10
C CYS HA 198 -22.06 -27.09 -11.17
N LYS HA 199 -22.29 -27.63 -9.97
CA LYS HA 199 -23.13 -26.92 -9.00
C LYS HA 199 -22.50 -25.59 -8.60
N THR HA 200 -21.20 -25.60 -8.29
CA THR HA 200 -20.53 -24.36 -7.93
C THR HA 200 -20.43 -23.41 -9.11
N ILE HA 201 -20.25 -23.94 -10.32
CA ILE HA 201 -20.25 -23.08 -11.50
C ILE HA 201 -21.60 -22.38 -11.65
N LEU HA 202 -22.69 -23.13 -11.48
CA LEU HA 202 -24.02 -22.53 -11.58
C LEU HA 202 -24.28 -21.52 -10.47
N LYS HA 203 -23.81 -21.83 -9.25
CA LYS HA 203 -23.97 -20.89 -8.14
C LYS HA 203 -23.21 -19.59 -8.40
N ALA HA 204 -22.00 -19.69 -8.95
CA ALA HA 204 -21.26 -18.49 -9.30
C ALA HA 204 -21.91 -17.76 -10.47
N LEU HA 205 -22.63 -18.49 -11.33
CA LEU HA 205 -23.31 -17.84 -12.45
C LEU HA 205 -24.41 -16.89 -12.00
N GLY HA 206 -24.99 -17.12 -10.82
CA GLY HA 206 -25.98 -16.22 -10.28
C GLY HA 206 -27.40 -16.73 -10.42
N PRO HA 207 -28.26 -16.37 -9.46
CA PRO HA 207 -29.67 -16.81 -9.53
C PRO HA 207 -30.44 -16.05 -10.60
N GLY HA 208 -31.55 -16.66 -11.03
CA GLY HA 208 -32.42 -16.06 -12.02
C GLY HA 208 -32.07 -16.40 -13.46
N ALA HA 209 -30.92 -17.00 -13.72
CA ALA HA 209 -30.57 -17.40 -15.08
C ALA HA 209 -31.44 -18.57 -15.52
N THR HA 210 -31.88 -18.53 -16.77
CA THR HA 210 -32.72 -19.58 -17.32
C THR HA 210 -31.89 -20.84 -17.56
N LEU HA 211 -32.57 -21.93 -17.91
CA LEU HA 211 -31.91 -23.22 -17.98
C LEU HA 211 -30.88 -23.33 -19.10
N GLU HA 212 -30.96 -22.47 -20.11
CA GLU HA 212 -29.96 -22.51 -21.18
C GLU HA 212 -28.59 -22.14 -20.67
N GLU HA 213 -28.50 -21.09 -19.84
CA GLU HA 213 -27.22 -20.77 -19.21
C GLU HA 213 -26.78 -21.87 -18.26
N MET HA 214 -27.74 -22.49 -17.55
CA MET HA 214 -27.41 -23.59 -16.65
C MET HA 214 -26.77 -24.74 -17.41
N MET HA 215 -27.32 -25.09 -18.58
CA MET HA 215 -26.79 -26.22 -19.33
C MET HA 215 -25.48 -25.86 -20.05
N THR HA 216 -25.35 -24.62 -20.53
CA THR HA 216 -24.10 -24.22 -21.17
C THR HA 216 -22.94 -24.13 -20.19
N ALA HA 217 -23.20 -23.63 -18.97
CA ALA HA 217 -22.14 -23.57 -17.97
C ALA HA 217 -21.77 -24.95 -17.46
N CYS HA 218 -22.72 -25.88 -17.52
CA CYS HA 218 -22.51 -27.25 -17.06
C CYS HA 218 -21.88 -28.14 -18.12
N GLN HA 219 -21.63 -27.62 -19.32
CA GLN HA 219 -21.03 -28.39 -20.41
C GLN HA 219 -19.60 -28.79 -20.08
N GLY HA 220 -19.22 -30.02 -20.41
CA GLY HA 220 -17.88 -30.50 -20.17
C GLY HA 220 -17.07 -30.68 -21.44
N PRO IA 1 -71.81 -50.09 -44.24
CA PRO IA 1 -73.20 -50.13 -43.77
C PRO IA 1 -73.98 -48.91 -44.23
N ILE IA 2 -75.08 -48.61 -43.53
CA ILE IA 2 -75.86 -47.41 -43.84
C ILE IA 2 -75.13 -46.19 -43.32
N VAL IA 3 -74.81 -45.25 -44.21
CA VAL IA 3 -74.09 -44.05 -43.86
C VAL IA 3 -75.01 -42.84 -44.06
N GLN IA 4 -74.71 -41.78 -43.32
CA GLN IA 4 -75.50 -40.57 -43.40
C GLN IA 4 -75.18 -39.80 -44.69
N ASN IA 5 -76.16 -39.03 -45.16
CA ASN IA 5 -76.01 -38.18 -46.33
C ASN IA 5 -76.05 -36.72 -45.90
N LEU IA 6 -75.26 -35.89 -46.57
CA LEU IA 6 -75.26 -34.46 -46.28
C LEU IA 6 -76.66 -33.89 -46.54
N GLN IA 7 -77.24 -33.30 -45.49
CA GLN IA 7 -78.62 -32.80 -45.48
C GLN IA 7 -79.56 -33.73 -46.25
N GLY IA 8 -79.47 -35.03 -45.93
CA GLY IA 8 -80.26 -36.04 -46.60
C GLY IA 8 -80.61 -37.16 -45.64
N GLN IA 9 -81.34 -38.14 -46.16
CA GLN IA 9 -81.77 -39.29 -45.36
C GLN IA 9 -80.61 -40.28 -45.22
N MET IA 10 -80.91 -41.45 -44.65
CA MET IA 10 -79.92 -42.50 -44.45
C MET IA 10 -80.02 -43.47 -45.62
N VAL IA 11 -78.90 -43.66 -46.34
CA VAL IA 11 -78.85 -44.55 -47.50
C VAL IA 11 -77.86 -45.67 -47.21
N HIS IA 12 -78.07 -46.80 -47.88
CA HIS IA 12 -77.18 -47.95 -47.72
C HIS IA 12 -75.90 -47.75 -48.54
N GLN IA 13 -74.79 -48.18 -47.96
CA GLN IA 13 -73.50 -48.15 -48.65
C GLN IA 13 -72.78 -49.47 -48.42
N ALA IA 14 -71.83 -49.76 -49.29
CA ALA IA 14 -71.08 -51.01 -49.21
C ALA IA 14 -70.25 -51.07 -47.92
N ILE IA 15 -70.04 -52.29 -47.43
CA ILE IA 15 -69.26 -52.48 -46.22
C ILE IA 15 -67.81 -52.09 -46.48
N SER IA 16 -67.26 -51.27 -45.59
CA SER IA 16 -65.88 -50.86 -45.71
C SER IA 16 -64.95 -52.05 -45.44
N PRO IA 17 -64.00 -52.34 -46.34
CA PRO IA 17 -63.06 -53.44 -46.06
C PRO IA 17 -62.24 -53.21 -44.80
N ARG IA 18 -61.99 -51.95 -44.46
CA ARG IA 18 -61.28 -51.64 -43.22
C ARG IA 18 -62.05 -52.13 -42.00
N THR IA 19 -63.38 -51.95 -41.98
CA THR IA 19 -64.17 -52.38 -40.85
C THR IA 19 -64.10 -53.89 -40.66
N LEU IA 20 -64.24 -54.65 -41.75
CA LEU IA 20 -64.20 -56.11 -41.62
C LEU IA 20 -62.79 -56.60 -41.30
N ASN IA 21 -61.75 -55.95 -41.81
CA ASN IA 21 -60.39 -56.32 -41.45
C ASN IA 21 -60.15 -56.07 -39.96
N ALA IA 22 -60.59 -54.93 -39.44
CA ALA IA 22 -60.46 -54.67 -38.02
C ALA IA 22 -61.26 -55.66 -37.19
N TRP IA 23 -62.46 -56.02 -37.65
CA TRP IA 23 -63.29 -56.97 -36.92
C TRP IA 23 -62.62 -58.34 -36.85
N VAL IA 24 -62.09 -58.82 -37.99
CA VAL IA 24 -61.45 -60.13 -37.98
C VAL IA 24 -60.18 -60.10 -37.14
N LYS IA 25 -59.44 -58.98 -37.17
CA LYS IA 25 -58.25 -58.88 -36.34
C LYS IA 25 -58.61 -58.93 -34.86
N VAL IA 26 -59.64 -58.19 -34.45
CA VAL IA 26 -59.97 -58.14 -33.02
C VAL IA 26 -60.61 -59.45 -32.56
N VAL IA 27 -61.28 -60.18 -33.45
CA VAL IA 27 -61.84 -61.47 -33.06
C VAL IA 27 -60.84 -62.61 -33.26
N GLU IA 28 -59.68 -62.35 -33.83
CA GLU IA 28 -58.63 -63.36 -33.91
C GLU IA 28 -57.49 -63.11 -32.92
N GLU IA 29 -57.39 -61.92 -32.33
CA GLU IA 29 -56.32 -61.66 -31.37
C GLU IA 29 -56.66 -62.18 -29.98
N LYS IA 30 -57.80 -61.77 -29.43
CA LYS IA 30 -58.24 -62.21 -28.11
C LYS IA 30 -59.54 -62.99 -28.17
N ALA IA 31 -60.62 -62.37 -28.64
CA ALA IA 31 -61.94 -62.96 -28.89
C ALA IA 31 -62.68 -63.40 -27.63
N PHE IA 32 -62.09 -63.21 -26.44
CA PHE IA 32 -62.75 -63.66 -25.22
C PHE IA 32 -62.61 -62.65 -24.08
N SER IA 33 -62.39 -61.38 -24.38
CA SER IA 33 -62.28 -60.37 -23.35
C SER IA 33 -63.52 -59.48 -23.33
N PRO IA 34 -63.90 -58.94 -22.17
CA PRO IA 34 -65.14 -58.14 -22.11
C PRO IA 34 -65.12 -56.91 -23.02
N GLU IA 35 -63.95 -56.30 -23.23
CA GLU IA 35 -63.90 -55.05 -23.99
C GLU IA 35 -64.28 -55.24 -25.46
N VAL IA 36 -64.33 -56.48 -25.94
CA VAL IA 36 -64.78 -56.72 -27.30
C VAL IA 36 -66.29 -56.53 -27.44
N ILE IA 37 -67.02 -56.48 -26.32
CA ILE IA 37 -68.47 -56.29 -26.36
C ILE IA 37 -68.79 -54.84 -26.70
N PRO IA 38 -68.19 -53.84 -26.03
CA PRO IA 38 -68.39 -52.46 -26.52
C PRO IA 38 -67.90 -52.24 -27.93
N MET IA 39 -66.80 -52.92 -28.31
CA MET IA 39 -66.28 -52.77 -29.67
C MET IA 39 -67.35 -53.10 -30.70
N PHE IA 40 -68.18 -54.10 -30.42
CA PHE IA 40 -69.32 -54.41 -31.29
C PHE IA 40 -70.19 -53.19 -31.50
N SER IA 41 -70.60 -52.54 -30.41
CA SER IA 41 -71.44 -51.34 -30.54
C SER IA 41 -70.67 -50.18 -31.17
N ALA IA 42 -69.35 -50.29 -31.27
CA ALA IA 42 -68.57 -49.26 -31.95
C ALA IA 42 -68.56 -49.47 -33.46
N LEU IA 43 -69.06 -50.61 -33.95
CA LEU IA 43 -69.06 -50.89 -35.38
C LEU IA 43 -70.43 -51.25 -35.94
N SER IA 44 -71.41 -51.57 -35.10
CA SER IA 44 -72.74 -51.98 -35.55
C SER IA 44 -73.76 -50.84 -35.41
N GLU IA 45 -73.33 -49.60 -35.62
CA GLU IA 45 -74.20 -48.44 -35.52
C GLU IA 45 -74.84 -48.19 -36.88
N GLY IA 46 -76.14 -48.43 -36.99
CA GLY IA 46 -76.86 -48.21 -38.22
C GLY IA 46 -76.74 -49.29 -39.26
N ALA IA 47 -76.07 -50.40 -38.94
CA ALA IA 47 -75.90 -51.48 -39.91
C ALA IA 47 -77.20 -52.22 -40.12
N THR IA 48 -77.42 -52.65 -41.37
CA THR IA 48 -78.60 -53.43 -41.70
C THR IA 48 -78.50 -54.84 -41.14
N PRO IA 49 -79.63 -55.52 -40.94
CA PRO IA 49 -79.56 -56.93 -40.49
C PRO IA 49 -78.77 -57.81 -41.43
N GLN IA 50 -78.75 -57.52 -42.73
CA GLN IA 50 -77.90 -58.25 -43.65
C GLN IA 50 -76.43 -58.05 -43.29
N ASP IA 51 -76.05 -56.82 -42.91
CA ASP IA 51 -74.69 -56.57 -42.47
C ASP IA 51 -74.36 -57.35 -41.21
N LEU IA 52 -75.32 -57.45 -40.28
CA LEU IA 52 -75.11 -58.26 -39.09
C LEU IA 52 -74.90 -59.73 -39.45
N ASN IA 53 -75.70 -60.25 -40.38
CA ASN IA 53 -75.55 -61.64 -40.79
C ASN IA 53 -74.19 -61.88 -41.44
N THR IA 54 -73.76 -60.97 -42.32
CA THR IA 54 -72.46 -61.13 -42.96
C THR IA 54 -71.33 -61.04 -41.94
N MET IA 55 -71.44 -60.14 -40.98
CA MET IA 55 -70.43 -60.05 -39.92
C MET IA 55 -70.37 -61.33 -39.10
N LEU IA 56 -71.53 -61.90 -38.76
CA LEU IA 56 -71.55 -63.15 -38.02
C LEU IA 56 -70.94 -64.28 -38.83
N ASN IA 57 -71.17 -64.28 -40.15
CA ASN IA 57 -70.66 -65.36 -40.99
C ASN IA 57 -69.17 -65.23 -41.25
N THR IA 58 -68.64 -64.01 -41.28
CA THR IA 58 -67.25 -63.82 -41.69
C THR IA 58 -66.25 -64.27 -40.62
N VAL IA 59 -66.72 -64.54 -39.40
CA VAL IA 59 -65.82 -64.97 -38.34
C VAL IA 59 -65.26 -66.36 -38.67
N GLY IA 60 -64.05 -66.62 -38.19
CA GLY IA 60 -63.41 -67.90 -38.44
C GLY IA 60 -63.22 -68.73 -37.18
N GLY IA 61 -63.74 -69.95 -37.18
CA GLY IA 61 -63.63 -70.82 -36.03
C GLY IA 61 -64.62 -70.45 -34.94
N HIS IA 62 -64.53 -71.20 -33.84
CA HIS IA 62 -65.39 -71.00 -32.67
C HIS IA 62 -66.87 -71.06 -33.05
N GLN IA 63 -67.23 -72.03 -33.90
CA GLN IA 63 -68.60 -72.14 -34.38
C GLN IA 63 -69.59 -72.55 -33.29
N ALA IA 64 -69.10 -73.00 -32.13
CA ALA IA 64 -69.99 -73.25 -31.00
C ALA IA 64 -70.69 -71.96 -30.57
N ALA IA 65 -69.94 -70.85 -30.53
CA ALA IA 65 -70.54 -69.56 -30.25
C ALA IA 65 -71.56 -69.18 -31.32
N MET IA 66 -71.27 -69.51 -32.58
CA MET IA 66 -72.23 -69.25 -33.65
C MET IA 66 -73.52 -70.02 -33.44
N GLN IA 67 -73.42 -71.30 -33.06
CA GLN IA 67 -74.63 -72.07 -32.78
C GLN IA 67 -75.37 -71.51 -31.58
N MET IA 68 -74.65 -71.08 -30.54
CA MET IA 68 -75.27 -70.46 -29.38
C MET IA 68 -76.07 -69.23 -29.79
N LEU IA 69 -75.47 -68.34 -30.57
CA LEU IA 69 -76.16 -67.13 -30.97
C LEU IA 69 -77.30 -67.43 -31.93
N LYS IA 70 -77.17 -68.43 -32.78
CA LYS IA 70 -78.29 -68.82 -33.65
C LYS IA 70 -79.47 -69.33 -32.84
N GLU IA 71 -79.20 -70.16 -31.83
CA GLU IA 71 -80.27 -70.65 -30.96
C GLU IA 71 -80.94 -69.51 -30.21
N THR IA 72 -80.15 -68.58 -29.68
CA THR IA 72 -80.75 -67.45 -28.98
C THR IA 72 -81.56 -66.58 -29.93
N ILE IA 73 -81.07 -66.37 -31.15
CA ILE IA 73 -81.82 -65.60 -32.14
C ILE IA 73 -83.14 -66.28 -32.46
N ASN IA 74 -83.11 -67.61 -32.62
CA ASN IA 74 -84.34 -68.34 -32.93
C ASN IA 74 -85.35 -68.21 -31.79
N GLU IA 75 -84.90 -68.42 -30.54
CA GLU IA 75 -85.84 -68.37 -29.42
C GLU IA 75 -86.38 -66.96 -29.20
N GLU IA 76 -85.53 -65.94 -29.36
CA GLU IA 76 -86.00 -64.57 -29.18
C GLU IA 76 -86.91 -64.14 -30.34
N ALA IA 77 -86.65 -64.65 -31.55
CA ALA IA 77 -87.56 -64.41 -32.65
C ALA IA 77 -88.92 -65.04 -32.39
N ALA IA 78 -88.94 -66.25 -31.84
CA ALA IA 78 -90.20 -66.89 -31.50
C ALA IA 78 -90.95 -66.10 -30.42
N GLU IA 79 -90.23 -65.64 -29.40
CA GLU IA 79 -90.89 -64.88 -28.34
C GLU IA 79 -91.40 -63.53 -28.86
N TRP IA 80 -90.65 -62.90 -29.77
CA TRP IA 80 -91.11 -61.66 -30.38
C TRP IA 80 -92.35 -61.90 -31.23
N ASP IA 81 -92.37 -63.00 -31.98
CA ASP IA 81 -93.53 -63.32 -32.81
C ASP IA 81 -94.77 -63.56 -31.95
N ARG IA 82 -94.61 -64.28 -30.84
CA ARG IA 82 -95.78 -64.57 -30.01
C ARG IA 82 -96.25 -63.33 -29.26
N LEU IA 83 -95.31 -62.48 -28.80
CA LEU IA 83 -95.73 -61.29 -28.06
C LEU IA 83 -96.32 -60.23 -28.99
N HIS IA 84 -95.70 -60.02 -30.15
CA HIS IA 84 -96.17 -58.98 -31.07
C HIS IA 84 -97.40 -59.46 -31.83
N PRO IA 85 -98.43 -58.63 -31.97
CA PRO IA 85 -99.61 -59.03 -32.75
C PRO IA 85 -99.25 -59.31 -34.19
N VAL IA 86 -99.94 -60.29 -34.77
CA VAL IA 86 -99.70 -60.66 -36.17
C VAL IA 86 -100.18 -59.54 -37.09
N HIS IA 87 -99.52 -59.41 -38.24
CA HIS IA 87 -99.83 -58.39 -39.22
C HIS IA 87 -100.33 -59.05 -40.50
N ALA IA 88 -101.43 -58.53 -41.04
CA ALA IA 88 -102.01 -59.02 -42.28
C ALA IA 88 -102.77 -57.88 -42.95
N GLY IA 89 -103.51 -58.21 -43.99
CA GLY IA 89 -104.29 -57.23 -44.71
C GLY IA 89 -103.47 -56.46 -45.72
N PRO IA 90 -104.10 -55.48 -46.39
CA PRO IA 90 -103.38 -54.69 -47.39
C PRO IA 90 -102.26 -53.84 -46.79
N ILE IA 91 -101.03 -54.08 -47.23
CA ILE IA 91 -99.90 -53.30 -46.75
C ILE IA 91 -99.86 -51.96 -47.50
N ALA IA 92 -99.63 -50.89 -46.75
CA ALA IA 92 -99.60 -49.56 -47.36
C ALA IA 92 -98.44 -49.46 -48.35
N PRO IA 93 -98.66 -48.92 -49.55
CA PRO IA 93 -97.56 -48.81 -50.52
C PRO IA 93 -96.44 -47.92 -50.00
N GLY IA 94 -95.21 -48.28 -50.35
CA GLY IA 94 -94.04 -47.55 -49.92
C GLY IA 94 -93.45 -48.00 -48.60
N GLN IA 95 -94.17 -48.84 -47.84
CA GLN IA 95 -93.69 -49.35 -46.57
C GLN IA 95 -94.14 -50.80 -46.42
N MET IA 96 -93.56 -51.48 -45.44
CA MET IA 96 -93.88 -52.87 -45.15
C MET IA 96 -94.24 -53.02 -43.69
N ARG IA 97 -95.03 -54.05 -43.38
CA ARG IA 97 -95.47 -54.28 -42.02
C ARG IA 97 -94.28 -54.67 -41.13
N GLU IA 98 -94.56 -54.82 -39.84
CA GLU IA 98 -93.52 -55.15 -38.87
C GLU IA 98 -92.92 -56.52 -39.19
N PRO IA 99 -91.61 -56.62 -39.41
CA PRO IA 99 -91.02 -57.90 -39.83
C PRO IA 99 -91.13 -58.95 -38.74
N ARG IA 100 -91.29 -60.20 -39.17
CA ARG IA 100 -91.38 -61.34 -38.25
C ARG IA 100 -89.98 -61.79 -37.88
N GLY IA 101 -89.89 -62.96 -37.24
CA GLY IA 101 -88.59 -63.46 -36.81
C GLY IA 101 -87.67 -63.81 -37.96
N SER IA 102 -88.24 -64.36 -39.04
CA SER IA 102 -87.42 -64.71 -40.20
C SER IA 102 -86.88 -63.46 -40.89
N ASP IA 103 -87.70 -62.42 -41.00
CA ASP IA 103 -87.28 -61.21 -41.71
C ASP IA 103 -86.22 -60.44 -40.93
N ILE IA 104 -86.39 -60.31 -39.62
CA ILE IA 104 -85.40 -59.59 -38.82
C ILE IA 104 -84.07 -60.32 -38.81
N ALA IA 105 -84.09 -61.66 -38.83
CA ALA IA 105 -82.87 -62.44 -38.87
C ALA IA 105 -82.17 -62.36 -40.22
N GLY IA 106 -82.81 -61.80 -41.24
CA GLY IA 106 -82.21 -61.65 -42.54
C GLY IA 106 -82.24 -62.89 -43.42
N THR IA 107 -82.81 -64.00 -42.94
CA THR IA 107 -82.85 -65.21 -43.75
C THR IA 107 -83.81 -65.07 -44.92
N THR IA 108 -84.92 -64.36 -44.74
CA THR IA 108 -85.91 -64.20 -45.80
C THR IA 108 -86.15 -62.76 -46.21
N SER IA 109 -85.43 -61.79 -45.65
CA SER IA 109 -85.61 -60.39 -45.97
C SER IA 109 -84.45 -59.90 -46.84
N THR IA 110 -84.78 -59.23 -47.93
CA THR IA 110 -83.78 -58.67 -48.82
C THR IA 110 -83.31 -57.31 -48.30
N LEU IA 111 -82.36 -56.71 -49.01
CA LEU IA 111 -81.83 -55.41 -48.60
C LEU IA 111 -82.89 -54.31 -48.70
N GLN IA 112 -83.74 -54.37 -49.72
CA GLN IA 112 -84.75 -53.34 -49.92
C GLN IA 112 -85.73 -53.29 -48.75
N GLU IA 113 -86.16 -54.46 -48.26
CA GLU IA 113 -87.08 -54.49 -47.13
C GLU IA 113 -86.45 -53.86 -45.89
N GLN IA 114 -85.18 -54.18 -45.62
CA GLN IA 114 -84.50 -53.59 -44.46
C GLN IA 114 -84.34 -52.09 -44.62
N ILE IA 115 -84.02 -51.63 -45.83
CA ILE IA 115 -83.89 -50.19 -46.07
C ILE IA 115 -85.22 -49.50 -45.83
N GLY IA 116 -86.32 -50.08 -46.34
CA GLY IA 116 -87.63 -49.50 -46.11
C GLY IA 116 -88.01 -49.47 -44.64
N TRP IA 117 -87.65 -50.52 -43.91
CA TRP IA 117 -87.95 -50.56 -42.48
C TRP IA 117 -87.14 -49.52 -41.71
N MET IA 118 -85.89 -49.30 -42.11
CA MET IA 118 -85.09 -48.25 -41.49
C MET IA 118 -85.70 -46.87 -41.73
N THR IA 119 -86.19 -46.62 -42.95
CA THR IA 119 -86.81 -45.36 -43.30
C THR IA 119 -88.32 -45.37 -43.12
N HIS IA 120 -88.84 -46.20 -42.21
CA HIS IA 120 -90.27 -46.30 -41.99
C HIS IA 120 -90.77 -45.05 -41.24
N ASN IA 121 -92.10 -44.90 -41.22
CA ASN IA 121 -92.75 -43.79 -40.53
C ASN IA 121 -93.90 -44.35 -39.69
N PRO IA 122 -93.68 -44.58 -38.38
CA PRO IA 122 -92.43 -44.36 -37.62
C PRO IA 122 -91.38 -45.42 -37.93
N PRO IA 123 -90.11 -45.06 -37.85
CA PRO IA 123 -89.04 -46.04 -38.16
C PRO IA 123 -89.08 -47.22 -37.23
N ILE IA 124 -88.85 -48.41 -37.78
CA ILE IA 124 -88.81 -49.64 -36.98
C ILE IA 124 -87.37 -50.12 -36.93
N PRO IA 125 -86.67 -49.90 -35.81
CA PRO IA 125 -85.24 -50.30 -35.71
C PRO IA 125 -85.06 -51.75 -35.30
N VAL IA 126 -85.46 -52.66 -36.19
CA VAL IA 126 -85.27 -54.09 -35.95
C VAL IA 126 -83.80 -54.46 -35.97
N GLY IA 127 -82.96 -53.66 -36.61
CA GLY IA 127 -81.53 -53.87 -36.49
C GLY IA 127 -81.04 -53.71 -35.06
N GLU IA 128 -81.60 -52.73 -34.35
CA GLU IA 128 -81.29 -52.55 -32.93
C GLU IA 128 -81.69 -53.78 -32.13
N ILE IA 129 -82.87 -54.33 -32.41
CA ILE IA 129 -83.33 -55.52 -31.70
C ILE IA 129 -82.42 -56.71 -32.01
N TYR IA 130 -82.04 -56.88 -33.27
CA TYR IA 130 -81.18 -57.99 -33.64
C TYR IA 130 -79.82 -57.87 -32.97
N LYS IA 131 -79.25 -56.65 -32.96
CA LYS IA 131 -77.94 -56.49 -32.33
C LYS IA 131 -78.01 -56.55 -30.81
N ARG IA 132 -79.16 -56.23 -30.20
CA ARG IA 132 -79.27 -56.43 -28.75
C ARG IA 132 -79.42 -57.91 -28.42
N TRP IA 133 -80.08 -58.68 -29.29
CA TRP IA 133 -80.06 -60.14 -29.14
C TRP IA 133 -78.64 -60.67 -29.26
N ILE IA 134 -77.87 -60.14 -30.22
CA ILE IA 134 -76.48 -60.54 -30.36
C ILE IA 134 -75.67 -60.15 -29.14
N ILE IA 135 -75.99 -59.01 -28.53
CA ILE IA 135 -75.31 -58.58 -27.30
C ILE IA 135 -75.60 -59.55 -26.18
N LEU IA 136 -76.85 -59.98 -26.05
CA LEU IA 136 -77.19 -60.99 -25.04
C LEU IA 136 -76.43 -62.29 -25.30
N GLY IA 137 -76.35 -62.69 -26.57
CA GLY IA 137 -75.57 -63.87 -26.92
C GLY IA 137 -74.10 -63.72 -26.57
N LEU IA 138 -73.54 -62.53 -26.78
CA LEU IA 138 -72.16 -62.27 -26.41
C LEU IA 138 -71.97 -62.33 -24.90
N ASN IA 139 -72.94 -61.82 -24.13
CA ASN IA 139 -72.86 -61.90 -22.69
C ASN IA 139 -72.85 -63.35 -22.23
N LYS IA 140 -73.76 -64.17 -22.76
CA LYS IA 140 -73.79 -65.57 -22.33
C LYS IA 140 -72.56 -66.33 -22.83
N ILE IA 141 -72.02 -65.96 -24.00
CA ILE IA 141 -70.83 -66.66 -24.49
C ILE IA 141 -69.59 -66.27 -23.68
N VAL IA 142 -69.52 -65.03 -23.19
CA VAL IA 142 -68.37 -64.66 -22.36
C VAL IA 142 -68.53 -65.22 -20.96
N ARG IA 143 -69.78 -65.46 -20.52
CA ARG IA 143 -69.99 -66.25 -19.31
C ARG IA 143 -69.52 -67.68 -19.51
N MET IA 144 -69.81 -68.26 -20.68
CA MET IA 144 -69.38 -69.63 -20.98
C MET IA 144 -67.86 -69.74 -21.01
N TYR IA 145 -67.20 -68.82 -21.70
CA TYR IA 145 -65.77 -68.92 -21.97
C TYR IA 145 -64.91 -68.37 -20.84
N SER IA 146 -65.51 -67.89 -19.76
CA SER IA 146 -64.71 -67.46 -18.62
C SER IA 146 -64.12 -68.69 -17.94
N PRO IA 147 -62.80 -68.79 -17.82
CA PRO IA 147 -62.17 -70.00 -17.27
C PRO IA 147 -62.09 -70.05 -15.75
N THR IA 148 -62.64 -69.07 -15.04
CA THR IA 148 -62.53 -69.02 -13.59
C THR IA 148 -63.75 -68.33 -13.02
N SER IA 149 -64.04 -68.63 -11.75
CA SER IA 149 -65.13 -68.00 -11.04
C SER IA 149 -64.62 -66.75 -10.32
N ILE IA 150 -65.42 -66.21 -9.41
CA ILE IA 150 -65.05 -64.99 -8.69
C ILE IA 150 -64.44 -65.34 -7.35
N LEU IA 151 -64.97 -66.37 -6.69
CA LEU IA 151 -64.58 -66.70 -5.32
C LEU IA 151 -63.32 -67.54 -5.22
N ASP IA 152 -62.79 -68.03 -6.35
CA ASP IA 152 -61.61 -68.88 -6.33
C ASP IA 152 -60.30 -68.12 -6.49
N ILE IA 153 -60.36 -66.79 -6.63
CA ILE IA 153 -59.13 -66.02 -6.80
C ILE IA 153 -58.41 -65.91 -5.47
N ARG IA 154 -57.11 -66.19 -5.49
CA ARG IA 154 -56.27 -66.10 -4.31
C ARG IA 154 -54.95 -65.43 -4.68
N GLN IA 155 -54.52 -64.48 -3.86
CA GLN IA 155 -53.27 -63.78 -4.11
C GLN IA 155 -52.10 -64.61 -3.57
N GLY IA 156 -51.12 -64.87 -4.43
CA GLY IA 156 -49.95 -65.61 -4.05
C GLY IA 156 -49.06 -64.82 -3.11
N PRO IA 157 -48.26 -65.53 -2.29
CA PRO IA 157 -47.35 -64.81 -1.37
C PRO IA 157 -46.35 -63.93 -2.10
N LYS IA 158 -45.86 -64.36 -3.25
CA LYS IA 158 -44.96 -63.55 -4.07
C LYS IA 158 -45.70 -62.73 -5.13
N GLU IA 159 -47.00 -62.92 -5.26
CA GLU IA 159 -47.78 -62.21 -6.27
C GLU IA 159 -48.09 -60.79 -5.81
N PRO IA 160 -47.76 -59.77 -6.60
CA PRO IA 160 -48.13 -58.40 -6.23
C PRO IA 160 -49.65 -58.22 -6.23
N PHE IA 161 -50.11 -57.26 -5.42
CA PHE IA 161 -51.54 -56.99 -5.33
C PHE IA 161 -52.08 -56.30 -6.58
N ARG IA 162 -51.21 -55.74 -7.41
CA ARG IA 162 -51.63 -55.01 -8.62
C ARG IA 162 -52.39 -55.92 -9.57
N ASP IA 163 -51.69 -56.91 -10.13
CA ASP IA 163 -52.37 -57.84 -11.05
C ASP IA 163 -53.42 -58.67 -10.34
N TYR IA 164 -53.30 -58.86 -9.02
CA TYR IA 164 -54.33 -59.57 -8.27
C TYR IA 164 -55.66 -58.82 -8.32
N VAL IA 165 -55.64 -57.53 -7.98
CA VAL IA 165 -56.88 -56.75 -8.05
C VAL IA 165 -57.31 -56.55 -9.50
N ASP IA 166 -56.35 -56.52 -10.43
CA ASP IA 166 -56.70 -56.42 -11.84
C ASP IA 166 -57.52 -57.62 -12.29
N ARG IA 167 -57.05 -58.83 -11.99
CA ARG IA 167 -57.81 -60.03 -12.37
C ARG IA 167 -59.08 -60.16 -11.57
N PHE IA 168 -59.10 -59.67 -10.32
CA PHE IA 168 -60.33 -59.67 -9.54
C PHE IA 168 -61.39 -58.81 -10.21
N TYR IA 169 -61.00 -57.62 -10.68
CA TYR IA 169 -61.96 -56.76 -11.38
C TYR IA 169 -62.33 -57.32 -12.75
N LYS IA 170 -61.40 -58.00 -13.42
CA LYS IA 170 -61.73 -58.65 -14.68
C LYS IA 170 -62.81 -59.72 -14.48
N THR IA 171 -62.65 -60.56 -13.45
CA THR IA 171 -63.67 -61.56 -13.18
C THR IA 171 -64.97 -60.94 -12.67
N LEU IA 172 -64.87 -59.81 -11.96
CA LEU IA 172 -66.06 -59.07 -11.56
C LEU IA 172 -66.85 -58.59 -12.76
N ARG IA 173 -66.15 -58.02 -13.75
CA ARG IA 173 -66.82 -57.59 -14.98
C ARG IA 173 -67.36 -58.78 -15.75
N ALA IA 174 -66.66 -59.91 -15.74
CA ALA IA 174 -67.18 -61.11 -16.40
C ALA IA 174 -68.42 -61.64 -15.69
N GLU IA 175 -68.58 -61.35 -14.41
CA GLU IA 175 -69.74 -61.82 -13.66
C GLU IA 175 -70.99 -61.07 -14.08
N GLN IA 176 -72.13 -61.77 -14.06
CA GLN IA 176 -73.41 -61.21 -14.46
C GLN IA 176 -74.32 -60.94 -13.26
N ALA IA 177 -73.74 -60.74 -12.07
CA ALA IA 177 -74.52 -60.52 -10.87
C ALA IA 177 -75.06 -59.10 -10.81
N SER IA 178 -75.91 -58.85 -9.83
CA SER IA 178 -76.50 -57.53 -9.65
C SER IA 178 -75.48 -56.55 -9.07
N GLN IA 179 -75.82 -55.26 -9.13
CA GLN IA 179 -74.89 -54.23 -8.70
C GLN IA 179 -74.58 -54.32 -7.21
N GLU IA 180 -75.60 -54.58 -6.38
CA GLU IA 180 -75.37 -54.67 -4.94
C GLU IA 180 -74.49 -55.87 -4.60
N VAL IA 181 -74.70 -57.00 -5.28
CA VAL IA 181 -73.83 -58.15 -5.06
C VAL IA 181 -72.41 -57.85 -5.48
N LYS IA 182 -72.24 -57.11 -6.57
CA LYS IA 182 -70.91 -56.71 -7.00
C LYS IA 182 -70.25 -55.82 -5.96
N ASN IA 183 -71.01 -54.87 -5.39
CA ASN IA 183 -70.45 -54.02 -4.34
C ASN IA 183 -70.06 -54.84 -3.12
N TRP IA 184 -70.91 -55.79 -2.72
CA TRP IA 184 -70.58 -56.61 -1.55
C TRP IA 184 -69.33 -57.45 -1.79
N MET IA 185 -69.21 -58.07 -2.97
CA MET IA 185 -68.02 -58.87 -3.24
C MET IA 185 -66.78 -58.00 -3.34
N THR IA 186 -66.87 -56.82 -3.96
CA THR IA 186 -65.71 -55.93 -4.00
C THR IA 186 -65.36 -55.36 -2.64
N GLU IA 187 -66.29 -55.35 -1.69
CA GLU IA 187 -66.00 -54.89 -0.34
C GLU IA 187 -65.49 -56.00 0.58
N THR IA 188 -65.77 -57.26 0.28
CA THR IA 188 -65.35 -58.35 1.15
C THR IA 188 -64.24 -59.20 0.56
N LEU IA 189 -64.43 -59.74 -0.65
CA LEU IA 189 -63.48 -60.71 -1.20
C LEU IA 189 -62.14 -60.07 -1.55
N LEU IA 190 -62.11 -58.74 -1.71
CA LEU IA 190 -60.85 -58.07 -2.02
C LEU IA 190 -59.86 -58.22 -0.87
N VAL IA 191 -60.36 -58.39 0.36
CA VAL IA 191 -59.49 -58.61 1.50
C VAL IA 191 -59.57 -60.04 2.03
N GLN IA 192 -60.64 -60.77 1.70
CA GLN IA 192 -60.73 -62.15 2.17
C GLN IA 192 -59.72 -63.08 1.50
N ASN IA 193 -59.12 -62.67 0.38
CA ASN IA 193 -58.20 -63.55 -0.36
C ASN IA 193 -56.94 -62.79 -0.78
N ALA IA 194 -56.35 -62.02 0.15
CA ALA IA 194 -55.13 -61.30 -0.11
C ALA IA 194 -54.00 -61.84 0.76
N ASN IA 195 -52.82 -61.23 0.63
CA ASN IA 195 -51.69 -61.62 1.45
C ASN IA 195 -51.92 -61.17 2.90
N PRO IA 196 -51.54 -62.01 3.89
CA PRO IA 196 -51.92 -61.71 5.28
C PRO IA 196 -51.39 -60.39 5.81
N ASP IA 197 -50.18 -59.98 5.42
CA ASP IA 197 -49.59 -58.76 5.98
C ASP IA 197 -50.45 -57.53 5.67
N CYS IA 198 -50.63 -57.22 4.39
CA CYS IA 198 -51.45 -56.07 4.08
C CYS IA 198 -52.94 -56.37 4.20
N LYS IA 199 -53.31 -57.64 4.37
CA LYS IA 199 -54.66 -57.95 4.84
C LYS IA 199 -54.91 -57.35 6.21
N THR IA 200 -54.01 -57.63 7.17
CA THR IA 200 -54.15 -57.04 8.50
C THR IA 200 -53.95 -55.53 8.45
N ILE IA 201 -53.12 -55.04 7.53
CA ILE IA 201 -52.97 -53.59 7.37
C ILE IA 201 -54.30 -52.97 6.96
N LEU IA 202 -54.99 -53.56 5.99
CA LEU IA 202 -56.27 -53.03 5.54
C LEU IA 202 -57.34 -53.18 6.62
N LYS IA 203 -57.28 -54.27 7.40
CA LYS IA 203 -58.19 -54.41 8.53
C LYS IA 203 -57.98 -53.31 9.55
N ALA IA 204 -56.72 -52.94 9.79
CA ALA IA 204 -56.42 -51.81 10.66
C ALA IA 204 -56.89 -50.50 10.04
N LEU IA 205 -56.91 -50.41 8.70
CA LEU IA 205 -57.37 -49.21 8.03
C LEU IA 205 -58.86 -48.94 8.26
N GLY IA 206 -59.62 -49.93 8.72
CA GLY IA 206 -61.02 -49.75 9.01
C GLY IA 206 -61.92 -50.01 7.82
N PRO IA 207 -63.23 -50.04 8.06
CA PRO IA 207 -64.19 -50.33 7.00
C PRO IA 207 -64.40 -49.16 6.06
N GLY IA 208 -64.85 -49.48 4.85
CA GLY IA 208 -65.12 -48.46 3.85
C GLY IA 208 -63.91 -47.73 3.34
N ALA IA 209 -62.72 -48.33 3.49
CA ALA IA 209 -61.50 -47.68 3.03
C ALA IA 209 -61.43 -47.72 1.50
N THR IA 210 -61.08 -46.58 0.90
CA THR IA 210 -60.94 -46.51 -0.55
C THR IA 210 -59.75 -47.36 -1.00
N LEU IA 211 -59.84 -47.89 -2.22
CA LEU IA 211 -58.82 -48.80 -2.72
C LEU IA 211 -57.49 -48.10 -2.97
N GLU IA 212 -57.46 -46.78 -3.13
CA GLU IA 212 -56.19 -46.08 -3.25
C GLU IA 212 -55.38 -46.16 -1.96
N GLU IA 213 -56.05 -46.01 -0.81
CA GLU IA 213 -55.36 -46.19 0.46
C GLU IA 213 -54.86 -47.61 0.62
N MET IA 214 -55.65 -48.59 0.19
CA MET IA 214 -55.23 -49.98 0.28
C MET IA 214 -54.01 -50.25 -0.59
N MET IA 215 -54.00 -49.69 -1.81
CA MET IA 215 -52.87 -49.93 -2.70
C MET IA 215 -51.62 -49.19 -2.23
N THR IA 216 -51.79 -48.04 -1.58
CA THR IA 216 -50.64 -47.35 -1.00
C THR IA 216 -50.19 -47.99 0.31
N ALA IA 217 -51.04 -48.83 0.92
CA ALA IA 217 -50.68 -49.50 2.16
C ALA IA 217 -50.08 -50.88 1.92
N CYS IA 218 -50.53 -51.59 0.90
CA CYS IA 218 -50.03 -52.93 0.60
C CYS IA 218 -48.63 -52.91 0.01
N GLN IA 219 -48.10 -51.75 -0.36
CA GLN IA 219 -46.74 -51.66 -0.85
C GLN IA 219 -45.74 -51.98 0.26
N GLY IA 220 -44.69 -52.70 -0.10
CA GLY IA 220 -43.65 -53.06 0.85
C GLY IA 220 -44.04 -54.19 1.79
N PRO JA 1 -65.46 -50.25 -57.92
CA PRO JA 1 -66.71 -50.75 -58.50
C PRO JA 1 -67.83 -49.70 -58.46
N ILE JA 2 -69.02 -50.09 -58.90
CA ILE JA 2 -70.16 -49.18 -58.86
C ILE JA 2 -70.60 -48.98 -57.42
N VAL JA 3 -70.59 -47.73 -56.97
CA VAL JA 3 -70.92 -47.40 -55.59
C VAL JA 3 -71.98 -46.31 -55.59
N GLN JA 4 -72.82 -46.32 -54.56
CA GLN JA 4 -73.89 -45.34 -54.43
C GLN JA 4 -73.31 -44.00 -54.00
N ASN JA 5 -73.24 -43.05 -54.93
CA ASN JA 5 -72.70 -41.74 -54.63
C ASN JA 5 -73.62 -40.99 -53.69
N LEU JA 6 -73.02 -40.29 -52.72
CA LEU JA 6 -73.80 -39.53 -51.75
C LEU JA 6 -74.56 -38.41 -52.45
N GLN JA 7 -75.80 -38.19 -52.00
CA GLN JA 7 -76.74 -37.21 -52.55
C GLN JA 7 -76.72 -37.19 -54.08
N GLY JA 8 -76.62 -38.36 -54.69
CA GLY JA 8 -76.58 -38.47 -56.14
C GLY JA 8 -76.81 -39.89 -56.58
N GLN JA 9 -76.73 -40.10 -57.89
CA GLN JA 9 -76.95 -41.42 -58.48
C GLN JA 9 -75.64 -42.20 -58.52
N MET JA 10 -75.77 -43.52 -58.55
CA MET JA 10 -74.60 -44.39 -58.55
C MET JA 10 -73.82 -44.25 -59.85
N VAL JA 11 -72.50 -44.39 -59.76
CA VAL JA 11 -71.62 -44.26 -60.92
C VAL JA 11 -70.52 -45.31 -60.82
N HIS JA 12 -70.03 -45.75 -61.98
CA HIS JA 12 -68.96 -46.73 -62.02
C HIS JA 12 -67.65 -46.12 -61.52
N GLN JA 13 -66.85 -46.96 -60.87
CA GLN JA 13 -65.55 -46.55 -60.35
C GLN JA 13 -64.57 -47.71 -60.50
N ALA JA 14 -63.29 -47.37 -60.58
CA ALA JA 14 -62.26 -48.39 -60.69
C ALA JA 14 -62.11 -49.15 -59.38
N ILE JA 15 -61.56 -50.36 -59.49
CA ILE JA 15 -61.40 -51.23 -58.33
C ILE JA 15 -60.24 -50.75 -57.48
N SER JA 16 -60.49 -50.57 -56.19
CA SER JA 16 -59.45 -50.13 -55.28
C SER JA 16 -58.38 -51.23 -55.12
N PRO JA 17 -57.10 -50.88 -55.17
CA PRO JA 17 -56.06 -51.91 -54.98
C PRO JA 17 -56.10 -52.55 -53.61
N ARG JA 18 -56.54 -51.83 -52.58
CA ARG JA 18 -56.54 -52.38 -51.23
C ARG JA 18 -57.50 -53.57 -51.11
N THR JA 19 -58.67 -53.48 -51.73
CA THR JA 19 -59.62 -54.59 -51.67
C THR JA 19 -59.04 -55.84 -52.32
N LEU JA 20 -58.41 -55.68 -53.49
CA LEU JA 20 -57.81 -56.83 -54.16
C LEU JA 20 -56.65 -57.41 -53.34
N ASN JA 21 -55.84 -56.54 -52.74
CA ASN JA 21 -54.74 -57.02 -51.90
C ASN JA 21 -55.26 -57.79 -50.70
N ALA JA 22 -56.31 -57.27 -50.05
CA ALA JA 22 -56.90 -57.99 -48.92
C ALA JA 22 -57.48 -59.33 -49.37
N TRP JA 23 -58.14 -59.35 -50.52
CA TRP JA 23 -58.70 -60.60 -51.04
C TRP JA 23 -57.61 -61.64 -51.28
N VAL JA 24 -56.53 -61.24 -51.96
CA VAL JA 24 -55.50 -62.21 -52.29
C VAL JA 24 -54.76 -62.66 -51.03
N LYS JA 25 -54.53 -61.75 -50.07
CA LYS JA 25 -53.83 -62.15 -48.86
C LYS JA 25 -54.69 -63.07 -48.00
N VAL JA 26 -56.01 -62.84 -47.95
CA VAL JA 26 -56.86 -63.72 -47.16
C VAL JA 26 -57.06 -65.05 -47.87
N VAL JA 27 -56.95 -65.07 -49.20
CA VAL JA 27 -57.02 -66.34 -49.93
C VAL JA 27 -55.75 -67.16 -49.67
N GLU JA 28 -54.59 -66.51 -49.73
CA GLU JA 28 -53.33 -67.24 -49.57
C GLU JA 28 -53.04 -67.60 -48.11
N GLU JA 29 -53.54 -66.81 -47.16
CA GLU JA 29 -53.26 -67.07 -45.76
C GLU JA 29 -54.28 -67.98 -45.10
N LYS JA 30 -55.44 -68.21 -45.72
CA LYS JA 30 -56.51 -68.99 -45.13
C LYS JA 30 -56.97 -70.06 -46.11
N ALA JA 31 -57.36 -71.21 -45.58
CA ALA JA 31 -57.83 -72.32 -46.41
C ALA JA 31 -59.23 -72.02 -46.95
N PHE JA 32 -59.79 -72.99 -47.67
CA PHE JA 32 -61.12 -72.85 -48.27
C PHE JA 32 -62.19 -73.20 -47.23
N SER JA 33 -62.29 -72.34 -46.22
CA SER JA 33 -63.32 -72.45 -45.21
C SER JA 33 -64.61 -71.81 -45.70
N PRO JA 34 -65.76 -72.24 -45.15
CA PRO JA 34 -67.03 -71.64 -45.60
C PRO JA 34 -67.12 -70.14 -45.40
N GLU JA 35 -66.51 -69.60 -44.33
CA GLU JA 35 -66.66 -68.18 -44.02
C GLU JA 35 -66.05 -67.28 -45.08
N VAL JA 36 -65.22 -67.82 -45.97
CA VAL JA 36 -64.66 -66.98 -47.05
C VAL JA 36 -65.74 -66.69 -48.09
N ILE JA 37 -66.77 -67.52 -48.19
CA ILE JA 37 -67.83 -67.27 -49.16
C ILE JA 37 -68.59 -65.97 -48.85
N PRO JA 38 -69.05 -65.71 -47.63
CA PRO JA 38 -69.64 -64.39 -47.36
C PRO JA 38 -68.65 -63.25 -47.54
N MET JA 39 -67.38 -63.47 -47.20
CA MET JA 39 -66.37 -62.43 -47.39
C MET JA 39 -66.31 -61.99 -48.84
N PHE JA 40 -66.43 -62.93 -49.77
CA PHE JA 40 -66.49 -62.57 -51.19
C PHE JA 40 -67.66 -61.64 -51.46
N SER JA 41 -68.84 -61.96 -50.93
CA SER JA 41 -69.99 -61.08 -51.11
C SER JA 41 -69.82 -59.78 -50.34
N ALA JA 42 -68.86 -59.70 -49.43
CA ALA JA 42 -68.54 -58.46 -48.75
C ALA JA 42 -67.60 -57.58 -49.57
N LEU JA 43 -67.11 -58.08 -50.70
CA LEU JA 43 -66.23 -57.30 -51.57
C LEU JA 43 -66.71 -57.20 -53.01
N SER JA 44 -67.72 -57.98 -53.40
CA SER JA 44 -68.19 -58.00 -54.78
C SER JA 44 -69.53 -57.30 -54.97
N GLU JA 45 -70.03 -56.61 -53.95
CA GLU JA 45 -71.32 -55.92 -54.08
C GLU JA 45 -71.20 -54.75 -55.04
N GLY JA 46 -72.22 -54.58 -55.88
CA GLY JA 46 -72.21 -53.51 -56.85
C GLY JA 46 -71.06 -53.55 -57.82
N ALA JA 47 -70.66 -54.75 -58.27
CA ALA JA 47 -69.52 -54.92 -59.15
C ALA JA 47 -69.97 -55.43 -60.51
N THR JA 48 -69.36 -54.89 -61.56
CA THR JA 48 -69.65 -55.33 -62.91
C THR JA 48 -69.10 -56.74 -63.14
N PRO JA 49 -69.62 -57.46 -64.14
CA PRO JA 49 -69.06 -58.78 -64.45
C PRO JA 49 -67.57 -58.75 -64.76
N GLN JA 50 -67.09 -57.68 -65.40
CA GLN JA 50 -65.65 -57.56 -65.63
C GLN JA 50 -64.89 -57.46 -64.31
N ASP JA 51 -65.45 -56.74 -63.33
CA ASP JA 51 -64.82 -56.66 -62.02
C ASP JA 51 -64.77 -58.03 -61.35
N LEU JA 52 -65.85 -58.82 -61.47
CA LEU JA 52 -65.85 -60.16 -60.90
C LEU JA 52 -64.82 -61.04 -61.59
N ASN JA 53 -64.70 -60.93 -62.92
CA ASN JA 53 -63.70 -61.70 -63.64
C ASN JA 53 -62.29 -61.33 -63.20
N THR JA 54 -62.04 -60.02 -63.03
CA THR JA 54 -60.73 -59.57 -62.56
C THR JA 54 -60.45 -60.08 -61.15
N MET JA 55 -61.46 -60.07 -60.28
CA MET JA 55 -61.30 -60.61 -58.93
C MET JA 55 -60.95 -62.09 -58.98
N LEU JA 56 -61.61 -62.84 -59.86
CA LEU JA 56 -61.29 -64.26 -60.01
C LEU JA 56 -59.87 -64.46 -60.53
N ASN JA 57 -59.44 -63.61 -61.47
CA ASN JA 57 -58.14 -63.79 -62.11
C ASN JA 57 -56.97 -63.49 -61.18
N THR JA 58 -57.17 -62.70 -60.13
CA THR JA 58 -56.07 -62.37 -59.22
C THR JA 58 -55.72 -63.49 -58.25
N VAL JA 59 -56.22 -64.71 -58.48
CA VAL JA 59 -55.93 -65.82 -57.59
C VAL JA 59 -54.46 -66.20 -57.67
N GLY JA 60 -53.85 -66.44 -56.51
CA GLY JA 60 -52.48 -66.91 -56.46
C GLY JA 60 -52.37 -68.36 -56.04
N GLY JA 61 -52.04 -69.23 -57.00
CA GLY JA 61 -51.93 -70.65 -56.72
C GLY JA 61 -53.29 -71.34 -56.69
N HIS JA 62 -53.23 -72.66 -56.46
CA HIS JA 62 -54.42 -73.50 -56.40
C HIS JA 62 -55.27 -73.37 -57.66
N GLN JA 63 -54.60 -73.47 -58.82
CA GLN JA 63 -55.29 -73.28 -60.09
C GLN JA 63 -56.23 -74.43 -60.45
N ALA JA 64 -56.14 -75.57 -59.75
CA ALA JA 64 -57.09 -76.65 -60.00
C ALA JA 64 -58.50 -76.23 -59.65
N ALA JA 65 -58.68 -75.59 -58.49
CA ALA JA 65 -59.99 -75.07 -58.13
C ALA JA 65 -60.43 -73.98 -59.11
N MET JA 66 -59.49 -73.21 -59.65
CA MET JA 66 -59.83 -72.22 -60.65
C MET JA 66 -60.36 -72.88 -61.92
N GLN JA 67 -59.76 -74.01 -62.31
CA GLN JA 67 -60.27 -74.75 -63.46
C GLN JA 67 -61.66 -75.31 -63.17
N MET JA 68 -61.88 -75.80 -61.94
CA MET JA 68 -63.22 -76.24 -61.56
C MET JA 68 -64.23 -75.12 -61.71
N LEU JA 69 -63.86 -73.93 -61.22
CA LEU JA 69 -64.74 -72.77 -61.32
C LEU JA 69 -64.99 -72.37 -62.76
N LYS JA 70 -63.95 -72.45 -63.60
CA LYS JA 70 -64.14 -72.13 -65.01
C LYS JA 70 -65.09 -73.12 -65.69
N GLU JA 71 -64.95 -74.40 -65.39
CA GLU JA 71 -65.85 -75.39 -65.96
C GLU JA 71 -67.29 -75.18 -65.49
N THR JA 72 -67.48 -74.88 -64.20
CA THR JA 72 -68.82 -74.61 -63.71
C THR JA 72 -69.40 -73.35 -64.34
N ILE JA 73 -68.57 -72.33 -64.56
CA ILE JA 73 -69.02 -71.13 -65.25
C ILE JA 73 -69.46 -71.46 -66.67
N ASN JA 74 -68.67 -72.29 -67.38
CA ASN JA 74 -69.02 -72.64 -68.74
C ASN JA 74 -70.33 -73.41 -68.80
N GLU JA 75 -70.51 -74.38 -67.90
CA GLU JA 75 -71.73 -75.18 -67.93
C GLU JA 75 -72.95 -74.34 -67.53
N GLU JA 76 -72.80 -73.45 -66.55
CA GLU JA 76 -73.90 -72.57 -66.16
C GLU JA 76 -74.25 -71.60 -67.28
N ALA JA 77 -73.24 -71.10 -68.00
CA ALA JA 77 -73.49 -70.24 -69.15
C ALA JA 77 -74.23 -71.00 -70.24
N ALA JA 78 -73.86 -72.26 -70.46
CA ALA JA 78 -74.58 -73.08 -71.43
C ALA JA 78 -76.04 -73.27 -71.02
N GLU JA 79 -76.27 -73.53 -69.73
CA GLU JA 79 -77.64 -73.66 -69.24
C GLU JA 79 -78.42 -72.37 -69.43
N TRP JA 80 -77.79 -71.23 -69.13
CA TRP JA 80 -78.45 -69.94 -69.30
C TRP JA 80 -78.80 -69.68 -70.76
N ASP JA 81 -77.89 -69.99 -71.68
CA ASP JA 81 -78.19 -69.83 -73.10
C ASP JA 81 -79.31 -70.77 -73.54
N ARG JA 82 -79.32 -71.99 -73.00
CA ARG JA 82 -80.36 -72.96 -73.32
C ARG JA 82 -81.74 -72.58 -72.81
N LEU JA 83 -81.83 -71.97 -71.62
CA LEU JA 83 -83.12 -71.58 -71.07
C LEU JA 83 -83.57 -70.19 -71.49
N HIS JA 84 -82.70 -69.43 -72.15
CA HIS JA 84 -83.05 -68.10 -72.65
C HIS JA 84 -82.98 -68.09 -74.17
N PRO JA 85 -84.11 -68.09 -74.88
CA PRO JA 85 -84.07 -68.02 -76.34
C PRO JA 85 -83.41 -66.73 -76.80
N VAL JA 86 -82.77 -66.80 -77.97
CA VAL JA 86 -82.06 -65.65 -78.52
C VAL JA 86 -83.05 -64.52 -78.76
N HIS JA 87 -82.84 -63.39 -78.09
CA HIS JA 87 -83.73 -62.24 -78.20
C HIS JA 87 -83.36 -61.46 -79.46
N ALA JA 88 -84.24 -61.52 -80.46
CA ALA JA 88 -84.06 -60.82 -81.72
C ALA JA 88 -84.98 -59.61 -81.78
N GLY JA 89 -84.41 -58.45 -82.10
CA GLY JA 89 -85.17 -57.24 -82.19
C GLY JA 89 -84.33 -56.07 -82.66
N PRO JA 90 -84.97 -54.92 -82.88
CA PRO JA 90 -84.22 -53.74 -83.31
C PRO JA 90 -83.24 -53.28 -82.25
N ILE JA 91 -82.12 -52.73 -82.72
CA ILE JA 91 -81.08 -52.19 -81.85
C ILE JA 91 -81.15 -50.67 -81.94
N ALA JA 92 -81.56 -50.03 -80.85
CA ALA JA 92 -81.73 -48.59 -80.77
C ALA JA 92 -81.10 -48.08 -79.48
N PRO JA 93 -80.73 -46.80 -79.42
CA PRO JA 93 -80.22 -46.24 -78.17
C PRO JA 93 -81.25 -46.37 -77.05
N GLY JA 94 -80.75 -46.67 -75.85
CA GLY JA 94 -81.59 -46.94 -74.71
C GLY JA 94 -81.97 -48.40 -74.53
N GLN JA 95 -81.73 -49.24 -75.54
CA GLN JA 95 -81.98 -50.67 -75.47
C GLN JA 95 -80.71 -51.42 -75.85
N MET JA 96 -80.35 -52.40 -75.03
CA MET JA 96 -79.18 -53.23 -75.28
C MET JA 96 -79.60 -54.68 -75.43
N ARG JA 97 -78.91 -55.41 -76.30
CA ARG JA 97 -79.28 -56.78 -76.60
C ARG JA 97 -79.02 -57.68 -75.39
N GLU JA 98 -79.67 -58.84 -75.41
CA GLU JA 98 -79.59 -59.76 -74.28
C GLU JA 98 -78.19 -60.35 -74.17
N PRO JA 99 -77.54 -60.26 -73.01
CA PRO JA 99 -76.21 -60.87 -72.86
C PRO JA 99 -76.28 -62.39 -72.98
N ARG JA 100 -75.22 -62.96 -73.54
CA ARG JA 100 -75.14 -64.40 -73.74
C ARG JA 100 -74.31 -65.04 -72.63
N GLY JA 101 -74.01 -66.33 -72.79
CA GLY JA 101 -73.23 -67.03 -71.77
C GLY JA 101 -71.81 -66.50 -71.66
N SER JA 102 -71.21 -66.14 -72.79
CA SER JA 102 -69.88 -65.54 -72.78
C SER JA 102 -69.89 -64.10 -72.31
N ASP JA 103 -71.06 -63.47 -72.22
CA ASP JA 103 -71.19 -62.08 -71.81
C ASP JA 103 -71.46 -61.91 -70.33
N ILE JA 104 -72.22 -62.83 -69.72
CA ILE JA 104 -72.51 -62.73 -68.29
C ILE JA 104 -71.24 -62.89 -67.48
N ALA JA 105 -70.36 -63.81 -67.89
CA ALA JA 105 -69.09 -63.99 -67.20
C ALA JA 105 -68.11 -62.86 -67.46
N GLY JA 106 -68.36 -62.02 -68.46
CA GLY JA 106 -67.48 -60.91 -68.76
C GLY JA 106 -66.24 -61.28 -69.56
N THR JA 107 -66.11 -62.54 -69.98
CA THR JA 107 -64.94 -62.95 -70.74
C THR JA 107 -64.86 -62.26 -72.10
N THR JA 108 -65.99 -62.15 -72.80
CA THR JA 108 -66.02 -61.55 -74.12
C THR JA 108 -66.70 -60.19 -74.16
N SER JA 109 -67.02 -59.60 -73.02
CA SER JA 109 -67.67 -58.31 -72.96
C SER JA 109 -66.76 -57.29 -72.29
N THR JA 110 -66.68 -56.11 -72.90
CA THR JA 110 -65.87 -55.03 -72.36
C THR JA 110 -66.55 -54.40 -71.14
N LEU JA 111 -65.78 -53.62 -70.39
CA LEU JA 111 -66.31 -52.95 -69.20
C LEU JA 111 -67.41 -51.97 -69.58
N GLN JA 112 -67.22 -51.23 -70.69
CA GLN JA 112 -68.24 -50.28 -71.13
C GLN JA 112 -69.54 -50.99 -71.47
N GLU JA 113 -69.46 -52.17 -72.08
CA GLU JA 113 -70.68 -52.93 -72.36
C GLU JA 113 -71.40 -53.32 -71.07
N GLN JA 114 -70.64 -53.72 -70.04
CA GLN JA 114 -71.27 -54.05 -68.76
C GLN JA 114 -71.90 -52.82 -68.12
N ILE JA 115 -71.25 -51.67 -68.23
CA ILE JA 115 -71.83 -50.43 -67.71
C ILE JA 115 -73.13 -50.10 -68.44
N GLY JA 116 -73.13 -50.27 -69.76
CA GLY JA 116 -74.35 -50.05 -70.53
C GLY JA 116 -75.46 -51.01 -70.15
N TRP JA 117 -75.11 -52.26 -69.89
CA TRP JA 117 -76.10 -53.23 -69.41
C TRP JA 117 -76.67 -52.82 -68.06
N MET JA 118 -75.80 -52.32 -67.17
CA MET JA 118 -76.27 -51.86 -65.86
C MET JA 118 -77.20 -50.66 -66.00
N THR JA 119 -76.86 -49.73 -66.89
CA THR JA 119 -77.69 -48.54 -67.09
C THR JA 119 -78.90 -48.80 -67.97
N HIS JA 120 -79.02 -49.98 -68.57
CA HIS JA 120 -80.15 -50.29 -69.42
C HIS JA 120 -81.44 -50.35 -68.60
N ASN JA 121 -82.53 -49.91 -69.21
CA ASN JA 121 -83.85 -49.92 -68.57
C ASN JA 121 -84.71 -51.00 -69.20
N PRO JA 122 -85.19 -52.00 -68.44
CA PRO JA 122 -85.03 -52.18 -66.98
C PRO JA 122 -83.64 -52.68 -66.61
N PRO JA 123 -83.17 -52.40 -65.40
CA PRO JA 123 -81.83 -52.87 -64.99
C PRO JA 123 -81.75 -54.38 -65.01
N ILE JA 124 -80.61 -54.88 -65.47
CA ILE JA 124 -80.35 -56.31 -65.57
C ILE JA 124 -79.15 -56.64 -64.70
N PRO JA 125 -79.37 -57.15 -63.49
CA PRO JA 125 -78.24 -57.56 -62.64
C PRO JA 125 -77.73 -58.95 -63.00
N VAL JA 126 -77.60 -59.22 -64.29
CA VAL JA 126 -77.17 -60.54 -64.76
C VAL JA 126 -75.78 -60.87 -64.23
N GLY JA 127 -74.91 -59.86 -64.15
CA GLY JA 127 -73.60 -60.07 -63.55
C GLY JA 127 -73.69 -60.57 -62.12
N GLU JA 128 -74.63 -60.01 -61.35
CA GLU JA 128 -74.89 -60.53 -60.01
C GLU JA 128 -75.24 -62.00 -60.06
N ILE JA 129 -76.04 -62.41 -61.06
CA ILE JA 129 -76.30 -63.83 -61.26
C ILE JA 129 -75.00 -64.59 -61.42
N TYR JA 130 -74.11 -64.08 -62.27
CA TYR JA 130 -72.79 -64.69 -62.42
C TYR JA 130 -72.11 -64.83 -61.06
N LYS JA 131 -72.21 -63.79 -60.23
CA LYS JA 131 -71.65 -63.87 -58.88
C LYS JA 131 -72.19 -65.10 -58.16
N ARG JA 132 -73.52 -65.24 -58.11
CA ARG JA 132 -74.10 -66.38 -57.40
C ARG JA 132 -73.62 -67.68 -58.05
N TRP JA 133 -73.43 -67.67 -59.36
CA TRP JA 133 -72.90 -68.85 -60.04
C TRP JA 133 -71.58 -69.27 -59.40
N ILE JA 134 -70.64 -68.33 -59.30
CA ILE JA 134 -69.35 -68.69 -58.71
C ILE JA 134 -69.54 -69.10 -57.26
N ILE JA 135 -70.51 -68.48 -56.57
CA ILE JA 135 -70.81 -68.86 -55.19
C ILE JA 135 -71.12 -70.35 -55.14
N LEU JA 136 -71.99 -70.81 -56.05
CA LEU JA 136 -72.31 -72.23 -56.11
C LEU JA 136 -71.04 -73.05 -56.20
N GLY JA 137 -70.16 -72.70 -57.15
CA GLY JA 137 -68.92 -73.42 -57.28
C GLY JA 137 -68.13 -73.41 -55.98
N LEU JA 138 -68.00 -72.22 -55.37
CA LEU JA 138 -67.27 -72.11 -54.11
C LEU JA 138 -67.80 -73.09 -53.10
N ASN JA 139 -69.13 -73.26 -53.04
CA ASN JA 139 -69.73 -74.22 -52.13
C ASN JA 139 -69.07 -75.59 -52.30
N LYS JA 140 -69.16 -76.16 -53.50
CA LYS JA 140 -68.58 -77.48 -53.70
C LYS JA 140 -67.07 -77.43 -53.54
N ILE JA 141 -66.46 -76.29 -53.83
CA ILE JA 141 -65.02 -76.14 -53.65
C ILE JA 141 -64.66 -76.40 -52.20
N VAL JA 142 -65.46 -75.84 -51.27
CA VAL JA 142 -65.24 -76.12 -49.85
C VAL JA 142 -65.36 -77.61 -49.60
N ARG JA 143 -66.41 -78.24 -50.15
CA ARG JA 143 -66.57 -79.67 -49.99
C ARG JA 143 -65.40 -80.45 -50.57
N MET JA 144 -64.70 -79.88 -51.54
CA MET JA 144 -63.52 -80.53 -52.10
C MET JA 144 -62.31 -80.37 -51.19
N TYR JA 145 -62.18 -79.23 -50.51
CA TYR JA 145 -61.00 -78.94 -49.71
C TYR JA 145 -61.22 -79.21 -48.23
N SER JA 146 -62.34 -79.83 -47.87
CA SER JA 146 -62.56 -80.38 -46.53
C SER JA 146 -63.02 -81.82 -46.69
N PRO JA 147 -62.14 -82.70 -47.15
CA PRO JA 147 -62.57 -84.07 -47.50
C PRO JA 147 -62.93 -84.92 -46.29
N THR JA 148 -62.68 -84.45 -45.07
CA THR JA 148 -63.05 -85.21 -43.89
C THR JA 148 -64.56 -85.39 -43.82
N SER JA 149 -65.00 -86.62 -43.61
CA SER JA 149 -66.42 -86.92 -43.55
C SER JA 149 -67.03 -86.40 -42.25
N ILE JA 150 -68.36 -86.37 -42.22
CA ILE JA 150 -69.07 -85.94 -41.02
C ILE JA 150 -69.64 -87.11 -40.23
N LEU JA 151 -69.83 -88.27 -40.85
CA LEU JA 151 -70.30 -89.44 -40.13
C LEU JA 151 -69.20 -90.07 -39.29
N ASP JA 152 -67.95 -89.99 -39.74
CA ASP JA 152 -66.84 -90.62 -39.05
C ASP JA 152 -66.29 -89.79 -37.90
N ILE JA 153 -66.81 -88.59 -37.68
CA ILE JA 153 -66.34 -87.76 -36.59
C ILE JA 153 -66.67 -88.41 -35.26
N ARG JA 154 -65.64 -88.57 -34.41
CA ARG JA 154 -65.81 -89.21 -33.11
C ARG JA 154 -64.96 -88.47 -32.08
N GLN JA 155 -65.56 -88.19 -30.93
CA GLN JA 155 -64.83 -87.53 -29.85
C GLN JA 155 -63.97 -88.54 -29.11
N GLY JA 156 -62.67 -88.26 -29.03
CA GLY JA 156 -61.73 -89.15 -28.39
C GLY JA 156 -61.88 -89.16 -26.88
N PRO JA 157 -61.29 -90.16 -26.23
CA PRO JA 157 -61.37 -90.22 -24.75
C PRO JA 157 -60.78 -89.00 -24.07
N LYS JA 158 -59.69 -88.45 -24.61
CA LYS JA 158 -59.08 -87.24 -24.07
C LYS JA 158 -59.40 -86.01 -24.90
N GLU JA 159 -60.18 -86.14 -25.96
CA GLU JA 159 -60.55 -85.00 -26.79
C GLU JA 159 -61.62 -84.18 -26.09
N PRO JA 160 -61.39 -82.91 -25.80
CA PRO JA 160 -62.44 -82.10 -25.17
C PRO JA 160 -63.63 -81.90 -26.10
N PHE JA 161 -64.81 -81.78 -25.49
CA PHE JA 161 -66.03 -81.60 -26.27
C PHE JA 161 -66.10 -80.24 -26.95
N ARG JA 162 -65.36 -79.24 -26.45
CA ARG JA 162 -65.36 -77.93 -27.09
C ARG JA 162 -64.78 -78.00 -28.49
N ASP JA 163 -63.58 -78.57 -28.62
CA ASP JA 163 -62.98 -78.72 -29.95
C ASP JA 163 -63.77 -79.72 -30.79
N TYR JA 164 -64.37 -80.73 -30.15
CA TYR JA 164 -65.19 -81.69 -30.87
C TYR JA 164 -66.37 -81.00 -31.55
N VAL JA 165 -67.13 -80.20 -30.80
CA VAL JA 165 -68.26 -79.50 -31.40
C VAL JA 165 -67.79 -78.43 -32.37
N ASP JA 166 -66.62 -77.83 -32.11
CA ASP JA 166 -66.10 -76.83 -33.05
C ASP JA 166 -65.84 -77.46 -34.43
N ARG JA 167 -65.12 -78.58 -34.45
CA ARG JA 167 -64.85 -79.25 -35.73
C ARG JA 167 -66.12 -79.85 -36.32
N PHE JA 168 -67.05 -80.30 -35.47
CA PHE JA 168 -68.32 -80.82 -35.98
C PHE JA 168 -69.10 -79.75 -36.71
N TYR JA 169 -69.17 -78.54 -36.14
CA TYR JA 169 -69.88 -77.46 -36.80
C TYR JA 169 -69.10 -76.91 -37.99
N LYS JA 170 -67.77 -76.99 -37.97
CA LYS JA 170 -67.00 -76.64 -39.16
C LYS JA 170 -67.36 -77.56 -40.32
N THR JA 171 -67.37 -78.87 -40.08
CA THR JA 171 -67.76 -79.81 -41.13
C THR JA 171 -69.23 -79.66 -41.50
N LEU JA 172 -70.08 -79.27 -40.55
CA LEU JA 172 -71.47 -78.98 -40.85
C LEU JA 172 -71.61 -77.83 -41.83
N ARG JA 173 -70.85 -76.75 -41.58
CA ARG JA 173 -70.84 -75.63 -42.52
C ARG JA 173 -70.28 -76.05 -43.87
N ALA JA 174 -69.29 -76.97 -43.85
CA ALA JA 174 -68.79 -77.53 -45.10
C ALA JA 174 -69.81 -78.42 -45.80
N GLU JA 175 -70.83 -78.88 -45.08
CA GLU JA 175 -71.83 -79.78 -45.64
C GLU JA 175 -72.86 -79.01 -46.45
N GLN JA 176 -73.53 -79.71 -47.37
CA GLN JA 176 -74.51 -79.13 -48.28
C GLN JA 176 -75.95 -79.39 -47.83
N ALA JA 177 -76.14 -79.90 -46.62
CA ALA JA 177 -77.49 -80.22 -46.15
C ALA JA 177 -78.30 -78.95 -45.91
N SER JA 178 -79.62 -79.08 -46.04
CA SER JA 178 -80.52 -77.96 -45.79
C SER JA 178 -80.63 -77.69 -44.30
N GLN JA 179 -81.39 -76.66 -43.95
CA GLN JA 179 -81.46 -76.21 -42.56
C GLN JA 179 -82.07 -77.28 -41.65
N GLU JA 180 -83.22 -77.82 -42.04
CA GLU JA 180 -83.88 -78.83 -41.21
C GLU JA 180 -83.04 -80.11 -41.13
N VAL JA 181 -82.45 -80.52 -42.26
CA VAL JA 181 -81.58 -81.70 -42.25
C VAL JA 181 -80.38 -81.46 -41.35
N LYS JA 182 -79.80 -80.26 -41.40
CA LYS JA 182 -78.69 -79.93 -40.52
C LYS JA 182 -79.10 -79.99 -39.07
N ASN JA 183 -80.28 -79.45 -38.74
CA ASN JA 183 -80.74 -79.47 -37.35
C ASN JA 183 -80.94 -80.91 -36.86
N TRP JA 184 -81.57 -81.74 -37.67
CA TRP JA 184 -81.77 -83.14 -37.29
C TRP JA 184 -80.44 -83.87 -37.13
N MET JA 185 -79.53 -83.66 -38.08
CA MET JA 185 -78.24 -84.35 -38.03
C MET JA 185 -77.45 -83.92 -36.81
N THR JA 186 -77.47 -82.64 -36.47
CA THR JA 186 -76.77 -82.18 -35.27
C THR JA 186 -77.42 -82.77 -34.02
N GLU JA 187 -78.75 -82.63 -33.88
CA GLU JA 187 -79.42 -83.11 -32.69
C GLU JA 187 -79.28 -84.61 -32.50
N THR JA 188 -78.96 -85.34 -33.56
CA THR JA 188 -78.66 -86.77 -33.41
C THR JA 188 -77.18 -87.01 -33.11
N LEU JA 189 -76.29 -86.53 -33.99
CA LEU JA 189 -74.88 -86.91 -33.91
C LEU JA 189 -74.14 -86.25 -32.75
N LEU JA 190 -74.61 -85.11 -32.24
CA LEU JA 190 -73.94 -84.51 -31.09
C LEU JA 190 -73.97 -85.44 -29.88
N VAL JA 191 -75.11 -86.10 -29.66
CA VAL JA 191 -75.20 -87.07 -28.58
C VAL JA 191 -74.76 -88.46 -29.04
N GLN JA 192 -74.77 -88.73 -30.35
CA GLN JA 192 -74.35 -90.04 -30.85
C GLN JA 192 -72.83 -90.18 -30.95
N ASN JA 193 -72.07 -89.08 -30.89
CA ASN JA 193 -70.63 -89.13 -31.05
C ASN JA 193 -69.90 -88.42 -29.91
N ALA JA 194 -70.31 -88.68 -28.67
CA ALA JA 194 -69.67 -88.10 -27.50
C ALA JA 194 -68.97 -89.19 -26.68
N ASN JA 195 -68.27 -88.75 -25.64
CA ASN JA 195 -67.66 -89.69 -24.71
C ASN JA 195 -68.74 -90.44 -23.94
N PRO JA 196 -68.48 -91.69 -23.52
CA PRO JA 196 -69.53 -92.47 -22.85
C PRO JA 196 -70.09 -91.80 -21.60
N ASP JA 197 -69.23 -91.17 -20.78
CA ASP JA 197 -69.73 -90.47 -19.60
C ASP JA 197 -70.62 -89.30 -20.00
N CYS JA 198 -70.23 -88.55 -21.03
CA CYS JA 198 -71.07 -87.47 -21.53
C CYS JA 198 -72.38 -88.01 -22.08
N LYS JA 199 -72.32 -89.15 -22.77
CA LYS JA 199 -73.54 -89.81 -23.24
C LYS JA 199 -74.49 -90.10 -22.10
N THR JA 200 -73.98 -90.75 -21.04
CA THR JA 200 -74.85 -91.13 -19.93
C THR JA 200 -75.41 -89.89 -19.23
N ILE JA 201 -74.58 -88.87 -19.01
CA ILE JA 201 -75.05 -87.67 -18.34
C ILE JA 201 -76.13 -86.97 -19.16
N LEU JA 202 -75.91 -86.83 -20.47
CA LEU JA 202 -76.88 -86.10 -21.29
C LEU JA 202 -78.14 -86.91 -21.53
N LYS JA 203 -78.07 -88.24 -21.52
CA LYS JA 203 -79.28 -89.04 -21.60
C LYS JA 203 -80.04 -89.02 -20.28
N ALA JA 204 -79.33 -88.88 -19.15
CA ALA JA 204 -80.01 -88.64 -17.89
C ALA JA 204 -80.72 -87.29 -17.90
N LEU JA 205 -80.08 -86.28 -18.49
CA LEU JA 205 -80.73 -84.98 -18.66
C LEU JA 205 -81.95 -85.09 -19.57
N GLY JA 206 -81.85 -85.88 -20.64
CA GLY JA 206 -82.96 -86.10 -21.53
C GLY JA 206 -82.95 -85.16 -22.71
N PRO JA 207 -83.75 -85.47 -23.73
CA PRO JA 207 -83.81 -84.61 -24.92
C PRO JA 207 -84.59 -83.33 -24.64
N GLY JA 208 -84.39 -82.36 -25.54
CA GLY JA 208 -85.03 -81.07 -25.45
C GLY JA 208 -84.16 -79.97 -24.90
N ALA JA 209 -83.05 -80.32 -24.25
CA ALA JA 209 -82.12 -79.32 -23.74
C ALA JA 209 -81.23 -78.80 -24.85
N THR JA 210 -80.94 -77.51 -24.82
CA THR JA 210 -80.08 -76.89 -25.82
C THR JA 210 -78.64 -77.31 -25.61
N LEU JA 211 -77.75 -76.81 -26.48
CA LEU JA 211 -76.34 -77.17 -26.39
C LEU JA 211 -75.67 -76.59 -25.16
N GLU JA 212 -76.29 -75.61 -24.49
CA GLU JA 212 -75.75 -75.08 -23.24
C GLU JA 212 -75.70 -76.18 -22.18
N GLU JA 213 -76.80 -76.92 -22.02
CA GLU JA 213 -76.82 -78.02 -21.07
C GLU JA 213 -75.88 -79.13 -21.51
N MET JA 214 -75.77 -79.36 -22.83
CA MET JA 214 -74.84 -80.36 -23.34
C MET JA 214 -73.41 -80.02 -22.93
N MET JA 215 -73.04 -78.74 -23.00
CA MET JA 215 -71.69 -78.34 -22.61
C MET JA 215 -71.52 -78.40 -21.10
N THR JA 216 -72.48 -77.88 -20.33
CA THR JA 216 -72.30 -77.74 -18.89
C THR JA 216 -72.57 -79.05 -18.14
N ALA JA 217 -73.06 -80.08 -18.82
CA ALA JA 217 -73.44 -81.31 -18.13
C ALA JA 217 -72.22 -82.20 -17.86
N CYS JA 218 -71.37 -82.41 -18.88
CA CYS JA 218 -70.25 -83.33 -18.78
C CYS JA 218 -68.90 -82.61 -18.79
N GLN JA 219 -68.81 -81.45 -18.14
CA GLN JA 219 -67.55 -80.72 -18.04
C GLN JA 219 -66.49 -81.54 -17.33
N GLY JA 220 -65.43 -81.90 -18.04
CA GLY JA 220 -64.35 -82.68 -17.45
C GLY JA 220 -64.61 -84.17 -17.41
N PRO KA 1 5.00 30.47 111.56
CA PRO KA 1 4.14 30.65 110.39
C PRO KA 1 2.74 31.14 110.76
N ILE KA 2 1.85 31.19 109.79
CA ILE KA 2 0.45 31.53 110.04
C ILE KA 2 -0.18 30.36 110.80
N VAL KA 3 -0.43 30.54 112.09
CA VAL KA 3 -0.94 29.48 112.95
C VAL KA 3 -2.25 29.93 113.57
N GLN KA 4 -3.26 29.07 113.49
CA GLN KA 4 -4.55 29.33 114.11
C GLN KA 4 -4.50 28.93 115.58
N ASN KA 5 -5.27 29.65 116.40
CA ASN KA 5 -5.31 29.42 117.83
C ASN KA 5 -6.76 29.35 118.31
N LEU KA 6 -6.99 28.54 119.35
CA LEU KA 6 -8.30 28.42 119.94
C LEU KA 6 -8.68 29.65 120.78
N GLN KA 7 -7.73 30.51 121.09
CA GLN KA 7 -7.97 31.72 121.86
C GLN KA 7 -7.48 32.93 121.06
N GLY KA 8 -8.31 33.95 120.96
CA GLY KA 8 -7.95 35.14 120.22
C GLY KA 8 -8.04 34.94 118.72
N GLN KA 9 -7.43 35.86 117.98
CA GLN KA 9 -7.42 35.84 116.53
C GLN KA 9 -6.13 35.22 116.02
N MET KA 10 -6.15 34.86 114.74
CA MET KA 10 -4.99 34.22 114.11
C MET KA 10 -3.78 35.15 114.13
N VAL KA 11 -2.63 34.61 114.52
CA VAL KA 11 -1.40 35.37 114.61
C VAL KA 11 -0.32 34.68 113.76
N HIS KA 12 0.78 35.39 113.57
CA HIS KA 12 1.91 34.92 112.78
C HIS KA 12 3.17 34.88 113.64
N GLN KA 13 4.03 33.90 113.39
CA GLN KA 13 5.29 33.77 114.10
C GLN KA 13 6.37 33.34 113.11
N ALA KA 14 7.58 33.15 113.62
CA ALA KA 14 8.72 32.75 112.80
C ALA KA 14 8.77 31.23 112.66
N ILE KA 15 9.32 30.79 111.53
CA ILE KA 15 9.46 29.36 111.28
C ILE KA 15 10.49 28.78 112.23
N SER KA 16 10.16 27.66 112.87
CA SER KA 16 11.11 26.97 113.71
C SER KA 16 12.27 26.45 112.86
N PRO KA 17 13.52 26.67 113.27
CA PRO KA 17 14.65 26.23 112.42
C PRO KA 17 14.69 24.74 112.19
N ARG KA 18 14.23 23.92 113.13
CA ARG KA 18 14.27 22.47 112.96
C ARG KA 18 13.38 22.01 111.81
N THR KA 19 12.24 22.68 111.60
CA THR KA 19 11.36 22.33 110.49
C THR KA 19 12.06 22.50 109.15
N LEU KA 20 12.67 23.66 108.93
CA LEU KA 20 13.38 23.90 107.68
C LEU KA 20 14.61 23.02 107.56
N ASN KA 21 15.29 22.74 108.66
CA ASN KA 21 16.45 21.84 108.62
C ASN KA 21 16.04 20.45 108.19
N ALA KA 22 14.94 19.93 108.76
CA ALA KA 22 14.44 18.62 108.35
C ALA KA 22 14.00 18.64 106.90
N TRP KA 23 13.37 19.73 106.46
CA TRP KA 23 12.93 19.83 105.07
C TRP KA 23 14.11 19.77 104.11
N VAL KA 24 15.17 20.54 104.38
CA VAL KA 24 16.31 20.55 103.47
C VAL KA 24 17.05 19.23 103.53
N LYS KA 25 17.14 18.60 104.71
CA LYS KA 25 17.79 17.29 104.81
C LYS KA 25 17.03 16.23 104.02
N VAL KA 26 15.70 16.23 104.11
CA VAL KA 26 14.93 15.23 103.39
C VAL KA 26 14.89 15.55 101.90
N VAL KA 27 15.09 16.82 101.53
CA VAL KA 27 15.22 17.14 100.11
C VAL KA 27 16.55 16.61 99.57
N GLU KA 28 17.63 16.81 100.30
CA GLU KA 28 18.95 16.44 99.79
C GLU KA 28 19.20 14.93 99.86
N GLU KA 29 18.70 14.24 100.89
CA GLU KA 29 18.98 12.83 101.09
C GLU KA 29 17.92 11.90 100.53
N LYS KA 30 16.85 12.45 99.95
CA LYS KA 30 15.73 11.68 99.43
C LYS KA 30 15.36 12.21 98.04
N ALA KA 31 16.35 12.25 97.17
CA ALA KA 31 16.25 12.89 95.85
C ALA KA 31 14.92 12.59 95.17
N PHE KA 32 14.44 13.59 94.43
CA PHE KA 32 13.04 13.79 94.04
C PHE KA 32 12.27 12.49 93.83
N SER KA 33 11.21 12.33 94.60
CA SER KA 33 10.26 11.22 94.55
C SER KA 33 8.87 11.80 94.72
N PRO KA 34 7.84 11.13 94.23
CA PRO KA 34 6.47 11.67 94.38
C PRO KA 34 6.07 11.94 95.82
N GLU KA 35 6.55 11.12 96.77
CA GLU KA 35 6.15 11.26 98.17
C GLU KA 35 6.62 12.57 98.79
N VAL KA 36 7.53 13.29 98.15
CA VAL KA 36 7.93 14.59 98.69
C VAL KA 36 6.81 15.62 98.49
N ILE KA 37 5.93 15.38 97.51
CA ILE KA 37 4.83 16.33 97.27
C ILE KA 37 3.87 16.39 98.45
N PRO KA 38 3.36 15.27 99.00
CA PRO KA 38 2.45 15.38 100.16
C PRO KA 38 3.11 15.96 101.39
N MET KA 39 4.28 15.44 101.77
CA MET KA 39 4.92 15.88 103.01
C MET KA 39 5.21 17.36 103.00
N PHE KA 40 5.51 17.93 101.82
CA PHE KA 40 5.70 19.38 101.73
C PHE KA 40 4.44 20.12 102.17
N SER KA 41 3.28 19.69 101.69
CA SER KA 41 2.02 20.29 102.13
C SER KA 41 1.76 20.01 103.61
N ALA KA 42 2.41 18.99 104.18
CA ALA KA 42 2.28 18.75 105.61
C ALA KA 42 3.08 19.75 106.41
N LEU KA 43 4.08 20.38 105.79
CA LEU KA 43 4.91 21.37 106.47
C LEU KA 43 4.60 22.80 106.04
N SER KA 44 3.65 23.02 105.16
CA SER KA 44 3.30 24.35 104.66
C SER KA 44 1.79 24.57 104.69
N GLU KA 45 1.14 24.21 105.79
CA GLU KA 45 -0.31 24.31 105.89
C GLU KA 45 -0.71 25.73 106.26
N GLY KA 46 -1.56 26.34 105.43
CA GLY KA 46 -2.06 27.68 105.70
C GLY KA 46 -0.99 28.73 105.84
N ALA KA 47 0.19 28.52 105.26
CA ALA KA 47 1.30 29.43 105.43
C ALA KA 47 1.17 30.65 104.53
N THR KA 48 1.73 31.76 105.01
CA THR KA 48 1.76 32.98 104.22
C THR KA 48 2.70 32.81 103.02
N PRO KA 49 2.45 33.53 101.93
CA PRO KA 49 3.37 33.45 100.78
C PRO KA 49 4.79 33.85 101.09
N GLN KA 50 5.02 34.69 102.11
CA GLN KA 50 6.38 35.01 102.51
C GLN KA 50 7.11 33.77 103.03
N ASP KA 51 6.45 32.99 103.90
CA ASP KA 51 7.06 31.77 104.39
C ASP KA 51 7.25 30.75 103.28
N LEU KA 52 6.29 30.66 102.36
CA LEU KA 52 6.42 29.75 101.23
C LEU KA 52 7.62 30.13 100.37
N ASN KA 53 7.79 31.43 100.11
CA ASN KA 53 8.93 31.89 99.32
C ASN KA 53 10.24 31.61 100.05
N THR KA 54 10.28 31.82 101.36
CA THR KA 54 11.49 31.52 102.12
C THR KA 54 11.83 30.04 102.06
N MET KA 55 10.81 29.18 102.24
CA MET KA 55 11.03 27.73 102.18
C MET KA 55 11.47 27.30 100.79
N LEU KA 56 10.95 27.95 99.75
CA LEU KA 56 11.42 27.68 98.40
C LEU KA 56 12.88 28.09 98.22
N ASN KA 57 13.25 29.25 98.77
CA ASN KA 57 14.61 29.75 98.60
C ASN KA 57 15.63 28.99 99.44
N THR KA 58 15.20 28.30 100.51
CA THR KA 58 16.15 27.52 101.29
C THR KA 58 16.59 26.25 100.59
N VAL KA 59 15.99 25.89 99.46
CA VAL KA 59 16.37 24.68 98.74
C VAL KA 59 17.76 24.87 98.13
N GLY KA 60 18.65 23.91 98.37
CA GLY KA 60 20.00 23.98 97.85
C GLY KA 60 20.32 22.86 96.89
N GLY KA 61 20.84 23.19 95.72
CA GLY KA 61 21.18 22.20 94.72
C GLY KA 61 20.07 22.00 93.70
N HIS KA 62 20.45 21.72 92.44
CA HIS KA 62 19.49 21.52 91.36
C HIS KA 62 18.56 22.73 91.21
N GLN KA 63 19.16 23.89 90.98
CA GLN KA 63 18.40 25.14 90.89
C GLN KA 63 17.70 25.31 89.55
N ALA KA 64 17.97 24.43 88.57
CA ALA KA 64 17.27 24.51 87.30
C ALA KA 64 15.78 24.28 87.48
N ALA KA 65 15.41 23.29 88.30
CA ALA KA 65 14.01 23.06 88.61
C ALA KA 65 13.41 24.23 89.36
N MET KA 66 14.20 24.87 90.24
CA MET KA 66 13.71 26.05 90.94
C MET KA 66 13.39 27.18 89.97
N GLN KA 67 14.27 27.40 88.99
CA GLN KA 67 14.00 28.43 87.98
C GLN KA 67 12.80 28.07 87.12
N MET KA 68 12.65 26.78 86.78
CA MET KA 68 11.48 26.35 86.00
C MET KA 68 10.19 26.61 86.76
N LEU KA 69 10.17 26.28 88.05
CA LEU KA 69 8.95 26.52 88.83
C LEU KA 69 8.72 28.01 89.05
N LYS KA 70 9.79 28.80 89.15
CA LYS KA 70 9.61 30.25 89.21
C LYS KA 70 8.98 30.78 87.92
N GLU KA 71 9.42 30.27 86.78
CA GLU KA 71 8.83 30.67 85.51
C GLU KA 71 7.36 30.26 85.42
N THR KA 72 7.03 29.05 85.89
CA THR KA 72 5.64 28.64 85.89
C THR KA 72 4.80 29.49 86.84
N ILE KA 73 5.37 29.87 87.97
CA ILE KA 73 4.67 30.79 88.89
C ILE KA 73 4.42 32.12 88.20
N ASN KA 74 5.41 32.63 87.47
CA ASN KA 74 5.26 33.91 86.78
C ASN KA 74 4.17 33.82 85.71
N GLU KA 75 4.15 32.74 84.93
CA GLU KA 75 3.14 32.62 83.88
C GLU KA 75 1.75 32.41 84.46
N GLU KA 76 1.66 31.68 85.58
CA GLU KA 76 0.38 31.52 86.25
C GLU KA 76 -0.12 32.85 86.81
N ALA KA 77 0.79 33.66 87.36
CA ALA KA 77 0.41 35.00 87.83
C ALA KA 77 -0.06 35.87 86.68
N ALA KA 78 0.61 35.78 85.52
CA ALA KA 78 0.16 36.53 84.36
C ALA KA 78 -1.23 36.09 83.92
N GLU KA 79 -1.48 34.78 83.92
CA GLU KA 79 -2.81 34.27 83.58
C GLU KA 79 -3.86 34.76 84.58
N TRP KA 80 -3.51 34.75 85.87
CA TRP KA 80 -4.43 35.24 86.90
C TRP KA 80 -4.75 36.71 86.69
N ASP KA 81 -3.74 37.52 86.37
CA ASP KA 81 -3.96 38.94 86.11
C ASP KA 81 -4.84 39.14 84.87
N ARG KA 82 -4.63 38.31 83.83
CA ARG KA 82 -5.37 38.50 82.59
C ARG KA 82 -6.83 38.09 82.74
N LEU KA 83 -7.09 36.95 83.38
CA LEU KA 83 -8.46 36.46 83.47
C LEU KA 83 -9.30 37.29 84.43
N HIS KA 84 -8.72 37.69 85.57
CA HIS KA 84 -9.44 38.48 86.54
C HIS KA 84 -9.33 39.97 86.21
N PRO KA 85 -10.31 40.77 86.61
CA PRO KA 85 -10.22 42.22 86.38
C PRO KA 85 -9.06 42.83 87.14
N VAL KA 86 -8.47 43.88 86.55
CA VAL KA 86 -7.32 44.53 87.17
C VAL KA 86 -7.79 45.48 88.26
N HIS KA 87 -7.07 45.49 89.38
CA HIS KA 87 -7.37 46.35 90.51
C HIS KA 87 -6.17 47.24 90.78
N ALA KA 88 -6.41 48.56 90.83
CA ALA KA 88 -5.35 49.52 91.08
C ALA KA 88 -5.99 50.81 91.58
N GLY KA 89 -5.14 51.68 92.14
CA GLY KA 89 -5.59 52.95 92.63
C GLY KA 89 -6.11 52.89 94.05
N PRO KA 90 -6.86 53.92 94.47
CA PRO KA 90 -7.35 53.98 95.85
C PRO KA 90 -8.39 52.91 96.16
N ILE KA 91 -8.04 51.97 97.04
CA ILE KA 91 -8.97 50.95 97.48
C ILE KA 91 -9.64 51.43 98.77
N ALA KA 92 -10.84 50.92 99.03
CA ALA KA 92 -11.58 51.31 100.22
C ALA KA 92 -10.81 50.89 101.47
N PRO KA 93 -10.61 51.78 102.43
CA PRO KA 93 -9.85 51.41 103.63
C PRO KA 93 -10.58 50.37 104.46
N GLY KA 94 -9.80 49.54 105.15
CA GLY KA 94 -10.34 48.49 105.98
C GLY KA 94 -10.55 47.18 105.25
N GLN KA 95 -10.97 47.27 103.99
CA GLN KA 95 -11.22 46.10 103.15
C GLN KA 95 -10.14 46.02 102.08
N MET KA 96 -9.50 44.87 101.97
CA MET KA 96 -8.44 44.68 100.98
C MET KA 96 -9.07 44.33 99.63
N ARG KA 97 -8.23 44.00 98.65
CA ARG KA 97 -8.70 43.74 97.30
C ARG KA 97 -7.89 42.61 96.70
N GLU KA 98 -8.16 42.29 95.44
CA GLU KA 98 -7.45 41.22 94.75
C GLU KA 98 -5.98 41.59 94.57
N PRO KA 99 -5.06 40.72 94.97
CA PRO KA 99 -3.63 41.01 94.76
C PRO KA 99 -3.26 40.93 93.30
N ARG KA 100 -2.11 41.54 92.98
CA ARG KA 100 -1.58 41.49 91.62
C ARG KA 100 -0.73 40.23 91.44
N GLY KA 101 -0.18 40.06 90.24
CA GLY KA 101 0.62 38.88 89.96
C GLY KA 101 1.90 38.82 90.77
N SER KA 102 2.57 39.96 90.94
CA SER KA 102 3.77 40.02 91.76
C SER KA 102 3.46 40.04 93.25
N ASP KA 103 2.32 40.62 93.65
CA ASP KA 103 1.98 40.71 95.06
C ASP KA 103 1.65 39.33 95.64
N ILE KA 104 0.95 38.49 94.88
CA ILE KA 104 0.58 37.18 95.39
C ILE KA 104 1.81 36.30 95.61
N ALA KA 105 2.83 36.46 94.76
CA ALA KA 105 4.06 35.67 94.92
C ALA KA 105 4.84 36.07 96.15
N GLY KA 106 4.62 37.28 96.68
CA GLY KA 106 5.29 37.74 97.88
C GLY KA 106 6.64 38.40 97.63
N THR KA 107 7.11 38.46 96.39
CA THR KA 107 8.40 39.09 96.11
C THR KA 107 8.36 40.59 96.29
N THR KA 108 7.19 41.21 96.22
CA THR KA 108 7.05 42.65 96.42
C THR KA 108 6.11 43.01 97.56
N SER KA 109 5.06 42.22 97.78
CA SER KA 109 4.15 42.49 98.88
C SER KA 109 4.81 42.22 100.22
N THR KA 110 4.43 43.01 101.22
CA THR KA 110 4.97 42.85 102.57
C THR KA 110 4.15 41.81 103.34
N LEU KA 111 4.70 41.42 104.50
CA LEU KA 111 4.03 40.43 105.34
C LEU KA 111 2.69 40.94 105.86
N GLN KA 112 2.60 42.24 106.19
CA GLN KA 112 1.36 42.79 106.71
C GLN KA 112 0.25 42.70 105.68
N GLU KA 113 0.57 42.97 104.41
CA GLU KA 113 -0.44 42.85 103.36
C GLU KA 113 -0.91 41.41 103.21
N GLN KA 114 0.01 40.45 103.33
CA GLN KA 114 -0.37 39.04 103.28
C GLN KA 114 -1.30 38.68 104.44
N ILE KA 115 -0.99 39.16 105.65
CA ILE KA 115 -1.83 38.90 106.80
C ILE KA 115 -3.21 39.51 106.60
N GLY KA 116 -3.26 40.73 106.08
CA GLY KA 116 -4.55 41.35 105.79
C GLY KA 116 -5.34 40.59 104.75
N TRP KA 117 -4.65 40.02 103.75
CA TRP KA 117 -5.31 39.17 102.77
C TRP KA 117 -5.89 37.93 103.42
N MET KA 118 -5.15 37.31 104.35
CA MET KA 118 -5.67 36.14 105.05
C MET KA 118 -6.87 36.51 105.92
N THR KA 119 -6.85 37.69 106.54
CA THR KA 119 -7.93 38.12 107.43
C THR KA 119 -9.03 38.88 106.69
N HIS KA 120 -8.97 38.95 105.38
CA HIS KA 120 -9.98 39.68 104.61
C HIS KA 120 -11.33 38.97 104.71
N ASN KA 121 -12.40 39.75 104.51
CA ASN KA 121 -13.77 39.22 104.51
C ASN KA 121 -14.40 39.53 103.16
N PRO KA 122 -14.64 38.52 102.31
CA PRO KA 122 -14.38 37.08 102.49
C PRO KA 122 -12.89 36.74 102.43
N PRO KA 123 -12.48 35.63 103.03
CA PRO KA 123 -11.07 35.27 103.03
C PRO KA 123 -10.52 35.09 101.62
N ILE KA 124 -9.30 35.55 101.42
CA ILE KA 124 -8.61 35.39 100.14
C ILE KA 124 -7.34 34.59 100.38
N PRO KA 125 -7.38 33.26 100.18
CA PRO KA 125 -6.20 32.41 100.46
C PRO KA 125 -5.18 32.44 99.34
N VAL KA 126 -4.48 33.57 99.22
CA VAL KA 126 -3.40 33.69 98.23
C VAL KA 126 -2.26 32.75 98.57
N GLY KA 127 -2.05 32.48 99.87
CA GLY KA 127 -1.08 31.48 100.25
C GLY KA 127 -1.42 30.11 99.70
N GLU KA 128 -2.71 29.76 99.69
CA GLU KA 128 -3.13 28.49 99.11
C GLU KA 128 -2.97 28.48 97.60
N ILE KA 129 -3.16 29.63 96.94
CA ILE KA 129 -2.94 29.70 95.49
C ILE KA 129 -1.46 29.47 95.18
N TYR KA 130 -0.58 30.12 95.94
CA TYR KA 130 0.86 29.89 95.76
C TYR KA 130 1.21 28.44 96.08
N LYS KA 131 0.55 27.86 97.09
CA LYS KA 131 0.80 26.47 97.45
C LYS KA 131 0.42 25.52 96.32
N ARG KA 132 -0.74 25.74 95.70
CA ARG KA 132 -1.15 24.87 94.60
C ARG KA 132 -0.29 25.09 93.36
N TRP KA 133 0.18 26.32 93.13
CA TRP KA 133 1.13 26.55 92.04
C TRP KA 133 2.44 25.79 92.30
N ILE KA 134 2.91 25.80 93.55
CA ILE KA 134 4.11 25.04 93.89
C ILE KA 134 3.85 23.54 93.72
N ILE KA 135 2.63 23.09 94.05
CA ILE KA 135 2.30 21.67 93.88
C ILE KA 135 2.35 21.28 92.41
N LEU KA 136 1.80 22.12 91.54
CA LEU KA 136 1.87 21.85 90.10
C LEU KA 136 3.31 21.85 89.62
N GLY KA 137 4.11 22.80 90.08
CA GLY KA 137 5.52 22.82 89.72
C GLY KA 137 6.26 21.57 90.17
N LEU KA 138 5.97 21.11 91.38
CA LEU KA 138 6.59 19.89 91.89
C LEU KA 138 6.14 18.66 91.12
N ASN KA 139 4.88 18.64 90.69
CA ASN KA 139 4.41 17.55 89.83
C ASN KA 139 5.16 17.53 88.51
N LYS KA 140 5.35 18.70 87.91
CA LYS KA 140 6.15 18.77 86.69
C LYS KA 140 7.60 18.35 86.95
N ILE KA 141 8.14 18.71 88.12
CA ILE KA 141 9.51 18.32 88.46
C ILE KA 141 9.63 16.81 88.59
N VAL KA 142 8.67 16.18 89.28
CA VAL KA 142 8.74 14.73 89.44
C VAL KA 142 8.46 14.03 88.12
N ARG KA 143 7.74 14.67 87.21
CA ARG KA 143 7.57 14.13 85.86
C ARG KA 143 8.89 14.17 85.09
N MET KA 144 9.57 15.33 85.11
CA MET KA 144 10.80 15.47 84.36
C MET KA 144 11.98 14.72 84.98
N TYR KA 145 11.89 14.35 86.26
CA TYR KA 145 12.96 13.63 86.94
C TYR KA 145 12.78 12.12 86.89
N SER KA 146 11.72 11.62 86.27
CA SER KA 146 11.51 10.18 86.16
C SER KA 146 12.16 9.69 84.88
N PRO KA 147 13.10 8.74 84.95
CA PRO KA 147 13.81 8.32 83.73
C PRO KA 147 12.98 7.48 82.79
N THR KA 148 12.19 6.54 83.33
CA THR KA 148 11.44 5.59 82.54
C THR KA 148 9.95 5.90 82.58
N SER KA 149 9.22 5.35 81.62
CA SER KA 149 7.79 5.53 81.50
C SER KA 149 7.05 4.31 82.05
N ILE KA 150 5.74 4.48 82.22
CA ILE KA 150 4.90 3.40 82.76
C ILE KA 150 4.79 2.26 81.77
N LEU KA 151 4.74 2.56 80.47
CA LEU KA 151 4.54 1.51 79.46
C LEU KA 151 5.69 0.52 79.45
N ASP KA 152 6.90 0.96 79.81
CA ASP KA 152 8.07 0.11 79.76
C ASP KA 152 8.13 -0.91 80.89
N ILE KA 153 7.19 -0.86 81.84
CA ILE KA 153 7.20 -1.81 82.95
C ILE KA 153 6.91 -3.21 82.44
N ARG KA 154 7.76 -4.16 82.79
CA ARG KA 154 7.58 -5.55 82.41
C ARG KA 154 8.15 -6.44 83.51
N GLN KA 155 7.38 -7.44 83.93
CA GLN KA 155 7.83 -8.35 84.97
C GLN KA 155 8.90 -9.29 84.40
N GLY KA 156 9.98 -9.47 85.14
CA GLY KA 156 11.07 -10.30 84.72
C GLY KA 156 10.75 -11.78 84.79
N PRO KA 157 11.64 -12.62 84.25
CA PRO KA 157 11.42 -14.07 84.33
C PRO KA 157 11.36 -14.61 85.74
N LYS KA 158 12.12 -14.02 86.67
CA LYS KA 158 12.11 -14.44 88.06
C LYS KA 158 11.69 -13.33 89.02
N GLU KA 159 11.34 -12.16 88.51
CA GLU KA 159 10.92 -11.03 89.34
C GLU KA 159 9.66 -11.39 90.12
N PRO KA 160 9.68 -11.28 91.45
CA PRO KA 160 8.49 -11.59 92.24
C PRO KA 160 7.38 -10.57 91.98
N PHE KA 161 6.15 -11.03 92.16
CA PHE KA 161 4.99 -10.16 91.97
C PHE KA 161 4.94 -9.03 93.00
N ARG KA 162 5.57 -9.22 94.17
CA ARG KA 162 5.62 -8.14 95.16
C ARG KA 162 6.40 -6.95 94.61
N ASP KA 163 7.60 -7.19 94.07
CA ASP KA 163 8.39 -6.12 93.48
C ASP KA 163 7.67 -5.52 92.28
N TYR KA 164 7.01 -6.36 91.48
CA TYR KA 164 6.29 -5.87 90.30
C TYR KA 164 5.18 -4.91 90.70
N VAL KA 165 4.36 -5.29 91.68
CA VAL KA 165 3.26 -4.44 92.08
C VAL KA 165 3.78 -3.18 92.77
N ASP KA 166 4.87 -3.30 93.54
CA ASP KA 166 5.45 -2.13 94.18
C ASP KA 166 5.94 -1.11 93.15
N ARG KA 167 6.70 -1.56 92.16
CA ARG KA 167 7.20 -0.65 91.15
C ARG KA 167 6.08 -0.12 90.27
N PHE KA 168 5.04 -0.93 90.02
CA PHE KA 168 3.90 -0.45 89.26
C PHE KA 168 3.19 0.68 89.99
N TYR KA 169 2.96 0.51 91.29
CA TYR KA 169 2.33 1.57 92.07
C TYR KA 169 3.20 2.81 92.14
N LYS KA 170 4.52 2.62 92.30
CA LYS KA 170 5.43 3.78 92.32
C LYS KA 170 5.38 4.55 91.02
N THR KA 171 5.40 3.84 89.90
CA THR KA 171 5.34 4.52 88.60
C THR KA 171 3.99 5.18 88.36
N LEU KA 172 2.90 4.54 88.81
CA LEU KA 172 1.59 5.17 88.69
C LEU KA 172 1.52 6.46 89.51
N ARG KA 173 2.08 6.45 90.71
CA ARG KA 173 2.15 7.67 91.50
C ARG KA 173 3.05 8.71 90.84
N ALA KA 174 4.07 8.26 90.12
CA ALA KA 174 4.93 9.19 89.39
C ALA KA 174 4.37 9.58 88.02
N GLU KA 175 3.23 9.02 87.63
CA GLU KA 175 2.62 9.31 86.34
C GLU KA 175 1.46 10.28 86.52
N GLN KA 176 1.38 11.28 85.66
CA GLN KA 176 0.35 12.31 85.72
C GLN KA 176 -0.60 12.12 84.53
N ALA KA 177 -1.88 11.92 84.84
CA ALA KA 177 -2.92 11.75 83.83
C ALA KA 177 -4.26 11.86 84.54
N SER KA 178 -5.34 11.70 83.77
CA SER KA 178 -6.68 11.73 84.34
C SER KA 178 -6.93 10.46 85.15
N GLN KA 179 -7.86 10.55 86.10
CA GLN KA 179 -8.13 9.43 86.99
C GLN KA 179 -8.67 8.23 86.24
N GLU KA 180 -9.55 8.44 85.25
CA GLU KA 180 -10.12 7.33 84.51
C GLU KA 180 -9.05 6.59 83.71
N VAL KA 181 -8.14 7.33 83.06
CA VAL KA 181 -7.05 6.70 82.34
C VAL KA 181 -6.14 5.95 83.30
N LYS KA 182 -5.93 6.50 84.49
CA LYS KA 182 -5.14 5.80 85.49
C LYS KA 182 -5.78 4.49 85.91
N ASN KA 183 -7.10 4.50 86.10
CA ASN KA 183 -7.81 3.27 86.44
C ASN KA 183 -7.70 2.25 85.30
N TRP KA 184 -7.88 2.72 84.06
CA TRP KA 184 -7.80 1.82 82.91
C TRP KA 184 -6.41 1.18 82.81
N MET KA 185 -5.36 1.99 82.97
CA MET KA 185 -4.02 1.45 82.86
C MET KA 185 -3.69 0.53 84.04
N THR KA 186 -4.10 0.88 85.25
CA THR KA 186 -3.83 0.03 86.41
C THR KA 186 -4.68 -1.22 86.43
N GLU KA 187 -5.71 -1.30 85.59
CA GLU KA 187 -6.49 -2.52 85.47
C GLU KA 187 -6.13 -3.34 84.24
N THR KA 188 -5.43 -2.77 83.27
CA THR KA 188 -5.07 -3.52 82.07
C THR KA 188 -3.58 -3.89 82.01
N LEU KA 189 -2.70 -2.90 82.19
CA LEU KA 189 -1.28 -3.15 81.96
C LEU KA 189 -0.69 -4.12 82.96
N LEU KA 190 -1.23 -4.15 84.19
CA LEU KA 190 -0.67 -5.01 85.22
C LEU KA 190 -0.84 -6.48 84.88
N VAL KA 191 -1.95 -6.83 84.22
CA VAL KA 191 -2.14 -8.22 83.79
C VAL KA 191 -1.60 -8.44 82.38
N GLN KA 192 -1.44 -7.38 81.58
CA GLN KA 192 -0.91 -7.54 80.24
C GLN KA 192 0.60 -7.79 80.23
N ASN KA 193 1.31 -7.42 81.29
CA ASN KA 193 2.78 -7.47 81.34
C ASN KA 193 3.24 -8.24 82.56
N ALA KA 194 2.63 -9.41 82.81
CA ALA KA 194 3.01 -10.26 83.92
C ALA KA 194 3.54 -11.60 83.39
N ASN KA 195 3.97 -12.44 84.33
CA ASN KA 195 4.48 -13.76 83.97
C ASN KA 195 3.36 -14.60 83.37
N PRO KA 196 3.70 -15.49 82.42
CA PRO KA 196 2.63 -16.25 81.73
C PRO KA 196 1.75 -17.05 82.67
N ASP KA 197 2.32 -17.70 83.68
CA ASP KA 197 1.51 -18.48 84.62
C ASP KA 197 0.58 -17.57 85.42
N CYS KA 198 1.11 -16.43 85.90
CA CYS KA 198 0.27 -15.49 86.63
C CYS KA 198 -0.81 -14.91 85.73
N LYS KA 199 -0.46 -14.64 84.47
CA LYS KA 199 -1.45 -14.12 83.52
C LYS KA 199 -2.57 -15.12 83.29
N THR KA 200 -2.23 -16.40 83.12
CA THR KA 200 -3.27 -17.41 82.92
C THR KA 200 -4.14 -17.56 84.18
N ILE KA 201 -3.51 -17.53 85.36
CA ILE KA 201 -4.29 -17.64 86.59
C ILE KA 201 -5.24 -16.45 86.73
N LEU KA 202 -4.76 -15.24 86.43
CA LEU KA 202 -5.61 -14.05 86.53
C LEU KA 202 -6.73 -14.07 85.50
N LYS KA 203 -6.45 -14.56 84.28
CA LYS KA 203 -7.51 -14.71 83.29
C LYS KA 203 -8.55 -15.73 83.76
N ALA KA 204 -8.11 -16.80 84.42
CA ALA KA 204 -9.06 -17.74 85.01
C ALA KA 204 -9.91 -17.07 86.08
N LEU KA 205 -9.29 -16.19 86.88
CA LEU KA 205 -10.04 -15.43 87.87
C LEU KA 205 -11.07 -14.52 87.22
N GLY KA 206 -10.71 -13.87 86.11
CA GLY KA 206 -11.61 -13.02 85.39
C GLY KA 206 -11.61 -11.59 85.92
N PRO KA 207 -12.37 -10.71 85.25
CA PRO KA 207 -12.43 -9.32 85.69
C PRO KA 207 -13.13 -9.19 87.04
N GLY KA 208 -12.77 -8.12 87.76
CA GLY KA 208 -13.34 -7.84 89.07
C GLY KA 208 -12.45 -8.19 90.24
N ALA KA 209 -11.32 -8.85 90.00
CA ALA KA 209 -10.40 -9.17 91.09
C ALA KA 209 -9.70 -7.91 91.60
N THR KA 210 -9.26 -7.98 92.84
CA THR KA 210 -8.56 -6.87 93.49
C THR KA 210 -7.12 -7.30 93.82
N LEU KA 211 -6.43 -6.45 94.58
CA LEU KA 211 -5.02 -6.67 94.85
C LEU KA 211 -4.79 -7.96 95.63
N GLU KA 212 -5.66 -8.26 96.60
CA GLU KA 212 -5.45 -9.43 97.45
C GLU KA 212 -5.54 -10.73 96.65
N GLU KA 213 -6.57 -10.88 95.82
CA GLU KA 213 -6.69 -12.09 95.02
C GLU KA 213 -5.55 -12.23 94.03
N MET KA 214 -5.15 -11.12 93.41
CA MET KA 214 -4.04 -11.17 92.45
C MET KA 214 -2.73 -11.56 93.13
N MET KA 215 -2.48 -11.05 94.34
CA MET KA 215 -1.23 -11.35 95.01
C MET KA 215 -1.24 -12.76 95.60
N THR KA 216 -2.40 -13.26 96.00
CA THR KA 216 -2.47 -14.61 96.55
C THR KA 216 -2.76 -15.68 95.50
N ALA KA 217 -2.94 -15.29 94.23
CA ALA KA 217 -3.30 -16.26 93.20
C ALA KA 217 -2.06 -17.00 92.70
N CYS KA 218 -1.07 -16.26 92.21
CA CYS KA 218 0.10 -16.86 91.56
C CYS KA 218 1.34 -16.83 92.44
N GLN KA 219 1.17 -17.06 93.74
CA GLN KA 219 2.31 -17.09 94.65
C GLN KA 219 3.31 -18.17 94.24
N GLY KA 220 4.59 -17.84 94.33
CA GLY KA 220 5.64 -18.77 93.97
C GLY KA 220 6.88 -18.63 94.84
N PRO LA 1 15.83 36.04 118.53
CA PRO LA 1 14.94 36.69 117.57
C PRO LA 1 13.64 37.19 118.22
N ILE LA 2 13.31 38.46 118.01
CA ILE LA 2 12.11 39.02 118.59
C ILE LA 2 10.90 38.62 117.75
N VAL LA 3 9.90 38.04 118.41
CA VAL LA 3 8.66 37.63 117.76
C VAL LA 3 7.49 38.23 118.53
N GLN LA 4 6.46 38.63 117.79
CA GLN LA 4 5.28 39.21 118.43
C GLN LA 4 4.58 38.17 119.29
N ASN LA 5 4.14 38.62 120.47
CA ASN LA 5 3.49 37.72 121.41
C ASN LA 5 2.09 37.33 120.92
N LEU LA 6 1.61 36.19 121.41
CA LEU LA 6 0.29 35.70 121.04
C LEU LA 6 -0.77 36.59 121.68
N GLN LA 7 -1.40 37.45 120.87
CA GLN LA 7 -2.40 38.40 121.34
C GLN LA 7 -1.87 39.24 122.49
N GLY LA 8 -0.62 39.69 122.36
CA GLY LA 8 0.01 40.48 123.40
C GLY LA 8 1.00 41.46 122.83
N GLN LA 9 1.54 42.29 123.72
CA GLN LA 9 2.51 43.31 123.32
C GLN LA 9 3.83 42.66 122.93
N MET LA 10 4.54 43.33 122.01
CA MET LA 10 5.82 42.82 121.55
C MET LA 10 6.86 42.94 122.67
N VAL LA 11 7.59 41.85 122.92
CA VAL LA 11 8.60 41.80 123.96
C VAL LA 11 9.87 41.19 123.40
N HIS LA 12 11.00 41.53 124.02
CA HIS LA 12 12.28 41.00 123.59
C HIS LA 12 12.39 39.52 123.91
N GLN LA 13 13.02 38.77 123.01
CA GLN LA 13 13.25 37.35 123.17
C GLN LA 13 14.74 37.05 123.02
N ALA LA 14 15.25 36.18 123.89
CA ALA LA 14 16.68 35.90 123.93
C ALA LA 14 17.10 35.09 122.71
N ILE LA 15 18.40 34.84 122.61
CA ILE LA 15 18.96 34.10 121.49
C ILE LA 15 18.78 32.60 121.73
N SER LA 16 18.21 31.92 120.75
CA SER LA 16 17.98 30.48 120.88
C SER LA 16 19.27 29.71 120.62
N PRO LA 17 19.70 28.83 121.52
CA PRO LA 17 20.91 28.04 121.25
C PRO LA 17 20.81 27.18 119.99
N ARG LA 18 19.61 26.65 119.68
CA ARG LA 18 19.48 25.79 118.52
C ARG LA 18 19.75 26.56 117.23
N THR LA 19 19.26 27.79 117.13
CA THR LA 19 19.47 28.58 115.92
C THR LA 19 20.94 28.87 115.69
N LEU LA 20 21.66 29.27 116.74
CA LEU LA 20 23.09 29.56 116.59
C LEU LA 20 23.88 28.29 116.30
N ASN LA 21 23.48 27.16 116.92
CA ASN LA 21 24.15 25.90 116.63
C ASN LA 21 23.97 25.50 115.17
N ALA LA 22 22.75 25.63 114.64
CA ALA LA 22 22.51 25.34 113.24
C ALA LA 22 23.29 26.28 112.34
N TRP LA 23 23.35 27.57 112.70
CA TRP LA 23 24.09 28.55 111.92
C TRP LA 23 25.57 28.18 111.84
N VAL LA 24 26.19 27.89 112.99
CA VAL LA 24 27.61 27.59 112.99
C VAL LA 24 27.87 26.28 112.25
N LYS LA 25 26.98 25.29 112.41
CA LYS LA 25 27.15 24.03 111.68
C LYS LA 25 27.07 24.24 110.17
N VAL LA 26 26.10 25.03 109.71
CA VAL LA 26 25.92 25.20 108.27
C VAL LA 26 27.04 26.06 107.69
N VAL LA 27 27.60 27.00 108.46
CA VAL LA 27 28.69 27.81 107.91
C VAL LA 27 30.03 27.08 108.01
N GLU LA 28 30.14 26.08 108.90
CA GLU LA 28 31.41 25.38 109.02
C GLU LA 28 31.44 24.08 108.23
N GLU LA 29 30.29 23.57 107.80
CA GLU LA 29 30.24 22.24 107.20
C GLU LA 29 30.03 22.27 105.69
N LYS LA 30 28.98 22.95 105.22
CA LYS LA 30 28.54 22.73 103.83
C LYS LA 30 29.43 23.48 102.84
N ALA LA 31 29.37 24.81 102.85
CA ALA LA 31 30.12 25.67 101.93
C ALA LA 31 29.71 27.11 102.22
N PHE LA 32 30.39 28.04 101.55
CA PHE LA 32 29.96 29.43 101.50
C PHE LA 32 29.11 29.65 100.24
N SER LA 33 28.02 28.88 100.16
CA SER LA 33 27.18 28.85 98.98
C SER LA 33 26.10 29.92 99.06
N PRO LA 34 25.63 30.43 97.91
CA PRO LA 34 24.62 31.49 97.94
C PRO LA 34 23.31 31.09 98.62
N GLU LA 35 22.93 29.81 98.56
CA GLU LA 35 21.62 29.41 99.04
C GLU LA 35 21.46 29.60 100.55
N VAL LA 36 22.57 29.76 101.29
CA VAL LA 36 22.46 30.00 102.72
C VAL LA 36 22.03 31.43 102.99
N ILE LA 37 22.24 32.34 102.04
CA ILE LA 37 21.87 33.74 102.26
C ILE LA 37 20.37 33.92 102.50
N PRO LA 38 19.47 33.36 101.69
CA PRO LA 38 18.03 33.52 102.00
C PRO LA 38 17.65 32.92 103.34
N MET LA 39 18.11 31.70 103.63
CA MET LA 39 17.78 31.06 104.91
C MET LA 39 18.22 31.93 106.08
N PHE LA 40 19.35 32.61 105.93
CA PHE LA 40 19.83 33.50 106.99
C PHE LA 40 18.82 34.60 107.29
N SER LA 41 18.16 35.14 106.26
CA SER LA 41 17.17 36.17 106.48
C SER LA 41 15.99 35.65 107.29
N ALA LA 42 15.77 34.33 107.27
CA ALA LA 42 14.73 33.73 108.11
C ALA LA 42 15.13 33.76 109.58
N LEU LA 43 16.42 33.59 109.86
CA LEU LA 43 16.90 33.52 111.23
C LEU LA 43 17.09 34.90 111.87
N SER LA 44 17.12 35.95 111.07
CA SER LA 44 17.39 37.30 111.54
C SER LA 44 16.15 38.20 111.45
N GLU LA 45 14.98 37.65 111.74
CA GLU LA 45 13.74 38.41 111.67
C GLU LA 45 13.43 39.05 113.02
N GLY LA 46 13.63 40.36 113.11
CA GLY LA 46 13.29 41.12 114.29
C GLY LA 46 14.32 41.14 115.39
N ALA LA 47 15.41 40.39 115.26
CA ALA LA 47 16.41 40.33 116.31
C ALA LA 47 17.10 41.67 116.48
N THR LA 48 17.61 41.91 117.69
CA THR LA 48 18.37 43.12 117.97
C THR LA 48 19.76 43.02 117.36
N PRO LA 49 20.38 44.15 117.05
CA PRO LA 49 21.76 44.12 116.53
C PRO LA 49 22.76 43.48 117.49
N GLN LA 50 22.52 43.57 118.80
CA GLN LA 50 23.42 42.94 119.76
C GLN LA 50 23.45 41.42 119.58
N ASP LA 51 22.28 40.82 119.40
CA ASP LA 51 22.22 39.38 119.17
C ASP LA 51 22.93 39.01 117.87
N LEU LA 52 22.76 39.84 116.84
CA LEU LA 52 23.43 39.57 115.57
C LEU LA 52 24.95 39.65 115.73
N ASN LA 53 25.44 40.63 116.48
CA ASN LA 53 26.88 40.70 116.75
C ASN LA 53 27.36 39.48 117.52
N THR LA 54 26.58 39.05 118.52
CA THR LA 54 26.97 37.91 119.33
C THR LA 54 27.06 36.65 118.48
N MET LA 55 26.08 36.42 117.60
CA MET LA 55 26.11 35.22 116.76
C MET LA 55 27.13 35.33 115.64
N LEU LA 56 27.45 36.53 115.18
CA LEU LA 56 28.50 36.70 114.17
C LEU LA 56 29.89 36.53 114.74
N ASN LA 57 30.07 36.79 116.05
CA ASN LA 57 31.38 36.60 116.67
C ASN LA 57 31.79 35.13 116.76
N THR LA 58 30.89 34.20 116.49
CA THR LA 58 31.18 32.78 116.62
C THR LA 58 31.78 32.18 115.34
N VAL LA 59 32.02 32.99 114.31
CA VAL LA 59 32.58 32.46 113.08
C VAL LA 59 34.02 31.99 113.31
N GLY LA 60 34.45 31.05 112.49
CA GLY LA 60 35.80 30.51 112.59
C GLY LA 60 36.55 30.50 111.28
N GLY LA 61 37.71 31.14 111.25
CA GLY LA 61 38.52 31.19 110.04
C GLY LA 61 38.09 32.32 109.12
N HIS LA 62 38.89 32.52 108.07
CA HIS LA 62 38.67 33.55 107.07
C HIS LA 62 38.56 34.93 107.72
N GLN LA 63 39.67 35.34 108.36
CA GLN LA 63 39.69 36.62 109.05
C GLN LA 63 39.61 37.80 108.08
N ALA LA 64 40.11 37.63 106.86
CA ALA LA 64 40.07 38.70 105.88
C ALA LA 64 38.63 39.09 105.53
N ALA LA 65 37.78 38.07 105.33
CA ALA LA 65 36.38 38.34 105.02
C ALA LA 65 35.68 39.04 106.19
N MET LA 66 35.97 38.61 107.41
CA MET LA 66 35.39 39.24 108.59
C MET LA 66 35.82 40.70 108.69
N GLN LA 67 37.10 40.96 108.46
CA GLN LA 67 37.59 42.34 108.53
C GLN LA 67 36.95 43.21 107.44
N MET LA 68 36.81 42.67 106.22
CA MET LA 68 36.20 43.43 105.14
C MET LA 68 34.73 43.72 105.44
N LEU LA 69 34.01 42.74 105.98
CA LEU LA 69 32.60 42.97 106.31
C LEU LA 69 32.46 43.95 107.48
N LYS LA 70 33.38 43.92 108.45
CA LYS LA 70 33.35 44.92 109.51
C LYS LA 70 33.62 46.31 108.97
N GLU LA 71 34.55 46.42 108.01
CA GLU LA 71 34.83 47.71 107.39
C GLU LA 71 33.62 48.23 106.63
N THR LA 72 32.93 47.35 105.90
CA THR LA 72 31.72 47.77 105.18
C THR LA 72 30.62 48.16 106.17
N ILE LA 73 30.51 47.45 107.29
CA ILE LA 73 29.54 47.82 108.31
C ILE LA 73 29.83 49.23 108.84
N ASN LA 74 31.11 49.51 109.12
CA ASN LA 74 31.48 50.82 109.62
C ASN LA 74 31.20 51.92 108.59
N GLU LA 75 31.55 51.68 107.32
CA GLU LA 75 31.33 52.71 106.31
C GLU LA 75 29.85 52.94 106.07
N GLU LA 76 29.03 51.88 106.13
CA GLU LA 76 27.59 52.07 105.98
C GLU LA 76 26.99 52.72 107.22
N ALA LA 77 27.59 52.51 108.39
CA ALA LA 77 27.15 53.23 109.58
C ALA LA 77 27.42 54.73 109.43
N ALA LA 78 28.60 55.08 108.91
CA ALA LA 78 28.89 56.49 108.65
C ALA LA 78 27.94 57.06 107.60
N GLU LA 79 27.63 56.28 106.56
CA GLU LA 79 26.71 56.74 105.53
C GLU LA 79 25.31 56.96 106.10
N TRP LA 80 24.86 56.07 106.99
CA TRP LA 80 23.58 56.26 107.64
C TRP LA 80 23.59 57.48 108.55
N ASP LA 81 24.71 57.72 109.24
CA ASP LA 81 24.82 58.90 110.08
C ASP LA 81 24.71 60.17 109.25
N ARG LA 82 25.36 60.22 108.10
CA ARG LA 82 25.33 61.45 107.30
C ARG LA 82 24.01 61.61 106.56
N LEU LA 83 23.40 60.50 106.11
CA LEU LA 83 22.16 60.63 105.33
C LEU LA 83 20.98 60.97 106.22
N HIS LA 84 20.90 60.37 107.40
CA HIS LA 84 19.74 60.58 108.27
C HIS LA 84 19.77 61.99 108.85
N PRO LA 85 18.66 62.73 108.81
CA PRO LA 85 18.65 64.08 109.38
C PRO LA 85 18.95 64.07 110.87
N VAL LA 86 20.05 64.72 111.27
CA VAL LA 86 20.44 64.76 112.67
C VAL LA 86 19.43 65.58 113.45
N HIS LA 87 19.00 65.06 114.60
CA HIS LA 87 18.02 65.71 115.45
C HIS LA 87 18.74 66.39 116.61
N ALA LA 88 18.51 67.68 116.77
CA ALA LA 88 19.14 68.49 117.81
C ALA LA 88 18.08 69.03 118.76
N GLY LA 89 18.54 69.58 119.89
CA GLY LA 89 17.66 70.11 120.89
C GLY LA 89 16.97 69.03 121.68
N PRO LA 90 15.97 69.42 122.47
CA PRO LA 90 15.21 68.43 123.26
C PRO LA 90 14.52 67.42 122.36
N ILE LA 91 14.46 66.17 122.83
CA ILE LA 91 13.80 65.09 122.11
C ILE LA 91 12.51 64.74 122.83
N ALA LA 92 11.41 64.68 122.08
CA ALA LA 92 10.11 64.41 122.69
C ALA LA 92 10.07 63.01 123.28
N PRO LA 93 9.35 62.83 124.39
CA PRO LA 93 9.22 61.49 124.99
C PRO LA 93 8.52 60.53 124.04
N GLY LA 94 8.90 59.26 124.14
CA GLY LA 94 8.37 58.25 123.25
C GLY LA 94 9.08 58.13 121.92
N GLN LA 95 10.19 58.82 121.75
CA GLN LA 95 10.97 58.76 120.52
C GLN LA 95 12.40 59.16 120.83
N MET LA 96 13.34 58.63 120.05
CA MET LA 96 14.76 58.90 120.26
C MET LA 96 15.42 59.12 118.91
N ARG LA 97 16.52 59.87 118.92
CA ARG LA 97 17.25 60.13 117.69
C ARG LA 97 17.86 58.85 117.13
N GLU LA 98 18.27 58.92 115.87
CA GLU LA 98 18.86 57.76 115.22
C GLU LA 98 20.18 57.38 115.91
N PRO LA 99 20.50 56.10 115.96
CA PRO LA 99 21.75 55.70 116.62
C PRO LA 99 22.98 56.20 115.86
N ARG LA 100 24.05 56.43 116.61
CA ARG LA 100 25.32 56.82 116.01
C ARG LA 100 25.91 55.64 115.23
N GLY LA 101 27.11 55.86 114.68
CA GLY LA 101 27.76 54.77 113.97
C GLY LA 101 28.08 53.59 114.87
N SER LA 102 28.66 53.87 116.03
CA SER LA 102 28.96 52.80 116.98
C SER LA 102 27.69 52.20 117.56
N ASP LA 103 26.69 53.02 117.86
CA ASP LA 103 25.43 52.50 118.40
C ASP LA 103 24.70 51.61 117.40
N ILE LA 104 24.66 52.01 116.13
CA ILE LA 104 24.02 51.18 115.11
C ILE LA 104 24.87 49.98 114.73
N ALA LA 105 26.19 50.03 114.94
CA ALA LA 105 27.02 48.86 114.77
C ALA LA 105 26.87 47.86 115.91
N GLY LA 106 26.35 48.30 117.05
CA GLY LA 106 26.11 47.42 118.18
C GLY LA 106 27.32 47.12 119.03
N THR LA 107 28.45 47.80 118.80
CA THR LA 107 29.65 47.52 119.58
C THR LA 107 29.54 48.08 120.99
N THR LA 108 28.99 49.29 121.14
CA THR LA 108 28.89 49.94 122.44
C THR LA 108 27.46 50.06 122.95
N SER LA 109 26.47 50.07 122.06
CA SER LA 109 25.08 50.20 122.49
C SER LA 109 24.65 48.97 123.28
N THR LA 110 23.76 49.18 124.24
CA THR LA 110 23.30 48.11 125.11
C THR LA 110 21.99 47.50 124.58
N LEU LA 111 21.62 46.36 125.16
CA LEU LA 111 20.36 45.72 124.80
C LEU LA 111 19.16 46.59 125.12
N GLN LA 112 19.23 47.32 126.24
CA GLN LA 112 18.11 48.15 126.66
C GLN LA 112 17.80 49.25 125.67
N GLU LA 113 18.84 49.85 125.06
CA GLU LA 113 18.61 50.85 124.02
C GLU LA 113 17.88 50.26 122.83
N GLN LA 114 18.28 49.05 122.41
CA GLN LA 114 17.61 48.40 121.29
C GLN LA 114 16.16 48.10 121.63
N ILE LA 115 15.91 47.61 122.85
CA ILE LA 115 14.54 47.29 123.26
C ILE LA 115 13.69 48.55 123.29
N GLY LA 116 14.24 49.64 123.85
CA GLY LA 116 13.49 50.89 123.87
C GLY LA 116 13.20 51.43 122.49
N TRP LA 117 14.18 51.32 121.58
CA TRP LA 117 13.96 51.77 120.20
C TRP LA 117 12.88 50.95 119.53
N MET LA 118 12.87 49.63 119.76
CA MET LA 118 11.84 48.78 119.17
C MET LA 118 10.46 49.09 119.74
N THR LA 119 10.38 49.33 121.05
CA THR LA 119 9.07 49.43 121.70
C THR LA 119 8.37 50.74 121.36
N HIS LA 120 9.08 51.86 121.41
CA HIS LA 120 8.42 53.16 121.28
C HIS LA 120 7.86 53.35 119.88
N ASN LA 121 6.68 53.98 119.81
CA ASN LA 121 5.95 54.21 118.57
C ASN LA 121 6.07 55.66 118.14
N PRO LA 122 6.50 55.95 116.89
CA PRO LA 122 6.88 55.01 115.84
C PRO LA 122 8.26 54.39 116.08
N PRO LA 123 8.41 53.11 115.77
CA PRO LA 123 9.69 52.44 116.03
C PRO LA 123 10.81 53.02 115.19
N ILE LA 124 12.01 53.02 115.76
CA ILE LA 124 13.23 53.33 115.00
C ILE LA 124 13.86 51.99 114.62
N PRO LA 125 13.69 51.55 113.37
CA PRO LA 125 14.10 50.18 112.98
C PRO LA 125 15.59 50.03 112.72
N VAL LA 126 16.38 50.07 113.80
CA VAL LA 126 17.81 49.82 113.69
C VAL LA 126 18.07 48.37 113.31
N GLY LA 127 17.25 47.45 113.79
CA GLY LA 127 17.44 46.03 113.54
C GLY LA 127 17.43 45.65 112.08
N GLU LA 128 16.38 46.03 111.35
CA GLU LA 128 16.32 45.68 109.93
C GLU LA 128 17.35 46.43 109.10
N ILE LA 129 17.73 47.65 109.51
CA ILE LA 129 18.80 48.35 108.81
C ILE LA 129 20.11 47.59 108.94
N TYR LA 130 20.43 47.14 110.16
CA TYR LA 130 21.63 46.34 110.34
C TYR LA 130 21.50 45.00 109.62
N LYS LA 131 20.29 44.44 109.53
CA LYS LA 131 20.09 43.18 108.83
C LYS LA 131 20.38 43.33 107.34
N ARG LA 132 19.90 44.41 106.72
CA ARG LA 132 20.21 44.61 105.30
C ARG LA 132 21.67 44.98 105.10
N TRP LA 133 22.30 45.65 106.07
CA TRP LA 133 23.74 45.86 106.00
C TRP LA 133 24.49 44.53 106.00
N ILE LA 134 24.06 43.60 106.87
CA ILE LA 134 24.66 42.27 106.92
C ILE LA 134 24.42 41.54 105.61
N ILE LA 135 23.23 41.71 105.03
CA ILE LA 135 22.93 41.08 103.75
C ILE LA 135 23.87 41.59 102.66
N LEU LA 136 24.09 42.90 102.61
CA LEU LA 136 25.00 43.47 101.63
C LEU LA 136 26.42 42.98 101.86
N GLY LA 137 26.86 42.93 103.12
CA GLY LA 137 28.20 42.44 103.41
C GLY LA 137 28.40 41.00 103.01
N LEU LA 138 27.40 40.15 103.30
CA LEU LA 138 27.48 38.75 102.91
C LEU LA 138 27.42 38.58 101.41
N ASN LA 139 26.66 39.43 100.71
CA ASN LA 139 26.67 39.40 99.25
C ASN LA 139 28.05 39.74 98.72
N LYS LA 140 28.69 40.75 99.30
CA LYS LA 140 30.07 41.07 98.90
C LYS LA 140 31.01 39.90 99.17
N ILE LA 141 30.86 39.25 100.33
CA ILE LA 141 31.76 38.15 100.69
C ILE LA 141 31.58 36.99 99.73
N VAL LA 142 30.32 36.65 99.40
CA VAL LA 142 30.08 35.51 98.51
C VAL LA 142 30.51 35.85 97.09
N ARG LA 143 30.41 37.12 96.67
CA ARG LA 143 30.96 37.50 95.38
C ARG LA 143 32.47 37.38 95.36
N MET LA 144 33.13 37.73 96.48
CA MET LA 144 34.57 37.57 96.58
C MET LA 144 34.97 36.11 96.51
N TYR LA 145 34.23 35.24 97.21
CA TYR LA 145 34.54 33.82 97.30
C TYR LA 145 33.99 33.02 96.13
N SER LA 146 33.65 33.66 95.02
CA SER LA 146 33.25 32.96 93.81
C SER LA 146 34.23 33.28 92.70
N PRO LA 147 35.37 32.58 92.65
CA PRO LA 147 36.41 32.91 91.65
C PRO LA 147 36.13 32.39 90.25
N THR LA 148 34.93 31.88 89.98
CA THR LA 148 34.58 31.37 88.66
C THR LA 148 33.49 32.24 88.06
N SER LA 149 33.74 32.70 86.83
CA SER LA 149 32.79 33.55 86.13
C SER LA 149 31.71 32.68 85.47
N ILE LA 150 30.84 33.32 84.70
CA ILE LA 150 29.75 32.63 84.01
C ILE LA 150 30.09 32.31 82.56
N LEU LA 151 30.98 33.07 81.92
CA LEU LA 151 31.29 32.87 80.52
C LEU LA 151 32.33 31.78 80.27
N ASP LA 152 32.92 31.20 81.33
CA ASP LA 152 33.95 30.19 81.19
C ASP LA 152 33.44 28.78 81.51
N ILE LA 153 32.13 28.58 81.49
CA ILE LA 153 31.54 27.28 81.80
C ILE LA 153 31.28 26.59 80.47
N ARG LA 154 32.15 25.64 80.13
CA ARG LA 154 32.03 24.86 78.91
C ARG LA 154 31.67 23.42 79.26
N GLN LA 155 30.62 22.90 78.63
CA GLN LA 155 30.17 21.53 78.89
C GLN LA 155 31.17 20.54 78.29
N GLY LA 156 31.51 19.52 79.07
CA GLY LA 156 32.40 18.48 78.61
C GLY LA 156 31.75 17.61 77.54
N PRO LA 157 32.57 16.97 76.69
CA PRO LA 157 31.99 16.11 75.65
C PRO LA 157 31.16 14.97 76.22
N LYS LA 158 31.56 14.40 77.36
CA LYS LA 158 30.80 13.37 78.02
C LYS LA 158 30.04 13.88 79.24
N GLU LA 159 30.13 15.16 79.53
CA GLU LA 159 29.42 15.71 80.69
C GLU LA 159 27.93 15.79 80.40
N PRO LA 160 27.08 15.29 81.29
CA PRO LA 160 25.63 15.37 81.05
C PRO LA 160 25.13 16.81 81.14
N PHE LA 161 23.94 17.01 80.57
CA PHE LA 161 23.34 18.35 80.58
C PHE LA 161 22.80 18.73 81.95
N ARG LA 162 22.46 17.76 82.80
CA ARG LA 162 21.84 18.06 84.08
C ARG LA 162 22.78 18.84 84.98
N ASP LA 163 23.94 18.27 85.31
CA ASP LA 163 24.88 18.97 86.19
C ASP LA 163 25.44 20.21 85.50
N TYR LA 164 25.51 20.22 84.17
CA TYR LA 164 25.96 21.42 83.46
C TYR LA 164 25.01 22.58 83.67
N VAL LA 165 23.71 22.35 83.47
CA VAL LA 165 22.74 23.42 83.68
C VAL LA 165 22.64 23.78 85.15
N ASP LA 166 22.82 22.79 86.05
CA ASP LA 166 22.78 23.10 87.48
C ASP LA 166 23.93 24.02 87.89
N ARG LA 167 25.15 23.72 87.42
CA ARG LA 167 26.28 24.59 87.75
C ARG LA 167 26.16 25.93 87.04
N PHE LA 168 25.59 25.95 85.83
CA PHE LA 168 25.36 27.22 85.15
C PHE LA 168 24.43 28.11 85.96
N TYR LA 169 23.33 27.54 86.47
CA TYR LA 169 22.39 28.34 87.24
C TYR LA 169 22.95 28.72 88.61
N LYS LA 170 23.76 27.86 89.24
CA LYS LA 170 24.36 28.24 90.50
C LYS LA 170 25.38 29.36 90.29
N THR LA 171 26.08 29.36 89.16
CA THR LA 171 26.97 30.47 88.84
C THR LA 171 26.18 31.74 88.52
N LEU LA 172 25.02 31.59 87.88
CA LEU LA 172 24.13 32.74 87.69
C LEU LA 172 23.73 33.34 89.02
N ARG LA 173 23.37 32.48 89.98
CA ARG LA 173 23.04 32.96 91.31
C ARG LA 173 24.24 33.64 91.97
N ALA LA 174 25.43 33.08 91.79
CA ALA LA 174 26.65 33.67 92.34
C ALA LA 174 27.10 34.91 91.59
N GLU LA 175 26.51 35.21 90.44
CA GLU LA 175 26.91 36.34 89.62
C GLU LA 175 26.03 37.55 89.91
N GLN LA 176 26.64 38.73 89.90
CA GLN LA 176 25.95 39.98 90.16
C GLN LA 176 25.65 40.68 88.83
N ALA LA 177 24.37 40.97 88.59
CA ALA LA 177 23.93 41.64 87.38
C ALA LA 177 22.45 42.00 87.57
N SER LA 178 21.96 42.85 86.67
CA SER LA 178 20.55 43.20 86.68
C SER LA 178 19.72 42.07 86.06
N GLN LA 179 18.40 42.18 86.21
CA GLN LA 179 17.52 41.12 85.74
C GLN LA 179 17.61 40.93 84.23
N GLU LA 180 17.69 42.04 83.48
CA GLU LA 180 17.78 41.94 82.03
C GLU LA 180 19.06 41.26 81.60
N VAL LA 181 20.19 41.60 82.24
CA VAL LA 181 21.46 40.97 81.90
C VAL LA 181 21.44 39.49 82.27
N LYS LA 182 20.81 39.15 83.41
CA LYS LA 182 20.67 37.75 83.78
C LYS LA 182 19.84 36.99 82.76
N ASN LA 183 18.76 37.59 82.28
CA ASN LA 183 17.96 36.94 81.25
C ASN LA 183 18.76 36.75 79.97
N TRP LA 184 19.53 37.76 79.57
CA TRP LA 184 20.33 37.65 78.34
C TRP LA 184 21.37 36.55 78.47
N MET LA 185 22.05 36.48 79.61
CA MET LA 185 23.09 35.46 79.77
C MET LA 185 22.49 34.07 79.87
N THR LA 186 21.36 33.92 80.58
CA THR LA 186 20.74 32.60 80.65
C THR LA 186 20.07 32.22 79.33
N GLU LA 187 19.87 33.18 78.42
CA GLU LA 187 19.39 32.84 77.08
C GLU LA 187 20.53 32.48 76.13
N THR LA 188 21.71 33.07 76.30
CA THR LA 188 22.78 32.89 75.33
C THR LA 188 23.86 31.92 75.81
N LEU LA 189 24.44 32.15 76.99
CA LEU LA 189 25.67 31.46 77.37
C LEU LA 189 25.48 29.95 77.48
N LEU LA 190 24.38 29.51 78.10
CA LEU LA 190 24.20 28.07 78.31
C LEU LA 190 24.03 27.32 77.00
N VAL LA 191 23.53 27.98 75.96
CA VAL LA 191 23.40 27.32 74.67
C VAL LA 191 24.62 27.54 73.78
N GLN LA 192 25.44 28.54 74.06
CA GLN LA 192 26.66 28.74 73.27
C GLN LA 192 27.74 27.73 73.66
N ASN LA 193 27.69 27.19 74.88
CA ASN LA 193 28.71 26.28 75.39
C ASN LA 193 28.16 24.88 75.66
N ALA LA 194 27.32 24.36 74.79
CA ALA LA 194 26.76 23.02 74.94
C ALA LA 194 27.42 22.05 73.96
N ASN LA 195 27.18 20.77 74.20
CA ASN LA 195 27.70 19.74 73.29
C ASN LA 195 27.09 19.92 71.91
N PRO LA 196 27.86 19.74 70.84
CA PRO LA 196 27.38 20.16 69.51
C PRO LA 196 26.07 19.52 69.07
N ASP LA 197 25.86 18.24 69.37
CA ASP LA 197 24.65 17.57 68.90
C ASP LA 197 23.40 18.15 69.56
N CYS LA 198 23.34 18.14 70.88
CA CYS LA 198 22.22 18.74 71.59
C CYS LA 198 22.13 20.24 71.39
N LYS LA 199 23.27 20.92 71.21
CA LYS LA 199 23.24 22.36 70.93
C LYS LA 199 22.54 22.64 69.60
N THR LA 200 22.88 21.87 68.56
CA THR LA 200 22.20 22.05 67.28
C THR LA 200 20.74 21.61 67.34
N ILE LA 201 20.43 20.61 68.16
CA ILE LA 201 19.03 20.23 68.37
C ILE LA 201 18.25 21.40 68.96
N LEU LA 202 18.82 22.04 70.00
CA LEU LA 202 18.16 23.20 70.60
C LEU LA 202 18.05 24.35 69.62
N LYS LA 203 19.08 24.56 68.80
CA LYS LA 203 19.01 25.59 67.76
C LYS LA 203 17.87 25.31 66.79
N ALA LA 204 17.70 24.05 66.39
CA ALA LA 204 16.59 23.69 65.53
C ALA LA 204 15.25 23.91 66.23
N LEU LA 205 15.20 23.68 67.54
CA LEU LA 205 13.98 23.94 68.29
C LEU LA 205 13.61 25.41 68.31
N GLY LA 206 14.60 26.31 68.23
CA GLY LA 206 14.34 27.73 68.16
C GLY LA 206 14.22 28.37 69.53
N PRO LA 207 14.28 29.70 69.57
CA PRO LA 207 14.18 30.42 70.84
C PRO LA 207 12.75 30.53 71.32
N GLY LA 208 12.61 30.95 72.57
CA GLY LA 208 11.32 31.15 73.20
C GLY LA 208 10.86 29.99 74.07
N ALA LA 209 11.46 28.81 73.92
CA ALA LA 209 11.10 27.65 74.70
C ALA LA 209 11.83 27.68 76.04
N THR LA 210 11.13 27.26 77.10
CA THR LA 210 11.72 27.24 78.42
C THR LA 210 12.72 26.08 78.54
N LEU LA 211 13.42 26.04 79.67
CA LEU LA 211 14.51 25.08 79.84
C LEU LA 211 14.03 23.63 79.94
N GLU LA 212 12.75 23.41 80.27
CA GLU LA 212 12.26 22.04 80.39
C GLU LA 212 12.32 21.33 79.04
N GLU LA 213 11.86 21.99 77.97
CA GLU LA 213 11.98 21.40 76.64
C GLU LA 213 13.44 21.24 76.25
N MET LA 214 14.29 22.20 76.63
CA MET LA 214 15.70 22.14 76.29
C MET LA 214 16.35 20.90 76.91
N MET LA 215 16.01 20.58 78.15
CA MET LA 215 16.59 19.45 78.85
C MET LA 215 15.92 18.13 78.49
N THR LA 216 14.67 18.14 78.03
CA THR LA 216 14.03 16.91 77.57
C THR LA 216 14.43 16.56 76.15
N ALA LA 217 14.84 17.53 75.34
CA ALA LA 217 15.33 17.25 74.00
C ALA LA 217 16.82 16.91 74.00
N CYS LA 218 17.53 17.29 75.06
CA CYS LA 218 18.95 17.02 75.25
C CYS LA 218 19.22 15.63 75.83
N GLN LA 219 18.17 14.85 76.09
CA GLN LA 219 18.32 13.53 76.66
C GLN LA 219 19.10 12.61 75.72
N GLY LA 220 19.91 11.74 76.30
CA GLY LA 220 20.68 10.78 75.52
C GLY LA 220 19.92 9.51 75.22
N PRO MA 1 55.09 91.66 -42.79
CA PRO MA 1 53.65 91.68 -42.53
C PRO MA 1 52.98 92.96 -43.05
N ILE MA 2 51.89 93.36 -42.42
CA ILE MA 2 51.21 94.60 -42.77
C ILE MA 2 51.99 95.76 -42.15
N VAL MA 3 52.83 96.40 -42.95
CA VAL MA 3 53.69 97.48 -42.47
C VAL MA 3 52.98 98.81 -42.71
N GLN MA 4 53.27 99.78 -41.85
CA GLN MA 4 52.69 101.11 -41.98
C GLN MA 4 53.31 101.84 -43.17
N ASN MA 5 52.48 102.59 -43.88
CA ASN MA 5 52.91 103.34 -45.05
C ASN MA 5 52.40 104.77 -44.94
N LEU MA 6 53.31 105.74 -45.12
CA LEU MA 6 52.91 107.14 -45.10
C LEU MA 6 52.01 107.44 -46.30
N GLN MA 7 50.96 108.24 -46.06
CA GLN MA 7 49.94 108.61 -47.05
C GLN MA 7 49.56 107.45 -47.96
N GLY MA 8 49.42 106.26 -47.38
CA GLY MA 8 49.06 105.08 -48.16
C GLY MA 8 48.30 104.09 -47.31
N GLN MA 9 47.47 103.29 -47.97
CA GLN MA 9 46.67 102.29 -47.27
C GLN MA 9 47.56 101.14 -46.80
N MET MA 10 47.17 100.56 -45.66
CA MET MA 10 47.94 99.47 -45.05
C MET MA 10 47.98 98.25 -45.96
N VAL MA 11 49.17 97.91 -46.45
CA VAL MA 11 49.36 96.80 -47.38
C VAL MA 11 50.26 95.76 -46.72
N HIS MA 12 50.25 94.56 -47.30
CA HIS MA 12 51.01 93.43 -46.79
C HIS MA 12 52.27 93.19 -47.63
N GLN MA 13 53.37 92.91 -46.94
CA GLN MA 13 54.64 92.61 -47.59
C GLN MA 13 55.17 91.28 -47.07
N ALA MA 14 55.88 90.57 -47.95
CA ALA MA 14 56.42 89.26 -47.59
C ALA MA 14 57.45 89.37 -46.49
N ILE MA 15 57.57 88.30 -45.70
CA ILE MA 15 58.51 88.29 -44.58
C ILE MA 15 59.94 88.33 -45.13
N SER MA 16 60.75 89.22 -44.58
CA SER MA 16 62.14 89.34 -45.03
C SER MA 16 62.92 88.09 -44.65
N PRO MA 17 63.82 87.63 -45.53
CA PRO MA 17 64.65 86.47 -45.17
C PRO MA 17 65.53 86.72 -43.95
N ARG MA 18 65.96 87.96 -43.72
CA ARG MA 18 66.81 88.26 -42.58
C ARG MA 18 66.09 88.01 -41.26
N THR MA 19 64.81 88.41 -41.17
CA THR MA 19 64.05 88.17 -39.95
C THR MA 19 63.84 86.68 -39.72
N LEU MA 20 63.58 85.93 -40.80
CA LEU MA 20 63.43 84.48 -40.67
C LEU MA 20 64.72 83.84 -40.19
N ASN MA 21 65.86 84.27 -40.73
CA ASN MA 21 67.15 83.75 -40.29
C ASN MA 21 67.40 84.07 -38.82
N ALA MA 22 67.11 85.30 -38.40
CA ALA MA 22 67.28 85.65 -37.00
C ALA MA 22 66.39 84.80 -36.10
N TRP MA 23 65.14 84.60 -36.52
CA TRP MA 23 64.20 83.81 -35.72
C TRP MA 23 64.67 82.37 -35.58
N VAL MA 24 65.09 81.75 -36.69
CA VAL MA 24 65.53 80.36 -36.61
C VAL MA 24 66.84 80.26 -35.80
N LYS MA 25 67.71 81.25 -35.92
CA LYS MA 25 68.96 81.23 -35.15
C LYS MA 25 68.68 81.33 -33.66
N VAL MA 26 67.78 82.23 -33.25
CA VAL MA 26 67.48 82.36 -31.82
C VAL MA 26 66.70 81.16 -31.32
N VAL MA 27 65.94 80.49 -32.19
CA VAL MA 27 65.26 79.26 -31.79
C VAL MA 27 66.27 78.14 -31.55
N GLU MA 28 67.21 77.95 -32.49
CA GLU MA 28 68.13 76.82 -32.37
C GLU MA 28 69.21 77.07 -31.33
N GLU MA 29 69.61 78.33 -31.14
CA GLU MA 29 70.74 78.63 -30.26
C GLU MA 29 70.38 78.46 -28.79
N LYS MA 30 69.16 78.84 -28.41
CA LYS MA 30 68.77 78.86 -27.00
C LYS MA 30 67.58 77.97 -26.70
N ALA MA 31 67.08 77.21 -27.68
CA ALA MA 31 65.94 76.31 -27.51
C ALA MA 31 64.69 77.09 -27.08
N PHE MA 32 64.27 76.91 -25.84
CA PHE MA 32 63.10 77.59 -25.29
C PHE MA 32 63.47 78.29 -23.99
N SER MA 33 63.12 79.57 -23.89
CA SER MA 33 63.40 80.40 -22.73
C SER MA 33 62.22 81.33 -22.51
N PRO MA 34 62.09 81.89 -21.32
CA PRO MA 34 60.99 82.86 -21.10
C PRO MA 34 61.06 84.08 -21.99
N GLU MA 35 62.23 84.42 -22.53
CA GLU MA 35 62.38 85.59 -23.38
C GLU MA 35 62.03 85.33 -24.84
N VAL MA 36 61.84 84.07 -25.24
CA VAL MA 36 61.45 83.79 -26.62
C VAL MA 36 60.06 84.34 -26.91
N ILE MA 37 59.20 84.43 -25.90
CA ILE MA 37 57.89 85.04 -26.11
C ILE MA 37 58.01 86.52 -26.46
N PRO MA 38 58.74 87.36 -25.70
CA PRO MA 38 58.97 88.73 -26.17
C PRO MA 38 59.70 88.80 -27.50
N MET MA 39 60.64 87.89 -27.75
CA MET MA 39 61.35 87.92 -29.04
C MET MA 39 60.38 87.69 -30.20
N PHE MA 40 59.50 86.68 -30.07
CA PHE MA 40 58.53 86.38 -31.12
C PHE MA 40 57.50 87.50 -31.26
N SER MA 41 57.08 88.08 -30.14
CA SER MA 41 56.13 89.20 -30.21
C SER MA 41 56.73 90.39 -30.93
N ALA MA 42 58.03 90.66 -30.68
CA ALA MA 42 58.71 91.74 -31.39
C ALA MA 42 58.91 91.41 -32.86
N LEU MA 43 59.14 90.13 -33.19
CA LEU MA 43 59.36 89.76 -34.58
C LEU MA 43 58.08 89.73 -35.40
N SER MA 44 56.94 89.44 -34.77
CA SER MA 44 55.66 89.32 -35.47
C SER MA 44 54.71 90.47 -35.13
N GLU MA 45 55.21 91.71 -35.16
CA GLU MA 45 54.36 92.86 -34.89
C GLU MA 45 53.33 93.05 -35.99
N GLY MA 46 52.05 92.83 -35.66
CA GLY MA 46 50.96 93.01 -36.62
C GLY MA 46 51.03 92.08 -37.81
N ALA MA 47 51.28 90.80 -37.56
CA ALA MA 47 51.45 89.82 -38.63
C ALA MA 47 50.12 89.16 -38.98
N THR MA 48 49.93 88.91 -40.27
CA THR MA 48 48.75 88.20 -40.74
C THR MA 48 48.80 86.74 -40.28
N PRO MA 49 47.64 86.07 -40.21
CA PRO MA 49 47.64 84.67 -39.79
C PRO MA 49 48.51 83.78 -40.67
N GLN MA 50 48.56 84.04 -41.98
CA GLN MA 50 49.38 83.24 -42.86
C GLN MA 50 50.86 83.37 -42.50
N ASP MA 51 51.33 84.60 -42.28
CA ASP MA 51 52.70 84.80 -41.84
C ASP MA 51 52.95 84.18 -40.48
N LEU MA 52 51.96 84.25 -39.59
CA LEU MA 52 52.10 83.65 -38.26
C LEU MA 52 52.32 82.14 -38.36
N ASN MA 53 51.50 81.45 -39.14
CA ASN MA 53 51.68 80.00 -39.25
C ASN MA 53 52.94 79.65 -40.03
N THR MA 54 53.34 80.49 -40.99
CA THR MA 54 54.60 80.25 -41.68
C THR MA 54 55.78 80.34 -40.72
N MET MA 55 55.80 81.38 -39.89
CA MET MA 55 56.86 81.53 -38.89
C MET MA 55 56.82 80.40 -37.88
N LEU MA 56 55.61 79.93 -37.54
CA LEU MA 56 55.49 78.79 -36.63
C LEU MA 56 56.06 77.52 -37.25
N ASN MA 57 55.83 77.32 -38.55
CA ASN MA 57 56.25 76.09 -39.21
C ASN MA 57 57.72 76.12 -39.63
N THR MA 58 58.35 77.30 -39.71
CA THR MA 58 59.73 77.36 -40.17
C THR MA 58 60.73 76.79 -39.17
N VAL MA 59 60.33 76.55 -37.92
CA VAL MA 59 61.25 76.03 -36.91
C VAL MA 59 61.42 74.53 -37.10
N GLY MA 60 62.59 74.03 -36.70
CA GLY MA 60 62.88 72.61 -36.78
C GLY MA 60 63.48 72.11 -35.48
N GLY MA 61 63.36 70.79 -35.29
CA GLY MA 61 63.87 70.16 -34.08
C GLY MA 61 62.89 70.18 -32.94
N HIS MA 62 62.81 69.06 -32.21
CA HIS MA 62 61.85 68.90 -31.10
C HIS MA 62 60.41 69.05 -31.61
N GLN MA 63 60.01 68.15 -32.50
CA GLN MA 63 58.69 68.22 -33.12
C GLN MA 63 57.57 67.90 -32.14
N ALA MA 64 57.89 67.33 -30.97
CA ALA MA 64 56.85 67.09 -29.97
C ALA MA 64 56.23 68.40 -29.51
N ALA MA 65 57.06 69.42 -29.29
CA ALA MA 65 56.53 70.74 -28.93
C ALA MA 65 55.66 71.31 -30.04
N MET MA 66 56.07 71.10 -31.31
CA MET MA 66 55.25 71.57 -32.42
C MET MA 66 53.90 70.88 -32.45
N GLN MA 67 53.88 69.56 -32.23
CA GLN MA 67 52.60 68.86 -32.21
C GLN MA 67 51.73 69.32 -31.05
N MET MA 68 52.34 69.54 -29.88
CA MET MA 68 51.58 70.01 -28.73
C MET MA 68 50.98 71.39 -28.97
N LEU MA 69 51.77 72.31 -29.55
CA LEU MA 69 51.22 73.63 -29.84
C LEU MA 69 50.16 73.56 -30.94
N LYS MA 70 50.30 72.65 -31.91
CA LYS MA 70 49.29 72.49 -32.93
C LYS MA 70 47.97 71.99 -32.34
N GLU MA 71 48.05 71.01 -31.42
CA GLU MA 71 46.82 70.50 -30.83
C GLU MA 71 46.19 71.51 -29.89
N THR MA 72 46.99 72.32 -29.18
CA THR MA 72 46.42 73.41 -28.39
C THR MA 72 45.78 74.46 -29.29
N ILE MA 73 46.38 74.72 -30.46
CA ILE MA 73 45.76 75.62 -31.43
C ILE MA 73 44.41 75.07 -31.87
N ASN MA 74 44.35 73.76 -32.15
CA ASN MA 74 43.10 73.15 -32.58
C ASN MA 74 42.03 73.24 -31.50
N GLU MA 75 42.39 72.96 -30.25
CA GLU MA 75 41.40 73.01 -29.18
C GLU MA 75 40.94 74.45 -28.92
N GLU MA 76 41.87 75.42 -29.00
CA GLU MA 76 41.48 76.81 -28.83
C GLU MA 76 40.59 77.29 -29.97
N ALA MA 77 40.85 76.82 -31.19
CA ALA MA 77 39.99 77.14 -32.33
C ALA MA 77 38.61 76.56 -32.15
N ALA MA 78 38.53 75.32 -31.63
CA ALA MA 78 37.22 74.72 -31.35
C ALA MA 78 36.48 75.53 -30.29
N GLU MA 79 37.19 75.95 -29.24
CA GLU MA 79 36.56 76.76 -28.19
C GLU MA 79 36.06 78.09 -28.75
N TRP MA 80 36.86 78.72 -29.61
CA TRP MA 80 36.44 79.98 -30.22
C TRP MA 80 35.22 79.79 -31.11
N ASP MA 81 35.19 78.70 -31.88
CA ASP MA 81 34.04 78.43 -32.74
C ASP MA 81 32.79 78.17 -31.92
N ARG MA 82 32.93 77.46 -30.79
CA ARG MA 82 31.77 77.16 -29.97
C ARG MA 82 31.25 78.39 -29.24
N LEU MA 83 32.16 79.18 -28.65
CA LEU MA 83 31.74 80.34 -27.88
C LEU MA 83 31.17 81.44 -28.78
N HIS MA 84 31.89 81.78 -29.84
CA HIS MA 84 31.41 82.79 -30.77
C HIS MA 84 30.37 82.18 -31.70
N PRO MA 85 29.15 82.69 -31.75
CA PRO MA 85 28.13 82.11 -32.62
C PRO MA 85 28.57 82.11 -34.08
N VAL MA 86 28.29 81.01 -34.77
CA VAL MA 86 28.70 80.83 -36.16
C VAL MA 86 27.71 81.58 -37.04
N HIS MA 87 28.22 82.53 -37.82
CA HIS MA 87 27.37 83.29 -38.73
C HIS MA 87 26.92 82.41 -39.89
N ALA MA 88 25.61 82.32 -40.08
CA ALA MA 88 25.01 81.50 -41.12
C ALA MA 88 23.93 82.29 -41.84
N GLY MA 89 23.28 81.66 -42.81
CA GLY MA 89 22.25 82.29 -43.58
C GLY MA 89 22.79 83.35 -44.52
N PRO MA 90 21.98 84.36 -44.82
CA PRO MA 90 22.44 85.42 -45.72
C PRO MA 90 23.48 86.32 -45.08
N ILE MA 91 24.69 86.32 -45.64
CA ILE MA 91 25.79 87.15 -45.14
C ILE MA 91 25.92 88.36 -46.06
N ALA MA 92 25.84 89.55 -45.48
CA ALA MA 92 25.91 90.77 -46.26
C ALA MA 92 27.30 90.95 -46.85
N PRO MA 93 27.39 91.58 -48.02
CA PRO MA 93 28.71 91.83 -48.62
C PRO MA 93 29.55 92.76 -47.74
N GLY MA 94 30.86 92.55 -47.79
CA GLY MA 94 31.78 93.29 -46.95
C GLY MA 94 32.04 92.57 -45.64
N GLN MA 95 30.99 92.35 -44.85
CA GLN MA 95 31.12 91.59 -43.62
C GLN MA 95 31.32 90.12 -43.96
N MET MA 96 32.29 89.48 -43.29
CA MET MA 96 32.66 88.11 -43.56
C MET MA 96 32.19 87.20 -42.44
N ARG MA 97 32.11 85.90 -42.75
CA ARG MA 97 31.74 84.91 -41.76
C ARG MA 97 32.83 84.78 -40.70
N GLU MA 98 32.46 84.18 -39.58
CA GLU MA 98 33.42 83.97 -38.49
C GLU MA 98 34.55 83.08 -38.96
N PRO MA 99 35.81 83.46 -38.71
CA PRO MA 99 36.93 82.59 -39.10
C PRO MA 99 36.86 81.23 -38.43
N ARG MA 100 36.80 80.17 -39.23
CA ARG MA 100 36.67 78.82 -38.70
C ARG MA 100 37.96 78.39 -38.01
N GLY MA 101 37.95 77.16 -37.49
CA GLY MA 101 39.14 76.64 -36.84
C GLY MA 101 40.33 76.54 -37.78
N SER MA 102 40.08 76.12 -39.03
CA SER MA 102 41.14 76.07 -40.01
C SER MA 102 41.46 77.43 -40.61
N ASP MA 103 40.48 78.36 -40.63
CA ASP MA 103 40.73 79.69 -41.18
C ASP MA 103 41.74 80.46 -40.33
N ILE MA 104 41.58 80.41 -39.00
CA ILE MA 104 42.52 81.11 -38.13
C ILE MA 104 43.90 80.44 -38.19
N ALA MA 105 43.94 79.15 -38.51
CA ALA MA 105 45.23 78.48 -38.70
C ALA MA 105 45.94 78.94 -39.96
N GLY MA 106 45.24 79.61 -40.87
CA GLY MA 106 45.84 80.15 -42.07
C GLY MA 106 45.96 79.19 -43.23
N THR MA 107 45.36 78.00 -43.14
CA THR MA 107 45.47 77.02 -44.22
C THR MA 107 44.32 77.13 -45.22
N THR MA 108 43.08 77.20 -44.74
CA THR MA 108 41.93 77.34 -45.62
C THR MA 108 41.62 78.78 -45.99
N SER MA 109 42.34 79.75 -45.40
CA SER MA 109 42.15 81.16 -45.71
C SER MA 109 43.33 81.62 -46.58
N THR MA 110 43.03 81.99 -47.82
CA THR MA 110 44.06 82.43 -48.74
C THR MA 110 44.51 83.85 -48.38
N LEU MA 111 45.54 84.32 -49.10
CA LEU MA 111 46.08 85.65 -48.83
C LEU MA 111 45.03 86.74 -49.06
N GLN MA 112 44.23 86.59 -50.12
CA GLN MA 112 43.19 87.58 -50.39
C GLN MA 112 42.15 87.62 -49.27
N GLU MA 113 41.78 86.46 -48.72
CA GLU MA 113 40.85 86.43 -47.59
C GLU MA 113 41.43 87.17 -46.38
N GLN MA 114 42.72 86.95 -46.11
CA GLN MA 114 43.36 87.65 -45.00
C GLN MA 114 43.38 89.15 -45.23
N ILE MA 115 43.70 89.57 -46.46
CA ILE MA 115 43.73 91.00 -46.78
C ILE MA 115 42.34 91.61 -46.59
N GLY MA 116 41.31 90.92 -47.09
CA GLY MA 116 39.96 91.44 -46.94
C GLY MA 116 39.52 91.52 -45.49
N TRP MA 117 39.89 90.51 -44.69
CA TRP MA 117 39.54 90.53 -43.27
C TRP MA 117 40.25 91.66 -42.54
N MET MA 118 41.53 91.90 -42.86
CA MET MA 118 42.29 92.93 -42.16
C MET MA 118 41.85 94.34 -42.58
N THR MA 119 41.51 94.52 -43.86
CA THR MA 119 41.10 95.83 -44.34
C THR MA 119 39.62 96.11 -44.10
N HIS MA 120 38.88 95.16 -43.54
CA HIS MA 120 37.47 95.38 -43.25
C HIS MA 120 37.30 96.42 -42.16
N ASN MA 121 36.17 97.11 -42.17
CA ASN MA 121 35.84 98.10 -41.15
C ASN MA 121 34.69 97.59 -40.28
N PRO MA 122 34.90 97.32 -39.00
CA PRO MA 122 36.16 97.44 -38.24
C PRO MA 122 37.13 96.30 -38.53
N PRO MA 123 38.42 96.52 -38.31
CA PRO MA 123 39.40 95.46 -38.57
C PRO MA 123 39.15 94.25 -37.68
N ILE MA 124 39.44 93.07 -38.23
CA ILE MA 124 39.28 91.82 -37.50
C ILE MA 124 40.65 91.31 -37.09
N PRO MA 125 41.04 91.45 -35.83
CA PRO MA 125 42.36 90.96 -35.41
C PRO MA 125 42.34 89.48 -35.05
N VAL MA 126 41.69 88.67 -35.89
CA VAL MA 126 41.59 87.24 -35.62
C VAL MA 126 42.97 86.61 -35.54
N GLY MA 127 43.85 86.96 -36.49
CA GLY MA 127 45.23 86.50 -36.41
C GLY MA 127 45.90 86.92 -35.12
N GLU MA 128 45.63 88.15 -34.67
CA GLU MA 128 46.14 88.58 -33.37
C GLU MA 128 45.70 87.63 -32.27
N ILE MA 129 44.42 87.23 -32.30
CA ILE MA 129 43.94 86.23 -31.35
C ILE MA 129 44.80 84.97 -31.45
N TYR MA 130 45.01 84.50 -32.69
CA TYR MA 130 45.88 83.35 -32.91
C TYR MA 130 47.22 83.56 -32.24
N LYS MA 131 47.78 84.77 -32.39
CA LYS MA 131 49.07 85.07 -31.78
C LYS MA 131 49.03 84.84 -30.28
N ARG MA 132 48.01 85.37 -29.61
CA ARG MA 132 47.95 85.19 -28.15
C ARG MA 132 47.78 83.71 -27.82
N TRP MA 133 47.05 82.97 -28.66
CA TRP MA 133 46.97 81.53 -28.47
C TRP MA 133 48.35 80.91 -28.48
N ILE MA 134 49.18 81.33 -29.44
CA ILE MA 134 50.57 80.87 -29.49
C ILE MA 134 51.24 81.14 -28.15
N ILE MA 135 51.04 82.35 -27.63
CA ILE MA 135 51.63 82.72 -26.35
C ILE MA 135 51.22 81.71 -25.28
N LEU MA 136 49.94 81.37 -25.23
CA LEU MA 136 49.47 80.38 -24.28
C LEU MA 136 50.25 79.08 -24.42
N GLY MA 137 50.38 78.59 -25.65
CA GLY MA 137 51.17 77.40 -25.86
C GLY MA 137 52.60 77.57 -25.38
N LEU MA 138 53.19 78.71 -25.71
CA LEU MA 138 54.57 78.98 -25.30
C LEU MA 138 54.69 78.87 -23.79
N ASN MA 139 53.65 79.28 -23.05
CA ASN MA 139 53.69 79.17 -21.60
C ASN MA 139 53.93 77.72 -21.18
N LYS MA 140 53.11 76.80 -21.69
CA LYS MA 140 53.33 75.40 -21.33
C LYS MA 140 54.60 74.87 -21.96
N ILE MA 141 55.07 75.50 -23.04
CA ILE MA 141 56.35 75.14 -23.61
C ILE MA 141 57.46 75.39 -22.60
N VAL MA 142 57.33 76.45 -21.81
CA VAL MA 142 58.26 76.65 -20.70
C VAL MA 142 58.21 75.45 -19.78
N ARG MA 143 57.01 75.01 -19.40
CA ARG MA 143 56.87 73.84 -18.54
C ARG MA 143 57.46 72.60 -19.20
N MET MA 144 57.64 72.64 -20.52
CA MET MA 144 58.34 71.59 -21.24
C MET MA 144 59.78 71.50 -20.77
N TYR MA 145 60.54 72.59 -20.93
CA TYR MA 145 61.99 72.53 -20.76
C TYR MA 145 62.47 73.18 -19.46
N SER MA 146 61.56 73.50 -18.55
CA SER MA 146 61.92 73.84 -17.17
C SER MA 146 61.00 73.10 -16.22
N PRO MA 147 61.10 71.76 -16.18
CA PRO MA 147 60.19 70.97 -15.33
C PRO MA 147 60.59 70.96 -13.86
N THR MA 148 61.78 71.45 -13.52
CA THR MA 148 62.21 71.48 -12.13
C THR MA 148 61.32 72.41 -11.32
N SER MA 149 61.01 72.01 -10.09
CA SER MA 149 60.17 72.81 -9.22
C SER MA 149 60.89 74.07 -8.79
N ILE MA 150 60.14 74.97 -8.17
CA ILE MA 150 60.71 76.23 -7.67
C ILE MA 150 60.95 76.18 -6.16
N LEU MA 151 60.39 75.20 -5.45
CA LEU MA 151 60.63 75.08 -4.01
C LEU MA 151 61.97 74.44 -3.69
N ASP MA 152 62.59 73.75 -4.65
CA ASP MA 152 63.85 73.05 -4.40
C ASP MA 152 65.07 73.94 -4.57
N ILE MA 153 64.88 75.21 -4.93
CA ILE MA 153 66.01 76.10 -5.10
C ILE MA 153 66.72 76.31 -3.76
N ARG MA 154 68.03 76.13 -3.76
CA ARG MA 154 68.82 76.20 -2.53
C ARG MA 154 70.16 76.85 -2.85
N GLN MA 155 70.54 77.82 -2.03
CA GLN MA 155 71.85 78.47 -2.17
C GLN MA 155 72.91 77.63 -1.48
N GLY MA 156 73.84 77.09 -2.26
CA GLY MA 156 74.91 76.27 -1.72
C GLY MA 156 75.84 77.07 -0.84
N PRO MA 157 76.44 76.41 0.15
CA PRO MA 157 77.37 77.12 1.04
C PRO MA 157 78.55 77.74 0.31
N LYS MA 158 79.04 77.09 -0.73
CA LYS MA 158 80.10 77.67 -1.55
C LYS MA 158 79.55 78.50 -2.70
N GLU MA 159 78.30 78.28 -3.10
CA GLU MA 159 77.71 79.04 -4.20
C GLU MA 159 77.49 80.49 -3.79
N PRO MA 160 77.88 81.46 -4.60
CA PRO MA 160 77.61 82.86 -4.27
C PRO MA 160 76.13 83.17 -4.36
N PHE MA 161 75.73 84.20 -3.61
CA PHE MA 161 74.33 84.61 -3.58
C PHE MA 161 73.85 85.15 -4.91
N ARG MA 162 74.76 85.68 -5.74
CA ARG MA 162 74.34 86.26 -7.02
C ARG MA 162 73.72 85.20 -7.92
N ASP MA 163 74.35 84.02 -8.01
CA ASP MA 163 73.79 82.95 -8.84
C ASP MA 163 72.45 82.49 -8.31
N TYR MA 164 72.31 82.40 -6.98
CA TYR MA 164 71.04 82.00 -6.39
C TYR MA 164 69.94 83.00 -6.74
N VAL MA 165 70.23 84.30 -6.60
CA VAL MA 165 69.22 85.31 -6.92
C VAL MA 165 68.88 85.28 -8.40
N ASP MA 166 69.89 85.11 -9.26
CA ASP MA 166 69.65 85.09 -10.70
C ASP MA 166 68.74 83.92 -11.09
N ARG MA 167 69.05 82.72 -10.58
CA ARG MA 167 68.23 81.57 -10.91
C ARG MA 167 66.84 81.67 -10.28
N PHE MA 168 66.74 82.28 -9.09
CA PHE MA 168 65.44 82.49 -8.48
C PHE MA 168 64.57 83.39 -9.34
N TYR MA 169 65.14 84.48 -9.85
CA TYR MA 169 64.37 85.38 -10.70
C TYR MA 169 64.07 84.74 -12.06
N LYS MA 170 64.98 83.93 -12.60
CA LYS MA 170 64.72 83.25 -13.85
C LYS MA 170 63.57 82.26 -13.71
N THR MA 171 63.53 81.52 -12.60
CA THR MA 171 62.40 80.62 -12.36
C THR MA 171 61.13 81.40 -12.05
N LEU MA 172 61.25 82.59 -11.45
CA LEU MA 172 60.10 83.46 -11.26
C LEU MA 172 59.48 83.86 -12.59
N ARG MA 173 60.33 84.22 -13.56
CA ARG MA 173 59.84 84.57 -14.89
C ARG MA 173 59.20 83.39 -15.60
N ALA MA 174 59.51 82.16 -15.17
CA ALA MA 174 58.96 80.95 -15.77
C ALA MA 174 57.84 80.37 -14.92
N GLU MA 175 57.17 81.21 -14.14
CA GLU MA 175 56.07 80.80 -13.27
C GLU MA 175 54.81 81.55 -13.66
N GLN MA 176 53.69 80.82 -13.72
CA GLN MA 176 52.42 81.37 -14.16
C GLN MA 176 51.36 81.30 -13.05
N ALA MA 177 51.78 81.49 -11.81
CA ALA MA 177 50.86 81.54 -10.68
C ALA MA 177 50.35 82.97 -10.51
N SER MA 178 49.53 83.20 -9.48
CA SER MA 178 49.06 84.53 -9.19
C SER MA 178 50.17 85.38 -8.59
N GLN MA 179 50.03 86.70 -8.73
CA GLN MA 179 51.08 87.60 -8.26
C GLN MA 179 51.21 87.59 -6.74
N GLU MA 180 50.11 87.34 -6.03
CA GLU MA 180 50.18 87.23 -4.58
C GLU MA 180 51.02 86.04 -4.15
N VAL MA 181 50.85 84.91 -4.83
CA VAL MA 181 51.65 83.72 -4.53
C VAL MA 181 53.12 83.99 -4.81
N LYS MA 182 53.40 84.69 -5.92
CA LYS MA 182 54.78 85.03 -6.24
C LYS MA 182 55.39 85.94 -5.18
N ASN MA 183 54.62 86.93 -4.70
CA ASN MA 183 55.13 87.80 -3.65
C ASN MA 183 55.41 87.02 -2.37
N TRP MA 184 54.48 86.13 -1.99
CA TRP MA 184 54.67 85.34 -0.78
C TRP MA 184 55.91 84.45 -0.90
N MET MA 185 56.08 83.79 -2.05
CA MET MA 185 57.22 82.89 -2.19
C MET MA 185 58.54 83.65 -2.28
N THR MA 186 58.55 84.84 -2.91
CA THR MA 186 59.76 85.62 -2.97
C THR MA 186 60.08 86.34 -1.66
N GLU MA 187 59.11 86.47 -0.76
CA GLU MA 187 59.39 86.99 0.58
C GLU MA 187 59.69 85.90 1.59
N THR MA 188 59.38 84.64 1.29
CA THR MA 188 59.71 83.53 2.19
C THR MA 188 60.97 82.79 1.76
N LEU MA 189 60.99 82.23 0.55
CA LEU MA 189 62.08 81.35 0.16
C LEU MA 189 63.41 82.07 0.08
N LEU MA 190 63.40 83.40 -0.16
CA LEU MA 190 64.66 84.13 -0.29
C LEU MA 190 65.46 84.09 1.00
N VAL MA 191 64.79 83.99 2.15
CA VAL MA 191 65.48 83.82 3.42
C VAL MA 191 65.39 82.39 3.93
N GLN MA 192 64.49 81.57 3.38
CA GLN MA 192 64.40 80.17 3.81
C GLN MA 192 65.41 79.28 3.08
N ASN MA 193 66.02 79.75 2.01
CA ASN MA 193 66.91 78.92 1.19
C ASN MA 193 68.22 79.65 0.88
N ALA MA 194 68.71 80.42 1.84
CA ALA MA 194 69.98 81.13 1.68
C ALA MA 194 71.08 80.38 2.44
N ASN MA 195 72.26 80.99 2.50
CA ASN MA 195 73.28 80.41 3.38
C ASN MA 195 72.97 80.79 4.82
N PRO MA 196 73.28 79.91 5.79
CA PRO MA 196 72.86 80.16 7.18
C PRO MA 196 73.37 81.48 7.75
N ASP MA 197 74.61 81.87 7.45
CA ASP MA 197 75.17 83.09 8.04
C ASP MA 197 74.38 84.32 7.60
N CYS MA 198 74.19 84.49 6.29
CA CYS MA 198 73.39 85.63 5.87
C CYS MA 198 71.90 85.38 6.02
N LYS MA 199 71.48 84.14 6.24
CA LYS MA 199 70.12 83.88 6.73
C LYS MA 199 69.89 84.60 8.05
N THR MA 200 70.78 84.37 9.02
CA THR MA 200 70.65 85.04 10.31
C THR MA 200 70.86 86.54 10.16
N ILE MA 201 71.75 86.96 9.26
CA ILE MA 201 71.94 88.39 9.02
C ILE MA 201 70.64 89.03 8.56
N LEU MA 202 69.98 88.41 7.57
CA LEU MA 202 68.72 88.97 7.05
C LEU MA 202 67.62 88.93 8.10
N LYS MA 203 67.53 87.84 8.87
CA LYS MA 203 66.47 87.77 9.87
C LYS MA 203 66.71 88.76 11.00
N ALA MA 204 67.97 89.12 11.26
CA ALA MA 204 68.25 90.18 12.24
C ALA MA 204 67.94 91.55 11.66
N LEU MA 205 68.23 91.76 10.38
CA LEU MA 205 67.97 93.05 9.74
C LEU MA 205 66.50 93.29 9.47
N GLY MA 206 65.65 92.27 9.57
CA GLY MA 206 64.24 92.42 9.34
C GLY MA 206 63.85 92.14 7.90
N PRO MA 207 62.95 91.17 7.70
CA PRO MA 207 62.50 90.85 6.34
C PRO MA 207 61.78 92.02 5.69
N GLY MA 208 61.96 92.16 4.39
CA GLY MA 208 61.29 93.19 3.62
C GLY MA 208 62.20 94.34 3.23
N ALA MA 209 62.69 94.31 1.99
CA ALA MA 209 63.57 95.34 1.44
C ALA MA 209 63.81 95.01 -0.02
N THR MA 210 64.38 95.99 -0.74
CA THR MA 210 64.72 95.76 -2.13
C THR MA 210 65.94 94.87 -2.25
N LEU MA 211 66.20 94.40 -3.47
CA LEU MA 211 67.24 93.40 -3.70
C LEU MA 211 68.65 93.92 -3.44
N GLU MA 212 68.84 95.24 -3.44
CA GLU MA 212 70.18 95.79 -3.22
C GLU MA 212 70.68 95.47 -1.82
N GLU MA 213 69.87 95.73 -0.80
CA GLU MA 213 70.26 95.38 0.57
C GLU MA 213 70.41 93.87 0.74
N MET MA 214 69.55 93.09 0.08
CA MET MA 214 69.64 91.64 0.18
C MET MA 214 70.96 91.12 -0.38
N MET MA 215 71.39 91.67 -1.53
CA MET MA 215 72.64 91.20 -2.13
C MET MA 215 73.85 91.75 -1.37
N THR MA 216 73.76 92.96 -0.81
CA THR MA 216 74.88 93.48 -0.03
C THR MA 216 74.98 92.82 1.34
N ALA MA 217 73.91 92.23 1.85
CA ALA MA 217 73.93 91.61 3.17
C ALA MA 217 74.72 90.30 3.15
N CYS MA 218 74.52 89.50 2.11
CA CYS MA 218 75.16 88.18 2.02
C CYS MA 218 76.56 88.24 1.42
N GLN MA 219 77.13 89.44 1.26
CA GLN MA 219 78.48 89.57 0.74
C GLN MA 219 79.50 89.01 1.73
N GLY MA 220 80.57 88.42 1.21
CA GLY MA 220 81.61 87.84 2.03
C GLY MA 220 82.88 88.66 2.07
N PRO NA 1 62.99 88.49 -57.48
CA PRO NA 1 61.63 88.12 -57.90
C PRO NA 1 60.71 89.33 -58.00
N ILE NA 2 59.44 89.08 -58.36
CA ILE NA 2 58.47 90.17 -58.44
C ILE NA 2 58.06 90.56 -57.02
N VAL NA 3 58.39 91.79 -56.64
CA VAL NA 3 58.10 92.30 -55.30
C VAL NA 3 57.22 93.53 -55.43
N GLN NA 4 56.10 93.52 -54.71
CA GLN NA 4 55.20 94.65 -54.72
C GLN NA 4 55.83 95.84 -54.01
N ASN NA 5 55.53 97.04 -54.50
CA ASN NA 5 56.06 98.28 -53.94
C ASN NA 5 54.94 99.06 -53.28
N LEU NA 6 55.19 99.55 -52.07
CA LEU NA 6 54.19 100.32 -51.35
C LEU NA 6 53.84 101.59 -52.11
N GLN NA 7 52.55 101.85 -52.26
CA GLN NA 7 51.98 102.99 -52.99
C GLN NA 7 52.75 103.30 -54.28
N GLY NA 8 53.12 102.25 -55.01
CA GLY NA 8 53.86 102.42 -56.25
C GLY NA 8 53.46 101.44 -57.33
N GLN NA 9 54.44 100.81 -57.96
CA GLN NA 9 54.20 99.83 -59.02
C GLN NA 9 55.00 98.58 -58.76
N MET NA 10 54.46 97.44 -59.17
CA MET NA 10 55.12 96.15 -59.00
C MET NA 10 56.23 96.03 -60.05
N VAL NA 11 57.47 95.98 -59.59
CA VAL NA 11 58.64 95.89 -60.48
C VAL NA 11 59.45 94.66 -60.10
N HIS NA 12 60.06 94.06 -61.10
CA HIS NA 12 60.90 92.88 -60.90
C HIS NA 12 62.30 93.31 -60.45
N GLN NA 13 62.91 92.49 -59.60
CA GLN NA 13 64.24 92.75 -59.07
C GLN NA 13 65.12 91.52 -59.25
N ALA NA 14 66.42 91.75 -59.28
CA ALA NA 14 67.38 90.66 -59.37
C ALA NA 14 67.44 89.89 -58.06
N ILE NA 15 67.89 88.63 -58.15
CA ILE NA 15 67.99 87.78 -56.96
C ILE NA 15 69.10 88.32 -56.07
N SER NA 16 68.74 88.70 -54.85
CA SER NA 16 69.72 89.22 -53.91
C SER NA 16 70.70 88.13 -53.50
N PRO NA 17 71.98 88.45 -53.33
CA PRO NA 17 72.95 87.43 -52.92
C PRO NA 17 72.65 86.83 -51.56
N ARG NA 18 72.08 87.61 -50.64
CA ARG NA 18 71.82 87.11 -49.29
C ARG NA 18 70.83 85.96 -49.30
N THR NA 19 69.75 86.09 -50.08
CA THR NA 19 68.72 85.06 -50.09
C THR NA 19 69.25 83.75 -50.67
N LEU NA 20 69.94 83.82 -51.81
CA LEU NA 20 70.47 82.61 -52.42
C LEU NA 20 71.56 81.99 -51.55
N ASN NA 21 72.40 82.81 -50.92
CA ASN NA 21 73.41 82.28 -50.02
C ASN NA 21 72.78 81.57 -48.82
N ALA NA 22 71.75 82.18 -48.23
CA ALA NA 22 71.06 81.53 -47.12
C ALA NA 22 70.41 80.22 -47.55
N TRP NA 23 69.78 80.21 -48.72
CA TRP NA 23 69.15 78.99 -49.21
C TRP NA 23 70.18 77.89 -49.42
N VAL NA 24 71.30 78.21 -50.08
CA VAL NA 24 72.28 77.17 -50.38
C VAL NA 24 72.95 76.68 -49.10
N LYS NA 25 73.21 77.57 -48.15
CA LYS NA 25 73.85 77.14 -46.91
C LYS NA 25 72.90 76.30 -46.06
N VAL NA 26 71.61 76.66 -46.02
CA VAL NA 26 70.67 75.88 -45.24
C VAL NA 26 70.42 74.52 -45.90
N VAL NA 27 70.55 74.45 -47.22
CA VAL NA 27 70.44 73.16 -47.90
C VAL NA 27 71.65 72.29 -47.61
N GLU NA 28 72.85 72.88 -47.68
CA GLU NA 28 74.07 72.07 -47.65
C GLU NA 28 74.56 71.78 -46.24
N GLU NA 29 74.14 72.55 -45.23
CA GLU NA 29 74.77 72.47 -43.91
C GLU NA 29 74.10 71.46 -42.98
N LYS NA 30 72.82 71.67 -42.67
CA LYS NA 30 72.20 70.89 -41.60
C LYS NA 30 71.89 69.45 -41.99
N ALA NA 31 70.96 69.27 -42.93
CA ALA NA 31 70.47 67.94 -43.31
C ALA NA 31 69.45 68.04 -44.43
N PHE NA 32 68.99 66.89 -44.93
CA PHE NA 32 67.86 66.84 -45.85
C PHE NA 32 66.54 66.74 -45.08
N SER NA 33 66.35 67.64 -44.13
CA SER NA 33 65.18 67.67 -43.28
C SER NA 33 63.95 68.12 -44.07
N PRO NA 34 62.76 67.69 -43.65
CA PRO NA 34 61.53 68.17 -44.31
C PRO NA 34 61.34 69.68 -44.21
N GLU NA 35 62.03 70.35 -43.27
CA GLU NA 35 61.87 71.79 -43.10
C GLU NA 35 62.32 72.58 -44.31
N VAL NA 36 63.06 71.97 -45.25
CA VAL NA 36 63.41 72.67 -46.47
C VAL NA 36 62.17 72.92 -47.32
N ILE NA 37 61.14 72.07 -47.18
CA ILE NA 37 59.93 72.24 -47.97
C ILE NA 37 59.21 73.55 -47.63
N PRO NA 38 58.94 73.88 -46.36
CA PRO NA 38 58.30 75.18 -46.10
C PRO NA 38 59.23 76.36 -46.28
N MET NA 39 60.48 76.26 -45.84
CA MET NA 39 61.41 77.39 -45.94
C MET NA 39 61.57 77.82 -47.39
N PHE NA 40 61.76 76.86 -48.30
CA PHE NA 40 61.84 77.19 -49.72
C PHE NA 40 60.58 77.90 -50.19
N SER NA 41 59.41 77.47 -49.71
CA SER NA 41 58.16 78.11 -50.09
C SER NA 41 58.08 79.56 -49.61
N ALA NA 42 58.96 79.97 -48.70
CA ALA NA 42 59.07 81.36 -48.29
C ALA NA 42 60.30 82.06 -48.88
N LEU NA 43 61.24 81.31 -49.46
CA LEU NA 43 62.45 81.92 -49.99
C LEU NA 43 62.35 82.28 -51.46
N SER NA 44 61.26 81.90 -52.13
CA SER NA 44 61.08 82.21 -53.55
C SER NA 44 59.64 82.59 -53.83
N GLU NA 45 59.03 83.35 -52.94
CA GLU NA 45 57.66 83.80 -53.14
C GLU NA 45 57.59 84.83 -54.25
N GLY NA 46 56.60 84.66 -55.13
CA GLY NA 46 56.42 85.56 -56.24
C GLY NA 46 57.57 85.57 -57.23
N ALA NA 47 58.20 84.42 -57.47
CA ALA NA 47 59.35 84.32 -58.34
C ALA NA 47 58.96 83.65 -59.65
N THR NA 48 59.52 84.17 -60.75
CA THR NA 48 59.28 83.59 -62.05
C THR NA 48 59.96 82.22 -62.16
N PRO NA 49 59.52 81.37 -63.09
CA PRO NA 49 60.17 80.06 -63.25
C PRO NA 49 61.66 80.16 -63.56
N GLN NA 50 62.11 81.23 -64.20
CA GLN NA 50 63.54 81.42 -64.42
C GLN NA 50 64.29 81.52 -63.10
N ASP NA 51 63.77 82.32 -62.17
CA ASP NA 51 64.40 82.45 -60.86
C ASP NA 51 64.36 81.13 -60.10
N LEU NA 52 63.24 80.40 -60.20
CA LEU NA 52 63.13 79.11 -59.52
C LEU NA 52 64.17 78.13 -60.06
N ASN NA 53 64.33 78.07 -61.37
CA ASN NA 53 65.31 77.17 -61.97
C ASN NA 53 66.74 77.59 -61.59
N THR NA 54 67.00 78.91 -61.57
CA THR NA 54 68.33 79.38 -61.18
C THR NA 54 68.64 79.00 -59.74
N MET NA 55 67.67 79.18 -58.84
CA MET NA 55 67.87 78.79 -57.45
C MET NA 55 68.03 77.27 -57.32
N LEU NA 56 67.35 76.51 -58.17
CA LEU NA 56 67.54 75.07 -58.18
C LEU NA 56 68.95 74.70 -58.61
N ASN NA 57 69.52 75.46 -59.54
CA ASN NA 57 70.83 75.11 -60.09
C ASN NA 57 71.98 75.51 -59.17
N THR NA 58 71.73 76.34 -58.15
CA THR NA 58 72.82 76.81 -57.29
C THR NA 58 73.42 75.67 -56.49
N VAL NA 59 72.59 74.75 -55.99
CA VAL NA 59 73.08 73.70 -55.11
C VAL NA 59 73.98 72.75 -55.88
N GLY NA 60 75.11 72.41 -55.28
CA GLY NA 60 76.08 71.49 -55.86
C GLY NA 60 76.19 70.24 -55.02
N GLY NA 61 76.41 69.11 -55.68
CA GLY NA 61 76.49 67.82 -55.02
C GLY NA 61 75.13 67.14 -54.93
N HIS NA 62 75.19 65.83 -54.70
CA HIS NA 62 73.99 64.98 -54.63
C HIS NA 62 73.15 65.16 -55.88
N GLN NA 63 73.77 64.96 -57.04
CA GLN NA 63 73.13 65.24 -58.32
C GLN NA 63 72.14 64.16 -58.75
N ALA NA 64 72.12 63.01 -58.06
CA ALA NA 64 71.09 62.01 -58.36
C ALA NA 64 69.70 62.53 -58.03
N ALA NA 65 69.58 63.24 -56.89
CA ALA NA 65 68.31 63.86 -56.54
C ALA NA 65 67.91 64.92 -57.57
N MET NA 66 68.88 65.70 -58.04
CA MET NA 66 68.61 66.70 -59.06
C MET NA 66 68.12 66.04 -60.35
N GLN NA 67 68.77 64.94 -60.75
CA GLN NA 67 68.38 64.25 -61.97
C GLN NA 67 66.97 63.67 -61.87
N MET NA 68 66.66 63.05 -60.73
CA MET NA 68 65.33 62.45 -60.59
C MET NA 68 64.24 63.52 -60.45
N LEU NA 69 64.53 64.65 -59.81
CA LEU NA 69 63.55 65.73 -59.78
C LEU NA 69 63.37 66.36 -61.15
N LYS NA 70 64.44 66.43 -61.95
CA LYS NA 70 64.29 66.89 -63.33
C LYS NA 70 63.43 65.92 -64.14
N GLU NA 71 63.61 64.62 -63.91
CA GLU NA 71 62.77 63.63 -64.59
C GLU NA 71 61.30 63.79 -64.20
N THR NA 72 61.03 64.01 -62.92
CA THR NA 72 59.65 64.21 -62.49
C THR NA 72 59.09 65.53 -63.04
N ILE NA 73 59.93 66.56 -63.15
CA ILE NA 73 59.49 67.81 -63.77
C ILE NA 73 59.12 67.57 -65.23
N ASN NA 74 59.94 66.78 -65.94
CA ASN NA 74 59.63 66.47 -67.34
C ASN NA 74 58.33 65.70 -67.48
N GLU NA 75 58.10 64.71 -66.61
CA GLU NA 75 56.87 63.93 -66.71
C GLU NA 75 55.65 64.78 -66.33
N GLU NA 76 55.80 65.67 -65.35
CA GLU NA 76 54.71 66.58 -65.02
C GLU NA 76 54.43 67.56 -66.16
N ALA NA 77 55.48 68.01 -66.85
CA ALA NA 77 55.28 68.87 -68.00
C ALA NA 77 54.54 68.13 -69.12
N ALA NA 78 54.90 66.86 -69.33
CA ALA NA 78 54.18 66.07 -70.33
C ALA NA 78 52.72 65.89 -69.93
N GLU NA 79 52.45 65.64 -68.65
CA GLU NA 79 51.07 65.52 -68.18
C GLU NA 79 50.30 66.82 -68.38
N TRP NA 80 50.94 67.96 -68.08
CA TRP NA 80 50.30 69.25 -68.29
C TRP NA 80 50.00 69.49 -69.76
N ASP NA 81 50.93 69.11 -70.64
CA ASP NA 81 50.71 69.26 -72.08
C ASP NA 81 49.54 68.40 -72.54
N ARG NA 82 49.45 67.17 -72.05
CA ARG NA 82 48.40 66.28 -72.53
C ARG NA 82 47.03 66.62 -71.93
N LEU NA 83 46.98 67.12 -70.69
CA LEU NA 83 45.68 67.40 -70.07
C LEU NA 83 45.07 68.69 -70.59
N HIS NA 84 45.88 69.74 -70.73
CA HIS NA 84 45.37 71.02 -71.21
C HIS NA 84 45.28 71.01 -72.73
N PRO NA 85 44.17 71.51 -73.29
CA PRO NA 85 44.05 71.54 -74.76
C PRO NA 85 45.08 72.44 -75.41
N VAL NA 86 45.88 71.88 -76.31
CA VAL NA 86 46.93 72.63 -76.99
C VAL NA 86 46.31 73.64 -77.94
N HIS NA 87 46.54 74.92 -77.69
CA HIS NA 87 46.00 75.98 -78.54
C HIS NA 87 46.75 76.00 -79.88
N ALA NA 88 46.00 76.08 -80.97
CA ALA NA 88 46.56 76.06 -82.32
C ALA NA 88 46.88 77.49 -82.73
N GLY NA 89 48.17 77.82 -82.76
CA GLY NA 89 48.61 79.14 -83.18
C GLY NA 89 48.54 80.16 -82.08
N PRO NA 90 49.10 81.35 -82.33
CA PRO NA 90 49.04 82.41 -81.32
C PRO NA 90 47.63 82.93 -81.14
N ILE NA 91 47.36 83.46 -79.94
CA ILE NA 91 46.06 83.99 -79.58
C ILE NA 91 46.24 85.43 -79.11
N ALA NA 92 45.28 86.28 -79.44
CA ALA NA 92 45.33 87.69 -79.07
C ALA NA 92 45.23 87.84 -77.56
N PRO NA 93 45.72 88.99 -77.02
CA PRO NA 93 45.64 89.21 -75.56
C PRO NA 93 44.22 89.09 -75.02
N GLY NA 94 44.11 88.77 -73.73
CA GLY NA 94 42.86 88.43 -73.09
C GLY NA 94 42.72 86.96 -72.80
N GLN NA 95 43.41 86.10 -73.58
CA GLN NA 95 43.47 84.67 -73.30
C GLN NA 95 44.74 84.15 -73.98
N MET NA 96 45.82 84.03 -73.21
CA MET NA 96 47.09 83.65 -73.80
C MET NA 96 47.16 82.15 -74.04
N ARG NA 97 48.10 81.75 -74.90
CA ARG NA 97 48.24 80.36 -75.27
C ARG NA 97 48.76 79.52 -74.09
N GLU NA 98 48.50 78.23 -74.16
CA GLU NA 98 48.98 77.32 -73.12
C GLU NA 98 50.50 77.28 -73.13
N PRO NA 99 51.15 77.52 -71.99
CA PRO NA 99 52.61 77.37 -71.94
C PRO NA 99 53.04 75.95 -72.25
N ARG NA 100 54.15 75.83 -72.96
CA ARG NA 100 54.66 74.52 -73.33
C ARG NA 100 55.26 73.80 -72.13
N GLY NA 101 55.47 72.50 -72.28
CA GLY NA 101 56.08 71.72 -71.22
C GLY NA 101 57.48 72.20 -70.88
N SER NA 102 58.27 72.50 -71.90
CA SER NA 102 59.60 73.06 -71.67
C SER NA 102 59.56 74.54 -71.29
N ASP NA 103 58.54 75.28 -71.77
CA ASP NA 103 58.43 76.69 -71.42
C ASP NA 103 58.15 76.90 -69.94
N ILE NA 104 57.23 76.10 -69.37
CA ILE NA 104 56.90 76.23 -67.96
C ILE NA 104 58.08 75.86 -67.07
N ALA NA 105 58.99 75.01 -67.55
CA ALA NA 105 60.19 74.69 -66.79
C ALA NA 105 61.23 75.80 -66.84
N GLY NA 106 61.11 76.73 -67.78
CA GLY NA 106 62.01 77.85 -67.88
C GLY NA 106 63.30 77.59 -68.62
N THR NA 107 63.49 76.39 -69.18
CA THR NA 107 64.73 76.09 -69.88
C THR NA 107 64.80 76.78 -71.24
N THR NA 108 63.70 76.77 -71.99
CA THR NA 108 63.67 77.34 -73.33
C THR NA 108 62.88 78.65 -73.40
N SER NA 109 62.49 79.19 -72.26
CA SER NA 109 61.69 80.41 -72.22
C SER NA 109 62.48 81.53 -71.55
N THR NA 110 62.10 82.76 -71.86
CA THR NA 110 62.76 83.95 -71.33
C THR NA 110 61.90 84.62 -70.27
N LEU NA 111 62.50 85.58 -69.56
CA LEU NA 111 61.79 86.29 -68.51
C LEU NA 111 60.64 87.13 -69.07
N GLN NA 112 60.76 87.55 -70.33
CA GLN NA 112 59.69 88.35 -70.94
C GLN NA 112 58.39 87.57 -71.03
N GLU NA 113 58.47 86.29 -71.43
CA GLU NA 113 57.28 85.46 -71.48
C GLU NA 113 56.67 85.29 -70.10
N GLN NA 114 57.52 85.11 -69.08
CA GLN NA 114 57.02 84.93 -67.72
C GLN NA 114 56.30 86.18 -67.22
N ILE NA 115 56.91 87.36 -67.44
CA ILE NA 115 56.28 88.59 -66.98
C ILE NA 115 55.02 88.89 -67.78
N GLY NA 116 54.98 88.53 -69.06
CA GLY NA 116 53.77 88.68 -69.84
C GLY NA 116 52.65 87.78 -69.34
N TRP NA 117 52.98 86.55 -68.98
CA TRP NA 117 51.98 85.65 -68.39
C TRP NA 117 51.49 86.19 -67.05
N MET NA 118 52.40 86.72 -66.23
CA MET NA 118 52.00 87.25 -64.93
C MET NA 118 51.10 88.46 -65.07
N THR NA 119 51.43 89.37 -65.99
CA THR NA 119 50.62 90.57 -66.19
C THR NA 119 49.34 90.30 -66.96
N HIS NA 120 49.23 89.12 -67.59
CA HIS NA 120 48.02 88.77 -68.32
C HIS NA 120 46.83 88.64 -67.37
N ASN NA 121 45.65 88.98 -67.88
CA ASN NA 121 44.40 88.86 -67.10
C ASN NA 121 43.52 87.79 -67.72
N PRO NA 122 43.21 86.69 -67.02
CA PRO NA 122 43.65 86.33 -65.66
C PRO NA 122 45.12 85.92 -65.61
N PRO NA 123 45.76 86.07 -64.45
CA PRO NA 123 47.18 85.70 -64.34
C PRO NA 123 47.39 84.22 -64.63
N ILE NA 124 48.53 83.92 -65.25
CA ILE NA 124 48.93 82.55 -65.55
C ILE NA 124 49.97 82.14 -64.51
N PRO NA 125 49.65 81.23 -63.59
CA PRO NA 125 50.59 80.86 -62.52
C PRO NA 125 51.58 79.78 -62.93
N VAL NA 126 52.39 80.10 -63.94
CA VAL NA 126 53.45 79.18 -64.36
C VAL NA 126 54.46 78.98 -63.24
N GLY NA 127 54.83 80.07 -62.56
CA GLY NA 127 55.75 79.96 -61.44
C GLY NA 127 55.18 79.13 -60.30
N GLU NA 128 53.89 79.30 -60.02
CA GLU NA 128 53.26 78.53 -58.96
C GLU NA 128 53.22 77.04 -59.30
N ILE NA 129 52.92 76.70 -60.56
CA ILE NA 129 52.89 75.30 -60.96
C ILE NA 129 54.29 74.69 -60.90
N TYR NA 130 55.30 75.43 -61.36
CA TYR NA 130 56.67 74.94 -61.26
C TYR NA 130 57.08 74.77 -59.80
N LYS NA 131 56.65 75.69 -58.94
CA LYS NA 131 56.98 75.60 -57.52
C LYS NA 131 56.32 74.39 -56.86
N ARG NA 132 55.07 74.11 -57.23
CA ARG NA 132 54.41 72.94 -56.66
C ARG NA 132 55.01 71.65 -57.20
N TRP NA 133 55.47 71.65 -58.46
CA TRP NA 133 56.20 70.51 -58.97
C TRP NA 133 57.50 70.30 -58.19
N ILE NA 134 58.20 71.38 -57.89
CA ILE NA 134 59.41 71.29 -57.06
C ILE NA 134 59.06 70.78 -55.67
N ILE NA 135 57.91 71.19 -55.12
CA ILE NA 135 57.49 70.73 -53.80
C ILE NA 135 57.26 69.22 -53.83
N LEU NA 136 56.58 68.73 -54.86
CA LEU NA 136 56.36 67.29 -54.99
C LEU NA 136 57.68 66.55 -55.14
N GLY NA 137 58.61 67.10 -55.93
CA GLY NA 137 59.92 66.49 -56.04
C GLY NA 137 60.66 66.42 -54.73
N LEU NA 138 60.59 67.51 -53.94
CA LEU NA 138 61.23 67.52 -52.62
C LEU NA 138 60.57 66.51 -51.69
N ASN NA 139 59.25 66.35 -51.80
CA ASN NA 139 58.56 65.35 -51.00
C ASN NA 139 59.05 63.95 -51.33
N LYS NA 140 59.19 63.65 -52.63
CA LYS NA 140 59.71 62.33 -53.00
C LYS NA 140 61.17 62.18 -52.60
N ILE NA 141 61.93 63.27 -52.61
CA ILE NA 141 63.33 63.21 -52.20
C ILE NA 141 63.46 62.88 -50.72
N VAL NA 142 62.68 63.58 -49.88
CA VAL NA 142 62.74 63.32 -48.45
C VAL NA 142 62.15 61.94 -48.13
N ARG NA 143 61.22 61.45 -48.96
CA ARG NA 143 60.80 60.06 -48.83
C ARG NA 143 61.95 59.11 -49.12
N MET NA 144 62.74 59.40 -50.16
CA MET NA 144 63.88 58.55 -50.47
C MET NA 144 64.96 58.63 -49.39
N TYR NA 145 65.22 59.82 -48.86
CA TYR NA 145 66.31 60.03 -47.90
C TYR NA 145 65.89 59.77 -46.45
N SER NA 146 64.74 59.14 -46.23
CA SER NA 146 64.37 58.73 -44.88
C SER NA 146 64.79 57.28 -44.68
N PRO NA 147 65.82 57.02 -43.86
CA PRO NA 147 66.34 55.65 -43.73
C PRO NA 147 65.60 54.78 -42.74
N THR NA 148 64.55 55.27 -42.10
CA THR NA 148 63.81 54.50 -41.10
C THR NA 148 62.34 54.48 -41.43
N SER NA 149 61.68 53.38 -41.08
CA SER NA 149 60.24 53.24 -41.26
C SER NA 149 59.53 53.81 -40.04
N ILE NA 150 58.22 53.57 -39.93
CA ILE NA 150 57.41 54.10 -38.86
C ILE NA 150 57.13 53.05 -37.79
N LEU NA 151 57.04 51.78 -38.18
CA LEU NA 151 56.72 50.71 -37.24
C LEU NA 151 57.96 50.15 -36.53
N ASP NA 152 59.16 50.58 -36.91
CA ASP NA 152 60.38 50.05 -36.31
C ASP NA 152 60.84 50.82 -35.09
N ILE NA 153 60.14 51.90 -34.72
CA ILE NA 153 60.57 52.71 -33.58
C ILE NA 153 60.17 52.01 -32.29
N ARG NA 154 61.15 51.83 -31.40
CA ARG NA 154 60.92 51.21 -30.09
C ARG NA 154 61.69 51.97 -29.04
N GLN NA 155 61.06 52.22 -27.89
CA GLN NA 155 61.71 52.90 -26.79
C GLN NA 155 62.39 51.86 -25.89
N GLY NA 156 63.70 51.98 -25.75
CA GLY NA 156 64.46 51.08 -24.90
C GLY NA 156 64.35 51.46 -23.45
N PRO NA 157 64.79 50.54 -22.58
CA PRO NA 157 64.78 50.84 -21.14
C PRO NA 157 65.58 52.07 -20.77
N LYS NA 158 66.72 52.29 -21.43
CA LYS NA 158 67.53 53.48 -21.19
C LYS NA 158 67.11 54.67 -22.04
N GLU NA 159 66.25 54.46 -23.03
CA GLU NA 159 65.83 55.54 -23.91
C GLU NA 159 64.75 56.38 -23.24
N PRO NA 160 64.98 57.68 -23.04
CA PRO NA 160 63.93 58.52 -22.45
C PRO NA 160 62.71 58.62 -23.34
N PHE NA 161 61.55 58.77 -22.72
CA PHE NA 161 60.31 58.90 -23.49
C PHE NA 161 60.31 60.17 -24.33
N ARG NA 162 61.00 61.22 -23.87
CA ARG NA 162 61.06 62.46 -24.63
C ARG NA 162 61.78 62.27 -25.95
N ASP NA 163 62.95 61.64 -25.93
CA ASP NA 163 63.68 61.39 -27.16
C ASP NA 163 62.91 60.44 -28.07
N TYR NA 164 62.23 59.45 -27.48
CA TYR NA 164 61.41 58.53 -28.26
C TYR NA 164 60.31 59.27 -29.00
N VAL NA 165 59.58 60.14 -28.30
CA VAL NA 165 58.50 60.86 -28.95
C VAL NA 165 59.04 61.88 -29.96
N ASP NA 166 60.22 62.45 -29.68
CA ASP NA 166 60.82 63.38 -30.63
C ASP NA 166 61.17 62.69 -31.94
N ARG NA 167 61.85 61.54 -31.85
CA ARG NA 167 62.19 60.81 -33.08
C ARG NA 167 60.93 60.26 -33.75
N PHE NA 168 59.91 59.89 -32.97
CA PHE NA 168 58.65 59.43 -33.55
C PHE NA 168 58.02 60.53 -34.38
N TYR NA 169 57.97 61.75 -33.84
CA TYR NA 169 57.39 62.86 -34.61
C TYR NA 169 58.28 63.27 -35.78
N LYS NA 170 59.60 63.12 -35.63
CA LYS NA 170 60.49 63.36 -36.77
C LYS NA 170 60.16 62.43 -37.93
N THR NA 171 60.02 61.13 -37.64
CA THR NA 171 59.68 60.18 -38.69
C THR NA 171 58.27 60.42 -39.23
N LEU NA 172 57.34 60.84 -38.36
CA LEU NA 172 55.99 61.15 -38.82
C LEU NA 172 55.99 62.30 -39.81
N ARG NA 173 56.72 63.38 -39.49
CA ARG NA 173 56.79 64.50 -40.40
C ARG NA 173 57.52 64.14 -41.68
N ALA NA 174 58.56 63.30 -41.57
CA ALA NA 174 59.27 62.83 -42.75
C ALA NA 174 58.45 61.82 -43.56
N GLU NA 175 57.34 61.33 -43.02
CA GLU NA 175 56.49 60.36 -43.71
C GLU NA 175 55.36 61.07 -44.42
N GLN NA 176 55.07 60.63 -45.65
CA GLN NA 176 54.03 61.22 -46.49
C GLN NA 176 52.84 60.27 -46.52
N ALA NA 177 51.69 60.75 -46.03
CA ALA NA 177 50.45 59.98 -46.02
C ALA NA 177 49.31 60.95 -45.74
N SER NA 178 48.11 60.40 -45.60
CA SER NA 178 46.95 61.22 -45.29
C SER NA 178 46.94 61.61 -43.82
N GLN NA 179 46.11 62.61 -43.50
CA GLN NA 179 46.05 63.11 -42.13
C GLN NA 179 45.34 62.12 -41.20
N GLU NA 180 44.34 61.40 -41.73
CA GLU NA 180 43.59 60.46 -40.89
C GLU NA 180 44.48 59.31 -40.42
N VAL NA 181 45.25 58.71 -41.34
CA VAL NA 181 46.14 57.64 -40.94
C VAL NA 181 47.25 58.17 -40.04
N LYS NA 182 47.65 59.43 -40.24
CA LYS NA 182 48.62 60.04 -39.34
C LYS NA 182 48.06 60.14 -37.92
N ASN NA 183 46.80 60.55 -37.79
CA ASN NA 183 46.17 60.60 -36.47
C ASN NA 183 46.08 59.20 -35.86
N TRP NA 184 45.72 58.21 -36.69
CA TRP NA 184 45.62 56.84 -36.19
C TRP NA 184 46.95 56.34 -35.66
N MET NA 185 48.04 56.58 -36.41
CA MET NA 185 49.33 56.11 -35.95
C MET NA 185 49.83 56.90 -34.75
N THR NA 186 49.61 58.22 -34.72
CA THR NA 186 50.00 59.00 -33.55
C THR NA 186 49.19 58.64 -32.31
N GLU NA 187 48.01 58.04 -32.47
CA GLU NA 187 47.25 57.60 -31.31
C GLU NA 187 47.48 56.14 -30.94
N THR NA 188 48.03 55.34 -31.85
CA THR NA 188 48.25 53.92 -31.52
C THR NA 188 49.72 53.58 -31.27
N LEU NA 189 50.60 53.92 -32.22
CA LEU NA 189 51.98 53.41 -32.17
C LEU NA 189 52.74 53.93 -30.95
N LEU NA 190 52.50 55.19 -30.56
CA LEU NA 190 53.27 55.79 -29.48
C LEU NA 190 53.08 55.04 -28.17
N VAL NA 191 51.90 54.42 -27.99
CA VAL NA 191 51.68 53.62 -26.78
C VAL NA 191 51.94 52.15 -27.06
N GLN NA 192 51.86 51.72 -28.33
CA GLN NA 192 52.16 50.33 -28.65
C GLN NA 192 53.64 50.02 -28.49
N ASN NA 193 54.51 51.00 -28.74
CA ASN NA 193 55.96 50.83 -28.62
C ASN NA 193 56.52 51.55 -27.41
N ALA NA 194 55.84 51.49 -26.27
CA ALA NA 194 56.27 52.18 -25.06
C ALA NA 194 56.84 51.19 -24.05
N ASN NA 195 57.58 51.73 -23.09
CA ASN NA 195 58.11 50.92 -21.99
C ASN NA 195 56.96 50.44 -21.11
N PRO NA 196 57.17 49.34 -20.36
CA PRO NA 196 56.07 48.79 -19.55
C PRO NA 196 55.47 49.77 -18.55
N ASP NA 197 56.30 50.61 -17.92
CA ASP NA 197 55.77 51.55 -16.93
C ASP NA 197 54.87 52.59 -17.58
N CYS NA 198 55.33 53.20 -18.68
CA CYS NA 198 54.50 54.15 -19.39
C CYS NA 198 53.30 53.46 -20.04
N LYS NA 199 53.45 52.20 -20.43
CA LYS NA 199 52.32 51.44 -20.97
C LYS NA 199 51.22 51.28 -19.93
N THR NA 200 51.61 50.88 -18.71
CA THR NA 200 50.62 50.72 -17.64
C THR NA 200 50.00 52.06 -17.27
N ILE NA 201 50.81 53.12 -17.23
CA ILE NA 201 50.28 54.44 -16.92
C ILE NA 201 49.26 54.86 -17.97
N LEU NA 202 49.58 54.66 -19.25
CA LEU NA 202 48.67 55.07 -20.32
C LEU NA 202 47.40 54.24 -20.33
N LYS NA 203 47.50 52.94 -20.08
CA LYS NA 203 46.29 52.13 -20.04
C LYS NA 203 45.44 52.45 -18.82
N ALA NA 204 46.07 52.89 -17.72
CA ALA NA 204 45.29 53.41 -16.59
C ALA NA 204 44.58 54.70 -16.96
N LEU NA 205 45.27 55.59 -17.70
CA LEU NA 205 44.64 56.83 -18.13
C LEU NA 205 43.52 56.62 -19.14
N GLY NA 206 43.65 55.61 -20.01
CA GLY NA 206 42.66 55.32 -21.01
C GLY NA 206 42.79 56.20 -22.24
N PRO NA 207 41.95 55.95 -23.25
CA PRO NA 207 42.01 56.75 -24.47
C PRO NA 207 41.52 58.17 -24.27
N GLY NA 208 41.69 59.01 -25.29
CA GLY NA 208 41.27 60.40 -25.19
C GLY NA 208 42.05 61.21 -24.19
N ALA NA 209 43.37 61.01 -24.12
CA ALA NA 209 44.24 61.74 -23.21
C ALA NA 209 45.26 62.52 -24.02
N THR NA 210 45.49 63.77 -23.62
CA THR NA 210 46.46 64.61 -24.31
C THR NA 210 47.87 64.07 -24.12
N LEU NA 211 48.71 64.29 -25.13
CA LEU NA 211 50.08 63.77 -25.07
C LEU NA 211 50.90 64.44 -23.98
N GLU NA 212 50.55 65.66 -23.60
CA GLU NA 212 51.23 66.32 -22.48
C GLU NA 212 50.99 65.55 -21.19
N GLU NA 213 49.75 65.14 -20.95
CA GLU NA 213 49.47 64.29 -19.79
C GLU NA 213 50.14 62.94 -19.94
N MET NA 214 50.26 62.44 -21.17
CA MET NA 214 50.93 61.17 -21.40
C MET NA 214 52.39 61.24 -20.97
N MET NA 215 53.09 62.32 -21.33
CA MET NA 215 54.49 62.44 -20.98
C MET NA 215 54.69 62.78 -19.50
N THR NA 216 53.81 63.62 -18.94
CA THR NA 216 54.00 64.02 -17.55
C THR NA 216 53.59 62.94 -16.57
N ALA NA 217 52.67 62.05 -16.96
CA ALA NA 217 52.14 61.07 -16.01
C ALA NA 217 53.17 60.00 -15.68
N CYS NA 218 53.91 59.53 -16.67
CA CYS NA 218 54.89 58.45 -16.47
C CYS NA 218 56.33 58.97 -16.59
N GLN NA 219 56.59 60.13 -16.00
CA GLN NA 219 57.95 60.66 -15.98
C GLN NA 219 58.87 59.75 -15.17
N GLY NA 220 60.11 59.62 -15.63
CA GLY NA 220 61.09 58.80 -14.96
C GLY NA 220 61.58 59.40 -13.65
N PRO OA 1 -2.59 -31.67 -111.27
CA PRO OA 1 -3.29 -30.58 -110.58
C PRO OA 1 -4.00 -29.65 -111.54
N ILE OA 2 -4.21 -28.40 -111.13
CA ILE OA 2 -4.83 -27.40 -111.99
C ILE OA 2 -3.86 -27.09 -113.13
N VAL OA 3 -4.21 -27.51 -114.34
CA VAL OA 3 -3.37 -27.32 -115.52
C VAL OA 3 -4.05 -26.31 -116.44
N GLN OA 4 -3.28 -25.32 -116.89
CA GLN OA 4 -3.80 -24.31 -117.79
C GLN OA 4 -3.95 -24.87 -119.19
N ASN OA 5 -5.10 -24.61 -119.80
CA ASN OA 5 -5.42 -25.11 -121.13
C ASN OA 5 -5.36 -23.97 -122.13
N LEU OA 6 -4.73 -24.21 -123.27
CA LEU OA 6 -4.64 -23.21 -124.33
C LEU OA 6 -6.03 -22.87 -124.86
N GLN OA 7 -6.47 -21.64 -124.62
CA GLN OA 7 -7.82 -21.18 -124.98
C GLN OA 7 -8.89 -22.11 -124.39
N GLY OA 8 -8.88 -22.16 -123.06
CA GLY OA 8 -9.84 -22.99 -122.35
C GLY OA 8 -9.75 -22.75 -120.86
N GLN OA 9 -10.84 -23.08 -120.17
CA GLN OA 9 -10.90 -22.93 -118.73
C GLN OA 9 -10.08 -24.01 -118.04
N MET OA 10 -9.40 -23.63 -116.96
CA MET OA 10 -8.50 -24.55 -116.27
C MET OA 10 -9.28 -25.71 -115.66
N VAL OA 11 -8.72 -26.91 -115.77
CA VAL OA 11 -9.37 -28.12 -115.28
C VAL OA 11 -8.35 -28.94 -114.48
N HIS OA 12 -8.88 -29.75 -113.57
CA HIS OA 12 -8.04 -30.61 -112.76
C HIS OA 12 -7.49 -31.77 -113.60
N GLN OA 13 -6.26 -32.18 -113.27
CA GLN OA 13 -5.60 -33.28 -113.93
C GLN OA 13 -5.12 -34.28 -112.89
N ALA OA 14 -5.07 -35.55 -113.29
CA ALA OA 14 -4.62 -36.60 -112.39
C ALA OA 14 -3.17 -36.35 -111.97
N ILE OA 15 -2.91 -36.50 -110.67
CA ILE OA 15 -1.58 -36.22 -110.13
C ILE OA 15 -0.62 -37.33 -110.52
N SER OA 16 0.60 -36.95 -110.88
CA SER OA 16 1.60 -37.94 -111.27
C SER OA 16 1.99 -38.80 -110.08
N PRO OA 17 2.12 -40.12 -110.26
CA PRO OA 17 2.54 -40.98 -109.14
C PRO OA 17 3.94 -40.67 -108.64
N ARG OA 18 4.80 -40.10 -109.48
CA ARG OA 18 6.16 -39.78 -109.06
C ARG OA 18 6.18 -38.79 -107.91
N THR OA 19 5.34 -37.75 -107.99
CA THR OA 19 5.31 -36.74 -106.94
C THR OA 19 4.84 -37.34 -105.62
N LEU OA 20 3.80 -38.18 -105.67
CA LEU OA 20 3.31 -38.84 -104.45
C LEU OA 20 4.36 -39.77 -103.86
N ASN OA 21 5.04 -40.54 -104.71
CA ASN OA 21 6.08 -41.45 -104.22
C ASN OA 21 7.22 -40.67 -103.57
N ALA OA 22 7.65 -39.58 -104.21
CA ALA OA 22 8.70 -38.75 -103.63
C ALA OA 22 8.26 -38.16 -102.29
N TRP OA 23 7.00 -37.70 -102.22
CA TRP OA 23 6.50 -37.12 -100.99
C TRP OA 23 6.46 -38.14 -99.86
N VAL OA 24 5.98 -39.35 -100.14
CA VAL OA 24 5.88 -40.35 -99.08
C VAL OA 24 7.27 -40.81 -98.65
N LYS OA 25 8.21 -40.93 -99.60
CA LYS OA 25 9.57 -41.31 -99.24
C LYS OA 25 10.23 -40.23 -98.38
N VAL OA 26 10.07 -38.96 -98.77
CA VAL OA 26 10.65 -37.86 -98.01
C VAL OA 26 9.90 -37.60 -96.72
N VAL OA 27 8.73 -38.19 -96.53
CA VAL OA 27 8.09 -38.15 -95.22
C VAL OA 27 8.63 -39.27 -94.33
N GLU OA 28 8.70 -40.49 -94.84
CA GLU OA 28 9.07 -41.63 -94.01
C GLU OA 28 10.56 -41.67 -93.68
N GLU OA 29 11.44 -41.42 -94.66
CA GLU OA 29 12.87 -41.48 -94.40
C GLU OA 29 13.45 -40.16 -93.93
N LYS OA 30 12.65 -39.10 -93.88
CA LYS OA 30 13.11 -37.76 -93.53
C LYS OA 30 12.21 -37.18 -92.43
N ALA OA 31 12.07 -37.95 -91.35
CA ALA OA 31 11.15 -37.67 -90.25
C ALA OA 31 11.19 -36.22 -89.79
N PHE OA 32 10.07 -35.78 -89.20
CA PHE OA 32 9.68 -34.37 -89.08
C PHE OA 32 10.85 -33.42 -88.84
N SER OA 33 10.89 -32.37 -89.66
CA SER OA 33 11.90 -31.32 -89.59
C SER OA 33 11.28 -30.06 -90.18
N PRO OA 34 11.75 -28.87 -89.80
CA PRO OA 34 11.12 -27.65 -90.32
C PRO OA 34 11.10 -27.55 -91.84
N GLU OA 35 12.16 -28.00 -92.52
CA GLU OA 35 12.22 -27.80 -93.96
C GLU OA 35 11.25 -28.69 -94.74
N VAL OA 36 10.36 -29.42 -94.07
CA VAL OA 36 9.24 -30.04 -94.77
C VAL OA 36 8.24 -28.97 -95.22
N ILE OA 37 8.23 -27.82 -94.54
CA ILE OA 37 7.27 -26.77 -94.89
C ILE OA 37 7.47 -26.23 -96.30
N PRO OA 38 8.69 -25.86 -96.74
CA PRO OA 38 8.84 -25.34 -98.11
C PRO OA 38 8.56 -26.37 -99.18
N MET OA 39 9.18 -27.56 -99.07
CA MET OA 39 9.05 -28.55 -100.14
C MET OA 39 7.60 -28.97 -100.32
N PHE OA 40 6.83 -29.01 -99.23
CA PHE OA 40 5.40 -29.31 -99.35
C PHE OA 40 4.71 -28.27 -100.21
N SER OA 41 5.01 -26.99 -99.98
CA SER OA 41 4.46 -25.94 -100.83
C SER OA 41 4.99 -26.01 -102.25
N ALA OA 42 6.11 -26.72 -102.46
CA ALA OA 42 6.60 -26.95 -103.81
C ALA OA 42 5.88 -28.10 -104.50
N LEU OA 43 5.02 -28.83 -103.79
CA LEU OA 43 4.25 -29.91 -104.37
C LEU OA 43 2.74 -29.70 -104.31
N SER OA 44 2.27 -28.71 -103.55
CA SER OA 44 0.84 -28.43 -103.42
C SER OA 44 0.49 -27.06 -103.96
N GLU OA 45 1.17 -26.63 -105.02
CA GLU OA 45 0.92 -25.34 -105.66
C GLU OA 45 0.02 -25.55 -106.88
N GLY OA 46 -0.94 -24.65 -107.05
CA GLY OA 46 -1.86 -24.73 -108.17
C GLY OA 46 -2.62 -26.05 -108.22
N ALA OA 47 -3.16 -26.48 -107.08
CA ALA OA 47 -3.87 -27.74 -106.99
C ALA OA 47 -5.21 -27.54 -106.31
N THR OA 48 -6.17 -28.39 -106.68
CA THR OA 48 -7.50 -28.33 -106.10
C THR OA 48 -7.47 -28.80 -104.65
N PRO OA 49 -8.44 -28.39 -103.83
CA PRO OA 49 -8.50 -28.90 -102.46
C PRO OA 49 -8.62 -30.41 -102.36
N GLN OA 50 -9.21 -31.05 -103.37
CA GLN OA 50 -9.23 -32.51 -103.39
C GLN OA 50 -7.82 -33.08 -103.50
N ASP OA 51 -6.96 -32.44 -104.29
CA ASP OA 51 -5.57 -32.85 -104.37
C ASP OA 51 -4.87 -32.68 -103.02
N LEU OA 52 -5.16 -31.58 -102.32
CA LEU OA 52 -4.57 -31.38 -100.99
C LEU OA 52 -5.05 -32.45 -100.02
N ASN OA 53 -6.34 -32.81 -100.07
CA ASN OA 53 -6.86 -33.85 -99.20
C ASN OA 53 -6.21 -35.19 -99.51
N THR OA 54 -6.04 -35.51 -100.80
CA THR OA 54 -5.37 -36.75 -101.17
C THR OA 54 -3.92 -36.78 -100.68
N MET OA 55 -3.22 -35.66 -100.85
CA MET OA 55 -1.84 -35.56 -100.36
C MET OA 55 -1.78 -35.71 -98.86
N LEU OA 56 -2.78 -35.20 -98.14
CA LEU OA 56 -2.80 -35.26 -96.69
C LEU OA 56 -3.12 -36.66 -96.19
N ASN OA 57 -4.00 -37.38 -96.88
CA ASN OA 57 -4.48 -38.67 -96.43
C ASN OA 57 -3.63 -39.85 -96.88
N THR OA 58 -2.60 -39.62 -97.70
CA THR OA 58 -1.74 -40.69 -98.18
C THR OA 58 -0.42 -40.79 -97.41
N VAL OA 59 -0.44 -40.52 -96.12
CA VAL OA 59 0.76 -40.62 -95.28
C VAL OA 59 0.46 -41.53 -94.10
N GLY OA 60 1.50 -42.14 -93.56
CA GLY OA 60 1.37 -43.01 -92.42
C GLY OA 60 2.41 -42.70 -91.36
N GLY OA 61 2.13 -43.17 -90.14
CA GLY OA 61 3.03 -42.95 -89.02
C GLY OA 61 2.73 -41.65 -88.29
N HIS OA 62 2.64 -41.72 -86.96
CA HIS OA 62 2.36 -40.56 -86.12
C HIS OA 62 1.04 -39.89 -86.52
N GLN OA 63 -0.05 -40.64 -86.42
CA GLN OA 63 -1.36 -40.12 -86.81
C GLN OA 63 -1.91 -39.13 -85.80
N ALA OA 64 -1.29 -38.98 -84.63
CA ALA OA 64 -1.70 -37.95 -83.69
C ALA OA 64 -1.53 -36.56 -84.28
N ALA OA 65 -0.43 -36.34 -85.00
CA ALA OA 65 -0.24 -35.07 -85.70
C ALA OA 65 -1.31 -34.87 -86.76
N MET OA 66 -1.72 -35.96 -87.43
CA MET OA 66 -2.80 -35.86 -88.41
C MET OA 66 -4.11 -35.45 -87.75
N GLN OA 67 -4.42 -36.03 -86.59
CA GLN OA 67 -5.62 -35.62 -85.86
C GLN OA 67 -5.53 -34.16 -85.42
N MET OA 68 -4.35 -33.73 -84.98
CA MET OA 68 -4.18 -32.34 -84.56
C MET OA 68 -4.40 -31.39 -85.73
N LEU OA 69 -3.85 -31.71 -86.90
CA LEU OA 69 -4.04 -30.83 -88.05
C LEU OA 69 -5.49 -30.85 -88.52
N LYS OA 70 -6.15 -32.01 -88.43
CA LYS OA 70 -7.57 -32.07 -88.79
C LYS OA 70 -8.42 -31.20 -87.86
N GLU OA 71 -8.14 -31.27 -86.56
CA GLU OA 71 -8.94 -30.47 -85.62
C GLU OA 71 -8.64 -28.98 -85.74
N THR OA 72 -7.38 -28.63 -86.04
CA THR OA 72 -7.07 -27.23 -86.29
C THR OA 72 -7.75 -26.73 -87.57
N ILE OA 73 -7.81 -27.57 -88.60
CA ILE OA 73 -8.55 -27.21 -89.81
C ILE OA 73 -10.02 -27.00 -89.50
N ASN OA 74 -10.60 -27.89 -88.69
CA ASN OA 74 -12.01 -27.75 -88.32
C ASN OA 74 -12.26 -26.46 -87.54
N GLU OA 75 -11.38 -26.13 -86.59
CA GLU OA 75 -11.59 -24.93 -85.80
C GLU OA 75 -11.37 -23.67 -86.65
N GLU OA 76 -10.44 -23.72 -87.60
CA GLU OA 76 -10.25 -22.60 -88.50
C GLU OA 76 -11.45 -22.44 -89.43
N ALA OA 77 -12.05 -23.55 -89.86
CA ALA OA 77 -13.28 -23.48 -90.64
C ALA OA 77 -14.41 -22.86 -89.82
N ALA OA 78 -14.50 -23.22 -88.53
CA ALA OA 78 -15.50 -22.61 -87.66
C ALA OA 78 -15.26 -21.11 -87.52
N GLU OA 79 -14.00 -20.70 -87.37
CA GLU OA 79 -13.67 -19.28 -87.29
C GLU OA 79 -14.05 -18.55 -88.57
N TRP OA 80 -13.79 -19.17 -89.73
CA TRP OA 80 -14.19 -18.57 -90.99
C TRP OA 80 -15.70 -18.47 -91.11
N ASP OA 81 -16.42 -19.47 -90.62
CA ASP OA 81 -17.87 -19.44 -90.64
C ASP OA 81 -18.44 -18.35 -89.74
N ARG OA 82 -17.81 -18.11 -88.58
CA ARG OA 82 -18.33 -17.07 -87.70
C ARG OA 82 -17.96 -15.68 -88.19
N LEU OA 83 -16.77 -15.51 -88.76
CA LEU OA 83 -16.37 -14.18 -89.25
C LEU OA 83 -17.07 -13.82 -90.55
N HIS OA 84 -17.21 -14.78 -91.47
CA HIS OA 84 -17.86 -14.56 -92.76
C HIS OA 84 -19.30 -15.03 -92.70
N PRO OA 85 -20.25 -14.21 -93.17
CA PRO OA 85 -21.67 -14.60 -93.08
C PRO OA 85 -21.94 -15.92 -93.79
N VAL OA 86 -22.80 -16.73 -93.18
CA VAL OA 86 -23.16 -18.03 -93.73
C VAL OA 86 -24.30 -17.85 -94.72
N HIS OA 87 -24.10 -18.33 -95.95
CA HIS OA 87 -25.08 -18.22 -97.01
C HIS OA 87 -25.60 -19.59 -97.41
N ALA OA 88 -26.89 -19.64 -97.73
CA ALA OA 88 -27.53 -20.87 -98.18
C ALA OA 88 -28.42 -20.57 -99.37
N GLY OA 89 -28.64 -21.60 -100.20
CA GLY OA 89 -29.44 -21.46 -101.38
C GLY OA 89 -28.62 -21.29 -102.65
N PRO OA 90 -29.23 -21.59 -103.79
CA PRO OA 90 -28.51 -21.47 -105.06
C PRO OA 90 -28.22 -20.02 -105.41
N ILE OA 91 -27.18 -19.83 -106.22
CA ILE OA 91 -26.78 -18.51 -106.70
C ILE OA 91 -27.00 -18.48 -108.22
N ALA OA 92 -26.75 -17.34 -108.85
CA ALA OA 92 -26.97 -17.20 -110.27
C ALA OA 92 -26.10 -18.20 -111.05
N PRO OA 93 -26.60 -18.68 -112.20
CA PRO OA 93 -25.86 -19.72 -112.93
C PRO OA 93 -24.45 -19.26 -113.31
N GLY OA 94 -23.50 -20.19 -113.19
CA GLY OA 94 -22.11 -19.89 -113.40
C GLY OA 94 -21.40 -19.31 -112.21
N GLN OA 95 -22.11 -19.02 -111.12
CA GLN OA 95 -21.55 -18.44 -109.92
C GLN OA 95 -22.10 -19.17 -108.70
N MET OA 96 -21.29 -19.25 -107.64
CA MET OA 96 -21.75 -19.75 -106.35
C MET OA 96 -20.97 -19.03 -105.25
N ARG OA 97 -21.59 -18.92 -104.08
CA ARG OA 97 -21.04 -18.13 -102.98
C ARG OA 97 -19.78 -18.76 -102.41
N GLU OA 98 -19.17 -18.08 -101.43
CA GLU OA 98 -17.94 -18.56 -100.83
C GLU OA 98 -18.19 -19.88 -100.09
N PRO OA 99 -17.20 -20.77 -100.07
CA PRO OA 99 -17.39 -22.07 -99.42
C PRO OA 99 -17.63 -21.93 -97.93
N ARG OA 100 -18.37 -22.91 -97.40
CA ARG OA 100 -18.66 -22.98 -95.98
C ARG OA 100 -17.50 -23.66 -95.26
N GLY OA 101 -17.70 -24.02 -93.98
CA GLY OA 101 -16.65 -24.68 -93.24
C GLY OA 101 -16.31 -26.04 -93.79
N SER OA 102 -17.32 -26.84 -94.13
CA SER OA 102 -17.08 -28.15 -94.72
C SER OA 102 -16.70 -28.06 -96.19
N ASP OA 103 -17.22 -27.07 -96.91
CA ASP OA 103 -16.95 -26.95 -98.34
C ASP OA 103 -15.48 -26.61 -98.60
N ILE OA 104 -14.90 -25.72 -97.78
CA ILE OA 104 -13.51 -25.32 -98.00
C ILE OA 104 -12.58 -26.50 -97.75
N ALA OA 105 -12.90 -27.37 -96.79
CA ALA OA 105 -12.05 -28.52 -96.51
C ALA OA 105 -12.10 -29.57 -97.62
N GLY OA 106 -13.12 -29.50 -98.49
CA GLY OA 106 -13.24 -30.44 -99.59
C GLY OA 106 -13.88 -31.77 -99.25
N THR OA 107 -14.29 -31.97 -97.99
CA THR OA 107 -14.93 -33.23 -97.62
C THR OA 107 -16.26 -33.43 -98.34
N THR OA 108 -17.05 -32.37 -98.45
CA THR OA 108 -18.34 -32.43 -99.12
C THR OA 108 -18.35 -31.78 -100.50
N SER OA 109 -17.55 -30.74 -100.71
CA SER OA 109 -17.50 -30.09 -102.01
C SER OA 109 -16.88 -31.02 -103.05
N THR OA 110 -17.41 -30.96 -104.26
CA THR OA 110 -16.92 -31.78 -105.36
C THR OA 110 -15.84 -31.05 -106.14
N LEU OA 111 -15.19 -31.78 -107.05
CA LEU OA 111 -14.13 -31.20 -107.86
C LEU OA 111 -14.66 -30.09 -108.75
N GLN OA 112 -15.85 -30.28 -109.33
CA GLN OA 112 -16.40 -29.27 -110.23
C GLN OA 112 -16.69 -27.97 -109.50
N GLU OA 113 -17.20 -28.06 -108.26
CA GLU OA 113 -17.43 -26.85 -107.47
C GLU OA 113 -16.12 -26.11 -107.19
N GLN OA 114 -15.06 -26.85 -106.88
CA GLN OA 114 -13.77 -26.22 -106.64
C GLN OA 114 -13.25 -25.54 -107.90
N ILE OA 115 -13.41 -26.20 -109.06
CA ILE OA 115 -12.99 -25.59 -110.32
C ILE OA 115 -13.78 -24.31 -110.59
N GLY OA 116 -15.10 -24.35 -110.34
CA GLY OA 116 -15.90 -23.15 -110.49
C GLY OA 116 -15.46 -22.03 -109.57
N TRP OA 117 -15.14 -22.36 -108.32
CA TRP OA 117 -14.61 -21.35 -107.39
C TRP OA 117 -13.30 -20.77 -107.90
N MET OA 118 -12.45 -21.63 -108.48
CA MET OA 118 -11.19 -21.14 -109.04
C MET OA 118 -11.43 -20.18 -110.20
N THR OA 119 -12.42 -20.47 -111.04
CA THR OA 119 -12.67 -19.67 -112.24
C THR OA 119 -13.59 -18.48 -112.00
N HIS OA 120 -14.08 -18.29 -110.78
CA HIS OA 120 -15.00 -17.21 -110.50
C HIS OA 120 -14.31 -15.85 -110.57
N ASN OA 121 -15.11 -14.81 -110.74
CA ASN OA 121 -14.65 -13.43 -110.74
C ASN OA 121 -15.30 -12.67 -109.58
N PRO OA 122 -14.54 -12.27 -108.55
CA PRO OA 122 -13.10 -12.45 -108.36
C PRO OA 122 -12.73 -13.89 -108.02
N PRO OA 123 -11.47 -14.26 -108.25
CA PRO OA 123 -11.05 -15.64 -107.94
C PRO OA 123 -11.21 -15.95 -106.46
N ILE OA 124 -11.53 -17.21 -106.18
CA ILE OA 124 -11.75 -17.67 -104.80
C ILE OA 124 -10.78 -18.81 -104.52
N PRO OA 125 -9.52 -18.52 -104.18
CA PRO OA 125 -8.53 -19.57 -103.92
C PRO OA 125 -8.63 -20.13 -102.50
N VAL OA 126 -9.77 -20.76 -102.19
CA VAL OA 126 -9.92 -21.42 -100.90
C VAL OA 126 -8.99 -22.61 -100.77
N GLY OA 127 -8.53 -23.17 -101.89
CA GLY OA 127 -7.48 -24.17 -101.83
C GLY OA 127 -6.22 -23.63 -101.19
N GLU OA 128 -5.88 -22.37 -101.48
CA GLU OA 128 -4.74 -21.74 -100.83
C GLU OA 128 -5.00 -21.52 -99.34
N ILE OA 129 -6.25 -21.25 -98.96
CA ILE OA 129 -6.58 -21.12 -97.54
C ILE OA 129 -6.38 -22.46 -96.83
N TYR OA 130 -6.83 -23.55 -97.46
CA TYR OA 130 -6.59 -24.87 -96.90
C TYR OA 130 -5.09 -25.19 -96.84
N LYS OA 131 -4.35 -24.76 -97.86
CA LYS OA 131 -2.90 -24.96 -97.86
C LYS OA 131 -2.23 -24.21 -96.72
N ARG OA 132 -2.64 -22.98 -96.45
CA ARG OA 132 -2.03 -22.23 -95.36
C ARG OA 132 -2.47 -22.79 -94.00
N TRP OA 133 -3.67 -23.35 -93.92
CA TRP OA 133 -4.06 -24.05 -92.69
C TRP OA 133 -3.18 -25.27 -92.46
N ILE OA 134 -2.90 -26.02 -93.53
CA ILE OA 134 -1.97 -27.15 -93.42
C ILE OA 134 -0.58 -26.67 -93.03
N ILE OA 135 -0.17 -25.51 -93.55
CA ILE OA 135 1.13 -24.95 -93.20
C ILE OA 135 1.18 -24.62 -91.71
N LEU OA 136 0.12 -24.03 -91.18
CA LEU OA 136 0.06 -23.75 -89.74
C LEU OA 136 0.09 -25.03 -88.94
N GLY OA 137 -0.63 -26.06 -89.39
CA GLY OA 137 -0.57 -27.35 -88.72
C GLY OA 137 0.83 -27.93 -88.71
N LEU OA 138 1.53 -27.85 -89.83
CA LEU OA 138 2.91 -28.33 -89.90
C LEU OA 138 3.84 -27.51 -89.00
N ASN OA 139 3.59 -26.19 -88.91
CA ASN OA 139 4.33 -25.37 -87.96
C ASN OA 139 4.14 -25.86 -86.54
N LYS OA 140 2.90 -26.15 -86.17
CA LYS OA 140 2.64 -26.71 -84.83
C LYS OA 140 3.35 -28.04 -84.65
N ILE OA 141 3.31 -28.90 -85.67
CA ILE OA 141 3.93 -30.22 -85.56
C ILE OA 141 5.43 -30.10 -85.35
N VAL OA 142 6.10 -29.25 -86.13
CA VAL OA 142 7.54 -29.10 -85.98
C VAL OA 142 7.86 -28.39 -84.67
N ARG OA 143 6.95 -27.57 -84.15
CA ARG OA 143 7.12 -27.00 -82.82
C ARG OA 143 7.08 -28.09 -81.75
N MET OA 144 6.19 -29.07 -81.90
CA MET OA 144 6.10 -30.13 -80.91
C MET OA 144 7.27 -31.11 -81.00
N TYR OA 145 7.86 -31.25 -82.19
CA TYR OA 145 8.95 -32.19 -82.41
C TYR OA 145 10.32 -31.57 -82.13
N SER OA 146 10.37 -30.41 -81.49
CA SER OA 146 11.64 -29.82 -81.08
C SER OA 146 11.80 -29.99 -79.57
N PRO OA 147 12.69 -30.88 -79.10
CA PRO OA 147 12.76 -31.13 -77.65
C PRO OA 147 13.38 -29.98 -76.87
N THR OA 148 14.48 -29.41 -77.35
CA THR OA 148 15.20 -28.39 -76.63
C THR OA 148 14.87 -26.99 -77.17
N SER OA 149 14.98 -26.01 -76.29
CA SER OA 149 14.72 -24.63 -76.65
C SER OA 149 15.95 -23.99 -77.30
N ILE OA 150 15.72 -22.84 -77.94
CA ILE OA 150 16.81 -22.14 -78.61
C ILE OA 150 17.83 -21.60 -77.60
N LEU OA 151 17.37 -21.16 -76.43
CA LEU OA 151 18.25 -20.53 -75.44
C LEU OA 151 19.16 -21.53 -74.73
N ASP OA 152 19.05 -22.82 -75.02
CA ASP OA 152 19.88 -23.84 -74.38
C ASP OA 152 21.07 -24.25 -75.23
N ILE OA 153 21.30 -23.57 -76.36
CA ILE OA 153 22.43 -23.90 -77.23
C ILE OA 153 23.67 -23.20 -76.67
N ARG OA 154 24.63 -23.99 -76.19
CA ARG OA 154 25.87 -23.47 -75.64
C ARG OA 154 27.05 -24.09 -76.37
N GLN OA 155 28.03 -23.25 -76.72
CA GLN OA 155 29.22 -23.72 -77.42
C GLN OA 155 30.10 -24.48 -76.43
N GLY OA 156 30.52 -25.68 -76.82
CA GLY OA 156 31.34 -26.51 -75.97
C GLY OA 156 32.79 -26.07 -75.94
N PRO OA 157 33.61 -26.76 -75.15
CA PRO OA 157 35.04 -26.43 -75.12
C PRO OA 157 35.74 -26.59 -76.46
N LYS OA 158 35.29 -27.54 -77.28
CA LYS OA 158 35.89 -27.78 -78.59
C LYS OA 158 34.89 -27.68 -79.74
N GLU OA 159 33.64 -27.29 -79.46
CA GLU OA 159 32.61 -27.16 -80.50
C GLU OA 159 33.02 -26.09 -81.50
N PRO OA 160 33.07 -26.42 -82.79
CA PRO OA 160 33.47 -25.42 -83.79
C PRO OA 160 32.39 -24.37 -83.99
N PHE OA 161 32.83 -23.20 -84.47
CA PHE OA 161 31.89 -22.10 -84.70
C PHE OA 161 30.95 -22.39 -85.85
N ARG OA 162 31.43 -23.11 -86.87
CA ARG OA 162 30.57 -23.41 -88.02
C ARG OA 162 29.39 -24.28 -87.62
N ASP OA 163 29.67 -25.40 -86.94
CA ASP OA 163 28.58 -26.27 -86.49
C ASP OA 163 27.69 -25.57 -85.48
N TYR OA 164 28.27 -24.75 -84.60
CA TYR OA 164 27.48 -24.01 -83.62
C TYR OA 164 26.49 -23.09 -84.30
N VAL OA 165 26.95 -22.29 -85.26
CA VAL OA 165 26.04 -21.37 -85.94
C VAL OA 165 25.04 -22.13 -86.80
N ASP OA 166 25.45 -23.26 -87.39
CA ASP OA 166 24.51 -24.04 -88.19
C ASP OA 166 23.37 -24.59 -87.33
N ARG OA 167 23.71 -25.20 -86.20
CA ARG OA 167 22.65 -25.73 -85.32
C ARG OA 167 21.83 -24.60 -84.71
N PHE OA 168 22.44 -23.44 -84.45
CA PHE OA 168 21.68 -22.30 -83.97
C PHE OA 168 20.66 -21.84 -85.01
N TYR OA 169 21.08 -21.79 -86.27
CA TYR OA 169 20.16 -21.44 -87.35
C TYR OA 169 19.03 -22.47 -87.48
N LYS OA 170 19.37 -23.76 -87.38
CA LYS OA 170 18.35 -24.80 -87.47
C LYS OA 170 17.33 -24.65 -86.34
N THR OA 171 17.81 -24.42 -85.12
CA THR OA 171 16.91 -24.32 -83.98
C THR OA 171 16.06 -23.05 -84.05
N LEU OA 172 16.63 -21.94 -84.51
CA LEU OA 172 15.85 -20.71 -84.63
C LEU OA 172 14.81 -20.81 -85.74
N ARG OA 173 15.13 -21.50 -86.83
CA ARG OA 173 14.12 -21.76 -87.85
C ARG OA 173 13.02 -22.66 -87.30
N ALA OA 174 13.39 -23.65 -86.49
CA ALA OA 174 12.39 -24.46 -85.80
C ALA OA 174 11.62 -23.65 -84.77
N GLU OA 175 12.18 -22.54 -84.28
CA GLU OA 175 11.52 -21.71 -83.30
C GLU OA 175 10.47 -20.83 -83.98
N GLN OA 176 9.32 -20.69 -83.33
CA GLN OA 176 8.24 -19.84 -83.82
C GLN OA 176 8.10 -18.63 -82.91
N ALA OA 177 8.21 -17.45 -83.48
CA ALA OA 177 8.11 -16.19 -82.75
C ALA OA 177 7.90 -15.08 -83.78
N SER OA 178 7.83 -13.83 -83.30
CA SER OA 178 7.68 -12.69 -84.19
C SER OA 178 9.01 -12.28 -84.78
N GLN OA 179 8.96 -11.35 -85.75
CA GLN OA 179 10.16 -10.90 -86.41
C GLN OA 179 11.10 -10.20 -85.43
N GLU OA 180 10.56 -9.31 -84.59
CA GLU OA 180 11.39 -8.56 -83.66
C GLU OA 180 12.03 -9.46 -82.62
N VAL OA 181 11.27 -10.43 -82.10
CA VAL OA 181 11.80 -11.32 -81.06
C VAL OA 181 12.94 -12.16 -81.63
N LYS OA 182 12.74 -12.73 -82.83
CA LYS OA 182 13.79 -13.56 -83.41
C LYS OA 182 15.00 -12.73 -83.81
N ASN OA 183 14.79 -11.49 -84.27
CA ASN OA 183 15.92 -10.61 -84.55
C ASN OA 183 16.73 -10.33 -83.28
N TRP OA 184 16.03 -10.02 -82.19
CA TRP OA 184 16.71 -9.75 -80.93
C TRP OA 184 17.48 -10.97 -80.46
N MET OA 185 16.87 -12.16 -80.55
CA MET OA 185 17.54 -13.35 -80.06
C MET OA 185 18.73 -13.72 -80.94
N THR OA 186 18.60 -13.60 -82.26
CA THR OA 186 19.73 -13.88 -83.13
C THR OA 186 20.80 -12.80 -83.08
N GLU OA 187 20.50 -11.65 -82.48
CA GLU OA 187 21.52 -10.64 -82.25
C GLU OA 187 22.19 -10.75 -80.88
N THR OA 188 21.52 -11.35 -79.89
CA THR OA 188 22.06 -11.42 -78.54
C THR OA 188 22.54 -12.82 -78.14
N LEU OA 189 21.71 -13.85 -78.30
CA LEU OA 189 22.03 -15.17 -77.77
C LEU OA 189 23.24 -15.78 -78.48
N LEU OA 190 23.45 -15.44 -79.75
CA LEU OA 190 24.55 -16.04 -80.50
C LEU OA 190 25.90 -15.65 -79.91
N VAL OA 191 26.00 -14.46 -79.30
CA VAL OA 191 27.23 -14.06 -78.65
C VAL OA 191 27.20 -14.24 -77.14
N GLN OA 192 25.99 -14.32 -76.55
CA GLN OA 192 25.89 -14.57 -75.11
C GLN OA 192 26.28 -15.98 -74.73
N ASN OA 193 26.18 -16.94 -75.66
CA ASN OA 193 26.46 -18.33 -75.34
C ASN OA 193 27.66 -18.85 -76.13
N ALA OA 194 28.72 -18.04 -76.19
CA ALA OA 194 29.93 -18.39 -76.90
C ALA OA 194 31.10 -18.55 -75.92
N ASN OA 195 32.19 -19.12 -76.42
CA ASN OA 195 33.37 -19.31 -75.61
C ASN OA 195 33.98 -17.96 -75.22
N PRO OA 196 34.69 -17.90 -74.09
CA PRO OA 196 35.21 -16.60 -73.63
C PRO OA 196 36.11 -15.90 -74.65
N ASP OA 197 36.94 -16.63 -75.39
CA ASP OA 197 37.84 -16.01 -76.35
C ASP OA 197 37.06 -15.35 -77.48
N CYS OA 198 36.13 -16.09 -78.08
CA CYS OA 198 35.26 -15.53 -79.10
C CYS OA 198 34.38 -14.42 -78.55
N LYS OA 199 33.90 -14.54 -77.31
CA LYS OA 199 33.11 -13.49 -76.70
C LYS OA 199 33.90 -12.19 -76.61
N THR OA 200 35.13 -12.27 -76.12
CA THR OA 200 35.95 -11.06 -76.03
C THR OA 200 36.29 -10.50 -77.41
N ILE OA 201 36.57 -11.37 -78.38
CA ILE OA 201 36.89 -10.89 -79.73
C ILE OA 201 35.69 -10.15 -80.32
N LEU OA 202 34.49 -10.72 -80.17
CA LEU OA 202 33.30 -10.09 -80.73
C LEU OA 202 32.91 -8.82 -79.98
N LYS OA 203 33.15 -8.77 -78.67
CA LYS OA 203 32.94 -7.51 -77.95
C LYS OA 203 33.91 -6.44 -78.43
N ALA OA 204 35.15 -6.84 -78.72
CA ALA OA 204 36.11 -5.90 -79.30
C ALA OA 204 35.65 -5.42 -80.67
N LEU OA 205 35.10 -6.32 -81.48
CA LEU OA 205 34.56 -5.92 -82.77
C LEU OA 205 33.39 -4.96 -82.63
N GLY OA 206 32.53 -5.19 -81.64
CA GLY OA 206 31.39 -4.34 -81.40
C GLY OA 206 30.18 -4.72 -82.22
N PRO OA 207 29.02 -4.13 -81.87
CA PRO OA 207 27.80 -4.43 -82.62
C PRO OA 207 27.86 -3.91 -84.04
N GLY OA 208 27.12 -4.58 -84.92
CA GLY OA 208 27.03 -4.21 -86.33
C GLY OA 208 27.66 -5.19 -87.28
N ALA OA 209 28.54 -6.07 -86.79
CA ALA OA 209 29.17 -7.06 -87.66
C ALA OA 209 28.17 -8.14 -88.05
N THR OA 210 28.42 -8.78 -89.18
CA THR OA 210 27.56 -9.82 -89.71
C THR OA 210 28.18 -11.20 -89.44
N LEU OA 211 27.55 -12.23 -89.99
CA LEU OA 211 27.93 -13.61 -89.67
C LEU OA 211 29.34 -13.93 -90.16
N GLU OA 212 29.77 -13.30 -91.26
CA GLU OA 212 31.09 -13.59 -91.80
C GLU OA 212 32.18 -13.18 -90.81
N GLU OA 213 32.05 -12.00 -90.20
CA GLU OA 213 33.00 -11.61 -89.16
C GLU OA 213 32.90 -12.54 -87.94
N MET OA 214 31.68 -13.01 -87.63
CA MET OA 214 31.50 -13.92 -86.52
C MET OA 214 32.28 -15.21 -86.74
N MET OA 215 32.22 -15.76 -87.96
CA MET OA 215 32.91 -17.02 -88.22
C MET OA 215 34.41 -16.82 -88.41
N THR OA 216 34.83 -15.68 -88.94
CA THR OA 216 36.25 -15.44 -89.15
C THR OA 216 36.94 -14.79 -87.95
N ALA OA 217 36.21 -14.49 -86.88
CA ALA OA 217 36.81 -13.80 -85.74
C ALA OA 217 37.75 -14.71 -84.96
N CYS OA 218 37.25 -15.86 -84.49
CA CYS OA 218 38.00 -16.76 -83.62
C CYS OA 218 38.20 -18.14 -84.25
N GLN OA 219 38.66 -18.18 -85.50
CA GLN OA 219 38.97 -19.43 -86.16
C GLN OA 219 40.03 -20.21 -85.37
N GLY OA 220 39.79 -21.49 -85.17
CA GLY OA 220 40.71 -22.34 -84.44
C GLY OA 220 41.96 -22.72 -85.22
N PRO PA 1 -4.20 -44.62 -116.77
CA PRO PA 1 -5.50 -44.16 -116.26
C PRO PA 1 -6.23 -43.26 -117.26
N ILE PA 2 -7.42 -42.78 -116.88
CA ILE PA 2 -8.20 -41.93 -117.77
C ILE PA 2 -7.66 -40.52 -117.71
N VAL PA 3 -7.33 -39.96 -118.88
CA VAL PA 3 -6.87 -38.58 -119.01
C VAL PA 3 -7.70 -37.90 -120.08
N GLN PA 4 -8.20 -36.71 -119.78
CA GLN PA 4 -9.01 -35.94 -120.73
C GLN PA 4 -8.12 -35.05 -121.59
N ASN PA 5 -8.46 -34.96 -122.87
CA ASN PA 5 -7.69 -34.15 -123.79
C ASN PA 5 -7.89 -32.67 -123.52
N LEU PA 6 -6.96 -31.86 -124.01
CA LEU PA 6 -7.01 -30.42 -123.82
C LEU PA 6 -8.15 -29.84 -124.65
N GLN PA 7 -9.25 -29.48 -123.98
CA GLN PA 7 -10.43 -28.90 -124.61
C GLN PA 7 -10.95 -29.81 -125.73
N GLY PA 8 -11.27 -31.04 -125.35
CA GLY PA 8 -11.78 -32.00 -126.31
C GLY PA 8 -12.48 -33.15 -125.63
N GLN PA 9 -12.58 -34.25 -126.37
CA GLN PA 9 -13.24 -35.43 -125.85
C GLN PA 9 -12.33 -36.18 -124.88
N MET PA 10 -12.88 -37.21 -124.25
CA MET PA 10 -12.15 -38.07 -123.33
C MET PA 10 -11.70 -39.32 -124.07
N VAL PA 11 -10.42 -39.67 -123.93
CA VAL PA 11 -9.84 -40.83 -124.60
C VAL PA 11 -9.37 -41.81 -123.54
N HIS PA 12 -9.80 -43.07 -123.66
CA HIS PA 12 -9.38 -44.10 -122.73
C HIS PA 12 -7.91 -44.42 -122.97
N GLN PA 13 -7.14 -44.42 -121.88
CA GLN PA 13 -5.71 -44.71 -121.93
C GLN PA 13 -5.39 -45.85 -120.98
N ALA PA 14 -4.53 -46.76 -121.43
CA ALA PA 14 -4.18 -47.94 -120.65
C ALA PA 14 -3.38 -47.56 -119.41
N ILE PA 15 -3.37 -48.47 -118.43
CA ILE PA 15 -2.67 -48.22 -117.18
C ILE PA 15 -1.17 -48.17 -117.43
N SER PA 16 -0.51 -47.15 -116.88
CA SER PA 16 0.91 -46.99 -117.09
C SER PA 16 1.70 -48.03 -116.29
N PRO PA 17 2.86 -48.47 -116.81
CA PRO PA 17 3.67 -49.43 -116.05
C PRO PA 17 4.13 -48.91 -114.70
N ARG PA 18 4.40 -47.61 -114.58
CA ARG PA 18 4.91 -47.07 -113.32
C ARG PA 18 3.88 -47.20 -112.20
N THR PA 19 2.63 -46.89 -112.50
CA THR PA 19 1.58 -46.96 -111.47
C THR PA 19 1.37 -48.39 -110.99
N LEU PA 20 1.31 -49.35 -111.91
CA LEU PA 20 1.11 -50.74 -111.52
C LEU PA 20 2.32 -51.28 -110.78
N ASN PA 21 3.52 -50.89 -111.18
CA ASN PA 21 4.71 -51.29 -110.44
C ASN PA 21 4.70 -50.74 -109.03
N ALA PA 22 4.31 -49.47 -108.87
CA ALA PA 22 4.23 -48.89 -107.53
C ALA PA 22 3.17 -49.60 -106.69
N TRP PA 23 2.04 -49.92 -107.29
CA TRP PA 23 0.97 -50.60 -106.55
C TRP PA 23 1.41 -51.98 -106.10
N VAL PA 24 2.02 -52.76 -107.01
CA VAL PA 24 2.45 -54.11 -106.63
C VAL PA 24 3.56 -54.04 -105.59
N LYS PA 25 4.45 -53.04 -105.68
CA LYS PA 25 5.49 -52.90 -104.67
C LYS PA 25 4.90 -52.57 -103.31
N VAL PA 26 4.01 -51.57 -103.25
CA VAL PA 26 3.41 -51.18 -101.98
C VAL PA 26 2.53 -52.29 -101.42
N VAL PA 27 2.05 -53.21 -102.26
CA VAL PA 27 1.32 -54.37 -101.75
C VAL PA 27 2.28 -55.41 -101.20
N GLU PA 28 3.35 -55.71 -101.94
CA GLU PA 28 4.23 -56.82 -101.59
C GLU PA 28 5.16 -56.52 -100.42
N GLU PA 29 5.68 -55.30 -100.31
CA GLU PA 29 6.65 -54.99 -99.27
C GLU PA 29 6.04 -54.25 -98.09
N LYS PA 30 5.01 -53.44 -98.32
CA LYS PA 30 4.27 -52.83 -97.22
C LYS PA 30 3.07 -53.69 -96.87
N ALA PA 31 2.77 -53.77 -95.57
CA ALA PA 31 1.68 -54.60 -95.09
C ALA PA 31 0.33 -53.92 -95.40
N PHE PA 32 -0.75 -54.50 -94.89
CA PHE PA 32 -2.08 -53.94 -95.12
C PHE PA 32 -2.38 -52.81 -94.15
N SER PA 33 -1.54 -51.78 -94.14
CA SER PA 33 -1.80 -50.60 -93.34
C SER PA 33 -2.94 -49.80 -93.96
N PRO PA 34 -3.64 -49.00 -93.15
CA PRO PA 34 -4.72 -48.18 -93.72
C PRO PA 34 -4.25 -47.20 -94.78
N GLU PA 35 -2.97 -46.82 -94.77
CA GLU PA 35 -2.46 -45.85 -95.72
C GLU PA 35 -2.64 -46.32 -97.17
N VAL PA 36 -2.71 -47.63 -97.39
CA VAL PA 36 -2.86 -48.14 -98.74
C VAL PA 36 -4.26 -47.87 -99.30
N ILE PA 37 -5.21 -47.50 -98.46
CA ILE PA 37 -6.58 -47.27 -98.91
C ILE PA 37 -6.70 -45.92 -99.64
N PRO PA 38 -6.33 -44.78 -99.02
CA PRO PA 38 -6.49 -43.51 -99.75
C PRO PA 38 -5.69 -43.43 -101.04
N MET PA 39 -4.47 -43.96 -101.05
CA MET PA 39 -3.62 -43.85 -102.24
C MET PA 39 -4.28 -44.53 -103.43
N PHE PA 40 -4.94 -45.67 -103.19
CA PHE PA 40 -5.66 -46.33 -104.27
C PHE PA 40 -6.72 -45.43 -104.87
N SER PA 41 -7.40 -44.62 -104.04
CA SER PA 41 -8.39 -43.69 -104.55
C SER PA 41 -7.80 -42.67 -105.50
N ALA PA 42 -6.48 -42.45 -105.45
CA ALA PA 42 -5.80 -41.63 -106.45
C ALA PA 42 -5.17 -42.45 -107.56
N LEU PA 43 -4.89 -43.73 -107.32
CA LEU PA 43 -4.31 -44.57 -108.35
C LEU PA 43 -5.37 -45.00 -109.37
N SER PA 44 -6.62 -45.13 -108.94
CA SER PA 44 -7.70 -45.61 -109.80
C SER PA 44 -8.58 -44.47 -110.32
N GLU PA 45 -8.05 -43.25 -110.33
CA GLU PA 45 -8.81 -42.14 -110.91
C GLU PA 45 -9.13 -42.43 -112.37
N GLY PA 46 -10.39 -42.20 -112.75
CA GLY PA 46 -10.87 -42.74 -114.00
C GLY PA 46 -10.91 -44.26 -113.88
N ALA PA 47 -10.07 -44.93 -114.66
CA ALA PA 47 -9.77 -46.36 -114.49
C ALA PA 47 -11.04 -47.21 -114.55
N THR PA 48 -11.58 -47.29 -115.76
CA THR PA 48 -12.75 -48.13 -116.07
C THR PA 48 -12.57 -49.54 -115.49
N PRO PA 49 -13.66 -50.26 -115.21
CA PRO PA 49 -13.54 -51.56 -114.55
C PRO PA 49 -12.60 -52.54 -115.25
N GLN PA 50 -12.42 -52.40 -116.56
CA GLN PA 50 -11.47 -53.26 -117.26
C GLN PA 50 -10.07 -53.11 -116.70
N ASP PA 51 -9.58 -51.87 -116.61
CA ASP PA 51 -8.27 -51.63 -116.01
C ASP PA 51 -8.25 -52.02 -114.54
N LEU PA 52 -9.38 -51.87 -113.85
CA LEU PA 52 -9.43 -52.25 -112.44
C LEU PA 52 -9.18 -53.74 -112.26
N ASN PA 53 -9.88 -54.58 -113.03
CA ASN PA 53 -9.63 -56.01 -112.91
C ASN PA 53 -8.26 -56.38 -113.46
N THR PA 54 -7.77 -55.65 -114.46
CA THR PA 54 -6.44 -55.93 -114.99
C THR PA 54 -5.36 -55.70 -113.93
N MET PA 55 -5.47 -54.62 -113.17
CA MET PA 55 -4.53 -54.36 -112.10
C MET PA 55 -4.82 -55.18 -110.85
N LEU PA 56 -6.03 -55.73 -110.72
CA LEU PA 56 -6.36 -56.51 -109.53
C LEU PA 56 -5.95 -57.98 -109.67
N ASN PA 57 -5.98 -58.53 -110.89
CA ASN PA 57 -5.64 -59.94 -111.04
C ASN PA 57 -4.13 -60.18 -111.12
N THR PA 58 -3.32 -59.14 -111.28
CA THR PA 58 -1.89 -59.32 -111.42
C THR PA 58 -1.17 -59.49 -110.08
N VAL PA 59 -1.83 -59.15 -108.96
CA VAL PA 59 -1.21 -59.27 -107.65
C VAL PA 59 -1.42 -60.69 -107.11
N GLY PA 60 -0.37 -61.23 -106.50
CA GLY PA 60 -0.41 -62.55 -105.92
C GLY PA 60 -0.31 -62.54 -104.40
N GLY PA 61 -0.38 -63.73 -103.83
CA GLY PA 61 -0.31 -63.89 -102.39
C GLY PA 61 -1.65 -63.68 -101.71
N HIS PA 62 -1.88 -64.40 -100.62
CA HIS PA 62 -3.13 -64.32 -99.85
C HIS PA 62 -4.33 -64.62 -100.76
N GLN PA 63 -4.37 -65.83 -101.28
CA GLN PA 63 -5.44 -66.23 -102.20
C GLN PA 63 -6.80 -66.23 -101.50
N ALA PA 64 -6.82 -66.52 -100.20
CA ALA PA 64 -8.10 -66.49 -99.47
C ALA PA 64 -8.70 -65.10 -99.46
N ALA PA 65 -7.88 -64.06 -99.24
CA ALA PA 65 -8.38 -62.70 -99.26
C ALA PA 65 -8.87 -62.31 -100.65
N MET PA 66 -8.15 -62.73 -101.70
CA MET PA 66 -8.58 -62.45 -103.06
C MET PA 66 -9.92 -63.11 -103.37
N GLN PA 67 -10.09 -64.36 -102.96
CA GLN PA 67 -11.36 -65.04 -103.18
C GLN PA 67 -12.49 -64.38 -102.40
N MET PA 68 -12.22 -63.97 -101.15
CA MET PA 68 -13.23 -63.31 -100.36
C MET PA 68 -13.65 -61.98 -100.98
N LEU PA 69 -12.68 -61.20 -101.47
CA LEU PA 69 -13.03 -59.93 -102.09
C LEU PA 69 -13.76 -60.14 -103.41
N LYS PA 70 -13.41 -61.18 -104.17
CA LYS PA 70 -14.15 -61.49 -105.39
C LYS PA 70 -15.60 -61.88 -105.06
N GLU PA 71 -15.79 -62.69 -104.01
CA GLU PA 71 -17.14 -63.07 -103.60
C GLU PA 71 -17.95 -61.85 -103.16
N THR PA 72 -17.33 -60.95 -102.39
CA THR PA 72 -18.05 -59.74 -101.96
C THR PA 72 -18.36 -58.84 -103.16
N ILE PA 73 -17.47 -58.75 -104.13
CA ILE PA 73 -17.75 -57.98 -105.33
C ILE PA 73 -18.93 -58.59 -106.09
N ASN PA 74 -18.96 -59.92 -106.20
CA ASN PA 74 -20.05 -60.58 -106.91
C ASN PA 74 -21.40 -60.34 -106.21
N GLU PA 75 -21.42 -60.47 -104.87
CA GLU PA 75 -22.67 -60.26 -104.17
C GLU PA 75 -23.10 -58.79 -104.19
N GLU PA 76 -22.13 -57.87 -104.16
CA GLU PA 76 -22.46 -56.45 -104.31
C GLU PA 76 -23.01 -56.17 -105.69
N ALA PA 77 -22.48 -56.83 -106.72
CA ALA PA 77 -23.04 -56.69 -108.05
C ALA PA 77 -24.47 -57.20 -108.12
N ALA PA 78 -24.73 -58.34 -107.47
CA ALA PA 78 -26.09 -58.88 -107.46
C ALA PA 78 -27.06 -57.94 -106.76
N GLU PA 79 -26.65 -57.39 -105.61
CA GLU PA 79 -27.55 -56.50 -104.88
C GLU PA 79 -27.72 -55.17 -105.60
N TRP PA 80 -26.69 -54.70 -106.31
CA TRP PA 80 -26.84 -53.49 -107.12
C TRP PA 80 -27.79 -53.74 -108.29
N ASP PA 81 -27.71 -54.93 -108.90
CA ASP PA 81 -28.65 -55.27 -109.97
C ASP PA 81 -30.08 -55.30 -109.45
N ARG PA 82 -30.30 -55.90 -108.27
CA ARG PA 82 -31.67 -56.00 -107.77
C ARG PA 82 -32.19 -54.65 -107.29
N LEU PA 83 -31.34 -53.80 -106.72
CA LEU PA 83 -31.80 -52.49 -106.27
C LEU PA 83 -32.04 -51.54 -107.44
N HIS PA 84 -31.14 -51.55 -108.43
CA HIS PA 84 -31.28 -50.62 -109.55
C HIS PA 84 -32.41 -51.07 -110.47
N PRO PA 85 -33.21 -50.14 -110.99
CA PRO PA 85 -34.27 -50.51 -111.93
C PRO PA 85 -33.72 -51.15 -113.19
N VAL PA 86 -34.10 -52.40 -113.46
CA VAL PA 86 -33.61 -53.10 -114.63
C VAL PA 86 -34.22 -52.48 -115.89
N HIS PA 87 -33.37 -52.16 -116.86
CA HIS PA 87 -33.79 -51.56 -118.12
C HIS PA 87 -33.57 -52.58 -119.24
N ALA PA 88 -34.63 -52.86 -120.00
CA ALA PA 88 -34.56 -53.80 -121.11
C ALA PA 88 -35.42 -53.26 -122.25
N GLY PA 89 -35.55 -54.05 -123.31
CA GLY PA 89 -36.34 -53.66 -124.45
C GLY PA 89 -35.61 -52.70 -125.36
N PRO PA 90 -36.31 -52.17 -126.35
CA PRO PA 90 -35.69 -51.19 -127.26
C PRO PA 90 -35.22 -49.95 -126.50
N ILE PA 91 -34.08 -49.42 -126.92
CA ILE PA 91 -33.49 -48.23 -126.32
C ILE PA 91 -33.17 -47.23 -127.42
N ALA PA 92 -33.42 -45.96 -127.13
CA ALA PA 92 -33.15 -44.91 -128.11
C ALA PA 92 -31.65 -44.84 -128.40
N PRO PA 93 -31.27 -44.46 -129.62
CA PRO PA 93 -29.84 -44.37 -129.96
C PRO PA 93 -29.12 -43.35 -129.10
N GLY PA 94 -27.87 -43.65 -128.77
CA GLY PA 94 -27.08 -42.83 -127.89
C GLY PA 94 -27.17 -43.18 -126.43
N GLN PA 95 -28.05 -44.11 -126.07
CA GLN PA 95 -28.22 -44.54 -124.68
C GLN PA 95 -28.14 -46.06 -124.63
N MET PA 96 -27.59 -46.58 -123.52
CA MET PA 96 -27.45 -48.01 -123.32
C MET PA 96 -27.91 -48.37 -121.92
N ARG PA 97 -28.36 -49.62 -121.77
CA ARG PA 97 -28.84 -50.09 -120.48
C ARG PA 97 -27.70 -50.19 -119.48
N GLU PA 98 -28.06 -50.25 -118.21
CA GLU PA 98 -27.07 -50.33 -117.15
C GLU PA 98 -26.33 -51.67 -117.22
N PRO PA 99 -25.07 -51.71 -116.80
CA PRO PA 99 -24.33 -52.97 -116.83
C PRO PA 99 -24.91 -53.99 -115.87
N ARG PA 100 -24.78 -55.26 -116.24
CA ARG PA 100 -25.22 -56.36 -115.40
C ARG PA 100 -24.17 -56.61 -114.31
N GLY PA 101 -24.34 -57.68 -113.53
CA GLY PA 101 -23.37 -57.97 -112.47
C GLY PA 101 -21.98 -58.27 -113.01
N SER PA 102 -21.92 -59.14 -114.02
CA SER PA 102 -20.63 -59.46 -114.63
C SER PA 102 -20.09 -58.29 -115.44
N ASP PA 103 -20.97 -57.44 -115.98
CA ASP PA 103 -20.51 -56.27 -116.73
C ASP PA 103 -19.92 -55.21 -115.80
N ILE PA 104 -20.60 -54.94 -114.68
CA ILE PA 104 -20.03 -53.99 -113.72
C ILE PA 104 -18.80 -54.58 -113.04
N ALA PA 105 -18.73 -55.91 -112.91
CA ALA PA 105 -17.52 -56.54 -112.43
C ALA PA 105 -16.40 -56.52 -113.46
N GLY PA 106 -16.72 -56.26 -114.72
CA GLY PA 106 -15.73 -56.20 -115.77
C GLY PA 106 -15.30 -57.52 -116.35
N THR PA 107 -15.94 -58.63 -115.95
CA THR PA 107 -15.53 -59.94 -116.44
C THR PA 107 -15.92 -60.14 -117.90
N THR PA 108 -17.16 -59.79 -118.26
CA THR PA 108 -17.68 -60.03 -119.59
C THR PA 108 -17.99 -58.76 -120.37
N SER PA 109 -17.72 -57.59 -119.80
CA SER PA 109 -17.99 -56.33 -120.48
C SER PA 109 -16.75 -55.89 -121.26
N THR PA 110 -16.96 -55.49 -122.52
CA THR PA 110 -15.86 -55.04 -123.35
C THR PA 110 -15.45 -53.61 -122.98
N LEU PA 111 -14.24 -53.25 -123.36
CA LEU PA 111 -13.74 -51.91 -123.08
C LEU PA 111 -14.54 -50.85 -123.82
N GLN PA 112 -15.00 -51.17 -125.04
CA GLN PA 112 -15.73 -50.20 -125.85
C GLN PA 112 -17.05 -49.80 -125.19
N GLU PA 113 -17.73 -50.74 -124.54
CA GLU PA 113 -18.96 -50.40 -123.82
C GLU PA 113 -18.67 -49.44 -122.68
N GLN PA 114 -17.57 -49.67 -121.94
CA GLN PA 114 -17.20 -48.76 -120.87
C GLN PA 114 -16.87 -47.37 -121.41
N ILE PA 115 -16.16 -47.32 -122.54
CA ILE PA 115 -15.83 -46.03 -123.16
C ILE PA 115 -17.09 -45.29 -123.57
N GLY PA 116 -18.03 -46.00 -124.18
CA GLY PA 116 -19.29 -45.37 -124.58
C GLY PA 116 -20.11 -44.91 -123.38
N TRP PA 117 -20.08 -45.67 -122.29
CA TRP PA 117 -20.80 -45.26 -121.09
C TRP PA 117 -20.18 -44.04 -120.42
N MET PA 118 -18.84 -43.94 -120.46
CA MET PA 118 -18.18 -42.78 -119.87
C MET PA 118 -18.55 -41.50 -120.61
N THR PA 119 -18.58 -41.53 -121.95
CA THR PA 119 -18.89 -40.34 -122.72
C THR PA 119 -20.39 -40.06 -122.80
N HIS PA 120 -21.23 -40.99 -122.35
CA HIS PA 120 -22.67 -40.76 -122.36
C HIS PA 120 -23.04 -39.65 -121.38
N ASN PA 121 -24.13 -38.95 -121.68
CA ASN PA 121 -24.65 -37.88 -120.84
C ASN PA 121 -26.03 -38.23 -120.34
N PRO PA 122 -26.25 -38.45 -119.04
CA PRO PA 122 -25.26 -38.42 -117.94
C PRO PA 122 -24.36 -39.66 -117.96
N PRO PA 123 -23.12 -39.54 -117.48
CA PRO PA 123 -22.22 -40.70 -117.47
C PRO PA 123 -22.72 -41.79 -116.56
N ILE PA 124 -22.49 -43.04 -116.97
CA ILE PA 124 -22.86 -44.20 -116.17
C ILE PA 124 -21.82 -44.34 -115.05
N PRO PA 125 -22.24 -44.34 -113.78
CA PRO PA 125 -21.27 -44.39 -112.69
C PRO PA 125 -20.80 -45.81 -112.38
N VAL PA 126 -20.51 -46.60 -113.40
CA VAL PA 126 -20.06 -47.97 -113.19
C VAL PA 126 -18.66 -47.98 -112.58
N GLY PA 127 -17.77 -47.13 -113.09
CA GLY PA 127 -16.39 -47.15 -112.61
C GLY PA 127 -16.27 -46.75 -111.16
N GLU PA 128 -16.94 -45.66 -110.77
CA GLU PA 128 -16.85 -45.21 -109.38
C GLU PA 128 -17.55 -46.17 -108.43
N ILE PA 129 -18.66 -46.78 -108.86
CA ILE PA 129 -19.32 -47.77 -108.02
C ILE PA 129 -18.43 -49.00 -107.82
N TYR PA 130 -17.76 -49.45 -108.89
CA TYR PA 130 -16.82 -50.55 -108.74
C TYR PA 130 -15.66 -50.16 -107.83
N LYS PA 131 -15.19 -48.92 -107.93
CA LYS PA 131 -14.11 -48.46 -107.05
C LYS PA 131 -14.54 -48.47 -105.59
N ARG PA 132 -15.76 -48.00 -105.31
CA ARG PA 132 -16.23 -48.01 -103.92
C ARG PA 132 -16.47 -49.44 -103.44
N TRP PA 133 -16.87 -50.35 -104.33
CA TRP PA 133 -16.96 -51.76 -103.97
C TRP PA 133 -15.60 -52.32 -103.60
N ILE PA 134 -14.56 -51.97 -104.37
CA ILE PA 134 -13.21 -52.41 -104.05
C ILE PA 134 -12.76 -51.83 -102.72
N ILE PA 135 -13.13 -50.57 -102.45
CA ILE PA 135 -12.78 -49.93 -101.19
C ILE PA 135 -13.42 -50.68 -100.03
N LEU PA 136 -14.71 -51.01 -100.15
CA LEU PA 136 -15.39 -51.75 -99.10
C LEU PA 136 -14.78 -53.14 -98.92
N GLY PA 137 -14.44 -53.80 -100.03
CA GLY PA 137 -13.81 -55.12 -99.92
C GLY PA 137 -12.47 -55.07 -99.22
N LEU PA 138 -11.64 -54.07 -99.56
CA LEU PA 138 -10.36 -53.92 -98.88
C LEU PA 138 -10.56 -53.57 -97.40
N ASN PA 139 -11.57 -52.75 -97.09
CA ASN PA 139 -11.85 -52.43 -95.69
C ASN PA 139 -12.20 -53.69 -94.90
N LYS PA 140 -13.09 -54.52 -95.45
CA LYS PA 140 -13.47 -55.73 -94.71
C LYS PA 140 -12.31 -56.73 -94.66
N ILE PA 141 -11.48 -56.78 -95.70
CA ILE PA 141 -10.31 -57.65 -95.67
C ILE PA 141 -9.35 -57.23 -94.57
N VAL PA 142 -9.05 -55.93 -94.48
CA VAL PA 142 -8.15 -55.46 -93.44
C VAL PA 142 -8.80 -55.56 -92.05
N ARG PA 143 -10.13 -55.55 -91.99
CA ARG PA 143 -10.79 -55.91 -90.73
C ARG PA 143 -10.51 -57.36 -90.36
N MET PA 144 -10.53 -58.26 -91.35
CA MET PA 144 -10.16 -59.65 -91.09
C MET PA 144 -8.70 -59.77 -90.68
N TYR PA 145 -7.84 -58.89 -91.17
CA TYR PA 145 -6.42 -58.90 -90.85
C TYR PA 145 -6.08 -58.03 -89.64
N SER PA 146 -7.08 -57.47 -88.97
CA SER PA 146 -6.83 -56.63 -87.81
C SER PA 146 -6.25 -57.46 -86.68
N PRO PA 147 -5.09 -57.12 -86.12
CA PRO PA 147 -4.51 -57.94 -85.06
C PRO PA 147 -5.38 -58.04 -83.82
N THR PA 148 -6.05 -56.95 -83.44
CA THR PA 148 -6.87 -56.92 -82.23
C THR PA 148 -7.70 -55.64 -82.27
N SER PA 149 -8.56 -55.48 -81.26
CA SER PA 149 -9.42 -54.31 -81.15
C SER PA 149 -8.68 -53.20 -80.40
N ILE PA 150 -9.41 -52.17 -79.99
CA ILE PA 150 -8.82 -51.04 -79.28
C ILE PA 150 -8.93 -51.16 -77.77
N LEU PA 151 -9.88 -51.96 -77.27
CA LEU PA 151 -10.12 -52.03 -75.83
C LEU PA 151 -9.08 -52.84 -75.07
N ASP PA 152 -8.12 -53.45 -75.75
CA ASP PA 152 -7.11 -54.28 -75.09
C ASP PA 152 -5.71 -53.68 -75.13
N ILE PA 153 -5.54 -52.47 -75.65
CA ILE PA 153 -4.23 -51.84 -75.75
C ILE PA 153 -3.94 -51.14 -74.42
N ARG PA 154 -3.00 -51.69 -73.67
CA ARG PA 154 -2.58 -51.12 -72.39
C ARG PA 154 -1.13 -50.65 -72.50
N GLN PA 155 -0.88 -49.41 -72.05
CA GLN PA 155 0.45 -48.83 -72.13
C GLN PA 155 1.36 -49.46 -71.08
N GLY PA 156 2.54 -49.90 -71.50
CA GLY PA 156 3.52 -50.45 -70.60
C GLY PA 156 4.12 -49.40 -69.71
N PRO PA 157 4.57 -49.80 -68.51
CA PRO PA 157 5.16 -48.81 -67.59
C PRO PA 157 6.37 -48.10 -68.17
N LYS PA 158 7.20 -48.81 -68.93
CA LYS PA 158 8.34 -48.20 -69.61
C LYS PA 158 8.02 -47.76 -71.03
N GLU PA 159 6.82 -48.07 -71.52
CA GLU PA 159 6.43 -47.64 -72.86
C GLU PA 159 6.17 -46.14 -72.87
N PRO PA 160 6.79 -45.38 -73.78
CA PRO PA 160 6.54 -43.94 -73.83
C PRO PA 160 5.13 -43.62 -74.31
N PHE PA 161 4.68 -42.42 -73.97
CA PHE PA 161 3.35 -41.98 -74.40
C PHE PA 161 3.28 -41.78 -75.91
N ARG PA 162 4.41 -41.47 -76.55
CA ARG PA 162 4.42 -41.15 -77.97
C ARG PA 162 3.93 -42.32 -78.82
N ASP PA 163 4.66 -43.43 -78.80
CA ASP PA 163 4.24 -44.59 -79.59
C ASP PA 163 2.94 -45.19 -79.07
N TYR PA 164 2.63 -45.00 -77.79
CA TYR PA 164 1.35 -45.48 -77.25
C TYR PA 164 0.19 -44.77 -77.93
N VAL PA 165 0.22 -43.44 -77.97
CA VAL PA 165 -0.87 -42.70 -78.61
C VAL PA 165 -0.83 -42.91 -80.12
N ASP PA 166 0.36 -43.12 -80.69
CA ASP PA 166 0.45 -43.39 -82.12
C ASP PA 166 -0.28 -44.68 -82.48
N ARG PA 167 0.04 -45.77 -81.77
CA ARG PA 167 -0.63 -47.04 -82.03
C ARG PA 167 -2.11 -46.98 -81.64
N PHE PA 168 -2.45 -46.16 -80.65
CA PHE PA 168 -3.86 -45.98 -80.29
C PHE PA 168 -4.64 -45.37 -81.44
N TYR PA 169 -4.10 -44.32 -82.05
CA TYR PA 169 -4.78 -43.71 -83.19
C TYR PA 169 -4.76 -44.63 -84.41
N LYS PA 170 -3.69 -45.41 -84.59
CA LYS PA 170 -3.66 -46.38 -85.67
C LYS PA 170 -4.77 -47.41 -85.52
N THR PA 171 -4.98 -47.91 -84.29
CA THR PA 171 -6.05 -48.87 -84.07
C THR PA 171 -7.42 -48.21 -84.17
N LEU PA 172 -7.53 -46.94 -83.79
CA LEU PA 172 -8.79 -46.21 -83.98
C LEU PA 172 -9.13 -46.15 -85.47
N ARG PA 173 -8.14 -45.83 -86.31
CA ARG PA 173 -8.36 -45.86 -87.75
C ARG PA 173 -8.62 -47.28 -88.23
N ALA PA 174 -8.13 -48.29 -87.50
CA ALA PA 174 -8.38 -49.67 -87.83
C ALA PA 174 -9.75 -50.15 -87.39
N GLU PA 175 -10.53 -49.32 -86.69
CA GLU PA 175 -11.90 -49.64 -86.33
C GLU PA 175 -12.85 -48.69 -87.04
N GLN PA 176 -14.01 -49.22 -87.44
CA GLN PA 176 -15.00 -48.46 -88.20
C GLN PA 176 -16.26 -48.29 -87.36
N ALA PA 177 -16.70 -47.04 -87.25
CA ALA PA 177 -17.91 -46.68 -86.51
C ALA PA 177 -18.26 -45.24 -86.89
N SER PA 178 -19.33 -44.73 -86.29
CA SER PA 178 -19.71 -43.35 -86.52
C SER PA 178 -18.72 -42.41 -85.85
N GLN PA 179 -18.75 -41.14 -86.27
CA GLN PA 179 -17.79 -40.16 -85.78
C GLN PA 179 -17.94 -39.94 -84.28
N GLU PA 180 -19.19 -39.91 -83.79
CA GLU PA 180 -19.41 -39.69 -82.37
C GLU PA 180 -18.85 -40.82 -81.53
N VAL PA 181 -19.01 -42.06 -82.00
CA VAL PA 181 -18.44 -43.20 -81.28
C VAL PA 181 -16.92 -43.13 -81.28
N LYS PA 182 -16.33 -42.72 -82.39
CA LYS PA 182 -14.87 -42.54 -82.44
C LYS PA 182 -14.41 -41.47 -81.46
N ASN PA 183 -15.14 -40.35 -81.38
CA ASN PA 183 -14.79 -39.31 -80.42
C ASN PA 183 -14.91 -39.83 -78.99
N TRP PA 184 -15.96 -40.57 -78.70
CA TRP PA 184 -16.15 -41.10 -77.34
C TRP PA 184 -15.03 -42.07 -76.97
N MET PA 185 -14.67 -42.97 -77.89
CA MET PA 185 -13.63 -43.95 -77.57
C MET PA 185 -12.27 -43.28 -77.45
N THR PA 186 -11.96 -42.30 -78.31
CA THR PA 186 -10.69 -41.61 -78.17
C THR PA 186 -10.64 -40.71 -76.94
N GLU PA 187 -11.79 -40.28 -76.43
CA GLU PA 187 -11.82 -39.53 -75.18
C GLU PA 187 -11.64 -40.45 -73.98
N THR PA 188 -12.20 -41.65 -74.02
CA THR PA 188 -12.21 -42.52 -72.84
C THR PA 188 -11.01 -43.46 -72.80
N LEU PA 189 -10.87 -44.32 -73.83
CA LEU PA 189 -9.86 -45.38 -73.78
C LEU PA 189 -8.44 -44.80 -73.76
N LEU PA 190 -8.23 -43.66 -74.41
CA LEU PA 190 -6.90 -43.07 -74.46
C LEU PA 190 -6.41 -42.69 -73.08
N VAL PA 191 -7.30 -42.13 -72.25
CA VAL PA 191 -6.88 -41.70 -70.91
C VAL PA 191 -7.00 -42.84 -69.90
N GLN PA 192 -7.87 -43.82 -70.14
CA GLN PA 192 -8.04 -44.90 -69.17
C GLN PA 192 -6.89 -45.91 -69.24
N ASN PA 193 -6.20 -46.00 -70.37
CA ASN PA 193 -5.15 -46.99 -70.58
C ASN PA 193 -3.75 -46.38 -70.57
N ALA PA 194 -3.52 -45.37 -69.74
CA ALA PA 194 -2.22 -44.71 -69.65
C ALA PA 194 -1.48 -45.13 -68.39
N ASN PA 195 -0.18 -44.84 -68.37
CA ASN PA 195 0.64 -45.17 -67.21
C ASN PA 195 0.18 -44.35 -66.00
N PRO PA 196 0.41 -44.85 -64.78
CA PRO PA 196 -0.16 -44.19 -63.58
C PRO PA 196 0.12 -42.70 -63.48
N ASP PA 197 1.38 -42.28 -63.50
CA ASP PA 197 1.70 -40.87 -63.31
C ASP PA 197 1.17 -40.01 -64.46
N CYS PA 198 1.36 -40.47 -65.71
CA CYS PA 198 0.86 -39.72 -66.85
C CYS PA 198 -0.67 -39.66 -66.85
N LYS PA 199 -1.33 -40.76 -66.51
CA LYS PA 199 -2.79 -40.77 -66.46
C LYS PA 199 -3.31 -39.83 -65.38
N THR PA 200 -2.67 -39.81 -64.21
CA THR PA 200 -3.09 -38.89 -63.16
C THR PA 200 -2.85 -37.45 -63.55
N ILE PA 201 -1.75 -37.18 -64.27
CA ILE PA 201 -1.50 -35.83 -64.78
C ILE PA 201 -2.61 -35.42 -65.75
N LEU PA 202 -2.98 -36.31 -66.67
CA LEU PA 202 -4.04 -36.00 -67.62
C LEU PA 202 -5.37 -35.79 -66.91
N LYS PA 203 -5.67 -36.61 -65.90
CA LYS PA 203 -6.90 -36.45 -65.13
C LYS PA 203 -6.92 -35.11 -64.40
N ALA PA 204 -5.78 -34.69 -63.86
CA ALA PA 204 -5.68 -33.38 -63.24
C ALA PA 204 -5.87 -32.26 -64.26
N LEU PA 205 -5.42 -32.48 -65.50
CA LEU PA 205 -5.62 -31.49 -66.56
C LEU PA 205 -7.10 -31.25 -66.86
N GLY PA 206 -7.97 -32.22 -66.56
CA GLY PA 206 -9.38 -32.07 -66.75
C GLY PA 206 -9.84 -32.46 -68.15
N PRO PA 207 -11.14 -32.62 -68.32
CA PRO PA 207 -11.70 -33.01 -69.62
C PRO PA 207 -11.84 -31.78 -70.53
N GLY PA 208 -12.32 -32.05 -71.74
CA GLY PA 208 -12.53 -30.98 -72.71
C GLY PA 208 -11.26 -30.28 -73.14
N ALA PA 209 -10.16 -31.02 -73.26
CA ALA PA 209 -8.88 -30.47 -73.67
C ALA PA 209 -8.26 -31.35 -74.74
N THR PA 210 -7.58 -30.72 -75.70
CA THR PA 210 -6.91 -31.46 -76.75
C THR PA 210 -5.69 -32.19 -76.20
N LEU PA 211 -5.19 -33.14 -76.98
CA LEU PA 211 -4.08 -33.98 -76.56
C LEU PA 211 -2.72 -33.32 -76.72
N GLU PA 212 -2.65 -32.14 -77.34
CA GLU PA 212 -1.36 -31.48 -77.53
C GLU PA 212 -0.74 -31.09 -76.20
N GLU PA 213 -1.49 -30.39 -75.35
CA GLU PA 213 -0.97 -30.04 -74.03
C GLU PA 213 -0.80 -31.27 -73.16
N MET PA 214 -1.68 -32.26 -73.34
CA MET PA 214 -1.59 -33.48 -72.55
C MET PA 214 -0.29 -34.22 -72.82
N MET PA 215 0.14 -34.28 -74.09
CA MET PA 215 1.35 -34.99 -74.45
C MET PA 215 2.59 -34.11 -74.35
N THR PA 216 2.44 -32.79 -74.27
CA THR PA 216 3.59 -31.94 -73.95
C THR PA 216 3.78 -31.76 -72.45
N ALA PA 217 2.83 -32.21 -71.63
CA ALA PA 217 2.99 -32.21 -70.18
C ALA PA 217 3.36 -33.58 -69.63
N CYS PA 218 2.86 -34.65 -70.26
CA CYS PA 218 3.22 -36.02 -69.88
C CYS PA 218 4.68 -36.34 -70.15
N GLN PA 219 5.35 -35.55 -70.99
CA GLN PA 219 6.75 -35.79 -71.30
C GLN PA 219 7.63 -35.53 -70.09
N GLY PA 220 8.78 -36.21 -70.06
CA GLY PA 220 9.72 -36.06 -68.96
C GLY PA 220 10.28 -37.39 -68.49
N PRO QA 1 -93.53 -58.40 34.52
CA PRO QA 1 -93.53 -57.07 33.90
C PRO QA 1 -94.80 -56.29 34.21
N ILE QA 2 -95.22 -55.42 33.28
CA ILE QA 2 -96.41 -54.61 33.46
C ILE QA 2 -97.64 -55.46 33.21
N VAL QA 3 -98.34 -55.83 34.28
CA VAL QA 3 -99.53 -56.67 34.18
C VAL QA 3 -100.75 -55.79 33.91
N GLN QA 4 -101.67 -56.30 33.10
CA GLN QA 4 -102.90 -55.58 32.80
C GLN QA 4 -103.75 -55.43 34.05
N ASN QA 5 -104.29 -54.22 34.26
CA ASN QA 5 -105.11 -53.91 35.41
C ASN QA 5 -106.45 -53.37 34.92
N LEU QA 6 -107.54 -53.97 35.37
CA LEU QA 6 -108.87 -53.54 34.99
C LEU QA 6 -109.29 -52.30 35.77
N GLN QA 7 -110.21 -51.53 35.19
CA GLN QA 7 -110.74 -50.28 35.71
C GLN QA 7 -109.66 -49.42 36.36
N GLY QA 8 -108.50 -49.33 35.73
CA GLY QA 8 -107.41 -48.53 36.27
C GLY QA 8 -106.16 -48.69 35.44
N GLN QA 9 -105.19 -47.84 35.73
CA GLN QA 9 -103.92 -47.88 35.03
C GLN QA 9 -103.12 -49.12 35.42
N MET QA 10 -102.37 -49.65 34.46
CA MET QA 10 -101.60 -50.86 34.69
C MET QA 10 -100.47 -50.60 35.70
N VAL QA 11 -100.21 -51.59 36.55
CA VAL QA 11 -99.22 -51.49 37.61
C VAL QA 11 -98.11 -52.50 37.35
N HIS QA 12 -96.87 -52.04 37.41
CA HIS QA 12 -95.73 -52.91 37.20
C HIS QA 12 -95.61 -53.95 38.31
N GLN QA 13 -95.17 -55.15 37.92
CA GLN QA 13 -94.95 -56.25 38.85
C GLN QA 13 -93.56 -56.83 38.61
N ALA QA 14 -92.94 -57.30 39.69
CA ALA QA 14 -91.59 -57.83 39.63
C ALA QA 14 -91.54 -59.10 38.80
N ILE QA 15 -90.35 -59.37 38.24
CA ILE QA 15 -90.15 -60.56 37.42
C ILE QA 15 -90.24 -61.80 38.29
N SER QA 16 -90.97 -62.80 37.80
CA SER QA 16 -91.12 -64.04 38.57
C SER QA 16 -89.78 -64.76 38.68
N PRO QA 17 -89.51 -65.39 39.82
CA PRO QA 17 -88.23 -66.11 39.95
C PRO QA 17 -88.03 -67.21 38.92
N ARG QA 18 -89.11 -67.90 38.54
CA ARG QA 18 -88.99 -68.95 37.54
C ARG QA 18 -88.59 -68.39 36.17
N THR QA 19 -89.12 -67.22 35.82
CA THR QA 19 -88.78 -66.61 34.54
C THR QA 19 -87.29 -66.26 34.47
N LEU QA 20 -86.77 -65.65 35.54
CA LEU QA 20 -85.35 -65.30 35.55
C LEU QA 20 -84.46 -66.54 35.64
N ASN QA 21 -84.91 -67.58 36.34
CA ASN QA 21 -84.16 -68.83 36.36
C ASN QA 21 -84.08 -69.45 34.97
N ALA QA 22 -85.20 -69.46 34.25
CA ALA QA 22 -85.19 -69.95 32.87
C ALA QA 22 -84.28 -69.08 31.99
N TRP QA 23 -84.32 -67.77 32.18
CA TRP QA 23 -83.48 -66.88 31.40
C TRP QA 23 -82.00 -67.17 31.64
N VAL QA 24 -81.60 -67.31 32.91
CA VAL QA 24 -80.18 -67.54 33.20
C VAL QA 24 -79.75 -68.92 32.72
N LYS QA 25 -80.62 -69.92 32.81
CA LYS QA 25 -80.22 -71.25 32.34
C LYS QA 25 -80.10 -71.29 30.81
N VAL QA 26 -81.02 -70.64 30.10
CA VAL QA 26 -80.90 -70.62 28.64
C VAL QA 26 -79.74 -69.74 28.19
N VAL QA 27 -79.32 -68.77 29.02
CA VAL QA 27 -78.10 -68.03 28.73
C VAL QA 27 -76.89 -68.91 28.93
N GLU QA 28 -76.85 -69.65 30.05
CA GLU QA 28 -75.66 -70.43 30.37
C GLU QA 28 -75.50 -71.66 29.48
N GLU QA 29 -76.59 -72.15 28.86
CA GLU QA 29 -76.46 -73.34 28.03
C GLU QA 29 -75.74 -73.03 26.72
N LYS QA 30 -76.10 -71.93 26.05
CA LYS QA 30 -75.54 -71.59 24.75
C LYS QA 30 -74.81 -70.25 24.74
N ALA QA 31 -75.47 -69.17 25.16
CA ALA QA 31 -74.89 -67.84 25.35
C ALA QA 31 -74.53 -67.13 24.06
N PHE QA 32 -74.61 -67.80 22.91
CA PHE QA 32 -74.32 -67.14 21.65
C PHE QA 32 -75.24 -67.55 20.51
N SER QA 33 -76.22 -68.41 20.75
CA SER QA 33 -77.11 -68.85 19.67
C SER QA 33 -78.07 -67.72 19.29
N PRO QA 34 -78.42 -67.61 18.00
CA PRO QA 34 -79.41 -66.62 17.59
C PRO QA 34 -80.79 -66.85 18.19
N GLU QA 35 -81.08 -68.09 18.63
CA GLU QA 35 -82.38 -68.39 19.22
C GLU QA 35 -82.62 -67.66 20.52
N VAL QA 36 -81.59 -67.06 21.13
CA VAL QA 36 -81.80 -66.25 22.32
C VAL QA 36 -82.49 -64.95 21.96
N ILE QA 37 -82.41 -64.52 20.69
CA ILE QA 37 -83.07 -63.28 20.28
C ILE QA 37 -84.58 -63.35 20.45
N PRO QA 38 -85.29 -64.41 19.96
CA PRO QA 38 -86.74 -64.48 20.23
C PRO QA 38 -87.05 -64.75 21.69
N MET QA 39 -86.30 -65.67 22.30
CA MET QA 39 -86.56 -66.03 23.69
C MET QA 39 -86.45 -64.83 24.62
N PHE QA 40 -85.54 -63.89 24.30
CA PHE QA 40 -85.45 -62.67 25.09
C PHE QA 40 -86.71 -61.83 24.96
N SER QA 41 -87.26 -61.73 23.74
CA SER QA 41 -88.43 -60.89 23.54
C SER QA 41 -89.68 -61.51 24.16
N ALA QA 42 -89.75 -62.83 24.25
CA ALA QA 42 -90.89 -63.49 24.85
C ALA QA 42 -90.97 -63.25 26.37
N LEU QA 43 -89.84 -62.95 27.00
CA LEU QA 43 -89.80 -62.70 28.44
C LEU QA 43 -89.88 -61.23 28.79
N SER QA 44 -89.53 -60.34 27.86
CA SER QA 44 -89.53 -58.90 28.11
C SER QA 44 -90.70 -58.19 27.42
N GLU QA 45 -91.86 -58.84 27.35
CA GLU QA 45 -93.03 -58.26 26.70
C GLU QA 45 -93.57 -57.13 27.56
N GLY QA 46 -93.27 -55.89 27.17
CA GLY QA 46 -93.72 -54.75 27.93
C GLY QA 46 -93.02 -54.55 29.26
N ALA QA 47 -91.82 -55.12 29.42
CA ALA QA 47 -91.09 -55.00 30.67
C ALA QA 47 -90.57 -53.58 30.86
N THR QA 48 -90.54 -53.14 32.12
CA THR QA 48 -90.00 -51.83 32.43
C THR QA 48 -88.49 -51.83 32.24
N PRO QA 49 -87.89 -50.65 32.01
CA PRO QA 49 -86.43 -50.59 31.84
C PRO QA 49 -85.66 -51.15 33.02
N GLN QA 50 -86.17 -51.00 34.25
CA GLN QA 50 -85.48 -51.55 35.41
C GLN QA 50 -85.39 -53.07 35.32
N ASP QA 51 -86.47 -53.73 34.88
CA ASP QA 51 -86.44 -55.17 34.70
C ASP QA 51 -85.42 -55.57 33.65
N LEU QA 52 -85.33 -54.80 32.56
CA LEU QA 52 -84.33 -55.09 31.53
C LEU QA 52 -82.92 -54.95 32.08
N ASN QA 53 -82.68 -53.90 32.87
CA ASN QA 53 -81.36 -53.73 33.48
C ASN QA 53 -81.02 -54.88 34.41
N THR QA 54 -81.97 -55.28 35.26
CA THR QA 54 -81.71 -56.36 36.20
C THR QA 54 -81.45 -57.67 35.48
N MET QA 55 -82.23 -57.97 34.42
CA MET QA 55 -82.02 -59.21 33.70
C MET QA 55 -80.75 -59.18 32.85
N LEU QA 56 -80.28 -57.99 32.44
CA LEU QA 56 -79.00 -57.89 31.78
C LEU QA 56 -77.84 -57.99 32.75
N ASN QA 57 -78.05 -57.65 34.02
CA ASN QA 57 -76.99 -57.75 35.02
C ASN QA 57 -76.94 -59.10 35.72
N THR QA 58 -77.89 -60.00 35.45
CA THR QA 58 -77.92 -61.31 36.08
C THR QA 58 -77.22 -62.39 35.29
N VAL QA 59 -76.70 -62.09 34.10
CA VAL QA 59 -76.01 -63.09 33.30
C VAL QA 59 -74.56 -63.17 33.74
N GLY QA 60 -74.11 -64.38 34.06
CA GLY QA 60 -72.77 -64.60 34.57
C GLY QA 60 -71.83 -65.07 33.45
N GLY QA 61 -70.64 -64.50 33.44
CA GLY QA 61 -69.63 -64.86 32.48
C GLY QA 61 -69.64 -63.95 31.25
N HIS QA 62 -68.48 -63.84 30.63
CA HIS QA 62 -68.28 -63.05 29.41
C HIS QA 62 -68.67 -61.59 29.64
N GLN QA 63 -67.92 -60.94 30.55
CA GLN QA 63 -68.19 -59.54 30.87
C GLN QA 63 -67.86 -58.60 29.73
N ALA QA 64 -67.07 -59.04 28.75
CA ALA QA 64 -66.83 -58.21 27.58
C ALA QA 64 -68.12 -57.94 26.82
N ALA QA 65 -69.01 -58.93 26.75
CA ALA QA 65 -70.32 -58.73 26.15
C ALA QA 65 -71.11 -57.66 26.90
N MET QA 66 -71.06 -57.70 28.23
CA MET QA 66 -71.74 -56.68 29.03
C MET QA 66 -71.17 -55.29 28.77
N GLN QA 67 -69.85 -55.19 28.69
CA GLN QA 67 -69.23 -53.90 28.40
C GLN QA 67 -69.63 -53.37 27.04
N MET QA 68 -69.65 -54.25 26.03
CA MET QA 68 -70.01 -53.83 24.68
C MET QA 68 -71.48 -53.40 24.62
N LEU QA 69 -72.37 -54.16 25.28
CA LEU QA 69 -73.77 -53.76 25.27
C LEU QA 69 -73.99 -52.46 26.02
N LYS QA 70 -73.26 -52.24 27.13
CA LYS QA 70 -73.40 -51.00 27.87
C LYS QA 70 -72.92 -49.81 27.04
N GLU QA 71 -71.78 -49.96 26.35
CA GLU QA 71 -71.27 -48.86 25.55
C GLU QA 71 -72.17 -48.57 24.35
N THR QA 72 -72.75 -49.61 23.74
CA THR QA 72 -73.70 -49.39 22.65
C THR QA 72 -74.97 -48.73 23.17
N ILE QA 73 -75.42 -49.10 24.37
CA ILE QA 73 -76.58 -48.43 24.96
C ILE QA 73 -76.27 -46.96 25.19
N ASN QA 74 -75.08 -46.65 25.69
CA ASN QA 74 -74.70 -45.27 25.94
C ASN QA 74 -74.66 -44.46 24.64
N GLU QA 75 -74.05 -45.02 23.59
CA GLU QA 75 -73.97 -44.28 22.34
C GLU QA 75 -75.34 -44.11 21.70
N GLU QA 76 -76.19 -45.14 21.79
CA GLU QA 76 -77.55 -45.01 21.24
C GLU QA 76 -78.36 -44.00 22.03
N ALA QA 77 -78.19 -43.95 23.35
CA ALA QA 77 -78.87 -42.95 24.15
C ALA QA 77 -78.42 -41.54 23.80
N ALA QA 78 -77.11 -41.35 23.60
CA ALA QA 78 -76.60 -40.04 23.19
C ALA QA 78 -77.17 -39.65 21.82
N GLU QA 79 -77.22 -40.61 20.89
CA GLU QA 79 -77.80 -40.32 19.57
C GLU QA 79 -79.28 -39.97 19.68
N TRP QA 80 -80.03 -40.68 20.53
CA TRP QA 80 -81.44 -40.35 20.73
C TRP QA 80 -81.60 -38.97 21.33
N ASP QA 81 -80.75 -38.61 22.30
CA ASP QA 81 -80.82 -37.28 22.90
C ASP QA 81 -80.52 -36.19 21.87
N ARG QA 82 -79.52 -36.42 21.01
CA ARG QA 82 -79.14 -35.40 20.05
C ARG QA 82 -80.15 -35.27 18.92
N LEU QA 83 -80.72 -36.38 18.43
CA LEU QA 83 -81.65 -36.33 17.32
C LEU QA 83 -83.02 -35.83 17.77
N HIS QA 84 -83.61 -36.47 18.75
CA HIS QA 84 -84.90 -36.02 19.28
C HIS QA 84 -84.74 -34.66 19.93
N PRO QA 85 -85.70 -33.75 19.76
CA PRO QA 85 -85.56 -32.41 20.33
C PRO QA 85 -85.40 -32.46 21.84
N VAL QA 86 -84.50 -31.61 22.35
CA VAL QA 86 -84.19 -31.56 23.78
C VAL QA 86 -85.21 -30.62 24.43
N HIS QA 87 -86.12 -31.19 25.21
CA HIS QA 87 -87.12 -30.38 25.89
C HIS QA 87 -86.47 -29.59 27.03
N ALA QA 88 -86.61 -28.27 26.97
CA ALA QA 88 -86.01 -27.39 27.96
C ALA QA 88 -86.97 -26.25 28.28
N GLY QA 89 -86.76 -25.65 29.45
CA GLY QA 89 -87.60 -24.56 29.89
C GLY QA 89 -88.85 -25.05 30.61
N PRO QA 90 -89.94 -24.33 30.44
CA PRO QA 90 -91.20 -24.72 31.10
C PRO QA 90 -91.78 -26.02 30.56
N ILE QA 91 -91.76 -27.07 31.37
CA ILE QA 91 -92.32 -28.36 31.00
C ILE QA 91 -93.70 -28.42 31.63
N ALA QA 92 -94.73 -28.16 30.83
CA ALA QA 92 -96.10 -28.13 31.33
C ALA QA 92 -96.58 -29.54 31.66
N PRO QA 93 -97.55 -29.67 32.56
CA PRO QA 93 -98.14 -30.97 32.85
C PRO QA 93 -98.82 -31.56 31.62
N GLY QA 94 -98.82 -32.89 31.55
CA GLY QA 94 -99.27 -33.59 30.37
C GLY QA 94 -98.16 -34.12 29.49
N GLN QA 95 -96.92 -33.67 29.70
CA GLN QA 95 -95.75 -34.19 29.02
C GLN QA 95 -94.61 -34.25 30.03
N MET QA 96 -93.41 -34.56 29.54
CA MET QA 96 -92.24 -34.62 30.40
C MET QA 96 -91.00 -34.41 29.55
N ARG QA 97 -89.90 -34.05 30.20
CA ARG QA 97 -88.65 -33.83 29.50
C ARG QA 97 -88.14 -35.13 28.90
N GLU QA 98 -87.38 -35.00 27.81
CA GLU QA 98 -86.86 -36.18 27.13
C GLU QA 98 -85.92 -36.95 28.04
N PRO QA 99 -86.08 -38.27 28.17
CA PRO QA 99 -85.14 -39.06 28.97
C PRO QA 99 -83.74 -38.97 28.40
N ARG QA 100 -82.78 -38.63 29.25
CA ARG QA 100 -81.40 -38.47 28.82
C ARG QA 100 -80.73 -39.85 28.79
N GLY QA 101 -79.41 -39.87 28.61
CA GLY QA 101 -78.70 -41.14 28.52
C GLY QA 101 -78.84 -41.96 29.78
N SER QA 102 -78.66 -41.32 30.94
CA SER QA 102 -78.85 -42.02 32.21
C SER QA 102 -80.31 -42.22 32.56
N ASP QA 103 -81.18 -41.28 32.19
CA ASP QA 103 -82.61 -41.41 32.50
C ASP QA 103 -83.22 -42.58 31.74
N ILE QA 104 -82.89 -42.72 30.45
CA ILE QA 104 -83.41 -43.83 29.67
C ILE QA 104 -82.80 -45.16 30.10
N ALA QA 105 -81.67 -45.12 30.80
CA ALA QA 105 -81.04 -46.32 31.34
C ALA QA 105 -81.58 -46.72 32.69
N GLY QA 106 -82.47 -45.91 33.28
CA GLY QA 106 -83.11 -46.25 34.53
C GLY QA 106 -82.26 -46.08 35.77
N THR QA 107 -81.04 -45.56 35.66
CA THR QA 107 -80.17 -45.38 36.81
C THR QA 107 -80.35 -44.05 37.51
N THR QA 108 -81.10 -43.12 36.92
CA THR QA 108 -81.39 -41.82 37.53
C THR QA 108 -82.86 -41.48 37.39
N SER QA 109 -83.72 -42.48 37.52
CA SER QA 109 -85.16 -42.27 37.41
C SER QA 109 -85.86 -43.32 38.28
N THR QA 110 -86.79 -42.86 39.13
CA THR QA 110 -87.50 -43.78 40.00
C THR QA 110 -88.45 -44.66 39.20
N LEU QA 111 -88.82 -45.80 39.80
CA LEU QA 111 -89.71 -46.74 39.13
C LEU QA 111 -91.08 -46.11 38.87
N GLN QA 112 -91.54 -45.25 39.78
CA GLN QA 112 -92.83 -44.58 39.60
C GLN QA 112 -92.81 -43.68 38.37
N GLU QA 113 -91.68 -43.01 38.12
CA GLU QA 113 -91.56 -42.18 36.92
C GLU QA 113 -91.66 -43.03 35.66
N GLN QA 114 -91.02 -44.20 35.66
CA GLN QA 114 -91.12 -45.10 34.51
C GLN QA 114 -92.54 -45.60 34.33
N ILE QA 115 -93.23 -45.91 35.43
CA ILE QA 115 -94.62 -46.36 35.33
C ILE QA 115 -95.49 -45.25 34.74
N GLY QA 116 -95.29 -44.01 35.20
CA GLY QA 116 -96.04 -42.90 34.65
C GLY QA 116 -95.75 -42.68 33.18
N TRP QA 117 -94.49 -42.87 32.77
CA TRP QA 117 -94.14 -42.77 31.36
C TRP QA 117 -94.84 -43.85 30.53
N MET QA 118 -94.90 -45.08 31.07
CA MET QA 118 -95.57 -46.17 30.35
C MET QA 118 -97.05 -45.88 30.19
N THR QA 119 -97.70 -45.40 31.24
CA THR QA 119 -99.12 -45.08 31.22
C THR QA 119 -99.40 -43.63 30.82
N HIS QA 120 -98.45 -42.98 30.14
CA HIS QA 120 -98.61 -41.59 29.76
C HIS QA 120 -99.57 -41.46 28.59
N ASN QA 121 -99.98 -40.22 28.30
CA ASN QA 121 -100.88 -39.92 27.20
C ASN QA 121 -100.32 -38.75 26.41
N PRO QA 122 -99.65 -39.02 25.28
CA PRO QA 122 -99.37 -40.33 24.66
C PRO QA 122 -98.31 -41.12 25.45
N PRO QA 123 -98.37 -42.45 25.40
CA PRO QA 123 -97.40 -43.25 26.13
C PRO QA 123 -95.99 -43.07 25.59
N ILE QA 124 -95.01 -43.20 26.49
CA ILE QA 124 -93.60 -43.08 26.15
C ILE QA 124 -93.00 -44.49 26.14
N PRO QA 125 -92.64 -45.03 24.97
CA PRO QA 125 -92.08 -46.38 24.91
C PRO QA 125 -90.58 -46.43 25.20
N VAL QA 126 -90.21 -45.92 26.39
CA VAL QA 126 -88.82 -45.96 26.82
C VAL QA 126 -88.35 -47.41 26.94
N GLY QA 127 -89.18 -48.27 27.52
CA GLY QA 127 -88.82 -49.68 27.63
C GLY QA 127 -88.64 -50.34 26.28
N GLU QA 128 -89.51 -50.01 25.32
CA GLU QA 128 -89.37 -50.58 23.98
C GLU QA 128 -88.11 -50.09 23.29
N ILE QA 129 -87.76 -48.81 23.47
CA ILE QA 129 -86.53 -48.28 22.88
C ILE QA 129 -85.32 -48.96 23.47
N TYR QA 130 -85.30 -49.13 24.79
CA TYR QA 130 -84.20 -49.85 25.43
C TYR QA 130 -84.15 -51.30 24.96
N LYS QA 131 -85.31 -51.93 24.76
CA LYS QA 131 -85.36 -53.31 24.30
C LYS QA 131 -84.78 -53.43 22.88
N ARG QA 132 -85.13 -52.50 21.99
CA ARG QA 132 -84.58 -52.59 20.64
C ARG QA 132 -83.09 -52.25 20.62
N TRP QA 133 -82.64 -51.35 21.49
CA TRP QA 133 -81.22 -51.06 21.59
C TRP QA 133 -80.44 -52.29 22.06
N ILE QA 134 -80.94 -52.98 23.09
CA ILE QA 134 -80.26 -54.17 23.56
C ILE QA 134 -80.43 -55.33 22.58
N ILE QA 135 -81.48 -55.32 21.76
CA ILE QA 135 -81.59 -56.31 20.69
C ILE QA 135 -80.50 -56.09 19.65
N LEU QA 136 -80.24 -54.84 19.28
CA LEU QA 136 -79.13 -54.54 18.38
C LEU QA 136 -77.79 -54.94 19.01
N GLY QA 137 -77.64 -54.67 20.31
CA GLY QA 137 -76.44 -55.10 21.00
C GLY QA 137 -76.25 -56.60 21.00
N LEU QA 138 -77.35 -57.35 21.20
CA LEU QA 138 -77.29 -58.80 21.13
C LEU QA 138 -76.95 -59.27 19.72
N ASN QA 139 -77.49 -58.60 18.69
CA ASN QA 139 -77.15 -58.97 17.33
C ASN QA 139 -75.66 -58.78 17.06
N LYS QA 140 -75.10 -57.66 17.49
CA LYS QA 140 -73.67 -57.45 17.23
C LYS QA 140 -72.81 -58.37 18.09
N ILE QA 141 -73.25 -58.71 19.30
CA ILE QA 141 -72.46 -59.60 20.14
C ILE QA 141 -72.47 -61.02 19.58
N VAL QA 142 -73.60 -61.46 19.00
CA VAL QA 142 -73.63 -62.79 18.41
C VAL QA 142 -72.91 -62.79 17.06
N ARG QA 143 -72.86 -61.64 16.38
CA ARG QA 143 -71.97 -61.54 15.23
C ARG QA 143 -70.51 -61.69 15.65
N MET QA 144 -70.13 -61.05 16.75
CA MET QA 144 -68.77 -61.22 17.28
C MET QA 144 -68.50 -62.67 17.63
N TYR QA 145 -69.44 -63.32 18.30
CA TYR QA 145 -69.22 -64.68 18.77
C TYR QA 145 -69.27 -65.72 17.66
N SER QA 146 -69.65 -65.34 16.44
CA SER QA 146 -69.57 -66.26 15.32
C SER QA 146 -68.15 -66.27 14.78
N PRO QA 147 -67.41 -67.38 14.89
CA PRO QA 147 -65.99 -67.39 14.51
C PRO QA 147 -65.71 -67.83 13.08
N THR QA 148 -66.72 -68.21 12.30
CA THR QA 148 -66.51 -68.75 10.97
C THR QA 148 -67.31 -67.95 9.96
N SER QA 149 -66.66 -67.66 8.84
CA SER QA 149 -67.33 -66.97 7.74
C SER QA 149 -68.30 -67.91 7.02
N ILE QA 150 -69.09 -67.34 6.10
CA ILE QA 150 -70.08 -68.13 5.38
C ILE QA 150 -69.57 -68.62 4.03
N LEU QA 151 -68.42 -68.16 3.57
CA LEU QA 151 -67.90 -68.51 2.26
C LEU QA 151 -66.99 -69.72 2.28
N ASP QA 152 -66.80 -70.36 3.44
CA ASP QA 152 -65.91 -71.51 3.54
C ASP QA 152 -66.62 -72.80 3.91
N ILE QA 153 -67.94 -72.81 4.02
CA ILE QA 153 -68.67 -74.04 4.34
C ILE QA 153 -68.64 -74.96 3.12
N ARG QA 154 -68.19 -76.19 3.33
CA ARG QA 154 -68.05 -77.16 2.26
C ARG QA 154 -68.60 -78.51 2.72
N GLN QA 155 -69.34 -79.17 1.83
CA GLN QA 155 -69.87 -80.50 2.10
C GLN QA 155 -68.80 -81.54 1.75
N GLY QA 156 -68.23 -82.18 2.76
CA GLY QA 156 -67.19 -83.16 2.55
C GLY QA 156 -67.71 -84.42 1.90
N PRO QA 157 -66.81 -85.17 1.25
CA PRO QA 157 -67.24 -86.44 0.62
C PRO QA 157 -67.82 -87.43 1.61
N LYS QA 158 -67.31 -87.48 2.83
CA LYS QA 158 -67.85 -88.34 3.87
C LYS QA 158 -68.93 -87.65 4.69
N GLU QA 159 -69.19 -86.37 4.45
CA GLU QA 159 -70.19 -85.59 5.18
C GLU QA 159 -71.54 -85.68 4.49
N PRO QA 160 -72.59 -86.12 5.19
CA PRO QA 160 -73.91 -86.17 4.57
C PRO QA 160 -74.45 -84.78 4.26
N PHE QA 161 -75.30 -84.72 3.23
CA PHE QA 161 -75.86 -83.45 2.80
C PHE QA 161 -76.77 -82.84 3.85
N ARG QA 162 -77.43 -83.66 4.65
CA ARG QA 162 -78.37 -83.15 5.66
C ARG QA 162 -77.65 -82.26 6.67
N ASP QA 163 -76.53 -82.73 7.21
CA ASP QA 163 -75.78 -81.92 8.17
C ASP QA 163 -75.26 -80.64 7.51
N TYR QA 164 -74.79 -80.74 6.27
CA TYR QA 164 -74.29 -79.57 5.55
C TYR QA 164 -75.37 -78.50 5.42
N VAL QA 165 -76.55 -78.89 4.92
CA VAL QA 165 -77.60 -77.90 4.71
C VAL QA 165 -78.12 -77.37 6.05
N ASP QA 166 -78.20 -78.23 7.07
CA ASP QA 166 -78.66 -77.78 8.37
C ASP QA 166 -77.72 -76.73 8.96
N ARG QA 167 -76.41 -77.00 8.97
CA ARG QA 167 -75.48 -76.02 9.51
C ARG QA 167 -75.42 -74.77 8.64
N PHE QA 168 -75.56 -74.92 7.32
CA PHE QA 168 -75.59 -73.75 6.46
C PHE QA 168 -76.75 -72.82 6.80
N TYR QA 169 -77.95 -73.39 6.93
CA TYR QA 169 -79.12 -72.56 7.25
C TYR QA 169 -79.03 -72.00 8.67
N LYS QA 170 -78.50 -72.78 9.61
CA LYS QA 170 -78.37 -72.29 10.98
C LYS QA 170 -77.39 -71.13 11.07
N THR QA 171 -76.29 -71.19 10.30
CA THR QA 171 -75.37 -70.06 10.26
C THR QA 171 -75.96 -68.89 9.50
N LEU QA 172 -76.79 -69.16 8.48
CA LEU QA 172 -77.45 -68.08 7.75
C LEU QA 172 -78.41 -67.31 8.65
N ARG QA 173 -79.12 -68.01 9.54
CA ARG QA 173 -80.02 -67.32 10.47
C ARG QA 173 -79.27 -66.41 11.42
N ALA QA 174 -77.97 -66.63 11.61
CA ALA QA 174 -77.13 -65.79 12.46
C ALA QA 174 -76.30 -64.81 11.66
N GLU QA 175 -76.56 -64.67 10.35
CA GLU QA 175 -75.82 -63.77 9.48
C GLU QA 175 -76.59 -62.47 9.29
N GLN QA 176 -75.88 -61.36 9.33
CA GLN QA 176 -76.47 -60.03 9.22
C GLN QA 176 -75.93 -59.34 7.98
N ALA QA 177 -76.80 -59.16 6.99
CA ALA QA 177 -76.44 -58.51 5.72
C ALA QA 177 -77.74 -58.18 5.00
N SER QA 178 -77.63 -57.78 3.74
CA SER QA 178 -78.81 -57.50 2.93
C SER QA 178 -79.54 -58.80 2.60
N GLN QA 179 -80.84 -58.68 2.33
CA GLN QA 179 -81.64 -59.85 1.99
C GLN QA 179 -81.37 -60.31 0.56
N GLU QA 180 -81.05 -59.38 -0.35
CA GLU QA 180 -80.78 -59.74 -1.73
C GLU QA 180 -79.47 -60.53 -1.86
N VAL QA 181 -78.42 -60.08 -1.20
CA VAL QA 181 -77.16 -60.84 -1.21
C VAL QA 181 -77.34 -62.16 -0.49
N LYS QA 182 -78.23 -62.20 0.52
CA LYS QA 182 -78.55 -63.47 1.17
C LYS QA 182 -79.19 -64.44 0.19
N ASN QA 183 -80.12 -63.96 -0.62
CA ASN QA 183 -80.75 -64.81 -1.63
C ASN QA 183 -79.72 -65.29 -2.66
N TRP QA 184 -78.84 -64.39 -3.09
CA TRP QA 184 -77.81 -64.77 -4.05
C TRP QA 184 -76.90 -65.85 -3.47
N MET QA 185 -76.51 -65.69 -2.20
CA MET QA 185 -75.66 -66.69 -1.56
C MET QA 185 -76.37 -68.02 -1.41
N THR QA 186 -77.62 -68.02 -0.97
CA THR QA 186 -78.36 -69.26 -0.79
C THR QA 186 -78.77 -69.91 -2.10
N GLU QA 187 -78.68 -69.19 -3.22
CA GLU QA 187 -78.94 -69.79 -4.52
C GLU QA 187 -77.66 -70.20 -5.26
N THR QA 188 -76.49 -69.69 -4.84
CA THR QA 188 -75.24 -70.08 -5.48
C THR QA 188 -74.42 -71.07 -4.65
N LEU QA 189 -74.11 -70.73 -3.39
CA LEU QA 189 -73.18 -71.54 -2.61
C LEU QA 189 -73.74 -72.93 -2.32
N LEU QA 190 -75.06 -73.06 -2.23
CA LEU QA 190 -75.65 -74.36 -1.89
C LEU QA 190 -75.34 -75.40 -2.95
N VAL QA 191 -75.23 -74.98 -4.21
CA VAL QA 191 -74.81 -75.89 -5.27
C VAL QA 191 -73.31 -75.79 -5.55
N GLN QA 192 -72.66 -74.71 -5.13
CA GLN QA 192 -71.22 -74.59 -5.31
C GLN QA 192 -70.41 -75.35 -4.26
N ASN QA 193 -71.03 -75.81 -3.18
CA ASN QA 193 -70.30 -76.44 -2.08
C ASN QA 193 -70.98 -77.74 -1.65
N ALA QA 194 -71.30 -78.59 -2.61
CA ALA QA 194 -71.92 -79.89 -2.34
C ALA QA 194 -71.02 -81.01 -2.89
N ASN QA 195 -71.45 -82.26 -2.68
CA ASN QA 195 -70.74 -83.39 -3.24
C ASN QA 195 -70.95 -83.45 -4.76
N PRO QA 196 -69.95 -83.91 -5.51
CA PRO QA 196 -70.01 -83.78 -6.97
C PRO QA 196 -71.22 -84.46 -7.61
N ASP QA 197 -71.65 -85.62 -7.11
CA ASP QA 197 -72.73 -86.35 -7.74
C ASP QA 197 -74.03 -85.56 -7.69
N CYS QA 198 -74.50 -85.21 -6.49
CA CYS QA 198 -75.72 -84.43 -6.43
C CYS QA 198 -75.49 -82.96 -6.76
N LYS QA 199 -74.24 -82.51 -6.80
CA LYS QA 199 -73.92 -81.24 -7.46
C LYS QA 199 -74.37 -81.27 -8.92
N THR QA 200 -73.95 -82.31 -9.65
CA THR QA 200 -74.37 -82.46 -11.05
C THR QA 200 -75.87 -82.67 -11.14
N ILE QA 201 -76.45 -83.41 -10.18
CA ILE QA 201 -77.90 -83.62 -10.18
C ILE QA 201 -78.63 -82.29 -10.07
N LEU QA 202 -78.20 -81.43 -9.14
CA LEU QA 202 -78.84 -80.13 -8.96
C LEU QA 202 -78.60 -79.22 -10.16
N LYS QA 203 -77.41 -79.29 -10.76
CA LYS QA 203 -77.16 -78.50 -11.96
C LYS QA 203 -78.09 -78.93 -13.09
N ALA QA 204 -78.30 -80.24 -13.24
CA ALA QA 204 -79.25 -80.74 -14.23
C ALA QA 204 -80.67 -80.27 -13.92
N LEU QA 205 -81.05 -80.28 -12.64
CA LEU QA 205 -82.38 -79.83 -12.26
C LEU QA 205 -82.57 -78.34 -12.53
N GLY QA 206 -81.54 -77.53 -12.29
CA GLY QA 206 -81.62 -76.10 -12.48
C GLY QA 206 -81.92 -75.36 -11.20
N PRO QA 207 -81.54 -74.07 -11.15
CA PRO QA 207 -81.81 -73.28 -9.95
C PRO QA 207 -83.31 -73.15 -9.69
N GLY QA 208 -83.66 -73.11 -8.40
CA GLY QA 208 -85.05 -72.99 -8.01
C GLY QA 208 -85.58 -74.23 -7.31
N ALA QA 209 -84.68 -75.07 -6.81
CA ALA QA 209 -85.05 -76.30 -6.13
C ALA QA 209 -85.25 -76.04 -4.64
N THR QA 210 -86.31 -76.61 -4.09
CA THR QA 210 -86.60 -76.46 -2.67
C THR QA 210 -85.71 -77.40 -1.85
N LEU QA 211 -85.76 -77.23 -0.53
CA LEU QA 211 -84.93 -78.04 0.35
C LEU QA 211 -85.31 -79.52 0.28
N GLU QA 212 -86.60 -79.82 0.21
CA GLU QA 212 -87.03 -81.22 0.13
C GLU QA 212 -86.57 -81.86 -1.17
N GLU QA 213 -86.69 -81.14 -2.29
CA GLU QA 213 -86.28 -81.69 -3.58
C GLU QA 213 -84.78 -81.96 -3.62
N MET QA 214 -83.97 -81.01 -3.12
CA MET QA 214 -82.53 -81.21 -3.15
C MET QA 214 -82.10 -82.30 -2.18
N MET QA 215 -82.77 -82.40 -1.02
CA MET QA 215 -82.39 -83.44 -0.06
C MET QA 215 -82.79 -84.83 -0.56
N THR QA 216 -83.89 -84.92 -1.32
CA THR QA 216 -84.24 -86.21 -1.93
C THR QA 216 -83.33 -86.53 -3.11
N ALA QA 217 -82.87 -85.50 -3.84
CA ALA QA 217 -81.98 -85.73 -4.97
C ALA QA 217 -80.61 -86.18 -4.50
N CYS QA 218 -80.11 -85.61 -3.39
CA CYS QA 218 -78.79 -85.96 -2.90
C CYS QA 218 -78.78 -87.23 -2.06
N GLN QA 219 -79.94 -87.86 -1.84
CA GLN QA 219 -79.99 -89.12 -1.13
C GLN QA 219 -79.31 -90.23 -1.93
N GLY QA 220 -78.81 -91.23 -1.21
CA GLY QA 220 -78.14 -92.36 -1.83
C GLY QA 220 -77.11 -93.01 -0.92
N PRO RA 1 -91.66 -61.16 50.01
CA PRO RA 1 -91.86 -59.71 50.05
C PRO RA 1 -93.32 -59.31 49.82
N ILE RA 2 -93.67 -58.09 50.22
CA ILE RA 2 -95.02 -57.58 50.03
C ILE RA 2 -95.21 -57.27 48.56
N VAL RA 3 -96.27 -57.81 47.96
CA VAL RA 3 -96.56 -57.66 46.54
C VAL RA 3 -97.91 -56.98 46.38
N GLN RA 4 -97.96 -55.95 45.54
CA GLN RA 4 -99.19 -55.26 45.24
C GLN RA 4 -100.09 -56.14 44.37
N ASN RA 5 -101.39 -56.10 44.65
CA ASN RA 5 -102.38 -56.90 43.94
C ASN RA 5 -103.20 -56.00 43.02
N LEU RA 6 -103.33 -56.41 41.77
CA LEU RA 6 -104.11 -55.64 40.81
C LEU RA 6 -105.58 -55.59 41.24
N GLN RA 7 -106.21 -54.44 41.00
CA GLN RA 7 -107.60 -54.17 41.37
C GLN RA 7 -107.96 -54.77 42.74
N GLY RA 8 -107.09 -54.52 43.70
CA GLY RA 8 -107.25 -55.06 45.05
C GLY RA 8 -106.64 -54.16 46.08
N GLN RA 9 -105.96 -54.76 47.06
CA GLN RA 9 -105.35 -54.03 48.15
C GLN RA 9 -103.94 -54.55 48.40
N MET RA 10 -103.11 -53.71 49.01
CA MET RA 10 -101.73 -54.07 49.34
C MET RA 10 -101.75 -55.13 50.43
N VAL RA 11 -101.34 -56.36 50.09
CA VAL RA 11 -101.37 -57.48 51.01
C VAL RA 11 -99.98 -58.11 51.07
N HIS RA 12 -99.53 -58.42 52.29
CA HIS RA 12 -98.25 -59.08 52.48
C HIS RA 12 -98.31 -60.51 51.97
N GLN RA 13 -97.22 -60.95 51.35
CA GLN RA 13 -97.11 -62.30 50.80
C GLN RA 13 -96.13 -63.11 51.63
N ALA RA 14 -96.54 -64.30 52.05
CA ALA RA 14 -95.65 -65.20 52.75
C ALA RA 14 -94.52 -65.65 51.83
N ILE RA 15 -93.33 -65.83 52.40
CA ILE RA 15 -92.16 -66.20 51.62
C ILE RA 15 -92.35 -67.59 51.03
N SER RA 16 -92.47 -67.66 49.71
CA SER RA 16 -92.67 -68.93 49.04
C SER RA 16 -91.39 -69.77 49.09
N PRO RA 17 -91.51 -71.09 49.17
CA PRO RA 17 -90.30 -71.94 49.17
C PRO RA 17 -89.49 -71.86 47.89
N ARG RA 18 -90.11 -71.47 46.77
CA ARG RA 18 -89.37 -71.38 45.51
C ARG RA 18 -88.25 -70.36 45.60
N THR RA 19 -88.55 -69.17 46.14
CA THR RA 19 -87.54 -68.13 46.26
C THR RA 19 -86.41 -68.56 47.19
N LEU RA 20 -86.75 -69.18 48.32
CA LEU RA 20 -85.72 -69.64 49.25
C LEU RA 20 -84.83 -70.70 48.62
N ASN RA 21 -85.44 -71.65 47.89
CA ASN RA 21 -84.65 -72.68 47.23
C ASN RA 21 -83.74 -72.08 46.17
N ALA RA 22 -84.27 -71.15 45.37
CA ALA RA 22 -83.45 -70.53 44.34
C ALA RA 22 -82.29 -69.76 44.95
N TRP RA 23 -82.55 -69.01 46.02
CA TRP RA 23 -81.48 -68.26 46.67
C TRP RA 23 -80.42 -69.18 47.26
N VAL RA 24 -80.86 -70.25 47.93
CA VAL RA 24 -79.88 -71.13 48.57
C VAL RA 24 -79.05 -71.87 47.53
N LYS RA 25 -79.67 -72.27 46.41
CA LYS RA 25 -78.90 -72.98 45.39
C LYS RA 25 -77.94 -72.03 44.66
N VAL RA 26 -78.37 -70.79 44.40
CA VAL RA 26 -77.48 -69.85 43.73
C VAL RA 26 -76.36 -69.42 44.67
N VAL RA 27 -76.60 -69.44 45.99
CA VAL RA 27 -75.52 -69.20 46.93
C VAL RA 27 -74.55 -70.38 46.95
N GLU RA 28 -75.08 -71.61 46.99
CA GLU RA 28 -74.21 -72.76 47.16
C GLU RA 28 -73.45 -73.12 45.88
N GLU RA 29 -73.90 -72.66 44.71
CA GLU RA 29 -73.20 -73.03 43.49
C GLU RA 29 -71.85 -72.33 43.37
N LYS RA 30 -71.80 -71.01 43.59
CA LYS RA 30 -70.56 -70.25 43.46
C LYS RA 30 -70.19 -69.51 44.74
N ALA RA 31 -71.13 -68.76 45.32
CA ALA RA 31 -70.99 -68.09 46.61
C ALA RA 31 -70.05 -66.89 46.58
N PHE RA 32 -69.36 -66.66 45.46
CA PHE RA 32 -68.38 -65.57 45.40
C PHE RA 32 -68.33 -65.04 43.97
N SER RA 33 -69.05 -63.93 43.73
CA SER RA 33 -69.09 -63.23 42.45
C SER RA 33 -69.89 -61.95 42.64
N PRO RA 34 -69.64 -60.91 41.83
CA PRO RA 34 -70.48 -59.71 41.91
C PRO RA 34 -71.94 -59.97 41.56
N GLU RA 35 -72.24 -61.10 40.92
CA GLU RA 35 -73.60 -61.41 40.51
C GLU RA 35 -74.56 -61.53 41.68
N VAL RA 36 -74.04 -61.71 42.90
CA VAL RA 36 -74.92 -61.77 44.07
C VAL RA 36 -75.61 -60.43 44.29
N ILE RA 37 -74.94 -59.33 43.92
CA ILE RA 37 -75.53 -58.01 44.14
C ILE RA 37 -76.83 -57.82 43.36
N PRO RA 38 -76.90 -58.08 42.03
CA PRO RA 38 -78.19 -57.95 41.34
C PRO RA 38 -79.20 -59.01 41.75
N MET RA 39 -78.80 -60.28 41.75
CA MET RA 39 -79.73 -61.37 41.97
C MET RA 39 -80.44 -61.24 43.32
N PHE RA 40 -79.69 -60.91 44.37
CA PHE RA 40 -80.29 -60.68 45.68
C PHE RA 40 -81.34 -59.58 45.59
N SER RA 41 -81.00 -58.47 44.92
CA SER RA 41 -81.95 -57.37 44.80
C SER RA 41 -83.17 -57.76 43.97
N ALA RA 42 -83.09 -58.86 43.22
CA ALA RA 42 -84.26 -59.33 42.49
C ALA RA 42 -85.09 -60.28 43.34
N LEU RA 43 -84.48 -60.89 44.35
CA LEU RA 43 -85.16 -61.87 45.20
C LEU RA 43 -85.70 -61.27 46.49
N SER RA 44 -85.43 -59.99 46.77
CA SER RA 44 -85.89 -59.38 48.01
C SER RA 44 -86.38 -57.95 47.83
N GLU RA 45 -86.87 -57.60 46.64
CA GLU RA 45 -87.34 -56.25 46.41
C GLU RA 45 -88.67 -56.02 47.11
N GLY RA 46 -88.77 -54.90 47.83
CA GLY RA 46 -89.98 -54.59 48.57
C GLY RA 46 -90.28 -55.57 49.67
N ALA RA 47 -89.28 -55.94 50.47
CA ALA RA 47 -89.43 -56.93 51.52
C ALA RA 47 -89.17 -56.28 52.89
N THR RA 48 -89.89 -56.77 53.89
CA THR RA 48 -89.72 -56.29 55.25
C THR RA 48 -88.37 -56.76 55.81
N PRO RA 49 -87.83 -56.03 56.80
CA PRO RA 49 -86.56 -56.47 57.40
C PRO RA 49 -86.61 -57.86 58.00
N GLN RA 50 -87.79 -58.30 58.47
CA GLN RA 50 -87.92 -59.66 58.99
C GLN RA 50 -87.59 -60.69 57.93
N ASP RA 51 -88.13 -60.51 56.71
CA ASP RA 51 -87.84 -61.44 55.63
C ASP RA 51 -86.36 -61.42 55.26
N LEU RA 52 -85.77 -60.22 55.22
CA LEU RA 52 -84.35 -60.10 54.90
C LEU RA 52 -83.49 -60.84 55.92
N ASN RA 53 -83.80 -60.66 57.21
CA ASN RA 53 -83.04 -61.33 58.26
C ASN RA 53 -83.23 -62.84 58.21
N THR RA 54 -84.47 -63.29 57.93
CA THR RA 54 -84.71 -64.72 57.83
C THR RA 54 -83.93 -65.33 56.67
N MET RA 55 -83.93 -64.66 55.52
CA MET RA 55 -83.18 -65.18 54.37
C MET RA 55 -81.69 -65.13 54.60
N LEU RA 56 -81.21 -64.14 55.37
CA LEU RA 56 -79.80 -64.11 55.75
C LEU RA 56 -79.46 -65.29 56.67
N ASN RA 57 -80.37 -65.63 57.59
CA ASN RA 57 -80.09 -66.70 58.54
C ASN RA 57 -80.22 -68.08 57.91
N THR RA 58 -81.07 -68.23 56.89
CA THR RA 58 -81.31 -69.56 56.32
C THR RA 58 -80.06 -70.14 55.68
N VAL RA 59 -79.30 -69.31 54.96
CA VAL RA 59 -78.11 -69.80 54.26
C VAL RA 59 -77.05 -70.21 55.28
N GLY RA 60 -76.36 -71.32 54.99
CA GLY RA 60 -75.34 -71.83 55.88
C GLY RA 60 -73.98 -71.97 55.20
N GLY RA 61 -72.93 -72.11 56.01
CA GLY RA 61 -71.58 -72.25 55.50
C GLY RA 61 -70.87 -70.91 55.36
N HIS RA 62 -69.55 -70.97 55.42
CA HIS RA 62 -68.68 -69.80 55.39
C HIS RA 62 -69.10 -68.79 56.45
N GLN RA 63 -68.98 -69.20 57.71
CA GLN RA 63 -69.45 -68.41 58.83
C GLN RA 63 -68.58 -67.20 59.13
N ALA RA 64 -67.35 -67.16 58.61
CA ALA RA 64 -66.51 -65.99 58.85
C ALA RA 64 -67.08 -64.75 58.18
N ALA RA 65 -67.46 -64.86 56.91
CA ALA RA 65 -68.09 -63.73 56.22
C ALA RA 65 -69.42 -63.37 56.85
N MET RA 66 -70.17 -64.37 57.29
CA MET RA 66 -71.44 -64.10 57.97
C MET RA 66 -71.22 -63.33 59.26
N GLN RA 67 -70.21 -63.70 60.04
CA GLN RA 67 -69.91 -62.97 61.28
C GLN RA 67 -69.45 -61.55 60.98
N MET RA 68 -68.62 -61.39 59.94
CA MET RA 68 -68.18 -60.05 59.55
C MET RA 68 -69.35 -59.16 59.16
N LEU RA 69 -70.26 -59.69 58.34
CA LEU RA 69 -71.41 -58.90 57.94
C LEU RA 69 -72.35 -58.63 59.12
N LYS RA 70 -72.47 -59.58 60.06
CA LYS RA 70 -73.30 -59.34 61.23
C LYS RA 70 -72.73 -58.24 62.12
N GLU RA 71 -71.41 -58.26 62.34
CA GLU RA 71 -70.81 -57.20 63.17
C GLU RA 71 -70.86 -55.85 62.47
N THR RA 72 -70.72 -55.83 61.14
CA THR RA 72 -70.87 -54.56 60.45
C THR RA 72 -72.32 -54.08 60.44
N ILE RA 73 -73.28 -55.01 60.43
CA ILE RA 73 -74.67 -54.62 60.59
C ILE RA 73 -74.90 -54.03 61.98
N ASN RA 74 -74.25 -54.60 62.99
CA ASN RA 74 -74.34 -54.03 64.34
C ASN RA 74 -73.76 -52.62 64.39
N GLU RA 75 -72.61 -52.41 63.75
CA GLU RA 75 -72.01 -51.07 63.75
C GLU RA 75 -72.85 -50.09 62.94
N GLU RA 76 -73.50 -50.57 61.88
CA GLU RA 76 -74.42 -49.71 61.13
C GLU RA 76 -75.65 -49.37 61.96
N ALA RA 77 -76.13 -50.32 62.77
CA ALA RA 77 -77.23 -50.01 63.67
C ALA RA 77 -76.81 -48.96 64.71
N ALA RA 78 -75.59 -49.08 65.23
CA ALA RA 78 -75.09 -48.09 66.18
C ALA RA 78 -74.97 -46.71 65.54
N GLU RA 79 -74.44 -46.66 64.32
CA GLU RA 79 -74.31 -45.37 63.64
C GLU RA 79 -75.67 -44.79 63.28
N TRP RA 80 -76.65 -45.65 62.97
CA TRP RA 80 -78.01 -45.19 62.72
C TRP RA 80 -78.63 -44.63 63.99
N ASP RA 81 -78.36 -45.27 65.13
CA ASP RA 81 -78.82 -44.73 66.41
C ASP RA 81 -78.21 -43.36 66.67
N ARG RA 82 -76.91 -43.21 66.41
CA ARG RA 82 -76.18 -42.00 66.78
C ARG RA 82 -76.37 -40.84 65.81
N LEU RA 83 -76.67 -41.10 64.53
CA LEU RA 83 -76.80 -40.00 63.57
C LEU RA 83 -78.16 -39.30 63.71
N HIS RA 84 -79.21 -40.05 63.99
CA HIS RA 84 -80.58 -39.58 64.08
C HIS RA 84 -80.99 -39.40 65.55
N PRO RA 85 -81.77 -38.35 65.85
CA PRO RA 85 -82.23 -38.15 67.23
C PRO RA 85 -82.96 -39.37 67.79
N VAL RA 86 -82.47 -39.91 68.90
CA VAL RA 86 -83.03 -41.11 69.49
C VAL RA 86 -84.37 -40.75 70.12
N HIS RA 87 -85.46 -41.19 69.50
CA HIS RA 87 -86.80 -40.97 70.05
C HIS RA 87 -87.06 -41.96 71.18
N ALA RA 88 -87.76 -41.48 72.21
CA ALA RA 88 -88.10 -42.32 73.35
C ALA RA 88 -89.38 -41.79 73.99
N GLY RA 89 -90.02 -42.64 74.78
CA GLY RA 89 -91.23 -42.28 75.47
C GLY RA 89 -92.44 -42.24 74.56
N PRO RA 90 -93.44 -41.44 74.94
CA PRO RA 90 -94.68 -41.37 74.14
C PRO RA 90 -94.42 -40.79 72.76
N ILE RA 91 -95.25 -41.22 71.81
CA ILE RA 91 -95.20 -40.73 70.44
C ILE RA 91 -96.50 -39.99 70.14
N ALA RA 92 -96.41 -39.01 69.24
CA ALA RA 92 -97.58 -38.21 68.90
C ALA RA 92 -98.63 -39.10 68.22
N PRO RA 93 -99.91 -38.91 68.52
CA PRO RA 93 -100.95 -39.72 67.88
C PRO RA 93 -100.98 -39.51 66.37
N GLY RA 94 -101.24 -40.59 65.64
CA GLY RA 94 -101.26 -40.52 64.19
C GLY RA 94 -99.91 -40.41 63.53
N GLN RA 95 -98.83 -40.56 64.30
CA GLN RA 95 -97.48 -40.44 63.77
C GLN RA 95 -96.57 -41.39 64.53
N MET RA 96 -95.50 -41.83 63.86
CA MET RA 96 -94.53 -42.71 64.48
C MET RA 96 -93.13 -42.22 64.13
N ARG RA 97 -92.18 -42.56 64.99
CA ARG RA 97 -90.81 -42.09 64.86
C ARG RA 97 -90.03 -42.96 63.89
N GLU RA 98 -88.83 -42.49 63.55
CA GLU RA 98 -87.94 -43.26 62.70
C GLU RA 98 -87.34 -44.42 63.49
N PRO RA 99 -87.53 -45.66 63.06
CA PRO RA 99 -87.06 -46.80 63.85
C PRO RA 99 -85.54 -46.79 64.02
N ARG RA 100 -85.10 -47.28 65.18
CA ARG RA 100 -83.69 -47.29 65.53
C ARG RA 100 -82.96 -48.41 64.79
N GLY RA 101 -81.65 -48.50 65.05
CA GLY RA 101 -80.86 -49.55 64.41
C GLY RA 101 -81.24 -50.94 64.87
N SER RA 102 -81.49 -51.11 66.17
CA SER RA 102 -81.96 -52.39 66.65
C SER RA 102 -83.34 -52.74 66.11
N ASP RA 103 -84.23 -51.74 66.00
CA ASP RA 103 -85.55 -51.98 65.44
C ASP RA 103 -85.47 -52.36 63.97
N ILE RA 104 -84.59 -51.69 63.21
CA ILE RA 104 -84.49 -51.95 61.78
C ILE RA 104 -83.75 -53.25 61.48
N ALA RA 105 -83.01 -53.79 62.45
CA ALA RA 105 -82.29 -55.04 62.24
C ALA RA 105 -83.21 -56.25 62.18
N GLY RA 106 -84.50 -56.09 62.50
CA GLY RA 106 -85.43 -57.20 62.48
C GLY RA 106 -85.46 -58.04 63.73
N THR RA 107 -84.75 -57.63 64.78
CA THR RA 107 -84.71 -58.39 66.03
C THR RA 107 -85.70 -57.87 67.07
N THR RA 108 -85.94 -56.56 67.10
CA THR RA 108 -86.83 -55.95 68.07
C THR RA 108 -88.00 -55.23 67.40
N SER RA 109 -88.49 -55.78 66.29
CA SER RA 109 -89.63 -55.19 65.57
C SER RA 109 -90.41 -56.31 64.91
N THR RA 110 -91.67 -56.48 65.31
CA THR RA 110 -92.53 -57.51 64.76
C THR RA 110 -93.04 -57.09 63.38
N LEU RA 111 -93.70 -58.03 62.69
CA LEU RA 111 -94.12 -57.79 61.31
C LEU RA 111 -95.17 -56.68 61.22
N GLN RA 112 -96.07 -56.61 62.20
CA GLN RA 112 -97.14 -55.60 62.14
C GLN RA 112 -96.57 -54.19 62.22
N GLU RA 113 -95.51 -53.99 63.00
CA GLU RA 113 -94.86 -52.69 63.06
C GLU RA 113 -94.25 -52.34 61.70
N GLN RA 114 -93.64 -53.31 61.03
CA GLN RA 114 -93.09 -53.07 59.69
C GLN RA 114 -94.19 -52.70 58.71
N ILE RA 115 -95.33 -53.40 58.77
CA ILE RA 115 -96.44 -53.10 57.88
C ILE RA 115 -96.98 -51.70 58.14
N GLY RA 116 -97.12 -51.33 59.41
CA GLY RA 116 -97.56 -49.98 59.74
C GLY RA 116 -96.60 -48.92 59.26
N TRP RA 117 -95.31 -49.16 59.40
CA TRP RA 117 -94.31 -48.22 58.89
C TRP RA 117 -94.40 -48.08 57.37
N MET RA 118 -94.58 -49.20 56.67
CA MET RA 118 -94.68 -49.15 55.21
C MET RA 118 -95.93 -48.41 54.76
N THR RA 119 -97.06 -48.63 55.45
CA THR RA 119 -98.32 -48.02 55.04
C THR RA 119 -98.48 -46.59 55.54
N HIS RA 120 -97.55 -46.09 56.33
CA HIS RA 120 -97.64 -44.73 56.86
C HIS RA 120 -97.44 -43.70 55.75
N ASN RA 121 -97.97 -42.51 55.99
CA ASN RA 121 -97.78 -41.37 55.07
C ASN RA 121 -97.06 -40.25 55.80
N PRO RA 122 -95.79 -39.95 55.47
CA PRO RA 122 -94.94 -40.57 54.45
C PRO RA 122 -94.47 -41.97 54.84
N PRO RA 123 -94.21 -42.82 53.85
CA PRO RA 123 -93.74 -44.17 54.16
C PRO RA 123 -92.36 -44.17 54.81
N ILE RA 124 -92.11 -45.20 55.61
CA ILE RA 124 -90.82 -45.37 56.26
C ILE RA 124 -90.16 -46.62 55.68
N PRO RA 125 -89.27 -46.48 54.69
CA PRO RA 125 -88.66 -47.65 54.03
C PRO RA 125 -87.48 -48.22 54.81
N VAL RA 126 -87.78 -48.77 55.99
CA VAL RA 126 -86.74 -49.40 56.79
C VAL RA 126 -86.22 -50.66 56.11
N GLY RA 127 -87.09 -51.39 55.41
CA GLY RA 127 -86.63 -52.55 54.66
C GLY RA 127 -85.63 -52.19 53.60
N GLU RA 128 -85.85 -51.06 52.91
CA GLU RA 128 -84.91 -50.61 51.89
C GLU RA 128 -83.56 -50.24 52.52
N ILE RA 129 -83.57 -49.60 53.68
CA ILE RA 129 -82.33 -49.26 54.35
C ILE RA 129 -81.57 -50.51 54.77
N TYR RA 130 -82.28 -51.50 55.31
CA TYR RA 130 -81.64 -52.76 55.66
C TYR RA 130 -81.10 -53.45 54.42
N LYS RA 131 -81.82 -53.38 53.31
CA LYS RA 131 -81.35 -53.98 52.06
C LYS RA 131 -80.08 -53.29 51.57
N ARG RA 132 -80.02 -51.96 51.68
CA ARG RA 132 -78.81 -51.25 51.29
C ARG RA 132 -77.64 -51.62 52.20
N TRP RA 133 -77.91 -51.79 53.50
CA TRP RA 133 -76.86 -52.25 54.41
C TRP RA 133 -76.34 -53.63 53.99
N ILE RA 134 -77.26 -54.53 53.64
CA ILE RA 134 -76.87 -55.86 53.18
C ILE RA 134 -76.08 -55.79 51.88
N ILE RA 135 -76.46 -54.87 50.99
CA ILE RA 135 -75.74 -54.71 49.73
C ILE RA 135 -74.31 -54.24 49.99
N LEU RA 136 -74.15 -53.27 50.90
CA LEU RA 136 -72.81 -52.83 51.26
C LEU RA 136 -72.01 -53.95 51.90
N GLY RA 137 -72.65 -54.75 52.75
CA GLY RA 137 -71.97 -55.90 53.34
C GLY RA 137 -71.51 -56.90 52.30
N LEU RA 138 -72.37 -57.20 51.33
CA LEU RA 138 -71.98 -58.10 50.25
C LEU RA 138 -70.83 -57.53 49.43
N ASN RA 139 -70.86 -56.22 49.17
CA ASN RA 139 -69.78 -55.59 48.42
C ASN RA 139 -68.44 -55.73 49.15
N LYS RA 140 -68.43 -55.43 50.45
CA LYS RA 140 -67.17 -55.54 51.18
C LYS RA 140 -66.75 -56.99 51.37
N ILE RA 141 -67.71 -57.92 51.44
CA ILE RA 141 -67.37 -59.33 51.55
C ILE RA 141 -66.71 -59.84 50.27
N VAL RA 142 -67.29 -59.50 49.12
CA VAL RA 142 -66.67 -59.92 47.86
C VAL RA 142 -65.36 -59.18 47.63
N ARG RA 143 -65.21 -57.99 48.20
CA ARG RA 143 -63.89 -57.35 48.22
C ARG RA 143 -62.90 -58.17 49.04
N MET RA 144 -63.34 -58.68 50.20
CA MET RA 144 -62.45 -59.47 51.05
C MET RA 144 -62.08 -60.80 50.41
N TYR RA 145 -62.92 -61.33 49.52
CA TYR RA 145 -62.67 -62.63 48.90
C TYR RA 145 -62.17 -62.50 47.46
N SER RA 146 -61.70 -61.31 47.07
CA SER RA 146 -61.12 -61.16 45.75
C SER RA 146 -59.72 -61.78 45.76
N PRO RA 147 -59.46 -62.78 44.92
CA PRO RA 147 -58.17 -63.47 44.97
C PRO RA 147 -57.03 -62.74 44.29
N THR RA 148 -57.32 -61.85 43.34
CA THR RA 148 -56.26 -61.19 42.58
C THR RA 148 -56.65 -59.74 42.35
N SER RA 149 -55.64 -58.87 42.30
CA SER RA 149 -55.83 -57.46 42.04
C SER RA 149 -55.98 -57.23 40.54
N ILE RA 150 -55.95 -55.96 40.13
CA ILE RA 150 -56.12 -55.59 38.74
C ILE RA 150 -54.83 -55.12 38.07
N LEU RA 151 -53.80 -54.80 38.85
CA LEU RA 151 -52.54 -54.30 38.29
C LEU RA 151 -51.55 -55.41 37.98
N ASP RA 152 -51.89 -56.67 38.28
CA ASP RA 152 -50.97 -57.78 38.07
C ASP RA 152 -51.50 -58.79 37.05
N ILE RA 153 -52.50 -58.44 36.26
CA ILE RA 153 -53.07 -59.35 35.28
C ILE RA 153 -52.19 -59.32 34.04
N ARG RA 154 -51.46 -60.41 33.80
CA ARG RA 154 -50.49 -60.50 32.70
C ARG RA 154 -50.99 -61.55 31.70
N GLN RA 155 -51.08 -61.16 30.44
CA GLN RA 155 -51.52 -62.05 29.39
C GLN RA 155 -50.35 -62.86 28.84
N GLY RA 156 -50.53 -64.18 28.77
CA GLY RA 156 -49.53 -65.06 28.23
C GLY RA 156 -49.37 -64.89 26.72
N PRO RA 157 -48.18 -65.20 26.20
CA PRO RA 157 -47.98 -65.10 24.74
C PRO RA 157 -48.92 -65.97 23.94
N LYS RA 158 -49.23 -67.17 24.42
CA LYS RA 158 -50.18 -68.07 23.75
C LYS RA 158 -51.59 -67.92 24.29
N GLU RA 159 -51.79 -67.13 25.34
CA GLU RA 159 -53.11 -66.98 25.93
C GLU RA 159 -53.99 -66.11 25.02
N PRO RA 160 -55.18 -66.58 24.65
CA PRO RA 160 -56.07 -65.75 23.82
C PRO RA 160 -56.49 -64.50 24.55
N PHE RA 161 -56.67 -63.42 23.80
CA PHE RA 161 -57.05 -62.14 24.38
C PHE RA 161 -58.50 -62.11 24.85
N ARG RA 162 -59.35 -62.96 24.28
CA ARG RA 162 -60.77 -62.95 24.66
C ARG RA 162 -60.96 -63.30 26.12
N ASP RA 163 -60.41 -64.43 26.56
CA ASP RA 163 -60.52 -64.81 27.96
C ASP RA 163 -59.74 -63.87 28.85
N TYR RA 164 -58.64 -63.31 28.36
CA TYR RA 164 -57.88 -62.33 29.12
C TYR RA 164 -58.73 -61.11 29.45
N VAL RA 165 -59.37 -60.53 28.44
CA VAL RA 165 -60.21 -59.35 28.69
C VAL RA 165 -61.45 -59.72 29.47
N ASP RA 166 -61.95 -60.96 29.31
CA ASP RA 166 -63.08 -61.40 30.11
C ASP RA 166 -62.74 -61.41 31.59
N ARG RA 167 -61.61 -62.01 31.96
CA ARG RA 167 -61.23 -62.03 33.36
C ARG RA 167 -60.81 -60.65 33.85
N PHE RA 168 -60.27 -59.81 32.96
CA PHE RA 168 -59.94 -58.44 33.32
C PHE RA 168 -61.19 -57.66 33.70
N TYR RA 169 -62.26 -57.79 32.90
CA TYR RA 169 -63.51 -57.14 33.23
C TYR RA 169 -64.16 -57.77 34.45
N LYS RA 170 -63.97 -59.07 34.66
CA LYS RA 170 -64.42 -59.71 35.90
C LYS RA 170 -63.81 -59.03 37.12
N THR RA 171 -62.48 -58.88 37.11
CA THR RA 171 -61.80 -58.25 38.24
C THR RA 171 -62.18 -56.78 38.37
N LEU RA 172 -62.38 -56.08 37.26
CA LEU RA 172 -62.79 -54.68 37.32
C LEU RA 172 -64.18 -54.54 37.94
N ARG RA 173 -65.10 -55.44 37.58
CA ARG RA 173 -66.41 -55.44 38.20
C ARG RA 173 -66.30 -55.77 39.69
N ALA RA 174 -65.41 -56.69 40.04
CA ALA RA 174 -65.15 -56.98 41.46
C ALA RA 174 -64.59 -55.76 42.18
N GLU RA 175 -63.93 -54.87 41.45
CA GLU RA 175 -63.40 -53.65 42.06
C GLU RA 175 -64.52 -52.69 42.43
N GLN RA 176 -64.38 -52.05 43.59
CA GLN RA 176 -65.35 -51.08 44.08
C GLN RA 176 -64.80 -49.66 44.08
N ALA RA 177 -64.01 -49.32 43.05
CA ALA RA 177 -63.43 -47.98 42.96
C ALA RA 177 -64.45 -47.01 42.38
N SER RA 178 -64.03 -45.77 42.17
CA SER RA 178 -64.92 -44.76 41.62
C SER RA 178 -65.20 -45.02 40.14
N GLN RA 179 -66.30 -44.47 39.65
CA GLN RA 179 -66.68 -44.68 38.26
C GLN RA 179 -65.66 -44.07 37.30
N GLU RA 180 -65.19 -42.86 37.61
CA GLU RA 180 -64.18 -42.22 36.78
C GLU RA 180 -62.86 -43.00 36.79
N VAL RA 181 -62.47 -43.51 37.95
CA VAL RA 181 -61.27 -44.34 38.04
C VAL RA 181 -61.46 -45.62 37.23
N LYS RA 182 -62.68 -46.18 37.25
CA LYS RA 182 -62.96 -47.35 36.44
C LYS RA 182 -62.85 -47.05 34.95
N ASN RA 183 -63.33 -45.88 34.53
CA ASN RA 183 -63.18 -45.48 33.13
C ASN RA 183 -61.70 -45.33 32.77
N TRP RA 184 -60.93 -44.71 33.65
CA TRP RA 184 -59.50 -44.53 33.38
C TRP RA 184 -58.79 -45.88 33.27
N MET RA 185 -59.11 -46.82 34.17
CA MET RA 185 -58.44 -48.10 34.14
C MET RA 185 -58.87 -48.91 32.92
N THR RA 186 -60.15 -48.86 32.55
CA THR RA 186 -60.57 -49.53 31.32
C THR RA 186 -59.95 -48.91 30.09
N GLU RA 187 -59.58 -47.63 30.13
CA GLU RA 187 -58.91 -46.99 29.00
C GLU RA 187 -57.42 -47.32 28.94
N THR RA 188 -56.77 -47.51 30.09
CA THR RA 188 -55.32 -47.64 30.13
C THR RA 188 -54.84 -49.08 30.34
N LEU RA 189 -55.31 -49.74 31.40
CA LEU RA 189 -54.72 -51.02 31.81
C LEU RA 189 -54.96 -52.12 30.78
N LEU RA 190 -56.02 -52.00 29.98
CA LEU RA 190 -56.33 -53.05 29.02
C LEU RA 190 -55.25 -53.15 27.95
N VAL RA 191 -54.58 -52.03 27.66
CA VAL RA 191 -53.50 -52.03 26.67
C VAL RA 191 -52.13 -51.99 27.35
N GLN RA 192 -52.06 -51.52 28.61
CA GLN RA 192 -50.78 -51.48 29.30
C GLN RA 192 -50.23 -52.88 29.58
N ASN RA 193 -51.10 -53.86 29.75
CA ASN RA 193 -50.70 -55.23 30.05
C ASN RA 193 -51.09 -56.18 28.92
N ALA RA 194 -50.95 -55.75 27.67
CA ALA RA 194 -51.30 -56.56 26.52
C ALA RA 194 -50.04 -57.11 25.86
N ASN RA 195 -50.25 -58.10 24.99
CA ASN RA 195 -49.15 -58.70 24.25
C ASN RA 195 -48.57 -57.69 23.26
N PRO RA 196 -47.27 -57.79 22.94
CA PRO RA 196 -46.65 -56.77 22.08
C PRO RA 196 -47.28 -56.64 20.70
N ASP RA 197 -47.73 -57.75 20.11
CA ASP RA 197 -48.29 -57.69 18.76
C ASP RA 197 -49.57 -56.85 18.73
N CYS RA 198 -50.51 -57.14 19.63
CA CYS RA 198 -51.74 -56.36 19.67
C CYS RA 198 -51.47 -54.95 20.21
N LYS RA 199 -50.44 -54.78 21.04
CA LYS RA 199 -50.07 -53.44 21.48
C LYS RA 199 -49.65 -52.58 20.29
N THR RA 200 -48.79 -53.12 19.42
CA THR RA 200 -48.38 -52.36 18.24
C THR RA 200 -49.54 -52.18 17.27
N ILE RA 201 -50.43 -53.18 17.18
CA ILE RA 201 -51.61 -53.03 16.32
C ILE RA 201 -52.47 -51.86 16.81
N LEU RA 202 -52.69 -51.78 18.12
CA LEU RA 202 -53.50 -50.69 18.67
C LEU RA 202 -52.78 -49.35 18.53
N LYS RA 203 -51.46 -49.33 18.68
CA LYS RA 203 -50.72 -48.10 18.47
C LYS RA 203 -50.85 -47.60 17.04
N ALA RA 204 -50.76 -48.52 16.07
CA ALA RA 204 -50.95 -48.14 14.67
C ALA RA 204 -52.38 -47.67 14.41
N LEU RA 205 -53.37 -48.35 15.02
CA LEU RA 205 -54.76 -47.97 14.81
C LEU RA 205 -55.05 -46.59 15.40
N GLY RA 206 -54.49 -46.30 16.57
CA GLY RA 206 -54.73 -45.03 17.22
C GLY RA 206 -55.49 -45.19 18.52
N PRO RA 207 -54.85 -44.86 19.64
CA PRO RA 207 -55.53 -44.96 20.94
C PRO RA 207 -56.74 -44.03 21.00
N GLY RA 208 -57.77 -44.49 21.70
CA GLY RA 208 -58.99 -43.75 21.87
C GLY RA 208 -60.20 -44.26 21.10
N ALA RA 209 -60.18 -45.52 20.67
CA ALA RA 209 -61.28 -46.12 19.91
C ALA RA 209 -62.02 -47.12 20.78
N THR RA 210 -63.11 -47.67 20.23
CA THR RA 210 -63.91 -48.64 20.96
C THR RA 210 -63.16 -49.96 21.08
N LEU RA 211 -63.47 -50.70 22.14
CA LEU RA 211 -62.79 -51.98 22.38
C LEU RA 211 -63.17 -53.03 21.35
N GLU RA 212 -64.32 -52.88 20.68
CA GLU RA 212 -64.67 -53.80 19.61
C GLU RA 212 -63.70 -53.66 18.44
N GLU RA 213 -63.30 -52.43 18.11
CA GLU RA 213 -62.26 -52.25 17.10
C GLU RA 213 -60.93 -52.83 17.56
N MET RA 214 -60.67 -52.81 18.86
CA MET RA 214 -59.47 -53.45 19.39
C MET RA 214 -59.51 -54.96 19.18
N MET RA 215 -60.64 -55.59 19.50
CA MET RA 215 -60.72 -57.04 19.41
C MET RA 215 -60.76 -57.50 17.96
N THR RA 216 -61.38 -56.72 17.06
CA THR RA 216 -61.42 -57.11 15.66
C THR RA 216 -60.03 -57.11 15.03
N ALA RA 217 -59.13 -56.27 15.54
CA ALA RA 217 -57.77 -56.22 15.02
C ALA RA 217 -56.80 -57.09 15.79
N CYS RA 218 -57.12 -57.44 17.04
CA CYS RA 218 -56.25 -58.31 17.83
C CYS RA 218 -56.47 -59.78 17.54
N GLN RA 219 -57.44 -60.12 16.68
CA GLN RA 219 -57.67 -61.51 16.32
C GLN RA 219 -56.44 -62.11 15.64
N GLY RA 220 -56.15 -63.36 15.97
CA GLY RA 220 -55.01 -64.06 15.40
C GLY RA 220 -53.72 -63.80 16.14
#